data_2W4U
#
_entry.id   2W4U
#
_cell.length_a   1.000
_cell.length_b   1.000
_cell.length_c   1.000
_cell.angle_alpha   90.00
_cell.angle_beta   90.00
_cell.angle_gamma   90.00
#
_symmetry.space_group_name_H-M   'P 1'
#
loop_
_entity.id
_entity.type
_entity.pdbx_description
1 polymer 'TROPONIN C, SKELETAL MUSCLE'
2 polymer 'TROPONIN T, FAST SKELETAL MUSCLE ISOFORMS'
3 polymer 'TROPONIN I, FAST SKELETAL MUSCLE'
4 polymer 'TROPOMYOSIN ALPHA-1 CHAIN'
5 polymer 'ACTIN, ALPHA SKELETAL MUSCLE'
#
loop_
_entity_poly.entity_id
_entity_poly.type
_entity_poly.pdbx_seq_one_letter_code
_entity_poly.pdbx_strand_id
1 'polypeptide(L)'
;TDQQAEARAFLSEEMIAEFKAAFDMFDADGGGDISTKELGTVMRMLGQNPTKEELDAIIEEVDEDGSGTIDFEEFLVMMV
RQMKEDAKGKSEEELANCFRIFDKNADGFIDIEELGEILRATGEHVTEEDIEDLMKDSDKNNDGRIDFDEFLKMMEGVQ
;
0,3,6,9
2 'polypeptide(L)'
;SYSSYLAKADQKRGKKQTARETKKKVLAERRKPLNIDHLNEDKLRDKAKELWDWLYQLQTEKYDFAEQIKRKKYEIVTLR
NRIDQAQKHS
;
1,4,7,Y
3 'polypeptide(L)'
;EEKKRRAATARRQHLKSAMLQLAVTEIEKEAAAKEVEKQNYLAEHSPPLSLPGSMQELQELSKKLHAKIDSVDEERYDTE
VKLQKTIKELEDLSQKLFDLRGKFKRPPLRRVRMSADAMLRALLGSKHKVNMDLRANLKQV
;
2,5,8,Z
4 'polypeptide(L)'
;MQMLKLDKENALDRAEQAEADKKAAEDRSKQLEDELVSLQKKLKGTEDELDKYSEALKDAQEKLELAEKKATDAEADVAS
LNRRIQLVEEELDRAQERLATALQKLEEAEKAADESERGMKVIESRAQKDEEKMEIQEIQLKEAKHIAEDADRKYEEVAR
KLVIIESDLERAEERAELSEGKCAELEEELKTVTNNLKSLEAQAEKYSQKEDKYEEEIKVLSDKLKEAETRAEFAERSVT
KLEKSIDDLEDELYAQKLKYKAISEELDHALNDMTSI
;
A,B,C,T,U,V,W,X
5 'polypeptide(L)'
;DEDETTALVCDNGSGLVKAGFAGDDAPRAVFPSIVGRPRHQGVMVGMGQKDSYVGDEAQSKRGILTLKYPIEHGIITNWD
DMEKIWHHTFYNELRVAPEEHPTLLTEAPLNPKANREKMTQIMFETFNVPAMYVAIQAVLSLYASGRTTGIVLDSGDGVT
HNVPIYEGYALPHAIMRLDLAGRDLTDYLMKILTERGYSFVTTAEREIVRDIKEKLCYVALDFENEMATAASSSSLEKSY
ELPDGQVITIGNERFRCPETLFQPSFIGMESAGIHETTYNSIMKCDIDIRKDLYANNVMSGGTTMYPGIADRMQKEITAL
APSTMKIKIIAPPERKYSVWIGGSILASLSTFQQMWITKQEYDEAGPSIVHR
;
D,E,F,G,H,I,J,K,L,M,N,O,P,Q,R,S
#
# COMPACT_ATOMS: atom_id res chain seq x y z
N THR A 1 -0.26 -217.20 -18.64
CA THR A 1 0.16 -217.71 -19.99
C THR A 1 -0.88 -218.68 -20.56
N ASP A 2 -1.63 -219.34 -19.68
CA ASP A 2 -2.64 -220.31 -20.09
C ASP A 2 -3.72 -219.61 -20.88
N GLN A 3 -4.03 -218.39 -20.46
CA GLN A 3 -5.04 -217.59 -21.13
C GLN A 3 -4.52 -217.20 -22.50
N GLN A 4 -3.29 -216.69 -22.53
CA GLN A 4 -2.65 -216.25 -23.77
C GLN A 4 -2.64 -217.38 -24.78
N ALA A 5 -2.93 -218.56 -24.27
CA ALA A 5 -2.96 -219.77 -25.07
C ALA A 5 -4.24 -219.80 -25.89
N GLU A 6 -5.32 -220.24 -25.24
CA GLU A 6 -6.62 -220.32 -25.92
C GLU A 6 -6.87 -219.01 -26.67
N ALA A 7 -6.44 -217.91 -26.07
CA ALA A 7 -6.62 -216.61 -26.69
C ALA A 7 -6.04 -216.65 -28.10
N ARG A 8 -4.77 -217.02 -28.21
CA ARG A 8 -4.12 -217.09 -29.51
C ARG A 8 -4.68 -218.25 -30.31
N ALA A 9 -5.29 -219.19 -29.61
CA ALA A 9 -5.89 -220.36 -30.23
C ALA A 9 -7.16 -219.91 -30.93
N PHE A 10 -7.84 -218.98 -30.27
CA PHE A 10 -9.09 -218.41 -30.73
C PHE A 10 -8.92 -217.62 -32.03
N LEU A 11 -8.01 -216.66 -31.98
CA LEU A 11 -7.74 -215.80 -33.12
C LEU A 11 -7.09 -216.53 -34.29
N SER A 12 -7.04 -215.84 -35.42
CA SER A 12 -6.44 -216.38 -36.64
C SER A 12 -5.21 -215.54 -36.94
N GLU A 13 -4.37 -216.03 -37.84
CA GLU A 13 -3.17 -215.28 -38.20
C GLU A 13 -3.62 -213.89 -38.58
N GLU A 14 -4.70 -213.85 -39.36
CA GLU A 14 -5.27 -212.59 -39.83
C GLU A 14 -5.44 -211.72 -38.61
N MET A 15 -6.19 -212.25 -37.65
CA MET A 15 -6.45 -211.55 -36.40
C MET A 15 -5.15 -211.04 -35.81
N ILE A 16 -4.32 -211.98 -35.38
CA ILE A 16 -3.04 -211.64 -34.78
C ILE A 16 -2.36 -210.58 -35.63
N ALA A 17 -2.24 -210.84 -36.92
CA ALA A 17 -1.61 -209.90 -37.82
C ALA A 17 -2.02 -208.46 -37.54
N GLU A 18 -3.33 -208.22 -37.57
CA GLU A 18 -3.89 -206.89 -37.36
C GLU A 18 -3.78 -206.45 -35.89
N PHE A 19 -4.11 -207.34 -34.96
CA PHE A 19 -4.00 -206.98 -33.56
C PHE A 19 -2.60 -206.58 -33.21
N LYS A 20 -1.65 -207.03 -34.01
CA LYS A 20 -0.24 -206.69 -33.79
C LYS A 20 -0.06 -205.26 -34.25
N ALA A 21 -0.34 -205.03 -35.54
CA ALA A 21 -0.23 -203.71 -36.13
C ALA A 21 -0.84 -202.72 -35.15
N ALA A 22 -1.98 -203.11 -34.59
CA ALA A 22 -2.68 -202.27 -33.65
C ALA A 22 -1.90 -202.10 -32.37
N PHE A 23 -1.34 -203.20 -31.90
CA PHE A 23 -0.57 -203.16 -30.67
C PHE A 23 0.65 -202.27 -30.87
N ASP A 24 1.33 -202.44 -31.99
CA ASP A 24 2.48 -201.61 -32.23
C ASP A 24 2.19 -200.14 -32.07
N MET A 25 1.08 -199.66 -32.62
CA MET A 25 0.78 -198.23 -32.49
C MET A 25 0.52 -197.88 -31.04
N PHE A 26 0.02 -198.82 -30.26
CA PHE A 26 -0.21 -198.51 -28.87
C PHE A 26 1.14 -198.19 -28.25
N ASP A 27 2.08 -199.10 -28.49
CA ASP A 27 3.46 -199.02 -27.99
C ASP A 27 4.33 -197.97 -28.69
N ALA A 28 4.50 -196.83 -28.03
CA ALA A 28 5.28 -195.71 -28.56
C ALA A 28 6.72 -196.10 -28.85
N ASP A 29 7.53 -196.08 -27.79
CA ASP A 29 8.95 -196.42 -27.80
C ASP A 29 9.27 -197.66 -28.62
N GLY A 30 8.30 -198.58 -28.70
CA GLY A 30 8.49 -199.80 -29.46
C GLY A 30 9.19 -200.85 -28.64
N GLY A 31 9.26 -200.62 -27.34
CA GLY A 31 9.91 -201.53 -26.41
C GLY A 31 9.31 -202.93 -26.42
N GLY A 32 8.05 -203.05 -26.06
CA GLY A 32 7.44 -204.36 -26.08
C GLY A 32 6.19 -204.41 -25.25
N ASP A 33 5.82 -203.28 -24.67
CA ASP A 33 4.60 -203.26 -23.87
C ASP A 33 4.04 -201.87 -23.65
N ILE A 34 2.72 -201.80 -23.58
CA ILE A 34 2.01 -200.57 -23.38
C ILE A 34 2.12 -200.16 -21.94
N SER A 35 2.50 -198.92 -21.68
CA SER A 35 2.63 -198.43 -20.31
C SER A 35 1.37 -197.68 -19.90
N THR A 36 1.31 -197.34 -18.61
CA THR A 36 0.16 -196.61 -18.14
C THR A 36 0.03 -195.27 -18.88
N LYS A 37 1.09 -194.83 -19.54
CA LYS A 37 1.04 -193.57 -20.28
C LYS A 37 0.82 -193.84 -21.78
N GLU A 38 1.54 -194.81 -22.32
CA GLU A 38 1.37 -195.13 -23.72
C GLU A 38 -0.11 -195.42 -23.97
N LEU A 39 -0.76 -196.04 -23.00
CA LEU A 39 -2.17 -196.36 -23.16
C LEU A 39 -2.99 -195.08 -23.20
N GLY A 40 -2.77 -194.21 -22.21
CA GLY A 40 -3.50 -192.94 -22.14
C GLY A 40 -3.56 -192.18 -23.46
N THR A 41 -2.43 -192.11 -24.16
CA THR A 41 -2.36 -191.43 -25.45
C THR A 41 -3.34 -192.03 -26.46
N VAL A 42 -3.26 -193.34 -26.66
CA VAL A 42 -4.16 -193.99 -27.60
C VAL A 42 -5.64 -193.81 -27.19
N MET A 43 -5.92 -193.92 -25.89
CA MET A 43 -7.30 -193.80 -25.43
C MET A 43 -7.90 -192.51 -25.88
N ARG A 44 -7.14 -191.43 -25.75
CA ARG A 44 -7.62 -190.11 -26.15
C ARG A 44 -7.79 -190.04 -27.67
N MET A 45 -6.87 -190.67 -28.40
CA MET A 45 -6.99 -190.70 -29.85
C MET A 45 -8.27 -191.43 -30.17
N LEU A 46 -8.64 -192.36 -29.30
CA LEU A 46 -9.85 -193.16 -29.46
C LEU A 46 -11.06 -192.44 -28.90
N GLY A 47 -10.81 -191.25 -28.40
CA GLY A 47 -11.92 -190.48 -27.91
C GLY A 47 -12.36 -190.69 -26.50
N GLN A 48 -11.42 -190.99 -25.62
CA GLN A 48 -11.80 -191.14 -24.22
C GLN A 48 -10.96 -190.18 -23.44
N ASN A 49 -11.09 -190.27 -22.13
CA ASN A 49 -10.32 -189.43 -21.23
C ASN A 49 -10.25 -190.11 -19.89
N PRO A 50 -9.55 -191.25 -19.83
CA PRO A 50 -9.41 -192.00 -18.59
C PRO A 50 -8.57 -191.31 -17.52
N THR A 51 -8.75 -191.75 -16.29
CA THR A 51 -8.01 -191.22 -15.13
C THR A 51 -7.01 -192.26 -14.68
N LYS A 52 -5.95 -191.84 -14.00
CA LYS A 52 -4.93 -192.77 -13.54
C LYS A 52 -5.52 -194.06 -13.00
N GLU A 53 -6.52 -193.95 -12.13
CA GLU A 53 -7.13 -195.15 -11.58
C GLU A 53 -7.67 -195.98 -12.73
N GLU A 54 -8.57 -195.38 -13.50
CA GLU A 54 -9.20 -196.06 -14.63
C GLU A 54 -8.22 -196.76 -15.55
N LEU A 55 -7.13 -196.08 -15.89
CA LEU A 55 -6.13 -196.66 -16.78
C LEU A 55 -5.55 -197.95 -16.22
N ASP A 56 -5.05 -197.90 -14.99
CA ASP A 56 -4.42 -199.07 -14.39
C ASP A 56 -5.34 -200.25 -14.35
N ALA A 57 -6.55 -200.02 -13.87
CA ALA A 57 -7.55 -201.07 -13.79
C ALA A 57 -7.63 -201.74 -15.17
N ILE A 58 -7.65 -200.91 -16.21
CA ILE A 58 -7.72 -201.41 -17.57
C ILE A 58 -6.44 -202.16 -17.93
N ILE A 59 -5.35 -201.80 -17.26
CA ILE A 59 -4.08 -202.45 -17.54
C ILE A 59 -3.99 -203.75 -16.79
N GLU A 60 -4.05 -203.69 -15.48
CA GLU A 60 -3.93 -204.90 -14.68
C GLU A 60 -5.08 -205.89 -14.86
N GLU A 61 -5.86 -205.72 -15.92
CA GLU A 61 -6.96 -206.64 -16.20
C GLU A 61 -6.37 -207.85 -16.91
N VAL A 62 -5.31 -207.64 -17.67
CA VAL A 62 -4.64 -208.74 -18.40
C VAL A 62 -3.16 -208.82 -18.08
N ASP A 63 -2.72 -208.15 -17.02
CA ASP A 63 -1.31 -208.16 -16.60
C ASP A 63 -1.08 -209.31 -15.65
N GLU A 64 -0.73 -210.46 -16.23
CA GLU A 64 -0.49 -211.68 -15.48
C GLU A 64 0.89 -211.68 -14.83
N ASP A 65 1.83 -210.92 -15.39
CA ASP A 65 3.17 -210.87 -14.85
C ASP A 65 3.38 -209.67 -13.94
N GLY A 66 2.28 -209.16 -13.38
CA GLY A 66 2.33 -208.01 -12.48
C GLY A 66 3.30 -206.90 -12.92
N SER A 67 3.53 -206.81 -14.23
CA SER A 67 4.44 -205.83 -14.83
C SER A 67 3.96 -204.38 -14.78
N GLY A 68 2.65 -204.20 -14.84
CA GLY A 68 2.10 -202.86 -14.84
C GLY A 68 2.14 -202.36 -16.26
N THR A 69 2.28 -203.29 -17.19
CA THR A 69 2.32 -202.94 -18.59
C THR A 69 1.67 -204.10 -19.32
N ILE A 70 1.40 -203.92 -20.62
CA ILE A 70 0.75 -204.95 -21.40
C ILE A 70 1.62 -205.34 -22.61
N ASP A 71 1.86 -206.64 -22.76
CA ASP A 71 2.65 -207.19 -23.89
C ASP A 71 1.70 -207.73 -24.95
N PHE A 72 2.19 -207.92 -26.18
CA PHE A 72 1.33 -208.41 -27.26
C PHE A 72 0.57 -209.69 -26.94
N GLU A 73 0.93 -210.31 -25.83
CA GLU A 73 0.26 -211.53 -25.42
C GLU A 73 -0.92 -211.12 -24.55
N GLU A 74 -0.61 -210.44 -23.44
CA GLU A 74 -1.64 -209.96 -22.52
C GLU A 74 -2.69 -209.19 -23.32
N PHE A 75 -2.21 -208.53 -24.38
CA PHE A 75 -3.06 -207.76 -25.27
C PHE A 75 -4.05 -208.67 -26.00
N LEU A 76 -3.54 -209.68 -26.71
CA LEU A 76 -4.42 -210.61 -27.41
C LEU A 76 -5.48 -211.17 -26.49
N VAL A 77 -5.10 -211.40 -25.24
CA VAL A 77 -6.06 -211.91 -24.27
C VAL A 77 -7.17 -210.89 -24.21
N MET A 78 -6.78 -209.67 -23.90
CA MET A 78 -7.71 -208.56 -23.80
C MET A 78 -8.63 -208.44 -25.02
N MET A 79 -8.06 -208.47 -26.23
CA MET A 79 -8.84 -208.38 -27.45
C MET A 79 -9.85 -209.49 -27.45
N VAL A 80 -9.39 -210.69 -27.13
CA VAL A 80 -10.31 -211.82 -27.09
C VAL A 80 -11.50 -211.55 -26.18
N ARG A 81 -11.28 -211.35 -24.87
CA ARG A 81 -12.40 -211.08 -23.97
C ARG A 81 -13.36 -210.09 -24.62
N GLN A 82 -12.81 -209.06 -25.24
CA GLN A 82 -13.64 -208.07 -25.88
C GLN A 82 -14.39 -208.70 -27.03
N MET A 83 -13.66 -209.24 -27.98
CA MET A 83 -14.30 -209.90 -29.11
C MET A 83 -15.53 -210.65 -28.57
N LYS A 84 -15.32 -211.43 -27.52
CA LYS A 84 -16.40 -212.22 -26.90
C LYS A 84 -17.55 -211.34 -26.50
N GLU A 85 -17.34 -210.52 -25.49
CA GLU A 85 -18.37 -209.60 -25.03
C GLU A 85 -19.10 -208.87 -26.16
N ASP A 86 -18.36 -208.42 -27.17
CA ASP A 86 -19.00 -207.71 -28.27
C ASP A 86 -20.08 -208.61 -28.87
N ALA A 87 -19.65 -209.74 -29.42
CA ALA A 87 -20.53 -210.73 -30.03
C ALA A 87 -21.73 -211.14 -29.17
N LYS A 88 -21.51 -211.21 -27.86
CA LYS A 88 -22.59 -211.57 -26.95
C LYS A 88 -23.62 -210.44 -26.95
N GLY A 89 -23.16 -209.22 -26.72
CA GLY A 89 -24.07 -208.10 -26.72
C GLY A 89 -24.90 -208.00 -27.98
N LYS A 90 -24.25 -208.08 -29.14
CA LYS A 90 -24.93 -208.00 -30.43
C LYS A 90 -26.00 -209.07 -30.57
N SER A 91 -25.68 -210.25 -30.05
CA SER A 91 -26.62 -211.35 -30.14
C SER A 91 -27.87 -211.06 -29.35
N GLU A 92 -27.72 -210.90 -28.04
CA GLU A 92 -28.84 -210.62 -27.14
C GLU A 92 -29.67 -209.42 -27.58
N GLU A 93 -29.02 -208.43 -28.19
CA GLU A 93 -29.72 -207.26 -28.66
C GLU A 93 -30.66 -207.68 -29.76
N GLU A 94 -30.10 -208.36 -30.77
CA GLU A 94 -30.91 -208.84 -31.88
C GLU A 94 -32.10 -209.67 -31.40
N LEU A 95 -31.81 -210.68 -30.59
CA LEU A 95 -32.89 -211.52 -30.08
C LEU A 95 -33.90 -210.67 -29.33
N ALA A 96 -33.40 -209.77 -28.51
CA ALA A 96 -34.27 -208.92 -27.72
C ALA A 96 -35.26 -208.26 -28.65
N ASN A 97 -34.73 -207.72 -29.74
CA ASN A 97 -35.53 -207.05 -30.74
C ASN A 97 -36.53 -207.98 -31.37
N CYS A 98 -36.06 -209.17 -31.71
CA CYS A 98 -36.93 -210.15 -32.32
C CYS A 98 -38.09 -210.47 -31.45
N PHE A 99 -37.87 -210.47 -30.15
CA PHE A 99 -38.93 -210.78 -29.25
C PHE A 99 -39.98 -209.70 -29.30
N ARG A 100 -39.57 -208.46 -29.47
CA ARG A 100 -40.54 -207.37 -29.48
C ARG A 100 -41.37 -207.42 -30.74
N ILE A 101 -40.75 -207.89 -31.81
CA ILE A 101 -41.45 -207.98 -33.08
C ILE A 101 -42.47 -209.08 -33.05
N PHE A 102 -42.08 -210.19 -32.47
CA PHE A 102 -42.93 -211.36 -32.35
C PHE A 102 -44.00 -211.13 -31.31
N ASP A 103 -43.71 -210.31 -30.32
CA ASP A 103 -44.66 -210.04 -29.27
C ASP A 103 -45.83 -209.23 -29.78
N LYS A 104 -45.57 -207.98 -30.16
CA LYS A 104 -46.62 -207.11 -30.70
C LYS A 104 -47.98 -207.54 -30.23
N ASN A 105 -48.33 -206.90 -29.13
CA ASN A 105 -49.55 -207.03 -28.37
C ASN A 105 -48.93 -206.58 -27.04
N ALA A 106 -47.60 -206.52 -27.04
CA ALA A 106 -46.79 -206.07 -25.92
C ALA A 106 -47.13 -206.65 -24.54
N ASP A 107 -47.63 -207.86 -24.48
CA ASP A 107 -47.94 -208.43 -23.18
C ASP A 107 -46.68 -209.03 -22.56
N GLY A 108 -45.55 -208.88 -23.25
CA GLY A 108 -44.28 -209.40 -22.75
C GLY A 108 -44.09 -210.89 -22.97
N PHE A 109 -45.06 -211.48 -23.67
CA PHE A 109 -45.10 -212.90 -23.96
C PHE A 109 -45.29 -213.13 -25.45
N ILE A 110 -45.29 -214.38 -25.83
CA ILE A 110 -45.53 -214.78 -27.19
C ILE A 110 -46.48 -215.97 -27.07
N ASP A 111 -47.76 -215.77 -27.31
CA ASP A 111 -48.70 -216.88 -27.19
C ASP A 111 -48.82 -217.69 -28.48
N ILE A 112 -49.24 -218.94 -28.36
CA ILE A 112 -49.39 -219.82 -29.51
C ILE A 112 -50.01 -219.11 -30.72
N GLU A 113 -50.83 -218.10 -30.47
CA GLU A 113 -51.44 -217.40 -31.59
C GLU A 113 -50.36 -216.67 -32.40
N GLU A 114 -49.70 -215.72 -31.75
CA GLU A 114 -48.63 -214.93 -32.34
C GLU A 114 -47.54 -215.84 -32.93
N LEU A 115 -47.22 -216.91 -32.22
CA LEU A 115 -46.21 -217.83 -32.68
C LEU A 115 -46.66 -218.37 -34.02
N GLY A 116 -47.94 -218.67 -34.11
CA GLY A 116 -48.44 -219.21 -35.36
C GLY A 116 -48.27 -218.15 -36.41
N GLU A 117 -48.88 -216.99 -36.16
CA GLU A 117 -48.79 -215.91 -37.09
C GLU A 117 -47.39 -215.74 -37.61
N ILE A 118 -46.49 -215.30 -36.74
CA ILE A 118 -45.11 -215.09 -37.14
C ILE A 118 -44.58 -216.27 -37.95
N LEU A 119 -44.87 -217.48 -37.52
CA LEU A 119 -44.39 -218.64 -38.24
C LEU A 119 -45.00 -218.70 -39.64
N ARG A 120 -46.31 -218.66 -39.67
CA ARG A 120 -47.05 -218.70 -40.90
C ARG A 120 -46.58 -217.49 -41.73
N ALA A 121 -46.15 -216.43 -41.06
CA ALA A 121 -45.69 -215.21 -41.75
C ALA A 121 -44.40 -215.43 -42.50
N THR A 122 -43.70 -216.49 -42.13
CA THR A 122 -42.47 -216.80 -42.82
C THR A 122 -42.90 -217.40 -44.13
N GLY A 123 -41.98 -217.55 -45.06
CA GLY A 123 -42.38 -218.15 -46.31
C GLY A 123 -42.81 -219.58 -46.05
N GLU A 124 -41.96 -220.29 -45.32
CA GLU A 124 -42.18 -221.69 -45.00
C GLU A 124 -43.62 -222.19 -44.92
N HIS A 125 -43.78 -223.48 -45.18
CA HIS A 125 -45.08 -224.13 -45.15
C HIS A 125 -45.18 -224.82 -43.81
N VAL A 126 -46.26 -224.53 -43.09
CA VAL A 126 -46.43 -225.13 -41.80
C VAL A 126 -47.88 -225.34 -41.51
N THR A 127 -48.15 -226.42 -40.78
CA THR A 127 -49.47 -226.79 -40.34
C THR A 127 -49.53 -226.57 -38.82
N GLU A 128 -50.72 -226.37 -38.28
CA GLU A 128 -50.88 -226.13 -36.85
C GLU A 128 -50.05 -227.05 -35.98
N GLU A 129 -50.00 -228.32 -36.31
CA GLU A 129 -49.22 -229.27 -35.51
C GLU A 129 -47.80 -228.75 -35.30
N ASP A 130 -47.17 -228.24 -36.37
CA ASP A 130 -45.81 -227.72 -36.23
C ASP A 130 -45.78 -226.61 -35.20
N ILE A 131 -46.64 -225.62 -35.38
CA ILE A 131 -46.71 -224.51 -34.45
C ILE A 131 -46.88 -224.97 -33.02
N GLU A 132 -47.93 -225.72 -32.72
CA GLU A 132 -48.12 -226.18 -31.36
C GLU A 132 -46.97 -227.02 -30.91
N ASP A 133 -46.33 -227.73 -31.83
CA ASP A 133 -45.21 -228.51 -31.41
C ASP A 133 -44.09 -227.58 -30.91
N LEU A 134 -43.72 -226.58 -31.72
CA LEU A 134 -42.67 -225.66 -31.32
C LEU A 134 -43.01 -224.97 -30.01
N MET A 135 -44.30 -224.77 -29.75
CA MET A 135 -44.70 -224.12 -28.52
C MET A 135 -44.38 -225.04 -27.37
N LYS A 136 -44.85 -226.27 -27.46
CA LYS A 136 -44.64 -227.26 -26.41
C LYS A 136 -43.18 -227.49 -26.09
N ASP A 137 -42.32 -227.38 -27.09
CA ASP A 137 -40.89 -227.60 -26.89
C ASP A 137 -40.24 -226.37 -26.25
N SER A 138 -40.70 -225.20 -26.65
CA SER A 138 -40.16 -223.96 -26.12
C SER A 138 -40.70 -223.64 -24.72
N ASP A 139 -42.02 -223.67 -24.55
CA ASP A 139 -42.60 -223.38 -23.24
C ASP A 139 -42.21 -224.40 -22.21
N LYS A 140 -41.16 -224.09 -21.44
CA LYS A 140 -40.69 -224.97 -20.40
C LYS A 140 -41.51 -224.86 -19.13
N ASN A 141 -41.94 -223.65 -18.79
CA ASN A 141 -42.74 -223.48 -17.58
C ASN A 141 -44.21 -223.86 -17.81
N ASN A 142 -44.48 -224.49 -18.96
CA ASN A 142 -45.82 -224.94 -19.31
C ASN A 142 -46.95 -224.00 -18.89
N ASP A 143 -46.85 -222.74 -19.27
CA ASP A 143 -47.86 -221.76 -18.91
C ASP A 143 -48.57 -221.24 -20.13
N GLY A 144 -48.15 -221.77 -21.28
CA GLY A 144 -48.77 -221.37 -22.53
C GLY A 144 -47.98 -220.36 -23.31
N ARG A 145 -47.41 -219.38 -22.62
CA ARG A 145 -46.65 -218.34 -23.30
C ARG A 145 -45.18 -218.67 -23.41
N ILE A 146 -44.45 -217.76 -24.02
CA ILE A 146 -43.01 -217.93 -24.15
C ILE A 146 -42.41 -216.65 -23.61
N ASP A 147 -41.75 -216.70 -22.45
CA ASP A 147 -41.16 -215.50 -21.87
C ASP A 147 -39.81 -215.19 -22.50
N PHE A 148 -39.33 -213.97 -22.30
CA PHE A 148 -38.06 -213.62 -22.90
C PHE A 148 -36.96 -214.63 -22.61
N ASP A 149 -36.93 -215.12 -21.37
CA ASP A 149 -35.92 -216.09 -20.97
C ASP A 149 -36.03 -217.28 -21.89
N GLU A 150 -37.23 -217.85 -21.95
CA GLU A 150 -37.46 -219.01 -22.81
C GLU A 150 -37.10 -218.71 -24.26
N PHE A 151 -37.48 -217.52 -24.72
CA PHE A 151 -37.17 -217.13 -26.09
C PHE A 151 -35.66 -217.15 -26.33
N LEU A 152 -34.88 -216.68 -25.35
CA LEU A 152 -33.41 -216.67 -25.44
C LEU A 152 -32.97 -218.11 -25.57
N LYS A 153 -33.48 -218.95 -24.70
CA LYS A 153 -33.14 -220.35 -24.73
C LYS A 153 -33.51 -221.00 -26.07
N MET A 154 -34.79 -220.93 -26.44
CA MET A 154 -35.25 -221.54 -27.67
C MET A 154 -34.44 -221.10 -28.89
N MET A 155 -34.11 -219.82 -28.95
CA MET A 155 -33.34 -219.32 -30.08
C MET A 155 -31.85 -219.59 -29.87
N GLU A 156 -31.48 -220.15 -28.73
CA GLU A 156 -30.09 -220.43 -28.46
C GLU A 156 -29.56 -221.30 -29.60
N GLY A 157 -28.59 -220.78 -30.34
CA GLY A 157 -28.02 -221.51 -31.44
C GLY A 157 -28.50 -220.99 -32.78
N VAL A 158 -29.78 -221.20 -33.08
CA VAL A 158 -30.37 -220.74 -34.32
C VAL A 158 -29.63 -219.50 -34.78
N GLN A 159 -28.81 -219.65 -35.82
CA GLN A 159 -28.01 -218.53 -36.37
C GLN A 159 -27.38 -217.63 -35.29
N SER B 1 52.58 185.00 -8.62
CA SER B 1 51.53 185.96 -8.18
C SER B 1 52.05 187.39 -8.12
N TYR B 2 52.16 188.03 -9.28
CA TYR B 2 52.65 189.41 -9.35
C TYR B 2 51.69 190.32 -10.11
N SER B 3 50.60 189.73 -10.63
CA SER B 3 49.59 190.51 -11.35
C SER B 3 48.70 191.17 -10.30
N SER B 4 48.79 190.66 -9.08
CA SER B 4 48.02 191.15 -7.93
C SER B 4 48.73 192.32 -7.27
N TYR B 5 49.91 192.67 -7.76
CA TYR B 5 50.67 193.78 -7.19
C TYR B 5 49.97 195.09 -7.46
N LEU B 6 49.39 195.22 -8.64
CA LEU B 6 48.69 196.44 -9.02
C LEU B 6 47.45 196.57 -8.15
N ALA B 7 47.00 195.44 -7.60
CA ALA B 7 45.83 195.42 -6.71
C ALA B 7 46.20 196.04 -5.38
N LYS B 8 47.41 195.73 -4.89
CA LYS B 8 47.91 196.28 -3.64
C LYS B 8 47.82 197.81 -3.71
N ALA B 9 48.56 198.40 -4.65
CA ALA B 9 48.58 199.86 -4.84
C ALA B 9 47.18 200.43 -4.86
N ASP B 10 46.40 200.04 -5.85
CA ASP B 10 45.04 200.54 -5.97
C ASP B 10 44.29 200.41 -4.65
N GLN B 11 44.25 199.19 -4.11
CA GLN B 11 43.53 198.97 -2.87
C GLN B 11 44.01 199.83 -1.72
N LYS B 12 45.22 199.57 -1.23
CA LYS B 12 45.76 200.31 -0.11
C LYS B 12 45.60 201.81 -0.30
N ARG B 13 46.29 202.37 -1.28
CA ARG B 13 46.20 203.80 -1.55
C ARG B 13 44.77 204.28 -1.51
N GLY B 14 43.88 203.50 -2.10
CA GLY B 14 42.48 203.86 -2.14
C GLY B 14 41.90 204.03 -0.76
N LYS B 15 41.81 202.92 -0.05
CA LYS B 15 41.26 202.94 1.29
C LYS B 15 41.91 203.97 2.17
N LYS B 16 43.23 204.04 2.15
CA LYS B 16 43.93 204.99 3.00
C LYS B 16 43.56 206.41 2.70
N GLN B 17 43.43 206.74 1.42
CA GLN B 17 43.10 208.11 1.03
C GLN B 17 41.65 208.44 1.40
N THR B 18 40.79 207.43 1.37
CA THR B 18 39.39 207.58 1.72
C THR B 18 39.31 207.94 3.20
N ALA B 19 40.02 207.16 4.01
CA ALA B 19 40.08 207.35 5.45
C ALA B 19 40.55 208.73 5.84
N ARG B 20 41.55 209.22 5.14
CA ARG B 20 42.10 210.53 5.43
C ARG B 20 41.09 211.64 5.44
N GLU B 21 40.56 211.94 4.27
CA GLU B 21 39.62 213.03 4.19
C GLU B 21 38.49 212.89 5.18
N THR B 22 37.99 211.66 5.36
CA THR B 22 36.90 211.45 6.31
C THR B 22 37.35 212.04 7.64
N LYS B 23 38.48 211.56 8.14
CA LYS B 23 39.06 212.05 9.38
C LYS B 23 39.12 213.56 9.31
N LYS B 24 39.48 214.11 8.16
CA LYS B 24 39.58 215.56 8.05
C LYS B 24 38.19 216.18 8.16
N LYS B 25 37.23 215.62 7.41
CA LYS B 25 35.87 216.14 7.44
C LYS B 25 35.34 216.14 8.86
N VAL B 26 35.39 214.97 9.46
CA VAL B 26 34.94 214.77 10.83
C VAL B 26 35.59 215.76 11.80
N LEU B 27 36.91 215.68 11.91
CA LEU B 27 37.64 216.54 12.82
C LEU B 27 37.38 218.02 12.62
N ALA B 28 37.19 218.41 11.36
CA ALA B 28 36.93 219.81 11.02
C ALA B 28 35.63 220.30 11.65
N GLU B 29 34.57 219.50 11.51
CA GLU B 29 33.29 219.89 12.09
C GLU B 29 33.45 220.26 13.55
N ARG B 30 33.98 219.33 14.35
CA ARG B 30 34.15 219.54 15.77
C ARG B 30 35.09 220.67 16.12
N ARG B 31 35.30 221.58 15.19
CA ARG B 31 36.21 222.69 15.41
C ARG B 31 35.61 224.08 15.16
N LYS B 32 35.50 224.87 16.22
CA LYS B 32 34.97 226.23 16.17
C LYS B 32 36.09 227.22 16.53
N PRO B 33 36.59 227.97 15.52
CA PRO B 33 37.67 228.95 15.64
C PRO B 33 37.73 229.74 16.94
N LEU B 34 38.91 230.25 17.24
CA LEU B 34 39.13 231.04 18.45
C LEU B 34 38.76 232.47 18.11
N ASN B 35 37.68 232.62 17.36
CA ASN B 35 37.15 233.92 16.93
C ASN B 35 37.29 235.01 17.99
N ILE B 36 36.92 234.69 19.23
CA ILE B 36 36.97 235.66 20.31
C ILE B 36 38.39 236.09 20.69
N ASP B 37 38.84 237.15 20.03
CA ASP B 37 40.15 237.73 20.28
C ASP B 37 40.01 239.24 20.35
N HIS B 38 40.23 239.77 21.55
CA HIS B 38 40.13 241.20 21.79
C HIS B 38 38.68 241.67 21.55
N LEU B 39 37.82 241.32 22.49
CA LEU B 39 36.42 241.70 22.44
C LEU B 39 36.05 242.11 23.87
N ASN B 40 36.86 241.62 24.81
CA ASN B 40 36.74 241.89 26.24
C ASN B 40 38.00 241.38 26.93
N GLU B 41 38.19 241.76 28.20
CA GLU B 41 39.37 241.35 28.95
C GLU B 41 39.06 240.26 29.97
N ASP B 42 37.92 240.36 30.63
CA ASP B 42 37.54 239.35 31.61
C ASP B 42 36.93 238.18 30.84
N LYS B 43 36.62 238.40 29.56
CA LYS B 43 36.03 237.38 28.68
C LYS B 43 37.00 236.21 28.63
N LEU B 44 38.27 236.52 28.40
CA LEU B 44 39.30 235.51 28.33
C LEU B 44 39.12 234.57 29.52
N ARG B 45 38.89 235.13 30.70
CA ARG B 45 38.73 234.33 31.90
C ARG B 45 37.59 233.31 31.77
N ASP B 46 36.39 233.78 31.49
CA ASP B 46 35.25 232.88 31.35
C ASP B 46 35.40 232.01 30.10
N LYS B 47 36.30 232.42 29.20
CA LYS B 47 36.53 231.68 27.96
C LYS B 47 37.58 230.60 28.15
N ALA B 48 38.79 231.03 28.51
CA ALA B 48 39.89 230.11 28.72
C ALA B 48 39.50 228.80 29.37
N LYS B 49 38.78 228.88 30.50
CA LYS B 49 38.41 227.64 31.17
C LYS B 49 37.50 226.76 30.32
N GLU B 50 36.53 227.37 29.63
CA GLU B 50 35.63 226.60 28.78
C GLU B 50 36.46 225.76 27.82
N LEU B 51 37.50 226.36 27.25
CA LEU B 51 38.38 225.64 26.34
C LEU B 51 39.02 224.56 27.20
N TRP B 52 39.47 224.95 28.38
CA TRP B 52 40.09 224.01 29.29
C TRP B 52 39.23 222.79 29.51
N ASP B 53 37.94 223.00 29.77
CA ASP B 53 37.01 221.88 29.99
C ASP B 53 36.88 221.04 28.76
N TRP B 54 36.74 221.69 27.61
CA TRP B 54 36.59 220.96 26.37
C TRP B 54 37.80 220.05 26.24
N LEU B 55 38.98 220.57 26.55
CA LEU B 55 40.20 219.78 26.44
C LEU B 55 40.09 218.62 27.38
N TYR B 56 39.86 218.93 28.65
CA TYR B 56 39.73 217.90 29.66
C TYR B 56 38.66 216.93 29.20
N GLN B 57 37.64 217.46 28.54
CA GLN B 57 36.56 216.63 28.07
C GLN B 57 37.15 215.56 27.15
N LEU B 58 37.73 216.02 26.04
CA LEU B 58 38.36 215.17 25.06
C LEU B 58 39.39 214.24 25.75
N GLN B 59 40.32 214.83 26.50
CA GLN B 59 41.31 214.02 27.20
C GLN B 59 40.74 212.84 27.93
N THR B 60 39.71 213.09 28.71
CA THR B 60 39.13 212.01 29.46
C THR B 60 38.59 210.90 28.57
N GLU B 61 37.95 211.30 27.46
CA GLU B 61 37.39 210.33 26.54
C GLU B 61 38.50 209.51 25.90
N LYS B 62 39.54 210.20 25.45
CA LYS B 62 40.66 209.52 24.84
C LYS B 62 41.19 208.47 25.79
N TYR B 63 41.22 208.79 27.07
CA TYR B 63 41.72 207.81 28.02
C TYR B 63 40.83 206.57 28.06
N ASP B 64 39.52 206.78 28.01
CA ASP B 64 38.56 205.68 28.06
C ASP B 64 38.60 204.84 26.79
N PHE B 65 38.59 205.50 25.64
CA PHE B 65 38.67 204.77 24.39
C PHE B 65 39.91 203.91 24.47
N ALA B 66 40.93 204.44 25.12
CA ALA B 66 42.17 203.72 25.22
C ALA B 66 42.00 202.47 26.06
N GLU B 67 41.63 202.66 27.31
CA GLU B 67 41.49 201.51 28.18
C GLU B 67 40.58 200.52 27.55
N GLN B 68 39.62 201.01 26.78
CA GLN B 68 38.69 200.12 26.14
C GLN B 68 39.43 199.18 25.19
N ILE B 69 40.17 199.72 24.25
CA ILE B 69 40.83 198.85 23.31
C ILE B 69 41.59 197.78 24.10
N LYS B 70 42.32 198.17 25.13
CA LYS B 70 43.08 197.17 25.88
C LYS B 70 42.17 196.03 26.32
N ARG B 71 41.05 196.38 26.92
CA ARG B 71 40.14 195.35 27.38
C ARG B 71 39.71 194.50 26.20
N LYS B 72 39.37 195.14 25.09
CA LYS B 72 38.95 194.41 23.91
C LYS B 72 40.08 193.52 23.40
N LYS B 73 41.28 194.08 23.35
CA LYS B 73 42.42 193.31 22.91
C LYS B 73 42.52 192.01 23.71
N TYR B 74 42.11 192.03 24.97
CA TYR B 74 42.17 190.83 25.78
C TYR B 74 41.01 189.90 25.43
N GLU B 75 39.87 190.48 25.07
CA GLU B 75 38.68 189.71 24.70
C GLU B 75 39.10 188.85 23.52
N ILE B 76 39.86 189.48 22.64
CA ILE B 76 40.37 188.83 21.46
C ILE B 76 41.25 187.67 21.82
N VAL B 77 42.35 187.94 22.51
CA VAL B 77 43.23 186.88 22.90
C VAL B 77 42.46 185.64 23.32
N THR B 78 41.48 185.84 24.21
CA THR B 78 40.66 184.73 24.68
C THR B 78 39.80 184.19 23.55
N LEU B 79 39.10 185.08 22.86
CA LEU B 79 38.27 184.61 21.78
C LEU B 79 39.09 183.83 20.75
N ARG B 80 40.41 184.03 20.71
CA ARG B 80 41.21 183.28 19.74
C ARG B 80 41.49 181.90 20.29
N ASN B 81 41.78 181.82 21.58
CA ASN B 81 42.03 180.54 22.19
C ASN B 81 40.81 179.64 22.12
N ARG B 82 39.61 180.25 22.12
CA ARG B 82 38.41 179.44 22.07
C ARG B 82 38.24 178.90 20.69
N ILE B 83 38.79 179.64 19.73
CA ILE B 83 38.71 179.26 18.33
C ILE B 83 39.61 178.08 18.05
N ASP B 84 40.82 178.11 18.59
CA ASP B 84 41.72 177.00 18.36
C ASP B 84 41.22 175.78 19.12
N GLN B 85 40.93 175.96 20.40
CA GLN B 85 40.44 174.88 21.25
C GLN B 85 39.24 174.22 20.58
N ALA B 86 38.42 175.03 19.92
CA ALA B 86 37.24 174.51 19.27
C ALA B 86 37.55 174.09 17.85
N GLN B 87 38.78 173.65 17.61
CA GLN B 87 39.15 173.20 16.28
C GLN B 87 38.86 171.72 16.12
N LYS B 88 39.63 170.88 16.80
CA LYS B 88 39.45 169.42 16.73
C LYS B 88 38.83 168.93 15.42
N HIS B 89 39.68 168.86 14.39
CA HIS B 89 39.32 168.41 13.05
C HIS B 89 38.80 166.95 13.03
N SER B 90 38.66 166.36 14.23
CA SER B 90 38.20 164.96 14.43
C SER B 90 36.73 164.65 13.89
N GLU C 1 32.55 150.41 46.64
CA GLU C 1 31.91 151.06 45.47
C GLU C 1 31.86 152.58 45.66
N GLU C 2 33.04 153.21 45.74
CA GLU C 2 33.18 154.65 45.91
C GLU C 2 32.08 155.38 46.67
N LYS C 3 31.61 154.81 47.79
CA LYS C 3 30.55 155.43 48.58
C LYS C 3 30.92 156.84 49.07
N LYS C 4 32.19 157.04 49.40
CA LYS C 4 32.64 158.34 49.92
C LYS C 4 32.84 159.41 48.84
N ARG C 5 33.10 158.96 47.61
CA ARG C 5 33.35 159.86 46.49
C ARG C 5 32.52 161.15 46.49
N ARG C 6 31.31 161.09 47.02
CA ARG C 6 30.44 162.27 47.05
C ARG C 6 31.05 163.50 47.71
N ALA C 7 31.82 163.29 48.78
CA ALA C 7 32.47 164.38 49.50
C ALA C 7 33.55 165.09 48.69
N ALA C 8 34.17 164.33 47.79
CA ALA C 8 35.23 164.88 46.93
C ALA C 8 34.67 166.02 46.09
N THR C 9 33.58 165.73 45.38
CA THR C 9 32.93 166.71 44.52
C THR C 9 32.55 167.95 45.31
N ALA C 10 31.84 167.77 46.42
CA ALA C 10 31.44 168.90 47.23
C ALA C 10 32.63 169.80 47.52
N ARG C 11 33.81 169.20 47.67
CA ARG C 11 35.00 169.99 47.93
C ARG C 11 35.25 170.94 46.78
N ARG C 12 35.39 170.38 45.58
CA ARG C 12 35.63 171.22 44.42
C ARG C 12 34.65 172.36 44.45
N GLN C 13 33.39 172.08 44.74
CA GLN C 13 32.43 173.15 44.79
C GLN C 13 32.81 174.12 45.87
N HIS C 14 32.98 173.62 47.08
CA HIS C 14 33.34 174.49 48.18
C HIS C 14 34.50 175.39 47.78
N LEU C 15 35.45 174.82 47.05
CA LEU C 15 36.59 175.57 46.60
C LEU C 15 36.21 176.50 45.47
N LYS C 16 35.48 175.99 44.49
CA LYS C 16 35.09 176.84 43.38
C LYS C 16 34.46 178.11 43.92
N SER C 17 33.55 177.95 44.88
CA SER C 17 32.87 179.09 45.48
C SER C 17 33.83 179.94 46.30
N ALA C 18 34.91 179.32 46.78
CA ALA C 18 35.89 180.05 47.54
C ALA C 18 36.65 180.87 46.52
N MET C 19 36.70 180.36 45.30
CA MET C 19 37.39 181.07 44.25
C MET C 19 36.56 182.26 43.80
N LEU C 20 35.37 182.00 43.31
CA LEU C 20 34.51 183.08 42.87
C LEU C 20 34.43 184.10 43.95
N GLN C 21 34.08 183.67 45.14
CA GLN C 21 33.97 184.62 46.23
C GLN C 21 35.24 185.47 46.24
N LEU C 22 36.39 184.86 46.00
CA LEU C 22 37.64 185.60 46.01
C LEU C 22 37.65 186.60 44.87
N ALA C 23 37.29 186.11 43.70
CA ALA C 23 37.24 186.90 42.47
C ALA C 23 36.56 188.22 42.69
N VAL C 24 35.25 188.15 42.95
CA VAL C 24 34.42 189.32 43.16
C VAL C 24 35.05 190.42 44.01
N THR C 25 35.58 190.04 45.16
CA THR C 25 36.19 191.01 46.04
C THR C 25 37.47 191.59 45.46
N GLU C 26 38.08 190.85 44.53
CA GLU C 26 39.31 191.31 43.93
C GLU C 26 38.94 192.17 42.75
N ILE C 27 37.82 191.82 42.14
CA ILE C 27 37.29 192.52 40.98
C ILE C 27 37.07 194.00 41.23
N GLU C 28 36.44 194.34 42.35
CA GLU C 28 36.21 195.73 42.66
C GLU C 28 37.49 196.40 43.10
N LYS C 29 38.46 195.63 43.61
CA LYS C 29 39.72 196.26 44.02
C LYS C 29 40.41 196.83 42.79
N GLU C 30 40.62 195.97 41.79
CA GLU C 30 41.26 196.35 40.52
C GLU C 30 40.49 197.50 39.90
N ALA C 31 39.18 197.41 40.00
CA ALA C 31 38.30 198.43 39.44
C ALA C 31 38.63 199.81 40.00
N ALA C 32 38.51 199.95 41.31
CA ALA C 32 38.78 201.25 41.88
C ALA C 32 40.22 201.64 41.64
N ALA C 33 41.15 200.74 41.92
CA ALA C 33 42.54 201.07 41.69
C ALA C 33 42.70 201.61 40.27
N LYS C 34 42.08 200.90 39.33
CA LYS C 34 42.14 201.30 37.95
C LYS C 34 41.83 202.80 37.89
N GLU C 35 40.63 203.17 38.36
CA GLU C 35 40.16 204.57 38.37
C GLU C 35 41.22 205.49 38.91
N VAL C 36 41.83 205.07 40.01
CA VAL C 36 42.88 205.89 40.60
C VAL C 36 43.90 206.23 39.55
N GLU C 37 44.33 205.23 38.79
CA GLU C 37 45.29 205.51 37.75
C GLU C 37 44.74 206.56 36.81
N LYS C 38 43.45 206.47 36.51
CA LYS C 38 42.82 207.41 35.59
C LYS C 38 42.84 208.86 36.04
N GLN C 39 42.69 209.08 37.33
CA GLN C 39 42.69 210.45 37.83
C GLN C 39 44.08 211.02 37.98
N ASN C 40 45.07 210.14 38.06
CA ASN C 40 46.46 210.56 38.18
C ASN C 40 46.94 210.92 36.80
N TYR C 41 46.62 210.05 35.84
CA TYR C 41 47.00 210.31 34.47
C TYR C 41 46.48 211.71 34.17
N LEU C 42 45.18 211.89 34.37
CA LEU C 42 44.56 213.17 34.11
C LEU C 42 45.14 214.23 35.03
N ALA C 43 45.62 213.78 36.19
CA ALA C 43 46.20 214.67 37.17
C ALA C 43 47.31 215.51 36.57
N GLU C 44 48.15 214.91 35.74
CA GLU C 44 49.23 215.68 35.15
C GLU C 44 49.01 216.18 33.75
N HIS C 45 48.25 215.42 32.95
CA HIS C 45 48.03 215.85 31.58
C HIS C 45 47.08 217.03 31.48
N SER C 46 46.45 217.38 32.59
CA SER C 46 45.53 218.51 32.60
C SER C 46 45.18 218.80 34.01
N PRO C 47 46.15 219.34 34.76
CA PRO C 47 46.06 219.72 36.17
C PRO C 47 45.16 220.91 36.45
N PRO C 48 44.60 220.95 37.66
CA PRO C 48 43.73 222.04 38.06
C PRO C 48 44.18 223.37 37.48
N LEU C 49 43.54 223.78 36.39
CA LEU C 49 43.87 225.04 35.74
C LEU C 49 43.93 226.23 36.69
N SER C 50 44.84 227.16 36.38
CA SER C 50 45.04 228.39 37.16
C SER C 50 45.17 229.58 36.23
N LEU C 51 44.06 230.26 35.99
CA LEU C 51 44.02 231.43 35.11
C LEU C 51 45.10 232.47 35.45
N PRO C 52 45.97 232.79 34.49
CA PRO C 52 47.08 233.75 34.61
C PRO C 52 46.65 235.17 34.97
N GLY C 53 47.57 236.10 34.70
CA GLY C 53 47.35 237.51 34.98
C GLY C 53 46.14 238.08 34.26
N SER C 54 46.37 238.96 33.29
CA SER C 54 45.25 239.55 32.57
C SER C 54 45.49 239.78 31.09
N MET C 55 46.54 240.50 30.74
CA MET C 55 46.80 240.79 29.33
C MET C 55 47.20 239.64 28.41
N GLN C 56 48.47 239.60 28.06
CA GLN C 56 48.98 238.58 27.14
C GLN C 56 48.77 237.15 27.58
N GLU C 57 48.88 236.91 28.88
CA GLU C 57 48.69 235.56 29.41
C GLU C 57 47.36 234.92 29.03
N LEU C 58 46.24 235.49 29.47
CA LEU C 58 44.91 234.94 29.18
C LEU C 58 44.76 234.65 27.70
N GLN C 59 45.19 235.59 26.88
CA GLN C 59 45.10 235.40 25.44
C GLN C 59 46.01 234.24 25.04
N GLU C 60 47.27 234.34 25.44
CA GLU C 60 48.26 233.31 25.11
C GLU C 60 47.74 231.93 25.50
N LEU C 61 47.49 231.75 26.79
CA LEU C 61 47.00 230.48 27.31
C LEU C 61 45.86 230.00 26.44
N SER C 62 44.92 230.89 26.17
CA SER C 62 43.78 230.53 25.37
C SER C 62 44.20 229.96 24.04
N LYS C 63 45.17 230.61 23.41
CA LYS C 63 45.65 230.14 22.14
C LYS C 63 46.30 228.76 22.38
N LYS C 64 47.08 228.66 23.47
CA LYS C 64 47.77 227.41 23.82
C LYS C 64 46.77 226.26 23.85
N LEU C 65 45.74 226.41 24.68
CA LEU C 65 44.72 225.40 24.83
C LEU C 65 44.10 225.04 23.50
N HIS C 66 43.44 226.03 22.91
CA HIS C 66 42.76 225.86 21.64
C HIS C 66 43.53 225.03 20.60
N ALA C 67 44.85 225.18 20.58
CA ALA C 67 45.66 224.43 19.63
C ALA C 67 45.74 222.98 20.13
N LYS C 68 45.96 222.81 21.43
CA LYS C 68 46.09 221.49 22.03
C LYS C 68 44.81 220.71 21.77
N ILE C 69 43.69 221.42 21.83
CA ILE C 69 42.40 220.82 21.58
C ILE C 69 42.36 220.08 20.24
N ASP C 70 42.79 220.75 19.18
CA ASP C 70 42.79 220.12 17.86
C ASP C 70 43.70 218.92 17.91
N SER C 71 44.74 219.06 18.71
CA SER C 71 45.73 218.02 18.90
C SER C 71 45.10 216.81 19.57
N VAL C 72 44.70 216.99 20.82
CA VAL C 72 44.09 215.93 21.58
C VAL C 72 42.89 215.34 20.88
N ASP C 73 42.13 216.21 20.25
CA ASP C 73 40.97 215.75 19.55
C ASP C 73 41.42 214.76 18.48
N GLU C 74 42.41 215.13 17.67
CA GLU C 74 42.89 214.21 16.63
C GLU C 74 43.25 212.86 17.24
N GLU C 75 44.00 212.90 18.33
CA GLU C 75 44.43 211.69 19.04
C GLU C 75 43.18 210.97 19.48
N ARG C 76 42.25 211.70 20.04
CA ARG C 76 41.05 211.05 20.50
C ARG C 76 40.44 210.30 19.32
N TYR C 77 40.41 210.94 18.16
CA TYR C 77 39.85 210.36 16.92
C TYR C 77 40.61 209.11 16.48
N ASP C 78 41.92 209.22 16.34
CA ASP C 78 42.72 208.08 15.93
C ASP C 78 42.39 206.92 16.85
N THR C 79 42.35 207.19 18.15
CA THR C 79 42.03 206.14 19.13
C THR C 79 40.67 205.51 18.82
N GLU C 80 39.66 206.36 18.68
CA GLU C 80 38.33 205.84 18.42
C GLU C 80 38.38 204.91 17.22
N VAL C 81 39.17 205.27 16.22
CA VAL C 81 39.26 204.44 15.04
C VAL C 81 39.97 203.11 15.28
N LYS C 82 40.98 203.11 16.14
CA LYS C 82 41.70 201.87 16.42
C LYS C 82 40.77 200.99 17.22
N LEU C 83 39.79 201.61 17.86
CA LEU C 83 38.82 200.84 18.63
C LEU C 83 37.94 200.20 17.60
N GLN C 84 37.39 201.04 16.73
CA GLN C 84 36.52 200.53 15.69
C GLN C 84 37.19 199.35 15.04
N LYS C 85 38.44 199.53 14.63
CA LYS C 85 39.17 198.45 13.99
C LYS C 85 39.10 197.21 14.85
N THR C 86 39.42 197.37 16.13
CA THR C 86 39.45 196.25 17.07
C THR C 86 38.11 195.57 17.25
N ILE C 87 37.09 196.34 17.62
CA ILE C 87 35.78 195.76 17.79
C ILE C 87 35.48 194.95 16.52
N LYS C 88 35.92 195.46 15.37
CA LYS C 88 35.69 194.79 14.10
C LYS C 88 36.39 193.45 14.13
N GLU C 89 37.69 193.46 14.39
CA GLU C 89 38.43 192.23 14.44
C GLU C 89 37.78 191.18 15.33
N LEU C 90 37.19 191.57 16.45
CA LEU C 90 36.62 190.53 17.28
C LEU C 90 35.24 190.12 16.86
N GLU C 91 34.55 190.95 16.09
CA GLU C 91 33.22 190.57 15.61
C GLU C 91 33.43 189.42 14.63
N ASP C 92 34.43 189.57 13.77
CA ASP C 92 34.74 188.54 12.79
C ASP C 92 35.11 187.26 13.51
N LEU C 93 35.91 187.41 14.57
CA LEU C 93 36.30 186.25 15.34
C LEU C 93 35.08 185.71 16.07
N SER C 94 34.17 186.60 16.40
CA SER C 94 32.95 186.22 17.11
C SER C 94 32.03 185.53 16.12
N GLN C 95 32.53 185.33 14.90
CA GLN C 95 31.79 184.66 13.84
C GLN C 95 32.47 183.32 13.59
N LYS C 96 33.76 183.39 13.31
CA LYS C 96 34.59 182.22 13.05
C LYS C 96 34.40 181.19 14.15
N LEU C 97 33.63 181.53 15.17
CA LEU C 97 33.39 180.60 16.26
C LEU C 97 31.97 180.11 16.22
N PHE C 98 31.06 181.01 15.84
CA PHE C 98 29.65 180.69 15.76
C PHE C 98 29.45 179.51 14.81
N ASP C 99 29.77 179.76 13.55
CA ASP C 99 29.65 178.73 12.54
C ASP C 99 30.83 177.78 12.65
N LEU C 100 30.97 177.17 13.82
CA LEU C 100 32.05 176.23 14.04
C LEU C 100 31.71 175.57 15.37
N ARG C 101 30.74 176.16 16.05
CA ARG C 101 30.25 175.68 17.32
C ARG C 101 28.74 175.91 17.35
N GLY C 102 28.35 177.17 17.23
CA GLY C 102 26.95 177.54 17.26
C GLY C 102 26.86 178.79 18.09
N LYS C 103 25.76 179.00 18.81
CA LYS C 103 25.71 180.17 19.68
C LYS C 103 26.58 179.72 20.84
N PHE C 104 27.55 180.54 21.23
CA PHE C 104 28.42 180.17 22.33
C PHE C 104 28.27 181.20 23.42
N LYS C 105 28.72 180.88 24.63
CA LYS C 105 28.60 181.83 25.72
C LYS C 105 29.50 183.05 25.54
N ARG C 106 29.08 184.15 26.17
CA ARG C 106 29.78 185.42 26.18
C ARG C 106 30.17 186.04 24.86
N PRO C 107 29.18 186.39 24.04
CA PRO C 107 29.58 186.99 22.79
C PRO C 107 30.16 188.36 23.18
N PRO C 108 31.24 188.78 22.50
CA PRO C 108 31.91 190.06 22.78
C PRO C 108 31.11 191.35 22.57
N LEU C 109 30.19 191.35 21.59
CA LEU C 109 29.36 192.52 21.28
C LEU C 109 28.15 192.71 22.20
N ARG C 110 27.55 191.60 22.64
CA ARG C 110 26.42 191.66 23.56
C ARG C 110 25.36 192.70 23.24
N ARG C 111 24.28 192.27 22.62
CA ARG C 111 23.15 193.15 22.30
C ARG C 111 22.25 193.11 23.52
N VAL C 112 22.25 194.17 24.32
CA VAL C 112 21.42 194.19 25.50
C VAL C 112 20.37 195.32 25.53
N ARG C 113 19.14 194.94 25.89
CA ARG C 113 18.04 195.88 26.00
C ARG C 113 18.02 196.21 27.49
N MET C 114 17.18 197.16 27.90
CA MET C 114 17.19 197.49 29.31
C MET C 114 16.54 196.39 30.11
N SER C 115 17.05 196.15 31.31
CA SER C 115 16.52 195.11 32.16
C SER C 115 15.13 195.42 32.66
N ALA C 116 14.40 194.36 32.98
CA ALA C 116 13.05 194.51 33.50
C ALA C 116 13.13 195.25 34.85
N ASP C 117 14.22 195.00 35.59
CA ASP C 117 14.43 195.64 36.88
C ASP C 117 14.55 197.14 36.67
N ALA C 118 15.10 197.50 35.52
CA ALA C 118 15.28 198.90 35.16
C ALA C 118 13.95 199.52 34.84
N MET C 119 13.26 198.88 33.92
CA MET C 119 11.97 199.35 33.49
C MET C 119 11.07 199.49 34.70
N LEU C 120 11.08 198.50 35.59
CA LEU C 120 10.25 198.58 36.78
C LEU C 120 10.62 199.79 37.62
N ARG C 121 11.91 199.98 37.88
CA ARG C 121 12.35 201.13 38.68
C ARG C 121 11.92 202.41 37.99
N ALA C 122 12.28 202.50 36.72
CA ALA C 122 11.96 203.66 35.94
C ALA C 122 10.48 204.06 36.00
N LEU C 123 9.58 203.08 36.02
CA LEU C 123 8.14 203.36 36.00
C LEU C 123 7.41 203.50 37.31
N LEU C 124 7.90 202.88 38.36
CA LEU C 124 7.18 202.95 39.61
C LEU C 124 7.93 203.74 40.66
N GLY C 125 9.16 204.09 40.31
CA GLY C 125 10.00 204.85 41.21
C GLY C 125 10.14 204.23 42.58
N SER C 126 9.54 204.87 43.57
CA SER C 126 9.61 204.41 44.93
C SER C 126 9.19 202.95 45.16
N LYS C 127 7.95 202.62 44.87
CA LYS C 127 7.49 201.26 45.12
C LYS C 127 7.91 200.20 44.11
N HIS C 128 9.14 199.75 44.23
CA HIS C 128 9.64 198.68 43.38
C HIS C 128 10.53 197.82 44.26
N LYS C 129 9.90 196.99 45.11
CA LYS C 129 10.66 196.18 46.04
C LYS C 129 10.74 194.68 45.74
N VAL C 130 11.60 194.29 44.82
CA VAL C 130 11.78 192.87 44.49
C VAL C 130 13.16 192.66 43.88
N ASN C 131 14.10 192.20 44.70
CA ASN C 131 15.46 191.96 44.25
C ASN C 131 15.52 190.79 43.28
N MET C 132 14.63 190.81 42.29
CA MET C 132 14.55 189.75 41.29
C MET C 132 15.88 189.28 40.68
N ASP C 133 16.02 187.96 40.56
CA ASP C 133 17.22 187.36 39.97
C ASP C 133 16.86 185.97 39.44
N LEU C 134 16.30 185.13 40.31
CA LEU C 134 15.91 183.78 39.90
C LEU C 134 15.13 183.06 41.00
N ARG C 135 15.52 183.33 42.25
CA ARG C 135 14.89 182.73 43.43
C ARG C 135 13.37 182.70 43.34
N ALA C 136 12.80 181.51 43.14
CA ALA C 136 11.36 181.33 43.07
C ALA C 136 10.84 181.54 44.50
N ASN C 137 9.54 181.37 44.71
CA ASN C 137 8.98 181.56 46.05
C ASN C 137 7.94 180.49 46.38
N LEU C 138 8.19 179.70 47.41
CA LEU C 138 7.23 178.70 47.79
C LEU C 138 6.98 178.85 49.28
N LYS C 139 5.72 178.74 49.67
CA LYS C 139 5.31 178.88 51.06
C LYS C 139 6.40 178.60 52.11
N GLN C 140 6.57 179.57 53.01
CA GLN C 140 7.55 179.49 54.09
C GLN C 140 7.20 178.44 55.15
N VAL C 141 6.68 178.86 56.31
CA VAL C 141 6.34 177.92 57.37
C VAL C 141 4.81 177.79 57.59
N THR D 1 -0.83 180.36 25.24
CA THR D 1 -1.29 180.30 26.65
C THR D 1 -0.36 179.41 27.50
N ASP D 2 0.28 178.45 26.84
CA ASP D 2 1.17 177.51 27.52
C ASP D 2 2.35 178.27 28.12
N GLN D 3 2.80 179.28 27.38
CA GLN D 3 3.90 180.10 27.81
C GLN D 3 3.47 180.92 29.02
N GLN D 4 2.31 181.56 28.88
CA GLN D 4 1.75 182.41 29.93
C GLN D 4 1.61 181.61 31.21
N ALA D 5 1.75 180.30 31.06
CA ALA D 5 1.65 179.37 32.16
C ALA D 5 2.93 179.41 32.98
N GLU D 6 3.94 178.68 32.51
CA GLU D 6 5.22 178.64 33.20
C GLU D 6 5.64 180.05 33.56
N ALA D 7 5.34 181.00 32.67
CA ALA D 7 5.69 182.39 32.91
C ALA D 7 5.13 182.81 34.26
N ARG D 8 3.83 182.64 34.46
CA ARG D 8 3.20 183.02 35.71
C ARG D 8 3.63 182.07 36.81
N ALA D 9 4.11 180.90 36.40
CA ALA D 9 4.57 179.89 37.34
C ALA D 9 5.89 180.35 37.90
N PHE D 10 6.67 180.98 37.03
CA PHE D 10 8.00 181.50 37.34
C PHE D 10 7.94 182.62 38.35
N LEU D 11 7.16 183.64 38.02
CA LEU D 11 7.01 184.81 38.87
C LEU D 11 6.30 184.52 40.19
N SER D 12 6.35 185.49 41.09
CA SER D 12 5.71 185.39 42.39
C SER D 12 4.60 186.43 42.43
N GLU D 13 3.72 186.31 43.42
CA GLU D 13 2.62 187.26 43.53
C GLU D 13 3.25 188.64 43.52
N GLU D 14 4.34 188.77 44.28
CA GLU D 14 5.07 190.03 44.38
C GLU D 14 5.32 190.50 42.97
N MET D 15 5.99 189.64 42.21
CA MET D 15 6.31 189.93 40.83
C MET D 15 5.07 190.41 40.09
N ILE D 16 4.12 189.49 39.93
CA ILE D 16 2.88 189.81 39.25
C ILE D 16 2.34 191.13 39.74
N ALA D 17 2.22 191.26 41.05
CA ALA D 17 1.73 192.47 41.64
C ALA D 17 2.30 193.72 40.99
N GLU D 18 3.64 193.80 40.98
CA GLU D 18 4.35 194.94 40.40
C GLU D 18 4.27 194.97 38.88
N PHE D 19 4.47 193.83 38.25
CA PHE D 19 4.39 193.79 36.80
C PHE D 19 3.02 194.25 36.32
N LYS D 20 2.04 194.15 37.20
CA LYS D 20 0.68 194.58 36.87
C LYS D 20 0.68 196.10 36.92
N ALA D 21 1.01 196.64 38.09
CA ALA D 21 1.08 198.08 38.27
C ALA D 21 1.79 198.67 37.08
N ALA D 22 2.86 198.01 36.68
CA ALA D 22 3.64 198.46 35.55
C ALA D 22 2.86 198.37 34.26
N PHE D 23 2.17 197.25 34.09
CA PHE D 23 1.38 197.04 32.90
C PHE D 23 0.29 198.11 32.83
N ASP D 24 -0.39 198.34 33.92
CA ASP D 24 -1.42 199.32 33.92
C ASP D 24 -0.95 200.65 33.36
N MET D 25 0.22 201.12 33.77
CA MET D 25 0.68 202.41 33.25
C MET D 25 0.96 202.31 31.76
N PHE D 26 1.33 201.14 31.29
CA PHE D 26 1.57 201.02 29.87
C PHE D 26 0.26 201.32 29.17
N ASP D 27 -0.80 200.63 29.63
CA ASP D 27 -2.16 200.73 29.09
C ASP D 27 -2.88 202.03 29.47
N ALA D 28 -2.91 202.97 28.52
CA ALA D 28 -3.54 204.27 28.70
C ALA D 28 -5.03 204.16 29.07
N ASP D 29 -5.84 203.97 28.02
CA ASP D 29 -7.29 203.83 28.10
C ASP D 29 -7.74 202.91 29.23
N GLY D 30 -6.89 201.95 29.58
CA GLY D 30 -7.22 201.02 30.64
C GLY D 30 -8.06 199.87 30.14
N GLY D 31 -8.12 199.74 28.81
CA GLY D 31 -8.89 198.69 28.17
C GLY D 31 -8.47 197.29 28.59
N GLY D 32 -7.22 196.92 28.29
CA GLY D 32 -6.80 195.60 28.67
C GLY D 32 -5.57 195.17 27.92
N ASP D 33 -5.07 196.03 27.05
CA ASP D 33 -3.88 195.69 26.31
C ASP D 33 -3.15 196.90 25.72
N ILE D 34 -1.83 196.77 25.66
CA ILE D 34 -0.97 197.80 25.13
C ILE D 34 -1.06 197.81 23.62
N SER D 35 -1.30 198.97 23.02
CA SER D 35 -1.38 199.06 21.57
C SER D 35 -0.06 199.51 20.99
N THR D 36 0.03 199.48 19.67
CA THR D 36 1.25 199.90 19.02
C THR D 36 1.56 201.36 19.37
N LYS D 37 0.57 202.10 19.86
CA LYS D 37 0.78 203.50 20.23
C LYS D 37 0.99 203.63 21.75
N GLU D 38 0.17 202.95 22.52
CA GLU D 38 0.33 203.01 23.96
C GLU D 38 1.75 202.62 24.30
N LEU D 39 2.31 201.68 23.55
CA LEU D 39 3.68 201.25 23.82
C LEU D 39 4.65 202.38 23.52
N GLY D 40 4.52 202.96 22.33
CA GLY D 40 5.40 204.06 21.92
C GLY D 40 5.56 205.15 22.98
N THR D 41 4.47 205.54 23.61
CA THR D 41 4.50 206.56 24.66
C THR D 41 5.42 206.14 25.80
N VAL D 42 5.19 204.96 26.36
CA VAL D 42 6.01 204.49 27.46
C VAL D 42 7.49 204.37 27.04
N MET D 43 7.74 203.87 25.83
CA MET D 43 9.11 203.69 25.37
C MET D 43 9.88 204.97 25.47
N ARG D 44 9.25 206.06 25.02
CA ARG D 44 9.90 207.37 25.06
C ARG D 44 10.09 207.83 26.49
N MET D 45 9.13 207.55 27.36
CA MET D 45 9.26 207.91 28.75
C MET D 45 10.45 207.15 29.29
N LEU D 46 10.69 205.98 28.71
CA LEU D 46 11.80 205.12 29.11
C LEU D 46 13.07 205.50 28.41
N GLY D 47 12.96 206.53 27.58
CA GLY D 47 14.15 206.99 26.92
C GLY D 47 14.53 206.33 25.63
N GLN D 48 13.55 205.92 24.85
CA GLN D 48 13.88 205.35 23.56
C GLN D 48 13.15 206.15 22.53
N ASN D 49 13.25 205.69 21.30
CA ASN D 49 12.57 206.32 20.19
C ASN D 49 12.39 205.30 19.08
N PRO D 50 11.57 204.30 19.33
CA PRO D 50 11.32 203.25 18.35
C PRO D 50 10.55 203.71 17.12
N THR D 51 10.65 202.94 16.04
CA THR D 51 9.96 203.21 14.79
C THR D 51 8.83 202.20 14.62
N LYS D 52 7.81 202.55 13.83
CA LYS D 52 6.68 201.66 13.62
C LYS D 52 7.11 200.21 13.49
N GLU D 53 8.10 199.96 12.63
CA GLU D 53 8.55 198.59 12.45
C GLU D 53 8.99 198.04 13.79
N GLU D 54 9.98 198.72 14.38
CA GLU D 54 10.54 198.31 15.66
C GLU D 54 9.49 198.01 16.72
N LEU D 55 8.51 198.89 16.85
CA LEU D 55 7.46 198.70 17.83
C LEU D 55 6.71 197.40 17.66
N ASP D 56 6.20 197.17 16.45
CA ASP D 56 5.44 195.96 16.19
C ASP D 56 6.20 194.71 16.49
N ALA D 57 7.42 194.65 16.00
CA ALA D 57 8.27 193.51 16.23
C ALA D 57 8.30 193.24 17.72
N ILE D 58 8.44 194.31 18.50
CA ILE D 58 8.47 194.20 19.95
C ILE D 58 7.13 193.75 20.48
N ILE D 59 6.07 194.04 19.73
CA ILE D 59 4.73 193.65 20.14
C ILE D 59 4.47 192.21 19.79
N GLU D 60 4.51 191.90 18.50
CA GLU D 60 4.24 190.54 18.08
C GLU D 60 5.26 189.51 18.55
N GLU D 61 6.08 189.87 19.53
CA GLU D 61 7.05 188.94 20.07
C GLU D 61 6.34 188.05 21.08
N VAL D 62 5.32 188.59 21.73
CA VAL D 62 4.55 187.83 22.72
C VAL D 62 3.05 187.84 22.42
N ASP D 63 2.68 188.23 21.20
CA ASP D 63 1.26 188.28 20.78
C ASP D 63 0.88 186.95 20.18
N GLU D 64 0.42 186.07 21.05
CA GLU D 64 0.01 184.72 20.66
C GLU D 64 -1.38 184.71 20.02
N ASP D 65 -2.20 185.70 20.33
CA ASP D 65 -3.54 185.77 19.78
C ASP D 65 -3.61 186.67 18.56
N GLY D 66 -2.47 186.87 17.90
CA GLY D 66 -2.40 187.73 16.72
C GLY D 66 -3.20 189.02 16.82
N SER D 67 -3.41 189.50 18.04
CA SER D 67 -4.18 190.72 18.34
C SER D 67 -3.53 192.02 17.89
N GLY D 68 -2.20 192.05 17.93
CA GLY D 68 -1.50 193.26 17.55
C GLY D 68 -1.45 194.14 18.78
N THR D 69 -1.68 193.53 19.93
CA THR D 69 -1.66 194.25 21.17
C THR D 69 -1.14 193.27 22.22
N ILE D 70 -0.84 193.77 23.41
CA ILE D 70 -0.30 192.92 24.47
C ILE D 70 -1.19 192.99 25.71
N ASP D 71 -1.59 191.82 26.23
CA ASP D 71 -2.42 191.71 27.44
C ASP D 71 -1.52 191.37 28.63
N PHE D 72 -2.01 191.60 29.85
CA PHE D 72 -1.20 191.32 31.05
C PHE D 72 -0.60 189.93 31.11
N GLU D 73 -1.04 189.07 30.21
CA GLU D 73 -0.54 187.72 30.17
C GLU D 73 0.66 187.72 29.22
N GLU D 74 0.42 188.10 27.98
CA GLU D 74 1.49 188.17 26.98
C GLU D 74 2.63 189.00 27.55
N PHE D 75 2.26 189.98 28.37
CA PHE D 75 3.21 190.86 29.03
C PHE D 75 4.09 190.08 30.00
N LEU D 76 3.47 189.37 30.95
CA LEU D 76 4.24 188.58 31.90
C LEU D 76 5.21 187.65 31.18
N VAL D 77 4.79 187.13 30.04
CA VAL D 77 5.66 186.26 29.28
C VAL D 77 6.88 187.08 28.94
N MET D 78 6.64 188.21 28.30
CA MET D 78 7.70 189.12 27.91
C MET D 78 8.65 189.47 29.08
N MET D 79 8.09 189.84 30.23
CA MET D 79 8.90 190.18 31.39
C MET D 79 9.77 188.99 31.73
N VAL D 80 9.17 187.81 31.73
CA VAL D 80 9.94 186.62 32.03
C VAL D 80 11.15 186.47 31.09
N ARG D 81 10.92 186.33 29.78
CA ARG D 81 12.06 186.20 28.85
C ARG D 81 13.14 187.20 29.23
N GLN D 82 12.72 188.42 29.52
CA GLN D 82 13.68 189.45 29.88
C GLN D 82 14.37 189.07 31.17
N MET D 83 13.59 188.91 32.23
CA MET D 83 14.18 188.52 33.50
C MET D 83 15.29 187.51 33.21
N LYS D 84 14.98 186.49 32.42
CA LYS D 84 15.93 185.43 32.06
C LYS D 84 17.18 186.02 31.46
N GLU D 85 17.05 186.56 30.26
CA GLU D 85 18.17 187.18 29.56
C GLU D 85 19.01 188.09 30.46
N ASP D 86 18.36 188.90 31.30
CA ASP D 86 19.08 189.80 32.17
C ASP D 86 20.05 188.98 33.01
N ALA D 87 19.51 188.11 33.84
CA ALA D 87 20.27 187.24 34.74
C ALA D 87 21.39 186.45 34.03
N LYS D 88 21.15 186.05 32.79
CA LYS D 88 22.15 185.32 32.04
C LYS D 88 23.31 186.27 31.75
N GLY D 89 23.00 187.43 31.18
CA GLY D 89 24.04 188.39 30.87
C GLY D 89 24.91 188.72 32.07
N LYS D 90 24.26 189.05 33.20
CA LYS D 90 24.98 189.40 34.44
C LYS D 90 25.90 188.29 34.88
N SER D 91 25.44 187.06 34.70
CA SER D 91 26.24 185.93 35.12
C SER D 91 27.51 185.83 34.28
N GLU D 92 27.35 185.64 32.98
CA GLU D 92 28.48 185.52 32.06
C GLU D 92 29.45 186.68 32.16
N GLU D 93 28.93 187.87 32.46
CA GLU D 93 29.79 189.03 32.60
C GLU D 93 30.68 188.82 33.80
N GLU D 94 30.07 188.53 34.95
CA GLU D 94 30.83 188.28 36.15
C GLU D 94 31.89 187.21 35.94
N LEU D 95 31.47 186.05 35.44
CA LEU D 95 32.43 184.99 35.21
C LEU D 95 33.54 185.46 34.27
N ALA D 96 33.13 186.15 33.22
CA ALA D 96 34.08 186.64 32.24
C ALA D 96 35.17 187.40 32.97
N ASN D 97 34.73 188.29 33.86
CA ASN D 97 35.62 189.10 34.65
C ASN D 97 36.50 188.27 35.52
N CYS D 98 35.89 187.29 36.18
CA CYS D 98 36.65 186.43 37.05
C CYS D 98 37.76 185.73 36.33
N PHE D 99 37.51 185.40 35.08
CA PHE D 99 38.51 184.73 34.32
C PHE D 99 39.69 185.64 34.07
N ARG D 100 39.44 186.92 33.89
CA ARG D 100 40.53 187.84 33.62
C ARG D 100 41.36 188.05 34.85
N ILE D 101 40.72 187.97 35.99
CA ILE D 101 41.42 188.15 37.24
C ILE D 101 42.30 186.97 37.56
N PHE D 102 41.76 185.79 37.30
CA PHE D 102 42.46 184.55 37.52
C PHE D 102 43.54 184.35 36.48
N ASP D 103 43.32 184.89 35.28
CA ASP D 103 44.29 184.73 34.22
C ASP D 103 45.55 185.50 34.52
N LYS D 104 45.45 186.84 34.52
CA LYS D 104 46.60 187.69 34.81
C LYS D 104 47.90 186.97 34.50
N ASN D 105 48.31 187.24 33.28
CA ASN D 105 49.49 186.76 32.60
C ASN D 105 48.90 186.90 31.20
N ALA D 106 47.60 187.12 31.15
CA ALA D 106 46.82 187.33 29.93
C ALA D 106 47.07 186.37 28.78
N ASP D 107 47.41 185.12 29.07
CA ASP D 107 47.63 184.19 27.99
C ASP D 107 46.30 183.59 27.54
N GLY D 108 45.20 184.06 28.13
CA GLY D 108 43.88 183.58 27.77
C GLY D 108 43.51 182.24 28.41
N PHE D 109 44.42 181.76 29.24
CA PHE D 109 44.28 180.49 29.93
C PHE D 109 44.47 180.67 31.42
N ILE D 110 44.33 179.56 32.13
CA ILE D 110 44.54 179.54 33.56
C ILE D 110 45.33 178.25 33.79
N ASP D 111 46.63 178.36 33.98
CA ASP D 111 47.43 177.15 34.20
C ASP D 111 47.48 176.73 35.66
N ILE D 112 47.73 175.44 35.89
CA ILE D 112 47.80 174.90 37.24
C ILE D 112 48.51 175.85 38.22
N GLU D 113 49.45 176.64 37.72
CA GLU D 113 50.16 177.54 38.61
C GLU D 113 49.19 178.59 39.16
N GLU D 114 48.64 179.40 38.26
CA GLU D 114 47.68 180.45 38.61
C GLU D 114 46.51 179.88 39.41
N LEU D 115 46.05 178.69 39.01
CA LEU D 115 44.94 178.07 39.70
C LEU D 115 45.34 177.87 41.13
N GLY D 116 46.57 177.45 41.33
CA GLY D 116 47.03 177.22 42.69
C GLY D 116 47.01 178.56 43.39
N GLU D 117 47.75 179.51 42.83
CA GLU D 117 47.81 180.82 43.44
C GLU D 117 46.44 181.28 43.86
N ILE D 118 45.59 181.57 42.89
CA ILE D 118 44.25 182.05 43.19
C ILE D 118 43.59 181.22 44.28
N LEU D 119 43.73 179.91 44.22
CA LEU D 119 43.13 179.06 45.22
C LEU D 119 43.74 179.32 46.59
N ARG D 120 45.05 179.20 46.64
CA ARG D 120 45.80 179.42 47.83
C ARG D 120 45.50 180.86 48.29
N ALA D 121 45.19 181.74 47.36
CA ALA D 121 44.90 183.14 47.66
C ALA D 121 43.60 183.30 48.42
N THR D 122 42.77 182.28 48.35
CA THR D 122 41.53 182.33 49.07
C THR D 122 41.90 182.06 50.51
N GLY D 123 40.99 182.28 51.42
CA GLY D 123 41.33 182.02 52.80
C GLY D 123 41.58 180.53 52.97
N GLU D 124 40.64 179.74 52.44
CA GLU D 124 40.68 178.30 52.52
C GLU D 124 42.04 177.63 52.60
N HIS D 125 42.05 176.46 53.22
CA HIS D 125 43.26 175.66 53.39
C HIS D 125 43.25 174.63 52.30
N VAL D 126 44.34 174.57 51.55
CA VAL D 126 44.43 173.62 50.48
C VAL D 126 45.83 173.16 50.27
N THR D 127 45.96 171.90 49.88
CA THR D 127 47.22 171.27 49.59
C THR D 127 47.27 171.04 48.07
N GLU D 128 48.47 170.94 47.51
CA GLU D 128 48.64 170.76 46.07
C GLU D 128 47.68 169.74 45.48
N GLU D 129 47.47 168.62 46.15
CA GLU D 129 46.58 167.59 45.63
C GLU D 129 45.23 168.21 45.26
N ASP D 130 44.68 169.05 46.13
CA ASP D 130 43.39 169.68 45.83
C ASP D 130 43.48 170.45 44.54
N ILE D 131 44.47 171.34 44.45
CA ILE D 131 44.66 172.14 43.25
C ILE D 131 44.74 171.28 42.00
N GLU D 132 45.68 170.35 41.95
CA GLU D 132 45.80 169.52 40.76
C GLU D 132 44.54 168.72 40.55
N ASP D 133 43.84 168.38 41.61
CA ASP D 133 42.61 167.66 41.41
C ASP D 133 41.62 168.56 40.66
N LEU D 134 41.39 169.76 41.15
CA LEU D 134 40.45 170.67 40.49
C LEU D 134 40.85 170.92 39.05
N MET D 135 42.15 170.88 38.76
CA MET D 135 42.60 171.10 37.40
C MET D 135 42.16 169.95 36.55
N LYS D 136 42.46 168.74 37.00
CA LYS D 136 42.12 167.54 36.26
C LYS D 136 40.64 167.41 35.98
N ASP D 137 39.81 167.89 36.90
CA ASP D 137 38.37 167.81 36.74
C ASP D 137 37.86 168.87 35.78
N SER D 138 38.47 170.04 35.84
CA SER D 138 38.07 171.15 34.97
C SER D 138 38.61 170.99 33.56
N ASP D 139 39.92 170.75 33.42
CA ASP D 139 40.52 170.61 32.10
C ASP D 139 39.98 169.39 31.38
N LYS D 140 38.98 169.61 30.55
CA LYS D 140 38.38 168.54 29.77
C LYS D 140 39.19 168.19 28.53
N ASN D 141 39.75 169.18 27.88
CA ASN D 141 40.54 168.92 26.69
C ASN D 141 41.95 168.44 27.04
N ASN D 142 42.16 168.14 28.32
CA ASN D 142 43.45 167.63 28.82
C ASN D 142 44.68 168.28 28.16
N ASP D 143 44.73 169.61 28.18
CA ASP D 143 45.85 170.30 27.58
C ASP D 143 46.65 171.05 28.63
N GLY D 144 46.19 170.92 29.87
CA GLY D 144 46.86 171.57 30.96
C GLY D 144 46.22 172.85 31.43
N ARG D 145 45.77 173.66 30.48
CA ARG D 145 45.15 174.92 30.82
C ARG D 145 43.65 174.82 31.00
N ILE D 146 43.05 175.94 31.32
CA ILE D 146 41.60 176.01 31.47
C ILE D 146 41.15 177.15 30.58
N ASP D 147 40.47 176.84 29.47
CA ASP D 147 40.01 177.90 28.56
C ASP D 147 38.72 178.54 29.06
N PHE D 148 38.40 179.71 28.52
CA PHE D 148 37.19 180.37 28.99
C PHE D 148 35.97 179.46 28.96
N ASP D 149 35.86 178.65 27.91
CA ASP D 149 34.73 177.74 27.77
C ASP D 149 34.71 176.84 29.00
N GLU D 150 35.83 176.16 29.23
CA GLU D 150 35.93 175.27 30.38
C GLU D 150 35.64 176.01 31.68
N PHE D 151 36.17 177.22 31.80
CA PHE D 151 35.94 178.00 33.00
C PHE D 151 34.43 178.25 33.21
N LEU D 152 33.70 178.51 32.12
CA LEU D 152 32.25 178.72 32.18
C LEU D 152 31.64 177.45 32.70
N LYS D 153 32.03 176.33 32.11
CA LYS D 153 31.52 175.05 32.52
C LYS D 153 31.83 174.76 33.99
N MET D 154 33.11 174.77 34.35
CA MET D 154 33.51 174.47 35.72
C MET D 154 32.78 175.33 36.75
N MET D 155 32.62 176.61 36.44
CA MET D 155 31.93 177.49 37.38
C MET D 155 30.42 177.37 37.23
N GLU D 156 29.97 176.56 36.27
CA GLU D 156 28.55 176.39 36.07
C GLU D 156 27.93 175.94 37.40
N GLY D 157 27.05 176.76 37.94
CA GLY D 157 26.41 176.43 39.20
C GLY D 157 26.98 177.24 40.35
N VAL D 158 28.22 176.97 40.72
CA VAL D 158 28.90 177.69 41.80
C VAL D 158 28.31 179.08 41.88
N GLN D 159 27.50 179.33 42.91
CA GLN D 159 26.86 180.64 43.10
C GLN D 159 26.31 181.28 41.81
N SER E 1 30.69 -171.06 35.44
CA SER E 1 29.79 -170.09 36.14
C SER E 1 30.35 -168.67 36.12
N TYR E 2 30.23 -168.00 34.99
CA TYR E 2 30.73 -166.63 34.88
C TYR E 2 29.66 -165.66 34.38
N SER E 3 28.47 -166.19 34.10
CA SER E 3 27.35 -165.37 33.63
C SER E 3 26.73 -164.73 34.88
N SER E 4 27.08 -165.29 36.03
CA SER E 4 26.59 -164.84 37.33
C SER E 4 27.47 -163.72 37.88
N TYR E 5 28.51 -163.36 37.14
CA TYR E 5 29.41 -162.30 37.58
C TYR E 5 28.72 -160.97 37.51
N LEU E 6 27.90 -160.78 36.48
CA LEU E 6 27.17 -159.53 36.32
C LEU E 6 26.15 -159.40 37.45
N ALA E 7 25.80 -160.54 38.05
CA ALA E 7 24.84 -160.57 39.16
C ALA E 7 25.53 -160.02 40.41
N LYS E 8 26.80 -160.39 40.60
CA LYS E 8 27.58 -159.89 41.74
C LYS E 8 27.53 -158.36 41.74
N ALA E 9 28.07 -157.74 40.68
CA ALA E 9 28.09 -156.29 40.55
C ALA E 9 26.73 -155.67 40.86
N ASP E 10 25.74 -156.00 40.04
CA ASP E 10 24.40 -155.47 40.25
C ASP E 10 23.97 -155.65 41.69
N GLN E 11 23.99 -156.88 42.18
CA GLN E 11 23.56 -157.14 43.55
C GLN E 11 24.31 -156.34 44.60
N LYS E 12 25.59 -156.65 44.79
CA LYS E 12 26.39 -155.96 45.79
C LYS E 12 26.23 -154.46 45.70
N ARG E 13 26.71 -153.87 44.61
CA ARG E 13 26.62 -152.43 44.42
C ARG E 13 25.24 -151.91 44.80
N GLY E 14 24.21 -152.66 44.38
CA GLY E 14 22.85 -152.26 44.65
C GLY E 14 22.60 -152.14 46.13
N LYS E 15 22.63 -153.27 46.81
CA LYS E 15 22.39 -153.30 48.24
C LYS E 15 23.25 -152.32 49.00
N LYS E 16 24.54 -152.29 48.69
CA LYS E 16 25.43 -151.39 49.40
C LYS E 16 25.05 -149.93 49.23
N GLN E 17 24.66 -149.55 48.04
CA GLN E 17 24.30 -148.17 47.77
C GLN E 17 22.97 -147.81 48.46
N THR E 18 22.09 -148.80 48.58
CA THR E 18 20.80 -148.64 49.24
C THR E 18 21.06 -148.33 50.71
N ALA E 19 21.91 -149.17 51.32
CA ALA E 19 22.28 -149.04 52.72
C ALA E 19 22.87 -147.69 53.05
N ARG E 20 23.71 -147.19 52.16
CA ARG E 20 24.35 -145.91 52.37
C ARG E 20 23.41 -144.78 52.64
N GLU E 21 22.65 -144.41 51.62
CA GLU E 21 21.75 -143.29 51.80
C GLU E 21 20.85 -143.46 53.01
N THR E 22 20.37 -144.67 53.24
CA THR E 22 19.51 -144.91 54.40
C THR E 22 20.25 -144.39 55.63
N LYS E 23 21.45 -144.91 55.84
CA LYS E 23 22.30 -144.49 56.95
C LYS E 23 22.39 -142.98 56.91
N LYS E 24 22.52 -142.39 55.73
CA LYS E 24 22.63 -140.94 55.66
C LYS E 24 21.32 -140.30 56.10
N LYS E 25 20.20 -140.79 55.55
CA LYS E 25 18.89 -140.25 55.90
C LYS E 25 18.68 -140.29 57.40
N VAL E 26 18.84 -141.49 57.94
CA VAL E 26 18.68 -141.74 59.36
C VAL E 26 19.55 -140.81 60.20
N LEU E 27 20.87 -140.93 60.02
CA LEU E 27 21.81 -140.13 60.78
C LEU E 27 21.56 -138.62 60.69
N ALA E 28 21.11 -138.17 59.53
CA ALA E 28 20.83 -136.76 59.28
C ALA E 28 19.72 -136.27 60.20
N GLU E 29 18.63 -137.03 60.28
CA GLU E 29 17.52 -136.65 61.13
C GLU E 29 18.00 -136.33 62.54
N ARG E 30 18.65 -137.31 63.16
CA ARG E 30 19.14 -137.16 64.52
C ARG E 30 20.18 -136.08 64.70
N ARG E 31 20.20 -135.13 63.77
CA ARG E 31 21.18 -134.05 63.84
C ARG E 31 20.59 -132.64 63.76
N LYS E 32 20.73 -131.90 64.87
CA LYS E 32 20.25 -130.52 64.98
C LYS E 32 21.46 -129.57 65.10
N PRO E 33 21.74 -128.79 64.04
CA PRO E 33 22.86 -127.84 63.97
C PRO E 33 23.22 -127.11 65.25
N LEU E 34 24.46 -126.64 65.30
CA LEU E 34 24.95 -125.92 66.45
C LEU E 34 24.57 -124.45 66.26
N ASN E 35 23.35 -124.24 65.77
CA ASN E 35 22.79 -122.92 65.52
C ASN E 35 23.18 -121.88 66.56
N ILE E 36 23.09 -122.25 67.83
CA ILE E 36 23.40 -121.33 68.92
C ILE E 36 24.89 -120.95 68.99
N ASP E 37 25.21 -119.86 68.29
CA ASP E 37 26.56 -119.32 68.26
C ASP E 37 26.50 -117.82 68.42
N HIS E 38 26.99 -117.34 69.56
CA HIS E 38 26.98 -115.92 69.86
C HIS E 38 25.55 -115.42 69.97
N LEU E 39 24.89 -115.79 71.07
CA LEU E 39 23.52 -115.37 71.33
C LEU E 39 23.49 -115.01 72.81
N ASN E 40 24.47 -115.56 73.54
CA ASN E 40 24.68 -115.35 74.97
C ASN E 40 26.04 -115.91 75.35
N GLU E 41 26.51 -115.59 76.56
CA GLU E 41 27.82 -116.06 77.02
C GLU E 41 27.71 -117.19 78.04
N ASP E 42 26.74 -117.09 78.94
CA ASP E 42 26.54 -118.13 79.93
C ASP E 42 25.74 -119.25 79.28
N LYS E 43 25.18 -118.96 78.11
CA LYS E 43 24.38 -119.94 77.35
C LYS E 43 25.27 -121.13 77.04
N LEU E 44 26.46 -120.83 76.53
CA LEU E 44 27.42 -121.87 76.22
C LEU E 44 27.48 -122.85 77.38
N ARG E 45 27.53 -122.33 78.60
CA ARG E 45 27.61 -123.18 79.78
C ARG E 45 26.44 -124.16 79.86
N ASP E 46 25.21 -123.66 79.88
CA ASP E 46 24.05 -124.52 79.95
C ASP E 46 23.88 -125.34 78.66
N LYS E 47 24.58 -124.92 77.61
CA LYS E 47 24.52 -125.61 76.32
C LYS E 47 25.55 -126.72 76.24
N ALA E 48 26.82 -126.34 76.33
CA ALA E 48 27.92 -127.28 76.27
C ALA E 48 27.64 -128.61 76.94
N LYS E 49 27.19 -128.58 78.19
CA LYS E 49 26.93 -129.82 78.90
C LYS E 49 25.83 -130.64 78.23
N GLU E 50 24.75 -129.99 77.80
CA GLU E 50 23.66 -130.69 77.14
C GLU E 50 24.23 -131.52 75.99
N LEU E 51 25.14 -130.91 75.23
CA LEU E 51 25.78 -131.62 74.13
C LEU E 51 26.55 -132.76 74.78
N TRP E 52 27.27 -132.42 75.84
CA TRP E 52 28.05 -133.41 76.56
C TRP E 52 27.20 -134.63 76.92
N ASP E 53 26.01 -134.40 77.46
CA ASP E 53 25.13 -135.50 77.84
C ASP E 53 24.69 -136.28 76.64
N TRP E 54 24.32 -135.57 75.58
CA TRP E 54 23.89 -136.25 74.38
C TRP E 54 25.01 -137.18 73.95
N LEU E 55 26.25 -136.70 74.01
CA LEU E 55 27.38 -137.52 73.61
C LEU E 55 27.46 -138.71 74.51
N TYR E 56 27.52 -138.45 75.80
CA TYR E 56 27.57 -139.53 76.78
C TYR E 56 26.39 -140.45 76.54
N GLN E 57 25.27 -139.87 76.14
CA GLN E 57 24.09 -140.65 75.88
C GLN E 57 24.43 -141.69 74.81
N LEU E 58 24.78 -141.20 73.62
CA LEU E 58 25.15 -142.03 72.49
C LEU E 58 26.27 -143.00 72.91
N GLN E 59 27.35 -142.48 73.46
CA GLN E 59 28.45 -143.32 73.89
C GLN E 59 28.00 -144.53 74.68
N THR E 60 27.19 -144.28 75.68
CA THR E 60 26.76 -145.38 76.51
C THR E 60 25.99 -146.43 75.71
N GLU E 61 25.14 -145.98 74.78
CA GLU E 61 24.36 -146.89 73.97
C GLU E 61 25.28 -147.71 73.09
N LYS E 62 26.22 -147.02 72.44
CA LYS E 62 27.16 -147.71 71.57
C LYS E 62 27.85 -148.81 72.35
N TYR E 63 28.17 -148.55 73.59
CA TYR E 63 28.83 -149.57 74.37
C TYR E 63 27.94 -150.80 74.57
N ASP E 64 26.65 -150.56 74.81
CA ASP E 64 25.68 -151.62 75.02
C ASP E 64 25.42 -152.41 73.75
N PHE E 65 25.18 -151.70 72.66
CA PHE E 65 24.97 -152.39 71.40
C PHE E 65 26.16 -153.28 71.17
N ALA E 66 27.32 -152.81 71.60
CA ALA E 66 28.53 -153.56 71.41
C ALA E 66 28.51 -154.83 72.21
N GLU E 67 28.43 -154.69 73.51
CA GLU E 67 28.45 -155.87 74.36
C GLU E 67 27.38 -156.80 73.90
N GLN E 68 26.30 -156.26 73.39
CA GLN E 68 25.22 -157.10 72.93
C GLN E 68 25.70 -158.03 71.81
N ILE E 69 26.24 -157.46 70.74
CA ILE E 69 26.65 -158.31 69.66
C ILE E 69 27.52 -159.42 70.21
N LYS E 70 28.48 -159.09 71.08
CA LYS E 70 29.35 -160.15 71.61
C LYS E 70 28.52 -161.28 72.19
N ARG E 71 27.56 -160.94 73.03
CA ARG E 71 26.75 -161.95 73.64
C ARG E 71 26.05 -162.75 72.56
N LYS E 72 25.51 -162.05 71.57
CA LYS E 72 24.80 -162.72 70.49
C LYS E 72 25.77 -163.61 69.72
N LYS E 73 26.94 -163.09 69.42
CA LYS E 73 27.93 -163.86 68.72
C LYS E 73 28.15 -165.20 69.43
N TYR E 74 28.04 -165.22 70.75
CA TYR E 74 28.24 -166.45 71.48
C TYR E 74 27.00 -167.34 71.35
N GLU E 75 25.82 -166.71 71.28
CA GLU E 75 24.56 -167.44 71.15
C GLU E 75 24.68 -168.25 69.88
N ILE E 76 25.26 -167.61 68.88
CA ILE E 76 25.46 -168.22 67.58
C ILE E 76 26.38 -169.42 67.70
N VAL E 77 27.60 -169.19 68.15
CA VAL E 77 28.52 -170.30 68.29
C VAL E 77 27.82 -171.54 68.83
N THR E 78 27.07 -171.35 69.91
CA THR E 78 26.33 -172.45 70.51
C THR E 78 25.23 -172.93 69.59
N LEU E 79 24.42 -172.01 69.10
CA LEU E 79 23.36 -172.40 68.20
C LEU E 79 23.92 -173.15 67.00
N ARG E 80 25.20 -172.99 66.67
CA ARG E 80 25.74 -173.71 65.52
C ARG E 80 26.09 -175.12 65.95
N ASN E 81 26.64 -175.26 67.15
CA ASN E 81 26.99 -176.57 67.63
C ASN E 81 25.75 -177.44 67.80
N ARG E 82 24.61 -176.81 68.09
CA ARG E 82 23.40 -177.59 68.28
C ARG E 82 22.91 -178.06 66.94
N ILE E 83 23.26 -177.30 65.91
CA ILE E 83 22.87 -177.62 64.55
C ILE E 83 23.65 -178.80 64.04
N ASP E 84 24.95 -178.82 64.29
CA ASP E 84 25.74 -179.95 63.85
C ASP E 84 25.38 -181.18 64.65
N GLN E 85 25.38 -181.04 65.97
CA GLN E 85 25.05 -182.15 66.86
C GLN E 85 23.72 -182.76 66.45
N ALA E 86 22.80 -181.90 66.02
CA ALA E 86 21.48 -182.36 65.61
C ALA E 86 21.46 -182.73 64.14
N GLN E 87 22.60 -183.18 63.62
CA GLN E 87 22.65 -183.58 62.23
C GLN E 87 22.28 -185.05 62.09
N LYS E 88 23.16 -185.94 62.55
CA LYS E 88 22.93 -187.39 62.47
C LYS E 88 22.02 -187.81 61.31
N HIS E 89 22.62 -187.86 60.12
CA HIS E 89 21.95 -188.23 58.87
C HIS E 89 21.40 -189.68 58.93
N SER E 90 21.51 -190.32 60.10
CA SER E 90 21.05 -191.72 60.35
C SER E 90 19.50 -191.97 60.12
N GLU F 1 22.12 -207.49 92.47
CA GLU F 1 21.26 -206.77 91.48
C GLU F 1 21.31 -205.26 91.73
N GLU F 2 22.50 -204.67 91.57
CA GLU F 2 22.72 -203.24 91.76
C GLU F 2 21.82 -202.50 92.78
N LYS F 3 21.60 -203.12 93.94
CA LYS F 3 20.75 -202.51 94.96
C LYS F 3 21.26 -201.14 95.41
N LYS F 4 22.58 -200.97 95.48
CA LYS F 4 23.17 -199.71 95.92
C LYS F 4 23.17 -198.61 94.87
N ARG F 5 23.15 -199.00 93.60
CA ARG F 5 23.17 -198.05 92.48
C ARG F 5 22.40 -196.75 92.70
N ARG F 6 21.34 -196.80 93.49
CA ARG F 6 20.53 -195.61 93.76
C ARG F 6 21.31 -194.43 94.31
N ALA F 7 22.29 -194.70 95.17
CA ALA F 7 23.10 -193.65 95.78
C ALA F 7 24.01 -192.93 94.77
N ALA F 8 24.40 -193.66 93.72
CA ALA F 8 25.26 -193.11 92.68
C ALA F 8 24.56 -191.92 92.02
N THR F 9 23.34 -192.15 91.57
CA THR F 9 22.55 -191.13 90.91
C THR F 9 22.40 -189.91 91.80
N ALA F 10 21.94 -190.13 93.03
CA ALA F 10 21.76 -189.01 93.95
C ALA F 10 23.00 -188.16 93.99
N ARG F 11 24.17 -188.79 93.86
CA ARG F 11 25.41 -188.03 93.90
C ARG F 11 25.44 -187.05 92.75
N ARG F 12 25.30 -187.55 91.53
CA ARG F 12 25.31 -186.68 90.38
C ARG F 12 24.39 -185.51 90.66
N GLN F 13 23.22 -185.78 91.22
CA GLN F 13 22.32 -184.69 91.50
C GLN F 13 22.96 -183.78 92.51
N HIS F 14 23.39 -184.33 93.64
CA HIS F 14 24.00 -183.52 94.67
C HIS F 14 25.07 -182.62 94.05
N LEU F 15 25.81 -183.19 93.11
CA LEU F 15 26.86 -182.45 92.44
C LEU F 15 26.27 -181.46 91.46
N LYS F 16 25.33 -181.91 90.65
CA LYS F 16 24.73 -181.01 89.68
C LYS F 16 24.28 -179.75 90.40
N SER F 17 23.59 -179.93 91.52
CA SER F 17 23.10 -178.80 92.30
C SER F 17 24.25 -178.00 92.92
N ALA F 18 25.37 -178.67 93.12
CA ALA F 18 26.52 -177.99 93.69
C ALA F 18 27.07 -177.16 92.55
N MET F 19 26.82 -177.61 91.33
CA MET F 19 27.30 -176.88 90.17
C MET F 19 26.43 -175.65 89.97
N LEU F 20 25.15 -175.86 89.73
CA LEU F 20 24.25 -174.74 89.54
C LEU F 20 24.44 -173.76 90.64
N GLN F 21 24.35 -174.24 91.87
CA GLN F 21 24.52 -173.32 92.98
C GLN F 21 25.78 -172.50 92.75
N LEU F 22 26.82 -173.14 92.24
CA LEU F 22 28.07 -172.42 92.01
C LEU F 22 27.87 -171.38 90.92
N ALA F 23 27.24 -171.81 89.84
CA ALA F 23 26.95 -170.98 88.69
C ALA F 23 26.37 -169.64 89.09
N VAL F 24 25.16 -169.69 89.64
CA VAL F 24 24.42 -168.51 90.07
C VAL F 24 25.27 -167.48 90.80
N THR F 25 26.02 -167.91 91.78
CA THR F 25 26.82 -166.99 92.55
C THR F 25 27.98 -166.42 91.72
N GLU F 26 28.35 -167.13 90.66
CA GLU F 26 29.44 -166.67 89.81
C GLU F 26 28.85 -165.75 88.78
N ILE F 27 27.61 -166.05 88.42
CA ILE F 27 26.85 -165.30 87.42
C ILE F 27 26.74 -163.82 87.77
N GLU F 28 26.38 -163.52 89.02
CA GLU F 28 26.27 -162.13 89.41
C GLU F 28 27.64 -161.51 89.59
N LYS F 29 28.67 -162.32 89.86
CA LYS F 29 30.00 -161.74 89.99
C LYS F 29 30.42 -161.14 88.66
N GLU F 30 30.39 -161.95 87.62
CA GLU F 30 30.75 -161.54 86.26
C GLU F 30 29.91 -160.35 85.85
N ALA F 31 28.64 -160.40 86.23
CA ALA F 31 27.69 -159.35 85.92
C ALA F 31 28.17 -158.01 86.44
N ALA F 32 28.36 -157.91 87.75
CA ALA F 32 28.79 -156.66 88.30
C ALA F 32 30.15 -156.28 87.76
N ALA F 33 31.09 -157.22 87.80
CA ALA F 33 32.40 -156.90 87.28
C ALA F 33 32.26 -156.32 85.88
N LYS F 34 31.43 -156.97 85.07
CA LYS F 34 31.21 -156.51 83.71
C LYS F 34 30.93 -155.00 83.78
N GLU F 35 29.88 -154.62 84.52
CA GLU F 35 29.47 -153.22 84.69
C GLU F 35 30.65 -152.34 85.02
N VAL F 36 31.47 -152.82 85.95
CA VAL F 36 32.65 -152.06 86.32
C VAL F 36 33.43 -151.70 85.08
N GLU F 37 33.64 -152.66 84.20
CA GLU F 37 34.37 -152.37 82.99
C GLU F 37 33.66 -151.26 82.23
N LYS F 38 32.33 -151.32 82.22
CA LYS F 38 31.54 -150.32 81.50
C LYS F 38 31.71 -148.89 81.99
N GLN F 39 31.85 -148.72 83.29
CA GLN F 39 32.00 -147.38 83.82
C GLN F 39 33.41 -146.84 83.68
N ASN F 40 34.37 -147.76 83.51
CA ASN F 40 35.77 -147.37 83.34
C ASN F 40 35.93 -146.97 81.90
N TYR F 41 35.39 -147.78 81.01
CA TYR F 41 35.47 -147.47 79.60
C TYR F 41 34.94 -146.06 79.47
N LEU F 42 33.73 -145.85 79.95
CA LEU F 42 33.10 -144.54 79.88
C LEU F 42 33.90 -143.53 80.69
N ALA F 43 34.61 -144.05 81.70
CA ALA F 43 35.42 -143.21 82.57
C ALA F 43 36.40 -142.37 81.76
N GLU F 44 37.02 -142.96 80.75
CA GLU F 44 37.97 -142.19 79.96
C GLU F 44 37.46 -141.64 78.66
N HIS F 45 36.53 -142.34 78.03
CA HIS F 45 36.03 -141.84 76.75
C HIS F 45 35.10 -140.65 76.90
N SER F 46 34.74 -140.32 78.14
CA SER F 46 33.89 -139.17 78.39
C SER F 46 33.87 -138.93 79.86
N PRO F 47 34.99 -138.44 80.39
CA PRO F 47 35.22 -138.13 81.81
C PRO F 47 34.45 -136.93 82.31
N PRO F 48 34.18 -136.92 83.62
CA PRO F 48 33.44 -135.83 84.25
C PRO F 48 33.80 -134.49 83.62
N LEU F 49 32.95 -134.02 82.72
CA LEU F 49 33.17 -132.75 82.06
C LEU F 49 33.47 -131.60 83.01
N SER F 50 34.32 -130.68 82.55
CA SER F 50 34.72 -129.49 83.31
C SER F 50 34.69 -128.26 82.40
N LEU F 51 33.57 -127.54 82.44
CA LEU F 51 33.38 -126.34 81.65
C LEU F 51 34.54 -125.34 81.78
N PRO F 52 35.19 -125.00 80.65
CA PRO F 52 36.33 -124.07 80.57
C PRO F 52 36.04 -122.66 81.06
N GLY F 53 36.90 -121.73 80.62
CA GLY F 53 36.78 -120.33 81.00
C GLY F 53 35.47 -119.71 80.59
N SER F 54 35.52 -118.79 79.62
CA SER F 54 34.29 -118.15 79.19
C SER F 54 34.19 -117.87 77.70
N MET F 55 35.17 -117.15 77.16
CA MET F 55 35.12 -116.80 75.74
C MET F 55 35.27 -117.92 74.71
N GLN F 56 36.44 -117.99 74.08
CA GLN F 56 36.70 -118.96 73.04
C GLN F 56 36.54 -120.42 73.46
N GLU F 57 36.92 -120.71 74.70
CA GLU F 57 36.81 -122.07 75.20
C GLU F 57 35.41 -122.68 75.10
N LEU F 58 34.44 -122.09 75.80
CA LEU F 58 33.06 -122.60 75.79
C LEU F 58 32.58 -122.83 74.37
N GLN F 59 32.85 -121.86 73.51
CA GLN F 59 32.45 -121.98 72.13
C GLN F 59 33.21 -123.15 71.49
N GLU F 60 34.53 -123.10 71.60
CA GLU F 60 35.38 -124.13 71.03
C GLU F 60 34.93 -125.52 71.47
N LEU F 61 34.96 -125.75 72.78
CA LEU F 61 34.55 -127.02 73.34
C LEU F 61 33.23 -127.44 72.74
N SER F 62 32.29 -126.51 72.71
CA SER F 62 30.98 -126.81 72.17
C SER F 62 31.09 -127.34 70.76
N LYS F 63 31.92 -126.68 69.96
CA LYS F 63 32.09 -127.12 68.59
C LYS F 63 32.73 -128.52 68.64
N LYS F 64 33.73 -128.69 69.52
CA LYS F 64 34.43 -129.96 69.66
C LYS F 64 33.43 -131.09 69.87
N LEU F 65 32.62 -130.94 70.91
CA LEU F 65 31.62 -131.94 71.23
C LEU F 65 30.71 -132.23 70.07
N HIS F 66 29.98 -131.20 69.68
CA HIS F 66 29.03 -131.29 68.58
C HIS F 66 29.52 -132.10 67.38
N ALA F 67 30.80 -131.99 67.06
CA ALA F 67 31.37 -132.71 65.94
C ALA F 67 31.52 -134.18 66.35
N LYS F 68 32.02 -134.41 67.56
CA LYS F 68 32.21 -135.76 68.08
C LYS F 68 30.89 -136.49 68.07
N ILE F 69 29.84 -135.76 68.39
CA ILE F 69 28.50 -136.32 68.41
C ILE F 69 28.15 -137.00 67.10
N ASP F 70 28.36 -136.30 65.99
CA ASP F 70 28.04 -136.86 64.68
C ASP F 70 28.91 -138.09 64.48
N SER F 71 30.10 -138.01 65.04
CA SER F 71 31.08 -139.08 64.97
C SER F 71 30.56 -140.30 65.73
N VAL F 72 30.45 -140.17 67.04
CA VAL F 72 29.99 -141.26 67.87
C VAL F 72 28.65 -141.77 67.43
N ASP F 73 27.80 -140.86 67.01
CA ASP F 73 26.50 -141.27 66.57
C ASP F 73 26.68 -142.22 65.40
N GLU F 74 27.48 -141.85 64.40
CA GLU F 74 27.69 -142.72 63.25
C GLU F 74 28.13 -144.11 63.72
N GLU F 75 29.10 -144.13 64.62
CA GLU F 75 29.63 -145.38 65.16
C GLU F 75 28.49 -146.10 65.85
N ARG F 76 27.72 -145.36 66.62
CA ARG F 76 26.63 -146.01 67.31
C ARG F 76 25.75 -146.70 66.27
N TYR F 77 25.49 -146.00 65.16
CA TYR F 77 24.66 -146.52 64.06
C TYR F 77 25.26 -147.76 63.42
N ASP F 78 26.52 -147.67 62.99
CA ASP F 78 27.17 -148.81 62.38
C ASP F 78 27.01 -150.01 63.31
N THR F 79 27.27 -149.79 64.60
CA THR F 79 27.14 -150.87 65.57
C THR F 79 25.73 -151.45 65.55
N GLU F 80 24.73 -150.58 65.67
CA GLU F 80 23.36 -151.06 65.68
C GLU F 80 23.12 -151.93 64.48
N VAL F 81 23.68 -151.55 63.34
CA VAL F 81 23.49 -152.33 62.14
C VAL F 81 24.19 -153.69 62.18
N LYS F 82 25.37 -153.75 62.78
CA LYS F 82 26.09 -155.01 62.87
C LYS F 82 25.32 -155.91 63.81
N LEU F 83 24.53 -155.30 64.68
CA LEU F 83 23.73 -156.08 65.61
C LEU F 83 22.62 -156.64 64.77
N GLN F 84 21.92 -155.76 64.07
CA GLN F 84 20.83 -156.21 63.22
C GLN F 84 21.31 -157.37 62.41
N LYS F 85 22.45 -157.20 61.74
CA LYS F 85 22.98 -158.27 60.92
C LYS F 85 23.06 -159.55 61.73
N THR F 86 23.65 -159.44 62.91
CA THR F 86 23.85 -160.60 63.78
C THR F 86 22.56 -161.25 64.22
N ILE F 87 21.67 -160.48 64.83
CA ILE F 87 20.41 -161.04 65.27
C ILE F 87 19.83 -161.79 64.07
N LYS F 88 20.01 -161.23 62.88
CA LYS F 88 19.49 -161.85 61.66
C LYS F 88 20.14 -163.21 61.48
N GLU F 89 21.46 -163.24 61.45
CA GLU F 89 22.15 -164.49 61.29
C GLU F 89 21.69 -165.55 62.27
N LEU F 90 21.37 -165.20 63.51
CA LEU F 90 20.96 -166.26 64.39
C LEU F 90 19.50 -166.62 64.27
N GLU F 91 18.69 -165.74 63.71
CA GLU F 91 17.28 -166.06 63.52
C GLU F 91 17.23 -167.18 62.47
N ASP F 92 18.01 -167.02 61.42
CA ASP F 92 18.07 -168.02 60.36
C ASP F 92 18.56 -169.32 60.94
N LEU F 93 19.57 -169.25 61.80
CA LEU F 93 20.08 -170.46 62.41
C LEU F 93 19.04 -170.99 63.37
N SER F 94 18.24 -170.09 63.93
CA SER F 94 17.21 -170.47 64.87
C SER F 94 16.07 -171.11 64.09
N GLN F 95 16.28 -171.26 62.79
CA GLN F 95 15.30 -171.86 61.89
C GLN F 95 15.87 -173.21 61.46
N LYS F 96 17.07 -173.15 60.89
CA LYS F 96 17.78 -174.34 60.43
C LYS F 96 17.80 -175.41 61.49
N LEU F 97 17.28 -175.09 62.67
CA LEU F 97 17.28 -176.07 63.76
C LEU F 97 15.85 -176.51 64.01
N PHE F 98 14.92 -175.58 63.88
CA PHE F 98 13.51 -175.87 64.09
C PHE F 98 13.08 -176.99 63.17
N ASP F 99 13.12 -176.70 61.87
CA ASP F 99 12.74 -177.68 60.87
C ASP F 99 13.89 -178.67 60.69
N LEU F 100 14.26 -179.33 61.78
CA LEU F 100 15.33 -180.30 61.74
C LEU F 100 15.28 -181.01 63.07
N ARG F 101 14.49 -180.43 63.96
CA ARG F 101 14.28 -180.94 65.31
C ARG F 101 12.83 -180.68 65.67
N GLY F 102 12.45 -179.41 65.68
CA GLY F 102 11.10 -179.00 66.02
C GLY F 102 11.24 -177.79 66.90
N LYS F 103 10.34 -177.59 67.85
CA LYS F 103 10.51 -176.46 68.75
C LYS F 103 11.60 -176.98 69.68
N PHE F 104 12.65 -176.19 69.88
CA PHE F 104 13.74 -176.63 70.75
C PHE F 104 13.86 -175.64 71.89
N LYS F 105 14.55 -176.03 72.95
CA LYS F 105 14.71 -175.12 74.06
C LYS F 105 15.59 -173.91 73.75
N ARG F 106 15.33 -172.84 74.49
CA ARG F 106 16.07 -171.59 74.39
C ARG F 106 16.18 -170.93 73.04
N PRO F 107 15.05 -170.52 72.48
CA PRO F 107 15.18 -169.86 71.18
C PRO F 107 15.88 -168.54 71.49
N PRO F 108 16.80 -168.10 70.61
CA PRO F 108 17.55 -166.86 70.77
C PRO F 108 16.76 -165.54 70.80
N LEU F 109 15.66 -165.48 70.04
CA LEU F 109 14.81 -164.28 69.96
C LEU F 109 13.85 -164.10 71.13
N ARG F 110 13.32 -165.21 71.65
CA ARG F 110 12.42 -165.16 72.81
C ARG F 110 11.35 -164.09 72.77
N ARG F 111 10.14 -164.46 72.37
CA ARG F 111 9.00 -163.55 72.33
C ARG F 111 8.38 -163.61 73.72
N VAL F 112 8.60 -162.58 74.54
CA VAL F 112 8.04 -162.61 75.88
C VAL F 112 7.07 -161.45 76.19
N ARG F 113 5.93 -161.81 76.79
CA ARG F 113 4.91 -160.85 77.18
C ARG F 113 5.22 -160.58 78.64
N MET F 114 4.54 -159.63 79.26
CA MET F 114 4.86 -159.37 80.64
C MET F 114 4.36 -160.48 81.53
N SER F 115 5.12 -160.79 82.57
CA SER F 115 4.75 -161.86 83.48
C SER F 115 3.52 -161.54 84.29
N ALA F 116 2.84 -162.59 84.72
CA ALA F 116 1.64 -162.43 85.54
C ALA F 116 2.04 -161.75 86.86
N ASP F 117 3.25 -162.05 87.33
CA ASP F 117 3.76 -161.47 88.57
C ASP F 117 3.88 -159.97 88.38
N ALA F 118 4.17 -159.57 87.15
CA ALA F 118 4.32 -158.16 86.82
C ALA F 118 2.97 -157.49 86.82
N MET F 119 2.07 -158.08 86.04
CA MET F 119 0.74 -157.56 85.93
C MET F 119 0.13 -157.46 87.32
N LEU F 120 0.31 -158.48 88.14
CA LEU F 120 -0.23 -158.44 89.49
C LEU F 120 0.33 -157.27 90.28
N ARG F 121 1.66 -157.11 90.25
CA ARG F 121 2.30 -156.02 90.97
C ARG F 121 1.77 -154.70 90.44
N ALA F 122 1.85 -154.56 89.14
CA ALA F 122 1.40 -153.36 88.48
C ALA F 122 -0.02 -152.93 88.89
N LEU F 123 -0.92 -153.90 89.06
CA LEU F 123 -2.31 -153.58 89.37
C LEU F 123 -2.74 -153.48 90.81
N LEU F 124 -2.05 -154.16 91.71
CA LEU F 124 -2.48 -154.12 93.09
C LEU F 124 -1.50 -153.39 93.97
N GLY F 125 -0.36 -153.05 93.37
CA GLY F 125 0.68 -152.35 94.10
C GLY F 125 1.10 -153.03 95.38
N SER F 126 0.74 -152.42 96.49
CA SER F 126 1.09 -152.94 97.80
C SER F 126 0.69 -154.40 98.05
N LYS F 127 -0.60 -154.69 98.03
CA LYS F 127 -1.03 -156.05 98.32
C LYS F 127 -0.87 -157.07 97.21
N HIS F 128 0.34 -157.57 97.04
CA HIS F 128 0.60 -158.60 96.06
C HIS F 128 1.64 -159.53 96.70
N LYS F 129 1.19 -160.36 97.63
CA LYS F 129 2.09 -161.23 98.34
C LYS F 129 2.06 -162.72 97.97
N VAL F 130 2.70 -163.10 96.87
CA VAL F 130 2.74 -164.50 96.46
C VAL F 130 3.95 -164.72 95.56
N ASN F 131 5.04 -165.23 96.15
CA ASN F 131 6.26 -165.48 95.40
C ASN F 131 6.07 -166.62 94.39
N MET F 132 4.98 -166.54 93.62
CA MET F 132 4.65 -167.55 92.62
C MET F 132 5.80 -168.02 91.72
N ASP F 133 5.87 -169.33 91.52
CA ASP F 133 6.89 -169.95 90.67
C ASP F 133 6.38 -171.30 90.17
N LEU F 134 5.99 -172.16 91.11
CA LEU F 134 5.48 -173.49 90.76
C LEU F 134 4.94 -174.23 91.98
N ARG F 135 5.60 -174.02 93.11
CA ARG F 135 5.23 -174.66 94.38
C ARG F 135 3.73 -174.64 94.63
N ALA F 136 3.09 -175.81 94.52
CA ALA F 136 1.66 -175.96 94.75
C ALA F 136 1.47 -175.81 96.27
N ASN F 137 0.24 -175.94 96.75
CA ASN F 137 -0.01 -175.80 98.19
C ASN F 137 -0.99 -176.86 98.70
N LEU F 138 -0.53 -177.70 99.62
CA LEU F 138 -1.42 -178.69 100.17
C LEU F 138 -1.33 -178.59 101.68
N LYS F 139 -2.48 -178.69 102.33
CA LYS F 139 -2.57 -178.61 103.77
C LYS F 139 -1.29 -178.95 104.56
N GLN F 140 -0.89 -178.02 105.44
CA GLN F 140 0.30 -178.17 106.27
C GLN F 140 0.15 -179.26 107.34
N VAL F 141 -0.09 -178.88 108.59
CA VAL F 141 -0.22 -179.85 109.68
C VAL F 141 -1.66 -179.96 110.21
N THR G 1 -14.15 -175.88 80.01
CA THR G 1 -14.28 -176.00 81.49
C THR G 1 -13.24 -176.94 82.07
N ASP G 2 -12.78 -177.89 81.26
CA ASP G 2 -11.79 -178.88 81.70
C ASP G 2 -10.49 -178.17 82.04
N GLN G 3 -10.19 -177.15 81.26
CA GLN G 3 -8.98 -176.36 81.47
C GLN G 3 -9.13 -175.59 82.77
N GLN G 4 -10.26 -174.91 82.92
CA GLN G 4 -10.55 -174.10 84.10
C GLN G 4 -10.43 -174.95 85.34
N ALA G 5 -10.37 -176.25 85.11
CA ALA G 5 -10.26 -177.22 86.18
C ALA G 5 -8.83 -177.25 86.69
N GLU G 6 -7.97 -177.98 85.99
CA GLU G 6 -6.57 -178.08 86.38
C GLU G 6 -6.03 -176.69 86.69
N ALA G 7 -6.49 -175.71 85.92
CA ALA G 7 -6.05 -174.34 86.13
C ALA G 7 -6.29 -173.96 87.59
N ARG G 8 -7.52 -174.11 88.05
CA ARG G 8 -7.86 -173.77 89.44
C ARG G 8 -7.23 -174.78 90.38
N ALA G 9 -6.88 -175.93 89.82
CA ALA G 9 -6.26 -176.99 90.61
C ALA G 9 -4.83 -176.59 90.88
N PHE G 10 -4.24 -175.94 89.88
CA PHE G 10 -2.87 -175.47 89.90
C PHE G 10 -2.66 -174.38 90.95
N LEU G 11 -3.47 -173.34 90.84
CA LEU G 11 -3.39 -172.20 91.74
C LEU G 11 -3.80 -172.53 93.17
N SER G 12 -3.52 -171.60 94.08
CA SER G 12 -3.86 -171.73 95.48
C SER G 12 -4.91 -170.68 95.80
N GLU G 13 -5.56 -170.82 96.95
CA GLU G 13 -6.57 -169.86 97.34
C GLU G 13 -5.91 -168.49 97.24
N GLU G 14 -4.68 -168.42 97.75
CA GLU G 14 -3.91 -167.18 97.73
C GLU G 14 -3.95 -166.66 96.32
N MET G 15 -3.51 -167.50 95.40
CA MET G 15 -3.48 -167.15 94.00
C MET G 15 -4.84 -166.62 93.57
N ILE G 16 -5.83 -167.51 93.58
CA ILE G 16 -7.18 -167.14 93.19
C ILE G 16 -7.55 -165.82 93.85
N ALA G 17 -7.38 -165.74 95.15
CA ALA G 17 -7.69 -164.54 95.88
C ALA G 17 -7.23 -163.28 95.16
N GLU G 18 -5.93 -163.23 94.86
CA GLU G 18 -5.33 -162.09 94.20
C GLU G 18 -5.73 -161.99 92.72
N PHE G 19 -5.71 -163.12 92.01
CA PHE G 19 -6.12 -163.09 90.62
C PHE G 19 -7.53 -162.57 90.47
N LYS G 20 -8.31 -162.69 91.54
CA LYS G 20 -9.68 -162.21 91.53
C LYS G 20 -9.62 -160.70 91.64
N ALA G 21 -9.03 -160.22 92.72
CA ALA G 21 -8.88 -158.79 92.95
C ALA G 21 -8.43 -158.15 91.65
N ALA G 22 -7.49 -158.83 90.99
CA ALA G 22 -6.96 -158.34 89.74
C ALA G 22 -8.00 -158.37 88.64
N PHE G 23 -8.75 -159.46 88.59
CA PHE G 23 -9.78 -159.60 87.60
C PHE G 23 -10.83 -158.51 87.80
N ASP G 24 -11.24 -158.32 89.04
CA ASP G 24 -12.23 -157.30 89.29
C ASP G 24 -11.84 -155.96 88.69
N MET G 25 -10.60 -155.53 88.85
CA MET G 25 -10.23 -154.24 88.29
C MET G 25 -10.28 -154.28 86.78
N PHE G 26 -10.07 -155.44 86.19
CA PHE G 26 -10.15 -155.50 84.75
C PHE G 26 -11.57 -155.15 84.36
N ASP G 27 -12.52 -155.83 85.02
CA ASP G 27 -13.95 -155.68 84.80
C ASP G 27 -14.53 -154.36 85.37
N ALA G 28 -14.74 -153.39 84.48
CA ALA G 28 -15.28 -152.08 84.85
C ALA G 28 -16.65 -152.19 85.53
N ASP G 29 -17.67 -152.30 84.68
CA ASP G 29 -19.08 -152.42 85.06
C ASP G 29 -19.31 -153.38 86.23
N GLY G 30 -18.43 -154.37 86.35
CA GLY G 30 -18.55 -155.33 87.44
C GLY G 30 -19.51 -156.44 87.08
N GLY G 31 -19.85 -156.51 85.80
CA GLY G 31 -20.79 -157.52 85.30
C GLY G 31 -20.33 -158.94 85.56
N GLY G 32 -19.20 -159.33 85.00
CA GLY G 32 -18.74 -160.67 85.23
C GLY G 32 -17.71 -161.09 84.20
N ASP G 33 -17.39 -160.21 83.28
CA ASP G 33 -16.40 -160.55 82.27
C ASP G 33 -15.79 -159.34 81.58
N ILE G 34 -14.52 -159.49 81.23
CA ILE G 34 -13.75 -158.45 80.57
C ILE G 34 -14.18 -158.39 79.12
N SER G 35 -14.50 -157.20 78.63
CA SER G 35 -14.90 -157.04 77.23
C SER G 35 -13.72 -156.60 76.40
N THR G 36 -13.92 -156.57 75.09
CA THR G 36 -12.85 -156.16 74.20
C THR G 36 -12.44 -154.71 74.53
N LYS G 37 -13.28 -153.98 75.25
CA LYS G 37 -12.94 -152.60 75.62
C LYS G 37 -12.39 -152.54 77.05
N GLU G 38 -13.04 -153.24 77.96
CA GLU G 38 -12.59 -153.24 79.33
C GLU G 38 -11.13 -153.67 79.34
N LEU G 39 -10.77 -154.59 78.44
CA LEU G 39 -9.40 -155.07 78.39
C LEU G 39 -8.48 -153.96 77.92
N GLY G 40 -8.85 -153.31 76.82
CA GLY G 40 -8.05 -152.23 76.27
C GLY G 40 -7.62 -151.18 77.29
N THR G 41 -8.54 -150.79 78.17
CA THR G 41 -8.24 -149.82 79.23
C THR G 41 -7.12 -150.31 80.13
N VAL G 42 -7.26 -151.51 80.68
CA VAL G 42 -6.22 -152.03 81.55
C VAL G 42 -4.88 -152.18 80.81
N MET G 43 -4.91 -152.63 79.56
CA MET G 43 -3.69 -152.82 78.81
C MET G 43 -2.87 -151.56 78.78
N ARG G 44 -3.54 -150.44 78.52
CA ARG G 44 -2.87 -149.15 78.46
C ARG G 44 -2.35 -148.75 79.83
N MET G 45 -3.11 -149.05 80.87
CA MET G 45 -2.67 -148.75 82.22
C MET G 45 -1.41 -149.56 82.46
N LEU G 46 -1.34 -150.71 81.80
CA LEU G 46 -0.21 -151.62 81.92
C LEU G 46 0.89 -151.23 80.96
N GLY G 47 0.66 -150.17 80.22
CA GLY G 47 1.67 -149.71 79.33
C GLY G 47 1.75 -150.32 77.96
N GLN G 48 0.60 -150.68 77.40
CA GLN G 48 0.63 -151.20 76.05
C GLN G 48 -0.29 -150.33 75.24
N ASN G 49 -0.48 -150.75 73.99
CA ASN G 49 -1.36 -150.05 73.08
C ASN G 49 -1.80 -151.01 72.02
N PRO G 50 -2.59 -152.02 72.40
CA PRO G 50 -3.08 -153.01 71.46
C PRO G 50 -4.09 -152.48 70.44
N THR G 51 -4.24 -153.21 69.35
CA THR G 51 -5.19 -152.87 68.29
C THR G 51 -6.36 -153.84 68.33
N LYS G 52 -7.51 -153.43 67.79
CA LYS G 52 -8.68 -154.29 67.81
C LYS G 52 -8.35 -155.75 67.53
N GLU G 53 -7.57 -155.98 66.47
CA GLU G 53 -7.21 -157.35 66.14
C GLU G 53 -6.50 -157.96 67.33
N GLU G 54 -5.39 -157.34 67.71
CA GLU G 54 -4.58 -157.81 68.82
C GLU G 54 -5.38 -158.14 70.08
N LEU G 55 -6.29 -157.24 70.45
CA LEU G 55 -7.10 -157.44 71.64
C LEU G 55 -7.91 -158.72 71.58
N ASP G 56 -8.68 -158.89 70.51
CA ASP G 56 -9.53 -160.06 70.38
C ASP G 56 -8.75 -161.34 70.47
N ALA G 57 -7.67 -161.41 69.70
CA ALA G 57 -6.82 -162.59 69.70
C ALA G 57 -6.48 -162.92 71.15
N ILE G 58 -6.14 -161.89 71.91
CA ILE G 58 -5.80 -162.04 73.32
C ILE G 58 -7.00 -162.50 74.12
N ILE G 59 -8.19 -162.15 73.62
CA ILE G 59 -9.42 -162.52 74.30
C ILE G 59 -9.80 -163.94 73.97
N GLU G 60 -10.04 -164.20 72.70
CA GLU G 60 -10.45 -165.53 72.29
C GLU G 60 -9.38 -166.61 72.48
N GLU G 61 -8.35 -166.30 73.27
CA GLU G 61 -7.32 -167.28 73.56
C GLU G 61 -7.83 -168.19 74.66
N VAL G 62 -8.66 -167.66 75.54
CA VAL G 62 -9.22 -168.44 76.64
C VAL G 62 -10.74 -168.38 76.68
N ASP G 63 -11.37 -167.93 75.59
CA ASP G 63 -12.83 -167.82 75.49
C ASP G 63 -13.37 -169.13 74.95
N GLU G 64 -13.68 -170.04 75.87
CA GLU G 64 -14.19 -171.35 75.53
C GLU G 64 -15.69 -171.31 75.21
N ASP G 65 -16.38 -170.31 75.71
CA ASP G 65 -17.82 -170.20 75.48
C ASP G 65 -18.13 -169.24 74.34
N GLY G 66 -17.14 -169.03 73.46
CA GLY G 66 -17.31 -168.13 72.32
C GLY G 66 -18.04 -166.83 72.63
N SER G 67 -17.95 -166.39 73.89
CA SER G 67 -18.60 -165.17 74.39
C SER G 67 -18.02 -163.87 73.87
N GLY G 68 -16.72 -163.87 73.60
CA GLY G 68 -16.07 -162.66 73.13
C GLY G 68 -15.72 -161.84 74.35
N THR G 69 -15.72 -162.49 75.50
CA THR G 69 -15.41 -161.82 76.74
C THR G 69 -14.70 -162.86 77.60
N ILE G 70 -14.13 -162.42 78.72
CA ILE G 70 -13.41 -163.31 79.60
C ILE G 70 -13.99 -163.28 81.01
N ASP G 71 -14.32 -164.46 81.55
CA ASP G 71 -14.86 -164.60 82.91
C ASP G 71 -13.73 -165.02 83.87
N PHE G 72 -13.93 -164.83 85.17
CA PHE G 72 -12.90 -165.17 86.16
C PHE G 72 -12.34 -166.58 86.02
N GLU G 73 -13.00 -167.39 85.22
CA GLU G 73 -12.55 -168.76 85.01
C GLU G 73 -11.60 -168.74 83.84
N GLU G 74 -12.09 -168.30 82.69
CA GLU G 74 -11.27 -168.21 81.48
C GLU G 74 -10.00 -167.44 81.82
N PHE G 75 -10.15 -166.49 82.74
CA PHE G 75 -9.05 -165.66 83.21
C PHE G 75 -8.01 -166.50 83.92
N LEU G 76 -8.42 -167.24 84.96
CA LEU G 76 -7.48 -168.08 85.69
C LEU G 76 -6.73 -168.99 84.74
N VAL G 77 -7.41 -169.46 83.71
CA VAL G 77 -6.75 -170.31 82.73
C VAL G 77 -5.61 -169.51 82.18
N MET G 78 -5.94 -168.35 81.64
CA MET G 78 -4.97 -167.45 81.06
C MET G 78 -3.77 -167.17 82.00
N MET G 79 -4.06 -166.84 83.26
CA MET G 79 -3.00 -166.57 84.23
C MET G 79 -2.13 -167.78 84.31
N VAL G 80 -2.75 -168.95 84.42
CA VAL G 80 -1.97 -170.17 84.49
C VAL G 80 -1.00 -170.30 83.31
N ARG G 81 -1.50 -170.40 82.08
CA ARG G 81 -0.61 -170.51 80.93
C ARG G 81 0.57 -169.54 81.08
N GLN G 82 0.26 -168.33 81.50
CA GLN G 82 1.30 -167.35 81.68
C GLN G 82 2.24 -167.79 82.78
N MET G 83 1.71 -167.98 83.98
CA MET G 83 2.54 -168.43 85.06
C MET G 83 3.54 -169.46 84.51
N LYS G 84 3.02 -170.44 83.77
CA LYS G 84 3.84 -171.49 83.16
C LYS G 84 4.95 -170.91 82.32
N GLU G 85 4.57 -170.33 81.20
CA GLU G 85 5.54 -169.71 80.30
C GLU G 85 6.59 -168.84 81.03
N ASP G 86 6.14 -168.07 82.02
CA ASP G 86 7.09 -167.21 82.73
C ASP G 86 8.20 -168.09 83.31
N ALA G 87 7.80 -168.99 84.22
CA ALA G 87 8.72 -169.91 84.88
C ALA G 87 9.63 -170.69 83.92
N LYS G 88 9.11 -171.03 82.75
CA LYS G 88 9.91 -171.75 81.77
C LYS G 88 11.01 -170.82 81.27
N GLY G 89 10.61 -169.64 80.82
CA GLY G 89 11.59 -168.68 80.33
C GLY G 89 12.70 -168.42 81.33
N LYS G 90 12.34 -168.13 82.57
CA LYS G 90 13.31 -167.84 83.64
C LYS G 90 14.27 -168.99 83.83
N SER G 91 13.75 -170.21 83.71
CA SER G 91 14.58 -171.37 83.90
C SER G 91 15.63 -171.47 82.81
N GLU G 92 15.18 -171.61 81.56
CA GLU G 92 16.08 -171.70 80.42
C GLU G 92 17.09 -170.57 80.35
N GLU G 93 16.70 -169.38 80.79
CA GLU G 93 17.59 -168.24 80.78
C GLU G 93 18.72 -168.53 81.75
N GLU G 94 18.37 -168.86 82.98
CA GLU G 94 19.36 -169.17 83.99
C GLU G 94 20.31 -170.26 83.51
N LEU G 95 19.77 -171.38 83.08
CA LEU G 95 20.62 -172.46 82.60
C LEU G 95 21.49 -171.97 81.46
N ALA G 96 20.90 -171.24 80.54
CA ALA G 96 21.63 -170.71 79.41
C ALA G 96 22.87 -170.01 79.90
N ASN G 97 22.66 -169.17 80.90
CA ASN G 97 23.73 -168.40 81.49
C ASN G 97 24.75 -169.28 82.14
N CYS G 98 24.27 -170.29 82.86
CA CYS G 98 25.17 -171.20 83.52
C CYS G 98 26.08 -171.89 82.54
N PHE G 99 25.53 -172.16 81.37
CA PHE G 99 26.33 -172.82 80.38
C PHE G 99 27.46 -171.93 79.91
N ARG G 100 27.22 -170.63 79.84
CA ARG G 100 28.25 -169.73 79.37
C ARG G 100 29.35 -169.60 80.40
N ILE G 101 28.96 -169.71 81.66
CA ILE G 101 29.92 -169.59 82.72
C ILE G 101 30.82 -170.81 82.79
N PHE G 102 30.19 -171.96 82.61
CA PHE G 102 30.88 -173.23 82.63
C PHE G 102 31.70 -173.42 81.36
N ASP G 103 31.25 -172.82 80.27
CA ASP G 103 31.96 -172.95 79.02
C ASP G 103 33.27 -172.22 79.06
N LYS G 104 33.22 -170.90 79.13
CA LYS G 104 34.43 -170.07 79.20
C LYS G 104 35.60 -170.81 78.59
N ASN G 105 35.75 -170.50 77.31
CA ASN G 105 36.74 -170.98 76.37
C ASN G 105 35.86 -170.76 75.13
N ALA G 106 34.57 -170.51 75.39
CA ALA G 106 33.58 -170.23 74.38
C ALA G 106 33.52 -171.15 73.16
N ASP G 107 33.90 -172.42 73.32
CA ASP G 107 33.84 -173.31 72.18
C ASP G 107 32.41 -173.85 72.02
N GLY G 108 31.49 -173.38 72.86
CA GLY G 108 30.10 -173.82 72.78
C GLY G 108 29.84 -175.17 73.42
N PHE G 109 30.90 -175.72 74.03
CA PHE G 109 30.87 -177.01 74.68
C PHE G 109 31.38 -176.90 76.09
N ILE G 110 31.37 -178.03 76.78
CA ILE G 110 31.88 -178.12 78.13
C ILE G 110 32.66 -179.43 78.14
N ASP G 111 33.98 -179.35 78.04
CA ASP G 111 34.77 -180.59 78.03
C ASP G 111 35.12 -181.08 79.43
N ILE G 112 35.38 -182.37 79.56
CA ILE G 112 35.72 -182.97 80.84
C ILE G 112 36.67 -182.09 81.66
N GLU G 113 37.49 -181.30 81.00
CA GLU G 113 38.41 -180.45 81.75
C GLU G 113 37.63 -179.41 82.54
N GLU G 114 36.91 -178.55 81.81
CA GLU G 114 36.08 -177.49 82.39
C GLU G 114 35.09 -178.07 83.40
N LEU G 115 34.52 -179.22 83.08
CA LEU G 115 33.57 -179.84 83.97
C LEU G 115 34.26 -180.12 85.27
N GLY G 116 35.51 -180.58 85.18
CA GLY G 116 36.23 -180.87 86.39
C GLY G 116 36.41 -179.57 87.14
N GLU G 117 37.04 -178.62 86.48
CA GLU G 117 37.27 -177.33 87.09
C GLU G 117 36.04 -176.86 87.82
N ILE G 118 35.01 -176.51 87.07
CA ILE G 118 33.79 -176.01 87.67
C ILE G 118 33.35 -176.87 88.85
N LEU G 119 33.45 -178.17 88.71
CA LEU G 119 33.05 -179.05 89.78
C LEU G 119 33.95 -178.87 91.00
N ARG G 120 35.23 -179.01 90.75
CA ARG G 120 36.23 -178.87 91.77
C ARG G 120 36.09 -177.44 92.34
N ALA G 121 35.60 -176.52 91.52
CA ALA G 121 35.42 -175.12 91.93
C ALA G 121 34.34 -174.97 92.96
N THR G 122 33.48 -175.97 93.04
CA THR G 122 32.43 -175.92 94.02
C THR G 122 33.10 -176.25 95.32
N GLY G 123 32.41 -176.05 96.43
CA GLY G 123 33.04 -176.38 97.68
C GLY G 123 33.27 -177.88 97.73
N GLU G 124 32.21 -178.62 97.40
CA GLU G 124 32.22 -180.07 97.42
C GLU G 124 33.55 -180.78 97.18
N HIS G 125 33.66 -181.97 97.74
CA HIS G 125 34.84 -182.80 97.61
C HIS G 125 34.57 -183.78 96.50
N VAL G 126 35.47 -183.83 95.53
CA VAL G 126 35.29 -184.75 94.43
C VAL G 126 36.61 -185.22 93.91
N THR G 127 36.59 -186.46 93.46
CA THR G 127 37.74 -187.12 92.87
C THR G 127 37.45 -187.28 91.37
N GLU G 128 38.49 -187.39 90.56
CA GLU G 128 38.34 -187.51 89.11
C GLU G 128 37.24 -188.47 88.70
N GLU G 129 37.15 -189.62 89.36
CA GLU G 129 36.14 -190.61 89.03
C GLU G 129 34.76 -189.95 88.98
N ASP G 130 34.43 -189.12 89.97
CA ASP G 130 33.14 -188.45 89.99
C ASP G 130 32.96 -187.63 88.73
N ILE G 131 33.93 -186.76 88.46
CA ILE G 131 33.88 -185.92 87.29
C ILE G 131 33.66 -186.72 86.01
N GLU G 132 34.53 -187.67 85.72
CA GLU G 132 34.37 -188.46 84.51
C GLU G 132 33.07 -189.21 84.55
N ASP G 133 32.61 -189.58 85.74
CA ASP G 133 31.34 -190.27 85.77
C ASP G 133 30.23 -189.32 85.29
N LEU G 134 30.16 -188.12 85.86
CA LEU G 134 29.12 -187.18 85.46
C LEU G 134 29.21 -186.88 83.99
N MET G 135 30.41 -186.93 83.42
CA MET G 135 30.57 -186.67 82.00
C MET G 135 29.90 -187.77 81.22
N LYS G 136 30.27 -188.99 81.55
CA LYS G 136 29.74 -190.16 80.86
C LYS G 136 28.22 -190.25 80.91
N ASP G 137 27.64 -189.78 82.00
CA ASP G 137 26.18 -189.82 82.16
C ASP G 137 25.52 -188.72 81.38
N SER G 138 26.16 -187.56 81.34
CA SER G 138 25.62 -186.40 80.63
C SER G 138 25.84 -186.51 79.12
N ASP G 139 27.07 -186.78 78.70
CA ASP G 139 27.36 -186.89 77.27
C ASP G 139 26.65 -188.05 76.64
N LYS G 140 25.48 -187.77 76.06
CA LYS G 140 24.70 -188.80 75.40
C LYS G 140 25.20 -189.12 74.00
N ASN G 141 25.64 -188.11 73.27
CA ASN G 141 26.15 -188.34 71.93
C ASN G 141 27.59 -188.86 71.94
N ASN G 142 28.06 -189.23 73.13
CA ASN G 142 29.40 -189.78 73.31
C ASN G 142 30.49 -189.13 72.43
N ASP G 143 30.59 -187.82 72.48
CA ASP G 143 31.57 -187.12 71.67
C ASP G 143 32.60 -186.43 72.55
N GLY G 144 32.41 -186.60 73.86
CA GLY G 144 33.33 -186.02 74.80
C GLY G 144 32.84 -184.74 75.43
N ARG G 145 32.22 -183.89 74.64
CA ARG G 145 31.74 -182.62 75.17
C ARG G 145 30.31 -182.69 75.66
N ILE G 146 29.82 -181.57 76.14
CA ILE G 146 28.45 -181.48 76.60
C ILE G 146 27.85 -180.29 75.88
N ASP G 147 26.94 -180.53 74.94
CA ASP G 147 26.33 -179.44 74.20
C ASP G 147 25.20 -178.78 74.98
N PHE G 148 24.81 -177.59 74.58
CA PHE G 148 23.75 -176.92 75.31
C PHE G 148 22.53 -177.80 75.52
N ASP G 149 22.15 -178.56 74.50
CA ASP G 149 21.00 -179.44 74.58
C ASP G 149 21.22 -180.40 75.74
N GLU G 150 22.33 -181.10 75.70
CA GLU G 150 22.66 -182.04 76.76
C GLU G 150 22.68 -181.35 78.12
N PHE G 151 23.26 -180.17 78.17
CA PHE G 151 23.33 -179.42 79.41
C PHE G 151 21.91 -179.15 79.97
N LEU G 152 20.97 -178.83 79.07
CA LEU G 152 19.58 -178.58 79.46
C LEU G 152 19.05 -179.87 80.06
N LYS G 153 19.26 -180.97 79.34
CA LYS G 153 18.82 -182.26 79.81
C LYS G 153 19.43 -182.60 81.17
N MET G 154 20.76 -182.64 81.24
CA MET G 154 21.44 -183.01 82.47
C MET G 154 20.98 -182.17 83.66
N MET G 155 20.80 -180.88 83.45
CA MET G 155 20.36 -180.03 84.55
C MET G 155 18.84 -180.12 84.73
N GLU G 156 18.18 -180.86 83.87
CA GLU G 156 16.74 -180.99 83.97
C GLU G 156 16.41 -181.49 85.39
N GLY G 157 15.69 -180.67 86.15
CA GLY G 157 15.34 -181.04 87.51
C GLY G 157 16.17 -180.29 88.52
N VAL G 158 17.45 -180.61 88.60
CA VAL G 158 18.37 -179.95 89.53
C VAL G 158 17.86 -178.56 89.79
N GLN G 159 17.30 -178.32 90.98
CA GLN G 159 16.76 -177.01 91.36
C GLN G 159 15.96 -176.30 90.24
N SER H 1 -26.88 213.10 -40.06
CA SER H 1 -25.88 213.71 -40.98
C SER H 1 -26.25 215.13 -41.37
N TYR H 2 -26.04 216.09 -40.47
CA TYR H 2 -26.37 217.48 -40.75
C TYR H 2 -25.17 218.40 -40.51
N SER H 3 -24.06 217.84 -40.08
CA SER H 3 -22.84 218.61 -39.85
C SER H 3 -22.16 218.80 -41.21
N SER H 4 -22.59 217.98 -42.16
CA SER H 4 -22.08 217.99 -43.53
C SER H 4 -22.82 219.02 -44.38
N TYR H 5 -23.80 219.68 -43.79
CA TYR H 5 -24.57 220.68 -44.51
C TYR H 5 -23.72 221.90 -44.82
N LEU H 6 -22.87 222.27 -43.87
CA LEU H 6 -22.00 223.41 -44.04
C LEU H 6 -20.99 223.09 -45.15
N ALA H 7 -20.79 221.80 -45.40
CA ALA H 7 -19.86 221.34 -46.44
C ALA H 7 -20.49 221.61 -47.80
N LYS H 8 -21.80 221.36 -47.91
CA LYS H 8 -22.53 221.61 -49.15
C LYS H 8 -22.30 223.06 -49.58
N ALA H 9 -22.74 224.01 -48.74
CA ALA H 9 -22.59 225.43 -49.02
C ALA H 9 -21.17 225.77 -49.46
N ASP H 10 -20.20 225.56 -48.57
CA ASP H 10 -18.82 225.84 -48.89
C ASP H 10 -18.43 225.23 -50.23
N GLN H 11 -18.62 223.92 -50.35
CA GLN H 11 -18.25 223.24 -51.58
C GLN H 11 -18.91 223.80 -52.83
N LYS H 12 -20.22 223.60 -52.95
CA LYS H 12 -20.95 224.08 -54.12
C LYS H 12 -20.61 225.52 -54.44
N ARG H 13 -21.00 226.44 -53.56
CA ARG H 13 -20.72 227.86 -53.78
C ARG H 13 -19.30 228.08 -54.27
N GLY H 14 -18.36 227.36 -53.64
CA GLY H 14 -16.97 227.49 -53.99
C GLY H 14 -16.72 227.17 -55.44
N LYS H 15 -16.91 225.91 -55.78
CA LYS H 15 -16.69 225.45 -57.14
C LYS H 15 -17.44 226.29 -58.16
N LYS H 16 -18.71 226.56 -57.89
CA LYS H 16 -19.50 227.33 -58.83
C LYS H 16 -18.95 228.71 -59.07
N GLN H 17 -18.48 229.35 -58.02
CA GLN H 17 -17.95 230.71 -58.14
C GLN H 17 -16.60 230.69 -58.88
N THR H 18 -15.86 229.61 -58.71
CA THR H 18 -14.57 229.43 -59.36
C THR H 18 -14.82 229.34 -60.87
N ALA H 19 -15.77 228.49 -61.23
CA ALA H 19 -16.15 228.25 -62.62
C ALA H 19 -16.57 229.52 -63.32
N ARG H 20 -17.33 230.35 -62.62
CA ARG H 20 -17.82 231.59 -63.19
C ARG H 20 -16.74 232.48 -63.74
N GLU H 21 -15.93 233.02 -62.86
CA GLU H 21 -14.90 233.92 -63.32
C GLU H 21 -14.06 233.32 -64.42
N THR H 22 -13.73 232.04 -64.31
CA THR H 22 -12.92 231.39 -65.33
C THR H 22 -13.62 231.64 -66.67
N LYS H 23 -14.87 231.23 -66.75
CA LYS H 23 -15.69 231.42 -67.94
C LYS H 23 -15.59 232.89 -68.34
N LYS H 24 -15.63 233.79 -67.37
CA LYS H 24 -15.56 235.20 -67.70
C LYS H 24 -14.18 235.53 -68.27
N LYS H 25 -13.14 235.08 -67.60
CA LYS H 25 -11.77 235.34 -68.06
C LYS H 25 -11.60 234.86 -69.48
N VAL H 26 -11.90 233.58 -69.67
CA VAL H 26 -11.81 232.94 -70.95
C VAL H 26 -12.58 233.69 -72.04
N LEU H 27 -13.88 233.79 -71.87
CA LEU H 27 -14.73 234.46 -72.83
C LEU H 27 -14.30 235.89 -73.16
N ALA H 28 -13.78 236.59 -72.15
CA ALA H 28 -13.33 237.96 -72.31
C ALA H 28 -12.18 238.04 -73.31
N GLU H 29 -11.20 237.16 -73.15
CA GLU H 29 -10.05 237.16 -74.05
C GLU H 29 -10.52 237.12 -75.50
N ARG H 30 -11.30 236.10 -75.84
CA ARG H 30 -11.80 235.92 -77.20
C ARG H 30 -12.69 237.03 -77.68
N ARG H 31 -12.58 238.19 -77.07
CA ARG H 31 -13.42 239.32 -77.44
C ARG H 31 -12.66 240.62 -77.76
N LYS H 32 -12.73 241.03 -79.02
CA LYS H 32 -12.09 242.26 -79.50
C LYS H 32 -13.17 243.27 -79.90
N PRO H 33 -13.34 244.34 -79.11
CA PRO H 33 -14.33 245.41 -79.32
C PRO H 33 -14.63 245.79 -80.76
N LEU H 34 -15.80 246.38 -80.96
CA LEU H 34 -16.22 246.81 -82.28
C LEU H 34 -15.67 248.21 -82.49
N ASN H 35 -14.42 248.39 -82.06
CA ASN H 35 -13.70 249.66 -82.17
C ASN H 35 -13.98 250.41 -83.48
N ILE H 36 -13.95 249.69 -84.59
CA ILE H 36 -14.17 250.31 -85.89
C ILE H 36 -15.60 250.84 -86.09
N ASP H 37 -15.78 252.09 -85.73
CA ASP H 37 -17.05 252.78 -85.87
C ASP H 37 -16.80 254.16 -86.44
N HIS H 38 -17.26 254.36 -87.67
CA HIS H 38 -17.08 255.63 -88.36
C HIS H 38 -15.59 255.91 -88.58
N LEU H 39 -15.01 255.17 -89.51
CA LEU H 39 -13.60 255.34 -89.86
C LEU H 39 -13.56 255.26 -91.39
N ASN H 40 -14.60 254.65 -91.95
CA ASN H 40 -14.80 254.49 -93.39
C ASN H 40 -16.24 254.01 -93.62
N GLU H 41 -16.69 254.03 -94.87
CA GLU H 41 -18.05 253.62 -95.22
C GLU H 41 -18.09 252.24 -95.88
N ASP H 42 -17.14 251.98 -96.75
CA ASP H 42 -17.09 250.69 -97.42
C ASP H 42 -16.42 249.70 -96.46
N LYS H 43 -15.79 250.22 -95.40
CA LYS H 43 -15.11 249.41 -94.39
C LYS H 43 -16.14 248.46 -93.77
N LEU H 44 -17.28 249.03 -93.40
CA LEU H 44 -18.35 248.26 -92.82
C LEU H 44 -18.55 247.00 -93.67
N ARG H 45 -18.56 247.17 -94.99
CA ARG H 45 -18.76 246.04 -95.89
C ARG H 45 -17.72 244.93 -95.66
N ASP H 46 -16.44 245.27 -95.81
CA ASP H 46 -15.39 244.28 -95.61
C ASP H 46 -15.32 243.84 -94.15
N LYS H 47 -15.92 244.61 -93.26
CA LYS H 47 -15.93 244.31 -91.82
C LYS H 47 -17.09 243.40 -91.47
N ALA H 48 -18.30 243.90 -91.69
CA ALA H 48 -19.50 243.14 -91.37
C ALA H 48 -19.40 241.65 -91.65
N LYS H 49 -18.97 241.29 -92.86
CA LYS H 49 -18.87 239.87 -93.18
C LYS H 49 -17.87 239.15 -92.29
N GLU H 50 -16.71 239.76 -92.04
CA GLU H 50 -15.71 239.13 -91.19
C GLU H 50 -16.35 238.73 -89.86
N LEU H 51 -17.16 239.63 -89.32
CA LEU H 51 -17.88 239.35 -88.08
C LEU H 51 -18.79 238.18 -88.39
N TRP H 52 -19.47 238.28 -89.53
CA TRP H 52 -20.37 237.24 -89.96
C TRP H 52 -19.70 235.88 -89.96
N ASP H 53 -18.50 235.80 -90.52
CA ASP H 53 -17.76 234.54 -90.57
C ASP H 53 -17.39 234.07 -89.18
N TRP H 54 -16.93 235.00 -88.35
CA TRP H 54 -16.56 234.63 -87.01
C TRP H 54 -17.77 234.00 -86.35
N LEU H 55 -18.95 234.59 -86.56
CA LEU H 55 -20.17 234.07 -85.97
C LEU H 55 -20.40 232.68 -86.50
N TYR H 56 -20.45 232.58 -87.82
CA TYR H 56 -20.65 231.29 -88.46
C TYR H 56 -19.60 230.34 -87.96
N GLN H 57 -18.41 230.87 -87.70
CA GLN H 57 -17.32 230.04 -87.22
C GLN H 57 -17.77 229.39 -85.92
N LEU H 58 -18.03 230.24 -84.92
CA LEU H 58 -18.49 229.80 -83.61
C LEU H 58 -19.73 228.90 -83.76
N GLN H 59 -20.74 229.38 -84.46
CA GLN H 59 -21.95 228.58 -84.65
C GLN H 59 -21.66 227.15 -85.07
N THR H 60 -20.84 227.01 -86.08
CA THR H 60 -20.55 225.69 -86.56
C THR H 60 -19.91 224.82 -85.49
N GLU H 61 -18.99 225.40 -84.72
CA GLU H 61 -18.32 224.66 -83.66
C GLU H 61 -19.31 224.24 -82.60
N LYS H 62 -20.16 225.18 -82.19
CA LYS H 62 -21.15 224.89 -81.19
C LYS H 62 -21.97 223.70 -81.63
N TYR H 63 -22.28 223.64 -82.91
CA TYR H 63 -23.08 222.53 -83.38
C TYR H 63 -22.35 221.21 -83.22
N ASP H 64 -21.05 221.21 -83.50
CA ASP H 64 -20.23 220.02 -83.39
C ASP H 64 -20.04 219.58 -81.94
N PHE H 65 -19.70 220.53 -81.09
CA PHE H 65 -19.54 220.21 -79.68
C PHE H 65 -20.84 219.57 -79.23
N ALA H 66 -21.93 220.05 -79.79
CA ALA H 66 -23.22 219.53 -79.43
C ALA H 66 -23.37 218.10 -79.84
N GLU H 67 -23.29 217.85 -81.14
CA GLU H 67 -23.47 216.49 -81.62
C GLU H 67 -22.51 215.59 -80.90
N GLN H 68 -21.37 216.13 -80.54
CA GLN H 68 -20.40 215.32 -79.85
C GLN H 68 -20.97 214.81 -78.52
N ILE H 69 -21.41 215.71 -77.66
CA ILE H 69 -21.91 215.25 -76.39
C ILE H 69 -22.91 214.14 -76.63
N LYS H 70 -23.83 214.34 -77.58
CA LYS H 70 -24.84 213.29 -77.81
C LYS H 70 -24.16 211.96 -78.03
N ARG H 71 -23.18 211.93 -78.93
CA ARG H 71 -22.52 210.68 -79.21
C ARG H 71 -21.90 210.15 -77.94
N LYS H 72 -21.25 211.02 -77.18
CA LYS H 72 -20.62 210.60 -75.94
C LYS H 72 -21.66 210.08 -74.96
N LYS H 73 -22.76 210.80 -74.84
CA LYS H 73 -23.84 210.38 -73.97
C LYS H 73 -24.24 208.94 -74.28
N TYR H 74 -24.15 208.54 -75.55
CA TYR H 74 -24.50 207.18 -75.91
C TYR H 74 -23.37 206.22 -75.52
N GLU H 75 -22.13 206.70 -75.60
CA GLU H 75 -20.97 205.88 -75.26
C GLU H 75 -21.16 205.48 -73.81
N ILE H 76 -21.65 206.44 -73.04
CA ILE H 76 -21.90 206.24 -71.63
C ILE H 76 -22.95 205.18 -71.43
N VAL H 77 -24.15 205.41 -71.94
CA VAL H 77 -25.20 204.43 -71.78
C VAL H 77 -24.65 203.02 -71.95
N THR H 78 -23.90 202.80 -73.03
CA THR H 78 -23.33 201.50 -73.28
C THR H 78 -22.26 201.16 -72.24
N LEU H 79 -21.35 202.08 -72.02
CA LEU H 79 -20.33 201.82 -71.03
C LEU H 79 -20.95 201.51 -69.67
N ARG H 80 -22.19 201.91 -69.42
CA ARG H 80 -22.81 201.61 -68.13
C ARG H 80 -23.33 200.20 -68.16
N ASN H 81 -23.92 199.81 -69.28
CA ASN H 81 -24.42 198.45 -69.39
C ASN H 81 -23.30 197.43 -69.28
N ARG H 82 -22.10 197.81 -69.71
CA ARG H 82 -20.99 196.88 -69.67
C ARG H 82 -20.55 196.74 -68.23
N ILE H 83 -20.78 197.79 -67.46
CA ILE H 83 -20.40 197.81 -66.07
C ILE H 83 -21.32 196.92 -65.26
N ASP H 84 -22.62 196.99 -65.52
CA ASP H 84 -23.53 196.14 -64.79
C ASP H 84 -23.33 194.69 -65.21
N GLN H 85 -23.34 194.46 -66.51
CA GLN H 85 -23.17 193.11 -67.06
C GLN H 85 -21.91 192.49 -66.47
N ALA H 86 -20.88 193.31 -66.28
CA ALA H 86 -19.63 192.83 -65.75
C ALA H 86 -19.63 192.89 -64.23
N GLN H 87 -20.81 192.74 -63.63
CA GLN H 87 -20.88 192.74 -62.17
C GLN H 87 -20.69 191.33 -61.63
N LYS H 88 -21.68 190.46 -61.85
CA LYS H 88 -21.62 189.08 -61.35
C LYS H 88 -20.75 188.89 -60.11
N HIS H 89 -21.33 189.26 -58.97
CA HIS H 89 -20.69 189.16 -57.65
C HIS H 89 -20.32 187.70 -57.29
N SER H 90 -20.53 186.77 -58.24
CA SER H 90 -20.25 185.31 -58.09
C SER H 90 -18.73 184.96 -57.78
N GLU I 1 -23.78 161.51 -84.57
CA GLU I 1 -22.82 162.37 -83.81
C GLU I 1 -22.69 163.73 -84.47
N GLU I 2 -23.79 164.48 -84.51
CA GLU I 2 -23.85 165.83 -85.09
C GLU I 2 -22.89 166.13 -86.25
N LYS I 3 -22.75 165.19 -87.19
CA LYS I 3 -21.86 165.39 -88.33
C LYS I 3 -22.20 166.64 -89.16
N LYS I 4 -23.50 166.93 -89.29
CA LYS I 4 -23.94 168.09 -90.07
C LYS I 4 -23.79 169.44 -89.36
N ARG I 5 -23.79 169.41 -88.04
CA ARG I 5 -23.68 170.62 -87.23
C ARG I 5 -22.76 171.71 -87.78
N ARG I 6 -21.73 171.30 -88.51
CA ARG I 6 -20.79 172.27 -89.08
C ARG I 6 -21.43 173.35 -89.96
N ALA I 7 -22.45 172.97 -90.72
CA ALA I 7 -23.14 173.90 -91.62
C ALA I 7 -23.93 174.96 -90.86
N ALA I 8 -24.39 174.62 -89.66
CA ALA I 8 -25.15 175.54 -88.83
C ALA I 8 -24.30 176.76 -88.51
N THR I 9 -23.10 176.51 -87.98
CA THR I 9 -22.19 177.59 -87.63
C THR I 9 -21.90 178.48 -88.83
N ALA I 10 -21.50 177.87 -89.93
CA ALA I 10 -21.21 178.65 -91.12
C ALA I 10 -22.34 179.61 -91.42
N ARG I 11 -23.56 179.19 -91.15
CA ARG I 11 -24.71 180.04 -91.41
C ARG I 11 -24.60 181.31 -90.57
N ARG I 12 -24.50 181.15 -89.26
CA ARG I 12 -24.37 182.31 -88.40
C ARG I 12 -23.33 183.23 -88.98
N GLN I 13 -22.22 182.67 -89.42
CA GLN I 13 -21.20 183.53 -89.98
C GLN I 13 -21.74 184.19 -91.22
N HIS I 14 -22.24 183.40 -92.15
CA HIS I 14 -22.77 183.98 -93.37
C HIS I 14 -23.71 185.12 -93.05
N LEU I 15 -24.50 184.94 -92.00
CA LEU I 15 -25.43 185.95 -91.58
C LEU I 15 -24.72 187.10 -90.90
N LYS I 16 -23.82 186.77 -89.99
CA LYS I 16 -23.11 187.82 -89.29
C LYS I 16 -22.52 188.77 -90.33
N SER I 17 -21.87 188.22 -91.34
CA SER I 17 -21.26 189.01 -92.40
C SER I 17 -22.32 189.74 -93.23
N ALA I 18 -23.52 189.18 -93.27
CA ALA I 18 -24.58 189.82 -94.01
C ALA I 18 -25.01 191.00 -93.16
N MET I 19 -24.79 190.86 -91.86
CA MET I 19 -25.16 191.95 -90.96
C MET I 19 -24.15 193.07 -91.08
N LEU I 20 -22.88 192.77 -90.78
CA LEU I 20 -21.86 193.79 -90.89
C LEU I 20 -21.94 194.44 -92.23
N GLN I 21 -21.94 193.63 -93.27
CA GLN I 21 -22.01 194.21 -94.59
C GLN I 21 -23.16 195.21 -94.62
N LEU I 22 -24.27 194.87 -93.97
CA LEU I 22 -25.42 195.77 -93.97
C LEU I 22 -25.06 197.04 -93.21
N ALA I 23 -24.48 196.85 -92.04
CA ALA I 23 -24.07 197.94 -91.16
C ALA I 23 -23.33 199.03 -91.92
N VAL I 24 -22.15 198.68 -92.41
CA VAL I 24 -21.29 199.59 -93.13
C VAL I 24 -22.00 200.49 -94.14
N THR I 25 -22.82 199.88 -94.97
CA THR I 25 -23.53 200.65 -95.98
C THR I 25 -24.59 201.56 -95.35
N GLU I 26 -25.03 201.22 -94.15
CA GLU I 26 -26.03 202.02 -93.48
C GLU I 26 -25.31 203.12 -92.73
N ILE I 27 -24.12 202.78 -92.28
CA ILE I 27 -23.26 203.69 -91.53
C ILE I 27 -22.97 204.98 -92.26
N GLU I 28 -22.61 204.88 -93.54
CA GLU I 28 -22.33 206.08 -94.30
C GLU I 28 -23.63 206.80 -94.66
N LYS I 29 -24.73 206.08 -94.71
CA LYS I 29 -25.99 206.75 -95.03
C LYS I 29 -26.32 207.75 -93.92
N GLU I 30 -26.37 207.25 -92.69
CA GLU I 30 -26.65 208.06 -91.51
C GLU I 30 -25.66 209.21 -91.44
N ALA I 31 -24.41 208.90 -91.77
CA ALA I 31 -23.35 209.89 -91.75
C ALA I 31 -23.67 211.06 -92.63
N ALA I 32 -23.86 210.82 -93.91
CA ALA I 32 -24.14 211.92 -94.80
C ALA I 32 -25.44 212.58 -94.41
N ALA I 33 -26.49 211.81 -94.20
CA ALA I 33 -27.75 212.40 -93.81
C ALA I 33 -27.51 213.34 -92.63
N LYS I 34 -26.75 212.84 -91.66
CA LYS I 34 -26.45 213.63 -90.48
C LYS I 34 -25.99 215.01 -90.95
N GLU I 35 -24.92 215.03 -91.75
CA GLU I 35 -24.34 216.28 -92.29
C GLU I 35 -25.42 217.16 -92.88
N VAL I 36 -26.30 216.56 -93.65
CA VAL I 36 -27.38 217.32 -94.24
C VAL I 36 -28.09 218.10 -93.16
N GLU I 37 -28.40 217.44 -92.05
CA GLU I 37 -29.07 218.15 -90.98
C GLU I 37 -28.22 219.33 -90.55
N LYS I 38 -26.91 219.13 -90.50
CA LYS I 38 -25.99 220.17 -90.07
C LYS I 38 -26.00 221.42 -90.94
N GLN I 39 -26.14 221.24 -92.24
CA GLN I 39 -26.12 222.39 -93.12
C GLN I 39 -27.47 223.11 -93.17
N ASN I 40 -28.53 222.41 -92.77
CA ASN I 40 -29.86 222.98 -92.72
C ASN I 40 -29.95 223.79 -91.46
N TYR I 41 -29.49 223.20 -90.37
CA TYR I 41 -29.51 223.90 -89.10
C TYR I 41 -28.81 225.22 -89.35
N LEU I 42 -27.59 225.13 -89.86
CA LEU I 42 -26.81 226.33 -90.15
C LEU I 42 -27.50 227.16 -91.22
N ALA I 43 -28.28 226.47 -92.06
CA ALA I 43 -29.00 227.12 -93.13
C ALA I 43 -29.85 228.26 -92.61
N GLU I 44 -30.52 228.07 -91.49
CA GLU I 44 -31.36 229.13 -90.97
C GLU I 44 -30.76 229.96 -89.86
N HIS I 45 -29.91 229.36 -89.03
CA HIS I 45 -29.32 230.11 -87.94
C HIS I 45 -28.27 231.11 -88.41
N SER I 46 -27.90 231.04 -89.68
CA SER I 46 -26.90 231.95 -90.21
C SER I 46 -26.88 231.77 -91.69
N PRO I 47 -27.95 232.22 -92.36
CA PRO I 47 -28.17 232.16 -93.80
C PRO I 47 -27.26 233.06 -94.62
N PRO I 48 -27.01 232.67 -95.87
CA PRO I 48 -26.16 233.45 -96.76
C PRO I 48 -26.34 234.95 -96.54
N LEU I 49 -25.43 235.55 -95.80
CA LEU I 49 -25.48 236.97 -95.51
C LEU I 49 -25.65 237.83 -96.75
N SER I 50 -26.37 238.95 -96.58
CA SER I 50 -26.65 239.91 -97.64
C SER I 50 -26.45 241.33 -97.12
N LEU I 51 -25.25 241.87 -97.33
CA LEU I 51 -24.90 243.22 -96.90
C LEU I 51 -25.93 244.27 -97.33
N PRO I 52 -26.52 244.99 -96.35
CA PRO I 52 -27.53 246.04 -96.54
C PRO I 52 -27.08 247.21 -97.41
N GLY I 53 -27.81 248.31 -97.25
CA GLY I 53 -27.54 249.53 -98.01
C GLY I 53 -26.15 250.08 -97.75
N SER I 54 -26.07 251.23 -97.09
CA SER I 54 -24.76 251.80 -96.83
C SER I 54 -24.61 252.48 -95.47
N MET I 55 -25.49 253.43 -95.17
CA MET I 55 -25.37 254.15 -93.90
C MET I 55 -25.63 253.39 -92.60
N GLN I 56 -26.79 253.65 -92.00
CA GLN I 56 -27.15 253.03 -90.73
C GLN I 56 -27.18 251.51 -90.74
N GLU I 57 -27.61 250.94 -91.85
CA GLU I 57 -27.68 249.49 -91.96
C GLU I 57 -26.36 248.76 -91.67
N LEU I 58 -25.34 249.01 -92.48
CA LEU I 58 -24.03 248.35 -92.31
C LEU I 58 -23.56 248.49 -90.88
N GLN I 59 -23.69 249.68 -90.31
CA GLN I 59 -23.29 249.89 -88.94
C GLN I 59 -24.18 249.05 -88.03
N GLU I 60 -25.48 249.22 -88.17
CA GLU I 60 -26.44 248.50 -87.35
C GLU I 60 -26.16 247.01 -87.38
N LEU I 61 -26.24 246.43 -88.57
CA LEU I 61 -26.00 245.01 -88.76
C LEU I 61 -24.73 244.61 -88.03
N SER I 62 -23.69 245.39 -88.25
CA SER I 62 -22.41 245.09 -87.62
C SER I 62 -22.56 245.01 -86.12
N LYS I 63 -23.29 245.95 -85.55
CA LYS I 63 -23.50 245.93 -84.12
C LYS I 63 -24.30 244.67 -83.79
N LYS I 64 -25.32 244.39 -84.60
CA LYS I 64 -26.19 243.21 -84.40
C LYS I 64 -25.33 241.96 -84.28
N LEU I 65 -24.52 241.71 -85.29
CA LEU I 65 -23.65 240.55 -85.32
C LEU I 65 -22.77 240.49 -84.10
N HIS I 66 -21.91 241.49 -83.99
CA HIS I 66 -20.96 241.59 -82.90
C HIS I 66 -21.53 241.22 -81.52
N ALA I 67 -22.79 241.56 -81.28
CA ALA I 67 -23.41 241.25 -80.01
C ALA I 67 -23.75 239.75 -80.00
N LYS I 68 -24.28 239.26 -81.11
CA LYS I 68 -24.66 237.86 -81.23
C LYS I 68 -23.43 237.00 -81.00
N ILE I 69 -22.30 237.48 -81.49
CA ILE I 69 -21.04 236.77 -81.34
C ILE I 69 -20.76 236.46 -79.87
N ASP I 70 -20.86 237.46 -79.01
CA ASP I 70 -20.60 237.24 -77.59
C ASP I 70 -21.59 236.23 -77.08
N SER I 71 -22.78 236.30 -77.66
CA SER I 71 -23.88 235.42 -77.31
C SER I 71 -23.53 233.98 -77.68
N VAL I 72 -23.42 233.73 -78.98
CA VAL I 72 -23.12 232.41 -79.47
C VAL I 72 -21.84 231.87 -78.87
N ASP I 73 -20.88 232.75 -78.72
CA ASP I 73 -19.64 232.33 -78.16
C ASP I 73 -19.90 231.77 -76.77
N GLU I 74 -20.62 232.51 -75.93
CA GLU I 74 -20.93 232.01 -74.57
C GLU I 74 -21.54 230.61 -74.65
N GLU I 75 -22.53 230.47 -75.53
CA GLU I 75 -23.21 229.19 -75.72
C GLU I 75 -22.18 228.17 -76.15
N ARG I 76 -21.34 228.56 -77.09
CA ARG I 76 -20.34 227.62 -77.55
C ARG I 76 -19.55 227.15 -76.35
N TYR I 77 -19.18 228.10 -75.47
CA TYR I 77 -18.40 227.80 -74.26
C TYR I 77 -19.13 226.87 -73.30
N ASP I 78 -20.36 227.23 -72.95
CA ASP I 78 -21.14 226.39 -72.05
C ASP I 78 -21.14 224.98 -72.61
N THR I 79 -21.38 224.85 -73.91
CA THR I 79 -21.42 223.53 -74.54
C THR I 79 -20.09 222.81 -74.34
N GLU I 80 -18.99 223.50 -74.68
CA GLU I 80 -17.69 222.87 -74.53
C GLU I 80 -17.53 222.34 -73.13
N VAL I 81 -18.02 223.09 -72.15
CA VAL I 81 -17.90 222.65 -70.78
C VAL I 81 -18.77 221.44 -70.44
N LYS I 82 -19.96 221.35 -71.04
CA LYS I 82 -20.83 220.21 -70.78
C LYS I 82 -20.19 219.00 -71.42
N LEU I 83 -19.35 219.25 -72.41
CA LEU I 83 -18.66 218.15 -73.07
C LEU I 83 -17.62 217.71 -72.09
N GLN I 84 -16.81 218.66 -71.65
CA GLN I 84 -15.76 218.35 -70.70
C GLN I 84 -16.36 217.52 -69.60
N LYS I 85 -17.46 217.99 -69.03
CA LYS I 85 -18.10 217.27 -67.95
C LYS I 85 -18.35 215.84 -68.37
N THR I 86 -18.96 215.68 -69.55
CA THR I 86 -19.31 214.36 -70.06
C THR I 86 -18.11 213.46 -70.29
N ILE I 87 -17.14 213.92 -71.07
CA ILE I 87 -15.97 213.11 -71.31
C ILE I 87 -15.46 212.66 -69.94
N LYS I 88 -15.55 213.54 -68.95
CA LYS I 88 -15.09 213.23 -67.60
C LYS I 88 -15.90 212.06 -67.06
N GLU I 89 -17.21 212.20 -67.06
CA GLU I 89 -18.05 211.14 -66.56
C GLU I 89 -17.74 209.80 -67.20
N LEU I 90 -17.39 209.76 -68.48
CA LEU I 90 -17.14 208.45 -69.03
C LEU I 90 -15.72 207.96 -68.79
N GLU I 91 -14.81 208.87 -68.48
CA GLU I 91 -13.44 208.43 -68.18
C GLU I 91 -13.52 207.65 -66.87
N ASP I 92 -14.25 208.19 -65.91
CA ASP I 92 -14.42 207.54 -64.62
C ASP I 92 -15.07 206.20 -64.82
N LEU I 93 -16.07 206.15 -65.68
CA LEU I 93 -16.74 204.89 -65.95
C LEU I 93 -15.78 203.99 -66.71
N SER I 94 -14.90 204.59 -67.48
CA SER I 94 -13.93 203.84 -68.26
C SER I 94 -12.85 203.32 -67.31
N GLN I 95 -13.07 203.56 -66.02
CA GLN I 95 -12.16 203.11 -64.97
C GLN I 95 -12.88 202.02 -64.19
N LYS I 96 -14.05 202.38 -63.68
CA LYS I 96 -14.90 201.47 -62.92
C LYS I 96 -15.06 200.15 -63.65
N LEU I 97 -14.53 200.06 -64.86
CA LEU I 97 -14.66 198.83 -65.63
C LEU I 97 -13.31 198.16 -65.73
N PHE I 98 -12.26 198.97 -65.85
CA PHE I 98 -10.90 198.47 -65.94
C PHE I 98 -10.59 197.60 -64.74
N ASP I 99 -10.57 198.24 -63.58
CA ASP I 99 -10.30 197.54 -62.35
C ASP I 99 -11.56 196.79 -61.90
N LEU I 100 -12.03 195.90 -62.77
CA LEU I 100 -13.21 195.12 -62.48
C LEU I 100 -13.26 194.07 -63.56
N ARG I 101 -12.43 194.28 -64.58
CA ARG I 101 -12.30 193.39 -65.72
C ARG I 101 -10.83 193.36 -66.11
N GLY I 102 -10.31 194.52 -66.47
CA GLY I 102 -8.93 194.64 -66.89
C GLY I 102 -8.93 195.58 -68.07
N LYS I 103 -8.02 195.39 -69.03
CA LYS I 103 -8.07 196.25 -70.21
C LYS I 103 -9.24 195.63 -70.97
N PHE I 104 -10.19 196.45 -71.40
CA PHE I 104 -11.34 195.92 -72.13
C PHE I 104 -11.35 196.56 -73.50
N LYS I 105 -12.11 195.98 -74.43
CA LYS I 105 -12.17 196.56 -75.77
C LYS I 105 -12.89 197.90 -75.80
N ARG I 106 -12.53 198.69 -76.82
CA ARG I 106 -13.10 200.00 -77.07
C ARG I 106 -13.10 201.02 -75.96
N PRO I 107 -11.93 201.43 -75.51
CA PRO I 107 -11.95 202.43 -74.45
C PRO I 107 -12.49 203.69 -75.12
N PRO I 108 -13.32 204.46 -74.42
CA PRO I 108 -13.93 205.69 -74.94
C PRO I 108 -12.98 206.84 -75.31
N LEU I 109 -11.87 206.98 -74.59
CA LEU I 109 -10.89 208.05 -74.82
C LEU I 109 -9.92 207.77 -75.98
N ARG I 110 -9.55 206.51 -76.16
CA ARG I 110 -8.67 206.11 -77.27
C ARG I 110 -7.48 207.03 -77.51
N ARG I 111 -6.31 206.63 -77.00
CA ARG I 111 -5.06 207.38 -77.21
C ARG I 111 -4.49 206.85 -78.51
N VAL I 112 -4.59 207.63 -79.59
CA VAL I 112 -4.07 207.17 -80.86
C VAL I 112 -2.96 208.07 -81.46
N ARG I 113 -1.90 207.42 -81.91
CA ARG I 113 -0.77 208.09 -82.53
C ARG I 113 -1.08 207.99 -84.02
N MET I 114 -0.28 208.63 -84.86
CA MET I 114 -0.59 208.55 -86.28
C MET I 114 -0.25 207.17 -86.81
N SER I 115 -1.07 206.68 -87.74
CA SER I 115 -0.84 205.37 -88.31
C SER I 115 0.41 205.31 -89.15
N ALA I 116 0.95 204.10 -89.26
CA ALA I 116 2.13 203.89 -90.07
C ALA I 116 1.80 204.22 -91.53
N ASP I 117 0.56 203.93 -91.92
CA ASP I 117 0.10 204.20 -93.29
C ASP I 117 0.17 205.70 -93.52
N ALA I 118 -0.04 206.47 -92.46
CA ALA I 118 -0.01 207.91 -92.53
C ALA I 118 1.39 208.39 -92.69
N MET I 119 2.23 207.93 -91.77
CA MET I 119 3.62 208.30 -91.79
C MET I 119 4.21 207.95 -93.14
N LEU I 120 3.90 206.76 -93.65
CA LEU I 120 4.43 206.36 -94.94
C LEU I 120 3.98 207.33 -96.03
N ARG I 121 2.68 207.64 -96.07
CA ARG I 121 2.17 208.56 -97.08
C ARG I 121 2.86 209.90 -96.93
N ALA I 122 2.82 210.40 -95.71
CA ALA I 122 3.43 211.67 -95.41
C ALA I 122 4.89 211.79 -95.90
N LEU I 123 5.66 210.73 -95.78
CA LEU I 123 7.08 210.76 -96.15
C LEU I 123 7.49 210.42 -97.55
N LEU I 124 6.70 209.60 -98.23
CA LEU I 124 7.11 209.20 -99.56
C LEU I 124 6.21 209.76 -100.63
N GLY I 125 5.14 210.39 -100.17
CA GLY I 125 4.18 210.99 -101.07
C GLY I 125 3.65 210.03 -102.12
N SER I 126 4.06 210.27 -103.36
CA SER I 126 3.63 209.45 -104.47
C SER I 126 3.84 207.94 -104.30
N LYS I 127 5.09 207.52 -104.18
CA LYS I 127 5.35 206.09 -104.08
C LYS I 127 5.09 205.44 -102.73
N HIS I 128 3.82 205.17 -102.45
CA HIS I 128 3.46 204.48 -101.22
C HIS I 128 2.31 203.55 -101.60
N LYS I 129 2.64 202.44 -102.26
CA LYS I 129 1.61 201.52 -102.71
C LYS I 129 1.47 200.20 -101.95
N VAL I 130 0.82 200.23 -100.80
CA VAL I 130 0.60 199.01 -100.02
C VAL I 130 -0.61 199.19 -99.11
N ASN I 131 -1.75 198.67 -99.55
CA ASN I 131 -2.98 198.80 -98.77
C ASN I 131 -2.91 197.97 -97.49
N MET I 132 -1.81 198.13 -96.75
CA MET I 132 -1.58 197.40 -95.51
C MET I 132 -2.77 197.34 -94.53
N ASP I 133 -3.01 196.15 -93.97
CA ASP I 133 -4.07 195.93 -93.00
C ASP I 133 -3.73 194.72 -92.15
N LEU I 134 -3.46 193.59 -92.79
CA LEU I 134 -3.11 192.36 -92.08
C LEU I 134 -2.68 191.25 -93.04
N ARG I 135 -3.33 191.20 -94.20
CA ARG I 135 -3.06 190.21 -95.24
C ARG I 135 -1.57 189.96 -95.45
N ALA I 136 -1.08 188.80 -95.00
CA ALA I 136 0.32 188.43 -95.16
C ALA I 136 0.50 188.13 -96.67
N ASN I 137 1.69 187.72 -97.07
CA ASN I 137 1.94 187.42 -98.48
C ASN I 137 2.77 186.16 -98.66
N LEU I 138 2.20 185.15 -99.33
CA LEU I 138 2.95 183.95 -99.56
C LEU I 138 2.84 183.63 -101.04
N LYS I 139 3.96 183.23 -101.62
CA LYS I 139 4.04 182.88 -103.03
C LYS I 139 2.71 182.50 -103.71
N GLN I 140 2.41 183.20 -104.81
CA GLN I 140 1.19 182.97 -105.60
C GLN I 140 1.19 181.60 -106.31
N VAL I 141 1.46 181.60 -107.63
CA VAL I 141 1.45 180.35 -108.39
C VAL I 141 2.87 179.93 -108.85
N THR J 1 16.28 190.67 -80.75
CA THR J 1 16.37 190.13 -82.14
C THR J 1 15.20 189.20 -82.46
N ASP J 2 14.65 188.57 -81.43
CA ASP J 2 13.54 187.64 -81.59
C ASP J 2 12.33 188.37 -82.13
N GLN J 3 12.16 189.60 -81.68
CA GLN J 3 11.06 190.44 -82.11
C GLN J 3 11.27 190.79 -83.58
N GLN J 4 12.48 191.26 -83.89
CA GLN J 4 12.85 191.67 -85.24
C GLN J 4 12.60 190.54 -86.20
N ALA J 5 12.39 189.36 -85.63
CA ALA J 5 12.14 188.16 -86.38
C ALA J 5 10.71 188.16 -86.89
N GLU J 6 9.78 187.77 -86.03
CA GLU J 6 8.37 187.73 -86.39
C GLU J 6 8.00 189.03 -87.09
N ALA J 7 8.59 190.12 -86.61
CA ALA J 7 8.32 191.43 -87.21
C ALA J 7 8.58 191.37 -88.71
N ARG J 8 9.77 190.93 -89.09
CA ARG J 8 10.12 190.84 -90.51
C ARG J 8 9.36 189.69 -91.14
N ALA J 9 8.88 188.78 -90.30
CA ALA J 9 8.12 187.63 -90.76
C ALA J 9 6.75 188.11 -91.16
N PHE J 10 6.26 189.08 -90.39
CA PHE J 10 4.95 189.70 -90.57
C PHE J 10 4.86 190.46 -91.88
N LEU J 11 5.79 191.39 -92.05
CA LEU J 11 5.84 192.24 -93.23
C LEU J 11 6.18 191.47 -94.51
N SER J 12 6.00 192.14 -95.64
CA SER J 12 6.30 191.58 -96.94
C SER J 12 7.46 192.37 -97.52
N GLU J 13 8.06 191.84 -98.58
CA GLU J 13 9.18 192.53 -99.21
C GLU J 13 8.70 193.93 -99.50
N GLU J 14 7.48 194.01 -100.03
CA GLU J 14 6.86 195.29 -100.38
C GLU J 14 7.00 196.17 -99.16
N MET J 15 6.46 195.68 -98.05
CA MET J 15 6.50 196.41 -96.79
C MET J 15 7.92 196.86 -96.51
N ILE J 16 8.80 195.90 -96.26
CA ILE J 16 10.19 196.20 -95.97
C ILE J 16 10.71 197.22 -96.96
N ALA J 17 10.52 196.95 -98.23
CA ALA J 17 10.97 197.86 -99.26
C ALA J 17 10.67 199.33 -98.93
N GLU J 18 9.40 199.60 -98.67
CA GLU J 18 8.95 200.96 -98.36
C GLU J 18 9.39 201.40 -96.97
N PHE J 19 9.25 200.53 -95.97
CA PHE J 19 9.67 200.90 -94.64
C PHE J 19 11.14 201.26 -94.61
N LYS J 20 11.88 200.76 -95.59
CA LYS J 20 13.31 201.05 -95.69
C LYS J 20 13.43 202.47 -96.22
N ALA J 21 12.88 202.69 -97.40
CA ALA J 21 12.89 204.01 -98.02
C ALA J 21 12.54 205.04 -96.95
N ALA J 22 11.55 204.68 -96.15
CA ALA J 22 11.11 205.56 -95.09
C ALA J 22 12.15 205.71 -94.02
N PHE J 23 12.77 204.60 -93.65
CA PHE J 23 13.79 204.61 -92.64
C PHE J 23 14.96 205.47 -93.12
N ASP J 24 15.37 205.26 -94.36
CA ASP J 24 16.47 206.04 -94.86
C ASP J 24 16.26 207.53 -94.66
N MET J 25 15.07 208.05 -94.96
CA MET J 25 14.87 209.48 -94.79
C MET J 25 14.94 209.86 -93.32
N PHE J 26 14.60 208.94 -92.44
CA PHE J 26 14.69 209.27 -91.03
C PHE J 26 16.16 209.54 -90.73
N ASP J 27 17.00 208.59 -91.16
CA ASP J 27 18.45 208.63 -90.97
C ASP J 27 19.18 209.64 -91.87
N ALA J 28 19.52 210.78 -91.28
CA ALA J 28 20.21 211.86 -91.99
C ALA J 28 21.54 211.42 -92.58
N ASP J 29 22.56 211.42 -91.73
CA ASP J 29 23.93 211.04 -92.04
C ASP J 29 24.02 209.77 -92.89
N GLY J 30 23.02 208.90 -92.75
CA GLY J 30 23.00 207.66 -93.51
C GLY J 30 23.83 206.59 -92.85
N GLY J 31 24.19 206.83 -91.60
CA GLY J 31 25.00 205.89 -90.82
C GLY J 31 24.37 204.53 -90.68
N GLY J 32 23.21 204.45 -90.05
CA GLY J 32 22.58 203.16 -89.91
C GLY J 32 21.54 203.16 -88.83
N ASP J 33 21.34 204.31 -88.19
CA ASP J 33 20.34 204.39 -87.15
C ASP J 33 19.89 205.81 -86.83
N ILE J 34 18.62 205.91 -86.47
CA ILE J 34 17.99 207.17 -86.14
C ILE J 34 18.44 207.59 -84.76
N SER J 35 18.92 208.82 -84.61
CA SER J 35 19.36 209.31 -83.31
C SER J 35 18.26 210.10 -82.64
N THR J 36 18.47 210.47 -81.39
CA THR J 36 17.49 211.24 -80.67
C THR J 36 17.25 212.57 -81.40
N LYS J 37 18.15 212.98 -82.28
CA LYS J 37 17.98 214.23 -83.02
C LYS J 37 17.42 213.95 -84.41
N GLU J 38 17.96 212.95 -85.10
CA GLU J 38 17.49 212.63 -86.42
C GLU J 38 15.98 212.39 -86.33
N LEU J 39 15.54 211.81 -85.22
CA LEU J 39 14.12 211.53 -85.06
C LEU J 39 13.35 212.85 -84.94
N GLY J 40 13.81 213.71 -84.04
CA GLY J 40 13.16 215.00 -83.83
C GLY J 40 12.85 215.76 -85.12
N THR J 41 13.79 215.78 -86.06
CA THR J 41 13.60 216.45 -87.33
C THR J 41 12.40 215.88 -88.09
N VAL J 42 12.38 214.56 -88.28
CA VAL J 42 11.28 213.94 -88.99
C VAL J 42 9.94 214.16 -88.26
N MET J 43 9.94 214.08 -86.94
CA MET J 43 8.72 214.26 -86.18
C MET J 43 8.06 215.57 -86.51
N ARG J 44 8.86 216.62 -86.57
CA ARG J 44 8.36 217.95 -86.88
C ARG J 44 7.86 218.02 -88.32
N MET J 45 8.56 217.34 -89.22
CA MET J 45 8.14 217.31 -90.60
C MET J 45 6.79 216.62 -90.64
N LEU J 46 6.58 215.72 -89.68
CA LEU J 46 5.35 214.96 -89.57
C LEU J 46 4.33 215.74 -88.77
N GLY J 47 4.70 216.92 -88.35
CA GLY J 47 3.76 217.72 -87.64
C GLY J 47 3.64 217.54 -86.16
N GLN J 48 4.74 217.22 -85.50
CA GLN J 48 4.67 217.09 -84.06
C GLN J 48 5.70 218.03 -83.49
N ASN J 49 5.87 217.95 -82.19
CA ASN J 49 6.84 218.77 -81.49
C ASN J 49 7.18 218.09 -80.20
N PRO J 50 7.84 216.93 -80.27
CA PRO J 50 8.22 216.18 -79.07
C PRO J 50 9.29 216.85 -78.23
N THR J 51 9.38 216.44 -76.97
CA THR J 51 10.38 216.95 -76.03
C THR J 51 11.42 215.86 -75.79
N LYS J 52 12.62 216.27 -75.36
CA LYS J 52 13.68 215.30 -75.13
C LYS J 52 13.18 214.03 -74.45
N GLU J 53 12.40 214.19 -73.39
CA GLU J 53 11.88 213.03 -72.70
C GLU J 53 11.08 212.20 -73.68
N GLU J 54 10.05 212.82 -74.24
CA GLU J 54 9.17 212.16 -75.19
C GLU J 54 9.90 211.41 -76.30
N LEU J 55 10.91 212.05 -76.88
CA LEU J 55 11.67 211.42 -77.96
C LEU J 55 12.32 210.13 -77.53
N ASP J 56 13.07 210.17 -76.44
CA ASP J 56 13.77 208.97 -75.97
C ASP J 56 12.85 207.83 -75.72
N ALA J 57 11.78 208.11 -74.98
CA ALA J 57 10.79 207.10 -74.67
C ALA J 57 10.38 206.42 -75.97
N ILE J 58 10.17 207.24 -77.00
CA ILE J 58 9.78 206.73 -78.31
C ILE J 58 10.91 205.93 -78.93
N ILE J 59 12.14 206.26 -78.53
CA ILE J 59 13.30 205.57 -79.06
C ILE J 59 13.50 204.26 -78.34
N GLU J 60 13.75 204.33 -77.05
CA GLU J 60 13.99 203.13 -76.27
C GLU J 60 12.80 202.18 -76.19
N GLU J 61 11.81 202.38 -77.04
CA GLU J 61 10.65 201.49 -77.06
C GLU J 61 11.02 200.24 -77.86
N VAL J 62 11.90 200.41 -78.84
CA VAL J 62 12.34 199.30 -79.67
C VAL J 62 13.86 199.15 -79.70
N ASP J 63 14.55 199.82 -78.76
CA ASP J 63 16.02 199.76 -78.67
C ASP J 63 16.42 198.60 -77.78
N GLU J 64 16.58 197.44 -78.40
CA GLU J 64 16.94 196.22 -77.71
C GLU J 64 18.43 196.18 -77.38
N ASP J 65 19.24 196.90 -78.15
CA ASP J 65 20.68 196.90 -77.91
C ASP J 65 21.13 198.10 -77.08
N GLY J 66 20.19 198.66 -76.32
CA GLY J 66 20.48 199.81 -75.47
C GLY J 66 21.36 200.88 -76.12
N SER J 67 21.31 200.95 -77.45
CA SER J 67 22.09 201.90 -78.25
C SER J 67 21.68 203.35 -78.12
N GLY J 68 20.40 203.58 -77.89
CA GLY J 68 19.91 204.95 -77.78
C GLY J 68 19.64 205.44 -79.19
N THR J 69 19.54 204.49 -80.12
CA THR J 69 19.28 204.82 -81.49
C THR J 69 18.45 203.69 -82.05
N ILE J 70 17.91 203.87 -83.26
CA ILE J 70 17.07 202.85 -83.86
C ILE J 70 17.64 202.42 -85.22
N ASP J 71 17.80 201.11 -85.40
CA ASP J 71 18.30 200.53 -86.66
C ASP J 71 17.12 200.00 -87.49
N PHE J 72 17.31 199.80 -88.78
CA PHE J 72 16.22 199.33 -89.65
C PHE J 72 15.50 198.09 -89.15
N GLU J 73 16.08 197.46 -88.14
CA GLU J 73 15.48 196.27 -87.57
C GLU J 73 14.54 196.73 -86.46
N GLU J 74 15.11 197.41 -85.47
CA GLU J 74 14.32 197.92 -84.35
C GLU J 74 13.15 198.73 -84.91
N PHE J 75 13.40 199.36 -86.06
CA PHE J 75 12.39 200.16 -86.75
C PHE J 75 11.25 199.27 -87.23
N LEU J 76 11.55 198.23 -88.01
CA LEU J 76 10.51 197.34 -88.49
C LEU J 76 9.66 196.82 -87.35
N VAL J 77 10.29 196.59 -86.20
CA VAL J 77 9.57 196.12 -85.05
C VAL J 77 8.54 197.18 -84.75
N MET J 78 9.02 198.39 -84.56
CA MET J 78 8.17 199.54 -84.27
C MET J 78 7.01 199.68 -85.27
N MET J 79 7.30 199.61 -86.56
CA MET J 79 6.27 199.73 -87.59
C MET J 79 5.25 198.66 -87.34
N VAL J 80 5.72 197.44 -87.11
CA VAL J 80 4.80 196.35 -86.86
C VAL J 80 3.84 196.67 -85.70
N ARG J 81 4.36 196.87 -84.49
CA ARG J 81 3.47 197.19 -83.36
C ARG J 81 2.43 198.20 -83.80
N GLN J 82 2.86 199.21 -84.53
CA GLN J 82 1.94 200.23 -85.00
C GLN J 82 0.94 199.61 -85.94
N MET J 83 1.42 199.04 -87.03
CA MET J 83 0.52 198.40 -87.97
C MET J 83 -0.57 197.70 -87.17
N LYS J 84 -0.17 196.91 -86.17
CA LYS J 84 -1.10 196.16 -85.31
C LYS J 84 -2.12 197.08 -84.69
N GLU J 85 -1.66 197.91 -83.76
CA GLU J 85 -2.53 198.87 -83.10
C GLU J 85 -3.46 199.62 -84.05
N ASP J 86 -2.96 200.04 -85.20
CA ASP J 86 -3.80 200.75 -86.15
C ASP J 86 -5.01 199.89 -86.48
N ALA J 87 -4.75 198.75 -87.09
CA ALA J 87 -5.79 197.78 -87.49
C ALA J 87 -6.77 197.43 -86.36
N LYS J 88 -6.28 197.36 -85.14
CA LYS J 88 -7.13 197.04 -84.01
C LYS J 88 -8.10 198.20 -83.80
N GLY J 89 -7.55 199.41 -83.70
CA GLY J 89 -8.40 200.58 -83.51
C GLY J 89 -9.50 200.69 -84.56
N LYS J 90 -9.12 200.57 -85.83
CA LYS J 90 -10.06 200.67 -86.95
C LYS J 90 -11.17 199.64 -86.83
N SER J 91 -10.79 198.44 -86.37
CA SER J 91 -11.75 197.39 -86.24
C SER J 91 -12.80 197.73 -85.19
N GLU J 92 -12.35 197.89 -83.94
CA GLU J 92 -13.23 198.22 -82.83
C GLU J 92 -14.09 199.44 -83.09
N GLU J 93 -13.56 200.40 -83.85
CA GLU J 93 -14.32 201.60 -84.16
C GLU J 93 -15.48 201.19 -85.03
N GLU J 94 -15.19 200.49 -86.12
CA GLU J 94 -16.24 200.04 -87.02
C GLU J 94 -17.31 199.25 -86.27
N LEU J 95 -16.90 198.23 -85.53
CA LEU J 95 -17.86 197.45 -84.79
C LEU J 95 -18.65 198.33 -83.84
N ALA J 96 -17.95 199.22 -83.16
CA ALA J 96 -18.60 200.12 -82.23
C ALA J 96 -19.75 200.80 -82.92
N ASN J 97 -19.46 201.31 -84.11
CA ASN J 97 -20.43 201.99 -84.91
C ASN J 97 -21.57 201.10 -85.30
N CYS J 98 -21.23 199.89 -85.70
CA CYS J 98 -22.25 198.94 -86.10
C CYS J 98 -23.20 198.67 -85.00
N PHE J 99 -22.69 198.67 -83.77
CA PHE J 99 -23.54 198.41 -82.66
C PHE J 99 -24.55 199.53 -82.49
N ARG J 100 -24.15 200.75 -82.76
CA ARG J 100 -25.05 201.86 -82.57
C ARG J 100 -26.14 201.84 -83.62
N ILE J 101 -25.79 201.34 -84.79
CA ILE J 101 -26.74 201.27 -85.87
C ILE J 101 -27.78 200.20 -85.61
N PHE J 102 -27.30 199.08 -85.11
CA PHE J 102 -28.14 197.96 -84.79
C PHE J 102 -28.95 198.22 -83.53
N ASP J 103 -28.42 199.04 -82.65
CA ASP J 103 -29.10 199.35 -81.42
C ASP J 103 -30.33 200.19 -81.68
N LYS J 104 -30.11 201.43 -82.11
CA LYS J 104 -31.23 202.34 -82.42
C LYS J 104 -32.47 201.96 -81.66
N ASN J 105 -32.55 202.62 -80.52
CA ASN J 105 -33.57 202.54 -79.50
C ASN J 105 -32.66 202.99 -78.35
N ALA J 106 -31.35 203.00 -78.65
CA ALA J 106 -30.30 203.42 -77.74
C ALA J 106 -30.35 202.88 -76.32
N ASP J 107 -30.87 201.67 -76.13
CA ASP J 107 -30.90 201.14 -74.78
C ASP J 107 -29.56 200.49 -74.45
N GLY J 108 -28.60 200.59 -75.37
CA GLY J 108 -27.27 200.02 -75.14
C GLY J 108 -27.19 198.52 -75.39
N PHE J 109 -28.30 197.97 -75.84
CA PHE J 109 -28.45 196.56 -76.10
C PHE J 109 -28.98 196.33 -77.50
N ILE J 110 -29.11 195.07 -77.84
CA ILE J 110 -29.65 194.66 -79.13
C ILE J 110 -30.59 193.51 -78.78
N ASP J 111 -31.89 193.76 -78.73
CA ASP J 111 -32.82 192.69 -78.39
C ASP J 111 -33.24 191.87 -79.61
N ILE J 112 -33.66 190.63 -79.37
CA ILE J 112 -34.10 189.74 -80.45
C ILE J 112 -34.94 190.48 -81.50
N GLU J 113 -35.65 191.52 -81.10
CA GLU J 113 -36.47 192.22 -82.07
C GLU J 113 -35.58 192.91 -83.11
N GLU J 114 -34.76 193.84 -82.63
CA GLU J 114 -33.81 194.59 -83.47
C GLU J 114 -32.92 193.63 -84.26
N LEU J 115 -32.49 192.55 -83.62
CA LEU J 115 -31.63 191.60 -84.29
C LEU J 115 -32.38 191.07 -85.47
N GLY J 116 -33.67 190.80 -85.27
CA GLY J 116 -34.45 190.28 -86.38
C GLY J 116 -34.47 191.33 -87.45
N GLU J 117 -34.98 192.50 -87.09
CA GLU J 117 -35.06 193.58 -88.05
C GLU J 117 -33.79 193.68 -88.85
N ILE J 118 -32.71 194.10 -88.21
CA ILE J 118 -31.45 194.26 -88.92
C ILE J 118 -31.15 193.06 -89.80
N LEU J 119 -31.39 191.86 -89.30
CA LEU J 119 -31.13 190.68 -90.09
C LEU J 119 -32.02 190.63 -91.32
N ARG J 120 -33.30 190.72 -91.06
CA ARG J 120 -34.29 190.69 -92.09
C ARG J 120 -33.99 191.87 -93.03
N ALA J 121 -33.38 192.93 -92.49
CA ALA J 121 -33.04 194.12 -93.28
C ALA J 121 -31.96 193.85 -94.29
N THR J 122 -31.24 192.77 -94.08
CA THR J 122 -30.19 192.41 -95.01
C THR J 122 -30.93 191.82 -96.19
N GLY J 123 -30.24 191.62 -97.28
CA GLY J 123 -30.93 191.03 -98.41
C GLY J 123 -31.34 189.62 -98.05
N GLU J 124 -30.38 188.88 -97.51
CA GLU J 124 -30.55 187.49 -97.12
C GLU J 124 -31.96 187.05 -96.71
N HIS J 125 -32.22 185.77 -96.92
CA HIS J 125 -33.50 185.16 -96.58
C HIS J 125 -33.32 184.50 -95.25
N VAL J 126 -34.21 184.82 -94.32
CA VAL J 126 -34.12 184.24 -93.00
C VAL J 126 -35.47 184.09 -92.39
N THR J 127 -35.60 183.02 -91.61
CA THR J 127 -36.81 182.70 -90.88
C THR J 127 -36.52 182.92 -89.39
N GLU J 128 -37.56 183.18 -88.60
CA GLU J 128 -37.39 183.45 -87.18
C GLU J 128 -36.41 182.50 -86.50
N GLU J 129 -36.47 181.22 -86.82
CA GLU J 129 -35.57 180.25 -86.20
C GLU J 129 -34.13 180.73 -86.31
N ASP J 130 -33.73 181.19 -87.50
CA ASP J 130 -32.35 181.68 -87.67
C ASP J 130 -32.06 182.78 -86.69
N ILE J 131 -32.91 183.80 -86.69
CA ILE J 131 -32.75 184.92 -85.79
C ILE J 131 -32.59 184.48 -84.34
N GLU J 132 -33.58 183.77 -83.82
CA GLU J 132 -33.49 183.34 -82.43
C GLU J 132 -32.28 182.45 -82.23
N ASP J 133 -31.89 181.72 -83.26
CA ASP J 133 -30.73 180.90 -83.09
C ASP J 133 -29.50 181.80 -82.86
N LEU J 134 -29.29 182.77 -83.75
CA LEU J 134 -28.14 183.66 -83.61
C LEU J 134 -28.16 184.36 -82.27
N MET J 135 -29.35 184.62 -81.74
CA MET J 135 -29.45 185.29 -80.45
C MET J 135 -28.92 184.37 -79.38
N LYS J 136 -29.44 183.15 -79.36
CA LYS J 136 -29.04 182.17 -78.36
C LYS J 136 -27.54 181.88 -78.37
N ASP J 137 -26.92 181.96 -79.54
CA ASP J 137 -25.50 181.69 -79.66
C ASP J 137 -24.68 182.89 -79.19
N SER J 138 -25.17 184.08 -79.49
CA SER J 138 -24.48 185.31 -79.12
C SER J 138 -24.69 185.65 -77.65
N ASP J 139 -25.94 185.67 -77.18
CA ASP J 139 -26.21 186.00 -75.78
C ASP J 139 -25.63 184.97 -74.85
N LYS J 140 -24.43 185.26 -74.34
CA LYS J 140 -23.78 184.37 -73.41
C LYS J 140 -24.29 184.52 -71.98
N ASN J 141 -24.60 185.74 -71.58
CA ASN J 141 -25.10 185.95 -70.23
C ASN J 141 -26.59 185.62 -70.12
N ASN J 142 -27.12 184.99 -71.17
CA ASN J 142 -28.53 184.59 -71.23
C ASN J 142 -29.50 185.57 -70.57
N ASP J 143 -29.45 186.83 -70.99
CA ASP J 143 -30.32 187.84 -70.42
C ASP J 143 -31.28 188.38 -71.47
N GLY J 144 -31.13 187.83 -72.67
CA GLY J 144 -32.00 188.24 -73.76
C GLY J 144 -31.36 189.21 -74.72
N ARG J 145 -30.63 190.18 -74.17
CA ARG J 145 -30.00 191.18 -75.02
C ARG J 145 -28.61 190.79 -75.46
N ILE J 146 -27.99 191.67 -76.23
CA ILE J 146 -26.63 191.46 -76.67
C ILE J 146 -25.88 192.72 -76.29
N ASP J 147 -24.98 192.64 -75.30
CA ASP J 147 -24.24 193.82 -74.88
C ASP J 147 -23.05 194.09 -75.80
N PHE J 148 -22.51 195.30 -75.74
CA PHE J 148 -21.39 195.59 -76.61
C PHE J 148 -20.29 194.55 -76.55
N ASP J 149 -19.99 194.07 -75.34
CA ASP J 149 -18.95 193.07 -75.16
C ASP J 149 -19.30 191.86 -76.01
N GLU J 150 -20.50 191.33 -75.80
CA GLU J 150 -20.95 190.18 -76.56
C GLU J 150 -20.91 190.46 -78.06
N PHE J 151 -21.35 191.65 -78.45
CA PHE J 151 -21.34 192.02 -79.85
C PHE J 151 -19.91 191.95 -80.43
N LEU J 152 -18.92 192.40 -79.64
CA LEU J 152 -17.52 192.35 -80.06
C LEU J 152 -17.17 190.89 -80.26
N LYS J 153 -17.49 190.07 -79.28
CA LYS J 153 -17.22 188.66 -79.37
C LYS J 153 -17.89 188.03 -80.59
N MET J 154 -19.22 188.13 -80.66
CA MET J 154 -19.97 187.53 -81.75
C MET J 154 -19.42 187.94 -83.13
N MET J 155 -19.08 189.20 -83.29
CA MET J 155 -18.56 189.66 -84.56
C MET J 155 -17.07 189.35 -84.69
N GLU J 156 -16.49 188.78 -83.64
CA GLU J 156 -15.07 188.46 -83.69
C GLU J 156 -14.83 187.55 -84.89
N GLY J 157 -14.03 188.04 -85.83
CA GLY J 157 -13.76 187.26 -87.03
C GLY J 157 -14.50 187.79 -88.24
N VAL J 158 -15.82 187.62 -88.24
CA VAL J 158 -16.66 188.11 -89.34
C VAL J 158 -15.99 189.31 -89.97
N GLN J 159 -15.43 189.13 -91.16
CA GLN J 159 -14.73 190.21 -91.88
C GLN J 159 -13.84 191.10 -90.99
N ALA K 18 -25.80 219.66 -23.29
CA ALA K 18 -25.65 219.00 -24.59
C ALA K 18 -24.34 218.22 -24.83
N GLU K 19 -23.20 218.66 -24.29
CA GLU K 19 -21.98 217.88 -24.29
C GLU K 19 -22.09 216.65 -23.37
N ALA K 20 -22.54 216.83 -22.12
CA ALA K 20 -22.72 215.72 -21.16
C ALA K 20 -23.56 214.53 -21.64
N ASP K 21 -24.82 214.69 -22.04
CA ASP K 21 -25.59 213.55 -22.53
C ASP K 21 -25.09 213.05 -23.90
N LYS K 22 -24.23 213.81 -24.60
CA LYS K 22 -23.59 213.37 -25.85
C LYS K 22 -22.54 212.31 -25.53
N LYS K 23 -21.68 212.65 -24.55
CA LYS K 23 -20.72 211.71 -23.98
C LYS K 23 -21.42 210.40 -23.61
N ALA K 24 -22.54 210.52 -22.89
CA ALA K 24 -23.39 209.38 -22.57
C ALA K 24 -23.98 208.61 -23.77
N ALA K 25 -24.49 209.28 -24.80
CA ALA K 25 -24.93 208.61 -26.02
C ALA K 25 -23.79 207.87 -26.73
N GLU K 26 -22.63 208.52 -26.88
CA GLU K 26 -21.43 207.89 -27.42
C GLU K 26 -20.91 206.72 -26.59
N ASP K 27 -20.81 206.78 -25.25
CA ASP K 27 -20.39 205.63 -24.45
C ASP K 27 -21.36 204.45 -24.60
N ARG K 28 -22.68 204.66 -24.53
CA ARG K 28 -23.65 203.60 -24.78
C ARG K 28 -23.52 203.05 -26.19
N SER K 29 -23.36 203.90 -27.22
CA SER K 29 -23.09 203.46 -28.59
C SER K 29 -21.90 202.53 -28.70
N LYS K 30 -20.75 202.99 -28.23
CA LYS K 30 -19.49 202.24 -28.20
C LYS K 30 -19.64 200.90 -27.48
N GLN K 31 -20.33 200.89 -26.33
CA GLN K 31 -20.63 199.67 -25.61
C GLN K 31 -21.47 198.68 -26.43
N LEU K 32 -22.62 199.12 -26.96
CA LEU K 32 -23.44 198.26 -27.81
C LEU K 32 -22.64 197.83 -29.03
N GLU K 33 -22.02 198.70 -29.84
CA GLU K 33 -21.19 198.33 -30.99
C GLU K 33 -20.12 197.27 -30.67
N ASP K 34 -19.46 197.38 -29.51
CA ASP K 34 -18.54 196.36 -29.03
C ASP K 34 -19.19 195.03 -28.64
N GLU K 35 -20.29 195.03 -27.86
CA GLU K 35 -21.06 193.82 -27.54
C GLU K 35 -21.41 193.04 -28.81
N LEU K 36 -21.47 193.79 -29.90
CA LEU K 36 -21.82 193.26 -31.22
C LEU K 36 -20.87 192.60 -32.11
N VAL K 37 -19.74 193.28 -32.27
CA VAL K 37 -18.64 192.63 -32.94
C VAL K 37 -18.38 191.33 -32.16
N SER K 38 -18.59 191.31 -30.83
CA SER K 38 -18.59 190.06 -30.04
C SER K 38 -19.73 189.09 -30.36
N LEU K 39 -21.02 189.44 -30.31
CA LEU K 39 -22.08 188.53 -30.71
C LEU K 39 -21.91 188.11 -32.17
N GLN K 40 -21.86 188.98 -33.18
CA GLN K 40 -21.64 188.62 -34.59
C GLN K 40 -20.42 187.71 -34.84
N LYS K 41 -19.34 187.92 -34.09
CA LYS K 41 -18.16 187.04 -34.10
C LYS K 41 -18.46 185.65 -33.54
N LYS K 42 -19.09 185.58 -32.36
CA LYS K 42 -19.52 184.33 -31.72
C LYS K 42 -20.34 183.46 -32.69
N LEU K 43 -20.97 184.16 -33.62
CA LEU K 43 -21.90 183.56 -34.60
C LEU K 43 -21.39 182.97 -35.86
N LYS K 44 -20.48 183.70 -36.49
CA LYS K 44 -19.71 183.07 -37.54
C LYS K 44 -19.16 181.77 -36.95
N GLY K 45 -18.66 181.83 -35.71
CA GLY K 45 -18.24 180.62 -34.97
C GLY K 45 -19.36 179.57 -34.79
N THR K 46 -20.53 179.84 -34.20
CA THR K 46 -21.58 178.81 -34.10
C THR K 46 -22.14 178.32 -35.44
N GLU K 47 -22.33 179.18 -36.44
CA GLU K 47 -22.71 178.78 -37.80
C GLU K 47 -21.61 177.96 -38.51
N ASP K 48 -20.31 178.24 -38.36
CA ASP K 48 -19.24 177.42 -38.93
C ASP K 48 -19.00 176.09 -38.17
N GLU K 49 -19.13 176.08 -36.84
CA GLU K 49 -19.14 174.82 -36.07
C GLU K 49 -20.30 173.95 -36.57
N LEU K 50 -21.35 174.66 -37.02
CA LEU K 50 -22.46 174.03 -37.66
C LEU K 50 -22.41 173.39 -39.02
N ASP K 51 -22.08 174.08 -40.12
CA ASP K 51 -21.93 173.38 -41.40
C ASP K 51 -21.01 172.15 -41.21
N LYS K 52 -19.97 172.32 -40.37
CA LYS K 52 -19.12 171.22 -39.93
C LYS K 52 -19.85 170.04 -39.25
N TYR K 53 -20.56 170.21 -38.12
CA TYR K 53 -21.29 169.07 -37.55
C TYR K 53 -22.41 168.52 -38.43
N SER K 54 -23.13 169.33 -39.20
CA SER K 54 -24.11 168.83 -40.20
C SER K 54 -23.49 168.03 -41.35
N GLU K 55 -22.34 168.43 -41.86
CA GLU K 55 -21.60 167.65 -42.87
C GLU K 55 -21.04 166.35 -42.32
N ALA K 56 -20.36 166.43 -41.15
CA ALA K 56 -19.90 165.26 -40.41
C ALA K 56 -21.07 164.29 -40.15
N LEU K 57 -22.26 164.88 -40.09
CA LEU K 57 -23.45 164.06 -40.07
C LEU K 57 -23.89 163.32 -41.31
N LYS K 58 -24.04 163.99 -42.45
CA LYS K 58 -24.33 163.25 -43.67
C LYS K 58 -23.35 162.09 -43.86
N ASP K 59 -22.06 162.31 -43.60
CA ASP K 59 -21.10 161.21 -43.72
C ASP K 59 -21.29 160.08 -42.69
N ALA K 60 -21.44 160.31 -41.37
CA ALA K 60 -21.72 159.21 -40.43
C ALA K 60 -23.00 158.45 -40.76
N GLN K 61 -24.12 159.13 -41.06
CA GLN K 61 -25.34 158.47 -41.49
C GLN K 61 -25.23 157.70 -42.82
N GLU K 62 -24.52 158.21 -43.82
CA GLU K 62 -24.26 157.46 -45.06
C GLU K 62 -23.36 156.24 -44.88
N LYS K 63 -22.24 156.41 -44.14
CA LYS K 63 -21.36 155.30 -43.74
C LYS K 63 -22.19 154.18 -43.13
N LEU K 64 -23.19 154.64 -42.37
CA LEU K 64 -24.18 153.76 -41.81
C LEU K 64 -25.09 152.86 -42.61
N GLU K 65 -25.96 153.39 -43.46
CA GLU K 65 -26.81 152.51 -44.26
C GLU K 65 -25.96 151.47 -45.02
N LEU K 66 -24.73 151.84 -45.36
CA LEU K 66 -23.76 150.88 -45.90
C LEU K 66 -23.24 149.85 -44.88
N ALA K 67 -22.75 150.21 -43.68
CA ALA K 67 -22.35 149.22 -42.67
C ALA K 67 -23.50 148.30 -42.21
N GLU K 68 -24.72 148.82 -41.97
CA GLU K 68 -25.88 147.98 -41.67
C GLU K 68 -26.25 147.05 -42.82
N LYS K 69 -26.24 147.54 -44.08
CA LYS K 69 -26.41 146.69 -45.28
C LYS K 69 -25.43 145.52 -45.33
N LYS K 70 -24.13 145.82 -45.17
CA LYS K 70 -23.10 144.78 -45.07
C LYS K 70 -23.35 143.79 -43.92
N ALA K 71 -23.66 144.29 -42.72
CA ALA K 71 -24.01 143.44 -41.58
C ALA K 71 -25.11 142.44 -41.91
N THR K 72 -26.24 142.89 -42.49
CA THR K 72 -27.30 141.98 -42.90
C THR K 72 -26.90 141.02 -44.03
N ASP K 73 -26.14 141.39 -45.08
CA ASP K 73 -25.68 140.40 -46.05
C ASP K 73 -24.80 139.31 -45.42
N ALA K 74 -23.83 139.68 -44.58
CA ALA K 74 -23.02 138.73 -43.82
C ALA K 74 -23.82 137.85 -42.84
N GLU K 75 -24.77 138.37 -42.05
CA GLU K 75 -25.62 137.49 -41.23
C GLU K 75 -26.43 136.49 -42.06
N ALA K 76 -26.94 136.89 -43.23
CA ALA K 76 -27.59 135.95 -44.15
C ALA K 76 -26.64 134.84 -44.67
N ASP K 77 -25.43 135.16 -45.15
CA ASP K 77 -24.52 134.11 -45.59
C ASP K 77 -24.04 133.21 -44.44
N VAL K 78 -23.76 133.70 -43.22
CA VAL K 78 -23.41 132.81 -42.10
C VAL K 78 -24.53 131.84 -41.76
N ALA K 79 -25.80 132.27 -41.70
CA ALA K 79 -26.93 131.35 -41.48
C ALA K 79 -26.97 130.21 -42.50
N SER K 80 -26.85 130.54 -43.80
CA SER K 80 -26.76 129.51 -44.85
C SER K 80 -25.59 128.56 -44.73
N LEU K 81 -24.36 129.06 -44.53
CA LEU K 81 -23.20 128.21 -44.35
C LEU K 81 -23.23 127.36 -43.08
N ASN K 82 -23.74 127.86 -41.95
CA ASN K 82 -23.95 127.04 -40.77
C ASN K 82 -25.00 125.93 -40.98
N ARG K 83 -26.11 126.20 -41.68
CA ARG K 83 -27.04 125.12 -42.04
C ARG K 83 -26.37 124.04 -42.90
N ARG K 84 -25.60 124.44 -43.91
CA ARG K 84 -24.81 123.49 -44.71
C ARG K 84 -23.79 122.72 -43.86
N ILE K 85 -23.01 123.34 -42.95
CA ILE K 85 -22.08 122.58 -42.09
C ILE K 85 -22.81 121.59 -41.21
N GLN K 86 -23.91 121.92 -40.53
CA GLN K 86 -24.64 120.92 -39.76
C GLN K 86 -25.11 119.75 -40.62
N LEU K 87 -25.70 119.97 -41.79
CA LEU K 87 -26.04 118.84 -42.66
C LEU K 87 -24.83 117.99 -43.09
N VAL K 88 -23.71 118.56 -43.53
CA VAL K 88 -22.57 117.72 -43.87
C VAL K 88 -21.94 117.05 -42.61
N GLU K 89 -21.89 117.66 -41.43
CA GLU K 89 -21.47 117.02 -40.18
C GLU K 89 -22.42 115.86 -39.77
N GLU K 90 -23.73 115.98 -39.96
CA GLU K 90 -24.72 114.91 -39.78
C GLU K 90 -24.69 113.78 -40.82
N GLU K 91 -24.38 114.07 -42.09
CA GLU K 91 -24.10 113.00 -43.05
C GLU K 91 -22.92 112.14 -42.56
N LEU K 92 -22.14 112.79 -41.69
CA LEU K 92 -20.95 112.17 -41.14
C LEU K 92 -20.69 111.19 -40.08
N ASP K 93 -21.22 111.54 -38.93
CA ASP K 93 -21.32 110.55 -37.88
C ASP K 93 -21.95 109.31 -38.54
N ARG K 94 -22.94 109.45 -39.43
CA ARG K 94 -23.45 108.35 -40.24
C ARG K 94 -22.46 107.62 -41.18
N ALA K 95 -21.72 108.30 -42.07
CA ALA K 95 -20.69 107.65 -42.88
C ALA K 95 -19.63 106.93 -42.05
N GLN K 96 -19.03 107.64 -41.08
CA GLN K 96 -18.04 107.09 -40.15
C GLN K 96 -18.51 105.99 -39.19
N GLU K 97 -19.74 106.05 -38.70
CA GLU K 97 -20.32 105.00 -37.84
C GLU K 97 -20.53 103.69 -38.57
N ARG K 98 -21.21 103.69 -39.72
CA ARG K 98 -21.30 102.45 -40.51
C ARG K 98 -19.92 101.97 -40.94
N LEU K 99 -18.98 102.91 -41.00
CA LEU K 99 -17.61 102.51 -41.16
C LEU K 99 -16.98 101.72 -40.03
N ALA K 100 -16.99 102.20 -38.78
CA ALA K 100 -16.52 101.39 -37.67
C ALA K 100 -17.14 99.98 -37.73
N THR K 101 -18.44 99.90 -38.05
CA THR K 101 -19.07 98.59 -38.24
C THR K 101 -18.60 97.80 -39.47
N ALA K 102 -18.47 98.36 -40.69
CA ALA K 102 -17.93 97.63 -41.85
C ALA K 102 -16.49 97.16 -41.65
N LEU K 103 -15.59 98.01 -41.13
CA LEU K 103 -14.24 97.56 -40.81
C LEU K 103 -14.19 96.50 -39.72
N GLN K 104 -14.97 96.61 -38.64
CA GLN K 104 -15.07 95.53 -37.66
C GLN K 104 -15.56 94.21 -38.26
N LYS K 105 -16.62 94.26 -39.07
CA LYS K 105 -17.10 93.11 -39.82
C LYS K 105 -15.98 92.52 -40.70
N LEU K 106 -15.14 93.34 -41.36
CA LEU K 106 -13.95 92.84 -42.06
C LEU K 106 -12.96 92.15 -41.14
N GLU K 107 -12.42 92.78 -40.09
CA GLU K 107 -11.49 92.11 -39.17
C GLU K 107 -12.01 90.79 -38.60
N GLU K 108 -13.30 90.70 -38.25
CA GLU K 108 -13.90 89.42 -37.88
C GLU K 108 -13.97 88.42 -39.03
N ALA K 109 -14.47 88.75 -40.23
CA ALA K 109 -14.46 87.83 -41.37
C ALA K 109 -13.05 87.41 -41.83
N GLU K 110 -12.06 88.31 -41.86
CA GLU K 110 -10.67 88.01 -42.15
C GLU K 110 -10.10 87.05 -41.10
N LYS K 111 -10.32 87.28 -39.79
CA LYS K 111 -9.98 86.32 -38.75
C LYS K 111 -10.61 84.94 -38.95
N ALA K 112 -11.93 84.87 -39.15
CA ALA K 112 -12.61 83.60 -39.44
C ALA K 112 -12.00 82.88 -40.66
N ALA K 113 -11.71 83.64 -41.71
CA ALA K 113 -10.98 83.13 -42.88
C ALA K 113 -9.59 82.60 -42.53
N ASP K 114 -8.70 83.32 -41.83
CA ASP K 114 -7.38 82.80 -41.47
C ASP K 114 -7.44 81.54 -40.60
N GLU K 115 -8.29 81.46 -39.58
CA GLU K 115 -8.49 80.23 -38.81
C GLU K 115 -9.00 79.07 -39.68
N SER K 116 -10.01 79.29 -40.53
CA SER K 116 -10.43 78.23 -41.46
C SER K 116 -9.39 77.88 -42.53
N GLU K 117 -8.53 78.78 -43.01
CA GLU K 117 -7.42 78.38 -43.88
C GLU K 117 -6.39 77.52 -43.13
N ARG K 118 -5.99 77.92 -41.92
CA ARG K 118 -5.08 77.13 -41.08
C ARG K 118 -5.59 75.72 -40.75
N GLY K 119 -6.85 75.61 -40.32
CA GLY K 119 -7.49 74.32 -40.09
C GLY K 119 -7.52 73.46 -41.36
N MET K 120 -7.88 74.06 -42.51
CA MET K 120 -7.83 73.38 -43.82
C MET K 120 -6.46 72.78 -44.11
N LYS K 121 -5.43 73.61 -44.01
CA LYS K 121 -4.04 73.21 -44.17
C LYS K 121 -3.67 72.03 -43.25
N VAL K 122 -3.95 72.13 -41.95
CA VAL K 122 -3.71 71.04 -41.01
C VAL K 122 -4.50 69.75 -41.29
N ILE K 123 -5.79 69.80 -41.62
CA ILE K 123 -6.54 68.59 -41.95
C ILE K 123 -6.12 68.01 -43.32
N GLU K 124 -5.75 68.82 -44.32
CA GLU K 124 -5.17 68.37 -45.59
C GLU K 124 -3.83 67.67 -45.33
N SER K 125 -2.94 68.24 -44.52
CA SER K 125 -1.71 67.59 -44.07
C SER K 125 -1.94 66.28 -43.33
N ARG K 126 -2.86 66.21 -42.36
CA ARG K 126 -3.22 64.93 -41.74
C ARG K 126 -3.76 63.96 -42.79
N ALA K 127 -4.73 64.30 -43.64
CA ALA K 127 -5.21 63.46 -44.74
C ALA K 127 -4.12 62.90 -45.66
N GLN K 128 -3.12 63.69 -46.02
CA GLN K 128 -1.96 63.13 -46.73
C GLN K 128 -1.17 62.11 -45.91
N LYS K 129 -0.85 62.49 -44.68
CA LYS K 129 -0.10 61.66 -43.73
C LYS K 129 -0.77 60.32 -43.41
N ASP K 130 -2.08 60.34 -43.16
CA ASP K 130 -2.77 59.09 -43.04
C ASP K 130 -2.87 58.49 -44.45
N GLU K 131 -3.40 58.99 -45.60
CA GLU K 131 -3.40 58.28 -46.90
C GLU K 131 -2.13 57.48 -47.21
N GLU K 132 -0.94 58.06 -46.95
CA GLU K 132 0.34 57.32 -47.01
C GLU K 132 0.41 56.10 -46.08
N LYS K 133 0.05 56.21 -44.79
CA LYS K 133 -0.02 55.07 -43.86
C LYS K 133 -0.89 53.89 -44.35
N MET K 134 -2.09 54.16 -44.87
CA MET K 134 -2.97 53.13 -45.47
C MET K 134 -2.26 52.40 -46.57
N GLU K 135 -1.77 53.11 -47.58
CA GLU K 135 -1.02 52.49 -48.66
C GLU K 135 0.14 51.62 -48.18
N ILE K 136 0.96 52.08 -47.21
CA ILE K 136 2.02 51.21 -46.68
C ILE K 136 1.46 50.00 -45.91
N GLN K 137 0.40 50.10 -45.12
CA GLN K 137 -0.19 48.90 -44.55
C GLN K 137 -0.80 48.03 -45.63
N GLU K 138 -1.75 48.48 -46.45
CA GLU K 138 -2.37 47.77 -47.57
C GLU K 138 -1.34 46.95 -48.38
N ILE K 139 -0.17 47.52 -48.68
CA ILE K 139 0.91 46.73 -49.32
C ILE K 139 1.56 45.70 -48.37
N GLN K 140 1.93 46.03 -47.12
CA GLN K 140 2.50 45.07 -46.15
C GLN K 140 1.67 43.79 -45.96
N LEU K 141 0.40 43.93 -46.34
CA LEU K 141 -0.63 42.90 -46.18
C LEU K 141 -0.89 41.92 -47.26
N LYS K 142 -0.88 42.43 -48.49
CA LYS K 142 -0.80 41.51 -49.61
C LYS K 142 0.41 40.60 -49.39
N GLU K 143 1.50 41.16 -48.87
CA GLU K 143 2.65 40.37 -48.41
C GLU K 143 2.34 39.44 -47.24
N ALA K 144 1.89 39.91 -46.07
CA ALA K 144 1.52 39.06 -44.94
C ALA K 144 0.48 37.96 -45.24
N LYS K 145 -0.63 38.28 -45.92
CA LYS K 145 -1.60 37.28 -46.38
C LYS K 145 -0.95 36.27 -47.32
N HIS K 146 -0.17 36.70 -48.32
CA HIS K 146 0.52 35.74 -49.17
C HIS K 146 1.51 34.83 -48.44
N ILE K 147 2.32 35.32 -47.50
CA ILE K 147 3.16 34.43 -46.71
C ILE K 147 2.31 33.54 -45.79
N ALA K 148 1.18 34.01 -45.25
CA ALA K 148 0.26 33.15 -44.51
C ALA K 148 -0.25 31.99 -45.36
N GLU K 149 -0.66 32.21 -46.61
CA GLU K 149 -1.02 31.14 -47.55
C GLU K 149 0.15 30.26 -48.05
N ASP K 150 1.35 30.78 -48.34
CA ASP K 150 2.48 29.91 -48.72
C ASP K 150 2.87 28.99 -47.56
N ALA K 151 2.72 29.56 -46.36
CA ALA K 151 2.77 28.80 -45.15
C ALA K 151 1.54 27.89 -45.22
N ASP K 152 0.26 28.16 -44.93
CA ASP K 152 -0.80 27.13 -44.87
C ASP K 152 -0.96 25.95 -45.87
N ARG K 153 -0.24 25.92 -46.98
CA ARG K 153 -0.04 24.70 -47.80
C ARG K 153 1.03 23.61 -47.45
N LYS K 154 2.29 23.92 -47.11
CA LYS K 154 3.43 22.99 -46.79
C LYS K 154 3.55 22.07 -45.49
N TYR K 155 2.65 22.14 -44.47
CA TYR K 155 2.49 21.55 -43.10
C TYR K 155 1.11 20.91 -43.32
N GLU K 156 0.18 21.31 -44.19
CA GLU K 156 -0.93 20.44 -44.59
C GLU K 156 -0.23 19.32 -45.36
N GLU K 157 0.71 19.65 -46.26
CA GLU K 157 1.61 18.64 -46.84
C GLU K 157 2.51 17.97 -45.78
N VAL K 158 3.33 18.65 -44.96
CA VAL K 158 4.12 17.99 -43.90
C VAL K 158 3.31 17.24 -42.83
N ALA K 159 2.13 17.68 -42.38
CA ALA K 159 1.27 16.89 -41.49
C ALA K 159 0.66 15.68 -42.21
N ARG K 160 0.26 15.75 -43.50
CA ARG K 160 -0.13 14.53 -44.21
C ARG K 160 1.04 13.54 -44.30
N LYS K 161 2.25 14.05 -44.61
CA LYS K 161 3.48 13.27 -44.57
C LYS K 161 3.73 12.70 -43.15
N LEU K 162 3.46 13.46 -42.08
CA LEU K 162 3.53 12.96 -40.70
C LEU K 162 2.55 11.83 -40.47
N VAL K 163 1.24 12.02 -40.65
CA VAL K 163 0.26 10.94 -40.44
C VAL K 163 0.58 9.66 -41.22
N ILE K 164 1.08 9.72 -42.46
CA ILE K 164 1.51 8.50 -43.13
C ILE K 164 2.77 7.88 -42.49
N ILE K 165 3.87 8.60 -42.18
CA ILE K 165 4.98 7.95 -41.51
C ILE K 165 4.69 7.66 -40.04
N GLU K 166 3.66 8.17 -39.36
CA GLU K 166 3.26 7.72 -38.03
C GLU K 166 2.48 6.39 -38.18
N SER K 167 1.64 6.27 -39.22
CA SER K 167 0.92 5.02 -39.51
C SER K 167 1.70 3.82 -40.03
N ASP K 168 2.65 3.93 -40.99
CA ASP K 168 3.45 2.76 -41.38
C ASP K 168 4.21 2.18 -40.16
N LEU K 169 4.32 3.04 -39.16
CA LEU K 169 4.92 2.71 -37.87
C LEU K 169 4.40 1.86 -36.80
N GLU K 170 3.21 2.20 -36.35
CA GLU K 170 2.51 1.31 -35.44
C GLU K 170 2.54 -0.07 -36.11
N ARG K 171 2.41 -0.14 -37.45
CA ARG K 171 2.66 -1.39 -38.17
C ARG K 171 4.09 -1.97 -38.08
N ALA K 172 5.18 -1.24 -38.39
CA ALA K 172 6.55 -1.73 -38.20
C ALA K 172 6.88 -2.14 -36.76
N GLU K 173 6.56 -1.32 -35.75
CA GLU K 173 6.70 -1.68 -34.34
C GLU K 173 5.87 -2.89 -33.96
N GLU K 174 4.58 -2.99 -34.29
CA GLU K 174 3.78 -4.19 -34.04
C GLU K 174 4.36 -5.45 -34.67
N ARG K 175 4.77 -5.42 -35.95
CA ARG K 175 5.47 -6.56 -36.54
C ARG K 175 6.76 -6.90 -35.81
N ALA K 176 7.60 -5.91 -35.47
CA ALA K 176 8.79 -6.10 -34.64
C ALA K 176 8.49 -6.79 -33.31
N GLU K 177 7.55 -6.27 -32.50
CA GLU K 177 7.11 -6.90 -31.25
C GLU K 177 6.62 -8.34 -31.42
N LEU K 178 5.74 -8.62 -32.39
CA LEU K 178 5.33 -10.01 -32.65
C LEU K 178 6.48 -10.93 -33.05
N SER K 179 7.40 -10.51 -33.94
CA SER K 179 8.57 -11.31 -34.26
C SER K 179 9.55 -11.45 -33.09
N GLU K 180 9.80 -10.44 -32.26
CA GLU K 180 10.58 -10.56 -31.04
C GLU K 180 9.93 -11.56 -30.06
N GLY K 181 8.60 -11.50 -29.86
CA GLY K 181 7.86 -12.48 -29.08
C GLY K 181 8.05 -13.91 -29.60
N LYS K 182 7.81 -14.14 -30.89
CA LYS K 182 8.09 -15.41 -31.57
C LYS K 182 9.51 -15.90 -31.34
N CYS K 183 10.49 -15.02 -31.57
CA CYS K 183 11.92 -15.25 -31.34
C CYS K 183 12.19 -15.76 -29.93
N ALA K 184 11.74 -15.02 -28.91
CA ALA K 184 11.84 -15.43 -27.52
C ALA K 184 11.18 -16.79 -27.24
N GLU K 185 9.92 -17.02 -27.66
CA GLU K 185 9.26 -18.33 -27.50
C GLU K 185 10.06 -19.48 -28.09
N LEU K 186 10.51 -19.35 -29.33
CA LEU K 186 11.38 -20.35 -29.93
C LEU K 186 12.67 -20.46 -29.13
N GLU K 187 13.49 -19.42 -28.87
CA GLU K 187 14.72 -19.51 -28.05
C GLU K 187 14.53 -20.22 -26.68
N GLU K 188 13.40 -19.97 -26.02
CA GLU K 188 12.99 -20.67 -24.80
C GLU K 188 12.68 -22.15 -25.00
N GLU K 189 11.83 -22.52 -25.97
CA GLU K 189 11.55 -23.92 -26.37
C GLU K 189 12.82 -24.73 -26.63
N LEU K 190 13.87 -23.97 -26.91
CA LEU K 190 15.17 -24.56 -27.22
C LEU K 190 16.12 -24.86 -26.15
N LYS K 191 16.27 -23.90 -25.24
CA LYS K 191 16.99 -24.21 -24.02
C LYS K 191 16.34 -25.45 -23.41
N THR K 192 15.00 -25.55 -23.41
CA THR K 192 14.34 -26.77 -22.93
C THR K 192 14.61 -27.98 -23.80
N VAL K 193 14.48 -28.01 -25.13
CA VAL K 193 14.86 -29.21 -25.88
C VAL K 193 16.37 -29.52 -25.86
N THR K 194 17.35 -28.60 -26.04
CA THR K 194 18.79 -28.91 -25.90
C THR K 194 19.17 -29.37 -24.49
N ASN K 195 18.51 -28.86 -23.44
CA ASN K 195 18.72 -29.35 -22.09
C ASN K 195 18.13 -30.72 -21.83
N ASN K 196 16.89 -30.99 -22.28
CA ASN K 196 16.29 -32.33 -22.22
C ASN K 196 17.25 -33.34 -22.84
N LEU K 197 18.05 -32.80 -23.74
CA LEU K 197 19.11 -33.56 -24.36
C LEU K 197 20.37 -34.05 -23.82
N LYS K 198 21.11 -33.11 -23.27
CA LYS K 198 22.27 -33.49 -22.49
C LYS K 198 21.80 -34.57 -21.49
N SER K 199 20.60 -34.41 -20.95
CA SER K 199 19.97 -35.45 -20.13
C SER K 199 19.69 -36.77 -20.85
N LEU K 200 18.93 -36.86 -21.95
CA LEU K 200 18.74 -38.13 -22.65
C LEU K 200 20.00 -38.79 -23.23
N GLU K 201 20.91 -38.03 -23.84
CA GLU K 201 22.18 -38.54 -24.33
C GLU K 201 23.01 -39.11 -23.16
N ALA K 202 23.14 -38.38 -22.04
CA ALA K 202 23.80 -38.90 -20.83
C ALA K 202 23.13 -40.15 -20.25
N GLN K 203 21.79 -40.18 -20.15
CA GLN K 203 21.06 -41.38 -19.76
C GLN K 203 21.31 -42.56 -20.68
N ALA K 204 21.27 -42.36 -22.00
CA ALA K 204 21.61 -43.35 -23.01
C ALA K 204 23.01 -43.92 -22.83
N GLU K 205 24.05 -43.09 -22.71
CA GLU K 205 25.41 -43.57 -22.44
C GLU K 205 25.53 -44.35 -21.12
N LYS K 206 24.94 -43.82 -20.02
CA LYS K 206 24.88 -44.50 -18.74
C LYS K 206 24.27 -45.91 -18.82
N TYR K 207 23.11 -46.01 -19.49
CA TYR K 207 22.51 -47.31 -19.74
C TYR K 207 23.41 -48.17 -20.65
N SER K 208 23.90 -47.75 -21.83
CA SER K 208 24.85 -48.55 -22.63
C SER K 208 26.00 -49.18 -21.85
N GLN K 209 26.61 -48.41 -20.95
CA GLN K 209 27.63 -48.95 -20.03
C GLN K 209 27.12 -49.94 -18.98
N LYS K 210 25.89 -49.77 -18.49
CA LYS K 210 25.30 -50.77 -17.60
C LYS K 210 25.00 -52.07 -18.38
N GLU K 211 24.52 -51.91 -19.61
CA GLU K 211 24.28 -53.00 -20.57
C GLU K 211 25.54 -53.82 -20.86
N ASP K 212 26.62 -53.21 -21.37
CA ASP K 212 27.86 -53.95 -21.63
C ASP K 212 28.39 -54.71 -20.41
N LYS K 213 28.39 -54.09 -19.22
CA LYS K 213 28.74 -54.76 -17.97
C LYS K 213 27.90 -56.01 -17.70
N TYR K 214 26.57 -55.91 -17.72
CA TYR K 214 25.74 -57.10 -17.52
C TYR K 214 25.83 -58.14 -18.64
N GLU K 215 26.04 -57.74 -19.88
CA GLU K 215 26.32 -58.65 -21.01
C GLU K 215 27.63 -59.43 -20.76
N GLU K 216 28.72 -58.80 -20.30
CA GLU K 216 29.92 -59.53 -19.88
C GLU K 216 29.69 -60.45 -18.69
N GLU K 217 29.06 -59.98 -17.60
CA GLU K 217 28.71 -60.87 -16.48
C GLU K 217 27.79 -62.04 -16.87
N ILE K 218 26.77 -61.90 -17.75
CA ILE K 218 25.98 -63.06 -18.18
C ILE K 218 26.84 -64.08 -18.92
N LYS K 219 27.74 -63.65 -19.82
CA LYS K 219 28.69 -64.56 -20.47
C LYS K 219 29.46 -65.39 -19.44
N VAL K 220 30.10 -64.73 -18.48
CA VAL K 220 30.84 -65.41 -17.42
C VAL K 220 30.01 -66.31 -16.49
N LEU K 221 28.77 -65.96 -16.12
CA LEU K 221 27.95 -66.90 -15.35
C LEU K 221 27.49 -68.09 -16.21
N SER K 222 27.21 -67.88 -17.51
CA SER K 222 26.95 -68.96 -18.45
C SER K 222 28.12 -69.90 -18.75
N ASP K 223 29.36 -69.43 -18.84
CA ASP K 223 30.51 -70.33 -19.00
C ASP K 223 30.75 -71.20 -17.77
N LYS K 224 30.75 -70.57 -16.57
CA LYS K 224 30.85 -71.24 -15.27
C LYS K 224 29.83 -72.38 -15.19
N LEU K 225 28.69 -72.06 -15.79
CA LEU K 225 27.64 -73.03 -15.95
C LEU K 225 27.83 -74.32 -16.69
N LYS K 226 28.17 -74.25 -17.99
CA LYS K 226 28.48 -75.46 -18.73
C LYS K 226 29.45 -76.35 -17.93
N GLU K 227 30.44 -75.73 -17.28
CA GLU K 227 31.35 -76.46 -16.40
C GLU K 227 30.71 -77.07 -15.15
N ALA K 228 29.98 -76.32 -14.31
CA ALA K 228 29.29 -76.90 -13.15
C ALA K 228 28.29 -78.02 -13.49
N GLU K 229 27.44 -77.84 -14.50
CA GLU K 229 26.51 -78.87 -14.97
C GLU K 229 27.20 -80.13 -15.51
N THR K 230 28.15 -80.04 -16.46
CA THR K 230 28.86 -81.23 -16.98
C THR K 230 29.53 -82.08 -15.91
N ARG K 231 30.21 -81.40 -14.98
CA ARG K 231 30.79 -82.08 -13.84
C ARG K 231 29.75 -82.70 -12.91
N ALA K 232 28.64 -82.01 -12.60
CA ALA K 232 27.53 -82.59 -11.85
C ALA K 232 27.04 -83.91 -12.46
N GLU K 233 26.79 -83.92 -13.78
CA GLU K 233 26.46 -85.14 -14.52
C GLU K 233 27.49 -86.26 -14.35
N PHE K 234 28.79 -85.97 -14.49
CA PHE K 234 29.80 -86.98 -14.20
C PHE K 234 29.81 -87.50 -12.75
N ALA K 235 29.72 -86.63 -11.75
CA ALA K 235 29.56 -87.05 -10.35
C ALA K 235 28.32 -87.92 -10.12
N GLU K 236 27.15 -87.55 -10.66
CA GLU K 236 25.94 -88.39 -10.63
C GLU K 236 26.14 -89.74 -11.31
N ARG K 237 26.72 -89.83 -12.52
CA ARG K 237 27.03 -91.13 -13.14
C ARG K 237 27.92 -92.01 -12.26
N SER K 238 29.00 -91.45 -11.69
CA SER K 238 29.81 -92.17 -10.72
C SER K 238 29.05 -92.60 -9.47
N VAL K 239 28.20 -91.76 -8.84
CA VAL K 239 27.40 -92.19 -7.69
C VAL K 239 26.48 -93.35 -8.06
N THR K 240 25.73 -93.31 -9.15
CA THR K 240 24.87 -94.45 -9.53
C THR K 240 25.66 -95.73 -9.78
N LYS K 241 26.86 -95.65 -10.39
CA LYS K 241 27.77 -96.79 -10.52
C LYS K 241 28.15 -97.39 -9.15
N LEU K 242 28.67 -96.58 -8.24
CA LEU K 242 29.04 -97.04 -6.90
C LEU K 242 27.88 -97.51 -6.03
N GLU K 243 26.71 -96.88 -6.11
CA GLU K 243 25.51 -97.33 -5.43
C GLU K 243 25.10 -98.72 -5.97
N LYS K 244 25.11 -98.91 -7.30
CA LYS K 244 24.90 -100.23 -7.89
C LYS K 244 25.90 -101.29 -7.40
N SER K 245 27.20 -100.96 -7.33
CA SER K 245 28.14 -101.90 -6.72
C SER K 245 27.98 -102.05 -5.20
N ILE K 246 27.47 -101.07 -4.44
CA ILE K 246 27.23 -101.32 -3.01
C ILE K 246 26.05 -102.27 -2.83
N ASP K 247 24.94 -102.11 -3.56
CA ASP K 247 23.82 -103.03 -3.42
C ASP K 247 24.20 -104.47 -3.83
N ASP K 248 24.98 -104.72 -4.90
CA ASP K 248 25.40 -106.09 -5.19
C ASP K 248 26.26 -106.68 -4.06
N LEU K 249 27.28 -106.00 -3.52
CA LEU K 249 28.04 -106.52 -2.38
C LEU K 249 27.22 -106.71 -1.10
N GLU K 250 26.37 -105.76 -0.72
CA GLU K 250 25.47 -105.89 0.44
C GLU K 250 24.44 -107.03 0.27
N ASP K 251 23.98 -107.32 -0.94
CA ASP K 251 23.14 -108.48 -1.19
C ASP K 251 23.87 -109.82 -1.26
N GLU K 252 25.02 -109.90 -1.96
CA GLU K 252 25.92 -111.06 -1.97
C GLU K 252 26.21 -111.45 -0.52
N LEU K 253 26.15 -110.37 0.24
CA LEU K 253 26.10 -110.47 1.65
C LEU K 253 25.21 -111.02 2.68
N TYR K 254 23.99 -110.53 2.69
CA TYR K 254 23.07 -111.23 3.53
C TYR K 254 22.97 -112.69 3.06
N ALA K 255 23.24 -112.96 1.76
CA ALA K 255 23.38 -114.34 1.27
C ALA K 255 24.54 -115.08 1.96
N GLN K 256 25.76 -114.54 2.01
CA GLN K 256 26.83 -115.17 2.79
C GLN K 256 26.52 -115.23 4.29
N LYS K 257 26.28 -114.12 5.00
CA LYS K 257 25.91 -114.08 6.44
C LYS K 257 24.82 -115.08 6.87
N LEU K 258 23.84 -115.32 6.00
CA LEU K 258 22.82 -116.33 6.22
C LEU K 258 23.19 -117.76 5.87
N LYS K 259 23.83 -117.99 4.70
CA LYS K 259 24.35 -119.29 4.30
C LYS K 259 25.19 -119.82 5.44
N TYR K 260 25.78 -118.86 6.19
CA TYR K 260 26.38 -119.37 7.38
C TYR K 260 25.40 -119.68 8.52
N LYS K 261 24.59 -118.82 9.14
CA LYS K 261 23.85 -119.24 10.34
C LYS K 261 23.40 -120.70 10.34
N ALA K 262 23.01 -121.07 9.11
CA ALA K 262 22.80 -122.47 8.72
C ALA K 262 24.07 -123.34 8.93
N ILE K 263 25.24 -123.28 8.25
CA ILE K 263 26.37 -124.14 8.62
C ILE K 263 26.93 -124.00 10.05
N SER K 264 27.04 -122.82 10.69
CA SER K 264 27.41 -122.78 12.13
C SER K 264 26.38 -123.41 13.07
N GLU K 265 25.07 -123.34 12.81
CA GLU K 265 24.02 -124.03 13.57
C GLU K 265 23.95 -125.53 13.25
N GLU K 266 24.10 -125.91 11.98
CA GLU K 266 24.25 -127.32 11.61
C GLU K 266 25.45 -127.86 12.37
N LEU K 267 26.42 -126.98 12.61
CA LEU K 267 27.51 -127.27 13.52
C LEU K 267 27.37 -127.43 15.03
N ASP K 268 26.84 -126.52 15.83
CA ASP K 268 26.63 -126.85 17.24
C ASP K 268 25.89 -128.19 17.38
N HIS K 269 24.99 -128.44 16.41
CA HIS K 269 24.30 -129.71 16.30
C HIS K 269 25.19 -130.89 15.98
N ALA K 270 25.89 -130.83 14.85
CA ALA K 270 26.88 -131.83 14.46
C ALA K 270 28.17 -131.80 15.29
N LEU K 271 28.26 -131.05 16.38
CA LEU K 271 29.28 -131.36 17.39
C LEU K 271 28.63 -131.96 18.65
N ASN K 272 27.39 -131.58 18.94
CA ASN K 272 26.65 -132.17 20.06
C ASN K 272 26.25 -133.64 19.90
N ASP K 273 25.71 -134.14 18.78
CA ASP K 273 25.41 -135.57 18.69
C ASP K 273 26.65 -136.49 18.79
N MET K 274 27.85 -136.30 18.23
CA MET K 274 29.04 -137.15 18.54
C MET K 274 29.58 -137.02 19.94
N THR K 275 29.46 -135.88 20.61
CA THR K 275 29.82 -135.89 22.03
C THR K 275 28.81 -136.74 22.83
N SER K 276 27.58 -136.84 22.34
CA SER K 276 26.59 -137.80 22.89
C SER K 276 26.57 -139.28 22.49
N ILE K 277 26.88 -139.62 21.23
CA ILE K 277 26.86 -140.99 20.71
C ILE K 277 27.91 -141.97 21.26
N MET L 1 -17.52 244.41 -22.74
CA MET L 1 -18.57 244.05 -23.69
C MET L 1 -18.08 243.24 -24.89
N GLN L 2 -17.15 243.75 -25.69
CA GLN L 2 -16.55 243.01 -26.80
C GLN L 2 -16.04 241.60 -26.53
N MET L 3 -15.16 241.43 -25.52
CA MET L 3 -14.75 240.08 -25.11
C MET L 3 -15.92 239.16 -24.79
N LEU L 4 -16.84 239.55 -23.91
CA LEU L 4 -18.06 238.79 -23.60
C LEU L 4 -18.97 238.41 -24.78
N LYS L 5 -19.01 239.27 -25.79
CA LYS L 5 -19.65 239.00 -27.06
C LYS L 5 -18.89 237.93 -27.87
N LEU L 6 -17.58 238.09 -28.12
CA LEU L 6 -16.82 237.11 -28.88
C LEU L 6 -16.68 235.72 -28.27
N ASP L 7 -16.35 235.57 -26.99
CA ASP L 7 -16.31 234.25 -26.39
C ASP L 7 -17.77 233.71 -26.28
N LYS L 8 -18.80 234.57 -26.32
CA LYS L 8 -20.20 234.13 -26.43
C LYS L 8 -20.51 233.49 -27.77
N GLU L 9 -20.15 234.14 -28.88
CA GLU L 9 -20.27 233.54 -30.20
C GLU L 9 -19.52 232.21 -30.27
N ASN L 10 -18.26 232.13 -29.81
CA ASN L 10 -17.55 230.86 -29.70
C ASN L 10 -18.18 229.83 -28.75
N ALA L 11 -18.85 230.25 -27.67
CA ALA L 11 -19.64 229.32 -26.84
C ALA L 11 -20.83 228.75 -27.62
N LEU L 12 -21.58 229.61 -28.31
CA LEU L 12 -22.67 229.18 -29.18
C LEU L 12 -22.25 228.30 -30.35
N ASP L 13 -21.18 228.60 -31.12
CA ASP L 13 -20.76 227.70 -32.19
C ASP L 13 -20.32 226.33 -31.67
N ARG L 14 -19.53 226.25 -30.58
CA ARG L 14 -19.20 224.96 -29.97
C ARG L 14 -20.45 224.24 -29.48
N ALA L 15 -21.43 224.93 -28.86
CA ALA L 15 -22.73 224.34 -28.53
C ALA L 15 -23.45 223.75 -29.74
N GLU L 16 -23.64 224.52 -30.82
CA GLU L 16 -24.24 224.06 -32.07
C GLU L 16 -23.54 222.84 -32.69
N GLN L 17 -22.21 222.86 -32.82
CA GLN L 17 -21.48 221.68 -33.26
C GLN L 17 -21.73 220.52 -32.31
N ALA L 18 -21.50 220.65 -30.99
CA ALA L 18 -21.79 219.62 -30.00
C ALA L 18 -23.21 219.04 -30.01
N GLU L 19 -24.24 219.82 -30.31
CA GLU L 19 -25.59 219.30 -30.56
C GLU L 19 -25.65 218.48 -31.86
N ALA L 20 -25.14 219.02 -32.97
CA ALA L 20 -25.11 218.32 -34.26
C ALA L 20 -24.47 216.92 -34.27
N ASP L 21 -23.21 216.75 -33.86
CA ASP L 21 -22.62 215.41 -33.83
C ASP L 21 -23.22 214.54 -32.70
N LYS L 22 -23.99 215.11 -31.76
CA LYS L 22 -24.71 214.35 -30.74
C LYS L 22 -25.88 213.62 -31.38
N LYS L 23 -26.66 214.38 -32.15
CA LYS L 23 -27.73 213.83 -33.01
C LYS L 23 -27.20 212.65 -33.82
N ALA L 24 -26.05 212.88 -34.47
CA ALA L 24 -25.35 211.83 -35.21
C ALA L 24 -24.88 210.62 -34.38
N ALA L 25 -24.30 210.83 -33.19
CA ALA L 25 -23.97 209.72 -32.29
C ALA L 25 -25.20 208.92 -31.87
N GLU L 26 -26.30 209.58 -31.48
CA GLU L 26 -27.57 208.93 -31.18
C GLU L 26 -28.20 208.17 -32.36
N ASP L 27 -28.24 208.71 -33.59
CA ASP L 27 -28.74 207.94 -34.73
C ASP L 27 -27.91 206.68 -35.00
N ARG L 28 -26.58 206.76 -35.01
CA ARG L 28 -25.73 205.57 -35.12
C ARG L 28 -25.97 204.60 -33.97
N SER L 29 -26.08 205.08 -32.73
CA SER L 29 -26.47 204.27 -31.56
C SER L 29 -27.71 203.42 -31.80
N LYS L 30 -28.80 204.09 -32.14
CA LYS L 30 -30.06 203.45 -32.50
C LYS L 30 -29.93 202.39 -33.58
N GLN L 31 -29.27 202.75 -34.69
CA GLN L 31 -29.02 201.81 -35.78
C GLN L 31 -28.26 200.55 -35.38
N LEU L 32 -27.11 200.70 -34.73
CA LEU L 32 -26.35 199.56 -34.25
C LEU L 32 -27.18 198.79 -33.24
N GLU L 33 -27.77 199.36 -32.19
CA GLU L 33 -28.64 198.65 -31.23
C GLU L 33 -29.75 197.80 -31.89
N ASP L 34 -30.39 198.34 -32.94
CA ASP L 34 -31.35 197.59 -33.74
C ASP L 34 -30.77 196.44 -34.57
N GLU L 35 -29.66 196.64 -35.31
CA GLU L 35 -28.98 195.54 -36.04
C GLU L 35 -28.70 194.32 -35.15
N LEU L 36 -28.62 194.63 -33.86
CA LEU L 36 -28.27 193.66 -32.83
C LEU L 36 -29.21 192.72 -32.22
N VAL L 37 -30.33 193.29 -31.82
CA VAL L 37 -31.44 192.47 -31.41
C VAL L 37 -31.72 191.50 -32.57
N SER L 38 -31.52 191.94 -33.84
CA SER L 38 -31.54 191.03 -34.99
C SER L 38 -30.42 190.00 -35.04
N LEU L 39 -29.13 190.35 -34.98
CA LEU L 39 -28.07 189.34 -34.94
C LEU L 39 -28.23 188.43 -33.73
N GLN L 40 -28.32 188.90 -32.48
CA GLN L 40 -28.53 188.07 -31.29
C GLN L 40 -29.74 187.11 -31.38
N LYS L 41 -30.81 187.57 -32.02
CA LYS L 41 -31.97 186.75 -32.34
C LYS L 41 -31.66 185.60 -33.30
N LYS L 42 -31.03 185.91 -34.45
CA LYS L 42 -30.58 184.93 -35.45
C LYS L 42 -29.74 183.80 -34.81
N LEU L 43 -29.17 184.13 -33.67
CA LEU L 43 -28.24 183.26 -32.96
C LEU L 43 -28.70 182.22 -32.03
N LYS L 44 -29.63 182.65 -31.17
CA LYS L 44 -30.35 181.65 -30.39
C LYS L 44 -30.88 180.61 -31.38
N GLY L 45 -31.38 181.06 -32.55
CA GLY L 45 -31.77 180.17 -33.65
C GLY L 45 -30.63 179.29 -34.18
N THR L 46 -29.47 179.77 -34.65
CA THR L 46 -28.40 178.85 -35.10
C THR L 46 -27.79 177.98 -34.00
N GLU L 47 -27.62 178.46 -32.76
CA GLU L 47 -27.21 177.65 -31.62
C GLU L 47 -28.26 176.58 -31.22
N ASP L 48 -29.58 176.83 -31.29
CA ASP L 48 -30.60 175.80 -31.04
C ASP L 48 -30.76 174.79 -32.19
N GLU L 49 -30.64 175.20 -33.46
CA GLU L 49 -30.55 174.23 -34.57
C GLU L 49 -29.35 173.30 -34.35
N LEU L 50 -28.35 173.90 -33.71
CA LEU L 50 -27.18 173.17 -33.29
C LEU L 50 -27.17 172.10 -32.21
N ASP L 51 -27.54 172.37 -30.96
CA ASP L 51 -27.62 171.27 -29.98
C ASP L 51 -28.42 170.11 -30.59
N LYS L 52 -29.49 170.43 -31.34
CA LYS L 52 -30.25 169.45 -32.12
C LYS L 52 -29.45 168.62 -33.12
N TYR L 53 -28.78 169.19 -34.15
CA TYR L 53 -27.98 168.36 -35.05
C TYR L 53 -26.80 167.65 -34.39
N SER L 54 -26.17 168.27 -33.39
CA SER L 54 -25.10 167.68 -32.57
C SER L 54 -25.56 166.44 -31.76
N GLU L 55 -26.75 166.51 -31.14
CA GLU L 55 -27.36 165.39 -30.44
C GLU L 55 -27.80 164.26 -31.37
N ALA L 56 -28.50 164.62 -32.46
CA ALA L 56 -28.85 163.68 -33.54
C ALA L 56 -27.60 162.97 -34.07
N LEU L 57 -26.48 163.68 -33.93
CA LEU L 57 -25.21 163.04 -34.17
C LEU L 57 -24.65 162.03 -33.20
N LYS L 58 -24.55 162.33 -31.91
CA LYS L 58 -24.15 161.30 -30.98
C LYS L 58 -24.97 160.02 -31.16
N ASP L 59 -26.29 160.13 -31.37
CA ASP L 59 -27.08 158.93 -31.60
C ASP L 59 -26.76 158.19 -32.91
N ALA L 60 -26.66 158.81 -34.10
CA ALA L 60 -26.25 158.11 -35.32
C ALA L 60 -24.86 157.47 -35.21
N GLN L 61 -23.86 158.19 -34.69
CA GLN L 61 -22.52 157.62 -34.45
C GLN L 61 -22.49 156.48 -33.42
N GLU L 62 -23.25 156.56 -32.32
CA GLU L 62 -23.36 155.46 -31.36
C GLU L 62 -24.07 154.24 -31.91
N LYS L 63 -25.22 154.43 -32.58
CA LYS L 63 -25.93 153.37 -33.31
C LYS L 63 -24.94 152.65 -34.22
N LEU L 64 -24.06 153.46 -34.78
CA LEU L 64 -22.95 152.97 -35.56
C LEU L 64 -21.86 152.07 -35.00
N GLU L 65 -21.07 152.50 -34.01
CA GLU L 65 -20.07 151.59 -33.45
C GLU L 65 -20.71 150.26 -33.04
N LEU L 66 -21.99 150.29 -32.63
CA LEU L 66 -22.74 149.06 -32.42
C LEU L 66 -23.09 148.28 -33.70
N ALA L 67 -23.67 148.86 -34.77
CA ALA L 67 -23.87 148.13 -36.03
C ALA L 67 -22.59 147.62 -36.68
N GLU L 68 -21.49 148.40 -36.74
CA GLU L 68 -20.19 147.94 -37.22
C GLU L 68 -19.61 146.85 -36.31
N LYS L 69 -19.72 146.96 -34.97
CA LYS L 69 -19.34 145.88 -34.04
C LYS L 69 -20.09 144.58 -34.37
N LYS L 70 -21.42 144.62 -34.45
CA LYS L 70 -22.22 143.47 -34.87
C LYS L 70 -21.81 142.91 -36.25
N ALA L 71 -21.63 143.77 -37.25
CA ALA L 71 -21.13 143.35 -38.57
C ALA L 71 -19.82 142.57 -38.48
N THR L 72 -18.82 143.11 -37.77
CA THR L 72 -17.56 142.39 -37.58
C THR L 72 -17.69 141.12 -36.72
N ASP L 73 -18.48 141.04 -35.64
CA ASP L 73 -18.67 139.77 -34.93
C ASP L 73 -19.32 138.71 -35.85
N ALA L 74 -20.37 139.06 -36.60
CA ALA L 74 -20.97 138.17 -37.60
C ALA L 74 -20.01 137.78 -38.75
N GLU L 75 -19.22 138.69 -39.35
CA GLU L 75 -18.20 138.27 -40.33
C GLU L 75 -17.15 137.33 -39.72
N ALA L 76 -16.70 137.56 -38.49
CA ALA L 76 -15.82 136.63 -37.79
C ALA L 76 -16.45 135.24 -37.57
N ASP L 77 -17.69 135.15 -37.05
CA ASP L 77 -18.32 133.85 -36.92
C ASP L 77 -18.59 133.18 -38.27
N VAL L 78 -19.03 133.85 -39.35
CA VAL L 78 -19.17 133.20 -40.65
C VAL L 78 -17.83 132.68 -41.17
N ALA L 79 -16.74 133.43 -41.09
CA ALA L 79 -15.41 132.93 -41.47
C ALA L 79 -15.03 131.66 -40.70
N SER L 80 -15.21 131.66 -39.38
CA SER L 80 -14.98 130.45 -38.57
C SER L 80 -15.87 129.26 -38.92
N LEU L 81 -17.18 129.45 -39.05
CA LEU L 81 -18.07 128.36 -39.45
C LEU L 81 -17.85 127.87 -40.87
N ASN L 82 -17.52 128.73 -41.85
CA ASN L 82 -17.14 128.28 -43.18
C ASN L 82 -15.81 127.51 -43.17
N ARG L 83 -14.80 127.92 -42.39
CA ARG L 83 -13.58 127.13 -42.23
C ARG L 83 -13.89 125.75 -41.63
N ARG L 84 -14.71 125.71 -40.57
CA ARG L 84 -15.17 124.44 -40.00
C ARG L 84 -15.95 123.61 -41.03
N ILE L 85 -16.90 124.13 -41.82
CA ILE L 85 -17.58 123.33 -42.83
C ILE L 85 -16.61 122.80 -43.87
N GLN L 86 -15.70 123.58 -44.44
CA GLN L 86 -14.71 123.03 -45.36
C GLN L 86 -13.87 121.93 -44.72
N LEU L 87 -13.34 122.10 -43.49
CA LEU L 87 -12.65 121.00 -42.84
C LEU L 87 -13.52 119.76 -42.60
N VAL L 88 -14.75 119.85 -42.10
CA VAL L 88 -15.58 118.65 -41.96
C VAL L 88 -15.98 118.06 -43.33
N GLU L 89 -16.26 118.82 -44.40
CA GLU L 89 -16.48 118.32 -45.76
C GLU L 89 -15.23 117.61 -46.34
N GLU L 90 -14.02 118.12 -46.08
CA GLU L 90 -12.74 117.47 -46.42
C GLU L 90 -12.38 116.24 -45.57
N GLU L 91 -12.72 116.20 -44.28
CA GLU L 91 -12.61 114.97 -43.49
C GLU L 91 -13.47 113.88 -44.14
N LEU L 92 -14.44 114.37 -44.91
CA LEU L 92 -15.36 113.50 -45.62
C LEU L 92 -15.29 112.66 -46.82
N ASP L 93 -14.93 113.35 -47.89
CA ASP L 93 -14.54 112.62 -49.08
C ASP L 93 -13.51 111.57 -48.58
N ARG L 94 -12.60 111.92 -47.65
CA ARG L 94 -11.71 110.96 -47.01
C ARG L 94 -12.37 109.80 -46.21
N ALA L 95 -13.27 110.06 -45.25
CA ALA L 95 -13.98 108.98 -44.56
C ALA L 95 -14.76 108.06 -45.51
N GLN L 96 -15.59 108.63 -46.38
CA GLN L 96 -16.35 107.91 -47.41
C GLN L 96 -15.52 107.18 -48.48
N GLU L 97 -14.42 107.74 -48.94
CA GLU L 97 -13.51 107.10 -49.90
C GLU L 97 -12.83 105.87 -49.34
N ARG L 98 -12.16 105.96 -48.17
CA ARG L 98 -11.61 104.74 -47.56
C ARG L 98 -12.71 103.74 -47.22
N LEU L 99 -13.92 104.25 -47.09
CA LEU L 99 -15.04 103.35 -46.99
C LEU L 99 -15.36 102.50 -48.21
N ALA L 100 -15.54 103.08 -49.40
CA ALA L 100 -15.71 102.26 -50.60
C ALA L 100 -14.61 101.18 -50.67
N THR L 101 -13.36 101.57 -50.34
CA THR L 101 -12.27 100.58 -50.28
C THR L 101 -12.37 99.55 -49.15
N ALA L 102 -12.68 99.89 -47.88
CA ALA L 102 -12.88 98.90 -46.82
C ALA L 102 -14.02 97.92 -47.08
N LEU L 103 -15.19 98.39 -47.54
CA LEU L 103 -16.27 97.48 -47.92
C LEU L 103 -15.91 96.57 -49.10
N GLN L 104 -15.25 97.08 -50.15
CA GLN L 104 -14.76 96.21 -51.22
C GLN L 104 -13.78 95.13 -50.72
N LYS L 105 -12.80 95.53 -49.90
CA LYS L 105 -11.89 94.59 -49.24
C LYS L 105 -12.66 93.53 -48.43
N LEU L 106 -13.75 93.88 -47.72
CA LEU L 106 -14.61 92.89 -47.07
C LEU L 106 -15.25 91.90 -48.05
N GLU L 107 -16.00 92.33 -49.07
CA GLU L 107 -16.60 91.40 -50.03
C GLU L 107 -15.61 90.43 -50.66
N GLU L 108 -14.40 90.89 -51.02
CA GLU L 108 -13.35 89.98 -51.46
C GLU L 108 -12.86 89.02 -50.37
N ALA L 109 -12.52 89.45 -49.15
CA ALA L 109 -12.13 88.54 -48.07
C ALA L 109 -13.23 87.54 -47.66
N GLU L 110 -14.50 87.95 -47.58
CA GLU L 110 -15.63 87.05 -47.32
C GLU L 110 -15.73 85.98 -48.41
N LYS L 111 -15.67 86.36 -49.70
CA LYS L 111 -15.58 85.40 -50.80
C LYS L 111 -14.41 84.40 -50.67
N ALA L 112 -13.19 84.88 -50.42
CA ALA L 112 -12.05 83.98 -50.19
C ALA L 112 -12.30 83.00 -49.03
N ALA L 113 -12.85 83.51 -47.92
CA ALA L 113 -13.27 82.70 -46.79
C ALA L 113 -14.29 81.61 -47.15
N ASP L 114 -15.40 81.88 -47.83
CA ASP L 114 -16.35 80.84 -48.21
C ASP L 114 -15.76 79.72 -49.09
N GLU L 115 -14.96 80.03 -50.11
CA GLU L 115 -14.26 79.01 -50.89
C GLU L 115 -13.30 78.18 -50.05
N SER L 116 -12.47 78.81 -49.19
CA SER L 116 -11.64 78.04 -48.27
C SER L 116 -12.42 77.22 -47.23
N GLU L 117 -13.57 77.65 -46.70
CA GLU L 117 -14.39 76.77 -45.86
C GLU L 117 -14.92 75.54 -46.60
N ARG L 118 -15.44 75.72 -47.82
CA ARG L 118 -15.90 74.59 -48.64
C ARG L 118 -14.83 73.54 -48.95
N GLY L 119 -13.63 73.97 -49.39
CA GLY L 119 -12.52 73.06 -49.62
C GLY L 119 -12.11 72.32 -48.33
N MET L 120 -12.05 73.02 -47.20
CA MET L 120 -11.78 72.42 -45.89
C MET L 120 -12.73 71.26 -45.57
N LYS L 121 -14.03 71.54 -45.67
CA LYS L 121 -15.08 70.56 -45.50
C LYS L 121 -14.88 69.30 -46.38
N VAL L 122 -14.65 69.48 -47.68
CA VAL L 122 -14.36 68.37 -48.58
C VAL L 122 -13.08 67.57 -48.25
N ILE L 123 -11.95 68.21 -47.95
CA ILE L 123 -10.74 67.48 -47.59
C ILE L 123 -10.86 66.82 -46.21
N GLU L 124 -11.57 67.41 -45.23
CA GLU L 124 -11.87 66.80 -43.93
C GLU L 124 -12.74 65.55 -44.13
N SER L 125 -13.80 65.59 -44.97
CA SER L 125 -14.56 64.39 -45.34
C SER L 125 -13.73 63.31 -46.02
N ARG L 126 -12.87 63.63 -47.00
CA ARG L 126 -11.96 62.62 -47.55
C ARG L 126 -11.04 62.04 -46.46
N ALA L 127 -10.36 62.86 -45.66
CA ALA L 127 -9.55 62.42 -44.51
C ALA L 127 -10.27 61.47 -43.54
N GLN L 128 -11.53 61.73 -43.20
CA GLN L 128 -12.29 60.75 -42.42
C GLN L 128 -12.50 59.42 -43.14
N LYS L 129 -12.93 59.51 -44.40
CA LYS L 129 -13.18 58.36 -45.27
C LYS L 129 -11.96 57.46 -45.49
N ASP L 130 -10.80 58.07 -45.75
CA ASP L 130 -9.60 57.29 -45.79
C ASP L 130 -9.27 56.92 -44.33
N GLU L 131 -9.04 57.70 -43.25
CA GLU L 131 -8.73 57.19 -41.89
C GLU L 131 -9.49 55.92 -41.47
N GLU L 132 -10.81 55.84 -41.75
CA GLU L 132 -11.58 54.59 -41.59
C GLU L 132 -11.02 53.38 -42.38
N LYS L 133 -10.73 53.52 -43.68
CA LYS L 133 -10.10 52.45 -44.47
C LYS L 133 -8.79 51.90 -43.88
N MET L 134 -7.88 52.77 -43.43
CA MET L 134 -6.63 52.38 -42.75
C MET L 134 -6.94 51.53 -41.55
N GLU L 135 -7.74 52.06 -40.61
CA GLU L 135 -8.14 51.29 -39.43
C GLU L 135 -8.74 49.92 -39.77
N ILE L 136 -9.63 49.79 -40.76
CA ILE L 136 -10.12 48.46 -41.14
C ILE L 136 -9.02 47.58 -41.74
N GLN L 137 -8.11 48.08 -42.59
CA GLN L 137 -6.98 47.26 -43.01
C GLN L 137 -6.08 46.95 -41.83
N GLU L 138 -5.48 47.91 -41.13
CA GLU L 138 -4.64 47.76 -39.93
C GLU L 138 -5.18 46.68 -38.97
N ILE L 139 -6.50 46.65 -38.70
CA ILE L 139 -7.08 45.55 -37.93
C ILE L 139 -7.11 44.22 -38.67
N GLN L 140 -7.54 44.12 -39.94
CA GLN L 140 -7.53 42.89 -40.74
C GLN L 140 -6.17 42.18 -40.77
N LEU L 141 -5.16 42.99 -40.47
CA LEU L 141 -3.74 42.59 -40.48
C LEU L 141 -3.11 42.12 -39.25
N LYS L 142 -3.44 42.77 -38.14
CA LYS L 142 -3.11 42.16 -36.87
C LYS L 142 -3.72 40.75 -36.87
N GLU L 143 -4.92 40.59 -37.44
CA GLU L 143 -5.50 39.28 -37.69
C GLU L 143 -4.70 38.43 -38.68
N ALA L 144 -4.49 38.83 -39.95
CA ALA L 144 -3.68 38.08 -40.92
C ALA L 144 -2.25 37.73 -40.47
N LYS L 145 -1.49 38.68 -39.91
CA LYS L 145 -0.19 38.41 -39.32
C LYS L 145 -0.30 37.43 -38.15
N HIS L 146 -1.24 37.61 -37.22
CA HIS L 146 -1.42 36.63 -36.15
C HIS L 146 -1.79 35.23 -36.64
N ILE L 147 -2.69 35.06 -37.61
CA ILE L 147 -2.94 33.73 -38.15
C ILE L 147 -1.73 33.20 -38.95
N ALA L 148 -0.93 34.06 -39.59
CA ALA L 148 0.33 33.63 -40.19
C ALA L 148 1.29 33.09 -39.13
N GLU L 149 1.48 33.78 -38.01
CA GLU L 149 2.27 33.28 -36.87
C GLU L 149 1.68 32.06 -36.13
N ASP L 150 0.37 31.94 -35.89
CA ASP L 150 -0.17 30.72 -35.28
C ASP L 150 0.01 29.51 -36.20
N ALA L 151 -0.17 29.75 -37.51
CA ALA L 151 0.13 28.78 -38.54
C ALA L 151 1.62 28.48 -38.42
N ASP L 152 2.59 29.37 -38.73
CA ASP L 152 4.02 29.07 -38.64
C ASP L 152 4.57 28.58 -37.29
N ARG L 153 3.82 28.56 -36.18
CA ARG L 153 4.26 27.73 -35.06
C ARG L 153 3.82 26.26 -35.12
N LYS L 154 2.53 25.97 -35.34
CA LYS L 154 1.92 24.61 -35.39
C LYS L 154 2.64 23.44 -36.13
N TYR L 155 3.25 23.89 -37.22
CA TYR L 155 4.14 23.32 -38.31
C TYR L 155 5.44 22.92 -37.56
N GLU L 156 6.25 23.85 -37.06
CA GLU L 156 7.57 23.56 -36.52
C GLU L 156 7.46 22.54 -35.41
N GLU L 157 6.33 22.61 -34.71
CA GLU L 157 5.93 21.49 -33.86
C GLU L 157 5.57 20.28 -34.73
N VAL L 158 4.60 20.23 -35.65
CA VAL L 158 4.37 19.10 -36.58
C VAL L 158 5.57 18.64 -37.46
N ALA L 159 6.34 19.45 -38.19
CA ALA L 159 7.61 19.09 -38.82
C ALA L 159 8.69 18.58 -37.84
N ARG L 160 8.90 19.14 -36.64
CA ARG L 160 9.82 18.51 -35.68
C ARG L 160 9.27 17.17 -35.20
N LYS L 161 7.96 17.09 -34.95
CA LYS L 161 7.26 15.86 -34.64
C LYS L 161 7.42 14.85 -35.81
N LEU L 162 7.39 15.30 -37.08
CA LEU L 162 7.67 14.46 -38.23
C LEU L 162 9.11 13.96 -38.18
N VAL L 163 10.12 14.82 -38.16
CA VAL L 163 11.51 14.37 -38.08
C VAL L 163 11.79 13.44 -36.90
N ILE L 164 11.21 13.64 -35.72
CA ILE L 164 11.36 12.67 -34.64
C ILE L 164 10.61 11.35 -34.92
N ILE L 165 9.35 11.30 -35.35
CA ILE L 165 8.75 10.01 -35.67
C ILE L 165 9.28 9.42 -36.97
N GLU L 166 9.98 10.11 -37.87
CA GLU L 166 10.68 9.49 -39.00
C GLU L 166 11.98 8.84 -38.48
N SER L 167 12.67 9.53 -37.56
CA SER L 167 13.87 8.98 -36.90
C SER L 167 13.72 7.82 -35.93
N ASP L 168 12.75 7.79 -34.99
CA ASP L 168 12.56 6.62 -34.13
C ASP L 168 12.28 5.37 -34.97
N LEU L 169 11.88 5.63 -36.20
CA LEU L 169 11.65 4.61 -37.21
C LEU L 169 12.61 3.77 -37.93
N GLU L 170 13.54 4.45 -38.59
CA GLU L 170 14.66 3.73 -39.16
C GLU L 170 15.23 2.87 -38.03
N ARG L 171 15.24 3.38 -36.79
CA ARG L 171 15.56 2.54 -35.62
C ARG L 171 14.58 1.38 -35.34
N ALA L 172 13.26 1.56 -35.22
CA ALA L 172 12.31 0.45 -35.06
C ALA L 172 12.36 -0.60 -36.18
N GLU L 173 12.36 -0.19 -37.46
CA GLU L 173 12.54 -1.10 -38.59
C GLU L 173 13.89 -1.84 -38.54
N GLU L 174 15.03 -1.16 -38.33
CA GLU L 174 16.32 -1.83 -38.16
C GLU L 174 16.34 -2.85 -37.02
N ARG L 175 15.83 -2.50 -35.83
CA ARG L 175 15.69 -3.47 -34.74
C ARG L 175 14.80 -4.66 -35.13
N ALA L 176 13.63 -4.41 -35.76
CA ALA L 176 12.77 -5.46 -36.31
C ALA L 176 13.50 -6.43 -37.24
N GLU L 177 14.17 -5.92 -38.29
CA GLU L 177 14.98 -6.74 -39.18
C GLU L 177 16.05 -7.58 -38.47
N LEU L 178 16.85 -6.98 -37.58
CA LEU L 178 17.82 -7.78 -36.81
C LEU L 178 17.19 -8.85 -35.92
N SER L 179 16.10 -8.55 -35.20
CA SER L 179 15.41 -9.59 -34.44
C SER L 179 14.75 -10.66 -35.30
N GLU L 180 14.15 -10.35 -36.46
CA GLU L 180 13.67 -11.37 -37.41
C GLU L 180 14.80 -12.28 -37.88
N GLY L 181 15.96 -11.72 -38.25
CA GLY L 181 17.17 -12.51 -38.58
C GLY L 181 17.57 -13.47 -37.45
N LYS L 182 17.73 -12.95 -36.23
CA LYS L 182 17.99 -13.77 -35.03
C LYS L 182 16.99 -14.90 -34.85
N CYS L 183 15.69 -14.56 -34.93
CA CYS L 183 14.57 -15.50 -34.86
C CYS L 183 14.73 -16.67 -35.81
N ALA L 184 14.92 -16.37 -37.10
CA ALA L 184 15.18 -17.39 -38.12
C ALA L 184 16.39 -18.29 -37.79
N GLU L 185 17.57 -17.72 -37.46
CA GLU L 185 18.74 -18.51 -37.06
C GLU L 185 18.48 -19.48 -35.92
N LEU L 186 17.87 -18.97 -34.83
CA LEU L 186 17.48 -19.83 -33.73
C LEU L 186 16.47 -20.87 -34.21
N GLU L 187 15.33 -20.57 -34.85
CA GLU L 187 14.37 -21.57 -35.36
C GLU L 187 15.01 -22.71 -36.21
N GLU L 188 15.99 -22.35 -37.03
CA GLU L 188 16.80 -23.30 -37.79
C GLU L 188 17.68 -24.23 -36.92
N GLU L 189 18.49 -23.67 -36.00
CA GLU L 189 19.29 -24.45 -35.03
C GLU L 189 18.49 -25.52 -34.25
N LEU L 190 17.19 -25.27 -34.25
CA LEU L 190 16.25 -26.11 -33.49
C LEU L 190 15.67 -27.30 -34.10
N LYS L 191 15.22 -27.13 -35.34
CA LYS L 191 14.86 -28.30 -36.12
C LYS L 191 16.05 -29.27 -36.10
N THR L 192 17.28 -28.76 -36.19
CA THR L 192 18.45 -29.65 -36.06
C THR L 192 18.60 -30.25 -34.67
N VAL L 193 18.56 -29.51 -33.54
CA VAL L 193 18.66 -30.18 -32.26
C VAL L 193 17.44 -31.06 -31.92
N THR L 194 16.15 -30.70 -32.11
CA THR L 194 15.01 -31.60 -31.89
C THR L 194 15.04 -32.85 -32.78
N ASN L 195 15.54 -32.75 -34.01
CA ASN L 195 15.72 -33.92 -34.86
C ASN L 195 16.85 -34.85 -34.42
N ASN L 196 18.03 -34.32 -34.04
CA ASN L 196 19.10 -35.14 -33.44
C ASN L 196 18.56 -35.98 -32.27
N LEU L 197 17.48 -35.43 -31.73
CA LEU L 197 16.79 -36.04 -30.59
C LEU L 197 15.92 -37.20 -30.59
N LYS L 198 14.94 -37.12 -31.47
CA LYS L 198 14.15 -38.30 -31.75
C LYS L 198 15.11 -39.46 -32.03
N SER L 199 16.23 -39.18 -32.73
CA SER L 199 17.29 -40.17 -32.91
C SER L 199 17.98 -40.62 -31.62
N LEU L 200 18.58 -39.77 -30.77
CA LEU L 200 19.16 -40.25 -29.51
C LEU L 200 18.19 -40.90 -28.52
N GLU L 201 17.00 -40.36 -28.32
CA GLU L 201 15.96 -40.94 -27.47
C GLU L 201 15.58 -42.34 -27.99
N ALA L 202 15.32 -42.50 -29.30
CA ALA L 202 15.07 -43.81 -29.90
C ALA L 202 16.23 -44.80 -29.72
N GLN L 203 17.48 -44.38 -29.94
CA GLN L 203 18.66 -45.22 -29.66
C GLN L 203 18.74 -45.64 -28.19
N ALA L 204 18.55 -44.70 -27.26
CA ALA L 204 18.47 -44.95 -25.83
C ALA L 204 17.42 -46.00 -25.46
N GLU L 205 16.17 -45.85 -25.91
CA GLU L 205 15.13 -46.87 -25.68
C GLU L 205 15.48 -48.24 -26.25
N LYS L 206 15.95 -48.29 -27.51
CA LYS L 206 16.43 -49.53 -28.12
C LYS L 206 17.50 -50.26 -27.28
N TYR L 207 18.52 -49.52 -26.84
CA TYR L 207 19.50 -50.09 -25.94
C TYR L 207 18.87 -50.48 -24.60
N SER L 208 18.11 -49.65 -23.87
CA SER L 208 17.41 -50.06 -22.63
C SER L 208 16.65 -51.39 -22.72
N GLN L 209 15.93 -51.61 -23.82
CA GLN L 209 15.29 -52.92 -24.07
C GLN L 209 16.25 -54.09 -24.36
N LYS L 210 17.38 -53.83 -24.99
CA LYS L 210 18.40 -54.87 -25.14
C LYS L 210 19.02 -55.21 -23.78
N GLU L 211 19.27 -54.17 -22.97
CA GLU L 211 19.73 -54.27 -21.60
C GLU L 211 18.79 -55.08 -20.71
N ASP L 212 17.52 -54.70 -20.54
CA ASP L 212 16.57 -55.45 -19.73
C ASP L 212 16.47 -56.92 -20.14
N LYS L 213 16.42 -57.23 -21.44
CA LYS L 213 16.47 -58.60 -21.94
C LYS L 213 17.70 -59.37 -21.45
N TYR L 214 18.92 -58.85 -21.66
CA TYR L 214 20.10 -59.53 -21.14
C TYR L 214 20.22 -59.57 -19.62
N GLU L 215 19.72 -58.57 -18.90
CA GLU L 215 19.62 -58.57 -17.44
C GLU L 215 18.67 -59.69 -16.96
N GLU L 216 17.50 -59.88 -17.57
CA GLU L 216 16.64 -61.03 -17.29
C GLU L 216 17.29 -62.37 -17.64
N GLU L 217 17.88 -62.53 -18.84
CA GLU L 217 18.62 -63.76 -19.16
C GLU L 217 19.81 -64.01 -18.22
N ILE L 218 20.62 -63.03 -17.77
CA ILE L 218 21.66 -63.28 -16.77
C ILE L 218 21.06 -63.74 -15.44
N LYS L 219 19.97 -63.12 -14.97
CA LYS L 219 19.26 -63.60 -13.78
C LYS L 219 18.88 -65.08 -13.91
N VAL L 220 18.19 -65.46 -14.99
CA VAL L 220 17.82 -66.85 -15.25
C VAL L 220 18.98 -67.84 -15.43
N LEU L 221 20.10 -67.47 -16.05
CA LEU L 221 21.25 -68.38 -16.08
C LEU L 221 21.93 -68.46 -14.71
N SER L 222 21.97 -67.37 -13.94
CA SER L 222 22.42 -67.39 -12.55
C SER L 222 21.54 -68.15 -11.55
N ASP L 223 20.21 -68.11 -11.67
CA ASP L 223 19.35 -68.92 -10.81
C ASP L 223 19.47 -70.42 -11.13
N LYS L 224 19.42 -70.76 -12.42
CA LYS L 224 19.67 -72.13 -12.93
C LYS L 224 20.98 -72.65 -12.35
N LEU L 225 21.91 -71.71 -12.26
CA LEU L 225 23.16 -71.96 -11.61
C LEU L 225 23.23 -72.35 -10.15
N LYS L 226 22.75 -71.49 -9.25
CA LYS L 226 22.68 -71.86 -7.84
C LYS L 226 22.09 -73.26 -7.69
N GLU L 227 21.01 -73.54 -8.44
CA GLU L 227 20.42 -74.87 -8.45
C GLU L 227 21.32 -76.00 -8.97
N ALA L 228 21.90 -75.90 -10.18
CA ALA L 228 22.84 -76.89 -10.70
C ALA L 228 24.04 -77.13 -9.78
N GLU L 229 24.72 -76.08 -9.32
CA GLU L 229 25.82 -76.20 -8.35
C GLU L 229 25.39 -76.81 -7.02
N THR L 230 24.35 -76.33 -6.33
CA THR L 230 23.87 -76.90 -5.06
C THR L 230 23.55 -78.38 -5.15
N ARG L 231 22.89 -78.79 -6.24
CA ARG L 231 22.67 -80.21 -6.47
C ARG L 231 23.91 -80.99 -6.80
N ALA L 232 24.84 -80.46 -7.62
CA ALA L 232 26.14 -81.11 -7.86
C ALA L 232 26.82 -81.41 -6.53
N GLU L 233 26.88 -80.42 -5.64
CA GLU L 233 27.39 -80.61 -4.28
C GLU L 233 26.63 -81.69 -3.50
N PHE L 234 25.30 -81.69 -3.48
CA PHE L 234 24.55 -82.78 -2.85
C PHE L 234 24.78 -84.15 -3.48
N ALA L 235 24.80 -84.30 -4.81
CA ALA L 235 25.14 -85.55 -5.49
C ALA L 235 26.57 -86.01 -5.14
N GLU L 236 27.58 -85.12 -5.14
CA GLU L 236 28.93 -85.44 -4.66
C GLU L 236 28.95 -85.86 -3.19
N ARG L 237 28.30 -85.16 -2.26
CA ARG L 237 28.20 -85.60 -0.86
C ARG L 237 27.57 -87.00 -0.74
N SER L 238 26.46 -87.26 -1.43
CA SER L 238 25.87 -88.59 -1.50
C SER L 238 26.81 -89.62 -2.12
N VAL L 239 27.53 -89.38 -3.23
CA VAL L 239 28.49 -90.35 -3.75
C VAL L 239 29.58 -90.66 -2.73
N THR L 240 30.22 -89.69 -2.08
CA THR L 240 31.24 -89.98 -1.06
C THR L 240 30.66 -90.77 0.11
N LYS L 241 29.43 -90.48 0.55
CA LYS L 241 28.72 -91.27 1.56
C LYS L 241 28.54 -92.73 1.14
N LEU L 242 27.97 -92.98 -0.05
CA LEU L 242 27.78 -94.34 -0.56
C LEU L 242 29.06 -95.10 -0.88
N GLU L 243 30.10 -94.44 -1.38
CA GLU L 243 31.41 -95.03 -1.59
C GLU L 243 32.00 -95.45 -0.23
N LYS L 244 31.91 -94.60 0.80
CA LYS L 244 32.29 -94.98 2.16
C LYS L 244 31.49 -96.18 2.69
N SER L 245 30.16 -96.20 2.53
CA SER L 245 29.39 -97.40 2.89
C SER L 245 29.71 -98.62 2.01
N ILE L 246 30.11 -98.50 0.72
CA ILE L 246 30.48 -99.69 -0.04
C ILE L 246 31.80 -100.28 0.47
N ASP L 247 32.82 -99.47 0.77
CA ASP L 247 34.06 -100.01 1.31
C ASP L 247 33.86 -100.68 2.68
N ASP L 248 33.06 -100.13 3.61
CA ASP L 248 32.81 -100.84 4.87
C ASP L 248 32.10 -102.19 4.64
N LEU L 249 31.03 -102.29 3.84
CA LEU L 249 30.39 -103.58 3.56
C LEU L 249 31.30 -104.57 2.84
N GLU L 250 32.04 -104.16 1.81
CA GLU L 250 33.01 -105.03 1.12
C GLU L 250 34.14 -105.52 2.05
N ASP L 251 34.58 -104.71 3.01
CA ASP L 251 35.54 -105.16 4.03
C ASP L 251 34.96 -106.05 5.14
N GLU L 252 33.79 -105.70 5.70
CA GLU L 252 33.02 -106.55 6.64
C GLU L 252 32.89 -107.95 6.01
N LEU L 253 32.94 -107.87 4.69
CA LEU L 253 33.00 -109.05 3.88
C LEU L 253 33.93 -110.13 3.60
N TYR L 254 35.10 -109.71 3.21
CA TYR L 254 36.12 -110.72 3.21
C TYR L 254 36.31 -111.25 4.63
N ALA L 255 36.00 -110.44 5.66
CA ALA L 255 35.96 -110.93 7.04
C ALA L 255 34.91 -112.03 7.23
N GLN L 256 33.64 -111.83 6.84
CA GLN L 256 32.65 -112.90 6.88
C GLN L 256 33.01 -114.09 5.99
N LYS L 257 33.20 -113.93 4.67
CA LYS L 257 33.62 -114.99 3.74
C LYS L 257 34.79 -115.87 4.21
N LEU L 258 35.75 -115.28 4.93
CA LEU L 258 36.84 -116.03 5.54
C LEU L 258 36.56 -116.68 6.88
N LYS L 259 35.90 -115.96 7.81
CA LYS L 259 35.45 -116.48 9.11
C LYS L 259 34.70 -117.78 8.85
N TYR L 260 34.10 -117.82 7.65
CA TYR L 260 33.55 -119.11 7.36
C TYR L 260 34.56 -120.17 6.91
N LYS L 261 35.35 -120.13 5.85
CA LYS L 261 36.06 -121.33 5.41
C LYS L 261 36.54 -122.26 6.52
N ALA L 262 36.95 -121.55 7.57
CA ALA L 262 37.21 -122.12 8.90
C ALA L 262 36.00 -122.86 9.50
N ILE L 263 34.81 -122.31 9.88
CA ILE L 263 33.72 -123.15 10.40
C ILE L 263 33.17 -124.21 9.42
N SER L 264 33.06 -123.99 8.10
CA SER L 264 32.69 -125.08 7.17
C SER L 264 33.72 -126.22 7.09
N GLU L 265 35.02 -125.92 7.18
CA GLU L 265 36.09 -126.92 7.27
C GLU L 265 36.20 -127.62 8.63
N GLU L 266 36.02 -126.87 9.73
CA GLU L 266 35.89 -127.49 11.05
C GLU L 266 34.73 -128.47 11.02
N LEU L 267 33.74 -128.13 10.19
CA LEU L 267 32.67 -129.03 9.87
C LEU L 267 32.79 -130.34 9.11
N ASP L 268 33.32 -130.45 7.89
CA ASP L 268 33.52 -131.78 7.31
C ASP L 268 34.24 -132.71 8.30
N HIS L 269 35.13 -132.11 9.08
CA HIS L 269 35.81 -132.79 10.16
C HIS L 269 34.93 -133.24 11.30
N ALA L 270 34.25 -132.30 11.94
CA ALA L 270 33.28 -132.58 12.98
C ALA L 270 31.97 -133.19 12.47
N LEU L 271 31.85 -133.60 11.20
CA LEU L 271 30.81 -134.56 10.85
C LEU L 271 31.40 -135.95 10.61
N ASN L 272 32.62 -136.04 10.08
CA ASN L 272 33.32 -137.32 9.89
C ASN L 272 33.65 -138.12 11.16
N ASP L 273 34.20 -137.56 12.24
CA ASP L 273 34.46 -138.37 13.43
C ASP L 273 33.22 -139.01 14.10
N MET L 274 32.03 -138.39 14.30
CA MET L 274 30.81 -139.11 14.75
C MET L 274 30.24 -140.10 13.77
N THR L 275 30.40 -139.94 12.45
CA THR L 275 30.02 -141.06 11.59
C THR L 275 30.96 -142.25 11.79
N SER L 276 32.21 -141.95 12.20
CA SER L 276 33.17 -142.98 12.59
C SER L 276 33.08 -143.63 13.98
N ILE L 277 32.69 -142.88 15.00
CA ILE L 277 32.52 -143.41 16.34
C ILE L 277 31.20 -144.19 16.58
N VAL M 239 31.20 -144.40 15.36
CA VAL M 239 30.02 -144.88 16.08
C VAL M 239 29.41 -146.10 15.40
N THR M 240 29.19 -146.12 14.08
CA THR M 240 28.65 -147.32 13.43
C THR M 240 29.54 -148.55 13.59
N LYS M 241 30.87 -148.39 13.55
CA LYS M 241 31.80 -149.48 13.86
C LYS M 241 31.60 -150.04 15.28
N LEU M 242 31.63 -149.17 16.30
CA LEU M 242 31.41 -149.59 17.69
C LEU M 242 30.02 -150.13 18.00
N GLU M 243 28.97 -149.58 17.40
CA GLU M 243 27.61 -150.11 17.51
C GLU M 243 27.55 -151.52 16.91
N LYS M 244 28.15 -151.73 15.73
CA LYS M 244 28.28 -153.07 15.15
C LYS M 244 29.05 -154.05 16.06
N SER M 245 30.16 -153.63 16.67
CA SER M 245 30.79 -154.50 17.66
C SER M 245 30.01 -154.65 18.97
N ILE M 246 29.17 -153.69 19.41
CA ILE M 246 28.35 -153.94 20.59
C ILE M 246 27.26 -154.95 20.30
N ASP M 247 26.56 -154.88 19.15
CA ASP M 247 25.55 -155.88 18.83
C ASP M 247 26.14 -157.29 18.68
N ASP M 248 27.31 -157.51 18.06
CA ASP M 248 27.90 -158.85 18.04
C ASP M 248 28.21 -159.36 19.45
N LEU M 249 28.86 -158.61 20.35
CA LEU M 249 29.10 -159.06 21.73
C LEU M 249 27.82 -159.27 22.53
N GLU M 250 26.82 -158.39 22.47
CA GLU M 250 25.54 -158.57 23.14
C GLU M 250 24.73 -159.77 22.60
N ASP M 251 24.86 -160.10 21.32
CA ASP M 251 24.27 -161.33 20.77
C ASP M 251 25.04 -162.62 21.09
N GLU M 252 26.37 -162.63 20.94
CA GLU M 252 27.26 -163.73 21.38
C GLU M 252 26.91 -164.08 22.82
N LEU M 253 26.47 -162.99 23.44
CA LEU M 253 25.84 -163.07 24.70
C LEU M 253 24.61 -163.67 25.26
N TYR M 254 23.48 -163.27 24.74
CA TYR M 254 22.34 -164.02 25.13
C TYR M 254 22.53 -165.49 24.70
N ALA M 255 23.34 -165.76 23.67
CA ALA M 255 23.76 -167.13 23.34
C ALA M 255 24.54 -167.78 24.49
N GLN M 256 25.59 -167.16 25.04
CA GLN M 256 26.26 -167.70 26.23
C GLN M 256 25.34 -167.76 27.44
N LYS M 257 24.76 -166.66 27.95
CA LYS M 257 23.80 -166.64 29.07
C LYS M 257 22.69 -167.70 29.04
N LEU M 258 22.20 -168.02 27.85
CA LEU M 258 21.23 -169.09 27.65
C LEU M 258 21.79 -170.49 27.54
N LYS M 259 22.88 -170.69 26.78
CA LYS M 259 23.60 -171.96 26.69
C LYS M 259 23.89 -172.42 28.11
N TYR M 260 24.05 -171.41 28.99
CA TYR M 260 24.12 -171.87 30.35
C TYR M 260 22.75 -172.22 30.97
N LYS M 261 21.71 -171.41 31.15
CA LYS M 261 20.55 -171.87 31.94
C LYS M 261 20.22 -173.35 31.79
N ALA M 262 20.42 -173.77 30.54
CA ALA M 262 20.48 -175.18 30.15
C ALA M 262 21.58 -175.96 30.92
N ILE M 263 22.92 -175.83 30.80
CA ILE M 263 23.84 -176.61 31.65
C ILE M 263 23.72 -176.40 33.17
N SER M 264 23.47 -175.22 33.76
CA SER M 264 23.19 -175.14 35.21
C SER M 264 21.88 -175.82 35.66
N GLU M 265 20.82 -175.84 34.84
CA GLU M 265 19.58 -176.60 35.11
C GLU M 265 19.73 -178.10 34.87
N GLU M 266 20.43 -178.49 33.79
CA GLU M 266 20.81 -179.89 33.57
C GLU M 266 21.59 -180.33 34.80
N LEU M 267 22.31 -179.39 35.40
CA LEU M 267 22.92 -179.60 36.69
C LEU M 267 22.17 -179.75 37.99
N ASP M 268 21.28 -178.86 38.46
CA ASP M 268 20.50 -179.18 39.66
C ASP M 268 19.85 -180.57 39.51
N HIS M 269 19.47 -180.89 38.27
CA HIS M 269 18.96 -182.20 37.93
C HIS M 269 19.98 -183.33 38.06
N ALA M 270 21.09 -183.23 37.35
CA ALA M 270 22.19 -184.17 37.45
C ALA M 270 23.00 -184.03 38.76
N LEU M 271 22.57 -183.28 39.75
CA LEU M 271 23.08 -183.50 41.10
C LEU M 271 21.99 -184.13 42.00
N ASN M 272 20.72 -183.83 41.71
CA ASN M 272 19.60 -184.44 42.42
C ASN M 272 19.40 -185.95 42.17
N ASP M 273 19.42 -186.50 40.95
CA ASP M 273 19.28 -187.94 40.80
C ASP M 273 20.39 -188.78 41.47
N MET M 274 21.70 -188.52 41.45
CA MET M 274 22.69 -189.27 42.27
C MET M 274 22.58 -189.10 43.77
N THR M 275 22.11 -187.96 44.28
CA THR M 275 21.82 -187.92 45.72
C THR M 275 20.62 -188.82 46.04
N SER M 276 19.72 -189.02 45.07
CA SER M 276 18.64 -190.03 45.19
C SER M 276 18.89 -191.51 44.87
N ILE M 277 19.72 -191.85 43.88
CA ILE M 277 20.00 -193.23 43.46
C ILE M 277 20.76 -194.12 44.46
N ASP N 1 -37.05 -149.92 -14.48
CA ASP N 1 -36.99 -151.31 -13.95
C ASP N 1 -35.63 -151.96 -14.19
N GLU N 2 -35.12 -151.66 -15.39
CA GLU N 2 -33.80 -152.02 -15.91
C GLU N 2 -32.78 -152.26 -14.80
N ASP N 3 -32.77 -151.25 -13.93
CA ASP N 3 -32.05 -151.38 -12.72
C ASP N 3 -32.87 -151.02 -11.47
N GLU N 4 -34.16 -150.60 -11.56
CA GLU N 4 -35.01 -150.31 -10.39
C GLU N 4 -35.15 -151.58 -9.54
N THR N 5 -35.34 -152.70 -10.26
CA THR N 5 -35.43 -154.05 -9.69
C THR N 5 -34.09 -154.67 -9.30
N THR N 6 -33.24 -154.36 -10.27
CA THR N 6 -31.90 -154.82 -10.54
C THR N 6 -30.77 -154.36 -9.62
N ALA N 7 -30.91 -153.31 -8.78
CA ALA N 7 -29.81 -152.91 -7.91
C ALA N 7 -29.68 -153.86 -6.74
N LEU N 8 -28.45 -154.29 -6.46
CA LEU N 8 -28.17 -155.22 -5.37
C LEU N 8 -27.61 -154.45 -4.18
N VAL N 9 -27.78 -154.91 -2.93
CA VAL N 9 -27.18 -154.19 -1.83
C VAL N 9 -26.52 -155.23 -0.99
N CYS N 10 -25.21 -155.11 -0.87
CA CYS N 10 -24.45 -156.08 -0.14
C CYS N 10 -23.71 -155.39 0.97
N ASP N 11 -24.10 -155.70 2.21
CA ASP N 11 -23.40 -155.20 3.37
C ASP N 11 -22.49 -156.24 4.03
N ASN N 12 -21.18 -156.03 3.86
CA ASN N 12 -20.14 -156.94 4.29
C ASN N 12 -19.77 -156.66 5.71
N GLY N 13 -19.94 -157.63 6.60
CA GLY N 13 -19.60 -157.48 8.00
C GLY N 13 -18.50 -158.41 8.44
N SER N 14 -18.16 -158.15 9.69
CA SER N 14 -17.18 -158.96 10.36
C SER N 14 -17.77 -160.30 10.72
N GLY N 15 -19.06 -160.43 11.02
CA GLY N 15 -19.66 -161.68 11.43
C GLY N 15 -20.62 -162.15 10.37
N LEU N 16 -21.51 -161.27 9.88
CA LEU N 16 -22.55 -161.55 8.89
C LEU N 16 -22.50 -160.78 7.59
N VAL N 17 -22.96 -161.33 6.46
CA VAL N 17 -23.16 -160.59 5.23
C VAL N 17 -24.66 -160.32 5.22
N LYS N 18 -25.14 -159.16 4.82
CA LYS N 18 -26.57 -158.93 4.64
C LYS N 18 -26.71 -158.57 3.17
N ALA N 19 -27.61 -159.17 2.41
CA ALA N 19 -27.67 -158.97 0.97
C ALA N 19 -29.10 -159.06 0.46
N GLY N 20 -29.36 -158.64 -0.76
CA GLY N 20 -30.73 -158.56 -1.22
C GLY N 20 -30.84 -157.53 -2.31
N PHE N 21 -32.09 -157.20 -2.65
CA PHE N 21 -32.35 -156.28 -3.75
C PHE N 21 -32.81 -154.95 -3.21
N ALA N 22 -32.29 -153.86 -3.80
CA ALA N 22 -32.70 -152.50 -3.46
C ALA N 22 -34.17 -152.51 -3.80
N GLY N 23 -34.93 -152.01 -2.85
CA GLY N 23 -36.37 -152.12 -3.00
C GLY N 23 -36.88 -152.91 -1.82
N ASP N 24 -36.35 -154.10 -1.52
CA ASP N 24 -36.83 -154.89 -0.41
C ASP N 24 -36.70 -154.17 0.93
N ASP N 25 -37.45 -154.66 1.94
CA ASP N 25 -37.50 -154.01 3.24
C ASP N 25 -36.44 -154.48 4.25
N ALA N 26 -35.92 -155.69 3.92
CA ALA N 26 -34.94 -156.40 4.72
C ALA N 26 -34.10 -157.29 3.82
N PRO N 27 -32.88 -157.69 4.26
CA PRO N 27 -31.99 -158.55 3.46
C PRO N 27 -32.56 -159.91 3.09
N ARG N 28 -32.43 -160.22 1.81
CA ARG N 28 -32.84 -161.51 1.30
C ARG N 28 -31.87 -162.57 1.79
N ALA N 29 -30.63 -162.18 2.08
CA ALA N 29 -29.63 -163.14 2.46
C ALA N 29 -28.77 -162.64 3.61
N VAL N 30 -28.66 -163.48 4.64
CA VAL N 30 -27.90 -163.18 5.84
C VAL N 30 -27.17 -164.46 6.17
N PHE N 31 -25.85 -164.41 6.34
CA PHE N 31 -25.09 -165.62 6.57
C PHE N 31 -23.71 -165.35 7.08
N PRO N 32 -23.01 -166.23 7.80
CA PRO N 32 -21.67 -165.95 8.27
C PRO N 32 -20.65 -165.69 7.18
N SER N 33 -19.74 -164.86 7.63
CA SER N 33 -18.68 -164.30 6.85
C SER N 33 -17.48 -165.20 7.11
N ILE N 34 -17.59 -166.49 6.78
CA ILE N 34 -16.50 -167.42 6.87
C ILE N 34 -16.21 -168.13 5.56
N VAL N 35 -15.06 -168.76 5.43
CA VAL N 35 -14.63 -169.48 4.26
C VAL N 35 -13.87 -170.60 4.91
N GLY N 36 -14.38 -171.79 4.74
CA GLY N 36 -13.82 -172.98 5.32
C GLY N 36 -13.04 -173.70 4.27
N ARG N 37 -11.93 -174.25 4.72
CA ARG N 37 -11.00 -174.96 3.87
C ARG N 37 -10.81 -176.36 4.51
N PRO N 38 -11.22 -177.48 3.91
CA PRO N 38 -11.09 -178.81 4.52
C PRO N 38 -9.72 -179.25 4.94
N ARG N 39 -9.62 -179.57 6.24
CA ARG N 39 -8.41 -180.14 6.81
C ARG N 39 -8.04 -181.50 6.26
N HIS N 40 -8.97 -182.31 5.61
CA HIS N 40 -8.62 -183.66 5.11
C HIS N 40 -9.18 -184.04 3.79
N GLN N 41 -8.63 -185.00 3.06
CA GLN N 41 -9.26 -185.34 1.81
C GLN N 41 -10.35 -186.37 1.97
N GLY N 42 -11.47 -186.12 1.28
CA GLY N 42 -12.66 -186.93 1.37
C GLY N 42 -13.88 -186.21 0.87
N VAL N 43 -15.04 -186.85 0.90
CA VAL N 43 -16.29 -186.30 0.39
C VAL N 43 -17.56 -186.53 1.24
N MET N 44 -18.61 -185.75 0.98
CA MET N 44 -19.91 -186.04 1.59
C MET N 44 -20.53 -186.99 0.58
N VAL N 45 -21.47 -187.82 1.02
CA VAL N 45 -22.17 -188.74 0.18
C VAL N 45 -22.96 -188.02 -0.93
N GLY N 46 -22.54 -188.26 -2.17
CA GLY N 46 -23.26 -187.77 -3.30
C GLY N 46 -22.66 -186.51 -3.86
N MET N 47 -21.79 -185.86 -3.09
CA MET N 47 -21.11 -184.70 -3.60
C MET N 47 -19.72 -185.06 -4.07
N GLY N 48 -19.13 -184.11 -4.80
CA GLY N 48 -17.74 -184.18 -5.20
C GLY N 48 -16.88 -183.48 -4.15
N GLN N 49 -15.56 -183.64 -4.37
CA GLN N 49 -14.54 -182.95 -3.62
C GLN N 49 -14.72 -181.44 -3.75
N LYS N 50 -14.71 -180.78 -2.62
CA LYS N 50 -14.99 -179.39 -2.56
C LYS N 50 -13.73 -178.84 -1.96
N ASP N 51 -13.32 -177.77 -2.64
CA ASP N 51 -12.11 -177.08 -2.23
C ASP N 51 -12.35 -176.10 -1.09
N SER N 52 -13.61 -175.67 -0.97
CA SER N 52 -13.89 -174.57 -0.12
C SER N 52 -15.33 -174.55 0.33
N TYR N 53 -15.64 -173.90 1.40
CA TYR N 53 -16.99 -173.86 1.87
C TYR N 53 -17.26 -172.44 2.33
N VAL N 54 -18.47 -171.87 2.25
CA VAL N 54 -18.69 -170.48 2.64
C VAL N 54 -20.03 -170.38 3.37
N GLY N 55 -20.08 -169.49 4.35
CA GLY N 55 -21.30 -169.18 5.08
C GLY N 55 -21.68 -170.29 6.00
N ASP N 56 -22.94 -170.70 5.92
CA ASP N 56 -23.46 -171.73 6.79
C ASP N 56 -22.89 -173.08 6.48
N GLU N 57 -22.61 -173.52 5.26
CA GLU N 57 -21.98 -174.80 5.10
C GLU N 57 -20.58 -174.86 5.73
N ALA N 58 -19.90 -173.74 5.88
CA ALA N 58 -18.64 -173.72 6.56
C ALA N 58 -18.88 -173.81 8.06
N GLN N 59 -19.95 -173.22 8.55
CA GLN N 59 -20.18 -173.28 9.98
C GLN N 59 -20.59 -174.70 10.32
N SER N 60 -21.55 -175.26 9.60
CA SER N 60 -22.06 -176.59 9.89
C SER N 60 -21.06 -177.73 9.82
N LYS N 61 -20.11 -177.56 8.93
CA LYS N 61 -19.13 -178.58 8.74
C LYS N 61 -17.87 -178.11 9.42
N ARG N 62 -17.85 -177.27 10.47
CA ARG N 62 -16.59 -176.73 10.96
C ARG N 62 -15.52 -177.65 11.51
N GLY N 63 -15.96 -178.81 11.99
CA GLY N 63 -15.06 -179.83 12.51
C GLY N 63 -14.08 -180.36 11.46
N ILE N 64 -14.31 -180.35 10.14
CA ILE N 64 -13.29 -180.88 9.21
C ILE N 64 -12.59 -179.82 8.37
N LEU N 65 -12.84 -178.54 8.64
CA LEU N 65 -12.32 -177.43 7.84
C LEU N 65 -11.56 -176.42 8.68
N THR N 66 -10.71 -175.56 8.10
CA THR N 66 -10.08 -174.51 8.87
C THR N 66 -10.85 -173.27 8.39
N LEU N 67 -11.53 -172.71 9.37
CA LEU N 67 -12.39 -171.57 9.19
C LEU N 67 -11.60 -170.31 9.15
N LYS N 68 -11.96 -169.38 8.25
CA LYS N 68 -11.26 -168.08 8.22
C LYS N 68 -12.22 -166.96 7.96
N TYR N 69 -11.97 -165.89 8.73
CA TYR N 69 -12.75 -164.67 8.68
C TYR N 69 -12.11 -163.57 7.78
N PRO N 70 -12.53 -163.28 6.52
CA PRO N 70 -11.96 -162.27 5.61
C PRO N 70 -11.95 -160.83 6.07
N ILE N 71 -12.87 -160.49 6.99
CA ILE N 71 -13.00 -159.13 7.43
C ILE N 71 -12.66 -159.00 8.92
N GLU N 72 -11.48 -158.46 9.18
CA GLU N 72 -11.11 -158.30 10.56
C GLU N 72 -11.40 -156.89 11.01
N HIS N 73 -12.35 -156.77 11.95
CA HIS N 73 -12.73 -155.47 12.49
C HIS N 73 -13.30 -154.53 11.44
N GLY N 74 -14.11 -155.09 10.53
CA GLY N 74 -14.77 -154.27 9.53
C GLY N 74 -13.94 -154.01 8.29
N ILE N 75 -12.61 -154.23 8.33
CA ILE N 75 -11.73 -153.99 7.17
C ILE N 75 -11.46 -155.29 6.40
N ILE N 76 -11.46 -155.39 5.06
CA ILE N 76 -11.18 -156.66 4.36
C ILE N 76 -9.68 -156.89 4.47
N THR N 77 -9.35 -158.00 5.12
CA THR N 77 -7.99 -158.43 5.35
C THR N 77 -7.55 -159.48 4.35
N ASN N 78 -8.43 -160.38 3.86
CA ASN N 78 -7.98 -161.31 2.84
C ASN N 78 -8.87 -161.23 1.64
N TRP N 79 -8.27 -160.74 0.54
CA TRP N 79 -8.99 -160.52 -0.72
C TRP N 79 -9.30 -161.74 -1.52
N ASP N 80 -8.60 -162.87 -1.31
CA ASP N 80 -8.86 -164.16 -2.01
C ASP N 80 -10.13 -164.77 -1.43
N ASP N 81 -10.15 -164.85 -0.10
CA ASP N 81 -11.33 -165.22 0.63
C ASP N 81 -12.50 -164.28 0.59
N MET N 82 -12.38 -163.00 0.29
CA MET N 82 -13.52 -162.10 0.19
C MET N 82 -14.18 -162.36 -1.14
N GLU N 83 -13.42 -162.43 -2.25
CA GLU N 83 -13.97 -162.68 -3.58
C GLU N 83 -14.75 -163.98 -3.56
N LYS N 84 -14.30 -164.93 -2.72
CA LYS N 84 -15.08 -166.14 -2.45
C LYS N 84 -16.43 -165.82 -1.80
N ILE N 85 -16.53 -165.02 -0.72
CA ILE N 85 -17.82 -164.67 -0.13
C ILE N 85 -18.70 -163.92 -1.12
N TRP N 86 -18.17 -163.01 -1.94
CA TRP N 86 -18.99 -162.30 -2.91
C TRP N 86 -19.55 -163.25 -3.93
N HIS N 87 -18.69 -164.15 -4.43
CA HIS N 87 -19.12 -165.13 -5.41
C HIS N 87 -20.33 -165.92 -4.91
N HIS N 88 -20.19 -166.43 -3.68
CA HIS N 88 -21.26 -167.12 -3.01
C HIS N 88 -22.49 -166.26 -2.93
N THR N 89 -22.37 -164.98 -2.63
CA THR N 89 -23.53 -164.12 -2.48
C THR N 89 -24.29 -163.96 -3.74
N PHE N 90 -23.61 -163.64 -4.82
CA PHE N 90 -24.31 -163.46 -6.07
C PHE N 90 -24.87 -164.78 -6.57
N TYR N 91 -23.99 -165.76 -6.74
CA TYR N 91 -24.41 -166.93 -7.45
C TYR N 91 -25.21 -167.93 -6.74
N ASN N 92 -25.03 -168.07 -5.44
CA ASN N 92 -25.77 -169.09 -4.72
C ASN N 92 -26.86 -168.49 -3.86
N GLU N 93 -26.52 -167.46 -3.07
CA GLU N 93 -27.50 -166.88 -2.21
C GLU N 93 -28.56 -166.11 -2.96
N LEU N 94 -28.22 -165.13 -3.82
CA LEU N 94 -29.22 -164.34 -4.50
C LEU N 94 -29.52 -164.95 -5.88
N ARG N 95 -28.68 -165.89 -6.33
CA ARG N 95 -28.80 -166.66 -7.56
C ARG N 95 -28.91 -165.81 -8.83
N VAL N 96 -28.37 -164.61 -8.76
CA VAL N 96 -28.41 -163.68 -9.87
C VAL N 96 -27.11 -163.80 -10.65
N ALA N 97 -27.09 -163.33 -11.90
CA ALA N 97 -25.83 -163.21 -12.60
C ALA N 97 -25.41 -161.78 -12.29
N PRO N 98 -24.23 -161.45 -11.78
CA PRO N 98 -23.82 -160.08 -11.47
C PRO N 98 -23.64 -159.14 -12.64
N GLU N 99 -23.28 -159.66 -13.83
CA GLU N 99 -23.02 -158.80 -14.99
C GLU N 99 -24.19 -158.07 -15.59
N GLU N 100 -25.39 -158.21 -15.02
CA GLU N 100 -26.45 -157.32 -15.40
C GLU N 100 -27.09 -156.64 -14.18
N HIS N 101 -26.42 -156.56 -13.01
CA HIS N 101 -27.00 -155.89 -11.86
C HIS N 101 -26.18 -154.81 -11.26
N PRO N 102 -26.60 -153.56 -11.03
CA PRO N 102 -25.77 -152.55 -10.39
C PRO N 102 -25.63 -153.05 -8.96
N THR N 103 -24.48 -152.87 -8.30
CA THR N 103 -24.19 -153.40 -6.96
C THR N 103 -23.82 -152.30 -5.96
N LEU N 104 -24.60 -152.00 -4.90
CA LEU N 104 -24.20 -151.02 -3.90
C LEU N 104 -23.60 -151.83 -2.80
N LEU N 105 -22.35 -151.49 -2.51
CA LEU N 105 -21.59 -152.13 -1.45
C LEU N 105 -21.38 -151.22 -0.26
N THR N 106 -20.95 -151.74 0.90
CA THR N 106 -20.66 -150.85 1.96
C THR N 106 -19.22 -151.02 2.43
N GLU N 107 -18.65 -149.95 2.97
CA GLU N 107 -17.33 -150.07 3.59
C GLU N 107 -17.39 -149.48 5.01
N ALA N 108 -16.31 -149.65 5.74
CA ALA N 108 -16.21 -149.15 7.08
C ALA N 108 -15.76 -147.70 7.18
N PRO N 109 -16.00 -147.09 8.34
CA PRO N 109 -15.61 -145.74 8.63
C PRO N 109 -14.29 -145.17 8.13
N LEU N 110 -13.10 -145.66 8.41
CA LEU N 110 -11.91 -144.98 7.91
C LEU N 110 -11.23 -146.00 7.02
N ASN N 111 -12.00 -146.64 6.13
CA ASN N 111 -11.55 -147.67 5.23
C ASN N 111 -10.48 -147.06 4.35
N PRO N 112 -9.31 -147.67 4.34
CA PRO N 112 -8.18 -147.23 3.55
C PRO N 112 -8.48 -147.04 2.09
N LYS N 113 -8.13 -145.88 1.55
CA LYS N 113 -8.37 -145.49 0.14
C LYS N 113 -8.16 -146.58 -0.91
N ALA N 114 -7.09 -147.31 -0.61
CA ALA N 114 -6.60 -148.40 -1.43
C ALA N 114 -7.50 -149.61 -1.51
N ASN N 115 -8.27 -149.88 -0.43
CA ASN N 115 -9.25 -150.95 -0.36
C ASN N 115 -10.45 -150.63 -1.20
N ARG N 116 -10.95 -149.36 -1.11
CA ARG N 116 -12.15 -148.91 -1.83
C ARG N 116 -11.80 -149.03 -3.29
N GLU N 117 -10.58 -148.66 -3.69
CA GLU N 117 -10.10 -148.93 -5.04
C GLU N 117 -9.95 -150.44 -5.34
N LYS N 118 -9.54 -151.29 -4.40
CA LYS N 118 -9.38 -152.71 -4.69
C LYS N 118 -10.70 -153.42 -4.87
N MET N 119 -11.71 -153.24 -4.02
CA MET N 119 -12.98 -153.89 -4.24
C MET N 119 -13.70 -153.38 -5.47
N THR N 120 -13.28 -152.24 -5.99
CA THR N 120 -13.84 -151.71 -7.20
C THR N 120 -13.17 -152.45 -8.34
N GLN N 121 -11.85 -152.61 -8.25
CA GLN N 121 -11.07 -153.41 -9.19
C GLN N 121 -11.69 -154.80 -9.28
N ILE N 122 -12.05 -155.47 -8.18
CA ILE N 122 -12.62 -156.81 -8.20
C ILE N 122 -14.07 -156.79 -8.64
N MET N 123 -14.85 -155.77 -8.30
CA MET N 123 -16.23 -155.75 -8.72
C MET N 123 -16.28 -155.64 -10.22
N PHE N 124 -15.65 -154.61 -10.79
CA PHE N 124 -15.68 -154.41 -12.22
C PHE N 124 -14.82 -155.38 -13.01
N GLU N 125 -13.60 -155.68 -12.56
CA GLU N 125 -12.77 -156.56 -13.36
C GLU N 125 -12.95 -158.05 -13.13
N THR N 126 -13.39 -158.63 -11.99
CA THR N 126 -13.57 -160.06 -11.99
C THR N 126 -15.06 -160.38 -11.97
N PHE N 127 -15.99 -159.53 -11.51
CA PHE N 127 -17.42 -159.87 -11.56
C PHE N 127 -18.22 -159.25 -12.70
N ASN N 128 -17.61 -158.21 -13.28
CA ASN N 128 -18.10 -157.51 -14.46
C ASN N 128 -19.50 -156.97 -14.19
N VAL N 129 -19.69 -156.27 -13.06
CA VAL N 129 -21.01 -155.72 -12.76
C VAL N 129 -21.21 -154.47 -13.66
N PRO N 130 -22.42 -154.04 -14.10
CA PRO N 130 -22.59 -152.85 -14.93
C PRO N 130 -22.08 -151.57 -14.30
N ALA N 131 -22.44 -151.42 -13.01
CA ALA N 131 -22.10 -150.26 -12.21
C ALA N 131 -22.14 -150.63 -10.73
N MET N 132 -21.41 -149.87 -9.92
CA MET N 132 -21.37 -150.10 -8.49
C MET N 132 -21.17 -148.81 -7.73
N TYR N 133 -21.06 -148.87 -6.39
CA TYR N 133 -21.07 -147.68 -5.54
C TYR N 133 -20.69 -148.19 -4.17
N VAL N 134 -19.87 -147.50 -3.40
CA VAL N 134 -19.50 -147.96 -2.07
C VAL N 134 -20.06 -146.92 -1.07
N ALA N 135 -21.06 -147.20 -0.23
CA ALA N 135 -21.49 -146.24 0.81
C ALA N 135 -20.83 -146.45 2.18
N ILE N 136 -20.64 -145.49 3.07
CA ILE N 136 -19.99 -145.76 4.35
C ILE N 136 -21.10 -146.23 5.23
N GLN N 137 -20.83 -147.21 6.09
CA GLN N 137 -21.90 -147.82 6.85
C GLN N 137 -22.67 -146.92 7.77
N ALA N 138 -22.07 -146.22 8.75
CA ALA N 138 -22.83 -145.26 9.58
C ALA N 138 -23.71 -144.24 8.83
N VAL N 139 -23.21 -143.88 7.66
CA VAL N 139 -23.90 -142.94 6.83
C VAL N 139 -25.20 -143.57 6.32
N LEU N 140 -25.24 -144.87 5.95
CA LEU N 140 -26.50 -145.50 5.53
C LEU N 140 -27.41 -145.74 6.71
N SER N 141 -26.85 -145.97 7.87
CA SER N 141 -27.69 -146.16 9.02
C SER N 141 -28.44 -144.90 9.33
N LEU N 142 -27.76 -143.74 9.31
CA LEU N 142 -28.39 -142.46 9.64
C LEU N 142 -29.56 -142.07 8.75
N TYR N 143 -29.22 -142.28 7.50
CA TYR N 143 -30.10 -141.94 6.41
C TYR N 143 -31.36 -142.81 6.42
N ALA N 144 -31.21 -144.08 6.75
CA ALA N 144 -32.34 -144.98 6.93
C ALA N 144 -33.21 -144.50 8.10
N SER N 145 -32.73 -143.64 9.01
CA SER N 145 -33.59 -143.13 10.08
C SER N 145 -34.12 -141.76 9.70
N GLY N 146 -34.16 -141.51 8.38
CA GLY N 146 -34.63 -140.29 7.81
C GLY N 146 -33.56 -139.21 7.74
N ARG N 147 -32.75 -138.95 8.75
CA ARG N 147 -31.89 -137.77 8.75
C ARG N 147 -30.51 -137.73 8.07
N THR N 148 -29.90 -136.54 8.11
CA THR N 148 -28.62 -136.30 7.48
C THR N 148 -27.51 -135.79 8.35
N THR N 149 -27.86 -135.34 9.53
CA THR N 149 -26.90 -134.94 10.54
C THR N 149 -27.40 -135.67 11.76
N GLY N 150 -26.39 -136.21 12.41
CA GLY N 150 -26.51 -136.97 13.63
C GLY N 150 -25.20 -137.67 13.93
N ILE N 151 -25.11 -138.47 14.97
CA ILE N 151 -23.89 -139.23 15.21
C ILE N 151 -24.40 -140.67 15.38
N VAL N 152 -23.81 -141.62 14.65
CA VAL N 152 -24.21 -143.01 14.75
C VAL N 152 -23.28 -143.79 15.70
N LEU N 153 -23.84 -144.51 16.68
CA LEU N 153 -23.02 -145.44 17.43
C LEU N 153 -23.31 -146.72 16.69
N ASP N 154 -22.30 -147.24 16.01
CA ASP N 154 -22.50 -148.45 15.23
C ASP N 154 -21.69 -149.57 15.83
N SER N 155 -22.33 -150.73 16.08
CA SER N 155 -21.78 -151.87 16.82
C SER N 155 -22.26 -153.24 16.38
N GLY N 156 -21.34 -154.00 15.82
CA GLY N 156 -21.77 -155.27 15.27
C GLY N 156 -21.06 -156.43 15.87
N ASP N 157 -20.38 -157.16 15.00
CA ASP N 157 -19.70 -158.32 15.48
C ASP N 157 -18.24 -158.14 15.82
N GLY N 158 -17.39 -157.47 15.06
CA GLY N 158 -16.01 -157.27 15.44
C GLY N 158 -15.70 -155.81 15.83
N VAL N 159 -16.41 -154.72 15.38
CA VAL N 159 -16.10 -153.33 15.72
C VAL N 159 -17.28 -152.53 16.23
N THR N 160 -16.94 -151.49 17.04
CA THR N 160 -17.85 -150.41 17.44
C THR N 160 -17.28 -149.09 16.94
N HIS N 161 -18.15 -148.17 16.55
CA HIS N 161 -17.72 -146.93 15.95
C HIS N 161 -18.66 -145.88 16.40
N ASN N 162 -18.19 -144.65 16.28
CA ASN N 162 -19.00 -143.44 16.45
C ASN N 162 -18.76 -142.62 15.22
N VAL N 163 -19.73 -142.35 14.36
CA VAL N 163 -19.38 -141.60 13.16
C VAL N 163 -20.29 -140.41 13.13
N PRO N 164 -19.77 -139.21 13.47
CA PRO N 164 -20.51 -137.96 13.45
C PRO N 164 -20.67 -137.62 11.98
N ILE N 165 -21.92 -137.36 11.51
CA ILE N 165 -22.17 -137.01 10.11
C ILE N 165 -22.88 -135.68 10.00
N TYR N 166 -22.42 -134.76 9.15
CA TYR N 166 -23.04 -133.45 9.01
C TYR N 166 -23.45 -133.22 7.55
N GLU N 167 -24.75 -133.07 7.32
CA GLU N 167 -25.31 -132.92 5.99
C GLU N 167 -24.76 -133.88 4.95
N GLY N 168 -24.49 -135.06 5.52
CA GLY N 168 -24.12 -136.24 4.80
C GLY N 168 -22.67 -136.61 4.81
N TYR N 169 -21.79 -135.67 5.13
CA TYR N 169 -20.37 -135.94 5.12
C TYR N 169 -19.92 -136.40 6.50
N ALA N 170 -19.51 -137.68 6.59
CA ALA N 170 -18.98 -138.27 7.80
C ALA N 170 -17.71 -137.54 8.15
N LEU N 171 -17.53 -137.19 9.43
CA LEU N 171 -16.44 -136.32 9.84
C LEU N 171 -15.20 -137.09 10.27
N PRO N 172 -14.28 -137.33 9.35
CA PRO N 172 -13.06 -138.14 9.59
C PRO N 172 -12.31 -138.01 10.91
N HIS N 173 -12.06 -136.79 11.30
CA HIS N 173 -11.33 -136.54 12.54
C HIS N 173 -12.19 -136.67 13.78
N ALA N 174 -13.42 -137.10 13.76
CA ALA N 174 -14.16 -137.14 15.01
C ALA N 174 -14.64 -138.54 15.30
N ILE N 175 -14.48 -139.44 14.28
CA ILE N 175 -14.80 -140.88 14.29
C ILE N 175 -13.96 -141.64 15.32
N MET N 176 -14.57 -142.53 16.12
CA MET N 176 -13.87 -143.32 17.14
C MET N 176 -14.24 -144.76 16.89
N ARG N 177 -13.25 -145.58 17.08
CA ARG N 177 -13.38 -147.00 16.91
C ARG N 177 -12.99 -147.70 18.20
N LEU N 178 -13.85 -148.61 18.63
CA LEU N 178 -13.61 -149.36 19.85
C LEU N 178 -13.72 -150.81 19.39
N ASP N 179 -12.61 -151.56 19.38
CA ASP N 179 -12.61 -152.97 19.03
C ASP N 179 -13.14 -153.91 20.14
N LEU N 180 -14.42 -153.78 20.54
CA LEU N 180 -15.06 -154.71 21.45
C LEU N 180 -16.50 -154.70 20.98
N ALA N 181 -17.01 -155.86 20.58
CA ALA N 181 -18.35 -155.94 20.05
C ALA N 181 -19.04 -157.23 20.43
N GLY N 182 -20.07 -157.70 19.70
CA GLY N 182 -20.87 -158.85 20.03
C GLY N 182 -20.14 -160.18 20.16
N ARG N 183 -19.02 -160.33 19.45
CA ARG N 183 -18.14 -161.50 19.42
C ARG N 183 -17.46 -161.58 20.78
N ASP N 184 -16.82 -160.48 21.20
CA ASP N 184 -16.18 -160.31 22.50
C ASP N 184 -17.20 -160.58 23.61
N LEU N 185 -18.41 -160.03 23.41
CA LEU N 185 -19.52 -160.16 24.34
C LEU N 185 -20.11 -161.54 24.58
N THR N 186 -20.06 -162.41 23.56
CA THR N 186 -20.52 -163.79 23.68
C THR N 186 -19.46 -164.56 24.47
N ASP N 187 -18.17 -164.21 24.31
CA ASP N 187 -17.14 -164.97 24.97
C ASP N 187 -17.03 -164.61 26.42
N TYR N 188 -17.45 -163.39 26.77
CA TYR N 188 -17.44 -162.98 28.14
C TYR N 188 -18.63 -163.64 28.83
N LEU N 189 -19.79 -163.73 28.18
CA LEU N 189 -20.95 -164.36 28.82
C LEU N 189 -20.60 -165.77 29.16
N MET N 190 -19.95 -166.42 28.17
CA MET N 190 -19.46 -167.77 28.24
C MET N 190 -18.76 -168.06 29.56
N LYS N 191 -17.75 -167.22 29.86
CA LYS N 191 -17.02 -167.35 31.08
C LYS N 191 -17.97 -166.99 32.21
N ILE N 192 -18.72 -165.88 32.33
CA ILE N 192 -19.55 -165.69 33.53
C ILE N 192 -20.65 -166.73 33.75
N LEU N 193 -20.89 -167.55 32.74
CA LEU N 193 -21.89 -168.58 32.79
C LEU N 193 -21.22 -169.91 33.17
N THR N 194 -19.96 -170.17 32.77
CA THR N 194 -19.25 -171.36 33.26
C THR N 194 -18.89 -171.14 34.72
N GLU N 195 -18.60 -169.86 35.01
CA GLU N 195 -18.27 -169.32 36.31
C GLU N 195 -19.51 -169.39 37.22
N ARG N 196 -20.75 -169.40 36.67
CA ARG N 196 -21.97 -169.64 37.43
C ARG N 196 -22.06 -171.13 37.83
N GLY N 197 -21.08 -171.94 37.40
CA GLY N 197 -20.98 -173.35 37.70
C GLY N 197 -21.55 -174.13 36.55
N TYR N 198 -21.00 -174.00 35.33
CA TYR N 198 -21.53 -174.70 34.16
C TYR N 198 -20.43 -175.14 33.22
N SER N 199 -20.89 -175.87 32.19
CA SER N 199 -20.01 -176.38 31.15
C SER N 199 -20.61 -176.44 29.76
N PHE N 200 -19.91 -175.66 28.94
CA PHE N 200 -20.22 -175.58 27.53
C PHE N 200 -18.98 -176.27 26.98
N VAL N 201 -19.32 -177.55 26.90
CA VAL N 201 -18.33 -178.53 26.59
C VAL N 201 -18.34 -178.90 25.12
N THR N 202 -19.41 -179.52 24.58
CA THR N 202 -19.45 -179.86 23.15
C THR N 202 -19.77 -178.63 22.32
N THR N 203 -19.63 -178.70 20.99
CA THR N 203 -19.87 -177.55 20.13
C THR N 203 -21.34 -177.14 20.10
N ALA N 204 -22.25 -178.06 20.45
CA ALA N 204 -23.66 -177.73 20.60
C ALA N 204 -23.99 -176.99 21.91
N GLU N 205 -22.99 -176.85 22.76
CA GLU N 205 -23.12 -176.11 23.99
C GLU N 205 -22.51 -174.75 23.67
N ARG N 206 -21.30 -174.70 23.10
CA ARG N 206 -20.68 -173.43 22.68
C ARG N 206 -21.61 -172.45 21.91
N GLU N 207 -22.20 -172.90 20.80
CA GLU N 207 -22.95 -172.07 19.88
C GLU N 207 -24.16 -171.39 20.49
N ILE N 208 -24.87 -172.12 21.34
CA ILE N 208 -26.07 -171.63 21.98
C ILE N 208 -25.84 -170.60 23.09
N VAL N 209 -24.61 -170.36 23.59
CA VAL N 209 -24.35 -169.31 24.57
C VAL N 209 -24.64 -167.98 23.87
N ARG N 210 -24.37 -167.95 22.57
CA ARG N 210 -24.64 -166.81 21.74
C ARG N 210 -26.15 -166.60 21.61
N ASP N 211 -26.97 -167.66 21.57
CA ASP N 211 -28.42 -167.53 21.48
C ASP N 211 -29.04 -167.18 22.82
N ILE N 212 -28.30 -167.46 23.90
CA ILE N 212 -28.68 -167.02 25.25
C ILE N 212 -28.47 -165.51 25.29
N LYS N 213 -27.25 -165.01 24.98
CA LYS N 213 -26.91 -163.59 24.87
C LYS N 213 -27.96 -162.84 24.09
N GLU N 214 -28.32 -163.27 22.88
CA GLU N 214 -29.33 -162.57 22.09
C GLU N 214 -30.70 -162.58 22.77
N LYS N 215 -31.27 -163.72 23.17
CA LYS N 215 -32.62 -163.80 23.74
C LYS N 215 -32.88 -163.21 25.14
N LEU N 216 -32.00 -163.57 26.08
CA LEU N 216 -32.14 -163.20 27.48
C LEU N 216 -31.34 -162.02 27.93
N CYS N 217 -30.26 -161.55 27.27
CA CYS N 217 -29.55 -160.38 27.76
C CYS N 217 -30.18 -158.99 27.59
N TYR N 218 -29.84 -158.25 28.67
CA TYR N 218 -30.40 -156.95 29.01
C TYR N 218 -29.36 -155.88 29.28
N VAL N 219 -29.69 -154.60 29.08
CA VAL N 219 -28.83 -153.53 29.54
C VAL N 219 -29.73 -152.79 30.48
N ALA N 220 -29.37 -153.01 31.72
CA ALA N 220 -30.05 -152.31 32.75
C ALA N 220 -29.48 -150.92 32.94
N LEU N 221 -30.47 -150.09 33.26
CA LEU N 221 -30.27 -148.74 33.71
C LEU N 221 -30.24 -148.92 35.21
N ASP N 222 -29.22 -148.26 35.77
CA ASP N 222 -28.84 -148.38 37.17
C ASP N 222 -28.51 -149.85 37.45
N PHE N 223 -27.36 -150.16 36.83
CA PHE N 223 -26.74 -151.47 36.83
C PHE N 223 -26.16 -151.76 38.21
N GLU N 224 -26.06 -150.66 38.99
CA GLU N 224 -25.65 -150.55 40.38
C GLU N 224 -26.60 -151.30 41.33
N ASN N 225 -27.81 -150.74 41.40
CA ASN N 225 -28.87 -151.30 42.20
C ASN N 225 -29.70 -152.24 41.35
N GLU N 226 -29.00 -153.07 40.59
CA GLU N 226 -29.59 -154.16 39.81
C GLU N 226 -28.89 -155.46 40.24
N MET N 227 -27.60 -155.30 40.57
CA MET N 227 -26.79 -156.29 41.25
C MET N 227 -27.38 -156.41 42.65
N ALA N 228 -27.59 -155.26 43.33
CA ALA N 228 -28.25 -155.20 44.65
C ALA N 228 -29.59 -155.93 44.64
N THR N 229 -30.37 -155.68 43.58
CA THR N 229 -31.64 -156.38 43.37
C THR N 229 -31.44 -157.89 43.22
N ALA N 230 -30.37 -158.28 42.49
CA ALA N 230 -30.05 -159.68 42.22
C ALA N 230 -29.95 -160.50 43.48
N ALA N 231 -29.31 -159.88 44.47
CA ALA N 231 -29.05 -160.41 45.83
C ALA N 231 -30.27 -160.68 46.73
N SER N 232 -31.22 -159.73 46.78
CA SER N 232 -32.51 -159.92 47.46
C SER N 232 -33.28 -161.09 46.84
N SER N 233 -32.90 -161.38 45.58
CA SER N 233 -33.42 -162.42 44.68
C SER N 233 -34.93 -162.46 44.60
N SER N 234 -35.15 -161.61 43.59
CA SER N 234 -36.46 -161.39 43.04
C SER N 234 -36.64 -162.44 41.96
N SER N 235 -37.81 -162.33 41.31
CA SER N 235 -38.10 -163.15 40.16
C SER N 235 -37.48 -162.42 38.94
N LEU N 236 -36.16 -162.11 39.06
CA LEU N 236 -35.34 -161.50 38.02
C LEU N 236 -34.69 -162.62 37.19
N GLU N 237 -34.42 -163.81 37.80
CA GLU N 237 -33.82 -164.99 37.17
C GLU N 237 -34.46 -165.48 35.86
N LYS N 238 -33.70 -166.16 34.99
CA LYS N 238 -34.27 -166.66 33.75
C LYS N 238 -33.62 -167.93 33.23
N SER N 239 -34.39 -169.00 33.28
CA SER N 239 -33.94 -170.29 32.77
C SER N 239 -34.34 -170.60 31.33
N TYR N 240 -33.30 -170.99 30.59
CA TYR N 240 -33.33 -171.34 29.18
C TYR N 240 -33.19 -172.86 29.08
N GLU N 241 -33.98 -173.56 28.24
CA GLU N 241 -33.81 -175.01 28.02
C GLU N 241 -32.86 -175.27 26.85
N LEU N 242 -31.79 -176.01 27.12
CA LEU N 242 -30.71 -176.29 26.16
C LEU N 242 -31.10 -177.13 24.91
N PRO N 243 -30.26 -177.66 23.95
CA PRO N 243 -30.73 -178.47 22.80
C PRO N 243 -31.59 -179.67 23.24
N ASP N 244 -31.21 -180.18 24.42
CA ASP N 244 -31.90 -181.20 25.21
C ASP N 244 -32.64 -180.56 26.41
N GLY N 245 -32.98 -181.35 27.47
CA GLY N 245 -33.70 -180.90 28.66
C GLY N 245 -32.95 -179.89 29.51
N GLN N 246 -31.69 -180.24 29.85
CA GLN N 246 -30.74 -179.44 30.63
C GLN N 246 -30.99 -177.93 30.78
N VAL N 247 -31.99 -177.69 31.61
CA VAL N 247 -32.44 -176.33 31.90
C VAL N 247 -31.38 -175.57 32.70
N ILE N 248 -30.82 -174.63 31.97
CA ILE N 248 -29.81 -173.78 32.55
C ILE N 248 -30.46 -172.51 33.08
N THR N 249 -30.04 -172.00 34.25
CA THR N 249 -30.59 -170.76 34.78
C THR N 249 -29.52 -169.63 34.78
N ILE N 250 -30.04 -168.47 34.41
CA ILE N 250 -29.29 -167.24 34.25
C ILE N 250 -30.18 -166.21 34.88
N GLY N 251 -29.75 -165.73 36.01
CA GLY N 251 -30.52 -164.71 36.66
C GLY N 251 -29.99 -163.35 36.33
N ASN N 252 -28.85 -163.24 37.00
CA ASN N 252 -28.07 -162.04 37.19
C ASN N 252 -27.17 -161.68 35.97
N GLU N 253 -26.16 -162.51 35.59
CA GLU N 253 -25.24 -162.36 34.42
C GLU N 253 -25.79 -161.87 33.09
N ARG N 254 -27.08 -162.17 33.00
CA ARG N 254 -28.00 -161.66 32.00
C ARG N 254 -27.72 -160.18 31.59
N PHE N 255 -27.38 -159.30 32.56
CA PHE N 255 -27.05 -157.90 32.33
C PHE N 255 -25.58 -157.57 32.61
N ARG N 256 -24.85 -158.48 33.26
CA ARG N 256 -23.43 -158.28 33.52
C ARG N 256 -22.66 -158.30 32.19
N CYS N 257 -23.25 -158.96 31.19
CA CYS N 257 -22.69 -159.07 29.85
C CYS N 257 -22.79 -157.70 29.10
N PRO N 258 -23.92 -157.01 28.86
CA PRO N 258 -23.92 -155.70 28.22
C PRO N 258 -23.34 -154.60 29.14
N GLU N 259 -23.26 -154.71 30.49
CA GLU N 259 -22.54 -153.73 31.33
C GLU N 259 -21.08 -153.77 30.79
N THR N 260 -20.61 -154.79 30.03
CA THR N 260 -19.26 -154.77 29.49
C THR N 260 -19.13 -153.62 28.49
N LEU N 261 -20.14 -153.36 27.67
CA LEU N 261 -20.09 -152.21 26.76
C LEU N 261 -19.89 -150.82 27.43
N PHE N 262 -20.28 -150.59 28.71
CA PHE N 262 -20.04 -149.35 29.42
C PHE N 262 -18.78 -149.39 30.27
N GLN N 263 -18.43 -150.61 30.70
CA GLN N 263 -17.24 -150.90 31.48
C GLN N 263 -16.43 -151.95 30.73
N PRO N 264 -15.42 -151.56 29.94
CA PRO N 264 -14.54 -152.45 29.20
C PRO N 264 -13.59 -153.15 30.18
N SER N 265 -13.47 -152.58 31.40
CA SER N 265 -12.68 -153.10 32.53
C SER N 265 -13.09 -154.52 33.03
N PHE N 266 -14.35 -154.90 32.69
CA PHE N 266 -14.91 -156.23 32.91
C PHE N 266 -14.18 -157.27 32.10
N ILE N 267 -13.50 -156.80 31.05
CA ILE N 267 -12.80 -157.71 30.18
C ILE N 267 -11.35 -157.33 29.96
N GLY N 268 -10.73 -156.68 30.94
CA GLY N 268 -9.33 -156.36 30.77
C GLY N 268 -9.07 -155.38 29.65
N MET N 269 -10.11 -154.64 29.28
CA MET N 269 -9.91 -153.55 28.36
C MET N 269 -9.75 -152.25 29.14
N GLU N 270 -8.69 -151.51 28.76
CA GLU N 270 -8.38 -150.18 29.33
C GLU N 270 -8.99 -148.97 28.60
N SER N 271 -9.56 -149.22 27.41
CA SER N 271 -10.27 -148.22 26.62
C SER N 271 -11.50 -147.71 27.36
N ALA N 272 -11.96 -146.54 26.90
CA ALA N 272 -13.17 -145.93 27.44
C ALA N 272 -14.42 -146.68 26.94
N GLY N 273 -15.62 -146.41 27.45
CA GLY N 273 -16.79 -147.16 27.00
C GLY N 273 -17.73 -146.35 26.12
N ILE N 274 -18.59 -147.09 25.39
CA ILE N 274 -19.62 -146.57 24.49
C ILE N 274 -20.14 -145.14 24.71
N HIS N 275 -20.61 -144.82 25.92
CA HIS N 275 -21.20 -143.52 26.24
C HIS N 275 -20.21 -142.38 26.33
N GLU N 276 -19.04 -142.67 26.88
CA GLU N 276 -17.99 -141.70 26.98
C GLU N 276 -17.47 -141.44 25.63
N THR N 277 -17.41 -142.48 24.82
CA THR N 277 -16.88 -142.38 23.48
C THR N 277 -17.86 -141.60 22.63
N THR N 278 -19.17 -141.76 22.77
CA THR N 278 -20.18 -140.96 22.07
C THR N 278 -19.91 -139.46 22.27
N TYR N 279 -19.65 -139.20 23.55
CA TYR N 279 -19.38 -137.91 24.04
C TYR N 279 -18.08 -137.42 23.52
N ASN N 280 -16.99 -138.18 23.59
CA ASN N 280 -15.72 -137.63 23.19
C ASN N 280 -15.67 -137.26 21.73
N SER N 281 -16.42 -138.03 20.91
CA SER N 281 -16.53 -137.83 19.47
C SER N 281 -17.09 -136.42 19.30
N ILE N 282 -18.11 -136.19 20.14
CA ILE N 282 -18.86 -134.96 20.14
C ILE N 282 -17.99 -133.84 20.64
N MET N 283 -17.20 -133.88 21.73
CA MET N 283 -16.38 -132.70 22.02
C MET N 283 -15.12 -132.58 21.13
N LYS N 284 -15.01 -133.41 20.06
CA LYS N 284 -13.99 -133.33 19.00
C LYS N 284 -14.50 -132.66 17.71
N CYS N 285 -15.80 -132.38 17.66
CA CYS N 285 -16.46 -131.77 16.53
C CYS N 285 -16.61 -130.27 16.67
N ASP N 286 -16.99 -129.56 15.61
CA ASP N 286 -17.23 -128.14 15.72
C ASP N 286 -18.37 -127.96 16.71
N ILE N 287 -18.19 -126.85 17.41
CA ILE N 287 -19.03 -126.28 18.51
C ILE N 287 -20.51 -125.97 18.19
N ASP N 288 -20.64 -125.35 17.01
CA ASP N 288 -21.92 -124.99 16.49
C ASP N 288 -22.66 -126.26 16.09
N ILE N 289 -21.99 -127.40 15.74
CA ILE N 289 -22.75 -128.60 15.35
C ILE N 289 -23.04 -129.50 16.51
N ARG N 290 -22.45 -129.28 17.68
CA ARG N 290 -22.70 -130.15 18.80
C ARG N 290 -24.16 -130.11 19.24
N LYS N 291 -25.06 -129.11 19.12
CA LYS N 291 -26.43 -129.38 19.58
C LYS N 291 -27.13 -130.41 18.70
N ASP N 292 -26.73 -130.47 17.39
CA ASP N 292 -27.34 -131.34 16.40
C ASP N 292 -27.02 -132.79 16.69
N LEU N 293 -25.73 -133.09 16.80
CA LEU N 293 -25.28 -134.40 17.14
C LEU N 293 -25.94 -134.91 18.42
N TYR N 294 -26.09 -134.04 19.45
CA TYR N 294 -26.69 -134.50 20.68
C TYR N 294 -28.14 -134.88 20.59
N ALA N 295 -28.89 -134.23 19.73
CA ALA N 295 -30.29 -134.60 19.61
C ALA N 295 -30.48 -135.70 18.56
N ASN N 296 -29.37 -136.31 18.08
CA ASN N 296 -29.48 -137.30 17.03
C ASN N 296 -28.44 -138.37 17.11
N ASN N 297 -28.53 -139.13 18.19
CA ASN N 297 -27.67 -140.26 18.45
C ASN N 297 -28.41 -141.43 17.88
N VAL N 298 -28.05 -141.87 16.71
CA VAL N 298 -28.75 -142.94 16.06
C VAL N 298 -27.91 -144.15 16.37
N MET N 299 -28.62 -145.21 16.75
CA MET N 299 -27.97 -146.47 17.01
C MET N 299 -28.21 -147.50 15.90
N SER N 300 -27.14 -148.20 15.52
CA SER N 300 -27.35 -149.30 14.63
C SER N 300 -26.37 -150.41 14.95
N GLY N 301 -26.73 -151.63 14.52
CA GLY N 301 -25.89 -152.79 14.72
C GLY N 301 -26.46 -153.87 15.66
N GLY N 302 -26.14 -155.13 15.37
CA GLY N 302 -26.64 -156.25 16.15
C GLY N 302 -26.39 -156.08 17.64
N THR N 303 -25.22 -155.63 18.06
CA THR N 303 -24.92 -155.54 19.46
C THR N 303 -25.64 -154.36 20.13
N THR N 304 -26.30 -153.43 19.43
CA THR N 304 -27.02 -152.34 20.11
C THR N 304 -28.48 -152.70 20.34
N MET N 305 -28.81 -153.98 20.12
CA MET N 305 -30.18 -154.47 20.23
C MET N 305 -30.56 -154.89 21.65
N TYR N 306 -29.59 -155.10 22.58
CA TYR N 306 -29.84 -155.44 23.98
C TYR N 306 -30.91 -154.52 24.54
N PRO N 307 -32.14 -154.90 24.94
CA PRO N 307 -33.13 -153.97 25.49
C PRO N 307 -32.55 -153.06 26.61
N GLY N 308 -33.03 -151.80 26.64
CA GLY N 308 -32.65 -150.83 27.66
C GLY N 308 -31.29 -150.20 27.47
N ILE N 309 -30.81 -150.35 26.24
CA ILE N 309 -29.51 -149.84 25.82
C ILE N 309 -29.58 -148.35 25.60
N ALA N 310 -30.76 -147.99 25.05
CA ALA N 310 -31.08 -146.64 24.70
C ALA N 310 -31.30 -145.85 25.99
N ASP N 311 -32.09 -146.35 27.00
CA ASP N 311 -32.33 -145.65 28.27
C ASP N 311 -31.04 -145.41 29.04
N ARG N 312 -30.17 -146.43 29.13
CA ARG N 312 -28.88 -146.31 29.77
C ARG N 312 -28.11 -145.25 29.00
N MET N 313 -28.06 -145.25 27.66
CA MET N 313 -27.27 -144.26 26.91
C MET N 313 -27.80 -142.84 27.03
N GLN N 314 -29.12 -142.76 27.18
CA GLN N 314 -29.90 -141.55 27.34
C GLN N 314 -29.43 -140.82 28.56
N LYS N 315 -29.41 -141.58 29.64
CA LYS N 315 -28.96 -141.07 30.92
C LYS N 315 -27.47 -141.01 31.06
N GLU N 316 -26.78 -141.79 30.25
CA GLU N 316 -25.34 -141.75 30.33
C GLU N 316 -24.82 -140.45 29.74
N ILE N 317 -25.37 -140.02 28.59
CA ILE N 317 -24.84 -138.79 28.04
C ILE N 317 -25.58 -137.57 28.58
N THR N 318 -26.82 -137.59 29.08
CA THR N 318 -27.44 -136.39 29.66
C THR N 318 -26.54 -135.86 30.78
N ALA N 319 -26.17 -136.82 31.61
CA ALA N 319 -25.29 -136.54 32.73
C ALA N 319 -23.81 -136.28 32.40
N LEU N 320 -23.43 -136.14 31.12
CA LEU N 320 -22.08 -135.71 30.77
C LEU N 320 -22.12 -134.44 29.93
N ALA N 321 -23.28 -134.26 29.28
CA ALA N 321 -23.55 -133.12 28.43
C ALA N 321 -23.98 -131.87 29.21
N PRO N 322 -23.68 -130.63 28.76
CA PRO N 322 -24.06 -129.38 29.44
C PRO N 322 -25.59 -129.31 29.57
N SER N 323 -26.24 -129.04 30.72
CA SER N 323 -27.72 -129.07 30.84
C SER N 323 -28.62 -128.28 29.91
N THR N 324 -27.98 -127.31 29.25
CA THR N 324 -28.58 -126.47 28.24
C THR N 324 -28.91 -127.29 26.97
N MET N 325 -28.45 -128.55 26.94
CA MET N 325 -28.54 -129.40 25.78
C MET N 325 -29.69 -130.37 25.81
N LYS N 326 -30.13 -130.64 24.60
CA LYS N 326 -31.13 -131.65 24.37
C LYS N 326 -30.38 -132.91 23.91
N ILE N 327 -30.64 -134.00 24.63
CA ILE N 327 -30.08 -135.31 24.34
C ILE N 327 -31.17 -136.05 23.56
N LYS N 328 -30.86 -136.92 22.60
CA LYS N 328 -31.89 -137.77 21.98
C LYS N 328 -31.27 -138.97 21.28
N ILE N 329 -31.54 -140.13 21.93
CA ILE N 329 -31.02 -141.44 21.50
C ILE N 329 -32.07 -142.21 20.70
N ILE N 330 -31.92 -142.19 19.37
CA ILE N 330 -32.80 -142.91 18.49
C ILE N 330 -32.18 -144.31 18.30
N ALA N 331 -33.03 -145.31 18.57
CA ALA N 331 -32.72 -146.73 18.43
C ALA N 331 -33.92 -147.39 17.75
N PRO N 332 -33.99 -147.51 16.43
CA PRO N 332 -35.13 -148.15 15.76
C PRO N 332 -35.13 -149.67 15.96
N PRO N 333 -36.27 -150.35 15.73
CA PRO N 333 -36.43 -151.79 15.90
C PRO N 333 -35.69 -152.59 14.85
N GLU N 334 -35.66 -152.12 13.60
CA GLU N 334 -34.99 -152.89 12.61
C GLU N 334 -33.50 -152.66 12.71
N ARG N 335 -32.93 -151.92 13.69
CA ARG N 335 -31.50 -151.61 13.72
C ARG N 335 -30.42 -152.65 13.39
N LYS N 336 -30.65 -153.95 13.57
CA LYS N 336 -29.67 -154.94 13.13
C LYS N 336 -29.55 -154.89 11.59
N TYR N 337 -30.45 -154.30 10.80
CA TYR N 337 -30.28 -154.07 9.37
C TYR N 337 -30.33 -152.57 8.95
N SER N 338 -30.10 -151.56 9.81
CA SER N 338 -30.19 -150.14 9.44
C SER N 338 -29.37 -149.79 8.22
N VAL N 339 -28.10 -150.19 8.34
CA VAL N 339 -27.10 -150.06 7.30
C VAL N 339 -27.67 -150.54 5.99
N TRP N 340 -28.24 -151.76 5.97
CA TRP N 340 -28.68 -152.38 4.73
C TRP N 340 -29.88 -151.64 4.16
N ILE N 341 -30.79 -151.25 5.06
CA ILE N 341 -32.04 -150.67 4.67
C ILE N 341 -31.74 -149.31 4.10
N GLY N 342 -30.77 -148.58 4.68
CA GLY N 342 -30.35 -147.27 4.20
C GLY N 342 -29.80 -147.38 2.79
N GLY N 343 -29.17 -148.51 2.47
CA GLY N 343 -28.64 -148.76 1.16
C GLY N 343 -29.75 -149.09 0.19
N SER N 344 -30.76 -149.87 0.64
CA SER N 344 -31.89 -150.24 -0.17
C SER N 344 -32.69 -149.05 -0.64
N ILE N 345 -32.86 -148.11 0.31
CA ILE N 345 -33.59 -146.88 0.07
C ILE N 345 -32.84 -146.07 -0.97
N LEU N 346 -31.61 -145.72 -0.60
CA LEU N 346 -30.73 -144.91 -1.40
C LEU N 346 -30.58 -145.46 -2.81
N ALA N 347 -30.32 -146.76 -2.93
CA ALA N 347 -30.04 -147.30 -4.24
C ALA N 347 -31.29 -147.46 -5.05
N SER N 348 -32.47 -147.56 -4.44
CA SER N 348 -33.68 -147.65 -5.25
C SER N 348 -34.18 -146.24 -5.62
N LEU N 349 -33.66 -145.23 -4.93
CA LEU N 349 -33.96 -143.84 -5.18
C LEU N 349 -33.68 -143.35 -6.59
N SER N 350 -34.68 -142.53 -6.86
CA SER N 350 -34.89 -141.74 -8.06
C SER N 350 -33.67 -140.86 -8.35
N THR N 351 -32.99 -140.28 -7.36
CA THR N 351 -31.85 -139.42 -7.63
C THR N 351 -30.45 -140.01 -7.62
N PHE N 352 -30.38 -141.30 -7.30
CA PHE N 352 -29.09 -141.93 -7.09
C PHE N 352 -28.41 -142.41 -8.37
N GLN N 353 -29.25 -142.47 -9.39
CA GLN N 353 -28.82 -142.99 -10.65
C GLN N 353 -27.60 -142.28 -11.16
N GLN N 354 -27.58 -140.95 -11.02
CA GLN N 354 -26.42 -140.18 -11.43
C GLN N 354 -25.18 -140.30 -10.53
N MET N 355 -25.17 -141.06 -9.41
CA MET N 355 -23.90 -141.36 -8.70
C MET N 355 -23.34 -142.77 -8.91
N TRP N 356 -24.08 -143.70 -9.53
CA TRP N 356 -23.55 -145.02 -9.87
C TRP N 356 -22.23 -145.01 -10.62
N ILE N 357 -21.09 -145.61 -10.21
CA ILE N 357 -19.89 -145.64 -11.05
C ILE N 357 -20.07 -146.70 -12.15
N THR N 358 -20.12 -146.29 -13.43
CA THR N 358 -20.36 -147.25 -14.50
C THR N 358 -19.04 -147.75 -15.06
N LYS N 359 -19.04 -148.93 -15.68
CA LYS N 359 -17.86 -149.44 -16.41
C LYS N 359 -17.29 -148.42 -17.38
N GLN N 360 -18.11 -147.49 -17.89
CA GLN N 360 -17.67 -146.41 -18.77
C GLN N 360 -16.75 -145.59 -17.86
N GLU N 361 -17.23 -145.00 -16.75
CA GLU N 361 -16.33 -144.29 -15.83
C GLU N 361 -15.05 -145.06 -15.49
N TYR N 362 -15.20 -146.33 -15.13
CA TYR N 362 -14.05 -147.11 -14.74
C TYR N 362 -13.07 -147.36 -15.87
N ASP N 363 -13.47 -148.00 -16.98
CA ASP N 363 -12.55 -148.31 -18.08
C ASP N 363 -11.81 -147.07 -18.56
N GLU N 364 -12.43 -145.92 -18.32
CA GLU N 364 -11.82 -144.64 -18.66
C GLU N 364 -11.05 -143.93 -17.56
N ALA N 365 -11.38 -144.05 -16.25
CA ALA N 365 -10.68 -143.30 -15.19
C ALA N 365 -9.78 -144.03 -14.18
N GLY N 366 -9.84 -145.37 -14.22
CA GLY N 366 -9.13 -146.27 -13.31
C GLY N 366 -9.84 -146.31 -11.96
N PRO N 367 -9.46 -147.13 -10.98
CA PRO N 367 -10.20 -147.32 -9.71
C PRO N 367 -10.40 -146.06 -8.88
N SER N 368 -9.54 -145.08 -9.22
CA SER N 368 -9.54 -143.75 -8.70
C SER N 368 -10.93 -143.13 -8.80
N ILE N 369 -11.62 -143.34 -9.93
CA ILE N 369 -12.96 -142.80 -10.19
C ILE N 369 -13.97 -142.91 -9.06
N VAL N 370 -14.15 -144.12 -8.49
CA VAL N 370 -15.12 -144.36 -7.43
C VAL N 370 -14.55 -143.99 -6.07
N HIS N 371 -13.22 -143.96 -5.99
CA HIS N 371 -12.59 -143.69 -4.73
C HIS N 371 -13.01 -142.34 -4.12
N ARG N 372 -13.36 -141.35 -4.98
CA ARG N 372 -13.77 -140.00 -4.60
C ARG N 372 -12.53 -139.33 -3.95
N ASP O 1 28.99 -117.43 46.50
CA ASP O 1 28.69 -118.88 46.40
C ASP O 1 27.37 -119.23 47.09
N GLU O 2 27.19 -118.55 48.23
CA GLU O 2 26.01 -118.55 49.08
C GLU O 2 24.74 -118.92 48.32
N ASP O 3 24.61 -118.18 47.22
CA ASP O 3 23.60 -118.52 46.28
C ASP O 3 24.14 -118.62 44.84
N GLU O 4 25.45 -118.39 44.53
CA GLU O 4 26.02 -118.54 43.19
C GLU O 4 25.84 -119.99 42.73
N THR O 5 26.09 -120.90 43.69
CA THR O 5 25.93 -122.36 43.51
C THR O 5 24.49 -122.85 43.61
N THR O 6 23.92 -122.17 44.60
CA THR O 6 22.65 -122.34 45.25
C THR O 6 21.38 -121.96 44.49
N ALA O 7 21.40 -121.21 43.38
CA ALA O 7 20.17 -120.88 42.67
C ALA O 7 19.67 -122.08 41.87
N LEU O 8 18.39 -122.37 41.98
CA LEU O 8 17.77 -123.50 41.29
C LEU O 8 17.02 -122.99 40.06
N VAL O 9 16.84 -123.78 39.00
CA VAL O 9 16.07 -123.29 37.89
C VAL O 9 15.15 -124.40 37.53
N CYS O 10 13.85 -124.11 37.64
CA CYS O 10 12.87 -125.11 37.39
C CYS O 10 11.95 -124.64 36.31
N ASP O 11 12.00 -125.31 35.15
CA ASP O 11 11.09 -125.03 34.06
C ASP O 11 9.95 -126.07 33.94
N ASN O 12 8.75 -125.62 34.31
CA ASN O 12 7.57 -126.44 34.37
C ASN O 12 6.89 -126.48 33.03
N GLY O 13 6.76 -127.68 32.45
CA GLY O 13 6.11 -127.83 31.16
C GLY O 13 4.87 -128.67 31.24
N SER O 14 4.26 -128.70 30.07
CA SER O 14 3.09 -129.51 29.87
C SER O 14 3.45 -130.97 29.79
N GLY O 15 4.62 -131.36 29.30
CA GLY O 15 4.99 -132.75 29.15
C GLY O 15 6.12 -133.05 30.08
N LEU O 16 7.18 -132.22 30.11
CA LEU O 16 8.39 -132.40 30.90
C LEU O 16 8.74 -131.31 31.91
N VAL O 17 9.39 -131.62 33.03
CA VAL O 17 9.93 -130.63 33.93
C VAL O 17 11.41 -130.59 33.55
N LYS O 18 12.09 -129.46 33.50
CA LYS O 18 13.52 -129.40 33.31
C LYS O 18 14.04 -128.70 34.56
N ALA O 19 15.04 -129.21 35.26
CA ALA O 19 15.45 -128.65 36.54
C ALA O 19 16.96 -128.82 36.76
N GLY O 20 17.53 -128.14 37.73
CA GLY O 20 18.97 -128.15 37.84
C GLY O 20 19.43 -126.91 38.55
N PHE O 21 20.75 -126.69 38.52
CA PHE O 21 21.35 -125.56 39.23
C PHE O 21 21.79 -124.51 38.25
N ALA O 22 21.52 -123.24 38.59
CA ALA O 22 21.94 -122.10 37.80
C ALA O 22 23.44 -122.24 37.82
N GLY O 23 24.01 -122.13 36.64
CA GLY O 23 25.42 -122.40 36.51
C GLY O 23 25.55 -123.54 35.54
N ASP O 24 24.88 -124.68 35.70
CA ASP O 24 25.01 -125.80 34.78
C ASP O 24 24.64 -125.44 33.35
N ASP O 25 25.08 -126.27 32.41
CA ASP O 25 24.86 -125.99 30.98
C ASP O 25 23.56 -126.55 30.39
N ALA O 26 23.03 -127.53 31.16
CA ALA O 26 21.83 -128.29 30.81
C ALA O 26 21.15 -128.76 32.09
N PRO O 27 19.84 -129.07 32.04
CA PRO O 27 19.09 -129.55 33.20
C PRO O 27 19.60 -130.84 33.84
N ARG O 28 19.75 -130.78 35.14
CA ARG O 28 20.15 -131.94 35.90
C ARG O 28 19.00 -132.93 35.96
N ALA O 29 17.76 -132.45 35.82
CA ALA O 29 16.62 -133.31 35.93
C ALA O 29 15.57 -133.01 34.89
N VAL O 30 15.14 -134.06 34.20
CA VAL O 30 14.16 -133.97 33.14
C VAL O 30 13.25 -135.17 33.35
N PHE O 31 11.94 -134.96 33.45
CA PHE O 31 11.05 -136.06 33.73
C PHE O 31 9.61 -135.73 33.46
N PRO O 32 8.69 -136.65 33.17
CA PRO O 32 7.30 -136.31 32.92
C PRO O 32 6.60 -135.61 34.08
N SER O 33 5.68 -134.79 33.60
CA SER O 33 4.89 -133.91 34.39
C SER O 33 3.60 -134.65 34.64
N ILE O 34 3.66 -135.81 35.30
CA ILE O 34 2.49 -136.56 35.71
C ILE O 34 2.46 -136.85 37.19
N VAL O 35 1.33 -137.24 37.74
CA VAL O 35 1.13 -137.55 39.12
C VAL O 35 0.14 -138.67 38.99
N GLY O 36 0.57 -139.86 39.40
CA GLY O 36 -0.21 -141.04 39.31
C GLY O 36 -0.78 -141.34 40.65
N ARG O 37 -2.02 -141.83 40.61
CA ARG O 37 -2.78 -142.14 41.79
C ARG O 37 -3.23 -143.60 41.65
N PRO O 38 -2.80 -144.58 42.44
CA PRO O 38 -3.19 -145.99 42.28
C PRO O 38 -4.66 -146.32 42.28
N ARG O 39 -5.07 -146.93 41.19
CA ARG O 39 -6.44 -147.44 41.08
C ARG O 39 -6.79 -148.54 42.05
N HIS O 40 -5.82 -149.28 42.71
CA HIS O 40 -6.15 -150.39 43.63
C HIS O 40 -5.32 -150.49 44.87
N GLN O 41 -5.78 -151.13 45.93
CA GLN O 41 -4.89 -151.23 47.07
C GLN O 41 -3.97 -152.42 46.99
N GLY O 42 -2.70 -152.17 47.34
CA GLY O 42 -1.64 -153.14 47.25
C GLY O 42 -0.28 -152.51 47.27
N VAL O 43 0.79 -153.31 47.19
CA VAL O 43 2.16 -152.84 47.25
C VAL O 43 3.16 -153.47 46.26
N MET O 44 4.31 -152.82 46.07
CA MET O 44 5.40 -153.45 45.31
C MET O 44 6.15 -154.19 46.41
N VAL O 45 6.89 -155.23 46.04
CA VAL O 45 7.68 -155.99 46.96
C VAL O 45 8.77 -155.14 47.63
N GLY O 46 8.63 -154.99 48.93
CA GLY O 46 9.65 -154.34 49.71
C GLY O 46 9.30 -152.89 50.00
N MET O 47 8.34 -152.34 49.27
CA MET O 47 7.91 -151.01 49.55
C MET O 47 6.64 -151.02 50.37
N GLY O 48 6.33 -149.83 50.90
CA GLY O 48 5.07 -149.59 51.58
C GLY O 48 4.05 -149.06 50.55
N GLN O 49 2.82 -148.96 51.09
CA GLN O 49 1.70 -148.33 50.39
C GLN O 49 2.05 -146.88 50.04
N LYS O 50 1.83 -146.56 48.80
CA LYS O 50 2.21 -145.28 48.28
C LYS O 50 0.89 -144.72 47.83
N ASP O 51 0.75 -143.48 48.23
CA ASP O 51 -0.44 -142.74 47.88
C ASP O 51 -0.40 -142.13 46.50
N SER O 52 0.83 -141.95 46.01
CA SER O 52 0.99 -141.16 44.83
C SER O 52 2.28 -141.48 44.13
N TYR O 53 2.39 -141.17 42.87
CA TYR O 53 3.59 -141.46 42.14
C TYR O 53 3.87 -140.28 41.25
N VAL O 54 5.10 -139.89 40.92
CA VAL O 54 5.35 -138.71 40.10
C VAL O 54 6.48 -139.00 39.12
N GLY O 55 6.37 -138.41 37.93
CA GLY O 55 7.41 -138.50 36.92
C GLY O 55 7.46 -139.85 36.30
N ASP O 56 8.67 -140.41 36.24
CA ASP O 56 8.87 -141.70 35.61
C ASP O 56 8.27 -142.82 36.41
N GLU O 57 8.26 -142.88 37.73
CA GLU O 57 7.57 -143.96 38.39
C GLU O 57 6.07 -143.97 38.10
N ALA O 58 5.47 -142.84 37.77
CA ALA O 58 4.08 -142.81 37.38
C ALA O 58 3.95 -143.32 35.95
N GLN O 59 4.91 -143.05 35.10
CA GLN O 59 4.80 -143.50 33.74
C GLN O 59 4.99 -145.02 33.75
N SER O 60 6.04 -145.51 34.38
CA SER O 60 6.34 -146.93 34.39
C SER O 60 5.30 -147.84 35.00
N LYS O 61 4.61 -147.30 35.97
CA LYS O 61 3.61 -148.08 36.63
C LYS O 61 2.27 -147.62 36.12
N ARG O 62 2.08 -147.10 34.90
CA ARG O 62 0.79 -146.51 34.54
C ARG O 62 -0.45 -147.38 34.52
N GLY O 63 -0.25 -148.67 34.30
CA GLY O 63 -1.33 -149.63 34.30
C GLY O 63 -2.07 -149.73 35.63
N ILE O 64 -1.54 -149.41 36.82
CA ILE O 64 -2.35 -149.51 38.03
C ILE O 64 -2.74 -148.17 38.66
N LEU O 65 -2.45 -147.06 38.00
CA LEU O 65 -2.67 -145.72 38.53
C LEU O 65 -3.51 -144.86 37.60
N THR O 66 -4.12 -143.76 38.08
CA THR O 66 -4.81 -142.86 37.18
C THR O 66 -3.86 -141.68 37.12
N LEU O 67 -3.37 -141.50 35.89
CA LEU O 67 -2.39 -140.49 35.57
C LEU O 67 -3.04 -139.16 35.40
N LYS O 68 -2.39 -138.09 35.91
CA LYS O 68 -2.94 -136.74 35.71
C LYS O 68 -1.86 -135.75 35.42
N TYR O 69 -2.18 -134.89 34.45
CA TYR O 69 -1.31 -133.83 33.98
C TYR O 69 -1.62 -132.45 34.64
N PRO O 70 -0.89 -131.91 35.65
CA PRO O 70 -1.14 -130.63 36.32
C PRO O 70 -1.11 -129.37 35.49
N ILE O 71 -0.43 -129.43 34.35
CA ILE O 71 -0.27 -128.27 33.51
C ILE O 71 -0.95 -128.49 32.15
N GLU O 72 -2.11 -127.85 31.99
CA GLU O 72 -2.78 -128.01 30.73
C GLU O 72 -2.48 -126.82 29.84
N HIS O 73 -1.78 -127.09 28.73
CA HIS O 73 -1.42 -126.05 27.78
C HIS O 73 -0.53 -124.97 28.38
N GLY O 74 0.41 -125.38 29.22
CA GLY O 74 1.36 -124.44 29.79
C GLY O 74 0.87 -123.76 31.04
N ILE O 75 -0.43 -123.78 31.34
CA ILE O 75 -0.98 -123.11 32.54
C ILE O 75 -1.18 -124.10 33.68
N ILE O 76 -0.88 -123.85 34.97
CA ILE O 76 -1.09 -124.84 36.05
C ILE O 76 -2.59 -124.86 36.31
N THR O 77 -3.16 -126.04 36.09
CA THR O 77 -4.57 -126.30 36.26
C THR O 77 -4.86 -126.97 37.60
N ASN O 78 -3.97 -127.83 38.13
CA ASN O 78 -4.24 -128.39 39.45
C ASN O 78 -3.09 -128.13 40.38
N TRP O 79 -3.37 -127.30 41.39
CA TRP O 79 -2.35 -126.86 42.34
C TRP O 79 -1.97 -127.88 43.39
N ASP O 80 -2.80 -128.89 43.66
CA ASP O 80 -2.49 -129.98 44.63
C ASP O 80 -1.46 -130.90 44.00
N ASP O 81 -1.76 -131.33 42.79
CA ASP O 81 -0.82 -132.06 41.96
C ASP O 81 0.40 -131.32 41.49
N MET O 82 0.47 -130.00 41.44
CA MET O 82 1.68 -129.30 41.03
C MET O 82 2.60 -129.29 42.23
N GLU O 83 2.13 -128.97 43.43
CA GLU O 83 2.95 -128.94 44.63
C GLU O 83 3.59 -130.30 44.84
N LYS O 84 2.87 -131.35 44.41
CA LYS O 84 3.45 -132.70 44.36
C LYS O 84 4.63 -132.76 43.38
N ILE O 85 4.53 -132.29 42.11
CA ILE O 85 5.68 -132.31 41.21
C ILE O 85 6.83 -131.47 41.73
N TRP O 86 6.59 -130.30 42.34
CA TRP O 86 7.68 -129.50 42.89
C TRP O 86 8.38 -130.23 44.00
N HIS O 87 7.59 -130.83 44.90
CA HIS O 87 8.15 -131.57 46.02
C HIS O 87 9.14 -132.63 45.53
N HIS O 88 8.66 -133.41 44.54
CA HIS O 88 9.47 -134.42 43.91
C HIS O 88 10.73 -133.81 43.33
N THR O 89 10.65 -132.64 42.71
CA THR O 89 11.81 -132.05 42.08
C THR O 89 12.86 -131.68 43.07
N PHE O 90 12.48 -130.98 44.12
CA PHE O 90 13.47 -130.60 45.10
C PHE O 90 14.01 -131.80 45.83
N TYR O 91 13.13 -132.56 46.46
CA TYR O 91 13.59 -133.55 47.37
C TYR O 91 14.11 -134.82 46.83
N ASN O 92 13.61 -135.26 45.69
CA ASN O 92 14.07 -136.54 45.16
C ASN O 92 14.97 -136.34 43.96
N GLU O 93 14.55 -135.53 42.99
CA GLU O 93 15.34 -135.34 41.81
C GLU O 93 16.62 -134.57 42.09
N LEU O 94 16.57 -133.36 42.68
CA LEU O 94 17.78 -132.58 42.89
C LEU O 94 18.34 -132.86 44.28
N ARG O 95 17.55 -133.51 45.14
CA ARG O 95 17.88 -133.93 46.51
C ARG O 95 18.37 -132.81 47.43
N VAL O 96 17.93 -131.60 47.12
CA VAL O 96 18.32 -130.43 47.88
C VAL O 96 17.24 -130.15 48.91
N ALA O 97 17.56 -129.37 49.95
CA ALA O 97 16.51 -128.88 50.83
C ALA O 97 16.16 -127.54 50.21
N PRO O 98 14.93 -127.17 49.88
CA PRO O 98 14.58 -125.89 49.28
C PRO O 98 14.77 -124.66 50.14
N GLU O 99 14.65 -124.79 51.48
CA GLU O 99 14.77 -123.63 52.36
C GLU O 99 16.10 -122.96 52.49
N GLU O 100 17.10 -123.42 51.74
CA GLU O 100 18.31 -122.63 51.63
C GLU O 100 18.69 -122.40 50.17
N HIS O 101 17.77 -122.52 49.18
CA HIS O 101 18.13 -122.28 47.79
C HIS O 101 17.28 -121.27 47.09
N PRO O 102 17.75 -120.21 46.42
CA PRO O 102 16.89 -119.29 45.71
C PRO O 102 16.36 -120.11 44.54
N THR O 103 15.11 -119.94 44.10
CA THR O 103 14.48 -120.75 43.06
C THR O 103 13.98 -119.90 41.88
N LEU O 104 14.50 -120.01 40.64
CA LEU O 104 13.96 -119.28 39.51
C LEU O 104 13.05 -120.24 38.83
N LEU O 105 11.80 -119.80 38.71
CA LEU O 105 10.76 -120.57 38.07
C LEU O 105 10.35 -120.00 36.73
N THR O 106 9.62 -120.73 35.89
CA THR O 106 9.15 -120.10 34.69
C THR O 106 7.64 -120.17 34.59
N GLU O 107 7.05 -119.21 33.90
CA GLU O 107 5.62 -119.28 33.61
C GLU O 107 5.40 -119.09 32.11
N ALA O 108 4.17 -119.28 31.70
CA ALA O 108 3.80 -119.15 30.31
C ALA O 108 3.47 -117.73 29.90
N PRO O 109 3.47 -117.48 28.59
CA PRO O 109 3.15 -116.20 28.01
C PRO O 109 2.05 -115.33 28.57
N LEU O 110 0.78 -115.70 28.69
CA LEU O 110 -0.19 -114.73 29.22
C LEU O 110 -0.73 -115.37 30.48
N ASN O 111 0.17 -115.86 31.34
CA ASN O 111 -0.15 -116.55 32.58
C ASN O 111 -0.91 -115.58 33.43
N PRO O 112 -2.10 -115.99 33.86
CA PRO O 112 -2.98 -115.18 34.69
C PRO O 112 -2.31 -114.66 35.95
N LYS O 113 -2.42 -113.36 36.19
CA LYS O 113 -1.81 -112.66 37.34
C LYS O 113 -1.87 -113.39 38.68
N ALA O 114 -3.04 -114.01 38.84
CA ALA O 114 -3.42 -114.76 40.01
C ALA O 114 -2.64 -116.03 40.25
N ASN O 115 -2.18 -116.68 39.17
CA ASN O 115 -1.35 -117.88 39.21
C ASN O 115 0.05 -117.52 39.65
N ARG O 116 0.63 -116.42 39.10
CA ARG O 116 2.00 -115.99 39.41
C ARG O 116 2.00 -115.66 40.89
N GLU O 117 0.94 -115.01 41.39
CA GLU O 117 0.77 -114.85 42.83
C GLU O 117 0.57 -116.19 43.58
N LYS O 118 -0.13 -117.19 43.03
CA LYS O 118 -0.34 -118.45 43.75
C LYS O 118 0.92 -119.27 43.84
N MET O 119 1.71 -119.47 42.79
CA MET O 119 2.93 -120.22 42.92
C MET O 119 3.97 -119.53 43.79
N THR O 120 3.78 -118.24 44.03
CA THR O 120 4.66 -117.51 44.90
C THR O 120 4.22 -117.82 46.32
N GLN O 121 2.91 -117.80 46.54
CA GLN O 121 2.31 -118.19 47.80
C GLN O 121 2.79 -119.58 48.16
N ILE O 122 2.82 -120.56 47.26
CA ILE O 122 3.27 -121.92 47.55
C ILE O 122 4.77 -122.02 47.66
N MET O 123 5.53 -121.25 46.89
CA MET O 123 6.97 -121.33 46.99
C MET O 123 7.38 -120.83 48.36
N PHE O 124 7.00 -119.62 48.72
CA PHE O 124 7.38 -119.05 50.00
C PHE O 124 6.67 -119.64 51.19
N GLU O 125 5.35 -119.87 51.11
CA GLU O 125 4.64 -120.37 52.28
C GLU O 125 4.63 -121.87 52.45
N THR O 126 4.74 -122.78 51.47
CA THR O 126 4.79 -124.19 51.84
C THR O 126 6.20 -124.72 51.61
N PHE O 127 7.07 -124.18 50.74
CA PHE O 127 8.43 -124.71 50.60
C PHE O 127 9.53 -123.93 51.33
N ASN O 128 9.17 -122.68 51.70
CA ASN O 128 9.99 -121.79 52.50
C ASN O 128 11.32 -121.57 51.81
N VAL O 129 11.30 -121.22 50.51
CA VAL O 129 12.56 -120.97 49.80
C VAL O 129 13.08 -119.57 50.23
N PRO O 130 14.38 -119.23 50.28
CA PRO O 130 14.85 -117.91 50.69
C PRO O 130 14.33 -116.76 49.83
N ALA O 131 14.39 -117.01 48.50
CA ALA O 131 13.98 -116.07 47.49
C ALA O 131 13.62 -116.82 46.21
N MET O 132 12.80 -116.20 45.38
CA MET O 132 12.38 -116.77 44.12
C MET O 132 12.13 -115.71 43.07
N TYR O 133 11.71 -116.09 41.85
CA TYR O 133 11.62 -115.19 40.72
C TYR O 133 10.88 -115.98 39.66
N VAL O 134 9.96 -115.40 38.90
CA VAL O 134 9.25 -116.12 37.87
C VAL O 134 9.63 -115.48 36.52
N ALA O 135 10.38 -116.11 35.60
CA ALA O 135 10.64 -115.54 34.28
C ALA O 135 9.66 -115.99 33.19
N ILE O 136 9.36 -115.28 32.13
CA ILE O 136 8.40 -115.76 31.12
C ILE O 136 9.22 -116.62 30.21
N GLN O 137 8.66 -117.73 29.74
CA GLN O 137 9.46 -118.68 29.00
C GLN O 137 10.08 -118.16 27.72
N ALA O 138 9.34 -117.66 26.72
CA ALA O 138 9.95 -117.08 25.52
C ALA O 138 11.07 -116.06 25.75
N VAL O 139 10.89 -115.32 26.84
CA VAL O 139 11.85 -114.33 27.21
C VAL O 139 13.16 -114.99 27.60
N LEU O 140 13.19 -116.13 28.30
CA LEU O 140 14.44 -116.82 28.62
C LEU O 140 15.02 -117.48 27.40
N SER O 141 14.17 -117.93 26.50
CA SER O 141 14.71 -118.54 25.31
C SER O 141 15.46 -117.53 24.51
N LEU O 142 14.92 -116.32 24.32
CA LEU O 142 15.56 -115.27 23.52
C LEU O 142 16.94 -114.85 24.00
N TYR O 143 16.89 -114.67 25.31
CA TYR O 143 18.03 -114.21 26.05
C TYR O 143 19.17 -115.22 26.04
N ALA O 144 18.84 -116.50 26.11
CA ALA O 144 19.80 -117.57 25.98
C ALA O 144 20.41 -117.55 24.57
N SER O 145 19.81 -116.89 23.57
CA SER O 145 20.43 -116.82 22.25
C SER O 145 21.17 -115.49 22.11
N GLY O 146 21.53 -114.91 23.26
CA GLY O 146 22.23 -113.67 23.35
C GLY O 146 21.31 -112.46 23.33
N ARG O 147 20.30 -112.36 22.46
CA ARG O 147 19.57 -111.10 22.29
C ARG O 147 18.42 -110.69 23.20
N THR O 148 17.92 -109.46 22.95
CA THR O 148 16.85 -108.87 23.73
C THR O 148 15.60 -108.44 23.00
N THR O 149 15.71 -108.38 21.68
CA THR O 149 14.58 -108.11 20.82
C THR O 149 14.71 -109.21 19.78
N GLY O 150 13.53 -109.73 19.54
CA GLY O 150 13.28 -110.80 18.58
C GLY O 150 11.89 -111.33 18.78
N ILE O 151 11.48 -112.36 18.06
CA ILE O 151 10.18 -112.96 18.29
C ILE O 151 10.50 -114.46 18.44
N VAL O 152 10.03 -115.08 19.52
CA VAL O 152 10.25 -116.50 19.74
C VAL O 152 9.07 -117.35 19.27
N LEU O 153 9.31 -118.38 18.45
CA LEU O 153 8.26 -119.33 18.17
C LEU O 153 8.60 -120.41 19.18
N ASP O 154 7.74 -120.58 20.17
CA ASP O 154 8.01 -121.55 21.21
C ASP O 154 6.99 -122.65 21.13
N SER O 155 7.44 -123.92 21.10
CA SER O 155 6.63 -125.12 20.84
C SER O 155 7.08 -126.38 21.57
N GLY O 156 6.26 -126.81 22.49
CA GLY O 156 6.69 -127.94 23.28
C GLY O 156 5.76 -129.11 23.20
N ASP O 157 5.24 -129.48 24.37
CA ASP O 157 4.36 -130.61 24.37
C ASP O 157 2.89 -130.30 24.30
N GLY O 158 2.30 -129.34 24.99
CA GLY O 158 0.90 -129.04 24.86
C GLY O 158 0.64 -127.69 24.14
N VAL O 159 1.53 -126.66 24.11
CA VAL O 159 1.27 -125.36 23.45
C VAL O 159 2.36 -124.91 22.51
N THR O 160 1.93 -124.09 21.51
CA THR O 160 2.81 -123.29 20.66
C THR O 160 2.50 -121.81 20.86
N HIS O 161 3.50 -120.97 20.76
CA HIS O 161 3.35 -119.56 21.07
C HIS O 161 4.24 -118.82 20.15
N ASN O 162 3.92 -117.54 20.01
CA ASN O 162 4.78 -116.56 19.33
C ASN O 162 4.91 -115.41 20.30
N VAL O 163 6.08 -115.09 20.83
CA VAL O 163 6.09 -114.01 21.80
C VAL O 163 7.09 -113.01 21.31
N PRO O 164 6.60 -111.87 20.75
CA PRO O 164 7.44 -110.79 20.25
C PRO O 164 7.97 -110.10 21.51
N ILE O 165 9.31 -109.92 21.62
CA ILE O 165 9.92 -109.25 22.78
C ILE O 165 10.76 -108.06 22.35
N TYR O 166 10.60 -106.90 22.98
CA TYR O 166 11.34 -105.71 22.61
C TYR O 166 12.10 -105.17 23.82
N GLU O 167 13.43 -105.15 23.73
CA GLU O 167 14.30 -104.76 24.83
C GLU O 167 13.93 -105.32 26.18
N GLY O 168 13.42 -106.56 26.04
CA GLY O 168 13.14 -107.43 27.14
C GLY O 168 11.69 -107.57 27.52
N TYR O 169 10.85 -106.63 27.12
CA TYR O 169 9.46 -106.66 27.50
C TYR O 169 8.66 -107.40 26.44
N ALA O 170 8.12 -108.58 26.81
CA ALA O 170 7.27 -109.37 25.95
C ALA O 170 6.02 -108.58 25.67
N LEU O 171 5.58 -108.56 24.41
CA LEU O 171 4.51 -107.66 23.99
C LEU O 171 3.13 -108.31 24.05
N PRO O 172 2.43 -108.18 25.18
CA PRO O 172 1.13 -108.83 25.43
C PRO O 172 0.11 -108.93 24.31
N HIS O 173 -0.12 -107.83 23.64
CA HIS O 173 -1.10 -107.80 22.57
C HIS O 173 -0.58 -108.38 21.27
N ALA O 174 0.58 -108.97 21.16
CA ALA O 174 1.00 -109.45 19.85
C ALA O 174 1.28 -110.94 19.89
N ILE O 175 1.28 -111.49 21.13
CA ILE O 175 1.46 -112.93 21.48
C ILE O 175 0.33 -113.78 20.90
N MET O 176 0.65 -114.93 20.28
CA MET O 176 -0.33 -115.84 19.70
C MET O 176 -0.05 -117.21 20.27
N ARG O 177 -1.12 -117.89 20.53
CA ARG O 177 -1.08 -119.23 21.06
C ARG O 177 -1.83 -120.17 20.14
N LEU O 178 -1.18 -121.29 19.82
CA LEU O 178 -1.76 -122.28 18.95
C LEU O 178 -1.68 -123.55 19.76
N ASP O 179 -2.82 -124.09 20.23
CA ASP O 179 -2.86 -125.35 20.96
C ASP O 179 -2.69 -126.62 20.09
N LEU O 180 -1.54 -126.79 19.42
CA LEU O 180 -1.21 -128.01 18.70
C LEU O 180 0.29 -128.11 18.84
N ALA O 181 0.77 -129.17 19.45
CA ALA O 181 2.18 -129.32 19.69
C ALA O 181 2.65 -130.76 19.57
N GLY O 182 3.77 -131.16 20.18
CA GLY O 182 4.37 -132.48 20.04
C GLY O 182 3.52 -133.66 20.45
N ARG O 183 2.59 -133.44 21.38
CA ARG O 183 1.64 -134.42 21.92
C ARG O 183 0.66 -134.75 20.81
N ASP O 184 0.02 -133.72 20.23
CA ASP O 184 -0.88 -133.80 19.10
C ASP O 184 -0.18 -134.49 17.94
N LEU O 185 1.08 -134.11 17.71
CA LEU O 185 1.92 -134.64 16.65
C LEU O 185 2.32 -136.12 16.71
N THR O 186 2.43 -136.66 17.92
CA THR O 186 2.74 -138.08 18.11
C THR O 186 1.45 -138.85 17.82
N ASP O 187 0.27 -138.30 18.13
CA ASP O 187 -0.94 -139.04 17.94
C ASP O 187 -1.36 -139.04 16.49
N TYR O 188 -0.94 -138.05 15.73
CA TYR O 188 -1.24 -138.01 14.33
C TYR O 188 -0.30 -138.99 13.64
N LEU O 189 0.97 -139.08 14.03
CA LEU O 189 1.88 -140.02 13.38
C LEU O 189 1.33 -141.41 13.55
N MET O 190 0.89 -141.66 14.78
CA MET O 190 0.27 -142.91 15.21
C MET O 190 -0.74 -143.42 14.20
N LYS O 191 -1.72 -142.55 13.89
CA LYS O 191 -2.73 -142.88 12.93
C LYS O 191 -2.04 -142.96 11.57
N ILE O 192 -1.25 -142.05 10.98
CA ILE O 192 -0.71 -142.32 9.64
C ILE O 192 0.21 -143.52 9.51
N LEU O 193 0.61 -144.07 10.65
CA LEU O 193 1.47 -145.24 10.69
C LEU O 193 0.61 -146.50 10.85
N THR O 194 -0.54 -146.45 11.56
CA THR O 194 -1.43 -147.60 11.58
C THR O 194 -2.11 -147.72 10.23
N GLU O 195 -2.35 -146.53 9.65
CA GLU O 195 -2.93 -146.31 8.34
C GLU O 195 -1.95 -146.80 7.26
N ARG O 196 -0.63 -146.84 7.52
CA ARG O 196 0.36 -147.47 6.62
C ARG O 196 0.21 -149.00 6.68
N GLY O 197 -0.71 -149.50 7.50
CA GLY O 197 -1.00 -150.92 7.64
C GLY O 197 -0.24 -151.45 8.84
N TYR O 198 -0.47 -150.91 10.05
CA TYR O 198 0.25 -151.36 11.24
C TYR O 198 -0.62 -151.37 12.48
N SER O 199 0.01 -151.86 13.55
CA SER O 199 -0.65 -151.96 14.85
C SER O 199 0.25 -151.73 16.05
N PHE O 200 -0.17 -150.67 16.73
CA PHE O 200 0.47 -150.27 17.96
C PHE O 200 -0.65 -150.60 18.93
N VAL O 201 -0.41 -151.86 19.30
CA VAL O 201 -1.39 -152.56 20.08
C VAL O 201 -1.06 -152.53 21.56
N THR O 202 0.04 -153.14 22.03
CA THR O 202 0.39 -153.11 23.45
C THR O 202 1.01 -151.76 23.81
N THR O 203 1.19 -151.47 25.11
CA THR O 203 1.71 -150.18 25.53
C THR O 203 3.19 -150.00 25.15
N ALA O 204 3.90 -151.10 24.89
CA ALA O 204 5.26 -151.05 24.37
C ALA O 204 5.34 -150.74 22.87
N GLU O 205 4.18 -150.68 22.23
CA GLU O 205 4.07 -150.30 20.85
C GLU O 205 3.68 -148.83 20.87
N ARG O 206 2.65 -148.44 21.64
CA ARG O 206 2.26 -147.03 21.80
C ARG O 206 3.44 -146.04 22.03
N GLU O 207 4.22 -146.28 23.09
CA GLU O 207 5.25 -145.36 23.56
C GLU O 207 6.34 -145.04 22.55
N ILE O 208 6.75 -146.08 21.82
CA ILE O 208 7.80 -145.96 20.84
C ILE O 208 7.41 -145.22 19.55
N VAL O 209 6.12 -144.94 19.26
CA VAL O 209 5.73 -144.15 18.10
C VAL O 209 6.30 -142.75 18.31
N ARG O 210 6.36 -142.34 19.57
CA ARG O 210 6.91 -141.08 19.96
C ARG O 210 8.43 -141.07 19.72
N ASP O 211 9.13 -142.19 19.89
CA ASP O 211 10.57 -142.27 19.65
C ASP O 211 10.88 -142.37 18.16
N ILE O 212 9.88 -142.81 17.39
CA ILE O 212 9.96 -142.80 15.93
C ILE O 212 9.89 -141.34 15.48
N LYS O 213 8.82 -140.60 15.89
CA LYS O 213 8.65 -139.17 15.66
C LYS O 213 9.92 -138.41 15.95
N GLU O 214 10.50 -138.56 17.13
CA GLU O 214 11.73 -137.84 17.46
C GLU O 214 12.89 -138.23 16.55
N LYS O 215 13.26 -139.51 16.40
CA LYS O 215 14.42 -139.93 15.60
C LYS O 215 14.39 -139.78 14.07
N LEU O 216 13.29 -140.23 13.48
CA LEU O 216 13.12 -140.26 12.04
C LEU O 216 12.35 -139.13 11.43
N CYS O 217 11.51 -138.36 12.14
CA CYS O 217 10.80 -137.24 11.49
C CYS O 217 11.57 -135.98 11.12
N TYR O 218 11.05 -135.51 9.97
CA TYR O 218 11.64 -134.44 9.15
C TYR O 218 10.65 -133.33 8.80
N VAL O 219 11.15 -132.11 8.55
CA VAL O 219 10.29 -131.08 7.99
C VAL O 219 11.00 -130.76 6.72
N ALA O 220 10.35 -131.24 5.70
CA ALA O 220 10.82 -130.94 4.39
C ALA O 220 10.34 -129.58 3.92
N LEU O 221 11.30 -129.02 3.20
CA LEU O 221 11.12 -127.81 2.42
C LEU O 221 10.71 -128.37 1.07
N ASP O 222 9.66 -127.73 0.56
CA ASP O 222 8.95 -128.16 -0.63
C ASP O 222 8.44 -129.59 -0.40
N PHE O 223 7.45 -129.53 0.50
CA PHE O 223 6.72 -130.69 1.00
C PHE O 223 5.82 -131.24 -0.09
N GLU O 224 5.63 -130.37 -1.11
CA GLU O 224 4.91 -130.58 -2.36
C GLU O 224 5.53 -131.69 -3.23
N ASN O 225 6.74 -131.36 -3.70
CA ASN O 225 7.54 -132.26 -4.51
C ASN O 225 8.45 -133.06 -3.61
N GLU O 226 7.88 -133.54 -2.51
CA GLU O 226 8.54 -134.47 -1.59
C GLU O 226 7.64 -135.72 -1.48
N MET O 227 6.34 -135.45 -1.57
CA MET O 227 5.30 -136.45 -1.76
C MET O 227 5.53 -137.02 -3.15
N ALA O 228 5.68 -136.13 -4.17
CA ALA O 228 6.00 -136.51 -5.55
C ALA O 228 7.25 -137.41 -5.60
N THR O 229 8.27 -137.02 -4.85
CA THR O 229 9.48 -137.82 -4.70
C THR O 229 9.19 -139.19 -4.08
N ALA O 230 8.29 -139.22 -3.07
CA ALA O 230 7.93 -140.43 -2.35
C ALA O 230 7.46 -141.53 -3.28
N ALA O 231 6.64 -141.09 -4.26
CA ALA O 231 6.03 -141.91 -5.31
C ALA O 231 6.98 -142.59 -6.33
N SER O 232 7.97 -141.85 -6.84
CA SER O 232 9.04 -142.39 -7.69
C SER O 232 9.83 -143.46 -6.93
N SER O 233 9.73 -143.35 -5.57
CA SER O 233 10.36 -144.19 -4.55
C SER O 233 11.83 -144.43 -4.78
N SER O 234 12.36 -143.41 -4.11
CA SER O 234 13.78 -143.24 -3.93
C SER O 234 14.11 -143.99 -2.64
N SER O 235 15.41 -143.89 -2.32
CA SER O 235 15.90 -144.42 -1.06
C SER O 235 15.65 -143.31 0.00
N LEU O 236 14.36 -142.85 0.06
CA LEU O 236 13.88 -141.87 1.03
C LEU O 236 13.34 -142.63 2.26
N GLU O 237 12.83 -143.87 2.08
CA GLU O 237 12.30 -144.74 3.14
C GLU O 237 13.18 -144.97 4.38
N LYS O 238 12.58 -145.28 5.54
CA LYS O 238 13.38 -145.52 6.73
C LYS O 238 12.77 -146.49 7.71
N SER O 239 13.42 -147.65 7.81
CA SER O 239 12.98 -148.67 8.77
C SER O 239 13.69 -148.66 10.11
N TYR O 240 12.81 -148.68 11.12
CA TYR O 240 13.14 -148.65 12.54
C TYR O 240 12.90 -150.06 13.10
N GLU O 241 13.81 -150.62 13.92
CA GLU O 241 13.56 -151.92 14.58
C GLU O 241 12.91 -151.73 15.95
N LEU O 242 11.73 -152.34 16.12
CA LEU O 242 10.90 -152.17 17.32
C LEU O 242 11.50 -152.72 18.64
N PRO O 243 10.86 -152.84 19.88
CA PRO O 243 11.50 -153.39 21.08
C PRO O 243 12.14 -154.78 20.86
N ASP O 244 11.44 -155.51 19.98
CA ASP O 244 11.83 -156.81 19.39
C ASP O 244 12.32 -156.62 17.92
N GLY O 245 12.33 -157.70 17.09
CA GLY O 245 12.78 -157.68 15.70
C GLY O 245 11.93 -156.83 14.76
N GLN O 246 10.61 -157.06 14.82
CA GLN O 246 9.57 -156.36 14.04
C GLN O 246 9.92 -155.00 13.41
N VAL O 247 10.72 -155.13 12.36
CA VAL O 247 11.19 -153.98 11.62
C VAL O 247 10.06 -153.30 10.86
N ILE O 248 9.76 -152.13 11.38
CA ILE O 248 8.72 -151.33 10.80
C ILE O 248 9.35 -150.34 9.81
N THR O 249 8.71 -150.10 8.66
CA THR O 249 9.21 -149.14 7.69
C THR O 249 8.29 -147.90 7.58
N ILE O 250 8.99 -146.76 7.49
CA ILE O 250 8.40 -145.45 7.43
C ILE O 250 9.21 -144.76 6.37
N GLY O 251 8.56 -144.53 5.25
CA GLY O 251 9.25 -143.85 4.20
C GLY O 251 8.94 -142.38 4.23
N ASN O 252 7.69 -142.29 3.80
CA ASN O 252 6.98 -141.07 3.44
C ASN O 252 6.44 -140.28 4.65
N GLU O 253 5.48 -140.81 5.45
CA GLU O 253 4.88 -140.22 6.68
C GLU O 253 5.77 -139.49 7.68
N ARG O 254 7.01 -139.96 7.60
CA ARG O 254 8.18 -139.35 8.20
C ARG O 254 8.14 -137.78 8.22
N PHE O 255 7.66 -137.15 7.11
CA PHE O 255 7.52 -135.69 7.00
C PHE O 255 6.07 -135.24 6.94
N ARG O 256 5.12 -136.17 6.75
CA ARG O 256 3.71 -135.83 6.74
C ARG O 256 3.28 -135.39 8.14
N CYS O 257 4.03 -135.85 9.14
CA CYS O 257 3.78 -135.50 10.55
C CYS O 257 4.17 -134.03 10.84
N PRO O 258 5.39 -133.48 10.63
CA PRO O 258 5.66 -132.07 10.85
C PRO O 258 4.98 -131.17 9.80
N GLU O 259 4.57 -131.60 8.56
CA GLU O 259 3.76 -130.78 7.65
C GLU O 259 2.48 -130.47 8.45
N THR O 260 2.11 -131.16 9.56
CA THR O 260 0.94 -130.79 10.34
C THR O 260 1.15 -129.43 10.96
N LEU O 261 2.35 -129.11 11.46
CA LEU O 261 2.62 -127.77 11.98
C LEU O 261 2.38 -126.60 11.00
N PHE O 262 2.48 -126.77 9.67
CA PHE O 262 2.20 -125.72 8.68
C PHE O 262 0.77 -125.80 8.15
N GLN O 263 0.22 -127.02 8.17
CA GLN O 263 -1.14 -127.31 7.76
C GLN O 263 -1.85 -128.00 8.94
N PRO O 264 -2.60 -127.27 9.77
CA PRO O 264 -3.36 -127.79 10.90
C PRO O 264 -4.57 -128.57 10.38
N SER O 265 -4.92 -128.33 9.09
CA SER O 265 -6.00 -129.00 8.35
C SER O 265 -5.84 -130.54 8.21
N PHE O 266 -4.58 -131.01 8.37
CA PHE O 266 -4.22 -132.42 8.44
C PHE O 266 -4.82 -133.10 9.65
N ILE O 267 -5.18 -132.27 10.62
CA ILE O 267 -5.74 -132.80 11.85
C ILE O 267 -7.05 -132.16 12.24
N GLY O 268 -7.84 -131.70 11.27
CA GLY O 268 -9.12 -131.15 11.61
C GLY O 268 -9.02 -129.87 12.44
N MET O 269 -7.85 -129.23 12.34
CA MET O 269 -7.73 -127.92 12.94
C MET O 269 -7.96 -126.87 11.87
N GLU O 270 -8.82 -125.90 12.22
CA GLU O 270 -9.15 -124.74 11.37
C GLU O 270 -8.28 -123.49 11.58
N SER O 271 -7.45 -123.50 12.65
CA SER O 271 -6.50 -122.45 12.97
C SER O 271 -5.44 -122.35 11.88
N ALA O 272 -4.79 -121.17 11.87
CA ALA O 272 -3.69 -120.93 10.95
C ALA O 272 -2.42 -121.69 11.38
N GLY O 273 -1.36 -121.75 10.58
CA GLY O 273 -0.20 -122.52 10.99
C GLY O 273 1.00 -121.66 11.38
N ILE O 274 1.95 -122.30 12.11
CA ILE O 274 3.19 -121.74 12.60
C ILE O 274 3.77 -120.51 11.87
N HIS O 275 3.98 -120.59 10.54
CA HIS O 275 4.58 -119.51 9.76
C HIS O 275 3.70 -118.31 9.53
N GLU O 276 2.41 -118.56 9.34
CA GLU O 276 1.45 -117.49 9.18
C GLU O 276 1.29 -116.81 10.48
N THR O 277 1.35 -117.58 11.54
CA THR O 277 1.15 -117.07 12.87
C THR O 277 2.37 -116.25 13.26
N THR O 278 3.59 -116.64 12.90
CA THR O 278 4.81 -115.83 13.12
C THR O 278 4.63 -114.41 12.56
N TYR O 279 4.10 -114.47 11.35
CA TYR O 279 3.84 -113.31 10.56
C TYR O 279 2.75 -112.52 11.17
N ASN O 280 1.62 -113.10 11.55
CA ASN O 280 0.53 -112.27 12.01
C ASN O 280 0.86 -111.53 13.29
N SER O 281 1.71 -112.17 14.12
CA SER O 281 2.18 -111.62 15.39
C SER O 281 2.87 -110.33 15.04
N ILE O 282 3.69 -110.48 13.98
CA ILE O 282 4.53 -109.41 13.47
C ILE O 282 3.66 -108.34 12.85
N MET O 283 2.64 -108.54 12.01
CA MET O 283 1.88 -107.37 11.57
C MET O 283 0.88 -106.84 12.61
N LYS O 284 0.96 -107.34 13.88
CA LYS O 284 0.23 -106.82 15.06
C LYS O 284 1.08 -105.94 15.97
N CYS O 285 2.38 -105.85 15.66
CA CYS O 285 3.34 -105.06 16.42
C CYS O 285 3.58 -103.70 15.83
N ASP O 286 4.27 -102.80 16.53
CA ASP O 286 4.60 -101.51 15.97
C ASP O 286 5.49 -101.78 14.77
N ILE O 287 5.25 -100.86 13.82
CA ILE O 287 5.85 -100.74 12.46
C ILE O 287 7.38 -100.58 12.37
N ASP O 288 7.85 -99.71 13.27
CA ASP O 288 9.24 -99.42 13.40
C ASP O 288 9.93 -100.65 13.98
N ILE O 289 9.27 -101.53 14.78
CA ILE O 289 9.98 -102.68 15.34
C ILE O 289 9.92 -103.90 14.45
N ARG O 290 9.08 -103.90 13.41
CA ARG O 290 8.98 -105.06 12.56
C ARG O 290 10.30 -105.37 11.84
N LYS O 291 11.28 -104.51 11.48
CA LYS O 291 12.48 -105.09 10.86
C LYS O 291 13.27 -105.95 11.84
N ASP O 292 13.18 -105.61 13.14
CA ASP O 292 13.93 -106.28 14.20
C ASP O 292 13.43 -107.68 14.43
N LEU O 293 12.12 -107.80 14.67
CA LEU O 293 11.49 -109.07 14.82
C LEU O 293 11.79 -109.98 13.63
N TYR O 294 11.77 -109.46 12.39
CA TYR O 294 12.01 -110.30 11.24
C TYR O 294 13.40 -110.86 11.15
N ALA O 295 14.38 -110.12 11.62
CA ALA O 295 15.73 -110.66 11.54
C ALA O 295 16.08 -111.47 12.80
N ASN O 296 15.07 -111.76 13.65
CA ASN O 296 15.33 -112.44 14.90
C ASN O 296 14.21 -113.33 15.34
N ASN O 297 13.97 -114.34 14.53
CA ASN O 297 12.97 -115.36 14.79
C ASN O 297 13.73 -116.44 15.51
N VAL O 298 13.62 -116.49 16.81
CA VAL O 298 14.36 -117.46 17.58
C VAL O 298 13.35 -118.56 17.81
N MET O 299 13.86 -119.78 17.62
CA MET O 299 13.06 -120.95 17.86
C MET O 299 13.45 -121.68 19.16
N SER O 300 12.46 -122.09 19.92
CA SER O 300 12.77 -122.94 21.03
C SER O 300 11.65 -123.94 21.25
N GLY O 301 11.98 -125.04 21.93
CA GLY O 301 11.02 -126.07 22.25
C GLY O 301 11.26 -127.43 21.57
N GLY O 302 10.90 -128.51 22.27
CA GLY O 302 11.10 -129.85 21.75
C GLY O 302 10.51 -130.04 20.36
N THR O 303 9.33 -129.55 20.07
CA THR O 303 8.73 -129.78 18.79
C THR O 303 9.36 -128.94 17.69
N THR O 304 10.25 -127.97 17.94
CA THR O 304 10.88 -127.21 16.84
C THR O 304 12.21 -127.84 16.44
N MET O 305 12.47 -129.05 16.94
CA MET O 305 13.72 -129.75 16.70
C MET O 305 13.72 -130.58 15.41
N TYR O 306 12.54 -130.88 14.81
CA TYR O 306 12.43 -131.61 13.54
C TYR O 306 13.40 -131.04 12.54
N PRO O 307 14.47 -131.69 12.02
CA PRO O 307 15.36 -131.09 11.03
C PRO O 307 14.63 -130.43 9.85
N GLY O 308 15.19 -129.31 9.35
CA GLY O 308 14.67 -128.59 8.20
C GLY O 308 13.45 -127.74 8.47
N ILE O 309 13.27 -127.49 9.77
CA ILE O 309 12.17 -126.69 10.28
C ILE O 309 12.42 -125.23 10.04
N ALA O 310 13.71 -124.92 10.21
CA ALA O 310 14.23 -123.59 10.08
C ALA O 310 14.20 -123.21 8.61
N ASP O 311 14.69 -124.05 7.65
CA ASP O 311 14.68 -123.76 6.21
C ASP O 311 13.26 -123.54 5.68
N ARG O 312 12.32 -124.40 6.07
CA ARG O 312 10.93 -124.26 5.69
C ARG O 312 10.45 -122.92 6.26
N MET O 313 10.73 -122.57 7.53
CA MET O 313 10.23 -121.31 8.10
C MET O 313 10.84 -120.07 7.48
N GLN O 314 12.09 -120.24 7.05
CA GLN O 314 12.91 -119.25 6.38
C GLN O 314 12.23 -118.79 5.13
N LYS O 315 11.90 -119.80 4.34
CA LYS O 315 11.20 -119.58 3.09
C LYS O 315 9.73 -119.33 3.25
N GLU O 316 9.18 -119.76 4.37
CA GLU O 316 7.77 -119.53 4.57
C GLU O 316 7.53 -118.05 4.85
N ILE O 317 8.37 -117.42 5.70
CA ILE O 317 8.09 -116.03 5.97
C ILE O 317 8.79 -115.12 4.96
N THR O 318 9.87 -115.45 4.25
CA THR O 318 10.43 -114.56 3.23
C THR O 318 9.36 -114.20 2.22
N ALA O 319 8.71 -115.28 1.78
CA ALA O 319 7.63 -115.16 0.83
C ALA O 319 6.29 -114.62 1.37
N LEU O 320 6.24 -114.10 2.61
CA LEU O 320 5.06 -113.39 3.09
C LEU O 320 5.40 -111.95 3.50
N ALA O 321 6.69 -111.79 3.81
CA ALA O 321 7.26 -110.52 4.22
C ALA O 321 7.60 -109.60 3.05
N PRO O 322 7.52 -108.25 3.18
CA PRO O 322 7.85 -107.30 2.11
C PRO O 322 9.30 -107.50 1.65
N SER O 323 9.67 -107.64 0.37
CA SER O 323 11.08 -107.93 -0.04
C SER O 323 12.24 -107.06 0.42
N THR O 324 11.85 -105.87 0.89
CA THR O 324 12.76 -104.90 1.48
C THR O 324 13.30 -105.41 2.83
N MET O 325 12.75 -106.53 3.31
CA MET O 325 13.04 -107.05 4.62
C MET O 325 14.07 -108.15 4.64
N LYS O 326 14.75 -108.16 5.77
CA LYS O 326 15.69 -109.22 6.07
C LYS O 326 14.97 -110.19 7.02
N ILE O 327 14.94 -111.45 6.60
CA ILE O 327 14.35 -112.54 7.37
C ILE O 327 15.52 -113.21 8.08
N LYS O 328 15.38 -113.74 9.30
CA LYS O 328 16.44 -114.54 9.90
C LYS O 328 15.90 -115.42 11.03
N ILE O 329 15.91 -116.73 10.71
CA ILE O 329 15.40 -117.79 11.59
C ILE O 329 16.52 -118.47 12.35
N ILE O 330 16.70 -118.09 13.62
CA ILE O 330 17.69 -118.67 14.48
C ILE O 330 17.01 -119.87 15.18
N ALA O 331 17.69 -121.02 15.04
CA ALA O 331 17.29 -122.29 15.64
C ALA O 331 18.55 -122.92 16.23
N PRO O 332 18.94 -122.71 17.48
CA PRO O 332 20.13 -123.32 18.06
C PRO O 332 19.94 -124.82 18.31
N PRO O 333 21.04 -125.58 18.49
CA PRO O 333 21.03 -127.01 18.72
C PRO O 333 20.50 -127.39 20.08
N GLU O 334 20.81 -126.62 21.12
CA GLU O 334 20.32 -126.99 22.41
C GLU O 334 18.87 -126.57 22.55
N ARG O 335 18.16 -126.04 21.55
CA ARG O 335 16.79 -125.54 21.70
C ARG O 335 15.73 -126.27 22.53
N LYS O 336 15.80 -127.59 22.68
CA LYS O 336 14.87 -128.27 23.60
C LYS O 336 15.12 -127.81 25.04
N TYR O 337 16.24 -127.18 25.42
CA TYR O 337 16.43 -126.56 26.73
C TYR O 337 16.71 -125.03 26.68
N SER O 338 16.38 -124.25 25.63
CA SER O 338 16.67 -122.81 25.56
C SER O 338 16.19 -122.04 26.76
N VAL O 339 14.91 -122.26 27.03
CA VAL O 339 14.20 -121.72 28.16
C VAL O 339 15.02 -121.92 29.41
N TRP O 340 15.46 -123.17 29.67
CA TRP O 340 16.12 -123.50 30.91
C TRP O 340 17.49 -122.82 30.99
N ILE O 341 18.19 -122.82 29.86
CA ILE O 341 19.55 -122.36 29.79
C ILE O 341 19.51 -120.87 29.99
N GLY O 342 18.50 -120.18 29.44
CA GLY O 342 18.33 -118.74 29.59
C GLY O 342 18.12 -118.40 31.07
N GLY O 343 17.48 -119.31 31.82
CA GLY O 343 17.26 -119.11 33.22
C GLY O 343 18.54 -119.34 33.99
N SER O 344 19.33 -120.35 33.60
CA SER O 344 20.58 -120.67 34.24
C SER O 344 21.57 -119.53 34.16
N ILE O 345 21.60 -118.91 32.98
CA ILE O 345 22.47 -117.78 32.70
C ILE O 345 22.06 -116.62 33.59
N LEU O 346 20.82 -116.21 33.40
CA LEU O 346 20.23 -115.08 34.09
C LEU O 346 20.37 -115.22 35.59
N ALA O 347 20.03 -116.39 36.13
CA ALA O 347 20.02 -116.53 37.57
C ALA O 347 21.40 -116.66 38.13
N SER O 348 22.39 -117.08 37.34
CA SER O 348 23.75 -117.15 37.88
C SER O 348 24.45 -115.79 37.72
N LEU O 349 23.87 -114.92 36.88
CA LEU O 349 24.35 -113.57 36.67
C LEU O 349 24.45 -112.71 37.90
N SER O 350 25.56 -112.00 37.71
CA SER O 350 26.11 -110.97 38.56
C SER O 350 25.07 -109.86 38.84
N THR O 351 24.24 -109.46 37.88
CA THR O 351 23.28 -108.40 38.12
C THR O 351 21.87 -108.75 38.56
N PHE O 352 21.60 -110.06 38.64
CA PHE O 352 20.25 -110.52 38.90
C PHE O 352 19.86 -110.54 40.35
N GLN O 353 20.91 -110.46 41.16
CA GLN O 353 20.75 -110.56 42.58
C GLN O 353 19.75 -109.56 43.11
N GLN O 354 19.80 -108.34 42.58
CA GLN O 354 18.86 -107.32 42.98
C GLN O 354 17.43 -107.48 42.43
N MET O 355 17.09 -108.50 41.60
CA MET O 355 15.67 -108.76 41.29
C MET O 355 15.05 -109.98 42.00
N TRP O 356 15.82 -110.80 42.71
CA TRP O 356 15.27 -111.90 43.50
C TRP O 356 14.18 -111.49 44.47
N ILE O 357 12.93 -112.01 44.48
CA ILE O 357 11.96 -111.64 45.54
C ILE O 357 12.30 -112.39 46.82
N THR O 358 12.69 -111.67 47.90
CA THR O 358 13.09 -112.33 49.12
C THR O 358 11.90 -112.48 50.06
N LYS O 359 11.94 -113.44 50.99
CA LYS O 359 10.94 -113.57 52.04
C LYS O 359 10.69 -112.25 52.78
N GLN O 360 11.70 -111.35 52.83
CA GLN O 360 11.58 -110.02 53.43
C GLN O 360 10.55 -109.34 52.53
N GLU O 361 10.79 -109.14 51.22
CA GLU O 361 9.78 -108.56 50.34
C GLU O 361 8.39 -109.18 50.50
N TYR O 362 8.34 -110.52 50.49
CA TYR O 362 7.06 -111.19 50.59
C TYR O 362 6.35 -110.98 51.92
N ASP O 363 6.95 -111.37 53.06
CA ASP O 363 6.29 -111.25 54.36
C ASP O 363 5.80 -109.83 54.60
N GLU O 364 6.45 -108.87 53.92
CA GLU O 364 6.05 -107.48 54.00
C GLU O 364 5.11 -106.97 52.92
N ALA O 365 5.10 -107.48 51.67
CA ALA O 365 4.25 -106.93 50.60
C ALA O 365 3.06 -107.75 50.04
N GLY O 366 3.01 -109.04 50.46
CA GLY O 366 2.03 -110.01 50.01
C GLY O 366 2.40 -110.51 48.61
N PRO O 367 1.73 -111.49 48.00
CA PRO O 367 2.12 -112.12 46.72
C PRO O 367 2.24 -111.16 45.54
N SER O 368 1.57 -110.02 45.76
CA SER O 368 1.56 -108.87 44.88
C SER O 368 2.98 -108.46 44.51
N ILE O 369 3.91 -108.47 45.50
CA ILE O 369 5.31 -108.11 45.32
C ILE O 369 6.01 -108.66 44.07
N VAL O 370 5.94 -109.99 43.86
CA VAL O 370 6.60 -110.64 42.74
C VAL O 370 5.76 -110.55 41.47
N HIS O 371 4.46 -110.34 41.66
CA HIS O 371 3.58 -110.32 40.53
C HIS O 371 3.96 -109.25 39.49
N ARG O 372 4.59 -108.14 39.93
CA ARG O 372 5.02 -107.01 39.11
C ARG O 372 3.72 -106.35 38.56
N ASP P 1 -46.45 -92.31 -6.54
CA ASP P 1 -46.27 -93.72 -6.09
C ASP P 1 -45.19 -94.44 -6.91
N GLU P 2 -45.22 -94.11 -8.21
CA GLU P 2 -44.29 -94.52 -9.24
C GLU P 2 -42.91 -94.86 -8.69
N ASP P 3 -42.45 -93.89 -7.89
CA ASP P 3 -41.29 -94.11 -7.12
C ASP P 3 -41.48 -93.76 -5.64
N GLU P 4 -42.65 -93.25 -5.15
CA GLU P 4 -42.90 -92.97 -3.72
C GLU P 4 -42.74 -94.26 -2.91
N THR P 5 -43.30 -95.34 -3.49
CA THR P 5 -43.22 -96.71 -2.95
C THR P 5 -41.90 -97.42 -3.19
N THR P 6 -41.52 -97.11 -4.43
CA THR P 6 -40.45 -97.64 -5.25
C THR P 6 -39.01 -97.28 -4.90
N ALA P 7 -38.71 -96.26 -4.08
CA ALA P 7 -37.32 -95.95 -3.75
C ALA P 7 -36.76 -96.96 -2.75
N LEU P 8 -35.57 -97.46 -3.05
CA LEU P 8 -34.91 -98.45 -2.20
C LEU P 8 -33.85 -97.76 -1.35
N VAL P 9 -33.49 -98.26 -0.15
CA VAL P 9 -32.44 -97.62 0.59
C VAL P 9 -31.56 -98.72 1.06
N CYS P 10 -30.31 -98.68 0.59
CA CYS P 10 -29.38 -99.71 0.92
C CYS P 10 -28.20 -99.11 1.62
N ASP P 11 -28.03 -99.46 2.90
CA ASP P 11 -26.87 -99.04 3.65
C ASP P 11 -25.83 -100.16 3.83
N ASN P 12 -24.71 -100.02 3.12
CA ASN P 12 -23.65 -100.99 3.06
C ASN P 12 -22.70 -100.79 4.19
N GLY P 13 -22.53 -101.79 5.05
CA GLY P 13 -21.62 -101.71 6.17
C GLY P 13 -20.50 -102.72 6.09
N SER P 14 -19.64 -102.53 7.06
CA SER P 14 -18.53 -103.42 7.24
C SER P 14 -18.99 -104.74 7.81
N GLY P 15 -20.04 -104.81 8.63
CA GLY P 15 -20.49 -106.04 9.23
C GLY P 15 -21.83 -106.41 8.68
N LEU P 16 -22.79 -105.47 8.64
CA LEU P 16 -24.16 -105.66 8.18
C LEU P 16 -24.64 -104.83 7.00
N VAL P 17 -25.56 -105.31 6.17
CA VAL P 17 -26.22 -104.51 5.16
C VAL P 17 -27.56 -104.16 5.80
N LYS P 18 -28.09 -102.96 5.66
CA LYS P 18 -29.43 -102.64 6.11
C LYS P 18 -30.17 -102.22 4.84
N ALA P 19 -31.35 -102.73 4.54
CA ALA P 19 -32.00 -102.47 3.27
C ALA P 19 -33.51 -102.47 3.42
N GLY P 20 -34.24 -101.98 2.43
CA GLY P 20 -35.67 -101.81 2.61
C GLY P 20 -36.16 -100.73 1.70
N PHE P 21 -37.42 -100.32 1.92
CA PHE P 21 -38.06 -99.34 1.05
C PHE P 21 -38.16 -98.01 1.76
N ALA P 22 -37.86 -96.93 1.01
CA ALA P 22 -38.00 -95.57 1.51
C ALA P 22 -39.45 -95.48 1.84
N GLY P 23 -39.71 -94.98 3.04
CA GLY P 23 -41.07 -95.00 3.52
C GLY P 23 -41.08 -95.81 4.79
N ASP P 24 -40.56 -97.03 4.81
CA ASP P 24 -40.58 -97.85 6.03
C ASP P 24 -39.85 -97.19 7.19
N ASP P 25 -40.11 -97.68 8.40
CA ASP P 25 -39.55 -97.07 9.62
C ASP P 25 -38.20 -97.65 10.06
N ALA P 26 -37.96 -98.85 9.51
CA ALA P 26 -36.78 -99.67 9.81
C ALA P 26 -36.47 -100.56 8.63
N PRO P 27 -35.20 -101.04 8.49
CA PRO P 27 -34.80 -101.91 7.38
C PRO P 27 -35.57 -103.23 7.27
N ARG P 28 -36.02 -103.49 6.06
CA ARG P 28 -36.69 -104.74 5.75
C ARG P 28 -35.67 -105.86 5.76
N ALA P 29 -34.40 -105.56 5.51
CA ALA P 29 -33.40 -106.58 5.40
C ALA P 29 -32.11 -106.18 6.07
N VAL P 30 -31.63 -107.07 6.95
CA VAL P 30 -30.41 -106.86 7.71
C VAL P 30 -29.69 -108.19 7.68
N PHE P 31 -28.43 -108.22 7.26
CA PHE P 31 -27.72 -109.47 7.12
C PHE P 31 -26.25 -109.30 7.00
N PRO P 32 -25.36 -110.25 7.35
CA PRO P 32 -23.94 -110.06 7.21
C PRO P 32 -23.47 -109.82 5.78
N SER P 33 -22.40 -109.05 5.80
CA SER P 33 -21.74 -108.53 4.65
C SER P 33 -20.60 -109.49 4.36
N ILE P 34 -20.93 -110.76 4.09
CA ILE P 34 -19.97 -111.76 3.69
C ILE P 34 -20.31 -112.43 2.37
N VAL P 35 -19.38 -113.11 1.75
CA VAL P 35 -19.54 -113.81 0.51
C VAL P 35 -18.65 -114.99 0.74
N GLY P 36 -19.28 -116.15 0.79
CA GLY P 36 -18.60 -117.39 1.06
C GLY P 36 -18.39 -118.11 -0.23
N ARG P 37 -17.24 -118.74 -0.29
CA ARG P 37 -16.81 -119.46 -1.48
C ARG P 37 -16.46 -120.89 -1.01
N PRO P 38 -17.15 -121.96 -1.38
CA PRO P 38 -16.86 -123.32 -0.90
C PRO P 38 -15.47 -123.85 -1.11
N ARG P 39 -14.86 -124.23 0.01
CA ARG P 39 -13.57 -124.88 -0.01
C ARG P 39 -13.55 -126.25 -0.68
N HIS P 40 -14.72 -126.97 -0.89
CA HIS P 40 -14.71 -128.32 -1.49
C HIS P 40 -15.81 -128.62 -2.46
N GLN P 41 -15.69 -129.57 -3.36
CA GLN P 41 -16.81 -129.83 -4.22
C GLN P 41 -17.80 -130.80 -3.62
N GLY P 42 -19.08 -130.45 -3.75
CA GLY P 42 -20.16 -131.21 -3.18
C GLY P 42 -21.43 -130.40 -3.11
N VAL P 43 -22.52 -130.98 -2.58
CA VAL P 43 -23.83 -130.34 -2.50
C VAL P 43 -24.62 -130.54 -1.18
N MET P 44 -25.62 -129.69 -0.95
CA MET P 44 -26.54 -129.94 0.14
C MET P 44 -27.61 -130.81 -0.51
N VAL P 45 -28.33 -131.60 0.28
CA VAL P 45 -29.38 -132.43 -0.19
C VAL P 45 -30.51 -131.63 -0.85
N GLY P 46 -30.68 -131.85 -2.14
CA GLY P 46 -31.79 -131.27 -2.85
C GLY P 46 -31.39 -130.03 -3.60
N MET P 47 -30.24 -129.47 -3.27
CA MET P 47 -29.76 -128.32 -4.01
C MET P 47 -28.74 -128.74 -5.04
N GLY P 48 -28.46 -127.79 -5.94
CA GLY P 48 -27.37 -127.92 -6.89
C GLY P 48 -26.10 -127.31 -6.30
N GLN P 49 -25.03 -127.54 -7.08
CA GLN P 49 -23.73 -126.93 -6.83
C GLN P 49 -23.85 -125.41 -6.84
N LYS P 50 -23.31 -124.80 -5.82
CA LYS P 50 -23.45 -123.40 -5.63
C LYS P 50 -22.01 -122.94 -5.63
N ASP P 51 -21.87 -121.88 -6.39
CA ASP P 51 -20.56 -121.27 -6.54
C ASP P 51 -20.22 -120.32 -5.40
N SER P 52 -21.27 -119.83 -4.74
CA SER P 52 -21.09 -118.75 -3.83
C SER P 52 -22.19 -118.67 -2.81
N TYR P 53 -21.97 -118.05 -1.70
CA TYR P 53 -22.98 -117.94 -0.70
C TYR P 53 -22.94 -116.54 -0.15
N VAL P 54 -24.02 -115.91 0.30
CA VAL P 54 -23.97 -114.52 0.77
C VAL P 54 -24.85 -114.37 2.01
N GLY P 55 -24.42 -113.51 2.93
CA GLY P 55 -25.18 -113.18 4.10
C GLY P 55 -25.21 -114.30 5.09
N ASP P 56 -26.41 -114.64 5.55
CA ASP P 56 -26.57 -115.67 6.55
C ASP P 56 -26.28 -117.04 6.02
N GLU P 57 -26.59 -117.44 4.78
CA GLU P 57 -26.17 -118.75 4.34
C GLU P 57 -24.65 -118.91 4.31
N ALA P 58 -23.89 -117.83 4.17
CA ALA P 58 -22.46 -117.92 4.25
C ALA P 58 -22.03 -118.05 5.70
N GLN P 59 -22.74 -117.42 6.62
CA GLN P 59 -22.35 -117.53 7.99
C GLN P 59 -22.67 -118.94 8.47
N SER P 60 -23.88 -119.41 8.22
CA SER P 60 -24.31 -120.72 8.69
C SER P 60 -23.51 -121.91 8.18
N LYS P 61 -23.03 -121.76 6.97
CA LYS P 61 -22.29 -122.82 6.37
C LYS P 61 -20.84 -122.45 6.44
N ARG P 62 -20.31 -121.65 7.39
CA ARG P 62 -18.92 -121.21 7.30
C ARG P 62 -17.79 -122.21 7.32
N GLY P 63 -18.05 -123.36 7.93
CA GLY P 63 -17.09 -124.44 8.00
C GLY P 63 -16.70 -124.98 6.62
N ILE P 64 -17.47 -124.91 5.53
CA ILE P 64 -16.98 -125.45 4.26
C ILE P 64 -16.64 -124.40 3.21
N LEU P 65 -16.66 -123.12 3.57
CA LEU P 65 -16.46 -122.01 2.64
C LEU P 65 -15.34 -121.07 3.09
N THR P 66 -14.77 -120.25 2.20
CA THR P 66 -13.81 -119.26 2.65
C THR P 66 -14.62 -117.97 2.55
N LEU P 67 -14.77 -117.41 3.75
CA LEU P 67 -15.55 -116.21 3.97
C LEU P 67 -14.78 -115.00 3.60
N LYS P 68 -15.42 -114.02 2.96
CA LYS P 68 -14.72 -112.76 2.64
C LYS P 68 -15.61 -111.57 2.85
N TYR P 69 -14.99 -110.55 3.44
CA TYR P 69 -15.64 -109.28 3.74
C TYR P 69 -15.37 -108.19 2.68
N PRO P 70 -16.26 -107.83 1.72
CA PRO P 70 -16.08 -106.81 0.67
C PRO P 70 -15.78 -105.39 1.10
N ILE P 71 -16.19 -105.04 2.32
CA ILE P 71 -16.03 -103.70 2.80
C ILE P 71 -15.07 -103.65 3.99
N GLU P 72 -13.86 -103.19 3.74
CA GLU P 72 -12.92 -103.10 4.82
C GLU P 72 -12.90 -101.70 5.37
N HIS P 73 -13.34 -101.56 6.63
CA HIS P 73 -13.37 -100.27 7.29
C HIS P 73 -14.27 -99.26 6.60
N GLY P 74 -15.43 -99.73 6.12
CA GLY P 74 -16.39 -98.84 5.52
C GLY P 74 -16.16 -98.58 4.05
N ILE P 75 -14.96 -98.87 3.51
CA ILE P 75 -14.66 -98.64 2.08
C ILE P 75 -14.82 -99.92 1.26
N ILE P 76 -15.40 -99.96 0.04
CA ILE P 76 -15.53 -101.22 -0.73
C ILE P 76 -14.15 -101.53 -1.27
N THR P 77 -13.65 -102.68 -0.83
CA THR P 77 -12.35 -103.19 -1.22
C THR P 77 -12.45 -104.23 -2.33
N ASN P 78 -13.51 -105.05 -2.40
CA ASN P 78 -13.61 -105.96 -3.53
C ASN P 78 -14.92 -105.79 -4.24
N TRP P 79 -14.82 -105.29 -5.49
CA TRP P 79 -15.99 -104.97 -6.30
C TRP P 79 -16.70 -106.15 -6.90
N ASP P 80 -16.04 -107.32 -7.04
CA ASP P 80 -16.67 -108.56 -7.56
C ASP P 80 -17.60 -109.12 -6.50
N ASP P 81 -17.07 -109.26 -5.30
CA ASP P 81 -17.84 -109.59 -4.14
C ASP P 81 -18.84 -108.59 -3.66
N MET P 82 -18.78 -107.30 -3.97
CA MET P 82 -19.79 -106.34 -3.55
C MET P 82 -20.97 -106.51 -4.48
N GLU P 83 -20.76 -106.58 -5.80
CA GLU P 83 -21.85 -106.74 -6.76
C GLU P 83 -22.63 -108.00 -6.44
N LYS P 84 -21.93 -109.01 -5.87
CA LYS P 84 -22.60 -110.18 -5.32
C LYS P 84 -23.51 -109.81 -4.15
N ILE P 85 -23.08 -109.05 -3.12
CA ILE P 85 -23.97 -108.66 -2.03
C ILE P 85 -25.13 -107.82 -2.53
N TRP P 86 -24.96 -106.90 -3.49
CA TRP P 86 -26.06 -106.12 -4.01
C TRP P 86 -27.06 -106.99 -4.70
N HIS P 87 -26.56 -107.91 -5.53
CA HIS P 87 -27.44 -108.83 -6.25
C HIS P 87 -28.36 -109.58 -5.28
N HIS P 88 -27.75 -110.13 -4.24
CA HIS P 88 -28.47 -110.80 -3.19
C HIS P 88 -29.49 -109.87 -2.57
N THR P 89 -29.17 -108.61 -2.33
CA THR P 89 -30.08 -107.70 -1.68
C THR P 89 -31.30 -107.45 -2.50
N PHE P 90 -31.13 -107.13 -3.76
CA PHE P 90 -32.28 -106.86 -4.59
C PHE P 90 -33.09 -108.12 -4.82
N TYR P 91 -32.44 -109.13 -5.36
CA TYR P 91 -33.20 -110.26 -5.84
C TYR P 91 -33.68 -111.24 -4.86
N ASN P 92 -32.98 -111.43 -3.77
CA ASN P 92 -33.40 -112.45 -2.81
C ASN P 92 -33.96 -111.81 -1.56
N GLU P 93 -33.27 -110.85 -0.98
CA GLU P 93 -33.73 -110.24 0.23
C GLU P 93 -34.97 -109.39 0.00
N LEU P 94 -34.95 -108.39 -0.90
CA LEU P 94 -36.10 -107.53 -1.08
C LEU P 94 -37.00 -108.06 -2.20
N ARG P 95 -36.49 -109.03 -2.97
CA ARG P 95 -37.18 -109.74 -4.05
C ARG P 95 -37.77 -108.83 -5.15
N VAL P 96 -37.16 -107.67 -5.29
CA VAL P 96 -37.61 -106.68 -6.27
C VAL P 96 -36.79 -106.85 -7.52
N ALA P 97 -37.28 -106.34 -8.66
CA ALA P 97 -36.43 -106.25 -9.84
C ALA P 97 -35.83 -104.87 -9.71
N PRO P 98 -34.51 -104.62 -9.75
CA PRO P 98 -33.93 -103.29 -9.62
C PRO P 98 -34.20 -102.31 -10.75
N GLU P 99 -34.42 -102.81 -11.99
CA GLU P 99 -34.63 -101.92 -13.14
C GLU P 99 -35.89 -101.10 -13.17
N GLU P 100 -36.72 -101.20 -12.13
CA GLU P 100 -37.80 -100.23 -12.01
C GLU P 100 -37.80 -99.57 -10.63
N HIS P 101 -36.70 -99.57 -9.86
CA HIS P 101 -36.68 -98.92 -8.56
C HIS P 101 -35.61 -97.91 -8.36
N PRO P 102 -35.81 -96.65 -7.95
CA PRO P 102 -34.72 -95.72 -7.72
C PRO P 102 -34.02 -96.27 -6.49
N THR P 103 -32.68 -96.19 -6.40
CA THR P 103 -31.89 -96.78 -5.32
C THR P 103 -31.06 -95.75 -4.56
N LEU P 104 -31.28 -95.45 -3.25
CA LEU P 104 -30.42 -94.54 -2.51
C LEU P 104 -29.47 -95.42 -1.79
N LEU P 105 -28.20 -95.17 -2.06
CA LEU P 105 -27.10 -95.88 -1.44
C LEU P 105 -26.33 -95.04 -0.44
N THR P 106 -25.49 -95.63 0.41
CA THR P 106 -24.70 -94.80 1.26
C THR P 106 -23.23 -95.06 1.06
N GLU P 107 -22.41 -94.05 1.31
CA GLU P 107 -20.96 -94.26 1.31
C GLU P 107 -20.38 -93.73 2.62
N ALA P 108 -19.10 -93.99 2.82
CA ALA P 108 -18.39 -93.56 3.99
C ALA P 108 -17.85 -92.14 3.91
N PRO P 109 -17.53 -91.56 5.06
CA PRO P 109 -16.97 -90.25 5.17
C PRO P 109 -15.96 -89.73 4.17
N LEU P 110 -14.79 -90.30 3.90
CA LEU P 110 -13.90 -89.66 2.94
C LEU P 110 -13.72 -90.68 1.84
N ASN P 111 -14.84 -91.24 1.36
CA ASN P 111 -14.89 -92.26 0.32
C ASN P 111 -14.26 -91.68 -0.91
N PRO P 112 -13.25 -92.35 -1.43
CA PRO P 112 -12.53 -91.94 -2.62
C PRO P 112 -13.43 -91.68 -3.81
N LYS P 113 -13.26 -90.51 -4.44
CA LYS P 113 -14.06 -90.05 -5.59
C LYS P 113 -14.39 -91.11 -6.64
N ALA P 114 -13.35 -91.91 -6.86
CA ALA P 114 -13.32 -92.98 -7.81
C ALA P 114 -14.26 -94.14 -7.51
N ASN P 115 -14.50 -94.41 -6.21
CA ASN P 115 -15.42 -95.43 -5.74
C ASN P 115 -16.85 -95.00 -5.98
N ARG P 116 -17.18 -93.72 -5.66
CA ARG P 116 -18.53 -93.18 -5.80
C ARG P 116 -18.85 -93.26 -7.27
N GLU P 117 -17.90 -92.93 -8.14
CA GLU P 117 -18.06 -93.18 -9.57
C GLU P 117 -18.16 -94.68 -9.93
N LYS P 118 -17.44 -95.59 -9.26
CA LYS P 118 -17.52 -97.00 -9.62
C LYS P 118 -18.83 -97.63 -9.22
N MET P 119 -19.36 -97.43 -8.02
CA MET P 119 -20.65 -98.00 -7.67
C MET P 119 -21.79 -97.41 -8.47
N THR P 120 -21.55 -96.27 -9.11
CA THR P 120 -22.54 -95.66 -9.96
C THR P 120 -22.48 -96.39 -11.28
N GLN P 121 -21.27 -96.62 -11.78
CA GLN P 121 -21.01 -97.42 -12.96
C GLN P 121 -21.70 -98.77 -12.79
N ILE P 122 -21.60 -99.47 -11.66
CA ILE P 122 -22.22 -100.78 -11.45
C ILE P 122 -23.70 -100.66 -11.22
N MET P 123 -24.19 -99.61 -10.57
CA MET P 123 -25.62 -99.50 -10.34
C MET P 123 -26.29 -99.32 -11.68
N PHE P 124 -25.91 -98.31 -12.45
CA PHE P 124 -26.52 -98.04 -13.74
C PHE P 124 -26.17 -99.03 -14.83
N GLU P 125 -24.89 -99.42 -14.95
CA GLU P 125 -24.53 -100.31 -16.05
C GLU P 125 -24.69 -101.78 -15.77
N THR P 126 -24.65 -102.40 -14.57
CA THR P 126 -24.91 -103.82 -14.50
C THR P 126 -26.26 -104.04 -13.85
N PHE P 127 -26.86 -103.17 -13.02
CA PHE P 127 -28.19 -103.43 -12.46
C PHE P 127 -29.35 -102.72 -13.14
N ASN P 128 -28.97 -101.69 -13.92
CA ASN P 128 -29.87 -100.91 -14.76
C ASN P 128 -30.99 -100.32 -13.90
N VAL P 129 -30.63 -99.66 -12.79
CA VAL P 129 -31.66 -99.04 -11.94
C VAL P 129 -32.13 -97.74 -12.65
N PRO P 130 -33.39 -97.23 -12.53
CA PRO P 130 -33.81 -96.01 -13.20
C PRO P 130 -33.00 -94.77 -12.82
N ALA P 131 -32.77 -94.66 -11.51
CA ALA P 131 -32.04 -93.55 -10.90
C ALA P 131 -31.46 -93.98 -9.56
N MET P 132 -30.41 -93.30 -9.14
CA MET P 132 -29.77 -93.59 -7.87
C MET P 132 -29.19 -92.34 -7.24
N TYR P 133 -28.52 -92.46 -6.08
CA TYR P 133 -28.08 -91.30 -5.30
C TYR P 133 -27.19 -91.89 -4.23
N VAL P 134 -26.07 -91.28 -3.87
CA VAL P 134 -25.20 -91.82 -2.84
C VAL P 134 -25.20 -90.79 -1.69
N ALA P 135 -25.76 -91.05 -0.50
CA ALA P 135 -25.65 -90.10 0.64
C ALA P 135 -24.47 -90.41 1.58
N ILE P 136 -23.87 -89.50 2.31
CA ILE P 136 -22.74 -89.85 3.20
C ILE P 136 -23.40 -90.30 4.47
N GLN P 137 -22.85 -91.32 5.10
CA GLN P 137 -23.53 -91.91 6.24
C GLN P 137 -23.78 -91.00 7.41
N ALA P 138 -22.77 -90.36 8.04
CA ALA P 138 -23.04 -89.41 9.14
C ALA P 138 -24.09 -88.31 8.86
N VAL P 139 -24.10 -87.94 7.59
CA VAL P 139 -25.02 -86.93 7.15
C VAL P 139 -26.45 -87.47 7.24
N LEU P 140 -26.73 -88.74 6.91
CA LEU P 140 -28.09 -89.28 7.06
C LEU P 140 -28.42 -89.52 8.52
N SER P 141 -27.43 -89.83 9.32
CA SER P 141 -27.72 -90.02 10.71
C SER P 141 -28.17 -88.73 11.33
N LEU P 142 -27.49 -87.61 11.04
CA LEU P 142 -27.83 -86.31 11.62
C LEU P 142 -29.24 -85.82 11.34
N TYR P 143 -29.48 -86.00 10.04
CA TYR P 143 -30.72 -85.58 9.45
C TYR P 143 -31.92 -86.37 9.99
N ALA P 144 -31.72 -87.66 10.21
CA ALA P 144 -32.72 -88.50 10.84
C ALA P 144 -32.97 -88.03 12.27
N SER P 145 -32.09 -87.22 12.91
CA SER P 145 -32.38 -86.72 14.25
C SER P 145 -32.93 -85.30 14.15
N GLY P 146 -33.50 -85.00 12.98
CA GLY P 146 -34.10 -83.73 12.67
C GLY P 146 -33.09 -82.71 12.16
N ARG P 147 -31.91 -82.54 12.75
CA ARG P 147 -31.05 -81.41 12.39
C ARG P 147 -30.11 -81.43 11.19
N THR P 148 -29.46 -80.27 10.96
CA THR P 148 -28.55 -80.06 9.84
C THR P 148 -27.14 -79.65 10.16
N THR P 149 -26.93 -79.24 11.39
CA THR P 149 -25.61 -78.92 11.89
C THR P 149 -25.58 -79.68 13.20
N GLY P 150 -24.42 -80.30 13.35
CA GLY P 150 -24.07 -81.10 14.49
C GLY P 150 -22.80 -81.87 14.18
N ILE P 151 -22.33 -82.73 15.07
CA ILE P 151 -21.18 -83.57 14.76
C ILE P 151 -21.65 -84.98 15.11
N VAL P 152 -21.51 -85.92 14.19
CA VAL P 152 -21.92 -87.30 14.43
C VAL P 152 -20.73 -88.16 14.88
N LEU P 153 -20.86 -88.90 16.00
CA LEU P 153 -19.86 -89.89 16.31
C LEU P 153 -20.53 -91.13 15.75
N ASP P 154 -19.93 -91.68 14.70
CA ASP P 154 -20.53 -92.84 14.05
C ASP P 154 -19.63 -94.03 14.24
N SER P 155 -20.18 -95.16 14.73
CA SER P 155 -19.42 -96.35 15.15
C SER P 155 -20.14 -97.67 14.93
N GLY P 156 -19.61 -98.46 14.02
CA GLY P 156 -20.32 -99.68 13.70
C GLY P 156 -19.49 -100.90 13.91
N ASP P 157 -19.30 -101.64 12.83
CA ASP P 157 -18.56 -102.85 12.96
C ASP P 157 -17.09 -102.76 12.65
N GLY P 158 -16.60 -102.12 11.60
CA GLY P 158 -15.18 -102.00 11.35
C GLY P 158 -14.65 -100.57 11.58
N VAL P 159 -15.40 -99.44 11.49
CA VAL P 159 -14.88 -98.08 11.69
C VAL P 159 -15.67 -97.24 12.67
N THR P 160 -14.95 -96.25 13.27
CA THR P 160 -15.52 -95.14 14.03
C THR P 160 -15.14 -93.84 13.34
N HIS P 161 -16.02 -92.86 13.39
CA HIS P 161 -15.81 -91.61 12.67
C HIS P 161 -16.40 -90.53 13.50
N ASN P 162 -15.94 -89.33 13.20
CA ASN P 162 -16.52 -88.08 13.73
C ASN P 162 -16.77 -87.23 12.51
N VAL P 163 -18.00 -86.86 12.18
CA VAL P 163 -18.14 -86.09 10.94
C VAL P 163 -18.91 -84.85 11.32
N PRO P 164 -18.21 -83.70 11.41
CA PRO P 164 -18.80 -82.41 11.73
C PRO P 164 -19.55 -82.00 10.48
N ILE P 165 -20.85 -81.66 10.59
CA ILE P 165 -21.66 -81.24 9.43
C ILE P 165 -22.26 -79.86 9.67
N TYR P 166 -22.14 -78.94 8.71
CA TYR P 166 -22.68 -77.59 8.87
C TYR P 166 -23.66 -77.28 7.74
N GLU P 167 -24.92 -77.05 8.09
CA GLU P 167 -25.98 -76.82 7.13
C GLU P 167 -25.99 -77.76 5.93
N GLY P 168 -25.58 -78.98 6.32
CA GLY P 168 -25.64 -80.14 5.49
C GLY P 168 -24.35 -80.59 4.88
N TYR P 169 -23.36 -79.72 4.81
CA TYR P 169 -22.10 -80.06 4.18
C TYR P 169 -21.14 -80.60 5.23
N ALA P 170 -20.81 -81.90 5.11
CA ALA P 170 -19.86 -82.58 5.97
C ALA P 170 -18.51 -81.93 5.75
N LEU P 171 -17.78 -81.65 6.83
CA LEU P 171 -16.57 -80.85 6.75
C LEU P 171 -15.31 -81.70 6.59
N PRO P 172 -14.90 -81.96 5.36
CA PRO P 172 -13.75 -82.84 5.05
C PRO P 172 -12.50 -82.81 5.93
N HIS P 173 -12.02 -81.62 6.19
CA HIS P 173 -10.82 -81.46 6.99
C HIS P 173 -11.06 -81.60 8.48
N ALA P 174 -12.22 -81.95 8.99
CA ALA P 174 -12.36 -82.01 10.43
C ALA P 174 -12.77 -83.40 10.87
N ILE P 175 -13.11 -84.25 9.87
CA ILE P 175 -13.49 -85.67 9.99
C ILE P 175 -12.34 -86.51 10.56
N MET P 176 -12.60 -87.40 11.53
CA MET P 176 -11.59 -88.27 12.14
C MET P 176 -12.13 -89.67 12.06
N ARG P 177 -11.22 -90.56 11.80
CA ARG P 177 -11.51 -91.96 11.68
C ARG P 177 -10.63 -92.74 12.67
N LEU P 178 -11.29 -93.62 13.42
CA LEU P 178 -10.62 -94.42 14.40
C LEU P 178 -11.00 -95.84 14.02
N ASP P 179 -10.05 -96.64 13.52
CA ASP P 179 -10.29 -98.05 13.18
C ASP P 179 -10.37 -98.99 14.40
N LEU P 180 -11.34 -98.81 15.31
CA LEU P 180 -11.59 -99.75 16.40
C LEU P 180 -13.08 -99.64 16.59
N ALA P 181 -13.80 -100.75 16.43
CA ALA P 181 -15.22 -100.74 16.53
C ALA P 181 -15.78 -102.01 17.16
N GLY P 182 -17.04 -102.38 16.93
CA GLY P 182 -17.70 -103.51 17.56
C GLY P 182 -17.08 -104.87 17.35
N ARG P 183 -16.40 -105.05 16.21
CA ARG P 183 -15.68 -106.27 15.80
C ARG P 183 -14.50 -106.44 16.74
N ASP P 184 -13.66 -105.39 16.86
CA ASP P 184 -12.52 -105.31 17.76
C ASP P 184 -12.98 -105.57 19.18
N LEU P 185 -14.11 -104.95 19.54
CA LEU P 185 -14.73 -105.06 20.86
C LEU P 185 -15.26 -106.41 21.31
N THR P 186 -15.70 -107.24 20.35
CA THR P 186 -16.17 -108.59 20.64
C THR P 186 -14.92 -109.45 20.88
N ASP P 187 -13.80 -109.18 20.20
CA ASP P 187 -12.65 -110.01 20.34
C ASP P 187 -11.90 -109.71 21.60
N TYR P 188 -12.05 -108.49 22.11
CA TYR P 188 -11.42 -108.14 23.36
C TYR P 188 -12.25 -108.76 24.48
N LEU P 189 -13.58 -108.76 24.40
CA LEU P 189 -14.39 -109.35 25.46
C LEU P 189 -14.02 -110.80 25.59
N MET P 190 -13.89 -111.42 24.43
CA MET P 190 -13.52 -112.81 24.26
C MET P 190 -12.34 -113.19 25.14
N LYS P 191 -11.25 -112.42 24.98
CA LYS P 191 -10.08 -112.63 25.78
C LYS P 191 -10.43 -112.27 27.20
N ILE P 192 -10.98 -111.13 27.66
CA ILE P 192 -11.20 -110.95 29.10
C ILE P 192 -12.17 -111.93 29.75
N LEU P 193 -12.88 -112.69 28.92
CA LEU P 193 -13.81 -113.68 29.39
C LEU P 193 -13.14 -115.04 29.43
N THR P 194 -12.19 -115.37 28.52
CA THR P 194 -11.43 -116.60 28.65
C THR P 194 -10.47 -116.47 29.82
N GLU P 195 -9.98 -115.21 29.96
CA GLU P 195 -9.09 -114.75 31.01
C GLU P 195 -9.83 -114.78 32.36
N ARG P 196 -11.18 -114.70 32.39
CA ARG P 196 -11.97 -114.90 33.61
C ARG P 196 -11.99 -116.41 33.99
N GLY P 197 -11.33 -117.24 33.16
CA GLY P 197 -11.21 -118.67 33.38
C GLY P 197 -12.27 -119.37 32.57
N TYR P 198 -12.30 -119.22 31.23
CA TYR P 198 -13.32 -119.84 30.39
C TYR P 198 -12.76 -120.31 29.06
N SER P 199 -13.67 -120.96 28.32
CA SER P 199 -13.35 -121.48 27.01
C SER P 199 -14.48 -121.46 26.00
N PHE P 200 -14.15 -120.68 24.98
CA PHE P 200 -15.03 -120.53 23.84
C PHE P 200 -14.19 -121.26 22.79
N VAL P 201 -14.63 -122.51 22.86
CA VAL P 201 -13.93 -123.54 22.14
C VAL P 201 -14.59 -123.85 20.81
N THR P 202 -15.83 -124.38 20.77
CA THR P 202 -16.49 -124.66 19.49
C THR P 202 -17.07 -123.39 18.90
N THR P 203 -17.51 -123.42 17.63
CA THR P 203 -18.01 -122.22 16.98
C THR P 203 -19.32 -121.72 17.59
N ALA P 204 -20.06 -122.60 18.28
CA ALA P 204 -21.24 -122.21 19.02
C ALA P 204 -20.93 -121.50 20.36
N GLU P 205 -19.66 -121.46 20.71
CA GLU P 205 -19.19 -120.76 21.87
C GLU P 205 -18.69 -119.43 21.35
N ARG P 206 -17.85 -119.41 20.30
CA ARG P 206 -17.37 -118.16 19.67
C ARG P 206 -18.48 -117.10 19.41
N GLU P 207 -19.51 -117.48 18.65
CA GLU P 207 -20.53 -116.58 18.15
C GLU P 207 -21.32 -115.84 19.22
N ILE P 208 -21.63 -116.57 20.28
CA ILE P 208 -22.42 -116.05 21.38
C ILE P 208 -21.67 -115.07 22.31
N VAL P 209 -20.32 -114.92 22.23
CA VAL P 209 -19.60 -113.92 23.01
C VAL P 209 -20.07 -112.56 22.52
N ARG P 210 -20.38 -112.49 21.23
CA ARG P 210 -20.91 -111.31 20.62
C ARG P 210 -22.31 -111.00 21.16
N ASP P 211 -23.14 -112.01 21.46
CA ASP P 211 -24.48 -111.81 22.00
C ASP P 211 -24.44 -111.47 23.49
N ILE P 212 -23.32 -111.83 24.14
CA ILE P 212 -23.05 -111.43 25.52
C ILE P 212 -22.74 -109.93 25.49
N LYS P 213 -21.76 -109.49 24.68
CA LYS P 213 -21.40 -108.09 24.46
C LYS P 213 -22.63 -107.26 24.22
N GLU P 214 -23.50 -107.61 23.28
CA GLU P 214 -24.70 -106.83 23.00
C GLU P 214 -25.64 -106.79 24.21
N LYS P 215 -26.07 -107.91 24.80
CA LYS P 215 -27.04 -107.94 25.90
C LYS P 215 -26.63 -107.41 27.27
N LEU P 216 -25.46 -107.85 27.74
CA LEU P 216 -24.97 -107.52 29.07
C LEU P 216 -23.98 -106.40 29.15
N CYS P 217 -23.26 -105.97 28.10
CA CYS P 217 -22.32 -104.85 28.24
C CYS P 217 -22.87 -103.43 28.38
N TYR P 218 -22.05 -102.76 29.21
CA TYR P 218 -22.33 -101.44 29.79
C TYR P 218 -21.20 -100.45 29.60
N VAL P 219 -21.51 -99.15 29.59
CA VAL P 219 -20.45 -98.13 29.64
C VAL P 219 -20.82 -97.39 30.88
N ALA P 220 -19.98 -97.68 31.84
CA ALA P 220 -20.10 -96.99 33.08
C ALA P 220 -19.41 -95.63 33.02
N LEU P 221 -20.11 -94.77 33.73
CA LEU P 221 -19.65 -93.45 34.08
C LEU P 221 -18.99 -93.70 35.42
N ASP P 222 -17.78 -93.11 35.50
CA ASP P 222 -16.85 -93.31 36.60
C ASP P 222 -16.54 -94.80 36.68
N PHE P 223 -15.79 -95.14 35.62
CA PHE P 223 -15.31 -96.49 35.34
C PHE P 223 -14.23 -96.87 36.35
N GLU P 224 -13.73 -95.80 37.01
CA GLU P 224 -12.75 -95.78 38.09
C GLU P 224 -13.25 -96.51 39.34
N ASN P 225 -14.28 -95.89 39.94
CA ASN P 225 -14.93 -96.42 41.11
C ASN P 225 -16.10 -97.28 40.68
N GLU P 226 -15.86 -98.12 39.68
CA GLU P 226 -16.79 -99.14 39.22
C GLU P 226 -16.06 -100.49 39.30
N MET P 227 -14.74 -100.41 39.04
CA MET P 227 -13.80 -101.47 39.30
C MET P 227 -13.73 -101.63 40.82
N ALA P 228 -13.55 -100.49 41.54
CA ALA P 228 -13.57 -100.45 43.01
C ALA P 228 -14.85 -101.10 43.57
N THR P 229 -15.98 -100.77 42.95
CA THR P 229 -17.26 -101.38 43.28
C THR P 229 -17.25 -102.90 43.05
N ALA P 230 -16.61 -103.31 41.92
CA ALA P 230 -16.54 -104.71 41.53
C ALA P 230 -15.97 -105.60 42.61
N ALA P 231 -14.92 -105.04 43.24
CA ALA P 231 -14.14 -105.65 44.34
C ALA P 231 -14.88 -105.89 45.68
N SER P 232 -15.65 -104.90 46.15
CA SER P 232 -16.52 -105.03 47.31
C SER P 232 -17.57 -106.13 47.07
N SER P 233 -17.79 -106.39 45.75
CA SER P 233 -18.70 -107.36 45.16
C SER P 233 -20.10 -107.31 45.73
N SER P 234 -20.68 -106.43 44.93
CA SER P 234 -22.08 -106.11 45.00
C SER P 234 -22.78 -107.11 44.08
N SER P 235 -24.10 -106.91 44.01
CA SER P 235 -24.92 -107.65 43.08
C SER P 235 -24.83 -106.92 41.73
N LEU P 236 -23.56 -106.68 41.27
CA LEU P 236 -23.24 -106.08 39.99
C LEU P 236 -23.07 -107.20 38.94
N GLU P 237 -22.65 -108.41 39.37
CA GLU P 237 -22.46 -109.61 38.52
C GLU P 237 -23.63 -110.00 37.60
N LYS P 238 -23.35 -110.70 36.49
CA LYS P 238 -24.43 -111.11 35.60
C LYS P 238 -24.16 -112.39 34.83
N SER P 239 -24.91 -113.43 35.20
CA SER P 239 -24.80 -114.72 34.52
C SER P 239 -25.80 -114.94 33.40
N TYR P 240 -25.20 -115.36 32.28
CA TYR P 240 -25.86 -115.66 31.01
C TYR P 240 -25.88 -117.17 30.85
N GLU P 241 -26.99 -117.79 30.41
CA GLU P 241 -27.03 -119.24 30.13
C GLU P 241 -26.70 -119.50 28.66
N LEU P 242 -25.66 -120.31 28.43
CA LEU P 242 -25.13 -120.60 27.10
C LEU P 242 -26.07 -121.37 26.14
N PRO P 243 -25.75 -121.91 24.90
CA PRO P 243 -26.71 -122.64 24.05
C PRO P 243 -27.40 -123.81 24.80
N ASP P 244 -26.57 -124.38 25.68
CA ASP P 244 -26.93 -125.41 26.68
C ASP P 244 -27.03 -124.77 28.11
N GLY P 245 -26.94 -125.58 29.19
CA GLY P 245 -27.05 -125.14 30.58
C GLY P 245 -25.94 -124.22 31.04
N GLN P 246 -24.68 -124.64 30.80
CA GLN P 246 -23.44 -123.94 31.11
C GLN P 246 -23.50 -122.42 31.37
N VAL P 247 -24.04 -122.15 32.55
CA VAL P 247 -24.22 -120.79 33.02
C VAL P 247 -22.88 -120.12 33.30
N ILE P 248 -22.62 -119.18 32.42
CA ILE P 248 -21.40 -118.41 32.52
C ILE P 248 -21.68 -117.12 33.28
N THR P 249 -20.77 -116.69 34.16
CA THR P 249 -20.95 -115.44 34.90
C THR P 249 -19.91 -114.38 34.45
N ILE P 250 -20.47 -113.17 34.35
CA ILE P 250 -19.77 -111.98 33.91
C ILE P 250 -20.24 -110.93 34.87
N GLY P 251 -19.32 -110.52 35.72
CA GLY P 251 -19.69 -109.48 36.64
C GLY P 251 -19.25 -108.14 36.14
N ASN P 252 -17.94 -108.13 36.25
CA ASN P 252 -17.07 -106.98 36.11
C ASN P 252 -16.75 -106.63 34.63
N GLU P 253 -16.06 -107.48 33.84
CA GLU P 253 -15.73 -107.34 32.39
C GLU P 253 -16.76 -106.77 31.43
N ARG P 254 -17.98 -106.99 31.89
CA ARG P 254 -19.19 -106.40 31.40
C ARG P 254 -19.02 -104.91 30.91
N PHE P 255 -18.24 -104.09 31.67
CA PHE P 255 -17.95 -102.70 31.34
C PHE P 255 -16.49 -102.47 30.96
N ARG P 256 -15.61 -103.45 31.22
CA ARG P 256 -14.21 -103.34 30.84
C ARG P 256 -14.08 -103.34 29.31
N CYS P 257 -15.09 -103.93 28.66
CA CYS P 257 -15.16 -104.01 27.19
C CYS P 257 -15.47 -102.62 26.58
N PRO P 258 -16.55 -101.86 26.87
CA PRO P 258 -16.74 -100.53 26.31
C PRO P 258 -15.75 -99.50 26.90
N GLU P 259 -15.10 -99.66 28.08
CA GLU P 259 -14.03 -98.76 28.54
C GLU P 259 -12.96 -98.86 27.44
N THR P 260 -12.92 -99.86 26.52
CA THR P 260 -11.94 -99.89 25.46
C THR P 260 -12.16 -98.72 24.52
N LEU P 261 -13.41 -98.37 24.22
CA LEU P 261 -13.68 -97.18 23.40
C LEU P 261 -13.12 -95.84 23.93
N PHE P 262 -12.91 -95.64 25.24
CA PHE P 262 -12.31 -94.44 25.81
C PHE P 262 -10.81 -94.59 26.03
N GLN P 263 -10.39 -95.84 26.26
CA GLN P 263 -9.01 -96.22 26.45
C GLN P 263 -8.66 -97.29 25.40
N PRO P 264 -8.06 -96.92 24.26
CA PRO P 264 -7.64 -97.83 23.20
C PRO P 264 -6.41 -98.62 23.67
N SER P 265 -5.76 -98.10 24.73
CA SER P 265 -4.60 -98.72 25.40
C SER P 265 -4.85 -100.14 26.00
N PHE P 266 -6.14 -100.43 26.24
CA PHE P 266 -6.65 -101.73 26.67
C PHE P 266 -6.41 -102.79 25.60
N ILE P 267 -6.21 -102.31 24.38
CA ILE P 267 -6.02 -103.21 23.27
C ILE P 267 -4.77 -102.90 22.45
N GLY P 268 -3.75 -102.33 23.08
CA GLY P 268 -2.54 -102.08 22.34
C GLY P 268 -2.71 -101.07 21.21
N MET P 269 -3.77 -100.26 21.35
CA MET P 269 -3.90 -99.14 20.44
C MET P 269 -3.34 -97.89 21.10
N GLU P 270 -2.51 -97.19 20.31
CA GLU P 270 -1.89 -95.92 20.71
C GLU P 270 -2.67 -94.64 20.33
N SER P 271 -3.72 -94.82 19.49
CA SER P 271 -4.63 -93.74 19.09
C SER P 271 -5.38 -93.20 20.29
N ALA P 272 -5.91 -91.99 20.10
CA ALA P 272 -6.74 -91.34 21.11
C ALA P 272 -8.13 -91.98 21.18
N GLY P 273 -8.97 -91.68 22.16
CA GLY P 273 -10.26 -92.35 22.24
C GLY P 273 -11.43 -91.45 21.87
N ILE P 274 -12.58 -92.11 21.57
CA ILE P 274 -13.85 -91.50 21.20
C ILE P 274 -14.13 -90.05 21.64
N HIS P 275 -14.01 -89.75 22.94
CA HIS P 275 -14.31 -88.44 23.50
C HIS P 275 -13.31 -87.35 23.18
N GLU P 276 -12.04 -87.75 23.16
CA GLU P 276 -10.99 -86.83 22.82
C GLU P 276 -11.07 -86.54 21.38
N THR P 277 -11.44 -87.55 20.61
CA THR P 277 -11.53 -87.42 19.18
C THR P 277 -12.72 -86.57 18.84
N THR P 278 -13.86 -86.65 19.53
CA THR P 278 -15.02 -85.77 19.33
C THR P 278 -14.58 -84.30 19.42
N TYR P 279 -13.79 -84.11 20.47
CA TYR P 279 -13.24 -82.84 20.82
C TYR P 279 -12.26 -82.41 19.79
N ASN P 280 -11.31 -83.23 19.37
CA ASN P 280 -10.29 -82.73 18.48
C ASN P 280 -10.85 -82.31 17.13
N SER P 281 -11.92 -83.00 16.72
CA SER P 281 -12.63 -82.74 15.47
C SER P 281 -13.11 -81.31 15.57
N ILE P 282 -13.65 -81.06 16.77
CA ILE P 282 -14.26 -79.78 17.12
C ILE P 282 -13.18 -78.73 17.20
N MET P 283 -12.00 -78.85 17.85
CA MET P 283 -11.07 -77.73 17.77
C MET P 283 -10.29 -77.65 16.42
N LYS P 284 -10.71 -78.45 15.41
CA LYS P 284 -10.24 -78.37 14.00
C LYS P 284 -11.20 -77.63 13.07
N CYS P 285 -12.37 -77.27 13.59
CA CYS P 285 -13.41 -76.58 12.86
C CYS P 285 -13.39 -75.08 13.06
N ASP P 286 -14.14 -74.31 12.28
CA ASP P 286 -14.21 -72.88 12.51
C ASP P 286 -14.80 -72.69 13.89
N ILE P 287 -14.27 -71.61 14.46
CA ILE P 287 -14.51 -71.04 15.82
C ILE P 287 -15.96 -70.64 16.17
N ASP P 288 -16.55 -69.97 15.17
CA ASP P 288 -17.91 -69.51 15.25
C ASP P 288 -18.83 -70.73 15.19
N ILE P 289 -18.44 -71.88 14.57
CA ILE P 289 -19.37 -73.03 14.52
C ILE P 289 -19.20 -73.95 15.70
N ARG P 290 -18.16 -73.81 16.50
CA ARG P 290 -17.95 -74.71 17.61
C ARG P 290 -19.09 -74.61 18.64
N LYS P 291 -19.88 -73.56 18.92
CA LYS P 291 -20.93 -73.77 19.92
C LYS P 291 -22.02 -74.74 19.41
N ASP P 292 -22.22 -74.75 18.07
CA ASP P 292 -23.24 -75.55 17.43
C ASP P 292 -22.93 -77.02 17.52
N LEU P 293 -21.74 -77.40 17.06
CA LEU P 293 -21.29 -78.74 17.17
C LEU P 293 -21.37 -79.27 18.59
N TYR P 294 -21.00 -78.45 19.60
CA TYR P 294 -21.05 -78.92 20.97
C TYR P 294 -22.41 -79.20 21.50
N ALA P 295 -23.41 -78.49 21.05
CA ALA P 295 -24.75 -78.77 21.55
C ALA P 295 -25.45 -79.81 20.67
N ASN P 296 -24.70 -80.47 19.75
CA ASN P 296 -25.31 -81.41 18.84
C ASN P 296 -24.40 -82.53 18.44
N ASN P 297 -24.07 -83.33 19.45
CA ASN P 297 -23.26 -84.51 19.29
C ASN P 297 -24.26 -85.62 19.08
N VAL P 298 -24.46 -86.03 17.86
CA VAL P 298 -25.45 -87.04 17.57
C VAL P 298 -24.63 -88.30 17.47
N MET P 299 -25.19 -89.33 18.11
CA MET P 299 -24.57 -90.63 18.04
C MET P 299 -25.32 -91.60 17.13
N SER P 300 -24.57 -92.34 16.32
CA SER P 300 -25.22 -93.40 15.58
C SER P 300 -24.27 -94.58 15.44
N GLY P 301 -24.86 -95.75 15.20
CA GLY P 301 -24.10 -96.96 14.99
C GLY P 301 -24.28 -98.04 16.08
N GLY P 302 -24.19 -99.31 15.66
CA GLY P 302 -24.39 -100.43 16.57
C GLY P 302 -23.51 -100.33 17.81
N THR P 303 -22.25 -99.96 17.69
CA THR P 303 -21.39 -99.94 18.84
C THR P 303 -21.66 -98.76 19.76
N THR P 304 -22.50 -97.78 19.42
CA THR P 304 -22.79 -96.67 20.36
C THR P 304 -24.03 -96.96 21.19
N MET P 305 -24.51 -98.21 21.12
CA MET P 305 -25.72 -98.63 21.80
C MET P 305 -25.48 -99.08 23.24
N TYR P 306 -24.22 -99.38 23.65
CA TYR P 306 -23.88 -99.77 25.03
C TYR P 306 -24.53 -98.81 26.01
N PRO P 307 -25.50 -99.13 26.88
CA PRO P 307 -26.08 -98.17 27.83
C PRO P 307 -25.03 -97.34 28.59
N GLY P 308 -25.36 -96.06 28.84
CA GLY P 308 -24.52 -95.15 29.61
C GLY P 308 -23.33 -94.60 28.87
N ILE P 309 -23.43 -94.73 27.55
CA ILE P 309 -22.42 -94.27 26.62
C ILE P 309 -22.48 -92.77 26.47
N ALA P 310 -23.74 -92.33 26.49
CA ALA P 310 -24.10 -90.94 26.33
C ALA P 310 -23.69 -90.20 27.59
N ASP P 311 -24.01 -90.69 28.83
CA ASP P 311 -23.63 -90.04 30.09
C ASP P 311 -22.11 -89.89 30.24
N ARG P 312 -21.37 -90.96 29.94
CA ARG P 312 -19.92 -90.94 29.95
C ARG P 312 -19.48 -89.89 28.94
N MET P 313 -20.01 -89.84 27.70
CA MET P 313 -19.56 -88.87 26.72
C MET P 313 -19.88 -87.42 27.06
N GLN P 314 -21.01 -87.28 27.77
CA GLN P 314 -21.56 -86.04 28.26
C GLN P 314 -20.56 -85.38 29.18
N LYS P 315 -20.13 -86.19 30.14
CA LYS P 315 -19.16 -85.75 31.10
C LYS P 315 -17.74 -85.78 30.58
N GLU P 316 -17.51 -86.57 29.55
CA GLU P 316 -16.18 -86.62 29.01
C GLU P 316 -15.88 -85.32 28.27
N ILE P 317 -16.84 -84.81 27.47
CA ILE P 317 -16.52 -83.60 26.76
C ILE P 317 -16.86 -82.36 27.57
N THR P 318 -17.78 -82.33 28.56
CA THR P 318 -18.00 -81.13 29.37
C THR P 318 -16.68 -80.69 30.00
N ALA P 319 -16.05 -81.70 30.58
CA ALA P 319 -14.77 -81.50 31.21
C ALA P 319 -13.55 -81.32 30.29
N LEU P 320 -13.75 -81.15 28.97
CA LEU P 320 -12.65 -80.78 28.07
C LEU P 320 -12.96 -79.47 27.35
N ALA P 321 -14.27 -79.20 27.28
CA ALA P 321 -14.80 -78.01 26.64
C ALA P 321 -14.78 -76.78 27.54
N PRO P 322 -14.61 -75.54 27.01
CA PRO P 322 -14.58 -74.31 27.81
C PRO P 322 -15.90 -74.15 28.58
N SER P 323 -15.98 -73.89 29.90
CA SER P 323 -17.25 -73.86 30.65
C SER P 323 -18.41 -72.97 30.21
N THR P 324 -18.05 -72.02 29.34
CA THR P 324 -18.98 -71.11 28.70
C THR P 324 -19.86 -71.86 27.69
N MET P 325 -19.55 -73.13 27.45
CA MET P 325 -20.18 -73.92 26.44
C MET P 325 -21.28 -74.83 26.94
N LYS P 326 -22.21 -75.03 26.03
CA LYS P 326 -23.28 -75.98 26.24
C LYS P 326 -22.88 -77.25 25.48
N ILE P 327 -22.88 -78.36 26.23
CA ILE P 327 -22.58 -79.68 25.71
C ILE P 327 -23.95 -80.33 25.48
N LYS P 328 -24.15 -81.18 24.45
CA LYS P 328 -25.38 -81.93 24.34
C LYS P 328 -25.21 -83.15 23.42
N ILE P 329 -25.26 -84.31 24.10
CA ILE P 329 -25.06 -85.63 23.48
C ILE P 329 -26.39 -86.32 23.19
N ILE P 330 -26.83 -86.24 21.93
CA ILE P 330 -28.06 -86.88 21.50
C ILE P 330 -27.66 -88.30 21.05
N ALA P 331 -28.38 -89.27 21.65
CA ALA P 331 -28.26 -90.69 21.36
C ALA P 331 -29.67 -91.26 21.25
N PRO P 332 -30.32 -91.32 20.09
CA PRO P 332 -31.67 -91.87 19.98
C PRO P 332 -31.68 -93.39 20.13
N PRO P 333 -32.85 -94.00 20.41
CA PRO P 333 -33.02 -95.43 20.60
C PRO P 333 -32.87 -96.23 19.33
N GLU P 334 -33.34 -95.71 18.19
CA GLU P 334 -33.21 -96.48 16.99
C GLU P 334 -31.81 -96.33 16.45
N ARG P 335 -30.83 -95.67 17.10
CA ARG P 335 -29.50 -95.44 16.52
C ARG P 335 -28.73 -96.52 15.75
N LYS P 336 -28.95 -97.81 16.00
CA LYS P 336 -28.34 -98.83 15.15
C LYS P 336 -28.88 -98.73 13.72
N TYR P 337 -29.99 -98.06 13.40
CA TYR P 337 -30.43 -97.78 12.04
C TYR P 337 -30.56 -96.27 11.71
N SER P 338 -29.92 -95.30 12.41
CA SER P 338 -30.06 -93.87 12.10
C SER P 338 -29.81 -93.51 10.67
N VAL P 339 -28.64 -93.99 10.22
CA VAL P 339 -28.18 -93.87 8.86
C VAL P 339 -29.29 -94.27 7.92
N TRP P 340 -29.89 -95.45 8.13
CA TRP P 340 -30.86 -95.99 7.18
C TRP P 340 -32.13 -95.16 7.19
N ILE P 341 -32.55 -94.76 8.40
CA ILE P 341 -33.80 -94.10 8.61
C ILE P 341 -33.68 -92.74 7.97
N GLY P 342 -32.51 -92.09 8.09
CA GLY P 342 -32.25 -90.78 7.50
C GLY P 342 -32.38 -90.87 5.98
N GLY P 343 -32.01 -92.02 5.41
CA GLY P 343 -32.11 -92.24 3.99
C GLY P 343 -33.55 -92.47 3.59
N SER P 344 -34.31 -93.21 4.42
CA SER P 344 -35.71 -93.49 4.16
C SER P 344 -36.55 -92.22 4.11
N ILE P 345 -36.24 -91.33 5.04
CA ILE P 345 -36.92 -90.05 5.15
C ILE P 345 -36.62 -89.23 3.91
N LEU P 346 -35.34 -88.97 3.72
CA LEU P 346 -34.84 -88.18 2.63
C LEU P 346 -35.33 -88.68 1.28
N ALA P 347 -35.24 -89.99 1.05
CA ALA P 347 -35.58 -90.50 -0.28
C ALA P 347 -37.07 -90.55 -0.47
N SER P 348 -37.87 -90.60 0.60
CA SER P 348 -39.32 -90.60 0.39
C SER P 348 -39.84 -89.15 0.27
N LEU P 349 -39.00 -88.20 0.69
CA LEU P 349 -39.29 -86.78 0.61
C LEU P 349 -39.61 -86.26 -0.78
N SER P 350 -40.57 -85.37 -0.58
CA SER P 350 -41.22 -84.52 -1.56
C SER P 350 -40.19 -83.70 -2.34
N THR P 351 -39.12 -83.20 -1.73
CA THR P 351 -38.14 -82.39 -2.46
C THR P 351 -36.91 -83.06 -3.05
N PHE P 352 -36.79 -84.37 -2.81
CA PHE P 352 -35.59 -85.07 -3.19
C PHE P 352 -35.55 -85.53 -4.63
N GLN P 353 -36.75 -85.51 -5.19
CA GLN P 353 -36.95 -86.00 -6.52
C GLN P 353 -36.01 -85.33 -7.50
N GLN P 354 -35.83 -84.02 -7.36
CA GLN P 354 -34.92 -83.30 -8.22
C GLN P 354 -33.42 -83.52 -7.95
N MET P 355 -32.99 -84.33 -6.94
CA MET P 355 -31.56 -84.71 -6.85
C MET P 355 -31.24 -86.15 -7.30
N TRP P 356 -32.23 -87.00 -7.56
CA TRP P 356 -31.98 -88.34 -8.10
C TRP P 356 -31.12 -88.38 -9.36
N ILE P 357 -29.96 -89.06 -9.47
CA ILE P 357 -29.24 -89.12 -10.75
C ILE P 357 -29.94 -90.12 -11.68
N THR P 358 -30.51 -89.66 -12.81
CA THR P 358 -31.24 -90.56 -13.69
C THR P 358 -30.32 -91.11 -14.76
N LYS P 359 -30.67 -92.27 -15.34
CA LYS P 359 -29.96 -92.81 -16.50
C LYS P 359 -29.79 -91.78 -17.61
N GLN P 360 -30.69 -90.78 -17.72
CA GLN P 360 -30.59 -89.70 -18.69
C GLN P 360 -29.32 -88.97 -18.26
N GLU P 361 -29.23 -88.39 -17.03
CA GLU P 361 -28.00 -87.77 -16.58
C GLU P 361 -26.74 -88.61 -16.84
N TYR P 362 -26.80 -89.89 -16.47
CA TYR P 362 -25.66 -90.75 -16.61
C TYR P 362 -25.26 -91.01 -18.07
N ASP P 363 -26.15 -91.58 -18.90
CA ASP P 363 -25.81 -91.90 -20.28
C ASP P 363 -25.26 -90.69 -21.03
N GLU P 364 -25.65 -89.51 -20.52
CA GLU P 364 -25.16 -88.26 -21.08
C GLU P 364 -23.94 -87.63 -20.40
N ALA P 365 -23.69 -87.79 -19.10
CA ALA P 365 -22.55 -87.11 -18.41
C ALA P 365 -21.35 -87.95 -17.90
N GLY P 366 -21.52 -89.28 -17.94
CA GLY P 366 -20.55 -90.24 -17.43
C GLY P 366 -20.61 -90.29 -15.90
N PRO P 367 -19.90 -91.18 -15.18
CA PRO P 367 -20.04 -91.38 -13.73
C PRO P 367 -19.79 -90.14 -12.87
N SER P 368 -19.09 -89.21 -13.54
CA SER P 368 -18.78 -87.89 -13.05
C SER P 368 -20.02 -87.19 -12.54
N ILE P 369 -21.16 -87.32 -13.27
CA ILE P 369 -22.43 -86.70 -12.91
C ILE P 369 -22.87 -86.80 -11.46
N VAL P 370 -22.86 -88.02 -10.89
CA VAL P 370 -23.30 -88.25 -9.52
C VAL P 370 -22.18 -87.97 -8.52
N HIS P 371 -20.95 -88.01 -9.04
CA HIS P 371 -19.83 -87.83 -8.16
C HIS P 371 -19.86 -86.49 -7.41
N ARG P 372 -20.47 -85.45 -8.02
CA ARG P 372 -20.58 -84.08 -7.49
C ARG P 372 -19.15 -83.52 -7.42
N ASP Q 1 41.33 -65.98 20.57
CA ASP Q 1 40.92 -67.40 20.60
C ASP Q 1 40.00 -67.71 21.78
N GLU Q 2 40.37 -67.06 22.90
CA GLU Q 2 39.67 -67.05 24.18
C GLU Q 2 38.19 -67.30 24.03
N ASP Q 3 37.64 -66.52 23.10
CA ASP Q 3 36.31 -66.76 22.67
C ASP Q 3 36.18 -66.84 21.15
N GLU Q 4 37.23 -66.66 20.31
CA GLU Q 4 37.16 -66.79 18.84
C GLU Q 4 36.71 -68.21 18.49
N THR Q 5 37.28 -69.18 19.24
CA THR Q 5 36.97 -70.62 19.14
C THR Q 5 35.67 -71.03 19.84
N THR Q 6 35.63 -70.35 20.98
CA THR Q 6 34.76 -70.48 22.12
C THR Q 6 33.31 -70.02 21.97
N ALA Q 7 32.90 -69.21 20.97
CA ALA Q 7 31.51 -68.79 20.86
C ALA Q 7 30.65 -69.92 20.34
N LEU Q 8 29.51 -70.14 20.99
CA LEU Q 8 28.59 -71.21 20.61
C LEU Q 8 27.42 -70.62 19.83
N VAL Q 9 26.74 -71.35 18.94
CA VAL Q 9 25.61 -70.77 18.27
C VAL Q 9 24.56 -71.81 18.33
N CYS Q 10 23.46 -71.47 18.99
CA CYS Q 10 22.39 -72.40 19.18
C CYS Q 10 21.13 -71.82 18.60
N ASP Q 11 20.64 -72.46 17.53
CA ASP Q 11 19.38 -72.08 16.94
C ASP Q 11 18.22 -73.04 17.30
N ASN Q 12 17.32 -72.55 18.16
CA ASN Q 12 16.23 -73.31 18.71
C ASN Q 12 15.05 -73.26 17.78
N GLY Q 13 14.59 -74.41 17.31
CA GLY Q 13 13.46 -74.49 16.42
C GLY Q 13 12.31 -75.26 17.02
N SER Q 14 11.26 -75.20 16.21
CA SER Q 14 10.06 -75.93 16.54
C SER Q 14 10.25 -77.41 16.28
N GLY Q 15 11.07 -77.85 15.33
CA GLY Q 15 11.26 -79.25 15.03
C GLY Q 15 12.65 -79.65 15.37
N LEU Q 16 13.67 -78.88 14.96
CA LEU Q 16 15.09 -79.15 15.15
C LEU Q 16 15.90 -78.13 15.92
N VAL Q 17 16.96 -78.52 16.65
CA VAL Q 17 17.90 -77.60 17.24
C VAL Q 17 19.06 -77.62 16.27
N LYS Q 18 19.73 -76.53 15.94
CA LYS Q 18 20.94 -76.54 15.16
C LYS Q 18 22.01 -75.92 16.07
N ALA Q 19 23.17 -76.51 16.27
CA ALA Q 19 24.12 -76.03 17.24
C ALA Q 19 25.55 -76.29 16.80
N GLY Q 20 26.53 -75.69 17.44
CA GLY Q 20 27.89 -75.79 16.93
C GLY Q 20 28.68 -74.59 17.38
N PHE Q 21 29.87 -74.45 16.78
CA PHE Q 21 30.79 -73.39 17.19
C PHE Q 21 30.83 -72.32 16.14
N ALA Q 22 30.82 -71.05 16.57
CA ALA Q 22 30.95 -69.90 15.69
C ALA Q 22 32.29 -70.12 15.07
N GLY Q 23 32.30 -70.00 13.75
CA GLY Q 23 33.50 -70.34 13.03
C GLY Q 23 33.14 -71.44 12.07
N ASP Q 24 32.52 -72.55 12.50
CA ASP Q 24 32.18 -73.64 11.59
C ASP Q 24 31.25 -73.20 10.47
N ASP Q 25 31.18 -74.02 9.41
CA ASP Q 25 30.40 -73.68 8.23
C ASP Q 25 28.94 -74.14 8.25
N ALA Q 26 28.73 -75.11 9.16
CA ALA Q 26 27.45 -75.79 9.35
C ALA Q 26 27.34 -76.29 10.78
N PRO Q 27 26.11 -76.51 11.29
CA PRO Q 27 25.90 -76.99 12.67
C PRO Q 27 26.56 -78.33 13.00
N ARG Q 28 27.26 -78.34 14.11
CA ARG Q 28 27.86 -79.55 14.62
C ARG Q 28 26.78 -80.47 15.15
N ALA Q 29 25.63 -79.91 15.55
CA ALA Q 29 24.60 -80.72 16.15
C ALA Q 29 23.23 -80.31 15.67
N VAL Q 30 22.48 -81.32 15.20
CA VAL Q 30 21.14 -81.13 14.67
C VAL Q 30 20.34 -82.28 15.23
N PHE Q 31 19.20 -82.01 15.88
CA PHE Q 31 18.45 -83.06 16.52
C PHE Q 31 17.06 -82.64 16.89
N PRO Q 32 16.04 -83.50 17.01
CA PRO Q 32 14.72 -83.07 17.38
C PRO Q 32 14.61 -82.40 18.74
N SER Q 33 13.64 -81.50 18.71
CA SER Q 33 13.33 -80.61 19.78
C SER Q 33 12.22 -81.28 20.56
N ILE Q 34 12.49 -82.48 21.11
CA ILE Q 34 11.56 -83.18 21.96
C ILE Q 34 12.14 -83.53 23.32
N VAL Q 35 11.32 -83.87 24.29
CA VAL Q 35 11.72 -84.23 25.62
C VAL Q 35 10.69 -85.30 25.92
N GLY Q 36 11.17 -86.51 26.08
CA GLY Q 36 10.36 -87.65 26.32
C GLY Q 36 10.40 -87.98 27.78
N ARG Q 37 9.23 -88.38 28.26
CA ARG Q 37 9.03 -88.70 29.65
C ARG Q 37 8.46 -90.12 29.70
N PRO Q 38 9.13 -91.15 30.22
CA PRO Q 38 8.62 -92.54 30.22
C PRO Q 38 7.27 -92.78 30.86
N ARG Q 39 6.38 -93.33 30.03
CA ARG Q 39 5.07 -93.76 30.50
C ARG Q 39 5.10 -94.88 31.52
N HIS Q 40 6.20 -95.70 31.69
CA HIS Q 40 6.22 -96.82 32.65
C HIS Q 40 7.49 -97.01 33.41
N GLN Q 41 7.50 -97.68 34.56
CA GLN Q 41 8.78 -97.86 35.21
C GLN Q 41 9.50 -99.10 34.73
N GLY Q 42 10.80 -98.93 34.49
CA GLY Q 42 11.64 -99.97 33.95
C GLY Q 42 12.94 -99.41 33.39
N VAL Q 43 13.80 -100.26 32.85
CA VAL Q 43 15.10 -99.87 32.32
C VAL Q 43 15.54 -100.52 30.99
N MET Q 44 16.54 -99.92 30.33
CA MET Q 44 17.15 -100.58 29.18
C MET Q 44 18.24 -101.40 29.83
N VAL Q 45 18.68 -102.46 29.17
CA VAL Q 45 19.74 -103.31 29.64
C VAL Q 45 21.06 -102.55 29.79
N GLY Q 46 21.52 -102.43 31.04
CA GLY Q 46 22.80 -101.88 31.31
C GLY Q 46 22.71 -100.42 31.73
N MET Q 47 21.57 -99.80 31.50
CA MET Q 47 21.39 -98.45 31.95
C MET Q 47 20.60 -98.42 33.24
N GLY Q 48 20.62 -97.24 33.86
CA GLY Q 48 19.79 -96.95 35.02
C GLY Q 48 18.48 -96.33 34.55
N GLN Q 49 17.60 -96.18 35.55
CA GLN Q 49 16.34 -95.48 35.41
C GLN Q 49 16.60 -94.04 34.96
N LYS Q 50 15.89 -93.65 33.94
CA LYS Q 50 16.10 -92.38 33.33
C LYS Q 50 14.76 -91.72 33.49
N ASP Q 51 14.88 -90.49 33.93
CA ASP Q 51 13.70 -89.67 34.15
C ASP Q 51 13.19 -89.00 32.88
N SER Q 52 14.10 -88.87 31.92
CA SER Q 52 13.80 -88.05 30.79
C SER Q 52 14.64 -88.41 29.59
N TYR Q 53 14.21 -88.07 28.41
CA TYR Q 53 14.96 -88.39 27.24
C TYR Q 53 14.91 -87.19 26.34
N VAL Q 54 15.91 -86.85 25.51
CA VAL Q 54 15.87 -85.65 24.68
C VAL Q 54 16.45 -85.96 23.30
N GLY Q 55 15.87 -85.32 22.28
CA GLY Q 55 16.38 -85.43 20.93
C GLY Q 55 16.06 -86.76 20.33
N ASP Q 56 17.09 -87.38 19.75
CA ASP Q 56 16.91 -88.65 19.08
C ASP Q 56 16.64 -89.77 20.04
N GLU Q 57 17.19 -89.87 21.24
CA GLU Q 57 16.78 -90.95 22.11
C GLU Q 57 15.30 -90.86 22.49
N ALA Q 58 14.70 -89.69 22.47
CA ALA Q 58 13.28 -89.56 22.72
C ALA Q 58 12.51 -90.02 21.48
N GLN Q 59 13.04 -89.76 20.29
CA GLN Q 59 12.33 -90.15 19.11
C GLN Q 59 12.40 -91.68 19.01
N SER Q 60 13.59 -92.25 19.12
CA SER Q 60 13.77 -93.68 18.99
C SER Q 60 13.01 -94.56 19.97
N LYS Q 61 12.85 -94.02 21.15
CA LYS Q 61 12.18 -94.76 22.17
C LYS Q 61 10.79 -94.22 22.29
N ARG Q 62 10.13 -93.63 21.28
CA ARG Q 62 8.85 -92.96 21.52
C ARG Q 62 7.65 -93.76 22.02
N GLY Q 63 7.66 -95.05 21.72
CA GLY Q 63 6.63 -95.96 22.18
C GLY Q 63 6.52 -96.06 23.69
N ILE Q 64 7.53 -95.82 24.54
CA ILE Q 64 7.31 -95.92 25.98
C ILE Q 64 7.33 -94.60 26.73
N LEU Q 65 7.38 -93.47 26.02
CA LEU Q 65 7.49 -92.14 26.62
C LEU Q 65 6.40 -91.20 26.15
N THR Q 66 6.12 -90.10 26.85
CA THR Q 66 5.17 -89.12 26.35
C THR Q 66 6.10 -88.00 25.90
N LEU Q 67 6.01 -87.79 24.59
CA LEU Q 67 6.83 -86.83 23.89
C LEU Q 67 6.27 -85.45 24.03
N LYS Q 68 7.12 -84.44 24.22
CA LYS Q 68 6.63 -83.07 24.30
C LYS Q 68 7.56 -82.11 23.59
N TYR Q 69 6.90 -81.21 22.87
CA TYR Q 69 7.57 -80.17 22.07
C TYR Q 69 7.66 -78.81 22.82
N PRO Q 70 8.79 -78.35 23.43
CA PRO Q 70 8.94 -77.09 24.16
C PRO Q 70 8.68 -75.80 23.42
N ILE Q 71 8.81 -75.85 22.08
CA ILE Q 71 8.67 -74.67 21.29
C ILE Q 71 7.47 -74.79 20.34
N GLU Q 72 6.39 -74.09 20.70
CA GLU Q 72 5.24 -74.15 19.85
C GLU Q 72 5.21 -72.96 18.92
N HIS Q 73 5.35 -73.22 17.62
CA HIS Q 73 5.34 -72.17 16.63
C HIS Q 73 6.46 -71.15 16.80
N GLY Q 74 7.65 -71.65 17.15
CA GLY Q 74 8.82 -70.79 17.27
C GLY Q 74 8.95 -70.13 18.61
N ILE Q 75 7.90 -70.08 19.44
CA ILE Q 75 7.96 -69.43 20.77
C ILE Q 75 8.20 -70.46 21.88
N ILE Q 76 9.05 -70.28 22.91
CA ILE Q 76 9.25 -71.31 23.96
C ILE Q 76 8.01 -71.24 24.85
N THR Q 77 7.33 -72.39 24.87
CA THR Q 77 6.11 -72.57 25.64
C THR Q 77 6.38 -73.28 26.96
N ASN Q 78 7.35 -74.22 27.04
CA ASN Q 78 7.63 -74.81 28.35
C ASN Q 78 9.08 -74.65 28.70
N TRP Q 79 9.33 -73.84 29.74
CA TRP Q 79 10.68 -73.50 30.16
C TRP Q 79 11.39 -74.58 30.94
N ASP Q 80 10.70 -75.56 31.53
CA ASP Q 80 11.31 -76.70 32.25
C ASP Q 80 11.92 -77.64 31.23
N ASP Q 81 11.09 -78.00 30.25
CA ASP Q 81 11.55 -78.75 29.11
C ASP Q 81 12.50 -78.07 28.16
N MET Q 82 12.62 -76.75 28.10
CA MET Q 82 13.58 -76.10 27.22
C MET Q 82 14.93 -76.19 27.90
N GLU Q 83 15.04 -75.89 29.19
CA GLU Q 83 16.29 -75.95 29.93
C GLU Q 83 16.86 -77.36 29.82
N LYS Q 84 15.97 -78.36 29.73
CA LYS Q 84 16.38 -79.73 29.41
C LYS Q 84 17.01 -79.81 28.02
N ILE Q 85 16.42 -79.28 26.93
CA ILE Q 85 17.07 -79.34 25.62
C ILE Q 85 18.37 -78.58 25.61
N TRP Q 86 18.51 -77.43 26.27
CA TRP Q 86 19.77 -76.71 26.32
C TRP Q 86 20.83 -77.52 27.00
N HIS Q 87 20.46 -78.11 28.16
CA HIS Q 87 21.39 -78.93 28.91
C HIS Q 87 22.00 -80.03 28.03
N HIS Q 88 21.10 -80.74 27.34
CA HIS Q 88 21.50 -81.76 26.40
C HIS Q 88 22.42 -81.19 25.34
N THR Q 89 22.17 -80.00 24.84
CA THR Q 89 22.98 -79.44 23.78
C THR Q 89 24.37 -79.17 24.22
N PHE Q 90 24.53 -78.50 25.34
CA PHE Q 90 25.87 -78.21 25.81
C PHE Q 90 26.59 -79.47 26.23
N TYR Q 91 26.00 -80.21 27.16
CA TYR Q 91 26.74 -81.26 27.77
C TYR Q 91 26.90 -82.53 27.04
N ASN Q 92 25.93 -82.90 26.21
CA ASN Q 92 26.03 -84.17 25.52
C ASN Q 92 26.34 -83.98 24.06
N GLU Q 93 25.61 -83.11 23.38
CA GLU Q 93 25.83 -82.91 21.98
C GLU Q 93 27.15 -82.22 21.69
N LEU Q 94 27.44 -81.05 22.26
CA LEU Q 94 28.67 -80.34 21.93
C LEU Q 94 29.75 -80.70 22.96
N ARG Q 95 29.36 -81.34 24.06
CA ARG Q 95 30.22 -81.83 25.14
C ARG Q 95 31.13 -80.77 25.78
N VAL Q 96 30.68 -79.53 25.71
CA VAL Q 96 31.44 -78.42 26.24
C VAL Q 96 30.93 -78.12 27.64
N ALA Q 97 31.70 -77.40 28.45
CA ALA Q 97 31.18 -76.90 29.70
C ALA Q 97 30.69 -75.51 29.31
N PRO Q 98 29.46 -75.07 29.55
CA PRO Q 98 28.97 -73.75 29.17
C PRO Q 98 29.59 -72.57 29.88
N GLU Q 99 30.05 -72.75 31.14
CA GLU Q 99 30.60 -71.63 31.90
C GLU Q 99 31.91 -71.03 31.45
N GLU Q 100 32.46 -71.53 30.34
CA GLU Q 100 33.55 -70.79 29.73
C GLU Q 100 33.29 -70.53 28.25
N HIS Q 101 32.03 -70.56 27.75
CA HIS Q 101 31.77 -70.28 26.35
C HIS Q 101 30.77 -69.19 26.09
N PRO Q 102 30.98 -68.14 25.30
CA PRO Q 102 29.96 -67.14 25.04
C PRO Q 102 28.94 -67.88 24.19
N THR Q 103 27.63 -67.64 24.35
CA THR Q 103 26.55 -68.36 23.66
C THR Q 103 25.66 -67.45 22.83
N LEU Q 104 25.60 -67.52 21.48
CA LEU Q 104 24.67 -66.72 20.69
C LEU Q 104 23.50 -67.61 20.47
N LEU Q 105 22.36 -67.10 20.90
CA LEU Q 105 21.08 -67.78 20.75
C LEU Q 105 20.18 -67.12 19.74
N THR Q 106 19.11 -67.78 19.28
CA THR Q 106 18.22 -67.09 18.40
C THR Q 106 16.82 -67.06 18.96
N GLU Q 107 16.06 -66.04 18.60
CA GLU Q 107 14.64 -66.03 18.96
C GLU Q 107 13.80 -65.77 17.70
N ALA Q 108 12.50 -65.88 17.84
CA ALA Q 108 11.58 -65.65 16.76
C ALA Q 108 11.20 -64.20 16.54
N PRO Q 109 10.66 -63.90 15.37
CA PRO Q 109 10.21 -62.59 14.99
C PRO Q 109 9.52 -61.68 15.99
N LEU Q 110 8.40 -61.98 16.64
CA LEU Q 110 7.83 -60.99 17.54
C LEU Q 110 7.83 -61.65 18.90
N ASN Q 111 8.97 -62.22 19.29
CA ASN Q 111 9.17 -62.94 20.53
C ASN Q 111 8.91 -61.97 21.66
N PRO Q 112 8.00 -62.32 22.53
CA PRO Q 112 7.62 -61.50 23.68
C PRO Q 112 8.79 -61.09 24.54
N LYS Q 113 8.88 -59.78 24.82
CA LYS Q 113 9.97 -59.15 25.61
C LYS Q 113 10.44 -59.95 26.83
N ALA Q 114 9.41 -60.51 27.47
CA ALA Q 114 9.52 -61.27 28.67
C ALA Q 114 10.24 -62.59 28.54
N ASN Q 115 10.16 -63.23 27.35
CA ASN Q 115 10.84 -64.46 27.02
C ASN Q 115 12.32 -64.21 26.83
N ARG Q 116 12.67 -63.12 26.10
CA ARG Q 116 14.07 -62.77 25.79
C ARG Q 116 14.72 -62.50 27.13
N GLU Q 117 14.03 -61.82 28.04
CA GLU Q 117 14.50 -61.72 29.42
C GLU Q 117 14.55 -63.07 30.17
N LYS Q 118 13.62 -64.01 29.95
CA LYS Q 118 13.65 -65.27 30.67
C LYS Q 118 14.77 -66.18 30.22
N MET Q 119 15.02 -66.38 28.92
CA MET Q 119 16.13 -67.20 28.50
C MET Q 119 17.48 -66.59 28.85
N THR Q 120 17.49 -65.31 29.16
CA THR Q 120 18.70 -64.66 29.59
C THR Q 120 18.90 -65.00 31.05
N GLN Q 121 17.82 -64.91 31.82
CA GLN Q 121 17.79 -65.32 33.21
C GLN Q 121 18.29 -66.77 33.30
N ILE Q 122 17.87 -67.71 32.46
CA ILE Q 122 18.29 -69.10 32.53
C ILE Q 122 19.69 -69.28 31.97
N MET Q 123 20.10 -68.52 30.95
CA MET Q 123 21.44 -68.68 30.43
C MET Q 123 22.42 -68.27 31.50
N PHE Q 124 22.32 -67.05 32.00
CA PHE Q 124 23.24 -66.56 33.00
C PHE Q 124 23.07 -67.15 34.38
N GLU Q 125 21.83 -67.30 34.86
CA GLU Q 125 21.66 -67.80 36.22
C GLU Q 125 21.63 -69.32 36.36
N THR Q 126 21.24 -70.20 35.41
CA THR Q 126 21.35 -71.61 35.70
C THR Q 126 22.49 -72.21 34.90
N PHE Q 127 22.94 -71.68 33.74
CA PHE Q 127 24.08 -72.28 33.02
C PHE Q 127 25.43 -71.59 33.21
N ASN Q 128 25.33 -70.35 33.72
CA ASN Q 128 26.47 -69.54 34.10
C ASN Q 128 27.41 -69.35 32.90
N VAL Q 129 26.85 -68.95 31.75
CA VAL Q 129 27.70 -68.75 30.57
C VAL Q 129 28.45 -67.40 30.76
N PRO Q 130 29.67 -67.13 30.25
CA PRO Q 130 30.35 -65.85 30.43
C PRO Q 130 29.58 -64.65 29.89
N ALA Q 131 29.06 -64.85 28.67
CA ALA Q 131 28.31 -63.84 27.94
C ALA Q 131 27.39 -64.51 26.92
N MET Q 132 26.34 -63.81 26.54
CA MET Q 132 25.40 -64.32 25.58
C MET Q 132 24.79 -63.21 24.75
N TYR Q 133 23.86 -63.52 23.82
CA TYR Q 133 23.34 -62.56 22.85
C TYR Q 133 22.18 -63.26 22.20
N VAL Q 134 21.06 -62.60 21.92
CA VAL Q 134 19.93 -63.25 21.28
C VAL Q 134 19.76 -62.57 19.90
N ALA Q 135 19.99 -63.21 18.75
CA ALA Q 135 19.70 -62.59 17.44
C ALA Q 135 18.31 -62.95 16.89
N ILE Q 136 17.63 -62.18 16.06
CA ILE Q 136 16.31 -62.58 15.56
C ILE Q 136 16.60 -63.43 14.36
N GLN Q 137 15.83 -64.49 14.18
CA GLN Q 137 16.16 -65.45 13.15
C GLN Q 137 16.21 -64.92 11.73
N ALA Q 138 15.14 -64.33 11.16
CA ALA Q 138 15.21 -63.75 9.82
C ALA Q 138 16.39 -62.79 9.55
N VAL Q 139 16.74 -62.10 10.63
CA VAL Q 139 17.83 -61.16 10.56
C VAL Q 139 19.15 -61.91 10.34
N LEU Q 140 19.38 -63.09 10.95
CA LEU Q 140 20.62 -63.85 10.70
C LEU Q 140 20.57 -64.50 9.33
N SER Q 141 19.39 -64.87 8.88
CA SER Q 141 19.32 -65.45 7.57
C SER Q 141 19.73 -64.46 6.53
N LEU Q 142 19.24 -63.20 6.61
CA LEU Q 142 19.55 -62.16 5.63
C LEU Q 142 21.02 -61.83 5.47
N TYR Q 143 21.55 -61.70 6.67
CA TYR Q 143 22.92 -61.34 6.87
C TYR Q 143 23.87 -62.41 6.34
N ALA Q 144 23.52 -63.67 6.54
CA ALA Q 144 24.27 -64.78 5.99
C ALA Q 144 24.21 -64.74 4.46
N SER Q 145 23.28 -64.02 3.82
CA SER Q 145 23.29 -63.92 2.37
C SER Q 145 23.97 -62.63 1.94
N GLY Q 146 24.82 -62.13 2.83
CA GLY Q 146 25.58 -60.92 2.62
C GLY Q 146 24.83 -59.67 3.01
N ARG Q 147 23.56 -59.47 2.66
CA ARG Q 147 22.92 -58.17 2.85
C ARG Q 147 22.28 -57.73 4.17
N THR Q 148 21.80 -56.48 4.17
CA THR Q 148 21.22 -55.85 5.34
C THR Q 148 19.82 -55.33 5.21
N THR Q 149 19.35 -55.22 3.99
CA THR Q 149 17.98 -54.85 3.70
C THR Q 149 17.59 -55.91 2.69
N GLY Q 150 16.37 -56.36 2.97
CA GLY Q 150 15.68 -57.37 2.21
C GLY Q 150 14.46 -57.83 2.97
N ILE Q 151 13.72 -58.81 2.48
CA ILE Q 151 12.60 -59.36 3.25
C ILE Q 151 12.86 -60.87 3.22
N VAL Q 152 12.85 -61.51 4.40
CA VAL Q 152 13.07 -62.95 4.48
C VAL Q 152 11.74 -63.70 4.55
N LEU Q 153 11.53 -64.71 3.70
CA LEU Q 153 10.40 -65.60 3.88
C LEU Q 153 11.07 -66.73 4.63
N ASP Q 154 10.70 -66.89 5.89
CA ASP Q 154 11.32 -67.92 6.70
C ASP Q 154 10.30 -68.96 7.06
N SER Q 155 10.62 -70.26 6.82
CA SER Q 155 9.69 -71.39 6.91
C SER Q 155 10.31 -72.70 7.36
N GLY Q 156 9.94 -73.13 8.54
CA GLY Q 156 10.59 -74.31 9.06
C GLY Q 156 9.64 -75.42 9.38
N ASP Q 157 9.65 -75.81 10.64
CA ASP Q 157 8.79 -76.88 11.01
C ASP Q 157 7.45 -76.50 11.59
N GLY Q 158 7.29 -75.53 12.47
CA GLY Q 158 5.98 -75.15 12.96
C GLY Q 158 5.53 -73.76 12.44
N VAL Q 159 6.37 -72.77 12.04
CA VAL Q 159 5.96 -71.44 11.57
C VAL Q 159 6.57 -71.01 10.26
N THR Q 160 5.81 -70.12 9.55
CA THR Q 160 6.28 -69.35 8.41
C THR Q 160 6.19 -67.86 8.75
N HIS Q 161 7.12 -67.07 8.24
CA HIS Q 161 7.19 -65.68 8.60
C HIS Q 161 7.66 -64.95 7.40
N ASN Q 162 7.39 -63.64 7.43
CA ASN Q 162 7.94 -62.69 6.46
C ASN Q 162 8.55 -61.59 7.29
N VAL Q 163 9.85 -61.35 7.26
CA VAL Q 163 10.35 -60.31 8.16
C VAL Q 163 11.11 -59.35 7.30
N PRO Q 164 10.51 -58.17 7.02
CA PRO Q 164 11.12 -57.11 6.23
C PRO Q 164 12.19 -56.50 7.13
N ILE Q 165 13.45 -56.41 6.66
CA ILE Q 165 14.54 -55.81 7.46
C ILE Q 165 15.19 -54.65 6.73
N TYR Q 166 15.39 -53.52 7.39
CA TYR Q 166 15.99 -52.35 6.74
C TYR Q 166 17.22 -51.91 7.51
N GLU Q 167 18.38 -51.97 6.86
CA GLU Q 167 19.67 -51.67 7.48
C GLU Q 167 19.87 -52.25 8.86
N GLY Q 168 19.28 -53.45 8.94
CA GLY Q 168 19.43 -54.36 10.03
C GLY Q 168 18.28 -54.43 11.00
N TYR Q 169 17.42 -53.42 11.01
CA TYR Q 169 16.31 -53.40 11.95
C TYR Q 169 15.09 -54.04 11.32
N ALA Q 170 14.69 -55.21 11.87
CA ALA Q 170 13.50 -55.92 11.46
C ALA Q 170 12.31 -55.05 11.75
N LEU Q 171 11.38 -54.95 10.81
CA LEU Q 171 10.29 -53.98 10.90
C LEU Q 171 9.03 -54.56 11.55
N PRO Q 172 8.89 -54.43 12.85
CA PRO Q 172 7.78 -55.01 13.63
C PRO Q 172 6.38 -55.03 13.07
N HIS Q 173 5.96 -53.88 12.57
CA HIS Q 173 4.61 -53.75 12.02
C HIS Q 173 4.48 -54.31 10.61
N ALA Q 174 5.46 -54.96 10.01
CA ALA Q 174 5.23 -55.41 8.65
C ALA Q 174 5.41 -56.91 8.54
N ILE Q 175 5.91 -57.51 9.66
CA ILE Q 175 6.12 -58.97 9.87
C ILE Q 175 4.79 -59.74 9.82
N MET Q 176 4.74 -60.87 9.12
CA MET Q 176 3.54 -61.70 8.99
C MET Q 176 3.95 -63.11 9.36
N ARG Q 177 3.05 -63.74 10.05
CA ARG Q 177 3.23 -65.09 10.51
C ARG Q 177 2.09 -65.96 9.99
N LEU Q 178 2.47 -67.09 9.40
CA LEU Q 178 1.51 -68.01 8.85
C LEU Q 178 1.84 -69.32 9.54
N ASP Q 179 0.98 -69.82 10.43
CA ASP Q 179 1.16 -71.10 11.10
C ASP Q 179 0.86 -72.34 10.22
N LEU Q 180 1.60 -72.55 9.12
CA LEU Q 180 1.50 -73.76 8.31
C LEU Q 180 2.91 -73.94 7.80
N ALA Q 181 3.55 -75.05 8.12
CA ALA Q 181 4.91 -75.29 7.73
C ALA Q 181 5.18 -76.75 7.40
N GLY Q 182 6.43 -77.23 7.47
CA GLY Q 182 6.81 -78.57 7.07
C GLY Q 182 6.14 -79.73 7.79
N ARG Q 183 5.73 -79.49 9.03
CA ARG Q 183 5.03 -80.44 9.91
C ARG Q 183 3.65 -80.67 9.33
N ASP Q 184 2.89 -79.58 9.09
CA ASP Q 184 1.59 -79.56 8.45
C ASP Q 184 1.68 -80.25 7.10
N LEU Q 185 2.74 -79.93 6.36
CA LEU Q 185 3.02 -80.46 5.03
C LEU Q 185 3.30 -81.96 4.89
N THR Q 186 3.88 -82.55 5.93
CA THR Q 186 4.14 -83.99 5.96
C THR Q 186 2.81 -84.68 6.23
N ASP Q 187 1.91 -84.07 7.03
CA ASP Q 187 0.69 -84.74 7.37
C ASP Q 187 -0.31 -84.67 6.25
N TYR Q 188 -0.19 -83.66 5.39
CA TYR Q 188 -1.05 -83.56 4.24
C TYR Q 188 -0.58 -84.55 3.21
N LEU Q 189 0.73 -84.74 3.01
CA LEU Q 189 1.22 -85.69 2.03
C LEU Q 189 0.70 -87.06 2.39
N MET Q 190 0.80 -87.33 3.69
CA MET Q 190 0.36 -88.56 4.33
C MET Q 190 -1.03 -88.97 3.84
N LYS Q 191 -1.98 -88.04 4.00
CA LYS Q 191 -3.33 -88.27 3.55
C LYS Q 191 -3.28 -88.34 2.05
N ILE Q 192 -2.77 -87.45 1.18
CA ILE Q 192 -2.87 -87.69 -0.27
C ILE Q 192 -2.18 -88.94 -0.80
N LEU Q 193 -1.36 -89.56 0.05
CA LEU Q 193 -0.66 -90.76 -0.30
C LEU Q 193 -1.45 -91.98 0.20
N THR Q 194 -2.17 -91.91 1.33
CA THR Q 194 -3.05 -93.01 1.73
C THR Q 194 -4.25 -93.03 0.80
N GLU Q 195 -4.63 -91.81 0.40
CA GLU Q 195 -5.70 -91.50 -0.54
C GLU Q 195 -5.31 -91.99 -1.95
N ARG Q 196 -4.02 -92.12 -2.27
CA ARG Q 196 -3.54 -92.76 -3.51
C ARG Q 196 -3.75 -94.29 -3.43
N GLY Q 197 -4.27 -94.77 -2.29
CA GLY Q 197 -4.56 -96.18 -2.06
C GLY Q 197 -3.41 -96.80 -1.31
N TYR Q 198 -3.06 -96.31 -0.11
CA TYR Q 198 -1.92 -96.83 0.65
C TYR Q 198 -2.19 -96.84 2.14
N SER Q 199 -1.19 -97.41 2.83
CA SER Q 199 -1.24 -97.53 4.28
C SER Q 199 0.11 -97.40 4.99
N PHE Q 200 0.09 -96.35 5.79
CA PHE Q 200 1.22 -96.04 6.63
C PHE Q 200 0.60 -96.34 7.99
N VAL Q 201 0.89 -97.62 8.20
CA VAL Q 201 0.29 -98.29 9.31
C VAL Q 201 1.22 -98.35 10.52
N THR Q 202 2.38 -99.04 10.45
CA THR Q 202 3.31 -99.08 11.59
C THR Q 202 4.11 -97.78 11.65
N THR Q 203 4.84 -97.55 12.77
CA THR Q 203 5.59 -96.30 12.94
C THR Q 203 6.76 -96.20 11.96
N ALA Q 204 7.22 -97.32 11.41
CA ALA Q 204 8.23 -97.32 10.36
C ALA Q 204 7.68 -96.96 8.97
N GLU Q 205 6.36 -96.81 8.88
CA GLU Q 205 5.70 -96.37 7.69
C GLU Q 205 5.46 -94.89 7.90
N ARG Q 206 4.88 -94.47 9.04
CA ARG Q 206 4.68 -93.04 9.37
C ARG Q 206 5.92 -92.14 9.10
N GLU Q 207 7.06 -92.45 9.70
CA GLU Q 207 8.25 -91.62 9.71
C GLU Q 207 8.82 -91.32 8.33
N ILE Q 208 8.81 -92.34 7.49
CA ILE Q 208 9.35 -92.24 6.15
C ILE Q 208 8.49 -91.43 5.14
N VAL Q 209 7.22 -91.07 5.45
CA VAL Q 209 6.43 -90.22 4.57
C VAL Q 209 7.13 -88.86 4.54
N ARG Q 210 7.74 -88.51 5.67
CA ARG Q 210 8.49 -87.29 5.80
C ARG Q 210 9.75 -87.36 4.93
N ASP Q 211 10.39 -88.53 4.76
CA ASP Q 211 11.58 -88.67 3.93
C ASP Q 211 11.21 -88.73 2.45
N ILE Q 212 9.95 -89.08 2.18
CA ILE Q 212 9.40 -89.01 0.82
C ILE Q 212 9.24 -87.54 0.47
N LYS Q 213 8.51 -86.76 1.30
CA LYS Q 213 8.35 -85.31 1.18
C LYS Q 213 9.66 -84.63 0.91
N GLU Q 214 10.69 -84.86 1.73
CA GLU Q 214 11.99 -84.22 1.52
C GLU Q 214 12.62 -84.64 0.18
N LYS Q 215 12.80 -85.93 -0.13
CA LYS Q 215 13.48 -86.39 -1.35
C LYS Q 215 12.80 -86.17 -2.72
N LEU Q 216 11.52 -86.53 -2.78
CA LEU Q 216 10.76 -86.50 -4.02
C LEU Q 216 9.87 -85.30 -4.22
N CYS Q 217 9.46 -84.51 -3.22
CA CYS Q 217 8.64 -83.34 -3.47
C CYS Q 217 9.26 -82.11 -4.12
N TYR Q 218 8.33 -81.56 -4.93
CA TYR Q 218 8.57 -80.49 -5.91
C TYR Q 218 7.61 -79.32 -5.79
N VAL Q 219 8.03 -78.12 -6.21
CA VAL Q 219 7.08 -77.02 -6.34
C VAL Q 219 7.21 -76.68 -7.79
N ALA Q 220 6.15 -77.08 -8.43
CA ALA Q 220 6.03 -76.76 -9.81
C ALA Q 220 5.50 -75.36 -10.01
N LEU Q 221 6.09 -74.82 -11.07
CA LEU Q 221 5.68 -73.58 -11.68
C LEU Q 221 4.69 -74.06 -12.73
N ASP Q 222 3.57 -73.34 -12.73
CA ASP Q 222 2.38 -73.68 -13.51
C ASP Q 222 1.93 -75.09 -13.10
N PHE Q 223 1.42 -75.01 -11.86
CA PHE Q 223 0.90 -76.16 -11.11
C PHE Q 223 -0.41 -76.61 -11.73
N GLU Q 224 -0.96 -75.69 -12.54
CA GLU Q 224 -2.17 -75.80 -13.37
C GLU Q 224 -2.04 -76.91 -14.43
N ASN Q 225 -1.13 -76.63 -15.38
CA ASN Q 225 -0.83 -77.54 -16.45
C ASN Q 225 0.33 -78.41 -16.05
N GLU Q 226 0.26 -78.92 -14.82
CA GLU Q 226 1.18 -79.91 -14.28
C GLU Q 226 0.34 -81.12 -13.82
N MET Q 227 -0.87 -80.77 -13.33
CA MET Q 227 -1.95 -81.70 -13.07
C MET Q 227 -2.38 -82.23 -14.44
N ALA Q 228 -2.62 -81.31 -15.41
CA ALA Q 228 -2.94 -81.65 -16.80
C ALA Q 228 -1.90 -82.61 -17.38
N THR Q 229 -0.63 -82.31 -17.14
CA THR Q 229 0.48 -83.19 -17.54
C THR Q 229 0.38 -84.56 -16.87
N ALA Q 230 0.00 -84.57 -15.58
CA ALA Q 230 -0.09 -85.79 -14.78
C ALA Q 230 -0.98 -86.83 -15.43
N ALA Q 231 -2.11 -86.31 -15.96
CA ALA Q 231 -3.16 -87.06 -16.66
C ALA Q 231 -2.79 -87.74 -17.99
N SER Q 232 -2.07 -87.03 -18.87
CA SER Q 232 -1.51 -87.60 -20.10
C SER Q 232 -0.54 -88.74 -19.77
N SER Q 233 -0.05 -88.68 -18.50
CA SER Q 233 0.90 -89.59 -17.86
C SER Q 233 2.12 -89.91 -18.69
N SER Q 234 2.95 -88.93 -18.31
CA SER Q 234 4.31 -88.86 -18.76
C SER Q 234 5.12 -89.68 -17.76
N SER Q 235 6.43 -89.66 -18.01
CA SER Q 235 7.38 -90.27 -17.09
C SER Q 235 7.68 -89.20 -16.02
N LEU Q 236 6.58 -88.66 -15.40
CA LEU Q 236 6.62 -87.70 -14.30
C LEU Q 236 6.62 -88.47 -12.97
N GLU Q 237 5.99 -89.68 -12.94
CA GLU Q 237 5.91 -90.56 -11.76
C GLU Q 237 7.22 -90.89 -11.02
N LYS Q 238 7.15 -91.21 -9.72
CA LYS Q 238 8.36 -91.54 -9.00
C LYS Q 238 8.17 -92.52 -7.85
N SER Q 239 8.72 -93.72 -8.04
CA SER Q 239 8.66 -94.75 -7.03
C SER Q 239 9.87 -94.83 -6.11
N TYR Q 240 9.53 -94.84 -4.82
CA TYR Q 240 10.43 -94.89 -3.68
C TYR Q 240 10.36 -96.30 -3.09
N GLU Q 241 11.49 -96.95 -2.74
CA GLU Q 241 11.45 -98.25 -2.06
C GLU Q 241 11.47 -98.08 -0.54
N LEU Q 242 10.44 -98.63 0.12
CA LEU Q 242 10.21 -98.48 1.55
C LEU Q 242 11.29 -99.11 2.49
N PRO Q 243 11.23 -99.25 3.87
CA PRO Q 243 12.29 -99.87 4.67
C PRO Q 243 12.67 -101.29 4.18
N ASP Q 244 11.61 -101.94 3.67
CA ASP Q 244 11.62 -103.23 2.96
C ASP Q 244 11.45 -103.01 1.43
N GLY Q 245 11.04 -104.05 0.66
CA GLY Q 245 10.85 -104.01 -0.79
C GLY Q 245 9.74 -103.07 -1.27
N GLN Q 246 8.56 -103.23 -0.65
CA GLN Q 246 7.33 -102.45 -0.90
C GLN Q 246 7.47 -101.08 -1.60
N VAL Q 247 7.73 -101.22 -2.88
CA VAL Q 247 7.92 -100.06 -3.74
C VAL Q 247 6.61 -99.29 -3.94
N ILE Q 248 6.66 -98.13 -3.33
CA ILE Q 248 5.52 -97.25 -3.39
C ILE Q 248 5.72 -96.26 -4.53
N THR Q 249 4.67 -95.94 -5.30
CA THR Q 249 4.78 -94.96 -6.38
C THR Q 249 3.98 -93.67 -6.06
N ILE Q 250 4.65 -92.57 -6.43
CA ILE Q 250 4.19 -91.23 -6.22
C ILE Q 250 4.51 -90.54 -7.52
N GLY Q 251 3.46 -90.23 -8.24
CA GLY Q 251 3.68 -89.54 -9.47
C GLY Q 251 3.50 -88.06 -9.30
N ASN Q 252 2.20 -87.89 -9.14
CA ASN Q 252 1.49 -86.62 -9.17
C ASN Q 252 1.56 -85.85 -7.81
N GLU Q 253 1.02 -86.36 -6.69
CA GLU Q 253 1.05 -85.79 -5.31
C GLU Q 253 2.32 -85.15 -4.78
N ARG Q 254 3.37 -85.68 -5.40
CA ARG Q 254 4.72 -85.16 -5.35
C ARG Q 254 4.79 -83.60 -5.30
N PHE Q 255 3.93 -82.90 -6.08
CA PHE Q 255 3.86 -81.44 -6.11
C PHE Q 255 2.55 -80.90 -5.53
N ARG Q 256 1.56 -81.76 -5.31
CA ARG Q 256 0.31 -81.34 -4.70
C ARG Q 256 0.54 -80.93 -3.24
N CYS Q 257 1.61 -81.48 -2.66
CA CYS Q 257 2.02 -81.18 -1.29
C CYS Q 257 2.59 -79.74 -1.18
N PRO Q 258 3.63 -79.24 -1.88
CA PRO Q 258 4.07 -77.86 -1.78
C PRO Q 258 3.06 -76.89 -2.43
N GLU Q 259 2.15 -77.25 -3.37
CA GLU Q 259 1.07 -76.35 -3.83
C GLU Q 259 0.29 -76.00 -2.56
N THR Q 260 0.38 -76.71 -1.41
CA THR Q 260 -0.32 -76.31 -0.19
C THR Q 260 0.22 -74.99 0.29
N LEU Q 261 1.54 -74.76 0.23
CA LEU Q 261 2.09 -73.45 0.61
C LEU Q 261 1.56 -72.23 -0.16
N PHE Q 262 1.04 -72.36 -1.41
CA PHE Q 262 0.44 -71.25 -2.17
C PHE Q 262 -1.07 -71.24 -2.03
N GLN Q 263 -1.65 -72.42 -1.79
CA GLN Q 263 -3.07 -72.62 -1.58
C GLN Q 263 -3.24 -73.32 -0.22
N PRO Q 264 -3.52 -72.58 0.86
CA PRO Q 264 -3.75 -73.11 2.20
C PRO Q 264 -5.12 -73.79 2.24
N SER Q 265 -5.97 -73.48 1.23
CA SER Q 265 -7.30 -74.07 1.01
C SER Q 265 -7.33 -75.61 0.80
N PHE Q 266 -6.15 -76.15 0.40
CA PHE Q 266 -5.88 -77.58 0.28
C PHE Q 266 -5.96 -78.27 1.62
N ILE Q 267 -5.82 -77.47 2.68
CA ILE Q 267 -5.82 -78.01 4.01
C ILE Q 267 -6.80 -77.31 4.93
N GLY Q 268 -7.89 -76.78 4.39
CA GLY Q 268 -8.87 -76.17 5.26
C GLY Q 268 -8.33 -74.93 5.99
N MET Q 269 -7.29 -74.35 5.41
CA MET Q 269 -6.83 -73.08 5.91
C MET Q 269 -7.42 -71.97 5.06
N GLU Q 270 -7.99 -70.97 5.75
CA GLU Q 270 -8.56 -69.76 5.15
C GLU Q 270 -7.60 -68.58 4.98
N SER Q 271 -6.40 -68.67 5.60
CA SER Q 271 -5.34 -67.68 5.48
C SER Q 271 -4.84 -67.60 4.04
N ALA Q 272 -4.17 -66.47 3.77
CA ALA Q 272 -3.56 -66.24 2.46
C ALA Q 272 -2.29 -67.09 2.30
N GLY Q 273 -1.68 -67.17 1.13
CA GLY Q 273 -0.51 -68.03 0.98
C GLY Q 273 0.79 -67.26 0.84
N ILE Q 274 1.91 -67.97 1.08
CA ILE Q 274 3.29 -67.49 0.98
C ILE Q 274 3.58 -66.27 0.10
N HIS Q 275 3.20 -66.31 -1.18
CA HIS Q 275 3.46 -65.23 -2.14
C HIS Q 275 2.66 -63.97 -1.94
N GLU Q 276 1.40 -64.14 -1.57
CA GLU Q 276 0.54 -63.03 -1.29
C GLU Q 276 1.00 -62.40 -0.05
N THR Q 277 1.45 -63.20 0.89
CA THR Q 277 1.88 -62.73 2.18
C THR Q 277 3.20 -62.00 2.01
N THR Q 278 4.12 -62.43 1.16
CA THR Q 278 5.37 -61.72 0.86
C THR Q 278 5.06 -60.26 0.43
N TYR Q 279 4.05 -60.24 -0.44
CA TYR Q 279 3.56 -59.04 -1.02
C TYR Q 279 2.90 -58.21 0.03
N ASN Q 280 2.00 -58.75 0.84
CA ASN Q 280 1.27 -57.89 1.74
C ASN Q 280 2.16 -57.21 2.75
N SER Q 281 3.24 -57.93 3.13
CA SER Q 281 4.25 -57.46 4.08
C SER Q 281 4.81 -56.19 3.48
N ILE Q 282 5.08 -56.34 2.18
CA ILE Q 282 5.69 -55.30 1.36
C ILE Q 282 4.71 -54.16 1.19
N MET Q 283 3.41 -54.28 0.87
CA MET Q 283 2.63 -53.06 0.80
C MET Q 283 2.21 -52.50 2.20
N LYS Q 284 2.79 -53.06 3.29
CA LYS Q 284 2.67 -52.56 4.67
C LYS Q 284 3.88 -51.75 5.14
N CYS Q 285 4.92 -51.72 4.32
CA CYS Q 285 6.17 -51.02 4.59
C CYS Q 285 6.23 -49.65 3.98
N ASP Q 286 7.22 -48.82 4.33
CA ASP Q 286 7.35 -47.52 3.70
C ASP Q 286 7.62 -47.79 2.22
N ILE Q 287 7.06 -46.84 1.48
CA ILE Q 287 7.03 -46.68 0.00
C ILE Q 287 8.38 -46.61 -0.74
N ASP Q 288 9.24 -45.80 -0.12
CA ASP Q 288 10.57 -45.59 -0.59
C ASP Q 288 11.37 -46.87 -0.37
N ILE Q 289 11.05 -47.76 0.62
CA ILE Q 289 11.86 -48.96 0.80
C ILE Q 289 11.33 -50.14 0.01
N ARG Q 290 10.13 -50.05 -0.57
CA ARG Q 290 9.60 -51.17 -1.31
C ARG Q 290 10.46 -51.52 -2.53
N LYS Q 291 11.26 -50.70 -3.26
CA LYS Q 291 12.02 -51.33 -4.36
C LYS Q 291 13.10 -52.27 -3.81
N ASP Q 292 13.61 -51.97 -2.60
CA ASP Q 292 14.68 -52.72 -1.97
C ASP Q 292 14.23 -54.10 -1.57
N LEU Q 293 13.16 -54.16 -0.79
CA LEU Q 293 12.57 -55.40 -0.41
C LEU Q 293 12.26 -56.29 -1.62
N TYR Q 294 11.75 -55.70 -2.72
CA TYR Q 294 11.42 -56.51 -3.88
C TYR Q 294 12.60 -57.14 -4.56
N ALA Q 295 13.74 -56.49 -4.55
CA ALA Q 295 14.88 -57.09 -5.21
C ALA Q 295 15.67 -57.96 -4.22
N ASN Q 296 15.11 -58.23 -3.02
CA ASN Q 296 15.83 -58.98 -2.02
C ASN Q 296 14.95 -59.82 -1.15
N ASN Q 297 14.32 -60.78 -1.79
CA ASN Q 297 13.46 -61.76 -1.15
C ASN Q 297 14.39 -62.90 -0.83
N VAL Q 298 14.84 -63.00 0.39
CA VAL Q 298 15.76 -64.05 0.75
C VAL Q 298 14.89 -65.09 1.37
N MET Q 299 15.19 -66.33 0.96
CA MET Q 299 14.49 -67.46 1.52
C MET Q 299 15.34 -68.27 2.51
N SER Q 300 14.74 -68.65 3.62
CA SER Q 300 15.44 -69.56 4.49
C SER Q 300 14.47 -70.50 5.15
N GLY Q 301 14.98 -71.65 5.60
CA GLY Q 301 14.18 -72.63 6.30
C GLY Q 301 14.01 -73.98 5.55
N GLY Q 302 13.92 -75.06 6.32
CA GLY Q 302 13.79 -76.39 5.76
C GLY Q 302 12.65 -76.49 4.75
N THR Q 303 11.50 -75.92 5.01
CA THR Q 303 10.38 -76.07 4.10
C THR Q 303 10.54 -75.23 2.85
N THR Q 304 11.52 -74.32 2.70
CA THR Q 304 11.68 -73.55 1.46
C THR Q 304 12.64 -74.23 0.50
N MET Q 305 13.02 -75.47 0.83
CA MET Q 305 13.99 -76.23 0.06
C MET Q 305 13.38 -77.01 -1.10
N TYR Q 306 12.05 -77.21 -1.14
CA TYR Q 306 11.35 -77.88 -2.25
C TYR Q 306 11.84 -77.33 -3.58
N PRO Q 307 12.53 -78.01 -4.50
CA PRO Q 307 12.96 -77.43 -5.77
C PRO Q 307 11.83 -76.68 -6.52
N GLY Q 308 12.21 -75.57 -7.19
CA GLY Q 308 11.29 -74.78 -8.00
C GLY Q 308 10.36 -73.87 -7.23
N ILE Q 309 10.78 -73.67 -5.97
CA ILE Q 309 10.05 -72.83 -5.02
C ILE Q 309 10.27 -71.38 -5.33
N ALA Q 310 11.53 -71.15 -5.72
CA ALA Q 310 12.04 -69.84 -6.05
C ALA Q 310 11.41 -69.41 -7.36
N ASP Q 311 11.38 -70.25 -8.45
CA ASP Q 311 10.77 -69.88 -9.73
C ASP Q 311 9.28 -69.56 -9.61
N ARG Q 312 8.54 -70.39 -8.87
CA ARG Q 312 7.13 -70.15 -8.59
C ARG Q 312 7.05 -68.83 -7.86
N MET Q 313 7.85 -68.54 -6.83
CA MET Q 313 7.74 -67.28 -6.09
C MET Q 313 8.10 -66.05 -6.89
N GLN Q 314 9.03 -66.27 -7.82
CA GLN Q 314 9.56 -65.29 -8.76
C GLN Q 314 8.44 -64.75 -9.60
N LYS Q 315 7.72 -65.70 -10.18
CA LYS Q 315 6.58 -65.39 -11.00
C LYS Q 315 5.34 -65.07 -10.23
N GLU Q 316 5.29 -65.51 -8.99
CA GLU Q 316 4.13 -65.22 -8.20
C GLU Q 316 4.12 -63.74 -7.81
N ILE Q 317 5.28 -63.20 -7.40
CA ILE Q 317 5.25 -61.80 -7.02
C ILE Q 317 5.51 -60.89 -8.22
N THR Q 318 6.15 -61.25 -9.33
CA THR Q 318 6.29 -60.35 -10.48
C THR Q 318 4.90 -59.89 -10.93
N ALA Q 319 4.07 -60.91 -11.06
CA ALA Q 319 2.70 -60.70 -11.45
C ALA Q 319 1.75 -60.10 -10.38
N LEU Q 320 2.27 -59.62 -9.25
CA LEU Q 320 1.45 -58.88 -8.29
C LEU Q 320 2.04 -57.50 -8.05
N ALA Q 321 3.34 -57.40 -8.31
CA ALA Q 321 4.11 -56.19 -8.17
C ALA Q 321 3.99 -55.24 -9.36
N PRO Q 322 4.06 -53.91 -9.19
CA PRO Q 322 3.96 -52.92 -10.29
C PRO Q 322 5.06 -53.18 -11.33
N SER Q 323 4.84 -53.30 -12.66
CA SER Q 323 5.91 -53.64 -13.62
C SER Q 323 7.22 -52.85 -13.70
N THR Q 324 7.15 -51.67 -13.09
CA THR Q 324 8.28 -50.77 -12.94
C THR Q 324 9.32 -51.36 -11.96
N MET Q 325 8.95 -52.47 -11.30
CA MET Q 325 9.74 -53.05 -10.25
C MET Q 325 10.59 -54.21 -10.69
N LYS Q 326 11.69 -54.31 -9.96
CA LYS Q 326 12.59 -55.43 -10.10
C LYS Q 326 12.28 -56.39 -8.95
N ILE Q 327 12.00 -57.63 -9.34
CA ILE Q 327 11.72 -58.71 -8.41
C ILE Q 327 13.04 -59.49 -8.28
N LYS Q 328 13.40 -60.05 -7.11
CA LYS Q 328 14.57 -60.93 -7.03
C LYS Q 328 14.49 -61.82 -5.80
N ILE Q 329 14.28 -63.12 -6.11
CA ILE Q 329 14.11 -64.18 -5.11
C ILE Q 329 15.41 -64.95 -4.91
N ILE Q 330 16.14 -64.63 -3.84
CA ILE Q 330 17.36 -65.31 -3.50
C ILE Q 330 16.98 -66.49 -2.59
N ALA Q 331 17.44 -67.67 -3.01
CA ALA Q 331 17.26 -68.94 -2.32
C ALA Q 331 18.61 -69.66 -2.34
N PRO Q 332 19.50 -69.52 -1.37
CA PRO Q 332 20.79 -70.23 -1.37
C PRO Q 332 20.62 -71.71 -1.08
N PRO Q 333 21.63 -72.54 -1.40
CA PRO Q 333 21.63 -73.98 -1.21
C PRO Q 333 21.71 -74.39 0.24
N GLU Q 334 22.48 -73.67 1.06
CA GLU Q 334 22.57 -74.07 2.42
C GLU Q 334 21.36 -73.57 3.18
N ARG Q 335 20.32 -72.97 2.58
CA ARG Q 335 19.18 -72.40 3.33
C ARG Q 335 18.53 -73.11 4.52
N LYS Q 336 18.58 -74.44 4.62
CA LYS Q 336 18.08 -75.10 5.82
C LYS Q 336 18.96 -74.72 7.02
N TYR Q 337 20.16 -74.15 6.90
CA TYR Q 337 20.95 -73.60 8.00
C TYR Q 337 21.28 -72.09 7.86
N SER Q 338 20.57 -71.25 7.06
CA SER Q 338 20.91 -69.84 6.89
C SER Q 338 21.05 -69.08 8.19
N VAL Q 339 19.99 -69.24 8.97
CA VAL Q 339 19.87 -68.70 10.31
C VAL Q 339 21.12 -69.00 11.09
N TRP Q 340 21.55 -70.28 11.11
CA TRP Q 340 22.67 -70.70 11.95
C TRP Q 340 23.97 -70.11 11.45
N ILE Q 341 24.12 -70.11 10.12
CA ILE Q 341 25.34 -69.72 9.49
C ILE Q 341 25.49 -68.24 9.71
N GLY Q 342 24.39 -67.46 9.64
CA GLY Q 342 24.40 -66.02 9.87
C GLY Q 342 24.87 -65.73 11.30
N GLY Q 343 24.56 -66.63 12.24
CA GLY Q 343 24.96 -66.49 13.61
C GLY Q 343 26.44 -66.81 13.75
N SER Q 344 26.92 -67.84 13.04
CA SER Q 344 28.29 -68.26 13.07
C SER Q 344 29.24 -67.17 12.59
N ILE Q 345 28.79 -66.50 11.53
CA ILE Q 345 29.54 -65.41 10.91
C ILE Q 345 29.62 -64.28 11.91
N LEU Q 346 28.44 -63.79 12.27
CA LEU Q 346 28.29 -62.67 13.15
C LEU Q 346 29.04 -62.86 14.46
N ALA Q 347 28.89 -64.03 15.08
CA ALA Q 347 29.49 -64.23 16.39
C ALA Q 347 30.97 -64.46 16.29
N SER Q 348 31.48 -64.91 15.15
CA SER Q 348 32.94 -65.07 15.04
C SER Q 348 33.60 -63.74 14.63
N LEU Q 349 32.76 -62.82 14.13
CA LEU Q 349 33.20 -61.48 13.74
C LEU Q 349 33.88 -60.67 14.83
N SER Q 350 34.84 -60.01 14.19
CA SER Q 350 35.78 -59.05 14.74
C SER Q 350 35.03 -57.92 15.44
N THR Q 351 33.89 -57.42 14.94
CA THR Q 351 33.20 -56.32 15.58
C THR Q 351 32.10 -56.62 16.57
N PHE Q 352 31.81 -57.90 16.74
CA PHE Q 352 30.67 -58.31 17.56
C PHE Q 352 30.93 -58.36 19.04
N GLN Q 353 32.23 -58.36 19.32
CA GLN Q 353 32.68 -58.52 20.67
C GLN Q 353 32.07 -57.49 21.58
N GLN Q 354 31.99 -56.25 21.11
CA GLN Q 354 31.37 -55.19 21.89
C GLN Q 354 29.84 -55.25 22.00
N MET Q 355 29.11 -56.23 21.39
CA MET Q 355 27.67 -56.40 21.70
C MET Q 355 27.34 -57.60 22.60
N TRP Q 356 28.29 -58.50 22.89
CA TRP Q 356 28.06 -59.59 23.83
C TRP Q 356 27.52 -59.17 25.19
N ILE Q 357 26.36 -59.61 25.73
CA ILE Q 357 25.96 -59.23 27.09
C ILE Q 357 26.77 -60.05 28.10
N THR Q 358 27.63 -59.40 28.91
CA THR Q 358 28.46 -60.14 29.85
C THR Q 358 27.79 -60.25 31.19
N LYS Q 359 28.15 -61.26 32.00
CA LYS Q 359 27.69 -61.36 33.39
C LYS Q 359 27.87 -60.07 34.17
N GLN Q 360 28.86 -59.22 33.79
CA GLN Q 360 29.09 -57.92 34.41
C GLN Q 360 27.83 -57.15 34.05
N GLU Q 361 27.51 -56.91 32.76
CA GLU Q 361 26.26 -56.23 32.41
C GLU Q 361 25.03 -56.78 33.14
N TYR Q 362 24.89 -58.11 33.15
CA TYR Q 362 23.75 -58.72 33.78
C TYR Q 362 23.68 -58.53 35.28
N ASP Q 363 24.68 -58.99 36.05
CA ASP Q 363 24.65 -58.88 37.51
C ASP Q 363 24.41 -57.45 37.96
N GLU Q 364 24.76 -56.51 37.07
CA GLU Q 364 24.54 -55.10 37.33
C GLU Q 364 23.25 -54.50 36.78
N ALA Q 365 22.68 -54.95 35.64
CA ALA Q 365 21.48 -54.31 35.04
C ALA Q 365 20.13 -55.06 35.04
N GLY Q 366 20.18 -56.34 35.42
CA GLY Q 366 19.03 -57.25 35.42
C GLY Q 366 18.73 -57.70 34.00
N PRO Q 367 17.80 -58.62 33.73
CA PRO Q 367 17.57 -59.22 32.39
C PRO Q 367 17.22 -58.22 31.28
N SER Q 368 16.79 -57.05 31.79
CA SER Q 368 16.49 -55.88 31.01
C SER Q 368 17.64 -55.53 30.07
N ILE Q 369 18.89 -55.63 30.56
CA ILE Q 369 20.10 -55.33 29.80
C ILE Q 369 20.17 -55.87 28.37
N VAL Q 370 19.93 -57.18 28.20
CA VAL Q 370 20.01 -57.83 26.89
C VAL Q 370 18.71 -57.64 26.11
N HIS Q 371 17.64 -57.36 26.84
CA HIS Q 371 16.35 -57.25 26.20
C HIS Q 371 16.32 -56.16 25.11
N ARG Q 372 17.16 -55.11 25.25
CA ARG Q 372 17.26 -53.97 24.33
C ARG Q 372 15.90 -53.22 24.41
N ASP R 1 -47.68 -34.64 5.42
CA ASP R 1 -47.42 -36.06 5.73
C ASP R 1 -46.84 -36.81 4.52
N GLU R 2 -47.40 -36.43 3.36
CA GLU R 2 -47.03 -36.85 2.03
C GLU R 2 -45.58 -37.29 1.93
N ASP R 3 -44.76 -36.38 2.46
CA ASP R 3 -43.40 -36.69 2.66
C ASP R 3 -42.91 -36.39 4.09
N GLU R 4 -43.72 -35.85 5.04
CA GLU R 4 -43.32 -35.60 6.44
C GLU R 4 -42.91 -36.93 7.08
N THR R 5 -43.74 -37.96 6.78
CA THR R 5 -43.53 -39.34 7.22
C THR R 5 -42.48 -40.12 6.42
N THR R 6 -42.65 -39.78 5.15
CA THR R 6 -42.08 -40.33 3.94
C THR R 6 -40.60 -40.06 3.64
N ALA R 7 -39.91 -39.10 4.27
CA ALA R 7 -38.50 -38.88 3.98
C ALA R 7 -37.64 -39.96 4.61
N LEU R 8 -36.72 -40.51 3.84
CA LEU R 8 -35.83 -41.57 4.31
C LEU R 8 -34.46 -40.97 4.62
N VAL R 9 -33.66 -41.54 5.55
CA VAL R 9 -32.35 -40.99 5.77
C VAL R 9 -31.43 -42.16 5.80
N CYS R 10 -30.51 -42.16 4.84
CA CYS R 10 -29.59 -43.26 4.73
C CYS R 10 -28.19 -42.76 4.86
N ASP R 11 -27.51 -43.16 5.94
CA ASP R 11 -26.12 -42.83 6.13
C ASP R 11 -25.18 -44.02 5.83
N ASN R 12 -24.46 -43.91 4.70
CA ASN R 12 -23.61 -44.95 4.18
C ASN R 12 -22.24 -44.83 4.79
N GLY R 13 -21.79 -45.89 5.49
CA GLY R 13 -20.49 -45.89 6.11
C GLY R 13 -19.59 -46.96 5.54
N SER R 14 -18.38 -46.86 6.06
CA SER R 14 -17.36 -47.81 5.73
C SER R 14 -17.62 -49.13 6.42
N GLY R 15 -18.22 -49.17 7.61
CA GLY R 15 -18.45 -50.40 8.34
C GLY R 15 -19.92 -50.67 8.41
N LEU R 16 -20.74 -49.67 8.79
CA LEU R 16 -22.18 -49.77 8.97
C LEU R 16 -23.06 -48.86 8.12
N VAL R 17 -24.28 -49.26 7.76
CA VAL R 17 -25.25 -48.39 7.13
C VAL R 17 -26.15 -47.99 8.28
N LYS R 18 -26.62 -46.76 8.41
CA LYS R 18 -27.62 -46.39 9.40
C LYS R 18 -28.80 -45.87 8.58
N ALA R 19 -30.02 -46.31 8.80
CA ALA R 19 -31.13 -45.96 7.94
C ALA R 19 -32.44 -45.88 8.72
N GLY R 20 -33.49 -45.33 8.15
CA GLY R 20 -34.68 -45.07 8.93
C GLY R 20 -35.45 -43.94 8.32
N PHE R 21 -36.45 -43.47 9.07
CA PHE R 21 -37.33 -42.42 8.58
C PHE R 21 -37.04 -41.11 9.28
N ALA R 22 -37.02 -40.03 8.49
CA ALA R 22 -36.83 -38.68 9.02
C ALA R 22 -38.00 -38.52 9.94
N GLY R 23 -37.68 -38.07 11.14
CA GLY R 23 -38.71 -38.02 12.16
C GLY R 23 -38.22 -38.88 13.29
N ASP R 24 -37.82 -40.14 13.09
CA ASP R 24 -37.38 -40.99 14.17
C ASP R 24 -36.18 -40.43 14.91
N ASP R 25 -35.93 -40.94 16.13
CA ASP R 25 -34.86 -40.42 16.98
C ASP R 25 -33.49 -41.08 16.80
N ALA R 26 -33.59 -42.29 16.18
CA ALA R 26 -32.46 -43.17 15.93
C ALA R 26 -32.74 -44.04 14.71
N PRO R 27 -31.70 -44.57 14.05
CA PRO R 27 -31.87 -45.42 12.86
C PRO R 27 -32.69 -46.68 13.07
N ARG R 28 -33.63 -46.87 12.17
CA ARG R 28 -34.45 -48.07 12.17
C ARG R 28 -33.61 -49.25 11.72
N ALA R 29 -32.54 -49.00 10.95
CA ALA R 29 -31.76 -50.07 10.42
C ALA R 29 -30.28 -49.77 10.47
N VAL R 30 -29.54 -50.72 11.04
CA VAL R 30 -28.10 -50.60 11.21
C VAL R 30 -27.55 -51.97 10.85
N PHE R 31 -26.59 -52.05 9.94
CA PHE R 31 -26.10 -53.34 9.49
C PHE R 31 -24.81 -53.25 8.75
N PRO R 32 -23.93 -54.25 8.67
CA PRO R 32 -22.69 -54.14 7.93
C PRO R 32 -22.87 -53.86 6.44
N SER R 33 -21.83 -53.16 6.01
CA SER R 33 -21.70 -52.62 4.70
C SER R 33 -20.87 -53.64 3.94
N ILE R 34 -21.37 -54.87 3.82
CA ILE R 34 -20.74 -55.92 3.03
C ILE R 34 -21.65 -56.50 1.99
N VAL R 35 -21.12 -57.21 1.00
CA VAL R 35 -21.85 -57.84 -0.06
C VAL R 35 -21.03 -59.08 -0.23
N GLY R 36 -21.64 -60.21 0.06
CA GLY R 36 -21.00 -61.49 -0.01
C GLY R 36 -21.42 -62.17 -1.26
N ARG R 37 -20.44 -62.86 -1.83
CA ARG R 37 -20.60 -63.55 -3.09
C ARG R 37 -20.19 -65.02 -2.84
N PRO R 38 -21.05 -66.04 -2.89
CA PRO R 38 -20.68 -67.43 -2.59
C PRO R 38 -19.54 -68.02 -3.39
N ARG R 39 -18.54 -68.48 -2.65
CA ARG R 39 -17.42 -69.20 -3.23
C ARG R 39 -17.79 -70.54 -3.86
N HIS R 40 -18.97 -71.19 -3.55
CA HIS R 40 -19.32 -72.51 -4.13
C HIS R 40 -20.75 -72.70 -4.52
N GLN R 41 -21.08 -73.63 -5.42
CA GLN R 41 -22.48 -73.78 -5.71
C GLN R 41 -23.18 -74.73 -4.75
N GLY R 42 -24.38 -74.31 -4.32
CA GLY R 42 -25.15 -75.02 -3.34
C GLY R 42 -26.21 -74.15 -2.72
N VAL R 43 -27.00 -74.69 -1.79
CA VAL R 43 -28.10 -73.98 -1.14
C VAL R 43 -28.27 -74.19 0.38
N MET R 44 -29.02 -73.29 1.03
CA MET R 44 -29.40 -73.54 2.42
C MET R 44 -30.69 -74.32 2.27
N VAL R 45 -31.05 -75.09 3.28
CA VAL R 45 -32.26 -75.85 3.30
C VAL R 45 -33.51 -74.97 3.21
N GLY R 46 -34.23 -75.12 2.11
CA GLY R 46 -35.49 -74.46 1.94
C GLY R 46 -35.38 -73.21 1.12
N MET R 47 -34.16 -72.73 0.93
CA MET R 47 -33.97 -71.58 0.07
C MET R 47 -33.51 -72.01 -1.31
N GLY R 48 -33.57 -71.04 -2.23
CA GLY R 48 -33.02 -71.20 -3.55
C GLY R 48 -31.57 -70.68 -3.56
N GLN R 49 -30.95 -70.93 -4.72
CA GLN R 49 -29.65 -70.41 -5.05
C GLN R 49 -29.65 -68.89 -4.99
N LYS R 50 -28.70 -68.35 -4.28
CA LYS R 50 -28.63 -66.95 -4.03
C LYS R 50 -27.31 -66.58 -4.65
N ASP R 51 -27.43 -65.49 -5.39
CA ASP R 51 -26.27 -64.95 -6.07
C ASP R 51 -25.43 -64.07 -5.17
N SER R 52 -26.06 -63.54 -4.13
CA SER R 52 -25.42 -62.51 -3.37
C SER R 52 -25.99 -62.41 -1.98
N TYR R 53 -25.27 -61.85 -1.06
CA TYR R 53 -25.74 -61.73 0.28
C TYR R 53 -25.37 -60.36 0.78
N VAL R 54 -26.11 -59.68 1.66
CA VAL R 54 -25.77 -58.32 2.08
C VAL R 54 -26.03 -58.18 3.57
N GLY R 55 -25.18 -57.39 4.23
CA GLY R 55 -25.35 -57.05 5.63
C GLY R 55 -25.03 -58.21 6.51
N ASP R 56 -25.93 -58.50 7.44
CA ASP R 56 -25.72 -59.56 8.40
C ASP R 56 -25.78 -60.92 7.76
N GLU R 57 -26.61 -61.25 6.78
CA GLU R 57 -26.50 -62.57 6.19
C GLU R 57 -25.16 -62.81 5.51
N ALA R 58 -24.47 -61.77 5.07
CA ALA R 58 -23.15 -61.94 4.52
C ALA R 58 -22.15 -62.15 5.64
N GLN R 59 -22.36 -61.52 6.80
CA GLN R 59 -21.42 -61.70 7.86
C GLN R 59 -21.61 -63.11 8.41
N SER R 60 -22.83 -63.51 8.70
CA SER R 60 -23.10 -64.81 9.28
C SER R 60 -22.69 -66.02 8.47
N LYS R 61 -22.76 -65.85 7.17
CA LYS R 61 -22.42 -66.92 6.30
C LYS R 61 -21.05 -66.64 5.74
N ARG R 62 -20.12 -65.91 6.39
CA ARG R 62 -18.87 -65.54 5.71
C ARG R 62 -17.92 -66.59 5.23
N GLY R 63 -17.96 -67.75 5.88
CA GLY R 63 -17.15 -68.89 5.52
C GLY R 63 -17.41 -69.41 4.11
N ILE R 64 -18.58 -69.24 3.44
CA ILE R 64 -18.71 -69.76 2.08
C ILE R 64 -18.78 -68.68 1.00
N LEU R 65 -18.57 -67.42 1.35
CA LEU R 65 -18.70 -66.29 0.44
C LEU R 65 -17.45 -65.43 0.38
N THR R 66 -17.25 -64.60 -0.65
CA THR R 66 -16.13 -63.69 -0.66
C THR R 66 -16.82 -62.35 -0.37
N LEU R 67 -16.40 -61.83 0.77
CA LEU R 67 -16.94 -60.60 1.33
C LEU R 67 -16.30 -59.42 0.68
N LYS R 68 -17.09 -58.38 0.39
CA LYS R 68 -16.52 -57.15 -0.18
C LYS R 68 -17.15 -55.92 0.40
N TYR R 69 -16.27 -54.97 0.68
CA TYR R 69 -16.63 -53.67 1.25
C TYR R 69 -16.78 -52.56 0.18
N PRO R 70 -17.98 -52.11 -0.29
CA PRO R 70 -18.18 -51.06 -1.31
C PRO R 70 -17.65 -49.68 -1.03
N ILE R 71 -17.47 -49.36 0.25
CA ILE R 71 -17.03 -48.04 0.64
C ILE R 71 -15.65 -48.10 1.30
N GLU R 72 -14.63 -47.69 0.56
CA GLU R 72 -13.32 -47.70 1.14
C GLU R 72 -12.97 -46.32 1.65
N HIS R 73 -12.82 -46.21 2.97
CA HIS R 73 -12.48 -44.95 3.59
C HIS R 73 -13.52 -43.87 3.37
N GLY R 74 -14.79 -44.25 3.43
CA GLY R 74 -15.87 -43.28 3.31
C GLY R 74 -16.27 -42.99 1.88
N ILE R 75 -15.43 -43.32 0.88
CA ILE R 75 -15.75 -43.04 -0.54
C ILE R 75 -16.34 -44.27 -1.23
N ILE R 76 -17.39 -44.24 -2.07
CA ILE R 76 -17.92 -45.45 -2.73
C ILE R 76 -16.93 -45.82 -3.83
N THR R 77 -16.37 -47.02 -3.65
CA THR R 77 -15.40 -47.58 -4.56
C THR R 77 -16.03 -48.56 -5.54
N ASN R 78 -17.07 -49.32 -5.16
CA ASN R 78 -17.70 -50.18 -6.15
C ASN R 78 -19.18 -49.91 -6.22
N TRP R 79 -19.58 -49.37 -7.38
CA TRP R 79 -20.96 -48.95 -7.61
C TRP R 79 -21.94 -50.06 -7.87
N ASP R 80 -21.50 -51.26 -8.28
CA ASP R 80 -22.36 -52.44 -8.50
C ASP R 80 -22.78 -53.00 -7.16
N ASP R 81 -21.79 -53.21 -6.31
CA ASP R 81 -22.02 -53.54 -4.92
C ASP R 81 -22.66 -52.51 -4.04
N MET R 82 -22.64 -51.22 -4.34
CA MET R 82 -23.31 -50.23 -3.51
C MET R 82 -24.78 -50.29 -3.85
N GLU R 83 -25.16 -50.31 -5.12
CA GLU R 83 -26.57 -50.39 -5.54
C GLU R 83 -27.21 -51.60 -4.92
N LYS R 84 -26.41 -52.67 -4.73
CA LYS R 84 -26.86 -53.83 -3.96
C LYS R 84 -27.15 -53.46 -2.50
N ILE R 85 -26.27 -52.76 -1.75
CA ILE R 85 -26.58 -52.36 -0.38
C ILE R 85 -27.79 -51.44 -0.32
N TRP R 86 -27.97 -50.50 -1.25
CA TRP R 86 -29.14 -49.62 -1.23
C TRP R 86 -30.40 -50.42 -1.44
N HIS R 87 -30.36 -51.34 -2.42
CA HIS R 87 -31.52 -52.17 -2.69
C HIS R 87 -31.99 -52.91 -1.44
N HIS R 88 -31.03 -53.54 -0.77
CA HIS R 88 -31.28 -54.21 0.48
C HIS R 88 -31.87 -53.25 1.49
N THR R 89 -31.40 -52.02 1.59
CA THR R 89 -31.88 -51.09 2.58
C THR R 89 -33.31 -50.73 2.37
N PHE R 90 -33.68 -50.37 1.15
CA PHE R 90 -35.04 -50.01 0.90
C PHE R 90 -35.96 -51.21 1.03
N TYR R 91 -35.67 -52.24 0.25
CA TYR R 91 -36.63 -53.30 0.13
C TYR R 91 -36.71 -54.29 1.20
N ASN R 92 -35.63 -54.57 1.88
CA ASN R 92 -35.66 -55.59 2.92
C ASN R 92 -35.60 -54.98 4.31
N GLU R 93 -34.66 -54.08 4.53
CA GLU R 93 -34.52 -53.50 5.84
C GLU R 93 -35.67 -52.57 6.17
N LEU R 94 -35.97 -51.54 5.36
CA LEU R 94 -37.03 -50.61 5.71
C LEU R 94 -38.35 -51.05 5.08
N ARG R 95 -38.29 -52.00 4.15
CA ARG R 95 -39.42 -52.63 3.46
C ARG R 95 -40.36 -51.65 2.75
N VAL R 96 -39.80 -50.52 2.36
CA VAL R 96 -40.56 -49.48 1.69
C VAL R 96 -40.37 -49.63 0.19
N ALA R 97 -41.25 -49.05 -0.61
CA ALA R 97 -40.99 -48.96 -2.04
C ALA R 97 -40.30 -47.62 -2.16
N PRO R 98 -39.12 -47.44 -2.77
CA PRO R 98 -38.45 -46.15 -2.89
C PRO R 98 -39.11 -45.11 -3.77
N GLU R 99 -39.87 -45.55 -4.81
CA GLU R 99 -40.48 -44.60 -5.73
C GLU R 99 -41.59 -43.72 -5.22
N GLU R 100 -41.90 -43.81 -3.93
CA GLU R 100 -42.75 -42.79 -3.34
C GLU R 100 -42.12 -42.19 -2.08
N HIS R 101 -40.79 -42.28 -1.86
CA HIS R 101 -40.18 -41.68 -0.68
C HIS R 101 -39.06 -40.74 -0.95
N PRO R 102 -38.98 -39.49 -0.48
CA PRO R 102 -37.85 -38.63 -0.72
C PRO R 102 -36.72 -39.27 0.07
N THR R 103 -35.47 -39.27 -0.42
CA THR R 103 -34.34 -39.95 0.22
C THR R 103 -33.19 -38.99 0.55
N LEU R 104 -32.81 -38.73 1.83
CA LEU R 104 -31.65 -37.90 2.15
C LEU R 104 -30.55 -38.86 2.37
N LEU R 105 -29.50 -38.67 1.59
CA LEU R 105 -28.29 -39.47 1.67
C LEU R 105 -27.12 -38.71 2.25
N THR R 106 -26.03 -39.38 2.65
CA THR R 106 -24.91 -38.63 3.09
C THR R 106 -23.68 -38.97 2.27
N GLU R 107 -22.77 -38.01 2.16
CA GLU R 107 -21.48 -38.30 1.54
C GLU R 107 -20.35 -37.85 2.48
N ALA R 108 -19.13 -38.19 2.10
CA ALA R 108 -17.97 -37.84 2.87
C ALA R 108 -17.42 -36.45 2.57
N PRO R 109 -16.60 -35.94 3.48
CA PRO R 109 -15.95 -34.67 3.36
C PRO R 109 -15.44 -34.16 2.03
N LEU R 110 -14.54 -34.79 1.28
CA LEU R 110 -14.10 -34.17 0.03
C LEU R 110 -14.48 -35.15 -1.05
N ASN R 111 -15.73 -35.62 -1.02
CA ASN R 111 -16.28 -36.60 -1.93
C ASN R 111 -16.22 -36.00 -3.32
N PRO R 112 -15.57 -36.70 -4.23
CA PRO R 112 -15.41 -36.28 -5.60
C PRO R 112 -16.71 -35.92 -6.29
N LYS R 113 -16.75 -34.75 -6.91
CA LYS R 113 -17.92 -34.19 -7.61
C LYS R 113 -18.74 -35.19 -8.43
N ALA R 114 -17.95 -36.04 -9.08
CA ALA R 114 -18.41 -37.07 -9.97
C ALA R 114 -19.20 -38.19 -9.31
N ASN R 115 -18.89 -38.50 -8.04
CA ASN R 115 -19.57 -39.48 -7.23
C ASN R 115 -20.93 -38.98 -6.83
N ARG R 116 -21.01 -37.68 -6.38
CA ARG R 116 -22.25 -37.07 -5.91
C ARG R 116 -23.18 -37.07 -7.11
N GLU R 117 -22.67 -36.76 -8.30
CA GLU R 117 -23.45 -36.94 -9.53
C GLU R 117 -23.79 -38.42 -9.83
N LYS R 118 -22.92 -39.39 -9.54
CA LYS R 118 -23.23 -40.78 -9.84
C LYS R 118 -24.29 -41.35 -8.93
N MET R 119 -24.24 -41.17 -7.62
CA MET R 119 -25.29 -41.68 -6.76
C MET R 119 -26.62 -40.99 -6.98
N THR R 120 -26.60 -39.84 -7.64
CA THR R 120 -27.81 -39.15 -7.98
C THR R 120 -28.38 -39.82 -9.21
N GLN R 121 -27.51 -40.11 -10.18
CA GLN R 121 -27.85 -40.87 -11.37
C GLN R 121 -28.48 -42.19 -10.93
N ILE R 122 -27.96 -42.93 -9.97
CA ILE R 122 -28.50 -44.21 -9.54
C ILE R 122 -29.74 -44.03 -8.68
N MET R 123 -29.82 -42.97 -7.86
CA MET R 123 -31.01 -42.80 -7.06
C MET R 123 -32.18 -42.53 -7.97
N PHE R 124 -32.08 -41.51 -8.82
CA PHE R 124 -33.18 -41.16 -9.71
C PHE R 124 -33.39 -42.12 -10.86
N GLU R 125 -32.32 -42.57 -11.53
CA GLU R 125 -32.53 -43.44 -12.68
C GLU R 125 -32.65 -44.91 -12.38
N THR R 126 -32.14 -45.57 -11.32
CA THR R 126 -32.44 -46.98 -11.18
C THR R 126 -33.40 -47.15 -10.01
N PHE R 127 -33.51 -46.29 -8.99
CA PHE R 127 -34.49 -46.50 -7.91
C PHE R 127 -35.79 -45.69 -8.01
N ASN R 128 -35.71 -44.65 -8.87
CA ASN R 128 -36.84 -43.80 -9.23
C ASN R 128 -37.43 -43.18 -7.97
N VAL R 129 -36.58 -42.58 -7.12
CA VAL R 129 -37.11 -41.94 -5.90
C VAL R 129 -37.75 -40.59 -6.32
N PRO R 130 -38.79 -40.02 -5.66
CA PRO R 130 -39.38 -38.75 -6.07
C PRO R 130 -38.40 -37.57 -6.06
N ALA R 131 -37.63 -37.52 -4.97
CA ALA R 131 -36.64 -36.49 -4.72
C ALA R 131 -35.57 -37.01 -3.76
N MET R 132 -34.40 -36.40 -3.82
CA MET R 132 -33.30 -36.77 -2.96
C MET R 132 -32.42 -35.58 -2.63
N TYR R 133 -31.33 -35.79 -1.87
CA TYR R 133 -30.52 -34.70 -1.34
C TYR R 133 -29.30 -35.37 -0.76
N VAL R 134 -28.10 -34.84 -0.92
CA VAL R 134 -26.90 -35.46 -0.36
C VAL R 134 -26.35 -34.48 0.69
N ALA R 135 -26.36 -34.75 2.01
CA ALA R 135 -25.71 -33.86 2.99
C ALA R 135 -24.27 -34.27 3.33
N ILE R 136 -23.34 -33.43 3.74
CA ILE R 136 -21.97 -33.87 4.06
C ILE R 136 -22.06 -34.33 5.49
N GLN R 137 -21.36 -35.41 5.82
CA GLN R 137 -21.52 -36.01 7.12
C GLN R 137 -21.19 -35.13 8.30
N ALA R 138 -19.97 -34.59 8.45
CA ALA R 138 -19.68 -33.66 9.55
C ALA R 138 -20.67 -32.51 9.77
N VAL R 139 -21.19 -32.07 8.63
CA VAL R 139 -22.14 -31.00 8.65
C VAL R 139 -23.44 -31.47 9.33
N LEU R 140 -23.91 -32.70 9.14
CA LEU R 140 -25.11 -33.17 9.85
C LEU R 140 -24.80 -33.45 11.30
N SER R 141 -23.58 -33.86 11.59
CA SER R 141 -23.25 -34.08 12.98
C SER R 141 -23.32 -32.80 13.76
N LEU R 142 -22.75 -31.70 13.21
CA LEU R 142 -22.73 -30.42 13.90
C LEU R 142 -24.08 -29.83 14.25
N TYR R 143 -24.87 -29.94 13.18
CA TYR R 143 -26.21 -29.43 13.19
C TYR R 143 -27.11 -30.18 14.17
N ALA R 144 -26.92 -31.48 14.28
CA ALA R 144 -27.61 -32.29 15.26
C ALA R 144 -27.19 -31.86 16.67
N SER R 145 -26.07 -31.14 16.88
CA SER R 145 -25.73 -30.67 18.22
C SER R 145 -26.17 -29.22 18.38
N GLY R 146 -27.17 -28.85 17.59
CA GLY R 146 -27.75 -27.53 17.57
C GLY R 146 -26.99 -26.55 16.69
N ARG R 147 -25.66 -26.46 16.71
CA ARG R 147 -24.97 -25.37 16.03
C ARG R 147 -24.63 -25.39 14.54
N THR R 148 -24.06 -24.26 14.09
CA THR R 148 -23.72 -24.07 12.69
C THR R 148 -22.28 -23.74 12.36
N THR R 149 -21.53 -23.39 13.40
CA THR R 149 -20.11 -23.17 13.28
C THR R 149 -19.57 -23.98 14.45
N GLY R 150 -18.52 -24.67 14.07
CA GLY R 150 -17.75 -25.54 14.94
C GLY R 150 -16.80 -26.36 14.11
N ILE R 151 -16.05 -27.28 14.70
CA ILE R 151 -15.19 -28.16 13.91
C ILE R 151 -15.58 -29.56 14.41
N VAL R 152 -15.89 -30.47 13.50
CA VAL R 152 -16.25 -31.83 13.88
C VAL R 152 -15.05 -32.78 13.76
N LEU R 153 -14.74 -33.55 14.82
CA LEU R 153 -13.77 -34.61 14.67
C LEU R 153 -14.70 -35.79 14.42
N ASP R 154 -14.65 -36.32 13.21
CA ASP R 154 -15.54 -37.41 12.88
C ASP R 154 -14.72 -38.66 12.63
N SER R 155 -15.09 -39.78 13.30
CA SER R 155 -14.31 -41.02 13.34
C SER R 155 -15.14 -42.30 13.44
N GLY R 156 -15.10 -43.08 12.38
CA GLY R 156 -15.95 -44.24 12.36
C GLY R 156 -15.21 -45.51 12.19
N ASP R 157 -15.55 -46.21 11.12
CA ASP R 157 -14.90 -47.48 10.91
C ASP R 157 -13.71 -47.46 10.00
N GLY R 158 -13.67 -46.79 8.85
CA GLY R 158 -12.49 -46.74 8.02
C GLY R 158 -11.81 -45.36 8.01
N VAL R 159 -12.45 -44.19 8.27
CA VAL R 159 -11.81 -42.85 8.25
C VAL R 159 -12.05 -42.02 9.48
N THR R 160 -11.08 -41.10 9.73
CA THR R 160 -11.19 -39.99 10.67
C THR R 160 -11.06 -38.68 9.90
N HIS R 161 -11.76 -37.65 10.34
CA HIS R 161 -11.80 -36.40 9.62
C HIS R 161 -11.90 -35.33 10.63
N ASN R 162 -11.53 -34.13 10.18
CA ASN R 162 -11.74 -32.88 10.91
C ASN R 162 -12.43 -31.96 9.94
N VAL R 163 -13.66 -31.53 10.16
CA VAL R 163 -14.26 -30.70 9.13
C VAL R 163 -14.71 -29.43 9.81
N PRO R 164 -13.96 -28.33 9.61
CA PRO R 164 -14.27 -27.03 10.17
C PRO R 164 -15.45 -26.51 9.37
N ILE R 165 -16.56 -26.11 10.03
CA ILE R 165 -17.76 -25.59 9.34
C ILE R 165 -18.11 -24.20 9.83
N TYR R 166 -18.35 -23.25 8.92
CA TYR R 166 -18.68 -21.88 9.32
C TYR R 166 -20.02 -21.46 8.72
N GLU R 167 -20.98 -21.18 9.57
CA GLU R 167 -22.34 -20.86 9.17
C GLU R 167 -22.92 -21.75 8.08
N GLY R 168 -22.47 -23.00 8.24
CA GLY R 168 -22.96 -24.12 7.51
C GLY R 168 -22.09 -24.62 6.39
N TYR R 169 -21.16 -23.79 5.91
CA TYR R 169 -20.32 -24.19 4.80
C TYR R 169 -19.04 -24.82 5.33
N ALA R 170 -18.89 -26.13 5.06
CA ALA R 170 -17.70 -26.89 5.42
C ALA R 170 -16.55 -26.31 4.65
N LEU R 171 -15.40 -26.11 5.32
CA LEU R 171 -14.29 -25.38 4.74
C LEU R 171 -13.28 -26.29 4.03
N PRO R 172 -13.45 -26.52 2.75
CA PRO R 172 -12.61 -27.45 1.96
C PRO R 172 -11.11 -27.52 2.21
N HIS R 173 -10.49 -26.37 2.26
CA HIS R 173 -9.05 -26.31 2.46
C HIS R 173 -8.64 -26.49 3.92
N ALA R 174 -9.50 -26.80 4.86
CA ALA R 174 -8.99 -26.91 6.22
C ALA R 174 -9.26 -28.29 6.79
N ILE R 175 -10.07 -29.08 6.02
CA ILE R 175 -10.45 -30.50 6.28
C ILE R 175 -9.23 -31.41 6.28
N MET R 176 -9.11 -32.33 7.26
CA MET R 176 -7.99 -33.27 7.37
C MET R 176 -8.60 -34.64 7.51
N ARG R 177 -7.96 -35.56 6.86
CA ARG R 177 -8.36 -36.94 6.86
C ARG R 177 -7.21 -37.80 7.37
N LEU R 178 -7.53 -38.68 8.32
CA LEU R 178 -6.56 -39.56 8.90
C LEU R 178 -7.16 -40.93 8.71
N ASP R 179 -6.57 -41.77 7.84
CA ASP R 179 -7.04 -43.14 7.62
C ASP R 179 -6.65 -44.14 8.74
N LEU R 180 -7.11 -43.93 9.98
CA LEU R 180 -6.94 -44.89 11.06
C LEU R 180 -8.19 -44.72 11.88
N ALA R 181 -8.98 -45.77 12.03
CA ALA R 181 -10.23 -45.69 12.73
C ALA R 181 -10.54 -46.95 13.52
N GLY R 182 -11.81 -47.24 13.85
CA GLY R 182 -12.21 -48.36 14.69
C GLY R 182 -11.82 -49.74 14.21
N ARG R 183 -11.70 -49.91 12.89
CA ARG R 183 -11.32 -51.15 12.19
C ARG R 183 -9.86 -51.42 12.53
N ASP R 184 -8.98 -50.44 12.29
CA ASP R 184 -7.57 -50.45 12.62
C ASP R 184 -7.39 -50.74 14.09
N LEU R 185 -8.21 -50.08 14.92
CA LEU R 185 -8.21 -50.20 16.37
C LEU R 185 -8.59 -51.54 16.98
N THR R 186 -9.45 -52.30 16.30
CA THR R 186 -9.84 -53.64 16.74
C THR R 186 -8.67 -54.57 16.42
N ASP R 187 -7.94 -54.33 15.32
CA ASP R 187 -6.90 -55.24 14.94
C ASP R 187 -5.66 -55.03 15.77
N TYR R 188 -5.49 -53.83 16.31
CA TYR R 188 -4.37 -53.57 17.16
C TYR R 188 -4.67 -54.17 18.52
N LEU R 189 -5.91 -54.10 19.02
CA LEU R 189 -6.22 -54.68 20.31
C LEU R 189 -5.94 -56.15 20.26
N MET R 190 -6.36 -56.74 19.15
CA MET R 190 -6.20 -58.15 18.81
C MET R 190 -4.78 -58.62 19.10
N LYS R 191 -3.81 -57.91 18.50
CA LYS R 191 -2.43 -58.22 18.72
C LYS R 191 -2.11 -57.89 20.15
N ILE R 192 -2.34 -56.74 20.82
CA ILE R 192 -1.91 -56.60 22.21
C ILE R 192 -2.57 -57.56 23.20
N LEU R 193 -3.61 -58.24 22.76
CA LEU R 193 -4.32 -59.19 23.58
C LEU R 193 -3.78 -60.60 23.30
N THR R 194 -3.34 -60.94 22.07
CA THR R 194 -2.69 -62.23 21.84
C THR R 194 -1.30 -62.18 22.48
N GLU R 195 -0.73 -60.97 22.41
CA GLU R 195 0.56 -60.59 22.99
C GLU R 195 0.46 -60.64 24.53
N ARG R 196 -0.72 -60.48 25.14
CA ARG R 196 -0.93 -60.70 26.57
C ARG R 196 -0.89 -62.21 26.89
N GLY R 197 -0.71 -63.05 25.87
CA GLY R 197 -0.60 -64.49 25.99
C GLY R 197 -1.95 -65.10 25.71
N TYR R 198 -2.53 -64.89 24.50
CA TYR R 198 -3.85 -65.41 24.18
C TYR R 198 -3.95 -65.85 22.73
N SER R 199 -5.13 -66.44 22.45
CA SER R 199 -5.44 -66.92 21.11
C SER R 199 -6.89 -66.78 20.69
N PHE R 200 -6.97 -66.00 19.63
CA PHE R 200 -8.24 -65.74 18.98
C PHE R 200 -7.99 -66.47 17.68
N VAL R 201 -8.44 -67.70 17.90
CA VAL R 201 -8.18 -68.73 16.94
C VAL R 201 -9.37 -68.95 16.02
N THR R 202 -10.54 -69.42 16.51
CA THR R 202 -11.71 -69.62 15.64
C THR R 202 -12.39 -68.28 15.37
N THR R 203 -13.34 -68.24 14.41
CA THR R 203 -13.98 -66.98 14.04
C THR R 203 -14.88 -66.44 15.18
N ALA R 204 -15.29 -67.31 16.10
CA ALA R 204 -16.02 -66.88 17.29
C ALA R 204 -15.12 -66.26 18.37
N GLU R 205 -13.82 -66.29 18.14
CA GLU R 205 -12.85 -65.66 19.00
C GLU R 205 -12.54 -64.34 18.33
N ARG R 206 -12.22 -64.32 17.02
CA ARG R 206 -11.98 -63.08 16.27
C ARG R 206 -13.03 -61.94 16.51
N GLU R 207 -14.31 -62.24 16.27
CA GLU R 207 -15.38 -61.27 16.27
C GLU R 207 -15.57 -60.53 17.58
N ILE R 208 -15.46 -61.30 18.66
CA ILE R 208 -15.65 -60.77 20.00
C ILE R 208 -14.52 -59.86 20.53
N VAL R 209 -13.34 -59.80 19.88
CA VAL R 209 -12.28 -58.87 20.30
C VAL R 209 -12.83 -57.45 20.08
N ARG R 210 -13.65 -57.32 19.05
CA ARG R 210 -14.31 -56.09 18.73
C ARG R 210 -15.32 -55.73 19.82
N ASP R 211 -16.00 -56.70 20.43
CA ASP R 211 -16.97 -56.45 21.50
C ASP R 211 -16.27 -56.17 22.82
N ILE R 212 -15.01 -56.63 22.93
CA ILE R 212 -14.16 -56.30 24.07
C ILE R 212 -13.78 -54.81 23.94
N LYS R 213 -13.21 -54.39 22.78
CA LYS R 213 -12.89 -53.02 22.44
C LYS R 213 -14.04 -52.10 22.77
N GLU R 214 -15.25 -52.38 22.28
CA GLU R 214 -16.40 -51.50 22.57
C GLU R 214 -16.73 -51.46 24.06
N LYS R 215 -16.94 -52.59 24.76
CA LYS R 215 -17.35 -52.60 26.17
C LYS R 215 -16.36 -52.15 27.25
N LEU R 216 -15.13 -52.67 27.16
CA LEU R 216 -14.10 -52.43 28.14
C LEU R 216 -13.09 -51.37 27.81
N CYS R 217 -12.86 -50.95 26.55
CA CYS R 217 -11.89 -49.88 26.30
C CYS R 217 -12.22 -48.45 26.67
N TYR R 218 -11.09 -47.84 27.09
CA TYR R 218 -11.00 -46.53 27.74
C TYR R 218 -10.00 -45.60 27.10
N VAL R 219 -10.20 -44.28 27.23
CA VAL R 219 -9.15 -43.34 26.84
C VAL R 219 -8.90 -42.63 28.14
N ALA R 220 -7.76 -43.00 28.63
CA ALA R 220 -7.29 -42.35 29.81
C ALA R 220 -6.60 -41.04 29.48
N LEU R 221 -6.87 -40.17 30.44
CA LEU R 221 -6.22 -38.89 30.56
C LEU R 221 -5.06 -39.22 31.49
N ASP R 222 -3.91 -38.71 31.05
CA ASP R 222 -2.61 -39.01 31.64
C ASP R 222 -2.39 -40.52 31.57
N PHE R 223 -2.19 -40.85 30.28
CA PHE R 223 -1.96 -42.21 29.81
C PHE R 223 -0.59 -42.68 30.24
N GLU R 224 0.22 -41.67 30.65
CA GLU R 224 1.56 -41.75 31.20
C GLU R 224 1.60 -42.51 32.54
N ASN R 225 0.97 -41.86 33.52
CA ASN R 225 0.85 -42.40 34.86
C ASN R 225 -0.45 -43.17 34.97
N GLU R 226 -0.71 -43.98 33.94
CA GLU R 226 -1.82 -44.93 33.90
C GLU R 226 -1.22 -46.33 33.65
N MET R 227 -0.14 -46.31 32.86
CA MET R 227 0.76 -47.42 32.66
C MET R 227 1.45 -47.64 34.01
N ALA R 228 2.00 -46.54 34.60
CA ALA R 228 2.60 -46.57 35.93
C ALA R 228 1.66 -47.17 36.97
N THR R 229 0.39 -46.74 36.91
CA THR R 229 -0.66 -47.31 37.76
C THR R 229 -0.85 -48.81 37.52
N ALA R 230 -0.79 -49.22 36.23
CA ALA R 230 -0.99 -50.60 35.81
C ALA R 230 -0.06 -51.56 36.54
N ALA R 231 1.19 -51.09 36.66
CA ALA R 231 2.32 -51.78 37.31
C ALA R 231 2.21 -52.03 38.83
N SER R 232 1.79 -51.01 39.60
CA SER R 232 1.49 -51.14 41.03
C SER R 232 0.37 -52.18 41.24
N SER R 233 -0.41 -52.38 40.14
CA SER R 233 -1.56 -53.27 39.99
C SER R 233 -2.57 -53.17 41.11
N SER R 234 -3.38 -52.21 40.65
CA SER R 234 -4.59 -51.82 41.31
C SER R 234 -5.67 -52.74 40.78
N SER R 235 -6.88 -52.46 41.27
CA SER R 235 -8.06 -53.14 40.78
C SER R 235 -8.52 -52.35 39.52
N LEU R 236 -7.55 -52.17 38.57
CA LEU R 236 -7.76 -51.53 37.27
C LEU R 236 -8.14 -52.61 36.25
N GLU R 237 -7.66 -53.86 36.44
CA GLU R 237 -7.93 -55.03 35.58
C GLU R 237 -9.40 -55.33 35.24
N LYS R 238 -9.67 -55.99 34.11
CA LYS R 238 -11.06 -56.31 33.77
C LYS R 238 -11.22 -57.57 32.95
N SER R 239 -11.81 -58.57 33.58
CA SER R 239 -12.09 -59.84 32.91
C SER R 239 -13.49 -59.96 32.32
N TYR R 240 -13.46 -60.36 31.04
CA TYR R 240 -14.61 -60.57 30.18
C TYR R 240 -14.81 -62.08 30.02
N GLU R 241 -16.04 -62.62 30.10
CA GLU R 241 -16.28 -64.05 29.84
C GLU R 241 -16.64 -64.27 28.36
N LEU R 242 -15.85 -65.13 27.71
CA LEU R 242 -15.95 -65.39 26.27
C LEU R 242 -17.27 -66.06 25.79
N PRO R 243 -17.55 -66.57 24.53
CA PRO R 243 -18.84 -67.22 24.17
C PRO R 243 -19.20 -68.37 25.12
N ASP R 244 -18.12 -69.04 25.56
CA ASP R 244 -18.08 -70.07 26.61
C ASP R 244 -17.53 -69.49 27.94
N GLY R 245 -17.03 -70.34 28.87
CA GLY R 245 -16.51 -69.96 30.18
C GLY R 245 -15.24 -69.11 30.13
N GLN R 246 -14.25 -69.60 29.37
CA GLN R 246 -12.94 -68.97 29.11
C GLN R 246 -12.79 -67.47 29.40
N VAL R 247 -12.75 -67.21 30.70
CA VAL R 247 -12.62 -65.86 31.22
C VAL R 247 -11.24 -65.28 30.91
N ILE R 248 -11.32 -64.32 30.00
CA ILE R 248 -10.13 -63.64 29.58
C ILE R 248 -9.98 -62.37 30.41
N THR R 249 -8.75 -62.02 30.82
CA THR R 249 -8.51 -60.79 31.58
C THR R 249 -7.70 -59.77 30.75
N ILE R 250 -8.16 -58.52 30.92
CA ILE R 250 -7.64 -57.37 30.23
C ILE R 250 -7.58 -56.32 31.31
N GLY R 251 -6.36 -55.99 31.68
CA GLY R 251 -6.22 -54.99 32.69
C GLY R 251 -5.97 -53.65 32.07
N ASN R 252 -4.73 -53.72 31.60
CA ASN R 252 -3.92 -52.61 31.11
C ASN R 252 -4.26 -52.21 29.65
N GLU R 253 -4.03 -53.07 28.63
CA GLU R 253 -4.33 -52.88 27.18
C GLU R 253 -5.64 -52.22 26.76
N ARG R 254 -6.56 -52.41 27.70
CA ARG R 254 -7.82 -51.72 27.79
C ARG R 254 -7.77 -50.24 27.29
N PHE R 255 -6.69 -49.49 27.65
CA PHE R 255 -6.48 -48.11 27.24
C PHE R 255 -5.30 -47.93 26.27
N ARG R 256 -4.47 -48.97 26.12
CA ARG R 256 -3.36 -48.92 25.18
C ARG R 256 -3.91 -48.86 23.75
N CYS R 257 -5.12 -49.38 23.58
CA CYS R 257 -5.82 -49.39 22.29
C CYS R 257 -6.28 -47.96 21.88
N PRO R 258 -7.07 -47.15 22.61
CA PRO R 258 -7.40 -45.79 22.22
C PRO R 258 -6.18 -44.85 22.33
N GLU R 259 -5.09 -45.08 23.13
CA GLU R 259 -3.88 -44.26 23.10
C GLU R 259 -3.38 -44.38 21.64
N THR R 260 -3.81 -45.34 20.78
CA THR R 260 -3.38 -45.39 19.39
C THR R 260 -3.91 -44.17 18.66
N LEU R 261 -5.14 -43.74 18.92
CA LEU R 261 -5.65 -42.51 18.30
C LEU R 261 -4.85 -41.22 18.56
N PHE R 262 -4.07 -41.10 19.66
CA PHE R 262 -3.21 -39.94 19.93
C PHE R 262 -1.77 -40.19 19.49
N GLN R 263 -1.38 -41.46 19.50
CA GLN R 263 -0.08 -41.92 19.07
C GLN R 263 -0.28 -42.97 17.96
N PRO R 264 -0.21 -42.59 16.68
CA PRO R 264 -0.34 -43.47 15.52
C PRO R 264 0.91 -44.35 15.41
N SER R 265 2.00 -43.91 16.09
CA SER R 265 3.29 -44.63 16.20
C SER R 265 3.22 -46.04 16.83
N PHE R 266 2.14 -46.28 17.60
CA PHE R 266 1.77 -47.56 18.18
C PHE R 266 1.46 -48.58 17.11
N ILE R 267 1.15 -48.07 15.92
CA ILE R 267 0.80 -48.94 14.83
C ILE R 267 1.59 -48.66 13.55
N GLY R 268 2.81 -48.18 13.69
CA GLY R 268 3.61 -47.96 12.51
C GLY R 268 3.03 -46.91 11.58
N MET R 269 2.19 -46.03 12.16
CA MET R 269 1.75 -44.88 11.42
C MET R 269 2.63 -43.68 11.78
N GLU R 270 3.09 -43.00 10.72
CA GLU R 270 3.90 -41.78 10.83
C GLU R 270 3.12 -40.46 10.84
N SER R 271 1.81 -40.53 10.54
CA SER R 271 0.88 -39.41 10.58
C SER R 271 0.76 -38.86 11.99
N ALA R 272 0.28 -37.62 12.07
CA ALA R 272 0.02 -36.97 13.33
C ALA R 272 -1.25 -37.54 14.00
N GLY R 273 -1.57 -37.22 15.24
CA GLY R 273 -2.74 -37.82 15.86
C GLY R 273 -3.90 -36.85 16.05
N ILE R 274 -5.10 -37.43 16.25
CA ILE R 274 -6.37 -36.74 16.48
C ILE R 274 -6.33 -35.30 17.02
N HIS R 275 -5.65 -35.05 18.15
CA HIS R 275 -5.60 -33.75 18.79
C HIS R 275 -4.76 -32.72 18.08
N GLU R 276 -3.65 -33.17 17.52
CA GLU R 276 -2.78 -32.31 16.77
C GLU R 276 -3.46 -31.96 15.51
N THR R 277 -4.18 -32.90 14.96
CA THR R 277 -4.87 -32.72 13.71
C THR R 277 -6.03 -31.78 13.92
N THR R 278 -6.77 -31.83 15.02
CA THR R 278 -7.84 -30.88 15.37
C THR R 278 -7.31 -29.44 15.28
N TYR R 279 -6.13 -29.34 15.88
CA TYR R 279 -5.41 -28.12 15.98
C TYR R 279 -4.94 -27.70 14.63
N ASN R 280 -4.31 -28.56 13.84
CA ASN R 280 -3.74 -28.07 12.60
C ASN R 280 -4.78 -27.57 11.64
N SER R 281 -5.98 -28.18 11.70
CA SER R 281 -7.14 -27.83 10.89
C SER R 281 -7.43 -26.39 11.19
N ILE R 282 -7.39 -26.15 12.52
CA ILE R 282 -7.70 -24.85 13.10
C ILE R 282 -6.61 -23.87 12.74
N MET R 283 -5.29 -24.08 12.82
CA MET R 283 -4.41 -23.02 12.36
C MET R 283 -4.27 -22.92 10.81
N LYS R 284 -5.15 -23.65 10.05
CA LYS R 284 -5.32 -23.56 8.59
C LYS R 284 -6.52 -22.72 8.17
N CYS R 285 -7.34 -22.31 9.15
CA CYS R 285 -8.55 -21.54 8.94
C CYS R 285 -8.33 -20.05 9.14
N ASP R 286 -9.30 -19.21 8.77
CA ASP R 286 -9.17 -17.79 9.02
C ASP R 286 -9.10 -17.62 10.53
N ILE R 287 -8.30 -16.60 10.83
CA ILE R 287 -7.90 -16.08 12.17
C ILE R 287 -9.03 -15.60 13.11
N ASP R 288 -9.94 -14.87 12.47
CA ASP R 288 -11.09 -14.35 13.13
C ASP R 288 -12.04 -15.51 13.45
N ILE R 289 -12.04 -16.65 12.72
CA ILE R 289 -12.97 -17.73 13.06
C ILE R 289 -12.38 -18.72 14.03
N ARG R 290 -11.07 -18.67 14.31
CA ARG R 290 -10.48 -19.62 15.22
C ARG R 290 -11.05 -19.51 16.63
N LYS R 291 -11.58 -18.42 17.24
CA LYS R 291 -12.12 -18.62 18.60
C LYS R 291 -13.38 -19.49 18.58
N ASP R 292 -14.13 -19.44 17.46
CA ASP R 292 -15.38 -20.16 17.31
C ASP R 292 -15.16 -21.66 17.23
N LEU R 293 -14.31 -22.06 16.32
CA LEU R 293 -13.95 -23.44 16.19
C LEU R 293 -13.44 -24.01 17.51
N TYR R 294 -12.63 -23.25 18.28
CA TYR R 294 -12.11 -23.78 19.52
C TYR R 294 -13.15 -24.01 20.58
N ALA R 295 -14.19 -23.22 20.62
CA ALA R 295 -15.19 -23.46 21.63
C ALA R 295 -16.27 -24.42 21.12
N ASN R 296 -16.03 -25.08 19.96
CA ASN R 296 -17.04 -25.94 19.39
C ASN R 296 -16.46 -27.09 18.63
N ASN R 297 -15.79 -27.95 19.39
CA ASN R 297 -15.20 -29.17 18.88
C ASN R 297 -16.26 -30.22 19.12
N VAL R 298 -17.00 -30.56 18.09
CA VAL R 298 -18.08 -31.50 18.23
C VAL R 298 -17.47 -32.80 17.78
N MET R 299 -17.77 -33.82 18.57
CA MET R 299 -17.33 -35.16 18.24
C MET R 299 -18.46 -36.05 17.72
N SER R 300 -18.18 -36.79 16.66
CA SER R 300 -19.15 -37.79 16.26
C SER R 300 -18.44 -39.01 15.71
N GLY R 301 -19.14 -40.13 15.73
CA GLY R 301 -18.62 -41.38 15.20
C GLY R 301 -18.40 -42.48 16.24
N GLY R 302 -18.59 -43.74 15.81
CA GLY R 302 -18.45 -44.88 16.70
C GLY R 302 -17.13 -44.88 17.44
N THR R 303 -16.01 -44.58 16.80
CA THR R 303 -14.74 -44.65 17.47
C THR R 303 -14.51 -43.51 18.43
N THR R 304 -15.34 -42.45 18.50
CA THR R 304 -15.13 -41.37 19.49
C THR R 304 -15.91 -41.62 20.77
N MET R 305 -16.46 -42.84 20.89
CA MET R 305 -17.29 -43.22 22.02
C MET R 305 -16.50 -43.74 23.22
N TYR R 306 -15.20 -44.12 23.04
CA TYR R 306 -14.32 -44.59 24.13
C TYR R 306 -14.43 -43.64 25.31
N PRO R 307 -14.95 -43.95 26.52
CA PRO R 307 -15.01 -43.00 27.62
C PRO R 307 -13.67 -42.25 27.87
N GLY R 308 -13.78 -40.96 28.26
CA GLY R 308 -12.63 -40.14 28.61
C GLY R 308 -11.84 -39.62 27.44
N ILE R 309 -12.52 -39.69 26.28
CA ILE R 309 -11.96 -39.25 25.01
C ILE R 309 -11.98 -37.75 24.92
N ALA R 310 -13.07 -37.24 25.48
CA ALA R 310 -13.37 -35.83 25.51
C ALA R 310 -12.42 -35.16 26.49
N ASP R 311 -12.21 -35.68 27.73
CA ASP R 311 -11.28 -35.10 28.72
C ASP R 311 -9.85 -35.05 28.21
N ARG R 312 -9.38 -36.15 27.60
CA ARG R 312 -8.05 -36.20 26.99
C ARG R 312 -8.02 -35.14 25.90
N MET R 313 -9.02 -35.01 25.02
CA MET R 313 -8.98 -34.02 23.94
C MET R 313 -9.03 -32.58 24.41
N GLN R 314 -9.73 -32.40 25.54
CA GLN R 314 -9.92 -31.16 26.24
C GLN R 314 -8.60 -30.58 26.64
N LYS R 315 -7.86 -31.46 27.31
CA LYS R 315 -6.53 -31.12 27.76
C LYS R 315 -5.48 -31.20 26.70
N GLU R 316 -5.77 -31.95 25.65
CA GLU R 316 -4.81 -32.05 24.59
C GLU R 316 -4.76 -30.74 23.80
N ILE R 317 -5.94 -30.15 23.50
CA ILE R 317 -5.86 -28.93 22.73
C ILE R 317 -5.75 -27.72 23.64
N THR R 318 -6.15 -27.67 24.92
CA THR R 318 -5.92 -26.49 25.77
C THR R 318 -4.44 -26.15 25.77
N ALA R 319 -3.69 -27.21 26.01
CA ALA R 319 -2.24 -27.12 26.04
C ALA R 319 -1.53 -26.97 24.69
N LEU R 320 -2.26 -26.73 23.58
CA LEU R 320 -1.63 -26.39 22.31
C LEU R 320 -2.13 -25.03 21.80
N ALA R 321 -3.32 -24.69 22.30
CA ALA R 321 -4.00 -23.45 21.96
C ALA R 321 -3.50 -22.26 22.78
N PRO R 322 -3.50 -21.01 22.25
CA PRO R 322 -3.05 -19.81 22.98
C PRO R 322 -3.90 -19.62 24.24
N SER R 323 -3.38 -19.41 25.47
CA SER R 323 -4.21 -19.33 26.69
C SER R 323 -5.40 -18.36 26.81
N THR R 324 -5.36 -17.40 25.89
CA THR R 324 -6.42 -16.41 25.71
C THR R 324 -7.69 -17.08 25.18
N MET R 325 -7.60 -18.36 24.81
CA MET R 325 -8.66 -19.08 24.14
C MET R 325 -9.49 -19.92 25.06
N LYS R 326 -10.73 -20.05 24.63
CA LYS R 326 -11.67 -20.93 25.27
C LYS R 326 -11.73 -22.21 24.41
N ILE R 327 -11.47 -23.33 25.06
CA ILE R 327 -11.52 -24.65 24.45
C ILE R 327 -12.90 -25.21 24.82
N LYS R 328 -13.57 -26.00 23.96
CA LYS R 328 -14.79 -26.69 24.39
C LYS R 328 -15.10 -27.87 23.47
N ILE R 329 -14.94 -29.06 24.09
CA ILE R 329 -15.10 -30.35 23.42
C ILE R 329 -16.47 -30.96 23.72
N ILE R 330 -17.40 -30.81 22.77
CA ILE R 330 -18.73 -31.37 22.90
C ILE R 330 -18.67 -32.79 22.32
N ALA R 331 -19.13 -33.73 23.15
CA ALA R 331 -19.23 -35.14 22.83
C ALA R 331 -20.60 -35.63 23.32
N PRO R 332 -21.67 -35.62 22.56
CA PRO R 332 -22.98 -36.09 23.02
C PRO R 332 -23.03 -37.61 23.14
N PRO R 333 -24.01 -38.16 23.89
CA PRO R 333 -24.17 -39.58 24.12
C PRO R 333 -24.62 -40.33 22.89
N GLU R 334 -25.50 -39.75 22.08
CA GLU R 334 -25.95 -40.47 20.93
C GLU R 334 -24.91 -40.37 19.85
N ARG R 335 -23.71 -39.80 20.01
CA ARG R 335 -22.74 -39.63 18.93
C ARG R 335 -22.45 -40.71 17.89
N LYS R 336 -22.63 -42.00 18.18
CA LYS R 336 -22.50 -43.02 17.15
C LYS R 336 -23.59 -42.83 16.08
N TYR R 337 -24.70 -42.08 16.28
CA TYR R 337 -25.65 -41.72 15.24
C TYR R 337 -25.81 -40.19 15.01
N SER R 338 -24.87 -39.29 15.38
CA SER R 338 -25.03 -37.85 15.19
C SER R 338 -25.40 -37.44 13.80
N VAL R 339 -24.57 -37.96 12.89
CA VAL R 339 -24.73 -37.81 11.46
C VAL R 339 -26.16 -38.11 11.07
N TRP R 340 -26.69 -39.27 11.50
CA TRP R 340 -28.00 -39.72 11.06
C TRP R 340 -29.09 -38.82 11.64
N ILE R 341 -28.91 -38.46 12.90
CA ILE R 341 -29.91 -37.73 13.63
C ILE R 341 -29.99 -36.35 13.03
N GLY R 342 -28.84 -35.77 12.64
CA GLY R 342 -28.77 -34.46 12.02
C GLY R 342 -29.53 -34.48 10.69
N GLY R 343 -29.54 -35.63 10.00
CA GLY R 343 -30.24 -35.79 8.77
C GLY R 343 -31.73 -35.91 9.03
N SER R 344 -32.12 -36.64 10.08
CA SER R 344 -33.50 -36.83 10.46
C SER R 344 -34.20 -35.53 10.79
N ILE R 345 -33.45 -34.68 11.51
CA ILE R 345 -33.93 -33.37 11.92
C ILE R 345 -34.14 -32.53 10.67
N LEU R 346 -33.05 -32.34 9.95
CA LEU R 346 -33.01 -31.52 8.76
C LEU R 346 -34.06 -31.94 7.75
N ALA R 347 -34.17 -33.24 7.49
CA ALA R 347 -35.08 -33.67 6.44
C ALA R 347 -36.51 -33.64 6.90
N SER R 348 -36.78 -33.69 8.20
CA SER R 348 -38.17 -33.60 8.63
C SER R 348 -38.59 -32.12 8.78
N LEU R 349 -37.59 -31.24 8.81
CA LEU R 349 -37.80 -29.80 8.87
C LEU R 349 -38.64 -29.21 7.77
N SER R 350 -39.36 -28.28 8.37
CA SER R 350 -40.31 -27.36 7.77
C SER R 350 -39.66 -26.56 6.64
N THR R 351 -38.39 -26.14 6.73
CA THR R 351 -37.77 -25.36 5.67
C THR R 351 -36.97 -26.07 4.60
N PHE R 352 -36.84 -27.39 4.75
CA PHE R 352 -35.97 -28.14 3.88
C PHE R 352 -36.58 -28.55 2.56
N GLN R 353 -37.90 -28.43 2.57
CA GLN R 353 -38.68 -28.86 1.43
C GLN R 353 -38.20 -28.21 0.16
N GLN R 354 -37.90 -26.91 0.23
CA GLN R 354 -37.40 -26.21 -0.93
C GLN R 354 -35.94 -26.53 -1.33
N MET R 355 -35.18 -27.40 -0.63
CA MET R 355 -33.88 -27.87 -1.16
C MET R 355 -33.88 -29.29 -1.71
N TRP R 356 -34.95 -30.09 -1.54
CA TRP R 356 -35.04 -31.41 -2.15
C TRP R 356 -34.80 -31.44 -3.66
N ILE R 357 -33.84 -32.17 -4.27
CA ILE R 357 -33.75 -32.23 -5.74
C ILE R 357 -34.86 -33.15 -6.28
N THR R 358 -35.81 -32.61 -7.05
CA THR R 358 -36.91 -33.43 -7.54
C THR R 358 -36.58 -33.99 -8.91
N LYS R 359 -37.22 -35.10 -9.30
CA LYS R 359 -37.12 -35.63 -10.67
C LYS R 359 -37.36 -34.58 -11.73
N GLN R 360 -38.15 -33.52 -11.43
CA GLN R 360 -38.41 -32.41 -12.32
C GLN R 360 -37.02 -31.77 -12.47
N GLU R 361 -36.39 -31.25 -11.40
CA GLU R 361 -35.04 -30.71 -11.52
C GLU R 361 -34.07 -31.61 -12.29
N TYR R 362 -34.05 -32.90 -11.95
CA TYR R 362 -33.15 -33.82 -12.59
C TYR R 362 -33.43 -34.03 -14.06
N ASP R 363 -34.62 -34.52 -14.45
CA ASP R 363 -34.93 -34.81 -15.86
C ASP R 363 -34.67 -33.59 -16.73
N GLU R 364 -34.72 -32.42 -16.10
CA GLU R 364 -34.44 -31.18 -16.79
C GLU R 364 -33.01 -30.65 -16.71
N ALA R 365 -32.22 -30.86 -15.63
CA ALA R 365 -30.87 -30.28 -15.50
C ALA R 365 -29.63 -31.20 -15.56
N GLY R 366 -29.89 -32.52 -15.54
CA GLY R 366 -28.85 -33.56 -15.52
C GLY R 366 -28.26 -33.66 -14.10
N PRO R 367 -27.38 -34.62 -13.78
CA PRO R 367 -26.89 -34.87 -12.40
C PRO R 367 -26.21 -33.68 -11.72
N SER R 368 -25.80 -32.76 -12.62
CA SER R 368 -25.23 -31.48 -12.29
C SER R 368 -26.08 -30.74 -11.28
N ILE R 369 -27.42 -30.77 -11.45
CA ILE R 369 -28.39 -30.10 -10.59
C ILE R 369 -28.16 -30.24 -9.08
N VAL R 370 -27.99 -31.47 -8.58
CA VAL R 370 -27.82 -31.73 -7.15
C VAL R 370 -26.37 -31.55 -6.74
N HIS R 371 -25.47 -31.65 -7.73
CA HIS R 371 -24.07 -31.56 -7.42
C HIS R 371 -23.69 -30.25 -6.72
N ARG R 372 -24.43 -29.15 -6.99
CA ARG R 372 -24.22 -27.81 -6.44
C ARG R 372 -22.85 -27.32 -6.99
N ASP S 1 44.81 -14.28 -7.47
CA ASP S 1 44.36 -15.68 -7.28
C ASP S 1 44.01 -15.99 -5.82
N GLU S 2 44.87 -15.41 -4.98
CA GLU S 2 44.79 -15.40 -3.52
C GLU S 2 43.36 -15.57 -3.01
N ASP S 3 42.53 -14.73 -3.61
CA ASP S 3 41.13 -14.87 -3.42
C ASP S 3 40.35 -14.88 -4.75
N GLU S 4 40.96 -14.72 -5.96
CA GLU S 4 40.25 -14.80 -7.25
C GLU S 4 39.59 -16.18 -7.39
N THR S 5 40.38 -17.20 -6.98
CA THR S 5 39.95 -18.61 -6.95
C THR S 5 39.05 -18.98 -5.76
N THR S 6 39.55 -18.35 -4.70
CA THR S 6 39.24 -18.48 -3.31
C THR S 6 37.90 -17.92 -2.81
N ALA S 7 37.17 -17.06 -3.54
CA ALA S 7 35.89 -16.55 -3.03
C ALA S 7 34.81 -17.62 -3.14
N LEU S 8 34.06 -17.80 -2.07
CA LEU S 8 32.99 -18.80 -2.03
C LEU S 8 31.64 -18.12 -2.22
N VAL S 9 30.61 -18.77 -2.75
CA VAL S 9 29.33 -18.10 -2.85
C VAL S 9 28.33 -19.10 -2.36
N CYS S 10 27.66 -18.71 -1.28
CA CYS S 10 26.71 -19.58 -0.67
C CYS S 10 25.36 -18.93 -0.65
N ASP S 11 24.42 -19.49 -1.41
CA ASP S 11 23.06 -19.02 -1.39
C ASP S 11 22.11 -19.93 -0.58
N ASN S 12 21.69 -19.42 0.58
CA ASN S 12 20.90 -20.14 1.54
C ASN S 12 19.43 -19.99 1.22
N GLY S 13 18.75 -21.11 0.96
CA GLY S 13 17.33 -21.07 0.64
C GLY S 13 16.51 -21.81 1.66
N SER S 14 15.22 -21.65 1.40
CA SER S 14 14.23 -22.33 2.18
C SER S 14 14.20 -23.80 1.86
N GLY S 15 14.49 -24.25 0.65
CA GLY S 15 14.43 -25.64 0.27
C GLY S 15 15.82 -26.14 -0.03
N LEU S 16 16.61 -25.42 -0.83
CA LEU S 16 17.95 -25.77 -1.26
C LEU S 16 19.09 -24.82 -0.90
N VAL S 17 20.31 -25.29 -0.70
CA VAL S 17 21.48 -24.46 -0.56
C VAL S 17 22.12 -24.50 -1.94
N LYS S 18 22.65 -23.43 -2.50
CA LYS S 18 23.41 -23.48 -3.74
C LYS S 18 24.79 -22.96 -3.36
N ALA S 19 25.88 -23.62 -3.68
CA ALA S 19 27.20 -23.22 -3.21
C ALA S 19 28.27 -23.55 -4.23
N GLY S 20 29.47 -23.03 -4.06
CA GLY S 20 30.47 -23.18 -5.11
C GLY S 20 31.46 -22.05 -5.03
N PHE S 21 32.29 -21.95 -6.07
CA PHE S 21 33.36 -20.96 -6.08
C PHE S 21 33.02 -19.85 -7.04
N ALA S 22 33.28 -18.60 -6.63
CA ALA S 22 33.10 -17.43 -7.47
C ALA S 22 34.03 -17.70 -8.62
N GLY S 23 33.48 -17.52 -9.81
CA GLY S 23 34.22 -17.90 -10.97
C GLY S 23 33.42 -18.95 -11.70
N ASP S 24 32.97 -20.02 -11.06
CA ASP S 24 32.20 -21.05 -11.74
C ASP S 24 30.92 -20.52 -12.35
N ASP S 25 30.35 -21.29 -13.28
CA ASP S 25 29.15 -20.87 -14.03
C ASP S 25 27.81 -21.25 -13.38
N ALA S 26 27.94 -22.24 -12.48
CA ALA S 26 26.84 -22.85 -11.77
C ALA S 26 27.32 -23.40 -10.43
N PRO S 27 26.41 -23.57 -9.44
CA PRO S 27 26.79 -24.10 -8.13
C PRO S 27 27.42 -25.49 -8.13
N ARG S 28 28.52 -25.57 -7.41
CA ARG S 28 29.22 -26.84 -7.23
C ARG S 28 28.40 -27.72 -6.31
N ALA S 29 27.59 -27.12 -5.44
CA ALA S 29 26.85 -27.89 -4.46
C ALA S 29 25.43 -27.39 -4.31
N VAL S 30 24.49 -28.33 -4.42
CA VAL S 30 23.08 -28.04 -4.32
C VAL S 30 22.50 -29.18 -3.48
N PHE S 31 21.79 -28.87 -2.40
CA PHE S 31 21.30 -29.91 -1.52
C PHE S 31 20.24 -29.42 -0.58
N PRO S 32 19.32 -30.23 -0.04
CA PRO S 32 18.30 -29.74 0.86
C PRO S 32 18.85 -29.12 2.14
N SER S 33 18.02 -28.18 2.55
CA SER S 33 18.24 -27.31 3.65
C SER S 33 17.53 -27.95 4.82
N ILE S 34 17.94 -29.18 5.19
CA ILE S 34 17.42 -29.86 6.36
C ILE S 34 18.50 -30.30 7.32
N VAL S 35 18.16 -30.64 8.55
CA VAL S 35 19.06 -31.07 9.58
C VAL S 35 18.19 -32.08 10.27
N GLY S 36 18.61 -33.32 10.20
CA GLY S 36 17.90 -34.44 10.75
C GLY S 36 18.54 -34.82 12.04
N ARG S 37 17.67 -35.18 12.97
CA ARG S 37 18.06 -35.54 14.32
C ARG S 37 17.47 -36.94 14.59
N PRO S 38 18.22 -38.03 14.76
CA PRO S 38 17.68 -39.37 14.95
C PRO S 38 16.71 -39.56 16.10
N ARG S 39 15.52 -40.04 15.73
CA ARG S 39 14.52 -40.41 16.71
C ARG S 39 14.90 -41.57 17.61
N HIS S 40 15.92 -42.45 17.27
CA HIS S 40 16.27 -43.61 18.12
C HIS S 40 17.73 -43.90 18.26
N GLN S 41 18.18 -44.62 19.29
CA GLN S 41 19.59 -44.89 19.33
C GLN S 41 19.96 -46.15 18.56
N GLY S 42 21.04 -46.05 17.79
CA GLY S 42 21.50 -47.10 16.92
C GLY S 42 22.46 -46.59 15.88
N VAL S 43 22.96 -47.46 15.00
CA VAL S 43 23.93 -47.12 13.97
C VAL S 43 23.71 -47.75 12.57
N MET S 44 24.36 -47.17 11.55
CA MET S 44 24.38 -47.82 10.24
C MET S 44 25.59 -48.72 10.34
N VAL S 45 25.63 -49.79 9.55
CA VAL S 45 26.73 -50.70 9.50
C VAL S 45 28.03 -50.02 9.09
N GLY S 46 28.99 -49.98 10.02
CA GLY S 46 30.30 -49.51 9.72
C GLY S 46 30.49 -48.07 10.16
N MET S 47 29.40 -47.38 10.44
CA MET S 47 29.53 -46.05 10.96
C MET S 47 29.37 -46.03 12.46
N GLY S 48 29.74 -44.88 13.03
CA GLY S 48 29.50 -44.58 14.43
C GLY S 48 28.15 -43.87 14.57
N GLN S 49 27.81 -43.72 15.87
CA GLN S 49 26.66 -42.94 16.28
C GLN S 49 26.79 -41.50 15.78
N LYS S 50 25.74 -41.02 15.17
CA LYS S 50 25.75 -39.75 14.55
C LYS S 50 24.65 -39.03 15.28
N ASP S 51 25.05 -37.82 15.64
CA ASP S 51 24.13 -36.95 16.35
C ASP S 51 23.17 -36.21 15.43
N SER S 52 23.59 -36.08 14.17
CA SER S 52 22.88 -35.20 13.30
C SER S 52 23.11 -35.55 11.85
N TYR S 53 22.24 -35.15 10.98
CA TYR S 53 22.39 -35.47 9.59
C TYR S 53 22.03 -34.22 8.81
N VAL S 54 22.61 -33.92 7.64
CA VAL S 54 22.31 -32.67 6.92
C VAL S 54 22.21 -32.97 5.43
N GLY S 55 21.30 -32.26 4.76
CA GLY S 55 21.17 -32.33 3.32
C GLY S 55 20.53 -33.61 2.89
N ASP S 56 21.17 -34.26 1.92
CA ASP S 56 20.64 -35.49 1.38
C ASP S 56 20.73 -36.64 2.34
N GLU S 57 21.74 -36.82 3.20
CA GLU S 57 21.66 -37.91 4.14
C GLU S 57 20.50 -37.76 5.12
N ALA S 58 20.02 -36.55 5.38
CA ALA S 58 18.87 -36.36 6.21
C ALA S 58 17.61 -36.71 5.42
N GLN S 59 17.60 -36.44 4.12
CA GLN S 59 16.42 -36.75 3.36
C GLN S 59 16.35 -38.26 3.21
N SER S 60 17.42 -38.91 2.80
CA SER S 60 17.43 -40.33 2.58
C SER S 60 17.11 -41.22 3.78
N LYS S 61 17.51 -40.72 4.93
CA LYS S 61 17.29 -41.47 6.12
C LYS S 61 16.13 -40.84 6.84
N ARG S 62 15.13 -40.18 6.21
CA ARG S 62 14.12 -39.45 6.99
C ARG S 62 13.21 -40.20 7.95
N GLY S 63 13.01 -41.49 7.65
CA GLY S 63 12.20 -42.35 8.50
C GLY S 63 12.75 -42.50 9.91
N ILE S 64 14.05 -42.35 10.24
CA ILE S 64 14.45 -42.51 11.65
C ILE S 64 14.88 -41.22 12.33
N LEU S 65 14.70 -40.08 11.68
CA LEU S 65 15.15 -38.77 12.19
C LEU S 65 14.02 -37.75 12.24
N THR S 66 14.15 -36.66 13.01
CA THR S 66 13.14 -35.62 12.99
C THR S 66 13.86 -34.53 12.20
N LEU S 67 13.24 -34.27 11.05
CA LEU S 67 13.73 -33.32 10.08
C LEU S 67 13.38 -31.93 10.47
N LYS S 68 14.30 -30.97 10.28
CA LYS S 68 13.98 -29.57 10.58
C LYS S 68 14.57 -28.64 9.56
N TYR S 69 13.74 -27.68 9.19
CA TYR S 69 14.07 -26.65 8.21
C TYR S 69 14.56 -25.32 8.86
N PRO S 70 15.87 -24.95 8.93
CA PRO S 70 16.40 -23.73 9.54
C PRO S 70 15.93 -22.40 8.99
N ILE S 71 15.49 -22.40 7.74
CA ILE S 71 15.09 -21.18 7.09
C ILE S 71 13.59 -21.20 6.76
N GLU S 72 12.83 -20.46 7.55
CA GLU S 72 11.42 -20.42 7.27
C GLU S 72 11.08 -19.19 6.47
N HIS S 73 10.63 -19.41 5.23
CA HIS S 73 10.26 -18.32 4.35
C HIS S 73 11.41 -17.38 4.04
N GLY S 74 12.61 -17.96 3.83
CA GLY S 74 13.76 -17.16 3.46
C GLY S 74 14.51 -16.56 4.62
N ILE S 75 13.92 -16.49 5.82
CA ILE S 75 14.58 -15.91 7.01
C ILE S 75 15.20 -16.99 7.88
N ILE S 76 16.43 -16.89 8.45
CA ILE S 76 16.98 -17.97 9.31
C ILE S 76 16.26 -17.88 10.64
N THR S 77 15.56 -18.98 10.94
CA THR S 77 14.79 -19.13 12.15
C THR S 77 15.55 -19.91 13.22
N ASN S 78 16.40 -20.90 12.86
CA ASN S 78 17.16 -21.56 13.91
C ASN S 78 18.63 -21.50 13.61
N TRP S 79 19.36 -20.73 14.45
CA TRP S 79 20.78 -20.48 14.27
C TRP S 79 21.69 -21.63 14.64
N ASP S 80 21.24 -22.60 15.46
CA ASP S 80 22.03 -23.80 15.83
C ASP S 80 22.07 -24.74 14.63
N ASP S 81 20.88 -25.02 14.10
CA ASP S 81 20.76 -25.73 12.86
C ASP S 81 21.26 -25.07 11.61
N MET S 82 21.42 -23.76 11.51
CA MET S 82 21.96 -23.13 10.32
C MET S 82 23.46 -23.32 10.36
N GLU S 83 24.14 -23.07 11.49
CA GLU S 83 25.57 -23.24 11.61
C GLU S 83 25.95 -24.66 11.25
N LYS S 84 25.03 -25.61 11.54
CA LYS S 84 25.18 -26.98 11.05
C LYS S 84 25.15 -27.06 9.52
N ILE S 85 24.19 -26.45 8.80
CA ILE S 85 24.20 -26.48 7.34
C ILE S 85 25.43 -25.79 6.77
N TRP S 86 25.91 -24.68 7.33
CA TRP S 86 27.11 -24.04 6.84
C TRP S 86 28.31 -24.93 7.00
N HIS S 87 28.43 -25.55 8.19
CA HIS S 87 29.54 -26.44 8.45
C HIS S 87 29.63 -27.54 7.39
N HIS S 88 28.48 -28.17 7.14
CA HIS S 88 28.37 -29.17 6.11
C HIS S 88 28.78 -28.60 4.77
N THR S 89 28.41 -27.39 4.43
CA THR S 89 28.73 -26.83 3.13
C THR S 89 30.20 -26.66 2.93
N PHE S 90 30.86 -26.04 3.90
CA PHE S 90 32.28 -25.85 3.74
C PHE S 90 33.03 -27.17 3.80
N TYR S 91 32.86 -27.90 4.87
CA TYR S 91 33.71 -29.02 5.09
C TYR S 91 33.45 -30.26 4.36
N ASN S 92 32.21 -30.54 4.02
CA ASN S 92 31.92 -31.79 3.35
C ASN S 92 31.58 -31.56 1.89
N GLU S 93 30.69 -30.62 1.61
CA GLU S 93 30.31 -30.39 0.24
C GLU S 93 31.42 -29.75 -0.58
N LEU S 94 31.99 -28.62 -0.18
CA LEU S 94 33.01 -27.97 -0.98
C LEU S 94 34.41 -28.42 -0.54
N ARG S 95 34.49 -29.09 0.63
CA ARG S 95 35.69 -29.68 1.23
C ARG S 95 36.85 -28.69 1.42
N VAL S 96 36.49 -27.43 1.57
CA VAL S 96 37.48 -26.38 1.74
C VAL S 96 37.64 -26.11 3.23
N ALA S 97 38.74 -25.48 3.63
CA ALA S 97 38.83 -24.99 5.00
C ALA S 97 38.31 -23.56 4.86
N PRO S 98 37.33 -23.05 5.62
CA PRO S 98 36.82 -21.70 5.50
C PRO S 98 37.76 -20.58 5.89
N GLU S 99 38.71 -20.84 6.83
CA GLU S 99 39.61 -19.79 7.29
C GLU S 99 40.63 -19.25 6.34
N GLU S 100 40.62 -19.72 5.09
CA GLU S 100 41.39 -19.03 4.08
C GLU S 100 40.53 -18.69 2.86
N HIS S 101 39.19 -18.63 2.95
CA HIS S 101 38.38 -18.28 1.79
C HIS S 101 37.44 -17.14 2.00
N PRO S 102 37.36 -16.06 1.22
CA PRO S 102 36.39 -14.99 1.43
C PRO S 102 35.05 -15.65 1.10
N THR S 103 33.96 -15.33 1.80
CA THR S 103 32.66 -15.97 1.64
C THR S 103 31.55 -14.97 1.28
N LEU S 104 30.91 -15.00 0.09
CA LEU S 104 29.79 -14.11 -0.21
C LEU S 104 28.58 -14.92 0.08
N LEU S 105 27.77 -14.37 0.97
CA LEU S 105 26.52 -14.97 1.37
C LEU S 105 25.31 -14.22 0.84
N THR S 106 24.10 -14.81 0.89
CA THR S 106 22.98 -14.03 0.49
C THR S 106 21.95 -13.95 1.59
N GLU S 107 21.18 -12.88 1.62
CA GLU S 107 20.05 -12.80 2.54
C GLU S 107 18.77 -12.44 1.76
N ALA S 108 17.66 -12.49 2.45
CA ALA S 108 16.39 -12.17 1.87
C ALA S 108 16.05 -10.69 1.86
N PRO S 109 15.08 -10.31 1.03
CA PRO S 109 14.60 -8.97 0.91
C PRO S 109 14.46 -8.06 2.12
N LEU S 110 13.71 -8.32 3.18
CA LEU S 110 13.64 -7.34 4.25
C LEU S 110 14.18 -8.05 5.47
N ASN S 111 15.34 -8.70 5.32
CA ASN S 111 16.00 -9.48 6.34
C ASN S 111 16.31 -8.54 7.48
N PRO S 112 15.85 -8.88 8.68
CA PRO S 112 16.05 -8.09 9.87
C PRO S 112 17.51 -7.77 10.16
N LYS S 113 17.80 -6.49 10.39
CA LYS S 113 19.15 -5.96 10.63
C LYS S 113 20.05 -6.82 11.53
N ALA S 114 19.35 -7.34 12.54
CA ALA S 114 19.92 -8.16 13.57
C ALA S 114 20.43 -9.52 13.12
N ASN S 115 19.80 -10.10 12.08
CA ASN S 115 20.18 -11.35 11.46
C ASN S 115 21.45 -11.17 10.67
N ARG S 116 21.53 -10.07 9.87
CA ARG S 116 22.68 -9.81 9.00
C ARG S 116 23.86 -9.62 9.93
N GLU S 117 23.67 -8.95 11.06
CA GLU S 117 24.71 -8.91 12.11
C GLU S 117 24.97 -10.30 12.74
N LYS S 118 23.98 -11.17 12.93
CA LYS S 118 24.22 -12.46 13.55
C LYS S 118 24.98 -13.41 12.64
N MET S 119 24.64 -13.57 11.37
CA MET S 119 25.40 -14.43 10.51
C MET S 119 26.81 -13.92 10.24
N THR S 120 27.04 -12.65 10.53
CA THR S 120 28.36 -12.09 10.41
C THR S 120 29.14 -12.49 11.64
N GLN S 121 28.50 -12.38 12.80
CA GLN S 121 29.04 -12.85 14.07
C GLN S 121 29.43 -14.31 13.91
N ILE S 122 28.63 -15.20 13.32
CA ILE S 122 28.95 -16.61 13.18
C ILE S 122 29.96 -16.84 12.07
N MET S 123 29.94 -16.06 11.00
CA MET S 123 30.92 -16.29 9.95
C MET S 123 32.28 -15.97 10.48
N PHE S 124 32.49 -14.77 11.00
CA PHE S 124 33.79 -14.37 11.51
C PHE S 124 34.17 -15.01 12.83
N GLU S 125 33.26 -15.11 13.79
CA GLU S 125 33.65 -15.66 15.08
C GLU S 125 33.58 -17.17 15.21
N THR S 126 32.76 -17.99 14.51
CA THR S 126 32.90 -19.42 14.70
C THR S 126 33.54 -20.04 13.48
N PHE S 127 33.48 -19.49 12.24
CA PHE S 127 34.15 -20.12 11.10
C PHE S 127 35.51 -19.52 10.70
N ASN S 128 35.73 -18.29 11.21
CA ASN S 128 36.97 -17.56 11.08
C ASN S 128 37.30 -17.39 9.61
N VAL S 129 36.34 -16.91 8.81
CA VAL S 129 36.61 -16.70 7.38
C VAL S 129 37.45 -15.40 7.25
N PRO S 130 38.36 -15.18 6.26
CA PRO S 130 39.14 -13.94 6.15
C PRO S 130 38.29 -12.69 6.01
N ALA S 131 37.29 -12.81 5.13
CA ALA S 131 36.36 -11.74 4.81
C ALA S 131 35.06 -12.32 4.27
N MET S 132 33.99 -11.55 4.39
CA MET S 132 32.70 -11.96 3.91
C MET S 132 31.87 -10.78 3.44
N TYR S 133 30.61 -11.00 3.00
CA TYR S 133 29.80 -9.98 2.36
C TYR S 133 28.42 -10.58 2.26
N VAL S 134 27.35 -9.85 2.49
CA VAL S 134 26.01 -10.41 2.40
C VAL S 134 25.30 -9.67 1.24
N ALA S 135 24.98 -10.27 0.09
CA ALA S 135 24.19 -9.58 -0.95
C ALA S 135 22.68 -9.84 -0.87
N ILE S 136 21.77 -9.01 -1.31
CA ILE S 136 20.34 -9.31 -1.20
C ILE S 136 20.03 -10.13 -2.42
N GLN S 137 19.18 -11.14 -2.27
CA GLN S 137 18.98 -12.07 -3.35
C GLN S 137 18.45 -11.49 -4.64
N ALA S 138 17.28 -10.82 -4.70
CA ALA S 138 16.81 -10.19 -5.94
C ALA S 138 17.83 -9.28 -6.67
N VAL S 139 18.65 -8.66 -5.83
CA VAL S 139 19.67 -7.78 -6.35
C VAL S 139 20.71 -8.59 -7.12
N LEU S 140 21.11 -9.80 -6.69
CA LEU S 140 22.05 -10.62 -7.45
C LEU S 140 21.37 -11.21 -8.67
N SER S 141 20.10 -11.50 -8.58
CA SER S 141 19.44 -12.02 -9.75
C SER S 141 19.43 -11.01 -10.85
N LEU S 142 19.11 -9.73 -10.55
CA LEU S 142 19.03 -8.67 -11.56
C LEU S 142 20.31 -8.42 -12.33
N TYR S 143 21.32 -8.37 -11.46
CA TYR S 143 22.66 -8.09 -11.88
C TYR S 143 23.22 -9.19 -12.77
N ALA S 144 22.91 -10.43 -12.45
CA ALA S 144 23.27 -11.56 -13.28
C ALA S 144 22.56 -11.46 -14.64
N SER S 145 21.50 -10.66 -14.81
CA SER S 145 20.89 -10.50 -16.13
C SER S 145 21.40 -9.23 -16.79
N GLY S 146 22.59 -8.82 -16.35
CA GLY S 146 23.28 -7.64 -16.84
C GLY S 146 22.84 -6.37 -16.15
N ARG S 147 21.55 -6.09 -15.92
CA ARG S 147 21.15 -4.77 -15.46
C ARG S 147 21.17 -4.35 -13.99
N THR S 148 20.83 -3.07 -13.77
CA THR S 148 20.84 -2.46 -12.45
C THR S 148 19.56 -1.85 -11.95
N THR S 149 18.62 -1.67 -12.86
CA THR S 149 17.29 -1.22 -12.53
C THR S 149 16.43 -2.21 -13.28
N GLY S 150 15.42 -2.60 -12.51
CA GLY S 150 14.41 -3.54 -12.92
C GLY S 150 13.60 -3.98 -11.71
N ILE S 151 12.66 -4.88 -11.84
CA ILE S 151 11.94 -5.40 -10.69
C ILE S 151 12.06 -6.91 -10.83
N VAL S 152 12.51 -7.60 -9.79
CA VAL S 152 12.65 -9.05 -9.82
C VAL S 152 11.43 -9.74 -9.19
N LEU S 153 10.81 -10.70 -9.89
CA LEU S 153 9.81 -11.53 -9.25
C LEU S 153 10.66 -12.72 -8.87
N ASP S 154 10.86 -12.91 -7.58
CA ASP S 154 11.70 -14.01 -7.13
C ASP S 154 10.85 -15.00 -6.38
N SER S 155 10.94 -16.30 -6.76
CA SER S 155 10.08 -17.39 -6.27
C SER S 155 10.74 -18.75 -6.16
N GLY S 156 10.90 -19.21 -4.94
CA GLY S 156 11.61 -20.44 -4.77
C GLY S 156 10.82 -21.50 -4.09
N ASP S 157 11.34 -21.94 -2.96
CA ASP S 157 10.65 -22.98 -2.26
C ASP S 157 9.72 -22.55 -1.17
N GLY S 158 10.01 -21.61 -0.28
CA GLY S 158 9.06 -21.18 0.72
C GLY S 158 8.53 -19.75 0.47
N VAL S 159 9.19 -18.79 -0.24
CA VAL S 159 8.70 -17.42 -0.47
C VAL S 159 8.72 -16.98 -1.91
N THR S 160 7.80 -16.02 -2.21
CA THR S 160 7.79 -15.23 -3.44
C THR S 160 7.95 -13.75 -3.07
N HIS S 161 8.62 -12.99 -3.92
CA HIS S 161 8.94 -11.62 -3.61
C HIS S 161 8.90 -10.87 -4.89
N ASN S 162 8.75 -9.57 -4.73
CA ASN S 162 8.89 -8.60 -5.82
C ASN S 162 9.88 -7.56 -5.32
N VAL S 163 11.05 -7.39 -5.90
CA VAL S 163 11.95 -6.42 -5.30
C VAL S 163 12.33 -5.47 -6.38
N PRO S 164 11.75 -4.25 -6.36
CA PRO S 164 12.03 -3.20 -7.32
C PRO S 164 13.42 -2.68 -6.96
N ILE S 165 14.37 -2.64 -7.93
CA ILE S 165 15.73 -2.15 -7.67
C ILE S 165 16.07 -1.00 -8.59
N TYR S 166 16.61 0.11 -8.07
CA TYR S 166 16.96 1.26 -8.89
C TYR S 166 18.44 1.61 -8.73
N GLU S 167 19.19 1.51 -9.80
CA GLU S 167 20.63 1.72 -9.80
C GLU S 167 21.37 1.07 -8.65
N GLY S 168 20.79 -0.10 -8.34
CA GLY S 168 21.34 -1.06 -7.42
C GLY S 168 20.71 -1.11 -6.07
N TYR S 169 20.00 -0.05 -5.67
CA TYR S 169 19.42 -0.01 -4.34
C TYR S 169 18.00 -0.56 -4.39
N ALA S 170 17.80 -1.72 -3.73
CA ALA S 170 16.50 -2.35 -3.61
C ALA S 170 15.61 -1.42 -2.83
N LEU S 171 14.37 -1.24 -3.28
CA LEU S 171 13.49 -0.21 -2.71
C LEU S 171 12.59 -0.76 -1.60
N PRO S 172 13.04 -0.67 -0.35
CA PRO S 172 12.34 -1.22 0.82
C PRO S 172 10.82 -1.13 0.91
N HIS S 173 10.30 0.05 0.66
CA HIS S 173 8.87 0.28 0.74
C HIS S 173 8.12 -0.22 -0.48
N ALA S 174 8.69 -0.89 -1.45
CA ALA S 174 7.88 -1.27 -2.59
C ALA S 174 7.89 -2.77 -2.78
N ILE S 175 8.77 -3.44 -1.99
CA ILE S 175 8.96 -4.92 -1.91
C ILE S 175 7.70 -5.62 -1.39
N MET S 176 7.27 -6.72 -2.03
CA MET S 176 6.07 -7.47 -1.63
C MET S 176 6.52 -8.91 -1.49
N ARG S 177 5.95 -9.53 -0.49
CA ARG S 177 6.22 -10.91 -0.18
C ARG S 177 4.91 -11.69 -0.17
N LEU S 178 4.92 -12.81 -0.87
CA LEU S 178 3.76 -13.65 -0.97
C LEU S 178 4.26 -15.01 -0.51
N ASP S 179 3.83 -15.49 0.66
CA ASP S 179 4.21 -16.80 1.17
C ASP S 179 3.48 -17.99 0.49
N LEU S 180 3.66 -18.19 -0.83
CA LEU S 180 3.14 -19.36 -1.53
C LEU S 180 4.18 -19.59 -2.60
N ALA S 181 4.81 -20.76 -2.60
CA ALA S 181 5.86 -21.04 -3.53
C ALA S 181 5.86 -22.50 -3.97
N GLY S 182 6.99 -23.06 -4.45
CA GLY S 182 7.08 -24.41 -4.99
C GLY S 182 6.69 -25.55 -4.08
N ARG S 183 6.87 -25.35 -2.76
CA ARG S 183 6.56 -26.29 -1.68
C ARG S 183 5.05 -26.41 -1.63
N ASP S 184 4.34 -25.28 -1.51
CA ASP S 184 2.90 -25.17 -1.51
C ASP S 184 2.34 -25.80 -2.79
N LEU S 185 3.01 -25.50 -3.90
CA LEU S 185 2.65 -26.00 -5.23
C LEU S 185 2.74 -27.50 -5.50
N THR S 186 3.68 -28.16 -4.81
CA THR S 186 3.83 -29.62 -4.92
C THR S 186 2.69 -30.24 -4.11
N ASP S 187 2.26 -29.62 -3.00
CA ASP S 187 1.26 -30.23 -2.18
C ASP S 187 -0.10 -30.06 -2.76
N TYR S 188 -0.29 -29.03 -3.57
CA TYR S 188 -1.56 -28.83 -4.23
C TYR S 188 -1.64 -29.81 -5.38
N LEU S 189 -0.56 -30.06 -6.13
CA LEU S 189 -0.61 -31.00 -7.23
C LEU S 189 -1.00 -32.34 -6.71
N MET S 190 -0.37 -32.68 -5.57
CA MET S 190 -0.60 -33.90 -4.83
C MET S 190 -2.07 -34.21 -4.66
N LYS S 191 -2.80 -33.24 -4.11
CA LYS S 191 -4.22 -33.38 -3.94
C LYS S 191 -4.84 -33.39 -5.32
N ILE S 192 -4.68 -32.51 -6.32
CA ILE S 192 -5.40 -32.67 -7.58
C ILE S 192 -5.09 -33.93 -8.37
N LEU S 193 -4.04 -34.63 -7.96
CA LEU S 193 -3.63 -35.86 -8.59
C LEU S 193 -4.21 -37.05 -7.82
N THR S 194 -4.37 -36.98 -6.49
CA THR S 194 -5.07 -38.05 -5.77
C THR S 194 -6.56 -37.96 -6.10
N GLU S 195 -6.98 -36.71 -6.27
CA GLU S 195 -8.32 -36.30 -6.65
C GLU S 195 -8.61 -36.77 -8.10
N ARG S 196 -7.59 -36.95 -8.96
CA ARG S 196 -7.74 -37.56 -10.28
C ARG S 196 -8.00 -39.08 -10.14
N GLY S 197 -8.00 -39.58 -8.90
CA GLY S 197 -8.27 -40.97 -8.58
C GLY S 197 -6.95 -41.69 -8.40
N TYR S 198 -6.08 -41.26 -7.47
CA TYR S 198 -4.77 -41.88 -7.28
C TYR S 198 -4.37 -41.94 -5.82
N SER S 199 -3.22 -42.60 -5.62
CA SER S 199 -2.64 -42.76 -4.30
C SER S 199 -1.13 -42.73 -4.23
N PHE S 200 -0.73 -41.72 -3.49
CA PHE S 200 0.68 -41.50 -3.21
C PHE S 200 0.68 -41.83 -1.73
N VAL S 201 0.94 -43.12 -1.68
CA VAL S 201 0.84 -43.81 -0.42
C VAL S 201 2.18 -43.97 0.26
N THR S 202 3.16 -44.72 -0.30
CA THR S 202 4.47 -44.85 0.33
C THR S 202 5.31 -43.61 0.07
N THR S 203 6.47 -43.46 0.76
CA THR S 203 7.29 -42.27 0.61
C THR S 203 7.93 -42.19 -0.79
N ALA S 204 8.04 -43.31 -1.50
CA ALA S 204 8.50 -43.32 -2.88
C ALA S 204 7.43 -42.87 -3.89
N GLU S 205 6.22 -42.64 -3.39
CA GLU S 205 5.13 -42.13 -4.18
C GLU S 205 5.12 -40.64 -3.87
N ARG S 206 5.11 -40.23 -2.59
CA ARG S 206 5.17 -38.81 -2.19
C ARG S 206 6.22 -37.97 -2.95
N GLU S 207 7.50 -38.37 -2.90
CA GLU S 207 8.63 -37.60 -3.40
C GLU S 207 8.56 -37.28 -4.88
N ILE S 208 8.13 -38.27 -5.66
CA ILE S 208 8.05 -38.14 -7.09
C ILE S 208 6.90 -37.24 -7.62
N VAL S 209 5.91 -36.83 -6.79
CA VAL S 209 4.88 -35.90 -7.23
C VAL S 209 5.58 -34.58 -7.54
N ARG S 210 6.64 -34.31 -6.79
CA ARG S 210 7.46 -33.14 -6.98
C ARG S 210 8.22 -33.25 -8.31
N ASP S 211 8.64 -34.44 -8.75
CA ASP S 211 9.35 -34.62 -10.01
C ASP S 211 8.39 -34.60 -11.19
N ILE S 212 7.10 -34.86 -10.90
CA ILE S 212 6.03 -34.71 -11.89
C ILE S 212 5.84 -33.21 -12.11
N LYS S 213 5.59 -32.43 -11.04
CA LYS S 213 5.48 -30.97 -11.05
C LYS S 213 6.61 -30.35 -11.86
N GLU S 214 7.86 -30.67 -11.57
CA GLU S 214 8.98 -30.10 -12.31
C GLU S 214 8.95 -30.50 -13.79
N LYS S 215 8.89 -31.78 -14.16
CA LYS S 215 8.95 -32.23 -15.57
C LYS S 215 7.78 -31.92 -16.50
N LEU S 216 6.56 -32.20 -16.02
CA LEU S 216 5.35 -32.08 -16.81
C LEU S 216 4.55 -30.83 -16.59
N CYS S 217 4.67 -30.06 -15.50
CA CYS S 217 3.88 -28.84 -15.36
C CYS S 217 4.24 -27.61 -16.20
N TYR S 218 3.10 -26.98 -16.52
CA TYR S 218 2.97 -25.89 -17.50
C TYR S 218 2.25 -24.67 -16.96
N VAL S 219 2.52 -23.48 -17.50
CA VAL S 219 1.69 -22.32 -17.20
C VAL S 219 1.20 -21.94 -18.55
N ALA S 220 -0.06 -22.25 -18.69
CA ALA S 220 -0.74 -21.87 -19.89
C ALA S 220 -1.21 -20.43 -19.81
N LEU S 221 -1.10 -19.89 -21.01
CA LEU S 221 -1.64 -18.60 -21.37
C LEU S 221 -3.01 -18.99 -21.90
N ASP S 222 -3.97 -18.21 -21.41
CA ASP S 222 -5.40 -18.45 -21.61
C ASP S 222 -5.72 -19.83 -21.06
N PHE S 223 -5.65 -19.79 -19.73
CA PHE S 223 -5.88 -20.92 -18.84
C PHE S 223 -7.35 -21.29 -18.83
N GLU S 224 -8.13 -20.31 -19.33
CA GLU S 224 -9.58 -20.32 -19.56
C GLU S 224 -10.00 -21.38 -20.59
N ASN S 225 -9.56 -21.12 -21.83
CA ASN S 225 -9.81 -21.99 -22.94
C ASN S 225 -8.64 -22.95 -23.08
N GLU S 226 -8.22 -23.51 -21.94
CA GLU S 226 -7.23 -24.57 -21.87
C GLU S 226 -7.86 -25.75 -21.10
N MET S 227 -8.72 -25.35 -20.14
CA MET S 227 -9.64 -26.23 -19.46
C MET S 227 -10.66 -26.68 -20.52
N ALA S 228 -11.23 -25.71 -21.27
CA ALA S 228 -12.13 -25.98 -22.39
C ALA S 228 -11.52 -26.97 -23.38
N THR S 229 -10.24 -26.75 -23.71
CA THR S 229 -9.47 -27.66 -24.54
C THR S 229 -9.36 -29.06 -23.93
N ALA S 230 -9.16 -29.10 -22.60
CA ALA S 230 -8.99 -30.35 -21.85
C ALA S 230 -10.13 -31.31 -22.07
N ALA S 231 -11.34 -30.71 -22.06
CA ALA S 231 -12.64 -31.36 -22.25
C ALA S 231 -12.92 -32.01 -23.61
N SER S 232 -12.60 -31.31 -24.72
CA SER S 232 -12.66 -31.85 -26.07
C SER S 232 -11.72 -33.06 -26.20
N SER S 233 -10.73 -33.08 -25.28
CA SER S 233 -9.67 -34.07 -25.11
C SER S 233 -8.94 -34.42 -26.39
N SER S 234 -7.97 -33.50 -26.38
CA SER S 234 -6.92 -33.49 -27.37
C SER S 234 -5.82 -34.39 -26.82
N SER S 235 -4.74 -34.44 -27.62
CA SER S 235 -3.54 -35.13 -27.20
C SER S 235 -2.74 -34.12 -26.35
N LEU S 236 -3.43 -33.55 -25.30
CA LEU S 236 -2.85 -32.64 -24.33
C LEU S 236 -2.34 -33.46 -23.13
N GLU S 237 -2.97 -34.64 -22.84
CA GLU S 237 -2.61 -35.56 -21.76
C GLU S 237 -1.12 -35.98 -21.67
N LYS S 238 -0.66 -36.35 -20.47
CA LYS S 238 0.73 -36.78 -20.34
C LYS S 238 0.98 -37.79 -19.23
N SER S 239 1.32 -39.01 -19.66
CA SER S 239 1.63 -40.07 -18.72
C SER S 239 3.11 -40.25 -18.42
N TYR S 240 3.34 -40.30 -17.10
CA TYR S 240 4.64 -40.46 -16.47
C TYR S 240 4.73 -41.87 -15.92
N GLU S 241 5.86 -42.60 -16.10
CA GLU S 241 6.03 -43.94 -15.49
C GLU S 241 6.71 -43.81 -14.12
N LEU S 242 6.03 -44.33 -13.09
CA LEU S 242 6.45 -44.23 -11.69
C LEU S 242 7.77 -44.95 -11.32
N PRO S 243 8.30 -45.15 -10.05
CA PRO S 243 9.56 -45.86 -9.79
C PRO S 243 9.59 -47.27 -10.42
N ASP S 244 8.38 -47.85 -10.43
CA ASP S 244 8.00 -49.11 -11.09
C ASP S 244 7.20 -48.81 -12.40
N GLY S 245 6.43 -49.80 -12.92
CA GLY S 245 5.64 -49.68 -14.16
C GLY S 245 4.51 -48.68 -14.09
N GLN S 246 3.69 -48.78 -13.04
CA GLN S 246 2.54 -47.93 -12.72
C GLN S 246 2.46 -46.54 -13.39
N VAL S 247 2.13 -46.64 -14.67
CA VAL S 247 2.00 -45.47 -15.51
C VAL S 247 0.80 -44.62 -15.12
N ILE S 248 1.17 -43.48 -14.56
CA ILE S 248 0.18 -42.54 -14.12
C ILE S 248 -0.06 -41.52 -15.24
N THR S 249 -1.31 -41.11 -15.46
CA THR S 249 -1.61 -40.10 -16.48
C THR S 249 -2.11 -38.78 -15.84
N ILE S 250 -1.59 -37.71 -16.44
CA ILE S 250 -1.83 -36.35 -16.03
C ILE S 250 -2.05 -35.63 -17.33
N GLY S 251 -3.28 -35.24 -17.53
CA GLY S 251 -3.57 -34.51 -18.73
C GLY S 251 -3.55 -33.03 -18.47
N ASN S 252 -4.64 -32.78 -17.78
CA ASN S 252 -5.22 -31.49 -17.47
C ASN S 252 -4.51 -30.77 -16.28
N GLU S 253 -4.56 -31.30 -15.03
CA GLU S 253 -3.91 -30.78 -13.79
C GLU S 253 -2.49 -30.24 -13.85
N ARG S 254 -1.84 -30.80 -14.85
CA ARG S 254 -0.57 -30.36 -15.39
C ARG S 254 -0.37 -28.81 -15.35
N PHE S 255 -1.43 -28.03 -15.69
CA PHE S 255 -1.42 -26.57 -15.65
C PHE S 255 -2.32 -25.98 -14.56
N ARG S 256 -3.17 -26.79 -13.95
CA ARG S 256 -4.02 -26.33 -12.86
C ARG S 256 -3.15 -25.99 -11.64
N CYS S 257 -1.98 -26.62 -11.59
CA CYS S 257 -1.00 -26.40 -10.52
C CYS S 257 -0.34 -25.00 -10.65
N PRO S 258 0.33 -24.54 -11.72
CA PRO S 258 0.86 -23.19 -11.81
C PRO S 258 -0.25 -22.13 -11.93
N GLU S 259 -1.51 -22.40 -12.39
CA GLU S 259 -2.62 -21.43 -12.35
C GLU S 259 -2.76 -21.08 -10.85
N THR S 260 -2.22 -21.85 -9.86
CA THR S 260 -2.31 -21.47 -8.46
C THR S 260 -1.53 -20.19 -8.23
N LEU S 261 -0.35 -20.03 -8.86
CA LEU S 261 0.40 -18.78 -8.74
C LEU S 261 -0.33 -17.50 -9.18
N PHE S 262 -1.33 -17.54 -10.09
CA PHE S 262 -2.13 -16.38 -10.50
C PHE S 262 -3.43 -16.29 -9.72
N GLN S 263 -3.93 -17.44 -9.29
CA GLN S 263 -5.13 -17.58 -8.49
C GLN S 263 -4.76 -18.32 -7.19
N PRO S 264 -4.49 -17.61 -6.08
CA PRO S 264 -4.17 -18.17 -4.78
C PRO S 264 -5.43 -18.79 -4.18
N SER S 265 -6.60 -18.39 -4.72
CA SER S 265 -7.94 -18.89 -4.34
C SER S 265 -8.15 -20.42 -4.54
N PHE S 266 -7.30 -21.01 -5.41
CA PHE S 266 -7.21 -22.44 -5.65
C PHE S 266 -6.75 -23.18 -4.43
N ILE S 267 -6.11 -22.44 -3.52
CA ILE S 267 -5.59 -23.03 -2.33
C ILE S 267 -6.03 -22.31 -1.06
N GLY S 268 -7.21 -21.71 -1.07
CA GLY S 268 -7.67 -21.07 0.14
C GLY S 268 -6.80 -19.90 0.59
N MET S 269 -6.06 -19.35 -0.38
CA MET S 269 -5.35 -18.12 -0.11
C MET S 269 -6.18 -16.95 -0.61
N GLU S 270 -6.32 -15.95 0.28
CA GLU S 270 -7.01 -14.70 -0.01
C GLU S 270 -6.14 -13.55 -0.56
N SER S 271 -4.81 -13.74 -0.52
CA SER S 271 -3.82 -12.82 -1.07
C SER S 271 -3.99 -12.69 -2.57
N ALA S 272 -3.43 -11.59 -3.10
CA ALA S 272 -3.42 -11.34 -4.53
C ALA S 272 -2.40 -12.25 -5.24
N GLY S 273 -2.36 -12.32 -6.56
CA GLY S 273 -1.42 -13.23 -7.21
C GLY S 273 -0.26 -12.53 -7.89
N ILE S 274 0.80 -13.31 -8.16
CA ILE S 274 2.04 -12.91 -8.84
C ILE S 274 2.00 -11.67 -9.74
N HIS S 275 1.10 -11.63 -10.73
CA HIS S 275 1.01 -10.54 -11.70
C HIS S 275 0.45 -9.25 -11.16
N GLU S 276 -0.53 -9.36 -10.28
CA GLU S 276 -1.12 -8.21 -9.65
C GLU S 276 -0.12 -7.66 -8.71
N THR S 277 0.62 -8.53 -8.07
CA THR S 277 1.60 -8.13 -7.09
C THR S 277 2.76 -7.46 -7.79
N THR S 278 3.21 -7.92 -8.97
CA THR S 278 4.24 -7.26 -9.77
C THR S 278 3.88 -5.77 -9.99
N TYR S 279 2.60 -5.66 -10.35
CA TYR S 279 1.99 -4.41 -10.66
C TYR S 279 1.89 -3.60 -9.41
N ASN S 280 1.39 -4.11 -8.30
CA ASN S 280 1.18 -3.25 -7.16
C ASN S 280 2.47 -2.66 -6.61
N SER S 281 3.55 -3.45 -6.75
CA SER S 281 4.89 -3.07 -6.32
C SER S 281 5.23 -1.82 -7.08
N ILE S 282 4.90 -1.93 -8.38
CA ILE S 282 5.18 -0.90 -9.37
C ILE S 282 4.30 0.30 -9.09
N MET S 283 2.98 0.27 -8.82
CA MET S 283 2.33 1.54 -8.52
C MET S 283 2.58 2.06 -7.08
N LYS S 284 3.53 1.43 -6.34
CA LYS S 284 4.06 1.88 -5.03
C LYS S 284 5.40 2.60 -5.12
N CYS S 285 6.00 2.60 -6.32
CA CYS S 285 7.28 3.21 -6.60
C CYS S 285 7.16 4.61 -7.16
N ASP S 286 8.25 5.37 -7.25
CA ASP S 286 8.20 6.67 -7.87
C ASP S 286 7.79 6.46 -9.31
N ILE S 287 7.03 7.47 -9.73
CA ILE S 287 6.37 7.69 -11.06
C ILE S 287 7.29 7.72 -12.30
N ASP S 288 8.38 8.46 -12.10
CA ASP S 288 9.40 8.60 -13.10
C ASP S 288 10.12 7.27 -13.26
N ILE S 289 10.19 6.37 -12.24
CA ILE S 289 10.92 5.10 -12.44
C ILE S 289 10.03 4.00 -12.94
N ARG S 290 8.71 4.17 -12.96
CA ARG S 290 7.84 3.12 -13.41
C ARG S 290 8.07 2.78 -14.88
N LYS S 291 8.52 3.57 -15.87
CA LYS S 291 8.70 2.96 -17.19
C LYS S 291 9.84 1.93 -17.18
N ASP S 292 10.85 2.15 -16.30
CA ASP S 292 12.03 1.32 -16.20
C ASP S 292 11.70 -0.05 -15.67
N LEU S 293 11.07 -0.08 -14.50
CA LEU S 293 10.62 -1.30 -13.92
C LEU S 293 9.76 -2.12 -14.90
N TYR S 294 8.86 -1.47 -15.66
CA TYR S 294 8.02 -2.22 -16.57
C TYR S 294 8.74 -2.87 -17.70
N ALA S 295 9.81 -2.28 -18.18
CA ALA S 295 10.53 -2.92 -19.27
C ALA S 295 11.61 -3.87 -18.73
N ASN S 296 11.59 -4.17 -17.41
CA ASN S 296 12.63 -4.99 -16.83
C ASN S 296 12.14 -5.81 -15.67
N ASN S 297 11.24 -6.72 -15.99
CA ASN S 297 10.68 -7.66 -15.05
C ASN S 297 11.56 -8.88 -15.18
N VAL S 298 12.49 -9.05 -14.27
CA VAL S 298 13.42 -10.15 -14.36
C VAL S 298 12.82 -11.18 -13.43
N MET S 299 12.82 -12.40 -13.95
CA MET S 299 12.36 -13.53 -13.16
C MET S 299 13.50 -14.40 -12.64
N SER S 300 13.42 -14.80 -11.38
CA SER S 300 14.36 -15.78 -10.92
C SER S 300 13.69 -16.69 -9.91
N GLY S 301 14.27 -17.89 -9.74
CA GLY S 301 13.78 -18.85 -8.79
C GLY S 301 13.22 -20.15 -9.40
N GLY S 302 13.39 -21.26 -8.68
CA GLY S 302 12.95 -22.56 -9.14
C GLY S 302 11.49 -22.56 -9.57
N THR S 303 10.59 -21.93 -8.83
CA THR S 303 9.20 -21.98 -9.17
C THR S 303 8.85 -21.10 -10.37
N THR S 304 9.73 -20.24 -10.91
CA THR S 304 9.39 -19.43 -12.09
C THR S 304 9.82 -20.13 -13.37
N MET S 305 10.20 -21.41 -13.24
CA MET S 305 10.71 -22.19 -14.38
C MET S 305 9.61 -22.87 -15.17
N TYR S 306 8.37 -23.00 -14.64
CA TYR S 306 7.22 -23.59 -15.35
C TYR S 306 7.13 -23.01 -16.75
N PRO S 307 7.32 -23.69 -17.89
CA PRO S 307 7.20 -23.08 -19.22
C PRO S 307 5.92 -22.24 -19.39
N GLY S 308 6.04 -21.13 -20.15
CA GLY S 308 4.92 -20.26 -20.48
C GLY S 308 4.47 -19.33 -19.37
N ILE S 309 5.39 -19.20 -18.40
CA ILE S 309 5.20 -18.37 -17.23
C ILE S 309 5.37 -16.92 -17.58
N ALA S 310 6.35 -16.74 -18.48
CA ALA S 310 6.75 -15.45 -18.98
C ALA S 310 5.65 -14.93 -19.88
N ASP S 311 5.11 -15.71 -20.85
CA ASP S 311 4.03 -15.27 -21.76
C ASP S 311 2.77 -14.88 -21.01
N ARG S 312 2.36 -15.69 -20.01
CA ARG S 312 1.22 -15.39 -19.17
C ARG S 312 1.55 -14.09 -18.45
N MET S 313 2.74 -13.89 -17.85
CA MET S 313 3.04 -12.66 -17.12
C MET S 313 3.10 -11.41 -17.99
N GLN S 314 3.53 -11.65 -19.24
CA GLN S 314 3.66 -10.66 -20.30
C GLN S 314 2.33 -10.03 -20.57
N LYS S 315 1.37 -10.91 -20.79
CA LYS S 315 0.02 -10.51 -21.05
C LYS S 315 -0.76 -10.16 -19.81
N GLU S 316 -0.29 -10.64 -18.67
CA GLU S 316 -0.98 -10.32 -17.46
C GLU S 316 -0.72 -8.86 -17.08
N ILE S 317 0.54 -8.40 -17.21
CA ILE S 317 0.75 -7.02 -16.84
C ILE S 317 0.54 -6.08 -18.01
N THR S 318 0.62 -6.43 -19.30
CA THR S 318 0.32 -5.49 -20.38
C THR S 318 -1.09 -4.94 -20.18
N ALA S 319 -1.98 -5.90 -19.95
CA ALA S 319 -3.37 -5.60 -19.71
C ALA S 319 -3.72 -4.99 -18.34
N LEU S 320 -2.74 -4.59 -17.52
CA LEU S 320 -3.01 -3.84 -16.30
C LEU S 320 -2.29 -2.50 -16.31
N ALA S 321 -1.22 -2.48 -17.13
CA ALA S 321 -0.38 -1.31 -17.30
C ALA S 321 -0.95 -0.31 -18.32
N PRO S 322 -0.71 1.02 -18.18
CA PRO S 322 -1.21 2.04 -19.11
C PRO S 322 -0.68 1.77 -20.52
N SER S 323 -1.45 1.72 -21.63
CA SER S 323 -0.92 1.36 -22.96
C SER S 323 0.28 2.07 -23.59
N THR S 324 0.55 3.23 -23.00
CA THR S 324 1.70 4.07 -23.34
C THR S 324 3.01 3.38 -22.90
N MET S 325 2.89 2.27 -22.16
CA MET S 325 4.00 1.59 -21.56
C MET S 325 4.51 0.41 -22.34
N LYS S 326 5.81 0.22 -22.16
CA LYS S 326 6.48 -0.94 -22.68
C LYS S 326 6.63 -1.92 -21.52
N ILE S 327 6.13 -3.13 -21.76
CA ILE S 327 6.20 -4.24 -20.82
C ILE S 327 7.40 -5.08 -21.28
N LYS S 328 8.18 -5.71 -20.39
CA LYS S 328 9.20 -6.66 -20.83
C LYS S 328 9.61 -7.60 -19.69
N ILE S 329 9.20 -8.86 -19.90
CA ILE S 329 9.40 -9.96 -18.94
C ILE S 329 10.61 -10.81 -19.33
N ILE S 330 11.74 -10.57 -18.67
CA ILE S 330 12.95 -11.32 -18.90
C ILE S 330 12.90 -12.52 -17.93
N ALA S 331 13.06 -13.71 -18.53
CA ALA S 331 13.12 -14.99 -17.84
C ALA S 331 14.27 -15.79 -18.44
N PRO S 332 15.51 -15.74 -17.95
CA PRO S 332 16.61 -16.50 -18.51
C PRO S 332 16.50 -17.99 -18.19
N PRO S 333 17.22 -18.86 -18.94
CA PRO S 333 17.19 -20.30 -18.77
C PRO S 333 17.85 -20.77 -17.50
N GLU S 334 18.95 -20.13 -17.09
CA GLU S 334 19.59 -20.59 -15.90
C GLU S 334 18.85 -20.06 -14.69
N ARG S 335 17.70 -19.37 -14.78
CA ARG S 335 17.03 -18.78 -13.61
C ARG S 335 16.91 -19.49 -12.27
N LYS S 336 16.90 -20.83 -12.21
CA LYS S 336 16.93 -21.51 -10.93
C LYS S 336 18.25 -21.22 -10.20
N TYR S 337 19.33 -20.72 -10.83
CA TYR S 337 20.54 -20.26 -10.16
C TYR S 337 20.88 -18.77 -10.41
N SER S 338 19.97 -17.86 -10.82
CA SER S 338 20.29 -16.46 -11.09
C SER S 338 21.02 -15.76 -9.98
N VAL S 339 20.39 -15.90 -8.81
CA VAL S 339 20.89 -15.41 -7.55
C VAL S 339 22.33 -15.81 -7.39
N TRP S 340 22.65 -17.10 -7.56
CA TRP S 340 23.97 -17.61 -7.29
C TRP S 340 24.98 -17.08 -8.30
N ILE S 341 24.54 -17.03 -9.56
CA ILE S 341 25.40 -16.68 -10.66
C ILE S 341 25.73 -15.22 -10.50
N GLY S 342 24.76 -14.39 -10.08
CA GLY S 342 24.96 -12.96 -9.85
C GLY S 342 26.01 -12.75 -8.77
N GLY S 343 26.08 -13.67 -7.80
CA GLY S 343 27.04 -13.61 -6.73
C GLY S 343 28.40 -14.03 -7.23
N SER S 344 28.46 -15.04 -8.10
CA SER S 344 29.70 -15.53 -8.67
C SER S 344 30.41 -14.48 -9.49
N ILE S 345 29.60 -13.75 -10.25
CA ILE S 345 30.08 -12.68 -11.12
C ILE S 345 30.66 -11.59 -10.24
N LEU S 346 29.79 -11.05 -9.40
CA LEU S 346 30.10 -9.96 -8.52
C LEU S 346 31.33 -10.25 -7.67
N ALA S 347 31.37 -11.44 -7.06
CA ALA S 347 32.46 -11.71 -6.13
C ALA S 347 33.74 -12.02 -6.87
N SER S 348 33.68 -12.46 -8.13
CA SER S 348 34.94 -12.69 -8.84
C SER S 348 35.44 -11.38 -9.49
N LEU S 349 34.55 -10.40 -9.57
CA LEU S 349 34.86 -9.07 -10.09
C LEU S 349 35.99 -8.35 -9.39
N SER S 350 36.63 -7.72 -10.37
CA SER S 350 37.77 -6.83 -10.26
C SER S 350 37.47 -5.68 -9.30
N THR S 351 36.27 -5.11 -9.25
CA THR S 351 35.99 -3.99 -8.36
C THR S 351 35.40 -4.28 -6.99
N PHE S 352 35.12 -5.55 -6.73
CA PHE S 352 34.42 -5.92 -5.52
C PHE S 352 35.29 -6.05 -4.28
N GLN S 353 36.57 -6.13 -4.59
CA GLN S 353 37.56 -6.37 -3.57
C GLN S 353 37.46 -5.35 -2.47
N GLN S 354 37.27 -4.09 -2.85
CA GLN S 354 37.11 -3.03 -1.86
C GLN S 354 35.78 -3.01 -1.10
N MET S 355 34.79 -3.91 -1.35
CA MET S 355 33.63 -4.02 -0.46
C MET S 355 33.62 -5.24 0.48
N TRP S 356 34.55 -6.20 0.33
CA TRP S 356 34.67 -7.32 1.26
C TRP S 356 34.78 -6.91 2.72
N ILE S 357 33.94 -7.32 3.70
CA ILE S 357 34.20 -6.96 5.11
C ILE S 357 35.30 -7.86 5.66
N THR S 358 36.46 -7.30 6.04
CA THR S 358 37.57 -8.12 6.50
C THR S 358 37.53 -8.24 8.02
N LYS S 359 38.13 -9.31 8.57
CA LYS S 359 38.31 -9.44 10.02
C LYS S 359 38.90 -8.20 10.67
N GLN S 360 39.68 -7.39 9.91
CA GLN S 360 40.24 -6.12 10.38
C GLN S 360 38.99 -5.27 10.62
N GLU S 361 38.17 -4.96 9.59
CA GLU S 361 36.94 -4.22 9.82
C GLU S 361 36.10 -4.73 11.01
N TYR S 362 35.90 -6.04 11.06
CA TYR S 362 35.09 -6.61 12.11
C TYR S 362 35.69 -6.47 13.49
N ASP S 363 36.89 -7.02 13.75
CA ASP S 363 37.50 -6.98 15.08
C ASP S 363 37.56 -5.55 15.61
N GLU S 364 37.56 -4.59 14.67
CA GLU S 364 37.57 -3.19 15.01
C GLU S 364 36.22 -2.49 15.07
N ALA S 365 35.18 -2.87 14.29
CA ALA S 365 33.89 -2.14 14.27
C ALA S 365 32.61 -2.80 14.84
N GLY S 366 32.75 -4.11 15.15
CA GLY S 366 31.65 -4.95 15.63
C GLY S 366 30.73 -5.33 14.47
N PRO S 367 29.72 -6.18 14.62
CA PRO S 367 28.90 -6.71 13.50
C PRO S 367 28.19 -5.65 12.66
N SER S 368 28.09 -4.48 13.31
CA SER S 368 27.56 -3.26 12.76
C SER S 368 28.22 -2.94 11.42
N ILE S 369 29.55 -3.13 11.33
CA ILE S 369 30.33 -2.86 10.12
C ILE S 369 29.74 -3.35 8.80
N VAL S 370 29.36 -4.63 8.72
CA VAL S 370 28.84 -5.24 7.50
C VAL S 370 27.34 -4.94 7.35
N HIS S 371 26.70 -4.64 8.48
CA HIS S 371 25.28 -4.43 8.45
C HIS S 371 24.86 -3.30 7.50
N ARG S 372 25.75 -2.31 7.28
CA ARG S 372 25.53 -1.14 6.42
C ARG S 372 24.39 -0.32 7.09
N ASP T 1 -39.81 22.48 17.51
CA ASP T 1 -39.54 21.04 17.64
C ASP T 1 -39.59 20.31 16.29
N GLU T 2 -40.56 20.77 15.51
CA GLU T 2 -40.82 20.39 14.11
C GLU T 2 -39.58 19.87 13.41
N ASP T 3 -38.56 20.71 13.56
CA ASP T 3 -37.26 20.31 13.14
C ASP T 3 -36.20 20.54 14.22
N GLU T 4 -36.49 21.08 15.43
CA GLU T 4 -35.50 21.25 16.53
C GLU T 4 -34.95 19.87 16.91
N THR T 5 -35.89 18.91 16.98
CA THR T 5 -35.62 17.50 17.27
C THR T 5 -35.05 16.70 16.09
N THR T 6 -35.74 17.09 15.02
CA THR T 6 -35.77 16.56 13.68
C THR T 6 -34.56 16.75 12.79
N ALA T 7 -33.60 17.65 13.06
CA ALA T 7 -32.44 17.81 12.19
C ALA T 7 -31.46 16.66 12.39
N LEU T 8 -31.00 16.09 11.28
CA LEU T 8 -30.06 14.97 11.31
C LEU T 8 -28.66 15.47 11.02
N VAL T 9 -27.58 14.83 11.50
CA VAL T 9 -26.27 15.30 11.14
C VAL T 9 -25.51 14.07 10.77
N CYS T 10 -25.08 14.06 9.50
CA CYS T 10 -24.38 12.92 8.98
C CYS T 10 -23.02 13.33 8.51
N ASP T 11 -21.98 12.86 9.19
CA ASP T 11 -20.62 13.10 8.76
C ASP T 11 -19.98 11.87 8.08
N ASN T 12 -19.80 11.98 6.76
CA ASN T 12 -19.33 10.93 5.90
C ASN T 12 -17.83 10.95 5.87
N GLY T 13 -17.19 9.84 6.29
CA GLY T 13 -15.76 9.74 6.29
C GLY T 13 -15.26 8.65 5.37
N SER T 14 -13.94 8.66 5.32
CA SER T 14 -13.23 7.67 4.57
C SER T 14 -13.25 6.34 5.30
N GLY T 15 -13.29 6.29 6.63
CA GLY T 15 -13.27 5.04 7.36
C GLY T 15 -14.58 4.85 8.06
N LEU T 16 -15.09 5.87 8.76
CA LEU T 16 -16.32 5.85 9.55
C LEU T 16 -17.42 6.83 9.16
N VAL T 17 -18.70 6.51 9.37
CA VAL T 17 -19.77 7.46 9.23
C VAL T 17 -20.08 7.86 10.66
N LYS T 18 -20.36 9.11 11.00
CA LYS T 18 -20.81 9.51 12.31
C LYS T 18 -22.19 10.12 12.09
N ALA T 19 -23.22 9.74 12.81
CA ALA T 19 -24.58 10.18 12.51
C ALA T 19 -25.41 10.30 13.78
N GLY T 20 -26.56 10.93 13.72
CA GLY T 20 -27.29 11.21 14.95
C GLY T 20 -28.16 12.42 14.74
N PHE T 21 -28.71 12.92 15.86
CA PHE T 21 -29.65 14.02 15.81
C PHE T 21 -29.00 15.28 16.32
N ALA T 22 -29.24 16.40 15.63
CA ALA T 22 -28.76 17.71 16.03
C ALA T 22 -29.41 17.89 17.37
N GLY T 23 -28.59 18.29 18.32
CA GLY T 23 -29.06 18.35 19.68
C GLY T 23 -28.20 17.42 20.49
N ASP T 24 -28.01 16.15 20.12
CA ASP T 24 -27.20 15.23 20.89
C ASP T 24 -25.77 15.70 21.05
N ASP T 25 -25.06 15.13 22.03
CA ASP T 25 -23.69 15.54 22.36
C ASP T 25 -22.59 14.81 21.59
N ALA T 26 -23.02 13.65 21.06
CA ALA T 26 -22.16 12.72 20.34
C ALA T 26 -23.00 11.92 19.36
N PRO T 27 -22.37 11.35 18.28
CA PRO T 27 -23.09 10.57 17.28
C PRO T 27 -23.83 9.34 17.81
N ARG T 28 -25.07 9.24 17.39
CA ARG T 28 -25.89 8.09 17.73
C ARG T 28 -25.40 6.89 16.96
N ALA T 29 -24.77 7.11 15.81
CA ALA T 29 -24.35 6.01 14.97
C ALA T 29 -22.97 6.23 14.39
N VAL T 30 -22.13 5.21 14.57
CA VAL T 30 -20.75 5.25 14.10
C VAL T 30 -20.49 3.87 13.53
N PHE T 31 -20.04 3.77 12.29
CA PHE T 31 -19.86 2.48 11.66
C PHE T 31 -19.02 2.53 10.44
N PRO T 32 -18.32 1.48 9.98
CA PRO T 32 -17.52 1.55 8.77
C PRO T 32 -18.28 1.91 7.50
N SER T 33 -17.50 2.57 6.69
CA SER T 33 -17.90 3.14 5.45
C SER T 33 -17.55 2.12 4.39
N ILE T 34 -18.13 0.92 4.48
CA ILE T 34 -17.97 -0.12 3.49
C ILE T 34 -19.28 -0.61 2.93
N VAL T 35 -19.27 -1.31 1.81
CA VAL T 35 -20.42 -1.86 1.15
C VAL T 35 -19.83 -3.13 0.62
N GLY T 36 -20.34 -4.24 1.14
CA GLY T 36 -19.88 -5.55 0.79
C GLY T 36 -20.84 -6.15 -0.18
N ARG T 37 -20.25 -6.87 -1.12
CA ARG T 37 -20.98 -7.51 -2.20
C ARG T 37 -20.59 -9.00 -2.17
N PRO T 38 -21.46 -9.96 -1.86
CA PRO T 38 -21.10 -11.39 -1.77
C PRO T 38 -20.46 -12.01 -2.98
N ARG T 39 -19.26 -12.54 -2.75
CA ARG T 39 -18.55 -13.31 -3.76
C ARG T 39 -19.24 -14.59 -4.18
N HIS T 40 -20.22 -15.19 -3.41
CA HIS T 40 -20.87 -16.47 -3.80
C HIS T 40 -22.33 -16.57 -3.55
N GLN T 41 -23.08 -17.43 -4.22
CA GLN T 41 -24.48 -17.50 -3.88
C GLN T 41 -24.76 -18.44 -2.74
N GLY T 42 -25.63 -17.98 -1.82
CA GLY T 42 -25.96 -18.69 -0.61
C GLY T 42 -26.58 -17.78 0.41
N VAL T 43 -26.94 -18.31 1.58
CA VAL T 43 -27.60 -17.57 2.65
C VAL T 43 -27.12 -17.83 4.09
N MET T 44 -27.46 -16.92 5.01
CA MET T 44 -27.22 -17.20 6.43
C MET T 44 -28.50 -17.90 6.84
N VAL T 45 -28.44 -18.71 7.90
CA VAL T 45 -29.58 -19.40 8.43
C VAL T 45 -30.68 -18.45 8.89
N GLY T 46 -31.81 -18.51 8.19
CA GLY T 46 -32.97 -17.78 8.61
C GLY T 46 -33.14 -16.50 7.82
N MET T 47 -32.09 -16.07 7.14
CA MET T 47 -32.21 -14.91 6.29
C MET T 47 -32.41 -15.30 4.86
N GLY T 48 -32.80 -14.30 4.07
CA GLY T 48 -32.88 -14.43 2.62
C GLY T 48 -31.55 -13.99 2.00
N GLN T 49 -31.50 -14.23 0.68
CA GLN T 49 -30.43 -13.77 -0.17
C GLN T 49 -30.31 -12.25 -0.09
N LYS T 50 -29.11 -11.80 0.13
CA LYS T 50 -28.85 -10.42 0.35
C LYS T 50 -27.90 -10.09 -0.76
N ASP T 51 -28.26 -8.97 -1.36
CA ASP T 51 -27.46 -8.46 -2.47
C ASP T 51 -26.25 -7.66 -2.02
N SER T 52 -26.33 -7.15 -0.79
CA SER T 52 -25.38 -6.19 -0.37
C SER T 52 -25.28 -6.11 1.13
N TYR T 53 -24.20 -5.63 1.66
CA TYR T 53 -24.04 -5.55 3.08
C TYR T 53 -23.41 -4.21 3.38
N VAL T 54 -23.65 -3.53 4.50
CA VAL T 54 -23.08 -2.20 4.75
C VAL T 54 -22.66 -2.11 6.22
N GLY T 55 -21.56 -1.40 6.46
CA GLY T 55 -21.09 -1.12 7.80
C GLY T 55 -20.50 -2.33 8.44
N ASP T 56 -20.94 -2.60 9.67
CA ASP T 56 -20.41 -3.71 10.42
C ASP T 56 -20.83 -5.04 9.87
N GLU T 57 -22.01 -5.28 9.33
CA GLU T 57 -22.26 -6.57 8.74
C GLU T 57 -21.35 -6.86 7.54
N ALA T 58 -20.85 -5.84 6.85
CA ALA T 58 -19.91 -6.06 5.79
C ALA T 58 -18.54 -6.37 6.38
N GLN T 59 -18.20 -5.79 7.52
CA GLN T 59 -16.91 -6.05 8.07
C GLN T 59 -16.93 -7.48 8.62
N SER T 60 -17.93 -7.81 9.42
CA SER T 60 -18.02 -9.12 10.04
C SER T 60 -18.08 -10.32 9.10
N LYS T 61 -18.69 -10.09 7.97
CA LYS T 61 -18.83 -11.14 7.02
C LYS T 61 -17.82 -10.91 5.94
N ARG T 62 -16.65 -10.27 6.13
CA ARG T 62 -15.79 -9.93 4.98
C ARG T 62 -15.19 -11.02 4.12
N GLY T 63 -15.04 -12.21 4.72
CA GLY T 63 -14.54 -13.36 4.03
C GLY T 63 -15.42 -13.81 2.86
N ILE T 64 -16.74 -13.56 2.76
CA ILE T 64 -17.48 -14.00 1.58
C ILE T 64 -17.93 -12.88 0.66
N LEU T 65 -17.50 -11.65 0.90
CA LEU T 65 -17.95 -10.48 0.14
C LEU T 65 -16.78 -9.69 -0.45
N THR T 66 -16.99 -8.83 -1.45
CA THR T 66 -15.92 -7.98 -1.92
C THR T 66 -16.32 -6.62 -1.36
N LEU T 67 -15.42 -6.17 -0.48
CA LEU T 67 -15.58 -4.94 0.26
C LEU T 67 -15.21 -3.77 -0.59
N LYS T 68 -15.98 -2.67 -0.50
CA LYS T 68 -15.63 -1.46 -1.25
C LYS T 68 -15.87 -0.22 -0.43
N TYR T 69 -14.88 0.67 -0.54
CA TYR T 69 -14.88 1.96 0.15
C TYR T 69 -15.39 3.13 -0.74
N PRO T 70 -16.64 3.66 -0.64
CA PRO T 70 -17.20 4.76 -1.46
C PRO T 70 -16.50 6.09 -1.43
N ILE T 71 -15.77 6.34 -0.34
CA ILE T 71 -15.12 7.61 -0.17
C ILE T 71 -13.60 7.46 -0.16
N GLU T 72 -12.97 7.85 -1.27
CA GLU T 72 -11.54 7.73 -1.31
C GLU T 72 -10.92 9.08 -0.98
N HIS T 73 -10.21 9.11 0.16
CA HIS T 73 -9.54 10.34 0.59
C HIS T 73 -10.51 11.49 0.85
N GLY T 74 -11.65 11.17 1.44
CA GLY T 74 -12.61 12.20 1.80
C GLY T 74 -13.56 12.58 0.70
N ILE T 75 -13.27 12.24 -0.57
CA ILE T 75 -14.14 12.59 -1.71
C ILE T 75 -15.05 11.42 -2.09
N ILE T 76 -16.36 11.55 -2.41
CA ILE T 76 -17.19 10.39 -2.79
C ILE T 76 -16.79 10.02 -4.20
N THR T 77 -16.30 8.79 -4.31
CA THR T 77 -15.85 8.21 -5.56
C THR T 77 -16.90 7.30 -6.17
N ASN T 78 -17.72 6.59 -5.39
CA ASN T 78 -18.78 5.80 -6.02
C ASN T 78 -20.12 6.16 -5.46
N TRP T 79 -20.95 6.77 -6.32
CA TRP T 79 -22.26 7.27 -5.93
C TRP T 79 -23.33 6.22 -5.77
N ASP T 80 -23.18 5.02 -6.34
CA ASP T 80 -24.14 3.90 -6.18
C ASP T 80 -23.98 3.31 -4.80
N ASP T 81 -22.73 3.01 -4.46
CA ASP T 81 -22.38 2.63 -3.12
C ASP T 81 -22.50 3.67 -2.03
N MET T 82 -22.53 4.97 -2.28
CA MET T 82 -22.70 5.96 -1.24
C MET T 82 -24.18 5.99 -0.92
N GLU T 83 -25.07 6.03 -1.90
CA GLU T 83 -26.51 6.06 -1.68
C GLU T 83 -26.92 4.86 -0.85
N LYS T 84 -26.19 3.74 -1.04
CA LYS T 84 -26.34 2.57 -0.16
C LYS T 84 -25.95 2.90 1.28
N ILE T 85 -24.79 3.52 1.59
CA ILE T 85 -24.46 3.88 2.97
C ILE T 85 -25.46 4.87 3.55
N TRP T 86 -25.96 5.85 2.81
CA TRP T 86 -26.95 6.78 3.33
C TRP T 86 -28.22 6.07 3.68
N HIS T 87 -28.67 5.19 2.77
CA HIS T 87 -29.89 4.43 2.99
C HIS T 87 -29.83 3.68 4.33
N HIS T 88 -28.71 2.97 4.51
CA HIS T 88 -28.44 2.27 5.74
C HIS T 88 -28.48 3.21 6.92
N THR T 89 -27.93 4.41 6.81
CA THR T 89 -27.88 5.32 7.93
C THR T 89 -29.24 5.76 8.36
N PHE T 90 -30.06 6.20 7.43
CA PHE T 90 -31.38 6.64 7.80
C PHE T 90 -32.23 5.49 8.27
N TYR T 91 -32.37 4.47 7.44
CA TYR T 91 -33.35 3.48 7.73
C TYR T 91 -33.05 2.45 8.73
N ASN T 92 -31.78 2.08 8.87
CA ASN T 92 -31.45 1.03 9.80
C ASN T 92 -30.77 1.57 11.04
N GLU T 93 -29.76 2.41 10.85
CA GLU T 93 -29.03 2.94 11.97
C GLU T 93 -29.85 3.91 12.79
N LEU T 94 -30.42 4.99 12.20
CA LEU T 94 -31.16 5.95 12.98
C LEU T 94 -32.64 5.62 12.97
N ARG T 95 -33.06 4.70 12.09
CA ARG T 95 -34.41 4.17 11.95
C ARG T 95 -35.50 5.22 11.72
N VAL T 96 -35.07 6.34 11.15
CA VAL T 96 -35.98 7.44 10.87
C VAL T 96 -36.46 7.34 9.44
N ALA T 97 -37.56 8.01 9.10
CA ALA T 97 -37.93 8.12 7.70
C ALA T 97 -37.27 9.44 7.31
N PRO T 98 -36.46 9.58 6.26
CA PRO T 98 -35.81 10.83 5.88
C PRO T 98 -36.71 11.94 5.38
N GLU T 99 -37.87 11.59 4.76
CA GLU T 99 -38.76 12.61 4.21
C GLU T 99 -39.48 13.52 5.16
N GLU T 100 -39.21 13.39 6.46
CA GLU T 100 -39.66 14.44 7.36
C GLU T 100 -38.51 14.95 8.24
N HIS T 101 -37.22 14.77 7.86
CA HIS T 101 -36.13 15.29 8.68
C HIS T 101 -35.17 16.19 7.96
N PRO T 102 -34.81 17.40 8.37
CA PRO T 102 -33.84 18.22 7.67
C PRO T 102 -32.53 17.48 7.90
N THR T 103 -31.60 17.42 6.92
CA THR T 103 -30.36 16.66 7.00
C THR T 103 -29.11 17.54 6.82
N LEU T 104 -28.22 17.74 7.81
CA LEU T 104 -26.98 18.48 7.62
C LEU T 104 -25.95 17.46 7.33
N LEU T 105 -25.33 17.63 6.17
CA LEU T 105 -24.26 16.76 5.72
C LEU T 105 -22.90 17.43 5.74
N THR T 106 -21.80 16.67 5.63
CA THR T 106 -20.54 17.35 5.55
C THR T 106 -19.81 16.98 4.29
N GLU T 107 -18.98 17.89 3.80
CA GLU T 107 -18.10 17.55 2.68
C GLU T 107 -16.65 17.90 3.05
N ALA T 108 -15.74 17.51 2.19
CA ALA T 108 -14.33 17.76 2.38
C ALA T 108 -13.88 19.12 1.90
N PRO T 109 -12.71 19.55 2.37
CA PRO T 109 -12.10 20.80 2.01
C PRO T 109 -12.17 21.33 0.58
N LEU T 110 -11.72 20.68 -0.49
CA LEU T 110 -11.81 21.33 -1.79
C LEU T 110 -12.69 20.42 -2.62
N ASN T 111 -13.83 20.01 -2.05
CA ASN T 111 -14.80 19.11 -2.66
C ASN T 111 -15.27 19.76 -3.93
N PRO T 112 -15.13 19.05 -5.04
CA PRO T 112 -15.54 19.52 -6.35
C PRO T 112 -16.99 19.98 -6.41
N LYS T 113 -17.21 21.18 -6.93
CA LYS T 113 -18.53 21.82 -7.05
C LYS T 113 -19.69 20.91 -7.46
N ALA T 114 -19.30 20.04 -8.38
CA ALA T 114 -20.17 19.07 -9.00
C ALA T 114 -20.67 17.97 -8.08
N ASN T 115 -19.87 17.60 -7.07
CA ASN T 115 -20.21 16.62 -6.07
C ASN T 115 -21.23 17.19 -5.10
N ARG T 116 -21.02 18.46 -4.66
CA ARG T 116 -21.91 19.12 -3.68
C ARG T 116 -23.25 19.23 -4.37
N GLU T 117 -23.27 19.55 -5.67
CA GLU T 117 -24.51 19.47 -6.44
C GLU T 117 -25.04 18.02 -6.58
N LYS T 118 -24.21 16.98 -6.71
CA LYS T 118 -24.71 15.63 -6.88
C LYS T 118 -25.31 15.08 -5.61
N MET T 119 -24.70 15.21 -4.42
CA MET T 119 -25.31 14.72 -3.21
C MET T 119 -26.56 15.49 -2.83
N THR T 120 -26.75 16.66 -3.43
CA THR T 120 -27.94 17.44 -3.20
C THR T 120 -29.02 16.84 -4.08
N GLN T 121 -28.67 16.55 -5.32
CA GLN T 121 -29.53 15.86 -6.27
C GLN T 121 -30.01 14.56 -5.63
N ILE T 122 -29.16 13.75 -4.98
CA ILE T 122 -29.56 12.49 -4.37
C ILE T 122 -30.31 12.71 -3.07
N MET T 123 -29.96 13.73 -2.28
CA MET T 123 -30.67 13.94 -1.03
C MET T 123 -32.10 14.31 -1.36
N PHE T 124 -32.31 15.34 -2.14
CA PHE T 124 -33.65 15.79 -2.48
C PHE T 124 -34.40 14.90 -3.43
N GLU T 125 -33.74 14.42 -4.51
CA GLU T 125 -34.48 13.62 -5.48
C GLU T 125 -34.57 12.13 -5.17
N THR T 126 -33.69 11.41 -4.44
CA THR T 126 -33.99 10.01 -4.19
C THR T 126 -34.38 9.83 -2.73
N PHE T 127 -33.99 10.67 -1.75
CA PHE T 127 -34.42 10.47 -0.36
C PHE T 127 -35.58 11.35 0.12
N ASN T 128 -35.81 12.42 -0.67
CA ASN T 128 -36.91 13.34 -0.51
C ASN T 128 -36.87 13.95 0.89
N VAL T 129 -35.70 14.46 1.31
CA VAL T 129 -35.61 15.07 2.64
C VAL T 129 -36.28 16.47 2.56
N PRO T 130 -36.90 17.08 3.60
CA PRO T 130 -37.52 18.40 3.51
C PRO T 130 -36.55 19.51 3.11
N ALA T 131 -35.39 19.47 3.76
CA ALA T 131 -34.32 20.45 3.56
C ALA T 131 -32.99 19.83 3.97
N MET T 132 -31.91 20.38 3.42
CA MET T 132 -30.58 19.91 3.72
C MET T 132 -29.56 21.02 3.66
N TYR T 133 -28.27 20.74 3.87
CA TYR T 133 -27.23 21.76 4.02
C TYR T 133 -25.93 21.00 4.01
N VAL T 134 -24.88 21.47 3.36
CA VAL T 134 -23.61 20.76 3.34
C VAL T 134 -22.59 21.66 4.07
N ALA T 135 -22.06 21.34 5.25
CA ALA T 135 -20.99 22.14 5.87
C ALA T 135 -19.57 21.65 5.56
N ILE T 136 -18.50 22.43 5.55
CA ILE T 136 -17.18 21.90 5.24
C ILE T 136 -16.67 21.37 6.55
N GLN T 137 -15.96 20.25 6.53
CA GLN T 137 -15.60 19.61 7.78
C GLN T 137 -14.73 20.42 8.70
N ALA T 138 -13.53 20.89 8.33
CA ALA T 138 -12.73 21.76 9.22
C ALA T 138 -13.46 22.96 9.84
N VAL T 139 -14.39 23.47 9.06
CA VAL T 139 -15.17 24.58 9.49
C VAL T 139 -16.07 24.16 10.65
N LEU T 140 -16.67 22.97 10.67
CA LEU T 140 -17.47 22.53 11.82
C LEU T 140 -16.59 22.18 12.99
N SER T 141 -15.39 21.70 12.73
CA SER T 141 -14.52 21.39 13.83
C SER T 141 -14.16 22.65 14.57
N LEU T 142 -13.81 23.73 13.86
CA LEU T 142 -13.41 24.99 14.48
C LEU T 142 -14.44 25.64 15.39
N TYR T 143 -15.61 25.61 14.76
CA TYR T 143 -16.78 26.19 15.35
C TYR T 143 -17.22 25.45 16.62
N ALA T 144 -17.09 24.14 16.62
CA ALA T 144 -17.36 23.34 17.79
C ALA T 144 -16.34 23.67 18.89
N SER T 145 -15.20 24.33 18.60
CA SER T 145 -14.28 24.73 19.67
C SER T 145 -14.51 26.18 20.03
N GLY T 146 -15.73 26.65 19.74
CA GLY T 146 -16.16 27.99 20.00
C GLY T 146 -15.79 28.97 18.90
N ARG T 147 -14.58 28.98 18.33
CA ARG T 147 -14.17 30.05 17.44
C ARG T 147 -14.51 30.08 15.95
N THR T 148 -14.12 31.19 15.31
CA THR T 148 -14.40 31.42 13.90
C THR T 148 -13.21 31.68 13.00
N THR T 149 -12.08 31.95 13.61
CA THR T 149 -10.83 32.10 12.89
C THR T 149 -9.90 31.21 13.71
N GLY T 150 -9.15 30.48 12.91
CA GLY T 150 -8.15 29.54 13.35
C GLY T 150 -7.70 28.70 12.18
N ILE T 151 -6.83 27.72 12.37
CA ILE T 151 -6.46 26.83 11.29
C ILE T 151 -6.68 25.43 11.89
N VAL T 152 -7.42 24.57 11.20
CA VAL T 152 -7.67 23.21 11.68
C VAL T 152 -6.70 22.21 11.03
N LEU T 153 -6.02 21.38 11.84
CA LEU T 153 -5.28 20.29 11.27
C LEU T 153 -6.30 19.17 11.45
N ASP T 154 -6.82 18.68 10.32
CA ASP T 154 -7.83 17.65 10.39
C ASP T 154 -7.28 16.37 9.80
N SER T 155 -7.40 15.25 10.54
CA SER T 155 -6.77 13.96 10.23
C SER T 155 -7.56 12.73 10.65
N GLY T 156 -8.04 12.00 9.67
CA GLY T 156 -8.88 10.89 10.01
C GLY T 156 -8.37 9.57 9.52
N ASP T 157 -9.18 8.94 8.69
CA ASP T 157 -8.77 7.66 8.21
C ASP T 157 -8.08 7.65 6.86
N GLY T 158 -8.50 8.36 5.83
CA GLY T 158 -7.79 8.37 4.57
C GLY T 158 -7.08 9.72 4.29
N VAL T 159 -7.47 10.91 4.82
CA VAL T 159 -6.82 12.21 4.53
C VAL T 159 -6.45 13.01 5.76
N THR T 160 -5.41 13.86 5.58
CA THR T 160 -5.03 14.93 6.49
C THR T 160 -5.14 16.26 5.75
N HIS T 161 -5.53 17.31 6.46
CA HIS T 161 -5.79 18.59 5.85
C HIS T 161 -5.37 19.63 6.83
N ASN T 162 -5.16 20.82 6.27
CA ASN T 162 -4.95 22.05 7.04
C ASN T 162 -5.93 23.04 6.48
N VAL T 163 -6.90 23.53 7.21
CA VAL T 163 -7.84 24.44 6.54
C VAL T 163 -7.86 25.70 7.37
N PRO T 164 -7.20 26.76 6.87
CA PRO T 164 -7.15 28.06 7.53
C PRO T 164 -8.54 28.66 7.32
N ILE T 165 -9.22 29.10 8.41
CA ILE T 165 -10.55 29.71 8.30
C ILE T 165 -10.56 31.10 8.90
N TYR T 166 -11.11 32.09 8.21
CA TYR T 166 -11.15 33.46 8.71
C TYR T 166 -12.58 33.97 8.75
N GLU T 167 -13.06 34.28 9.95
CA GLU T 167 -14.44 34.69 10.17
C GLU T 167 -15.49 33.87 9.43
N GLY T 168 -15.10 32.60 9.37
CA GLY T 168 -15.93 31.54 8.89
C GLY T 168 -15.65 31.04 7.51
N TYR T 169 -14.97 31.83 6.69
CA TYR T 169 -14.71 31.44 5.32
C TYR T 169 -13.38 30.71 5.24
N ALA T 170 -13.44 29.40 4.92
CA ALA T 170 -12.27 28.57 4.72
C ALA T 170 -11.52 29.11 3.53
N LEU T 171 -10.19 29.22 3.65
CA LEU T 171 -9.38 29.92 2.65
C LEU T 171 -8.83 28.98 1.58
N PRO T 172 -9.55 28.80 0.48
CA PRO T 172 -9.19 27.87 -0.60
C PRO T 172 -7.74 27.70 -1.02
N HIS T 173 -7.09 28.82 -1.23
CA HIS T 173 -5.69 28.80 -1.66
C HIS T 173 -4.72 28.52 -0.53
N ALA T 174 -5.10 28.22 0.68
CA ALA T 174 -4.08 28.03 1.71
C ALA T 174 -4.18 26.65 2.31
N ILE T 175 -5.28 25.94 1.95
CA ILE T 175 -5.61 24.54 2.33
C ILE T 175 -4.56 23.55 1.80
N MET T 176 -4.11 22.61 2.62
CA MET T 176 -3.11 21.60 2.23
C MET T 176 -3.70 20.26 2.60
N ARG T 177 -3.45 19.33 1.72
CA ARG T 177 -3.90 17.97 1.88
C ARG T 177 -2.70 17.02 1.83
N LEU T 178 -2.65 16.14 2.81
CA LEU T 178 -1.58 15.18 2.91
C LEU T 178 -2.30 13.84 2.98
N ASP T 179 -2.21 13.02 1.93
CA ASP T 179 -2.80 11.69 1.91
C ASP T 179 -2.03 10.62 2.74
N LEU T 180 -1.91 10.81 4.07
CA LEU T 180 -1.35 9.79 4.96
C LEU T 180 -2.13 10.00 6.23
N ALA T 181 -2.84 8.99 6.69
CA ALA T 181 -3.66 9.11 7.86
C ALA T 181 -3.69 7.84 8.69
N GLY T 182 -4.71 7.61 9.53
CA GLY T 182 -4.79 6.48 10.45
C GLY T 182 -4.74 5.09 9.83
N ARG T 183 -5.20 4.97 8.59
CA ARG T 183 -5.24 3.75 7.78
C ARG T 183 -3.81 3.38 7.46
N ASP T 184 -3.05 4.32 6.87
CA ASP T 184 -1.63 4.21 6.56
C ASP T 184 -0.85 3.85 7.82
N LEU T 185 -1.21 4.53 8.91
CA LEU T 185 -0.59 4.35 10.23
C LEU T 185 -0.76 3.01 10.93
N THR T 186 -1.89 2.33 10.67
CA THR T 186 -2.14 1.00 11.22
C THR T 186 -1.28 0.02 10.41
N ASP T 187 -1.07 0.26 9.11
CA ASP T 187 -0.36 -0.69 8.30
C ASP T 187 1.13 -0.58 8.52
N TYR T 188 1.59 0.58 8.95
CA TYR T 188 2.99 0.75 9.25
C TYR T 188 3.25 0.11 10.60
N LEU T 189 2.36 0.22 11.58
CA LEU T 189 2.59 -0.39 12.88
C LEU T 189 2.73 -1.87 12.69
N MET T 190 1.82 -2.40 11.86
CA MET T 190 1.74 -3.78 11.47
C MET T 190 3.11 -4.34 11.10
N LYS T 191 3.78 -3.67 10.16
CA LYS T 191 5.09 -4.06 9.75
C LYS T 191 6.01 -3.81 10.92
N ILE T 192 6.17 -2.68 11.62
CA ILE T 192 7.16 -2.62 12.71
C ILE T 192 6.93 -3.58 13.87
N LEU T 193 5.75 -4.19 13.92
CA LEU T 193 5.40 -5.13 14.94
C LEU T 193 5.68 -6.55 14.44
N THR T 194 5.52 -6.86 13.14
CA THR T 194 5.93 -8.17 12.63
C THR T 194 7.45 -8.22 12.62
N GLU T 195 8.02 -7.05 12.33
CA GLU T 195 9.45 -6.76 12.29
C GLU T 195 10.02 -6.87 13.73
N ARG T 196 9.22 -6.68 14.79
CA ARG T 196 9.63 -6.93 16.18
C ARG T 196 9.71 -8.45 16.43
N GLY T 197 9.38 -9.26 15.40
CA GLY T 197 9.43 -10.71 15.45
C GLY T 197 8.05 -11.23 15.77
N TYR T 198 7.03 -10.94 14.94
CA TYR T 198 5.66 -11.39 15.21
C TYR T 198 4.92 -11.77 13.94
N SER T 199 3.70 -12.26 14.18
CA SER T 199 2.81 -12.67 13.10
C SER T 199 1.34 -12.44 13.35
N PHE T 200 0.86 -11.61 12.44
CA PHE T 200 -0.53 -11.26 12.39
C PHE T 200 -0.92 -11.96 11.11
N VAL T 201 -1.31 -13.16 11.48
CA VAL T 201 -1.56 -14.16 10.48
C VAL T 201 -3.03 -14.29 10.17
N THR T 202 -3.91 -14.71 11.10
CA THR T 202 -5.35 -14.80 10.82
C THR T 202 -5.98 -13.42 10.87
N THR T 203 -7.25 -13.28 10.42
CA THR T 203 -7.91 -11.98 10.39
C THR T 203 -8.20 -11.44 11.79
N ALA T 204 -8.23 -12.31 12.80
CA ALA T 204 -8.35 -11.90 14.20
C ALA T 204 -7.03 -11.37 14.80
N GLU T 205 -5.96 -11.46 14.02
CA GLU T 205 -4.68 -10.92 14.39
C GLU T 205 -4.60 -9.59 13.67
N ARG T 206 -4.87 -9.54 12.35
CA ARG T 206 -4.90 -8.28 11.59
C ARG T 206 -5.65 -7.12 12.27
N GLU T 207 -6.94 -7.32 12.59
CA GLU T 207 -7.83 -6.29 13.07
C GLU T 207 -7.40 -5.61 14.35
N ILE T 208 -6.88 -6.41 15.27
CA ILE T 208 -6.45 -5.93 16.56
C ILE T 208 -5.15 -5.11 16.56
N VAL T 209 -4.34 -5.08 15.47
CA VAL T 209 -3.16 -4.23 15.41
C VAL T 209 -3.65 -2.79 15.45
N ARG T 210 -4.82 -2.56 14.89
CA ARG T 210 -5.47 -1.28 14.89
C ARG T 210 -5.89 -0.92 16.32
N ASP T 211 -6.31 -1.88 17.16
CA ASP T 211 -6.71 -1.61 18.54
C ASP T 211 -5.49 -1.42 19.44
N ILE T 212 -4.34 -1.95 18.98
CA ILE T 212 -3.06 -1.71 19.65
C ILE T 212 -2.68 -0.26 19.39
N LYS T 213 -2.63 0.18 18.11
CA LYS T 213 -2.39 1.56 17.69
C LYS T 213 -3.23 2.52 18.48
N GLU T 214 -4.55 2.33 18.56
CA GLU T 214 -5.41 3.24 19.32
C GLU T 214 -5.06 3.24 20.82
N LYS T 215 -5.03 2.10 21.52
CA LYS T 215 -4.80 2.06 22.97
C LYS T 215 -3.42 2.41 23.52
N LEU T 216 -2.38 1.83 22.91
CA LEU T 216 -1.01 1.97 23.36
C LEU T 216 -0.17 2.98 22.64
N CYS T 217 -0.48 3.46 21.41
CA CYS T 217 0.37 4.47 20.78
C CYS T 217 0.32 5.91 21.28
N TYR T 218 1.56 6.42 21.17
CA TYR T 218 2.01 7.70 21.74
C TYR T 218 2.70 8.61 20.74
N VAL T 219 2.66 9.93 20.96
CA VAL T 219 3.50 10.82 20.17
C VAL T 219 4.34 11.47 21.23
N ALA T 220 5.56 11.01 21.20
CA ALA T 220 6.51 11.58 22.07
C ALA T 220 7.09 12.87 21.49
N LEU T 221 7.31 13.72 22.48
CA LEU T 221 8.04 14.96 22.33
C LEU T 221 9.46 14.52 22.66
N ASP T 222 10.34 14.99 21.78
CA ASP T 222 11.75 14.59 21.75
C ASP T 222 11.81 13.08 21.57
N PHE T 223 11.42 12.78 20.33
CA PHE T 223 11.33 11.44 19.78
C PHE T 223 12.72 10.87 19.57
N GLU T 224 13.68 11.81 19.60
CA GLU T 224 15.13 11.64 19.53
C GLU T 224 15.69 10.83 20.70
N ASN T 225 15.58 11.48 21.88
CA ASN T 225 16.01 10.89 23.12
C ASN T 225 14.84 10.19 23.77
N GLU T 226 14.11 9.44 22.95
CA GLU T 226 13.03 8.55 23.38
C GLU T 226 13.36 7.14 22.88
N MET T 227 14.00 7.13 21.69
CA MET T 227 14.66 5.97 21.11
C MET T 227 15.84 5.66 22.03
N ALA T 228 16.66 6.69 22.34
CA ALA T 228 17.77 6.60 23.28
C ALA T 228 17.33 6.01 24.63
N THR T 229 16.19 6.50 25.11
CA THR T 229 15.56 5.96 26.33
C THR T 229 15.19 4.48 26.17
N ALA T 230 14.67 4.13 24.98
CA ALA T 230 14.21 2.76 24.67
C ALA T 230 15.30 1.73 24.92
N ALA T 231 16.52 2.13 24.49
CA ALA T 231 17.76 1.36 24.59
C ALA T 231 18.30 1.04 26.00
N SER T 232 18.30 2.05 26.90
CA SER T 232 18.63 1.87 28.31
C SER T 232 17.65 0.91 28.97
N SER T 233 16.48 0.79 28.31
CA SER T 233 15.31 -0.03 28.65
C SER T 233 14.88 0.08 30.10
N SER T 234 14.02 1.09 30.03
CA SER T 234 13.24 1.52 31.17
C SER T 234 11.98 0.68 31.13
N SER T 235 11.12 1.01 32.11
CA SER T 235 9.79 0.43 32.17
C SER T 235 8.90 1.28 31.23
N LEU T 236 9.37 1.46 29.96
CA LEU T 236 8.67 2.15 28.89
C LEU T 236 7.82 1.13 28.12
N GLU T 237 8.26 -0.15 28.06
CA GLU T 237 7.55 -1.25 27.38
C GLU T 237 6.06 -1.46 27.71
N LYS T 238 5.29 -2.06 26.80
CA LYS T 238 3.89 -2.28 27.08
C LYS T 238 3.30 -3.50 26.38
N SER T 239 2.97 -4.51 27.21
CA SER T 239 2.35 -5.72 26.70
C SER T 239 0.83 -5.74 26.77
N TYR T 240 0.29 -6.10 25.60
CA TYR T 240 -1.14 -6.20 25.31
C TYR T 240 -1.49 -7.69 25.22
N GLU T 241 -2.59 -8.16 25.82
CA GLU T 241 -3.03 -9.56 25.68
C GLU T 241 -4.00 -9.71 24.50
N LEU T 242 -3.62 -10.58 23.55
CA LEU T 242 -4.36 -10.78 22.29
C LEU T 242 -5.79 -11.36 22.41
N PRO T 243 -6.62 -11.79 21.39
CA PRO T 243 -7.97 -12.35 21.61
C PRO T 243 -7.97 -13.54 22.61
N ASP T 244 -6.84 -14.26 22.54
CA ASP T 244 -6.44 -15.35 23.44
C ASP T 244 -5.33 -14.85 24.43
N GLY T 245 -4.55 -15.77 25.04
CA GLY T 245 -3.48 -15.46 26.01
C GLY T 245 -2.30 -14.68 25.42
N GLN T 246 -1.77 -15.19 24.30
CA GLN T 246 -0.65 -14.63 23.53
C GLN T 246 -0.29 -13.15 23.73
N VAL T 247 0.31 -12.96 24.90
CA VAL T 247 0.74 -11.64 25.32
C VAL T 247 1.88 -11.11 24.46
N ILE T 248 1.49 -10.13 23.69
CA ILE T 248 2.43 -9.48 22.81
C ILE T 248 3.02 -8.25 23.51
N THR T 249 4.32 -7.99 23.35
CA THR T 249 4.94 -6.81 23.94
C THR T 249 5.38 -5.81 22.86
N ILE T 250 5.12 -4.55 23.23
CA ILE T 250 5.37 -3.38 22.40
C ILE T 250 5.96 -2.40 23.37
N GLY T 251 7.24 -2.15 23.19
CA GLY T 251 7.87 -1.19 24.04
C GLY T 251 7.92 0.15 23.39
N ASN T 252 8.84 0.04 22.44
CA ASN T 252 9.43 1.12 21.67
C ASN T 252 8.53 1.59 20.49
N GLU T 253 8.23 0.76 19.46
CA GLU T 253 7.35 1.02 18.29
C GLU T 253 6.04 1.76 18.48
N ARG T 254 5.60 1.60 19.70
CA ARG T 254 4.54 2.36 20.35
C ARG T 254 4.49 3.85 19.90
N PHE T 255 5.66 4.52 19.77
CA PHE T 255 5.76 5.91 19.33
C PHE T 255 6.42 6.05 17.94
N ARG T 256 7.03 4.98 17.43
CA ARG T 256 7.63 5.01 16.12
C ARG T 256 6.54 5.14 15.05
N CYS T 257 5.33 4.71 15.42
CA CYS T 257 4.15 4.79 14.55
C CYS T 257 3.66 6.26 14.40
N PRO T 258 3.31 7.08 15.41
CA PRO T 258 2.94 8.47 15.20
C PRO T 258 4.15 9.34 14.81
N GLU T 259 5.45 9.00 15.06
CA GLU T 259 6.59 9.76 14.51
C GLU T 259 6.40 9.68 12.97
N THR T 260 5.59 8.78 12.38
CA THR T 260 5.38 8.76 10.94
C THR T 260 4.67 10.04 10.52
N LEU T 261 3.70 10.52 11.29
CA LEU T 261 3.06 11.80 10.98
C LEU T 261 3.99 13.03 10.87
N PHE T 262 5.16 13.08 11.54
CA PHE T 262 6.13 14.17 11.42
C PHE T 262 7.22 13.86 10.41
N GLN T 263 7.49 12.56 10.23
CA GLN T 263 8.45 12.05 9.28
C GLN T 263 7.72 11.06 8.34
N PRO T 264 7.27 11.48 7.16
CA PRO T 264 6.59 10.66 6.17
C PRO T 264 7.62 9.73 5.52
N SER T 265 8.91 10.08 5.67
CA SER T 265 10.07 9.29 5.21
C SER T 265 10.20 7.86 5.78
N PHE T 266 9.52 7.65 6.94
CA PHE T 266 9.36 6.36 7.61
C PHE T 266 8.56 5.41 6.76
N ILE T 267 7.79 5.98 5.83
CA ILE T 267 6.96 5.18 4.98
C ILE T 267 7.14 5.47 3.50
N GLY T 268 8.34 5.87 3.09
CA GLY T 268 8.56 6.09 1.68
C GLY T 268 7.71 7.22 1.12
N MET T 269 7.27 8.11 2.01
CA MET T 269 6.64 9.32 1.53
C MET T 269 7.66 10.43 1.51
N GLU T 270 7.67 11.14 0.36
CA GLU T 270 8.52 12.31 0.13
C GLU T 270 7.91 13.67 0.49
N SER T 271 6.60 13.68 0.78
CA SER T 271 5.86 14.86 1.23
C SER T 271 6.39 15.35 2.56
N ALA T 272 6.07 16.61 2.85
CA ALA T 272 6.41 17.23 4.13
C ALA T 272 5.52 16.70 5.26
N GLY T 273 5.78 16.98 6.52
CA GLY T 273 4.95 16.42 7.58
C GLY T 273 4.05 17.44 8.25
N ILE T 274 3.01 16.93 8.95
CA ILE T 274 2.01 17.68 9.71
C ILE T 274 2.38 19.09 10.20
N HIS T 275 3.49 19.25 10.92
CA HIS T 275 3.90 20.53 11.50
C HIS T 275 4.43 21.54 10.51
N GLU T 276 5.16 21.05 9.52
CA GLU T 276 5.68 21.89 8.48
C GLU T 276 4.54 22.33 7.64
N THR T 277 3.59 21.44 7.44
CA THR T 277 2.45 21.71 6.61
C THR T 277 1.56 22.71 7.31
N THR T 278 1.37 22.64 8.63
CA THR T 278 0.62 23.64 9.41
C THR T 278 1.14 25.06 9.12
N TYR T 279 2.48 25.07 9.16
CA TYR T 279 3.25 26.24 8.96
C TYR T 279 3.13 26.68 7.54
N ASN T 280 3.29 25.83 6.55
CA ASN T 280 3.31 26.32 5.18
C ASN T 280 1.98 26.93 4.77
N SER T 281 0.90 26.39 5.34
CA SER T 281 -0.47 26.83 5.10
C SER T 281 -0.50 28.28 5.53
N ILE T 282 0.12 28.46 6.71
CA ILE T 282 0.18 29.75 7.38
C ILE T 282 1.06 30.68 6.60
N MET T 283 2.27 30.38 6.09
CA MET T 283 2.95 31.42 5.32
C MET T 283 2.41 31.58 3.87
N LYS T 284 1.25 30.93 3.55
CA LYS T 284 0.48 31.09 2.31
C LYS T 284 -0.74 32.01 2.45
N CYS T 285 -1.03 32.41 3.70
CA CYS T 285 -2.15 33.26 4.04
C CYS T 285 -1.77 34.72 4.13
N ASP T 286 -2.75 35.63 4.23
CA ASP T 286 -2.43 37.04 4.42
C ASP T 286 -1.71 37.14 5.76
N ILE T 287 -0.79 38.10 5.69
CA ILE T 287 0.17 38.55 6.74
C ILE T 287 -0.41 39.04 8.08
N ASP T 288 -1.45 39.86 7.90
CA ASP T 288 -2.17 40.41 9.00
C ASP T 288 -2.96 39.30 9.69
N ILE T 289 -3.36 38.18 9.00
CA ILE T 289 -4.12 37.14 9.70
C ILE T 289 -3.24 36.08 10.31
N ARG T 290 -1.94 36.05 10.00
CA ARG T 290 -1.08 35.03 10.55
C ARG T 290 -0.98 35.12 12.08
N LYS T 291 -1.13 36.20 12.87
CA LYS T 291 -1.05 35.99 14.32
C LYS T 291 -2.24 35.19 14.84
N ASP T 292 -3.40 35.31 14.15
CA ASP T 292 -4.65 34.67 14.54
C ASP T 292 -4.57 33.18 14.37
N LEU T 293 -4.23 32.75 13.16
CA LEU T 293 -4.04 31.36 12.87
C LEU T 293 -3.06 30.71 13.84
N TYR T 294 -1.95 31.40 14.19
CA TYR T 294 -0.99 30.80 15.09
C TYR T 294 -1.47 30.58 16.49
N ALA T 295 -2.35 31.43 16.98
CA ALA T 295 -2.84 31.21 18.33
C ALA T 295 -4.09 30.32 18.31
N ASN T 296 -4.41 29.70 17.15
CA ASN T 296 -5.63 28.92 17.05
C ASN T 296 -5.51 27.76 16.12
N ASN T 297 -4.64 26.85 16.49
CA ASN T 297 -4.40 25.61 15.77
C ASN T 297 -5.34 24.62 16.42
N VAL T 298 -6.46 24.36 15.80
CA VAL T 298 -7.44 23.47 16.39
C VAL T 298 -7.17 22.16 15.70
N MET T 299 -7.16 21.12 16.54
CA MET T 299 -7.00 19.78 16.02
C MET T 299 -8.30 18.97 16.03
N SER T 300 -8.55 18.27 14.95
CA SER T 300 -9.66 17.34 14.99
C SER T 300 -9.34 16.11 14.17
N GLY T 301 -10.05 15.02 14.48
CA GLY T 301 -9.88 13.77 13.76
C GLY T 301 -9.31 12.62 14.58
N GLY T 302 -9.74 11.38 14.27
CA GLY T 302 -9.32 10.21 14.99
C GLY T 302 -7.81 10.10 15.09
N THR T 303 -7.05 10.37 14.04
CA THR T 303 -5.63 10.19 14.10
C THR T 303 -4.94 11.29 14.88
N THR T 304 -5.58 12.39 15.31
CA THR T 304 -4.90 13.42 16.13
C THR T 304 -5.08 13.15 17.61
N MET T 305 -5.60 11.96 17.94
CA MET T 305 -5.89 11.59 19.32
C MET T 305 -4.69 10.97 20.05
N TYR T 306 -3.63 10.52 19.34
CA TYR T 306 -2.40 9.97 19.93
C TYR T 306 -1.94 10.87 21.06
N PRO T 307 -1.91 10.55 22.36
CA PRO T 307 -1.41 11.46 23.40
C PRO T 307 -0.06 12.11 23.06
N GLY T 308 0.09 13.39 23.48
CA GLY T 308 1.34 14.14 23.31
C GLY T 308 1.59 14.66 21.91
N ILE T 309 0.48 14.67 21.16
CA ILE T 309 0.46 15.14 19.78
C ILE T 309 0.51 16.63 19.72
N ALA T 310 -0.21 17.18 20.71
CA ALA T 310 -0.37 18.60 20.88
C ALA T 310 0.96 19.18 21.36
N ASP T 311 1.64 18.59 22.39
CA ASP T 311 2.94 19.09 22.89
C ASP T 311 4.02 19.08 21.81
N ARG T 312 4.11 17.98 21.04
CA ARG T 312 5.03 17.88 19.93
C ARG T 312 4.67 18.98 18.94
N MET T 313 3.39 19.20 18.58
CA MET T 313 3.04 20.22 17.60
C MET T 313 3.30 21.65 18.06
N GLN T 314 3.15 21.82 19.39
CA GLN T 314 3.36 23.05 20.12
C GLN T 314 4.77 23.52 19.92
N LYS T 315 5.67 22.58 20.20
CA LYS T 315 7.08 22.84 20.04
C LYS T 315 7.56 22.74 18.62
N GLU T 316 6.80 22.05 17.79
CA GLU T 316 7.21 21.94 16.41
C GLU T 316 7.00 23.27 15.70
N ILE T 317 5.86 23.93 15.95
CA ILE T 317 5.68 25.19 15.24
C ILE T 317 6.25 26.36 16.03
N THR T 318 6.44 26.37 17.35
CA THR T 318 7.08 27.50 18.03
C THR T 318 8.45 27.75 17.41
N ALA T 319 9.15 26.64 17.29
CA ALA T 319 10.47 26.66 16.69
C ALA T 319 10.54 26.83 15.16
N LEU T 320 9.43 27.14 14.48
CA LEU T 320 9.48 27.51 13.06
C LEU T 320 8.90 28.90 12.85
N ALA T 321 8.06 29.29 13.80
CA ALA T 321 7.39 30.58 13.81
C ALA T 321 8.27 31.71 14.35
N PRO T 322 8.13 32.97 13.89
CA PRO T 322 8.92 34.12 14.37
C PRO T 322 8.71 34.31 15.88
N SER T 323 9.72 34.43 16.77
CA SER T 323 9.50 34.50 18.23
C SER T 323 8.55 35.53 18.85
N THR T 324 8.24 36.53 18.01
CA THR T 324 7.29 37.58 18.33
C THR T 324 5.86 37.02 18.38
N MET T 325 5.70 35.75 17.99
CA MET T 325 4.41 35.12 17.84
C MET T 325 4.01 34.27 19.02
N LYS T 326 2.70 34.24 19.16
CA LYS T 326 2.06 33.37 20.13
C LYS T 326 1.55 32.15 19.35
N ILE T 327 1.99 30.99 19.82
CA ILE T 327 1.60 29.70 19.27
C ILE T 327 0.48 29.19 20.20
N LYS T 328 -0.55 28.47 19.70
CA LYS T 328 -1.51 27.84 20.59
C LYS T 328 -2.26 26.72 19.89
N ILE T 329 -1.93 25.50 20.36
CA ILE T 329 -2.45 24.24 19.81
C ILE T 329 -3.60 23.71 20.66
N ILE T 330 -4.84 23.94 20.21
CA ILE T 330 -6.01 23.46 20.89
C ILE T 330 -6.31 22.06 20.31
N ALA T 331 -6.43 21.11 21.25
CA ALA T 331 -6.76 19.71 20.98
C ALA T 331 -7.80 19.29 22.01
N PRO T 332 -9.10 19.40 21.78
CA PRO T 332 -10.10 18.98 22.75
C PRO T 332 -10.20 17.45 22.87
N PRO T 333 -10.80 16.92 23.95
CA PRO T 333 -10.95 15.50 24.22
C PRO T 333 -11.93 14.83 23.29
N GLU T 334 -13.03 15.49 22.94
CA GLU T 334 -13.98 14.84 22.09
C GLU T 334 -13.50 14.92 20.66
N ARG T 335 -12.30 15.43 20.31
CA ARG T 335 -11.88 15.60 18.91
C ARG T 335 -12.14 14.54 17.83
N LYS T 336 -12.26 13.26 18.16
CA LYS T 336 -12.66 12.27 17.16
C LYS T 336 -14.09 12.56 16.67
N TYR T 337 -14.93 13.36 17.33
CA TYR T 337 -16.23 13.81 16.82
C TYR T 337 -16.36 15.36 16.69
N SER T 338 -15.30 16.18 16.63
CA SER T 338 -15.42 17.65 16.54
C SER T 338 -16.33 18.12 15.45
N VAL T 339 -16.01 17.59 14.27
CA VAL T 339 -16.75 17.81 13.05
C VAL T 339 -18.22 17.60 13.31
N TRP T 340 -18.59 16.47 13.91
CA TRP T 340 -20.00 16.11 14.07
C TRP T 340 -20.68 17.03 15.07
N ILE T 341 -19.95 17.34 16.15
CA ILE T 341 -20.49 18.09 17.24
C ILE T 341 -20.72 19.49 16.75
N GLY T 342 -19.81 20.02 15.91
CA GLY T 342 -19.93 21.37 15.33
C GLY T 342 -21.19 21.44 14.47
N GLY T 343 -21.56 20.32 13.83
CA GLY T 343 -22.74 20.25 13.01
C GLY T 343 -23.97 20.19 13.88
N SER T 344 -23.91 19.45 15.00
CA SER T 344 -25.02 19.32 15.92
C SER T 344 -25.42 20.64 16.53
N ILE T 345 -24.39 21.42 16.88
CA ILE T 345 -24.55 22.74 17.47
C ILE T 345 -25.21 23.63 16.45
N LEU T 346 -24.53 23.80 15.33
CA LEU T 346 -24.94 24.65 14.25
C LEU T 346 -26.36 24.34 13.79
N ALA T 347 -26.66 23.05 13.57
CA ALA T 347 -27.95 22.72 13.01
C ALA T 347 -29.04 22.81 14.05
N SER T 348 -28.73 22.71 15.34
CA SER T 348 -29.80 22.87 16.32
C SER T 348 -30.01 24.36 16.66
N LEU T 349 -29.03 25.18 16.27
CA LEU T 349 -29.09 26.64 16.43
C LEU T 349 -30.29 27.31 15.80
N SER T 350 -30.62 28.26 16.67
CA SER T 350 -31.68 29.25 16.54
C SER T 350 -31.51 30.05 15.25
N THR T 351 -30.30 30.41 14.80
CA THR T 351 -30.16 31.19 13.58
C THR T 351 -29.92 30.48 12.27
N PHE T 352 -29.84 29.15 12.33
CA PHE T 352 -29.47 28.38 11.15
C PHE T 352 -30.62 28.06 10.21
N GLN T 353 -31.80 28.26 10.80
CA GLN T 353 -33.01 27.91 10.11
C GLN T 353 -33.09 28.60 8.76
N GLN T 354 -32.70 29.86 8.71
CA GLN T 354 -32.69 30.59 7.46
C GLN T 354 -31.58 30.21 6.47
N MET T 355 -30.65 29.27 6.76
CA MET T 355 -29.74 28.75 5.71
C MET T 355 -30.07 27.35 5.19
N TRP T 356 -31.01 26.61 5.80
CA TRP T 356 -31.44 25.33 5.27
C TRP T 356 -31.88 25.34 3.81
N ILE T 357 -31.32 24.58 2.84
CA ILE T 357 -31.87 24.58 1.46
C ILE T 357 -33.15 23.74 1.43
N THR T 358 -34.31 24.36 1.16
CA THR T 358 -35.57 23.62 1.18
C THR T 358 -35.90 23.10 -0.21
N LYS T 359 -36.72 22.05 -0.30
CA LYS T 359 -37.23 21.57 -1.58
C LYS T 359 -37.84 22.68 -2.43
N GLN T 360 -38.35 23.76 -1.79
CA GLN T 360 -38.89 24.92 -2.48
C GLN T 360 -37.67 25.49 -3.20
N GLU T 361 -36.60 25.93 -2.50
CA GLU T 361 -35.39 26.40 -3.18
C GLU T 361 -34.91 25.48 -4.30
N TYR T 362 -34.85 24.18 -4.01
CA TYR T 362 -34.36 23.24 -5.00
C TYR T 362 -35.25 23.09 -6.21
N ASP T 363 -36.53 22.69 -6.05
CA ASP T 363 -37.42 22.48 -7.19
C ASP T 363 -37.49 23.71 -8.09
N GLU T 364 -37.19 24.86 -7.48
CA GLU T 364 -37.14 26.11 -8.20
C GLU T 364 -35.79 26.56 -8.74
N ALA T 365 -34.63 26.25 -8.10
CA ALA T 365 -33.32 26.76 -8.56
C ALA T 365 -32.27 25.78 -9.16
N GLY T 366 -32.59 24.48 -9.04
CA GLY T 366 -31.72 23.38 -9.48
C GLY T 366 -30.59 23.19 -8.46
N PRO T 367 -29.72 22.17 -8.56
CA PRO T 367 -28.71 21.84 -7.53
C PRO T 367 -27.73 22.96 -7.19
N SER T 368 -27.69 23.89 -8.16
CA SER T 368 -26.94 25.12 -8.10
C SER T 368 -27.23 25.87 -6.81
N ILE T 369 -28.50 25.92 -6.39
CA ILE T 369 -28.96 26.60 -5.18
C ILE T 369 -28.12 26.39 -3.93
N VAL T 370 -27.85 25.13 -3.57
CA VAL T 370 -27.09 24.80 -2.36
C VAL T 370 -25.59 24.89 -2.60
N HIS T 371 -25.22 24.78 -3.88
CA HIS T 371 -23.82 24.78 -4.20
C HIS T 371 -23.09 26.04 -3.71
N ARG T 372 -23.79 27.18 -3.62
CA ARG T 372 -23.28 28.48 -3.20
C ARG T 372 -22.25 28.92 -4.28
N ASP U 1 39.41 38.24 -33.61
CA ASP U 1 38.99 36.86 -33.27
C ASP U 1 39.28 36.51 -31.81
N GLU U 2 40.45 37.01 -31.40
CA GLU U 2 41.00 36.96 -30.05
C GLU U 2 39.92 36.85 -28.99
N ASP U 3 38.97 37.77 -29.16
CA ASP U 3 37.77 37.69 -28.38
C ASP U 3 36.51 37.78 -29.24
N GLU U 4 36.55 37.95 -30.59
CA GLU U 4 35.36 37.96 -31.46
C GLU U 4 34.62 36.63 -31.33
N THR U 5 35.41 35.55 -31.31
CA THR U 5 34.96 34.17 -31.11
C THR U 5 34.63 33.80 -29.66
N THR U 6 35.58 34.35 -28.91
CA THR U 6 35.88 34.19 -27.52
C THR U 6 34.93 34.80 -26.48
N ALA U 7 34.01 35.73 -26.81
CA ALA U 7 33.11 36.28 -25.81
C ALA U 7 32.02 35.28 -25.46
N LEU U 8 31.79 35.09 -24.16
CA LEU U 8 30.78 34.16 -23.68
C LEU U 8 29.53 34.92 -23.26
N VAL U 9 28.31 34.35 -23.31
CA VAL U 9 27.17 35.09 -22.85
C VAL U 9 26.42 34.13 -21.98
N CYS U 10 26.30 34.51 -20.71
CA CYS U 10 25.65 33.67 -19.76
C CYS U 10 24.48 34.39 -19.16
N ASP U 11 23.27 33.92 -19.45
CA ASP U 11 22.07 34.47 -18.84
C ASP U 11 21.51 33.58 -17.72
N ASN U 12 21.66 34.05 -16.48
CA ASN U 12 21.31 33.34 -15.28
C ASN U 12 19.87 33.59 -14.94
N GLY U 13 19.06 32.52 -14.89
CA GLY U 13 17.66 32.64 -14.57
C GLY U 13 17.30 31.92 -13.30
N SER U 14 16.04 32.15 -12.99
CA SER U 14 15.43 31.50 -11.86
C SER U 14 15.17 30.05 -12.16
N GLY U 15 14.88 29.64 -13.39
CA GLY U 15 14.58 28.25 -13.72
C GLY U 15 15.67 27.70 -14.59
N LEU U 16 16.08 28.41 -15.64
CA LEU U 16 17.09 28.00 -16.62
C LEU U 16 18.33 28.87 -16.77
N VAL U 17 19.49 28.32 -17.12
CA VAL U 17 20.65 29.09 -17.49
C VAL U 17 20.63 29.07 -19.00
N LYS U 18 20.95 30.13 -19.73
CA LYS U 18 21.09 30.09 -21.17
C LYS U 18 22.54 30.52 -21.41
N ALA U 19 23.35 29.81 -22.19
CA ALA U 19 24.76 30.11 -22.32
C ALA U 19 25.27 29.77 -23.71
N GLY U 20 26.46 30.21 -24.06
CA GLY U 20 26.89 30.05 -25.43
C GLY U 20 27.90 31.13 -25.78
N PHE U 21 28.21 31.22 -27.07
CA PHE U 21 29.23 32.15 -27.53
C PHE U 21 28.59 33.31 -28.24
N ALA U 22 29.08 34.53 -27.96
CA ALA U 22 28.64 35.75 -28.62
C ALA U 22 28.96 35.47 -30.06
N GLY U 23 27.98 35.73 -30.90
CA GLY U 23 28.12 35.35 -32.28
C GLY U 23 27.02 34.39 -32.60
N ASP U 24 26.81 33.31 -31.84
CA ASP U 24 25.76 32.35 -32.14
C ASP U 24 24.38 32.97 -32.13
N ASP U 25 23.41 32.27 -32.74
CA ASP U 25 22.05 32.79 -32.89
C ASP U 25 21.09 32.46 -31.74
N ALA U 26 21.52 31.43 -30.99
CA ALA U 26 20.79 30.85 -29.88
C ALA U 26 21.76 30.22 -28.90
N PRO U 27 21.36 30.06 -27.61
CA PRO U 27 22.22 29.46 -26.59
C PRO U 27 22.71 28.04 -26.88
N ARG U 28 24.00 27.86 -26.72
CA ARG U 28 24.61 26.56 -26.86
C ARG U 28 24.21 25.69 -25.69
N ALA U 29 23.89 26.30 -24.55
CA ALA U 29 23.59 25.52 -23.36
C ALA U 29 22.41 26.10 -22.60
N VAL U 30 21.45 25.21 -22.31
CA VAL U 30 20.24 25.58 -21.60
C VAL U 30 20.01 24.44 -20.63
N PHE U 31 19.85 24.74 -19.33
CA PHE U 31 19.71 23.70 -18.34
C PHE U 31 19.19 24.20 -17.03
N PRO U 32 18.54 23.42 -16.16
CA PRO U 32 18.05 23.93 -14.90
C PRO U 32 19.12 24.47 -13.97
N SER U 33 18.61 25.44 -13.23
CA SER U 33 19.35 26.25 -12.33
C SER U 33 19.16 25.61 -10.97
N ILE U 34 19.60 24.34 -10.83
CA ILE U 34 19.59 23.63 -9.56
C ILE U 34 20.95 23.11 -9.16
N VAL U 35 21.14 22.74 -7.91
CA VAL U 35 22.36 22.21 -7.38
C VAL U 35 21.80 21.22 -6.39
N GLY U 36 22.08 19.97 -6.65
CA GLY U 36 21.59 18.87 -5.86
C GLY U 36 22.70 18.41 -4.97
N ARG U 37 22.29 18.06 -3.76
CA ARG U 37 23.19 17.62 -2.73
C ARG U 37 22.68 16.24 -2.24
N PRO U 38 23.36 15.11 -2.43
CA PRO U 38 22.86 13.78 -2.03
C PRO U 38 22.47 13.61 -0.58
N ARG U 39 21.21 13.22 -0.41
CA ARG U 39 20.70 12.86 0.90
C ARG U 39 21.35 11.64 1.52
N HIS U 40 22.06 10.72 0.77
CA HIS U 40 22.67 9.50 1.38
C HIS U 40 24.02 9.13 0.87
N GLN U 41 24.82 8.36 1.59
CA GLN U 41 26.09 8.00 1.02
C GLN U 41 26.01 6.75 0.15
N GLY U 42 26.67 6.83 -1.01
CA GLY U 42 26.64 5.79 -2.00
C GLY U 42 27.08 6.29 -3.35
N VAL U 43 27.10 5.43 -4.37
CA VAL U 43 27.56 5.75 -5.70
C VAL U 43 26.72 5.20 -6.89
N MET U 44 26.90 5.78 -8.08
CA MET U 44 26.32 5.18 -9.28
C MET U 44 27.40 4.20 -9.71
N VAL U 45 27.02 3.18 -10.47
CA VAL U 45 27.94 2.21 -10.99
C VAL U 45 28.98 2.83 -11.92
N GLY U 46 30.24 2.78 -11.49
CA GLY U 46 31.32 3.20 -12.31
C GLY U 46 31.78 4.60 -11.99
N MET U 47 30.97 5.34 -11.25
CA MET U 47 31.39 6.64 -10.82
C MET U 47 31.89 6.61 -9.40
N GLY U 48 32.53 7.72 -9.03
CA GLY U 48 32.95 7.97 -7.66
C GLY U 48 31.85 8.73 -6.93
N GLN U 49 32.09 8.86 -5.62
CA GLN U 49 31.29 9.69 -4.74
C GLN U 49 31.30 11.14 -5.23
N LYS U 50 30.12 11.69 -5.32
CA LYS U 50 29.95 12.99 -5.87
C LYS U 50 29.31 13.74 -4.73
N ASP U 51 29.90 14.91 -4.57
CA ASP U 51 29.44 15.80 -3.51
C ASP U 51 28.23 16.62 -3.92
N SER U 52 28.07 16.77 -5.23
CA SER U 52 27.13 17.73 -5.71
C SER U 52 26.68 17.43 -7.12
N TYR U 53 25.56 17.91 -7.54
CA TYR U 53 25.08 17.65 -8.85
C TYR U 53 24.51 18.94 -9.39
N VAL U 54 24.54 19.26 -10.69
CA VAL U 54 24.05 20.55 -11.18
C VAL U 54 23.30 20.31 -12.50
N GLY U 55 22.25 21.10 -12.71
CA GLY U 55 21.50 21.09 -13.94
C GLY U 55 20.67 19.86 -14.08
N ASP U 56 20.77 19.21 -15.23
CA ASP U 56 19.99 18.05 -15.52
C ASP U 56 20.40 16.86 -14.69
N GLU U 57 21.67 16.58 -14.36
CA GLU U 57 21.93 15.47 -13.49
C GLU U 57 21.31 15.64 -12.11
N ALA U 58 21.07 16.87 -11.65
CA ALA U 58 20.39 17.08 -10.40
C ALA U 58 18.90 16.83 -10.59
N GLN U 59 18.36 17.16 -11.75
CA GLN U 59 16.95 16.94 -11.93
C GLN U 59 16.71 15.45 -12.04
N SER U 60 17.47 14.76 -12.89
CA SER U 60 17.29 13.34 -13.12
C SER U 60 17.45 12.43 -11.91
N LYS U 61 18.33 12.86 -11.03
CA LYS U 61 18.60 12.07 -9.87
C LYS U 61 17.90 12.74 -8.72
N ARG U 62 16.78 13.48 -8.84
CA ARG U 62 16.25 14.22 -7.70
C ARG U 62 15.78 13.49 -6.46
N GLY U 63 15.39 12.23 -6.65
CA GLY U 63 14.97 11.39 -5.55
C GLY U 63 16.05 11.14 -4.52
N ILE U 64 17.37 11.21 -4.77
CA ILE U 64 18.34 10.97 -3.68
C ILE U 64 19.09 12.21 -3.22
N LEU U 65 18.73 13.39 -3.72
CA LEU U 65 19.44 14.65 -3.44
C LEU U 65 18.51 15.71 -2.88
N THR U 66 19.04 16.76 -2.24
CA THR U 66 18.18 17.86 -1.82
C THR U 66 18.56 18.95 -2.82
N LEU U 67 17.53 19.29 -3.58
CA LEU U 67 17.62 20.24 -4.66
C LEU U 67 17.56 21.64 -4.14
N LYS U 68 18.38 22.54 -4.70
CA LYS U 68 18.32 23.95 -4.27
C LYS U 68 18.48 24.88 -5.44
N TYR U 69 17.63 25.91 -5.39
CA TYR U 69 17.58 26.96 -6.41
C TYR U 69 18.39 28.22 -6.02
N PRO U 70 19.63 28.52 -6.51
CA PRO U 70 20.45 29.69 -6.17
C PRO U 70 19.88 31.06 -6.45
N ILE U 71 18.94 31.14 -7.39
CA ILE U 71 18.38 32.40 -7.79
C ILE U 71 16.89 32.48 -7.44
N GLU U 72 16.59 33.23 -6.39
CA GLU U 72 15.20 33.35 -6.03
C GLU U 72 14.64 34.63 -6.59
N HIS U 73 13.69 34.49 -7.53
CA HIS U 73 13.06 35.63 -8.15
C HIS U 73 14.02 36.52 -8.92
N GLY U 74 14.97 35.88 -9.62
CA GLY U 74 15.90 36.63 -10.44
C GLY U 74 17.11 37.14 -9.71
N ILE U 75 17.10 37.19 -8.36
CA ILE U 75 18.25 37.69 -7.58
C ILE U 75 19.12 36.54 -7.06
N ILE U 76 20.46 36.54 -7.07
CA ILE U 76 21.26 35.41 -6.56
C ILE U 76 21.18 35.48 -5.04
N THR U 77 20.61 34.41 -4.49
CA THR U 77 20.42 34.25 -3.06
C THR U 77 21.51 33.39 -2.43
N ASN U 78 22.05 32.38 -3.13
CA ASN U 78 23.15 31.64 -2.53
C ASN U 78 24.35 31.63 -3.43
N TRP U 79 25.41 32.31 -2.96
CA TRP U 79 26.63 32.48 -3.73
C TRP U 79 27.53 31.27 -3.81
N ASP U 80 27.42 30.31 -2.89
CA ASP U 80 28.21 29.05 -2.91
C ASP U 80 27.68 28.16 -4.02
N ASP U 81 26.36 27.97 -4.00
CA ASP U 81 25.66 27.32 -5.07
C ASP U 81 25.62 28.00 -6.40
N MET U 82 25.81 29.30 -6.54
CA MET U 82 25.83 29.95 -7.84
C MET U 82 27.19 29.67 -8.46
N GLU U 83 28.29 29.83 -7.73
CA GLU U 83 29.63 29.58 -8.24
C GLU U 83 29.72 28.15 -8.75
N LYS U 84 28.96 27.26 -8.11
CA LYS U 84 28.79 25.89 -8.61
C LYS U 84 28.11 25.89 -9.99
N ILE U 85 26.96 26.57 -10.22
CA ILE U 85 26.35 26.61 -11.55
C ILE U 85 27.26 27.23 -12.57
N TRP U 86 28.01 28.30 -12.26
CA TRP U 86 28.93 28.90 -13.22
C TRP U 86 30.01 27.94 -13.60
N HIS U 87 30.58 27.27 -12.59
CA HIS U 87 31.64 26.30 -12.83
C HIS U 87 31.20 25.25 -13.85
N HIS U 88 30.02 24.69 -13.59
CA HIS U 88 29.40 23.74 -14.48
C HIS U 88 29.24 24.34 -15.86
N THR U 89 28.84 25.59 -15.99
CA THR U 89 28.61 26.17 -17.30
C THR U 89 29.86 26.28 -18.09
N PHE U 90 30.92 26.81 -17.51
CA PHE U 90 32.14 26.93 -18.26
C PHE U 90 32.75 25.58 -18.55
N TYR U 91 33.00 24.81 -17.51
CA TYR U 91 33.79 23.64 -17.69
C TYR U 91 33.17 22.44 -18.26
N ASN U 92 31.88 22.24 -18.03
CA ASN U 92 31.24 21.04 -18.54
C ASN U 92 30.33 21.35 -19.71
N GLU U 93 29.46 22.35 -19.56
CA GLU U 93 28.54 22.66 -20.63
C GLU U 93 29.25 23.26 -21.84
N LEU U 94 30.02 24.35 -21.71
CA LEU U 94 30.64 24.96 -22.86
C LEU U 94 32.06 24.42 -23.07
N ARG U 95 32.58 23.70 -22.06
CA ARG U 95 33.87 23.03 -22.05
C ARG U 95 35.07 23.94 -22.36
N VAL U 96 34.90 25.21 -22.06
CA VAL U 96 35.94 26.20 -22.31
C VAL U 96 36.73 26.40 -21.03
N ALA U 97 37.94 26.95 -21.13
CA ALA U 97 38.63 27.38 -19.93
C ALA U 97 38.21 28.84 -19.81
N PRO U 98 37.68 29.36 -18.69
CA PRO U 98 37.25 30.75 -18.57
C PRO U 98 38.35 31.80 -18.60
N GLU U 99 39.59 31.45 -18.17
CA GLU U 99 40.67 32.43 -18.12
C GLU U 99 41.21 32.95 -19.41
N GLU U 100 40.64 32.54 -20.54
CA GLU U 100 40.94 33.22 -21.77
C GLU U 100 39.67 33.66 -22.51
N HIS U 101 38.50 33.79 -21.85
CA HIS U 101 37.30 34.23 -22.54
C HIS U 101 36.62 35.41 -21.93
N PRO U 102 36.29 36.52 -22.59
CA PRO U 102 35.58 37.63 -21.97
C PRO U 102 34.19 37.06 -21.70
N THR U 103 33.53 37.41 -20.59
CA THR U 103 32.23 36.85 -20.19
C THR U 103 31.15 37.92 -20.03
N LEU U 104 30.06 37.98 -20.82
CA LEU U 104 28.99 38.94 -20.60
C LEU U 104 27.96 38.19 -19.83
N LEU U 105 27.65 38.75 -18.68
CA LEU U 105 26.65 38.20 -17.78
C LEU U 105 25.39 39.03 -17.72
N THR U 106 24.28 38.51 -17.18
CA THR U 106 23.14 39.37 -17.05
C THR U 106 22.70 39.45 -15.61
N GLU U 107 22.08 40.57 -15.24
CA GLU U 107 21.47 40.68 -13.93
C GLU U 107 20.02 41.13 -14.07
N ALA U 108 19.31 41.12 -12.96
CA ALA U 108 17.92 41.52 -12.94
C ALA U 108 17.71 43.03 -12.78
N PRO U 109 16.51 43.49 -13.11
CA PRO U 109 16.12 44.85 -13.00
C PRO U 109 16.57 45.72 -11.83
N LEU U 110 16.34 45.45 -10.56
CA LEU U 110 16.79 46.40 -9.55
C LEU U 110 17.75 45.61 -8.68
N ASN U 111 18.69 44.90 -9.33
CA ASN U 111 19.68 44.05 -8.70
C ASN U 111 20.50 44.93 -7.79
N PRO U 112 20.57 44.57 -6.52
CA PRO U 112 21.32 45.29 -5.51
C PRO U 112 22.77 45.52 -5.88
N LYS U 113 23.22 46.78 -5.78
CA LYS U 113 24.58 47.22 -6.13
C LYS U 113 25.72 46.27 -5.72
N ALA U 114 25.49 45.75 -4.52
CA ALA U 114 26.39 44.85 -3.84
C ALA U 114 26.56 43.49 -4.48
N ASN U 115 25.51 43.00 -5.15
CA ASN U 115 25.50 41.75 -5.90
C ASN U 115 26.31 41.88 -7.16
N ARG U 116 26.12 43.02 -7.90
CA ARG U 116 26.80 43.26 -9.18
C ARG U 116 28.27 43.34 -8.84
N GLU U 117 28.64 43.98 -7.73
CA GLU U 117 30.02 43.91 -7.23
C GLU U 117 30.43 42.49 -6.79
N LYS U 118 29.57 41.66 -6.20
CA LYS U 118 29.97 40.34 -5.76
C LYS U 118 30.20 39.39 -6.92
N MET U 119 29.33 39.30 -7.93
CA MET U 119 29.60 38.43 -9.05
C MET U 119 30.78 38.87 -9.88
N THR U 120 31.21 40.12 -9.70
CA THR U 120 32.38 40.60 -10.38
C THR U 120 33.58 40.10 -9.60
N GLN U 121 33.51 40.21 -8.27
CA GLN U 121 34.51 39.67 -7.37
C GLN U 121 34.69 38.19 -7.70
N ILE U 122 33.66 37.38 -7.90
CA ILE U 122 33.79 35.95 -8.19
C ILE U 122 34.22 35.71 -9.62
N MET U 123 33.78 36.52 -10.57
CA MET U 123 34.20 36.29 -11.94
C MET U 123 35.69 36.52 -12.04
N PHE U 124 36.17 37.68 -11.64
CA PHE U 124 37.58 37.99 -11.74
C PHE U 124 38.45 37.27 -10.73
N GLU U 125 38.04 37.19 -9.46
CA GLU U 125 38.90 36.56 -8.47
C GLU U 125 38.79 35.06 -8.35
N THR U 126 37.71 34.32 -8.65
CA THR U 126 37.82 32.87 -8.54
C THR U 126 37.82 32.27 -9.93
N PHE U 127 37.28 32.86 -11.02
CA PHE U 127 37.36 32.24 -12.35
C PHE U 127 38.44 32.79 -13.28
N ASN U 128 38.94 33.98 -12.89
CA ASN U 128 40.06 34.65 -13.54
C ASN U 128 39.74 34.86 -15.02
N VAL U 129 38.56 35.42 -15.32
CA VAL U 129 38.21 35.68 -16.71
C VAL U 129 39.00 36.93 -17.18
N PRO U 130 39.40 37.14 -18.46
CA PRO U 130 40.14 38.33 -18.87
C PRO U 130 39.40 39.65 -18.62
N ALA U 131 38.11 39.61 -18.98
CA ALA U 131 37.22 40.75 -18.87
C ALA U 131 35.78 40.26 -18.80
N MET U 132 34.91 41.08 -18.23
CA MET U 132 33.51 40.76 -18.10
C MET U 132 32.65 42.00 -18.16
N TYR U 133 31.31 41.87 -18.02
CA TYR U 133 30.37 42.96 -18.24
C TYR U 133 29.05 42.44 -17.74
N VAL U 134 28.22 43.21 -17.05
CA VAL U 134 26.94 42.73 -16.57
C VAL U 134 25.86 43.56 -17.31
N ALA U 135 25.04 43.02 -18.22
CA ALA U 135 23.93 43.79 -18.81
C ALA U 135 22.58 43.61 -18.09
N ILE U 136 21.62 44.52 -18.08
CA ILE U 136 20.35 44.29 -17.37
C ILE U 136 19.51 43.54 -18.36
N GLN U 137 18.74 42.57 -17.86
CA GLN U 137 18.03 41.70 -18.77
C GLN U 137 17.04 42.36 -19.69
N ALA U 138 16.01 43.08 -19.24
CA ALA U 138 15.11 43.80 -20.15
C ALA U 138 15.77 44.67 -21.23
N VAL U 139 16.90 45.22 -20.83
CA VAL U 139 17.65 46.06 -21.72
C VAL U 139 18.21 45.21 -22.87
N LEU U 140 18.67 43.98 -22.67
CA LEU U 140 19.14 43.14 -23.78
C LEU U 140 17.98 42.64 -24.60
N SER U 141 16.85 42.42 -23.97
CA SER U 141 15.72 41.98 -24.74
C SER U 141 15.30 43.04 -25.72
N LEU U 142 15.22 44.32 -25.29
CA LEU U 142 14.80 45.40 -26.16
C LEU U 142 15.65 45.63 -27.40
N TYR U 143 16.92 45.59 -27.04
CA TYR U 143 17.97 45.81 -28.00
C TYR U 143 18.02 44.72 -29.06
N ALA U 144 17.79 43.49 -28.66
CA ALA U 144 17.69 42.37 -29.57
C ALA U 144 16.48 42.56 -30.49
N SER U 145 15.50 43.43 -30.18
CA SER U 145 14.39 43.67 -31.11
C SER U 145 14.66 44.94 -31.92
N GLY U 146 15.95 45.27 -32.02
CA GLY U 146 16.43 46.41 -32.74
C GLY U 146 16.42 47.69 -31.91
N ARG U 147 15.37 48.03 -31.15
CA ARG U 147 15.29 49.35 -30.54
C ARG U 147 15.97 49.71 -29.21
N THR U 148 15.85 51.00 -28.85
CA THR U 148 16.46 51.54 -27.66
C THR U 148 15.55 52.21 -26.65
N THR U 149 14.34 52.48 -27.07
CA THR U 149 13.30 52.99 -26.19
C THR U 149 12.14 52.08 -26.51
N GLY U 150 11.55 51.70 -25.39
CA GLY U 150 10.39 50.84 -25.34
C GLY U 150 10.15 50.40 -23.90
N ILE U 151 9.18 49.56 -23.63
CA ILE U 151 9.00 49.04 -22.29
C ILE U 151 8.95 47.52 -22.49
N VAL U 152 9.75 46.77 -21.74
CA VAL U 152 9.76 45.32 -21.85
C VAL U 152 8.88 44.67 -20.77
N LEU U 153 7.96 43.78 -21.14
CA LEU U 153 7.29 42.98 -20.15
C LEU U 153 8.13 41.73 -20.19
N ASP U 154 8.84 41.47 -19.10
CA ASP U 154 9.73 40.32 -19.08
C ASP U 154 9.22 39.33 -18.05
N SER U 155 9.06 38.05 -18.45
CA SER U 155 8.40 37.00 -17.65
C SER U 155 8.96 35.60 -17.86
N GLY U 156 9.59 35.08 -16.82
CA GLY U 156 10.23 33.80 -16.99
C GLY U 156 9.73 32.76 -16.05
N ASP U 157 10.66 32.25 -15.26
CA ASP U 157 10.26 31.22 -14.35
C ASP U 157 9.92 31.66 -12.96
N GLY U 158 10.62 32.55 -12.26
CA GLY U 158 10.23 32.99 -10.94
C GLY U 158 9.74 34.45 -10.93
N VAL U 159 10.09 35.40 -11.84
CA VAL U 159 9.65 36.81 -11.82
C VAL U 159 9.07 37.30 -13.13
N THR U 160 8.18 38.33 -12.99
CA THR U 160 7.69 39.16 -14.07
C THR U 160 8.09 40.60 -13.80
N HIS U 161 8.39 41.36 -14.84
CA HIS U 161 8.91 42.70 -14.68
C HIS U 161 8.37 43.51 -15.81
N ASN U 162 8.39 44.81 -15.59
CA ASN U 162 8.12 45.82 -16.63
C ASN U 162 9.28 46.77 -16.58
N VAL U 163 10.11 46.90 -17.60
CA VAL U 163 11.25 47.80 -17.43
C VAL U 163 11.18 48.77 -18.57
N PRO U 164 10.76 50.01 -18.28
CA PRO U 164 10.67 51.08 -19.27
C PRO U 164 12.10 51.51 -19.52
N ILE U 165 12.55 51.55 -20.79
CA ILE U 165 13.92 51.95 -21.14
C ILE U 165 13.91 53.12 -22.12
N TYR U 166 14.69 54.17 -21.86
CA TYR U 166 14.74 55.33 -22.74
C TYR U 166 16.16 55.59 -23.21
N GLU U 167 16.37 55.50 -24.52
CA GLU U 167 17.68 55.62 -25.12
C GLU U 167 18.80 54.89 -24.40
N GLY U 168 18.33 53.74 -23.90
CA GLY U 168 19.14 52.72 -23.32
C GLY U 168 19.16 52.65 -21.82
N TYR U 169 18.76 53.72 -21.14
CA TYR U 169 18.81 53.74 -19.69
C TYR U 169 17.48 53.28 -19.14
N ALA U 170 17.49 52.11 -18.47
CA ALA U 170 16.33 51.53 -17.81
C ALA U 170 15.93 52.49 -16.70
N LEU U 171 14.63 52.76 -16.58
CA LEU U 171 14.15 53.79 -15.68
C LEU U 171 13.79 53.26 -14.29
N PRO U 172 14.73 53.28 -13.36
CA PRO U 172 14.56 52.72 -12.01
C PRO U 172 13.23 52.89 -11.27
N HIS U 173 12.75 54.10 -11.27
CA HIS U 173 11.50 54.41 -10.58
C HIS U 173 10.26 54.00 -11.36
N ALA U 174 10.32 53.34 -12.49
CA ALA U 174 9.07 53.05 -13.18
C ALA U 174 8.91 51.56 -13.37
N ILE U 175 9.98 50.80 -13.05
CA ILE U 175 10.10 49.33 -13.07
C ILE U 175 9.12 48.68 -12.08
N MET U 176 8.40 47.62 -12.47
CA MET U 176 7.44 46.93 -11.61
C MET U 176 7.80 45.45 -11.69
N ARG U 177 7.69 44.83 -10.55
CA ARG U 177 7.97 43.43 -10.41
C ARG U 177 6.74 42.73 -9.85
N LEU U 178 6.38 41.63 -10.50
CA LEU U 178 5.23 40.86 -10.10
C LEU U 178 5.80 39.46 -9.92
N ASP U 179 5.87 38.96 -8.69
CA ASP U 179 6.34 37.60 -8.40
C ASP U 179 5.31 36.49 -8.72
N LEU U 180 4.89 36.33 -10.00
CA LEU U 180 4.05 35.22 -10.42
C LEU U 180 4.51 34.97 -11.83
N ALA U 181 5.01 33.78 -12.11
CA ALA U 181 5.53 33.46 -13.41
C ALA U 181 5.25 32.03 -13.82
N GLY U 182 6.02 31.44 -14.75
CA GLY U 182 5.77 30.11 -15.30
C GLY U 182 5.74 28.96 -14.32
N ARG U 183 6.49 29.09 -13.21
CA ARG U 183 6.60 28.13 -12.11
C ARG U 183 5.26 28.09 -11.41
N ASP U 184 4.74 29.25 -10.98
CA ASP U 184 3.44 29.44 -10.36
C ASP U 184 2.36 28.89 -11.29
N LEU U 185 2.50 29.19 -12.58
CA LEU U 185 1.58 28.78 -13.64
C LEU U 185 1.46 27.28 -13.94
N THR U 186 2.54 26.53 -13.72
CA THR U 186 2.54 25.09 -13.90
C THR U 186 1.82 24.49 -12.69
N ASP U 187 1.94 25.09 -11.50
CA ASP U 187 1.36 24.50 -10.33
C ASP U 187 -0.13 24.78 -10.27
N TYR U 188 -0.57 25.85 -10.91
CA TYR U 188 -1.98 26.14 -10.95
C TYR U 188 -2.60 25.21 -11.98
N LEU U 189 -1.97 24.93 -13.11
CA LEU U 189 -2.55 24.05 -14.10
C LEU U 189 -2.77 22.70 -13.47
N MET U 190 -1.74 22.28 -12.73
CA MET U 190 -1.69 21.05 -11.97
C MET U 190 -2.98 20.81 -11.20
N LYS U 191 -3.35 21.80 -10.37
CA LYS U 191 -4.56 21.74 -9.61
C LYS U 191 -5.71 21.82 -10.59
N ILE U 192 -5.93 22.73 -11.54
CA ILE U 192 -7.13 22.66 -12.37
C ILE U 192 -7.27 21.41 -13.25
N LEU U 193 -6.19 20.63 -13.33
CA LEU U 193 -6.18 19.42 -14.10
C LEU U 193 -6.45 18.23 -13.17
N THR U 194 -6.03 18.25 -11.89
CA THR U 194 -6.41 17.20 -10.95
C THR U 194 -7.89 17.38 -10.62
N GLU U 195 -8.27 18.66 -10.58
CA GLU U 195 -9.62 19.15 -10.33
C GLU U 195 -10.52 18.77 -11.53
N ARG U 196 -9.98 18.56 -12.74
CA ARG U 196 -10.72 18.01 -13.88
C ARG U 196 -11.00 16.51 -13.66
N GLY U 197 -10.50 15.96 -12.54
CA GLY U 197 -10.69 14.57 -12.16
C GLY U 197 -9.48 13.78 -12.58
N TYR U 198 -8.27 14.11 -12.09
CA TYR U 198 -7.05 13.42 -12.50
C TYR U 198 -6.07 13.28 -11.35
N SER U 199 -4.99 12.55 -11.68
CA SER U 199 -3.92 12.31 -10.73
C SER U 199 -2.53 12.25 -11.33
N PHE U 200 -1.77 13.20 -10.82
CA PHE U 200 -0.37 13.33 -11.16
C PHE U 200 0.24 12.95 -9.82
N VAL U 201 0.41 11.64 -9.91
CA VAL U 201 0.81 10.91 -8.74
C VAL U 201 2.30 10.65 -8.70
N THR U 202 2.89 9.87 -9.64
CA THR U 202 4.34 9.64 -9.64
C THR U 202 5.07 10.84 -10.23
N THR U 203 6.40 10.91 -10.09
CA THR U 203 7.16 12.05 -10.57
C THR U 203 7.16 12.15 -12.10
N ALA U 204 6.88 11.06 -12.80
CA ALA U 204 6.69 11.07 -14.24
C ALA U 204 5.33 11.63 -14.69
N GLU U 205 4.46 11.90 -13.72
CA GLU U 205 3.19 12.50 -13.97
C GLU U 205 3.41 13.98 -13.65
N ARG U 206 3.98 14.33 -12.49
CA ARG U 206 4.29 15.73 -12.14
C ARG U 206 4.97 16.55 -13.27
N GLU U 207 6.12 16.06 -13.77
CA GLU U 207 6.97 16.79 -14.69
C GLU U 207 6.30 17.18 -16.00
N ILE U 208 5.51 16.25 -16.53
CA ILE U 208 4.84 16.44 -17.79
C ILE U 208 3.64 17.41 -17.76
N VAL U 209 3.13 17.85 -16.59
CA VAL U 209 2.07 18.85 -16.52
C VAL U 209 2.66 20.14 -17.09
N ARG U 210 3.95 20.33 -16.86
CA ARG U 210 4.70 21.45 -17.37
C ARG U 210 4.80 21.36 -18.89
N ASP U 211 4.91 20.17 -19.49
CA ASP U 211 4.99 20.01 -20.93
C ASP U 211 3.63 20.12 -21.58
N ILE U 212 2.57 19.92 -20.77
CA ILE U 212 1.19 20.17 -21.21
C ILE U 212 1.02 21.68 -21.31
N LYS U 213 1.31 22.43 -20.22
CA LYS U 213 1.30 23.90 -20.18
C LYS U 213 2.01 24.47 -21.37
N GLU U 214 3.25 24.08 -21.65
CA GLU U 214 3.98 24.62 -22.80
C GLU U 214 3.29 24.29 -24.12
N LYS U 215 2.99 23.02 -24.45
CA LYS U 215 2.42 22.63 -25.75
C LYS U 215 0.98 23.04 -26.09
N LEU U 216 0.07 22.80 -25.13
CA LEU U 216 -1.34 23.03 -25.33
C LEU U 216 -1.89 24.30 -24.76
N CYS U 217 -1.27 25.03 -23.82
CA CYS U 217 -1.83 26.28 -23.34
C CYS U 217 -1.78 27.52 -24.24
N TYR U 218 -2.91 28.22 -24.04
CA TYR U 218 -3.38 29.36 -24.84
C TYR U 218 -3.72 30.59 -24.03
N VAL U 219 -3.62 31.79 -24.63
CA VAL U 219 -4.17 32.98 -23.97
C VAL U 219 -5.16 33.44 -24.99
N ALA U 220 -6.37 33.20 -24.56
CA ALA U 220 -7.46 33.67 -25.36
C ALA U 220 -7.77 35.13 -25.06
N LEU U 221 -8.14 35.71 -26.20
CA LEU U 221 -8.70 37.04 -26.26
C LEU U 221 -10.18 36.75 -26.16
N ASP U 222 -10.79 37.56 -25.29
CA ASP U 222 -12.18 37.41 -24.86
C ASP U 222 -12.33 36.02 -24.25
N PHE U 223 -11.68 36.01 -23.07
CA PHE U 223 -11.58 34.85 -22.20
C PHE U 223 -12.93 34.57 -21.56
N GLU U 224 -13.79 35.61 -21.66
CA GLU U 224 -15.20 35.69 -21.25
C GLU U 224 -16.08 34.68 -22.00
N ASN U 225 -16.19 34.98 -23.30
CA ASN U 225 -16.95 34.17 -24.22
C ASN U 225 -16.04 33.15 -24.86
N GLU U 226 -15.20 32.53 -24.02
CA GLU U 226 -14.34 31.41 -24.39
C GLU U 226 -14.68 30.24 -23.44
N MET U 227 -15.01 30.64 -22.20
CA MET U 227 -15.60 29.79 -21.20
C MET U 227 -17.00 29.44 -21.73
N ALA U 228 -17.78 30.47 -22.15
CA ALA U 228 -19.09 30.30 -22.77
C ALA U 228 -19.02 29.32 -23.95
N THR U 229 -17.99 29.48 -24.79
CA THR U 229 -17.72 28.56 -25.89
C THR U 229 -17.46 27.13 -25.39
N ALA U 230 -16.70 27.03 -24.28
CA ALA U 230 -16.31 25.75 -23.69
C ALA U 230 -17.50 24.86 -23.41
N ALA U 231 -18.55 25.53 -22.88
CA ALA U 231 -19.84 24.96 -22.49
C ALA U 231 -20.72 24.37 -23.62
N SER U 232 -20.87 25.10 -24.74
CA SER U 232 -21.53 24.62 -25.94
C SER U 232 -20.82 23.36 -26.48
N SER U 233 -19.53 23.26 -26.08
CA SER U 233 -18.56 22.21 -26.39
C SER U 233 -18.48 21.87 -27.86
N SER U 234 -17.54 22.72 -28.27
CA SER U 234 -17.02 22.72 -29.61
C SER U 234 -15.85 21.74 -29.60
N SER U 235 -15.23 21.67 -30.78
CA SER U 235 -14.02 20.89 -30.93
C SER U 235 -12.86 21.82 -30.49
N LEU U 236 -13.00 22.38 -29.25
CA LEU U 236 -12.00 23.22 -28.59
C LEU U 236 -11.08 22.33 -27.75
N GLU U 237 -11.60 21.19 -27.23
CA GLU U 237 -10.87 20.19 -26.42
C GLU U 237 -9.52 19.69 -26.98
N LYS U 238 -8.61 19.24 -26.11
CA LYS U 238 -7.34 18.74 -26.59
C LYS U 238 -6.71 17.67 -25.71
N SER U 239 -6.67 16.45 -26.26
CA SER U 239 -6.07 15.33 -25.56
C SER U 239 -4.61 15.06 -25.92
N TYR U 240 -3.84 14.94 -24.83
CA TYR U 240 -2.40 14.70 -24.82
C TYR U 240 -2.18 13.25 -24.39
N GLU U 241 -1.29 12.48 -25.04
CA GLU U 241 -0.96 11.11 -24.58
C GLU U 241 0.23 11.14 -23.63
N LEU U 242 0.03 10.61 -22.42
CA LEU U 242 1.01 10.64 -21.33
C LEU U 242 2.32 9.83 -21.58
N PRO U 243 3.32 9.56 -20.65
CA PRO U 243 4.53 8.76 -20.97
C PRO U 243 4.19 7.38 -21.57
N ASP U 244 3.05 6.87 -21.07
CA ASP U 244 2.35 5.66 -21.52
C ASP U 244 1.08 6.05 -22.35
N GLY U 245 0.10 5.13 -22.51
CA GLY U 245 -1.12 5.34 -23.29
C GLY U 245 -2.06 6.41 -22.73
N GLN U 246 -2.35 6.30 -21.42
CA GLN U 246 -3.20 7.20 -20.63
C GLN U 246 -3.46 8.62 -21.18
N VAL U 247 -4.32 8.59 -22.20
CA VAL U 247 -4.71 9.80 -22.88
C VAL U 247 -5.57 10.70 -22.00
N ILE U 248 -4.92 11.78 -21.64
CA ILE U 248 -5.56 12.77 -20.81
C ILE U 248 -6.18 13.84 -21.70
N THR U 249 -7.38 14.33 -21.36
CA THR U 249 -8.02 15.39 -22.14
C THR U 249 -8.10 16.71 -21.32
N ILE U 250 -7.82 17.78 -22.08
CA ILE U 250 -7.77 19.13 -21.59
C ILE U 250 -8.48 19.91 -22.65
N GLY U 251 -9.65 20.39 -22.30
CA GLY U 251 -10.37 21.17 -23.26
C GLY U 251 -10.15 22.64 -23.01
N ASN U 252 -10.83 22.91 -21.91
CA ASN U 252 -11.11 24.22 -21.37
C ASN U 252 -9.92 24.85 -20.59
N GLU U 253 -9.47 24.28 -19.44
CA GLU U 253 -8.32 24.71 -18.60
C GLU U 253 -7.03 25.17 -19.27
N ARG U 254 -6.91 24.62 -20.46
CA ARG U 254 -5.97 25.01 -21.49
C ARG U 254 -5.67 26.55 -21.51
N PHE U 255 -6.71 27.40 -21.34
CA PHE U 255 -6.59 28.85 -21.31
C PHE U 255 -6.89 29.44 -19.92
N ARG U 256 -7.45 28.65 -19.02
CA ARG U 256 -7.72 29.12 -17.66
C ARG U 256 -6.39 29.35 -16.93
N CYS U 257 -5.35 28.66 -17.39
CA CYS U 257 -4.00 28.79 -16.85
C CYS U 257 -3.36 30.15 -17.23
N PRO U 258 -3.19 30.62 -18.48
CA PRO U 258 -2.65 31.94 -18.76
C PRO U 258 -3.65 33.06 -18.39
N GLU U 259 -5.00 32.88 -18.27
CA GLU U 259 -5.91 33.91 -17.74
C GLU U 259 -5.37 34.20 -16.32
N THR U 260 -4.52 33.37 -15.67
CA THR U 260 -3.98 33.69 -14.35
C THR U 260 -3.08 34.92 -14.47
N LEU U 261 -2.27 35.04 -15.53
CA LEU U 261 -1.46 36.25 -15.74
C LEU U 261 -2.23 37.58 -15.81
N PHE U 262 -3.53 37.62 -16.20
CA PHE U 262 -4.35 38.85 -16.21
C PHE U 262 -5.18 38.98 -14.95
N GLN U 263 -5.51 37.83 -14.35
CA GLN U 263 -6.26 37.74 -13.12
C GLN U 263 -5.43 36.93 -12.12
N PRO U 264 -4.66 37.57 -11.23
CA PRO U 264 -3.85 36.94 -10.20
C PRO U 264 -4.77 36.37 -9.12
N SER U 265 -6.03 36.86 -9.09
CA SER U 265 -7.11 36.41 -8.19
C SER U 265 -7.49 34.91 -8.29
N PHE U 266 -7.14 34.30 -9.46
CA PHE U 266 -7.25 32.88 -9.74
C PHE U 266 -6.36 32.07 -8.83
N ILE U 267 -5.35 32.74 -8.27
CA ILE U 267 -4.41 32.07 -7.43
C ILE U 267 -4.21 32.76 -6.08
N GLY U 268 -5.23 33.43 -5.58
CA GLY U 268 -5.10 34.04 -4.28
C GLY U 268 -4.04 35.14 -4.25
N MET U 269 -3.75 35.69 -5.43
CA MET U 269 -2.92 36.87 -5.47
C MET U 269 -3.80 38.10 -5.55
N GLU U 270 -3.47 39.07 -4.68
CA GLU U 270 -4.14 40.37 -4.63
C GLU U 270 -3.51 41.48 -5.48
N SER U 271 -2.31 41.22 -6.02
CA SER U 271 -1.60 42.11 -6.92
C SER U 271 -2.38 42.31 -8.21
N ALA U 272 -2.03 43.40 -8.90
CA ALA U 272 -2.62 43.70 -10.21
C ALA U 272 -2.06 42.76 -11.29
N GLY U 273 -2.59 42.75 -12.51
CA GLY U 273 -2.08 41.81 -13.50
C GLY U 273 -1.27 42.48 -14.61
N ILE U 274 -0.49 41.65 -15.32
CA ILE U 274 0.36 42.01 -16.45
C ILE U 274 0.03 43.29 -17.24
N HIS U 275 -1.21 43.41 -17.74
CA HIS U 275 -1.63 44.55 -18.57
C HIS U 275 -1.82 45.85 -17.82
N GLU U 276 -2.33 45.75 -16.61
CA GLU U 276 -2.52 46.90 -15.77
C GLU U 276 -1.18 47.37 -15.34
N THR U 277 -0.29 46.43 -15.09
CA THR U 277 1.03 46.73 -14.63
C THR U 277 1.82 47.36 -15.75
N THR U 278 1.69 46.93 -17.01
CA THR U 278 2.32 47.57 -18.17
C THR U 278 2.00 49.08 -18.20
N TYR U 279 0.71 49.27 -17.97
CA TYR U 279 0.11 50.57 -17.96
C TYR U 279 0.60 51.33 -16.78
N ASN U 280 0.61 50.80 -15.57
CA ASN U 280 0.95 51.63 -14.45
C ASN U 280 2.38 52.11 -14.51
N SER U 281 3.25 51.28 -15.10
CA SER U 281 4.67 51.57 -15.28
C SER U 281 4.73 52.83 -16.10
N ILE U 282 3.87 52.79 -17.14
CA ILE U 282 3.77 53.85 -18.13
C ILE U 282 3.18 55.08 -17.48
N MET U 283 2.10 55.11 -16.68
CA MET U 283 1.72 56.40 -16.11
C MET U 283 2.60 56.85 -14.90
N LYS U 284 3.74 56.13 -14.66
CA LYS U 284 4.80 56.50 -13.70
C LYS U 284 6.02 57.15 -14.34
N CYS U 285 6.04 57.17 -15.68
CA CYS U 285 7.12 57.72 -16.47
C CYS U 285 6.87 59.14 -16.91
N ASP U 286 7.86 59.84 -17.45
CA ASP U 286 7.63 61.17 -17.97
C ASP U 286 6.63 61.04 -19.10
N ILE U 287 5.84 62.11 -19.14
CA ILE U 287 4.70 62.41 -20.05
C ILE U 287 4.99 62.44 -21.56
N ASP U 288 6.11 63.11 -21.85
CA ASP U 288 6.61 63.24 -23.18
C ASP U 288 7.10 61.88 -23.67
N ILE U 289 7.54 60.94 -22.78
CA ILE U 289 8.02 59.64 -23.29
C ILE U 289 6.94 58.61 -23.38
N ARG U 290 5.75 58.86 -22.81
CA ARG U 290 4.70 57.87 -22.86
C ARG U 290 4.25 57.58 -24.30
N LYS U 291 4.30 58.38 -25.38
CA LYS U 291 3.85 57.81 -26.66
C LYS U 291 4.82 56.73 -27.16
N ASP U 292 6.11 56.85 -26.78
CA ASP U 292 7.17 55.96 -27.22
C ASP U 292 7.01 54.59 -26.61
N LEU U 293 6.93 54.55 -25.29
CA LEU U 293 6.69 53.33 -24.58
C LEU U 293 5.45 52.60 -25.10
N TYR U 294 4.36 53.33 -25.41
CA TYR U 294 3.16 52.66 -25.87
C TYR U 294 3.28 52.02 -27.22
N ALA U 295 4.08 52.56 -28.09
CA ALA U 295 4.22 51.94 -29.39
C ALA U 295 5.35 50.91 -29.38
N ASN U 296 5.89 50.57 -28.19
CA ASN U 296 7.01 49.66 -28.11
C ASN U 296 7.02 48.82 -26.87
N ASN U 297 6.00 47.98 -26.78
CA ASN U 297 5.85 47.02 -25.71
C ASN U 297 6.50 45.77 -26.23
N VAL U 298 7.71 45.51 -25.80
CA VAL U 298 8.44 44.36 -26.29
C VAL U 298 8.23 43.34 -25.21
N MET U 299 7.93 42.13 -25.70
CA MET U 299 7.77 41.01 -24.80
C MET U 299 8.96 40.04 -24.84
N SER U 300 9.40 39.61 -23.66
CA SER U 300 10.38 38.55 -23.67
C SER U 300 10.15 37.63 -22.47
N GLY U 301 10.66 36.41 -22.60
CA GLY U 301 10.56 35.44 -21.53
C GLY U 301 9.71 34.20 -21.86
N GLY U 302 10.11 33.05 -21.30
CA GLY U 302 9.42 31.80 -21.55
C GLY U 302 7.91 31.90 -21.30
N THR U 303 7.46 32.54 -20.24
CA THR U 303 6.06 32.58 -19.96
C THR U 303 5.30 33.53 -20.87
N THR U 304 5.91 34.36 -21.71
CA THR U 304 5.15 35.23 -22.63
C THR U 304 4.94 34.57 -23.98
N MET U 305 5.27 33.26 -24.05
CA MET U 305 5.18 32.50 -25.29
C MET U 305 3.81 31.91 -25.56
N TYR U 306 2.90 31.83 -24.55
CA TYR U 306 1.53 31.34 -24.70
C TYR U 306 0.89 31.97 -25.91
N PRO U 307 0.52 31.33 -27.03
CA PRO U 307 -0.11 32.00 -28.17
C PRO U 307 -1.29 32.92 -27.78
N GLY U 308 -1.43 34.05 -28.49
CA GLY U 308 -2.52 34.99 -28.29
C GLY U 308 -2.38 35.89 -27.10
N ILE U 309 -1.13 35.94 -26.61
CA ILE U 309 -0.75 36.73 -25.46
C ILE U 309 -0.65 38.18 -25.83
N ALA U 310 -0.14 38.34 -27.06
CA ALA U 310 0.10 39.62 -27.67
C ALA U 310 -1.24 40.25 -28.00
N ASP U 311 -2.20 39.53 -28.66
CA ASP U 311 -3.53 40.06 -29.01
C ASP U 311 -4.32 40.50 -27.77
N ARG U 312 -4.32 39.67 -26.73
CA ARG U 312 -4.96 40.00 -25.46
C ARG U 312 -4.27 41.25 -24.93
N MET U 313 -2.94 41.36 -24.91
CA MET U 313 -2.27 42.55 -24.37
C MET U 313 -2.50 43.82 -25.16
N GLN U 314 -2.67 43.61 -26.46
CA GLN U 314 -2.93 44.63 -27.47
C GLN U 314 -4.20 45.34 -27.13
N LYS U 315 -5.22 44.52 -26.94
CA LYS U 315 -6.53 45.01 -26.57
C LYS U 315 -6.67 45.36 -25.12
N GLU U 316 -5.79 44.80 -24.31
CA GLU U 316 -5.87 45.11 -22.91
C GLU U 316 -5.39 46.54 -22.67
N ILE U 317 -4.28 46.93 -23.31
CA ILE U 317 -3.83 48.29 -23.05
C ILE U 317 -4.46 49.28 -24.00
N THR U 318 -4.96 48.98 -25.21
CA THR U 318 -5.64 49.98 -26.04
C THR U 318 -6.79 50.60 -25.26
N ALA U 319 -7.54 49.67 -24.67
CA ALA U 319 -8.67 50.04 -23.86
C ALA U 319 -8.37 50.61 -22.46
N LEU U 320 -7.10 50.93 -22.15
CA LEU U 320 -6.78 51.64 -20.91
C LEU U 320 -6.05 52.94 -21.21
N ALA U 321 -5.43 52.93 -22.40
CA ALA U 321 -4.66 54.06 -22.91
C ALA U 321 -5.54 55.13 -23.57
N PRO U 322 -5.18 56.44 -23.53
CA PRO U 322 -5.97 57.52 -24.14
C PRO U 322 -6.10 57.28 -25.65
N SER U 323 -7.27 57.31 -26.32
CA SER U 323 -7.40 56.98 -27.75
C SER U 323 -6.54 57.65 -28.82
N THR U 324 -5.96 58.77 -28.39
CA THR U 324 -5.02 59.55 -29.18
C THR U 324 -3.69 58.78 -29.35
N MET U 325 -3.56 57.64 -28.66
CA MET U 325 -2.34 56.89 -28.59
C MET U 325 -2.30 55.71 -29.53
N LYS U 326 -1.06 55.45 -29.93
CA LYS U 326 -0.76 54.27 -30.71
C LYS U 326 -0.20 53.23 -29.74
N ILE U 327 -0.83 52.06 -29.76
CA ILE U 327 -0.43 50.92 -28.95
C ILE U 327 0.39 50.03 -29.89
N LYS U 328 1.44 49.32 -29.43
CA LYS U 328 2.10 48.34 -30.28
C LYS U 328 2.90 47.33 -29.45
N ILE U 329 2.36 46.10 -29.47
CA ILE U 329 2.88 44.96 -28.71
C ILE U 329 3.74 44.06 -29.59
N ILE U 330 5.06 44.21 -29.48
CA ILE U 330 6.00 43.40 -30.21
C ILE U 330 6.30 42.17 -29.32
N ALA U 331 6.10 41.00 -29.95
CA ALA U 331 6.36 39.69 -29.37
C ALA U 331 7.08 38.85 -30.42
N PRO U 332 8.41 38.83 -30.51
CA PRO U 332 9.11 38.02 -31.49
C PRO U 332 9.04 36.52 -31.18
N PRO U 333 9.32 35.65 -32.17
CA PRO U 333 9.27 34.20 -32.04
C PRO U 333 10.39 33.65 -31.17
N GLU U 334 11.59 34.21 -31.26
CA GLU U 334 12.65 33.67 -30.47
C GLU U 334 12.53 34.19 -29.05
N ARG U 335 11.50 34.95 -28.63
CA ARG U 335 11.45 35.52 -27.28
C ARG U 335 11.85 34.77 -26.02
N LYS U 336 11.78 33.43 -25.98
CA LYS U 336 12.31 32.70 -24.84
C LYS U 336 13.84 32.88 -24.76
N TYR U 337 14.57 33.35 -25.78
CA TYR U 337 15.98 33.72 -25.69
C TYR U 337 16.28 35.20 -26.05
N SER U 338 15.34 36.16 -26.02
CA SER U 338 15.60 37.56 -26.38
C SER U 338 16.79 38.16 -25.68
N VAL U 339 16.71 38.02 -24.35
CA VAL U 339 17.74 38.44 -23.42
C VAL U 339 19.08 37.95 -23.90
N TRP U 340 19.20 36.64 -24.22
CA TRP U 340 20.48 36.05 -24.55
C TRP U 340 20.99 36.57 -25.88
N ILE U 341 20.06 36.69 -26.83
CA ILE U 341 20.39 37.04 -28.19
C ILE U 341 20.84 38.47 -28.18
N GLY U 342 20.22 39.33 -27.36
CA GLY U 342 20.59 40.74 -27.22
C GLY U 342 22.01 40.85 -26.70
N GLY U 343 22.42 39.89 -25.86
CA GLY U 343 23.75 39.86 -25.31
C GLY U 343 24.73 39.40 -26.35
N SER U 344 24.36 38.40 -27.17
CA SER U 344 25.19 37.87 -28.22
C SER U 344 25.55 38.91 -29.26
N ILE U 345 24.54 39.72 -29.59
CA ILE U 345 24.67 40.80 -30.55
C ILE U 345 25.64 41.82 -30.00
N LEU U 346 25.25 42.37 -28.86
CA LEU U 346 25.99 43.40 -28.18
C LEU U 346 27.43 43.01 -27.94
N ALA U 347 27.66 41.79 -27.44
CA ALA U 347 29.02 41.43 -27.07
C ALA U 347 29.83 41.08 -28.28
N SER U 348 29.22 40.70 -29.40
CA SER U 348 30.03 40.43 -30.59
C SER U 348 30.29 41.73 -31.37
N LEU U 349 29.51 42.76 -31.05
CA LEU U 349 29.66 44.09 -31.63
C LEU U 349 31.03 44.72 -31.48
N SER U 350 31.22 45.36 -32.63
CA SER U 350 32.36 46.17 -33.01
C SER U 350 32.59 47.29 -32.00
N THR U 351 31.55 47.93 -31.44
CA THR U 351 31.77 49.03 -30.49
C THR U 351 31.80 48.72 -29.00
N PHE U 352 31.58 47.46 -28.66
CA PHE U 352 31.43 47.08 -27.27
C PHE U 352 32.75 46.85 -26.54
N GLN U 353 33.76 46.71 -27.38
CA GLN U 353 35.07 46.37 -26.87
C GLN U 353 35.52 47.36 -25.83
N GLN U 354 35.27 48.64 -26.07
CA GLN U 354 35.62 49.67 -25.09
C GLN U 354 34.75 49.73 -23.84
N MET U 355 33.69 48.89 -23.65
CA MET U 355 33.01 48.81 -22.34
C MET U 355 33.33 47.55 -21.52
N TRP U 356 34.03 46.55 -22.06
CA TRP U 356 34.47 45.39 -21.28
C TRP U 356 35.22 45.73 -20.00
N ILE U 357 34.86 45.33 -18.77
CA ILE U 357 35.71 45.62 -17.60
C ILE U 357 36.89 44.62 -17.59
N THR U 358 38.13 45.11 -17.74
CA THR U 358 39.27 44.22 -17.80
C THR U 358 39.87 44.04 -16.43
N LYS U 359 40.59 42.92 -16.20
CA LYS U 359 41.35 42.71 -14.97
C LYS U 359 42.25 43.90 -14.62
N GLN U 360 42.68 44.69 -15.62
CA GLN U 360 43.48 45.90 -15.42
C GLN U 360 42.50 46.81 -14.67
N GLU U 361 41.34 47.21 -15.23
CA GLU U 361 40.38 48.02 -14.49
C GLU U 361 40.11 47.50 -13.07
N TYR U 362 39.85 46.20 -12.95
CA TYR U 362 39.53 45.64 -11.66
C TYR U 362 40.67 45.69 -10.67
N ASP U 363 41.83 45.06 -10.96
CA ASP U 363 42.95 45.02 -10.01
C ASP U 363 43.33 46.42 -9.55
N GLU U 364 43.00 47.40 -10.39
CA GLU U 364 43.24 48.80 -10.06
C GLU U 364 42.09 49.57 -9.41
N ALA U 365 40.80 49.28 -9.68
CA ALA U 365 39.67 50.07 -9.13
C ALA U 365 38.73 49.46 -8.07
N GLY U 366 38.88 48.14 -7.87
CA GLY U 366 38.05 47.34 -6.97
C GLY U 366 36.70 47.06 -7.65
N PRO U 367 35.79 46.25 -7.09
CA PRO U 367 34.54 45.82 -7.75
C PRO U 367 33.61 46.95 -8.19
N SER U 368 33.88 48.09 -7.53
CA SER U 368 33.25 49.37 -7.80
C SER U 368 33.29 49.70 -9.28
N ILE U 369 34.44 49.44 -9.95
CA ILE U 369 34.65 49.71 -11.36
C ILE U 369 33.52 49.31 -12.32
N VAL U 370 33.06 48.06 -12.23
CA VAL U 370 32.02 47.54 -13.11
C VAL U 370 30.63 47.92 -12.61
N HIS U 371 30.55 48.21 -11.31
CA HIS U 371 29.28 48.50 -10.72
C HIS U 371 28.56 49.68 -11.39
N ARG U 372 29.33 50.64 -11.95
CA ARG U 372 28.85 51.85 -12.61
C ARG U 372 28.15 52.71 -11.52
N ASP V 1 -23.71 78.56 25.76
CA ASP V 1 -23.52 77.09 25.76
C ASP V 1 -24.18 76.42 24.55
N GLU V 2 -25.36 76.97 24.26
CA GLU V 2 -26.23 76.65 23.12
C GLU V 2 -25.44 76.11 21.93
N ASP V 3 -24.39 76.88 21.64
CA ASP V 3 -23.44 76.43 20.70
C ASP V 3 -22.00 76.54 21.22
N GLU V 4 -21.71 77.06 22.44
CA GLU V 4 -20.34 77.12 23.02
C GLU V 4 -19.77 75.70 23.11
N THR V 5 -20.65 74.79 23.56
CA THR V 5 -20.37 73.35 23.69
C THR V 5 -20.43 72.57 22.38
N THR V 6 -21.47 73.06 21.70
CA THR V 6 -22.12 72.57 20.51
C THR V 6 -21.38 72.74 19.17
N ALA V 7 -20.34 73.58 19.03
CA ALA V 7 -19.65 73.71 17.74
C ALA V 7 -18.77 72.50 17.48
N LEU V 8 -18.87 71.94 16.27
CA LEU V 8 -18.09 70.77 15.89
C LEU V 8 -16.91 71.21 15.02
N VAL V 9 -15.77 70.49 14.99
CA VAL V 9 -14.71 70.90 14.11
C VAL V 9 -14.28 69.65 13.42
N CYS V 10 -14.43 69.67 12.10
CA CYS V 10 -14.10 68.51 11.33
C CYS V 10 -13.04 68.87 10.32
N ASP V 11 -11.85 68.31 10.48
CA ASP V 11 -10.79 68.49 9.52
C ASP V 11 -10.59 67.26 8.60
N ASN V 12 -11.00 67.42 7.33
CA ASN V 12 -10.99 66.38 6.35
C ASN V 12 -9.65 66.31 5.67
N GLY V 13 -8.98 65.16 5.76
CA GLY V 13 -7.69 64.97 5.14
C GLY V 13 -7.71 63.89 4.08
N SER V 14 -6.53 63.84 3.48
CA SER V 14 -6.28 62.83 2.48
C SER V 14 -6.08 61.49 3.12
N GLY V 15 -5.56 61.37 4.34
CA GLY V 15 -5.30 60.10 4.98
C GLY V 15 -6.20 59.96 6.18
N LEU V 16 -6.28 60.98 7.04
CA LEU V 16 -7.06 60.99 8.27
C LEU V 16 -8.15 62.04 8.42
N VAL V 17 -9.23 61.79 9.14
CA VAL V 17 -10.21 62.80 9.50
C VAL V 17 -9.84 63.16 10.92
N LYS V 18 -9.87 64.41 11.36
CA LYS V 18 -9.67 64.77 12.75
C LYS V 18 -10.98 65.47 13.15
N ALA V 19 -11.64 65.11 14.24
CA ALA V 19 -12.94 65.65 14.55
C ALA V 19 -13.14 65.77 16.06
N GLY V 20 -14.17 66.46 16.51
CA GLY V 20 -14.28 66.73 17.93
C GLY V 20 -15.07 67.99 18.14
N PHE V 21 -15.05 68.46 19.39
CA PHE V 21 -15.85 69.63 19.76
C PHE V 21 -14.97 70.83 19.96
N ALA V 22 -15.40 71.98 19.45
CA ALA V 22 -14.71 73.25 19.63
C ALA V 22 -14.71 73.41 21.11
N GLY V 23 -13.53 73.73 21.62
CA GLY V 23 -13.38 73.75 23.06
C GLY V 23 -12.31 72.74 23.41
N ASP V 24 -12.39 71.49 22.96
CA ASP V 24 -11.40 70.49 23.31
C ASP V 24 -10.00 70.87 22.85
N ASP V 25 -8.98 70.22 23.42
CA ASP V 25 -7.58 70.56 23.13
C ASP V 25 -6.96 69.79 21.96
N ALA V 26 -7.65 68.67 21.65
CA ALA V 26 -7.25 67.73 20.62
C ALA V 26 -8.48 67.02 20.08
N PRO V 27 -8.41 66.45 18.84
CA PRO V 27 -9.54 65.75 18.23
C PRO V 27 -10.06 64.55 19.01
N ARG V 28 -11.37 64.54 19.17
CA ARG V 28 -12.04 63.42 19.80
C ARG V 28 -12.01 62.22 18.88
N ALA V 29 -11.92 62.46 17.57
CA ALA V 29 -11.97 61.37 16.62
C ALA V 29 -10.96 61.54 15.51
N VAL V 30 -10.19 60.48 15.29
CA VAL V 30 -9.15 60.45 14.28
C VAL V 30 -9.26 59.08 13.65
N PHE V 31 -9.37 59.01 12.31
CA PHE V 31 -9.58 57.74 11.66
C PHE V 31 -9.34 57.79 10.19
N PRO V 32 -8.98 56.73 9.46
CA PRO V 32 -8.76 56.80 8.03
C PRO V 32 -9.97 57.24 7.23
N SER V 33 -9.56 57.90 6.16
CA SER V 33 -10.43 58.54 5.22
C SER V 33 -10.63 57.55 4.10
N ILE V 34 -11.19 56.37 4.42
CA ILE V 34 -11.54 55.37 3.43
C ILE V 34 -12.99 54.97 3.49
N VAL V 35 -13.52 54.31 2.46
CA VAL V 35 -14.87 53.87 2.36
C VAL V 35 -14.65 52.57 1.61
N GLY V 36 -14.97 51.48 2.27
CA GLY V 36 -14.79 50.17 1.75
C GLY V 36 -16.10 49.65 1.27
N ARG V 37 -16.02 48.94 0.16
CA ARG V 37 -17.18 48.39 -0.51
C ARG V 37 -16.93 46.89 -0.66
N PRO V 38 -17.64 45.96 -0.03
CA PRO V 38 -17.36 44.51 -0.12
C PRO V 38 -17.34 43.90 -1.49
N ARG V 39 -16.21 43.30 -1.80
CA ARG V 39 -16.06 42.54 -3.03
C ARG V 39 -16.95 41.32 -3.13
N HIS V 40 -17.53 40.74 -2.03
CA HIS V 40 -18.37 39.52 -2.11
C HIS V 40 -19.60 39.49 -1.26
N GLN V 41 -20.61 38.69 -1.55
CA GLN V 41 -21.73 38.69 -0.64
C GLN V 41 -21.56 37.72 0.51
N GLY V 42 -21.91 38.19 1.70
CA GLY V 42 -21.74 37.45 2.92
C GLY V 42 -21.81 38.35 4.13
N VAL V 43 -21.66 37.78 5.33
CA VAL V 43 -21.75 38.51 6.59
C VAL V 43 -20.72 38.18 7.68
N MET V 44 -20.56 39.07 8.67
CA MET V 44 -19.77 38.72 9.84
C MET V 44 -20.79 38.06 10.76
N VAL V 45 -20.34 37.23 11.68
CA VAL V 45 -21.18 36.57 12.63
C VAL V 45 -21.92 37.57 13.53
N GLY V 46 -23.24 37.60 13.40
CA GLY V 46 -24.06 38.37 14.27
C GLY V 46 -24.46 39.69 13.65
N MET V 47 -23.78 40.09 12.59
CA MET V 47 -24.17 41.28 11.90
C MET V 47 -25.00 40.96 10.68
N GLY V 48 -25.62 42.01 10.15
CA GLY V 48 -26.31 41.95 8.87
C GLY V 48 -25.35 42.33 7.75
N GLN V 49 -25.89 42.14 6.53
CA GLN V 49 -25.24 42.58 5.30
C GLN V 49 -25.00 44.09 5.35
N LYS V 50 -23.80 44.47 5.04
CA LYS V 50 -23.38 45.83 5.14
C LYS V 50 -22.98 46.15 3.74
N ASP V 51 -23.48 47.31 3.36
CA ASP V 51 -23.21 47.81 2.02
C ASP V 51 -21.87 48.52 1.93
N SER V 52 -21.39 48.98 3.08
CA SER V 52 -20.27 49.88 3.06
C SER V 52 -19.54 49.88 4.38
N TYR V 53 -18.31 50.29 4.39
CA TYR V 53 -17.56 50.31 5.61
C TYR V 53 -16.77 51.59 5.62
N VAL V 54 -16.46 52.24 6.75
CA VAL V 54 -15.74 53.51 6.75
C VAL V 54 -14.73 53.53 7.90
N GLY V 55 -13.60 54.18 7.65
CA GLY V 55 -12.58 54.38 8.65
C GLY V 55 -11.85 53.11 8.97
N ASP V 56 -11.75 52.81 10.25
CA ASP V 56 -11.01 51.65 10.70
C ASP V 56 -11.72 50.37 10.36
N GLU V 57 -13.03 50.21 10.38
CA GLU V 57 -13.60 48.96 9.94
C GLU V 57 -13.32 48.67 8.46
N ALA V 58 -13.08 49.68 7.63
CA ALA V 58 -12.71 49.46 6.27
C ALA V 58 -11.24 49.05 6.21
N GLN V 59 -10.41 49.57 7.09
CA GLN V 59 -9.02 49.21 7.04
C GLN V 59 -8.90 47.77 7.53
N SER V 60 -9.49 47.45 8.68
CA SER V 60 -9.39 46.13 9.26
C SER V 60 -9.92 44.97 8.42
N LYS V 61 -10.93 45.29 7.66
CA LYS V 61 -11.54 44.28 6.86
C LYS V 61 -11.08 44.50 5.44
N ARG V 62 -9.90 45.07 5.12
CA ARG V 62 -9.60 45.41 3.72
C ARG V 62 -9.50 44.31 2.68
N GLY V 63 -9.19 43.10 3.13
CA GLY V 63 -9.12 41.94 2.28
C GLY V 63 -10.43 41.60 1.59
N ILE V 64 -11.64 41.93 2.07
CA ILE V 64 -12.85 41.57 1.32
C ILE V 64 -13.58 42.74 0.69
N LEU V 65 -13.01 43.95 0.74
CA LEU V 65 -13.65 45.18 0.27
C LEU V 65 -12.79 45.92 -0.75
N THR V 66 -13.35 46.82 -1.56
CA THR V 66 -12.53 47.64 -2.44
C THR V 66 -12.56 48.98 -1.74
N LEU V 67 -11.35 49.36 -1.32
CA LEU V 67 -11.11 50.56 -0.57
C LEU V 67 -11.05 51.75 -1.47
N LYS V 68 -11.63 52.88 -1.04
CA LYS V 68 -11.54 54.10 -1.85
C LYS V 68 -11.33 55.32 -1.00
N TYR V 69 -10.44 56.15 -1.52
CA TYR V 69 -10.05 57.41 -0.88
C TYR V 69 -10.81 58.64 -1.44
N PRO V 70 -11.87 59.24 -0.82
CA PRO V 70 -12.64 60.38 -1.30
C PRO V 70 -11.91 61.68 -1.55
N ILE V 71 -10.76 61.85 -0.89
CA ILE V 71 -10.03 63.08 -0.99
C ILE V 71 -8.65 62.84 -1.64
N GLU V 72 -8.54 63.23 -2.90
CA GLU V 72 -7.28 63.05 -3.56
C GLU V 72 -6.48 64.34 -3.50
N HIS V 73 -5.35 64.30 -2.78
CA HIS V 73 -4.49 65.45 -2.67
C HIS V 73 -5.17 66.65 -2.01
N GLY V 74 -5.97 66.37 -0.97
CA GLY V 74 -6.61 67.43 -0.22
C GLY V 74 -7.91 67.91 -0.81
N ILE V 75 -8.21 67.61 -2.09
CA ILE V 75 -9.46 68.06 -2.74
C ILE V 75 -10.52 66.95 -2.71
N ILE V 76 -11.83 67.17 -2.43
CA ILE V 76 -12.82 66.07 -2.43
C ILE V 76 -13.10 65.73 -3.89
N THR V 77 -12.77 64.47 -4.21
CA THR V 77 -12.94 63.93 -5.54
C THR V 77 -14.22 63.11 -5.66
N ASN V 78 -14.68 62.40 -4.60
CA ASN V 78 -15.95 61.70 -4.72
C ASN V 78 -16.89 62.12 -3.64
N TRP V 79 -17.96 62.80 -4.05
CA TRP V 79 -18.95 63.36 -3.14
C TRP V 79 -19.90 62.36 -2.54
N ASP V 80 -20.11 61.18 -3.14
CA ASP V 80 -20.97 60.11 -2.60
C ASP V 80 -20.27 59.47 -1.41
N ASP V 81 -19.02 59.08 -1.65
CA ASP V 81 -18.15 58.62 -0.59
C ASP V 81 -17.73 59.62 0.44
N MET V 82 -17.78 60.93 0.24
CA MET V 82 -17.43 61.89 1.27
C MET V 82 -18.62 61.99 2.20
N GLU V 83 -19.84 62.12 1.70
CA GLU V 83 -21.05 62.22 2.52
C GLU V 83 -21.14 61.00 3.42
N LYS V 84 -20.63 59.86 2.92
CA LYS V 84 -20.46 58.67 3.77
C LYS V 84 -19.47 58.92 4.91
N ILE V 85 -18.26 59.46 4.70
CA ILE V 85 -17.35 59.73 5.81
C ILE V 85 -17.94 60.75 6.77
N TRP V 86 -18.64 61.80 6.32
CA TRP V 86 -19.24 62.76 7.24
C TRP V 86 -20.28 62.09 8.09
N HIS V 87 -21.14 61.29 7.45
CA HIS V 87 -22.20 60.58 8.18
C HIS V 87 -21.62 59.78 9.34
N HIS V 88 -20.58 59.00 9.01
CA HIS V 88 -19.86 58.24 10.00
C HIS V 88 -19.33 59.13 11.09
N THR V 89 -18.80 60.30 10.77
CA THR V 89 -18.22 61.17 11.77
C THR V 89 -19.22 61.67 12.75
N PHE V 90 -20.33 62.18 12.26
CA PHE V 90 -21.33 62.68 13.17
C PHE V 90 -21.97 61.55 13.96
N TYR V 91 -22.54 60.59 13.25
CA TYR V 91 -23.36 59.64 13.92
C TYR V 91 -22.72 58.55 14.67
N ASN V 92 -21.55 58.11 14.26
CA ASN V 92 -20.92 56.99 14.94
C ASN V 92 -19.73 57.46 15.77
N GLU V 93 -18.84 58.24 15.17
CA GLU V 93 -17.68 58.68 15.90
C GLU V 93 -18.01 59.66 16.99
N LEU V 94 -18.69 60.79 16.71
CA LEU V 94 -18.96 61.77 17.74
C LEU V 94 -20.33 61.52 18.37
N ARG V 95 -21.13 60.65 17.75
CA ARG V 95 -22.46 60.20 18.19
C ARG V 95 -23.46 61.33 18.46
N VAL V 96 -23.25 62.45 17.78
CA VAL V 96 -24.11 63.61 17.94
C VAL V 96 -25.16 63.59 16.85
N ALA V 97 -26.25 64.33 17.02
CA ALA V 97 -27.18 64.52 15.92
C ALA V 97 -26.67 65.82 15.30
N PRO V 98 -26.37 65.95 14.01
CA PRO V 98 -25.87 67.17 13.40
C PRO V 98 -26.82 68.35 13.35
N GLU V 99 -28.15 68.09 13.29
CA GLU V 99 -29.13 69.17 13.19
C GLU V 99 -29.30 70.10 14.36
N GLU V 100 -28.51 69.90 15.42
CA GLU V 100 -28.46 70.93 16.43
C GLU V 100 -27.01 71.34 16.75
N HIS V 101 -26.04 71.11 15.86
CA HIS V 101 -24.66 71.53 16.13
C HIS V 101 -24.04 72.41 15.07
N PRO V 102 -23.46 73.58 15.30
CA PRO V 102 -22.83 74.36 14.26
C PRO V 102 -21.60 73.54 13.90
N THR V 103 -21.19 73.49 12.62
CA THR V 103 -20.08 72.65 12.14
C THR V 103 -18.99 73.47 11.46
N LEU V 104 -17.73 73.57 11.98
CA LEU V 104 -16.66 74.26 11.28
C LEU V 104 -15.92 73.19 10.56
N LEU V 105 -15.84 73.38 9.25
CA LEU V 105 -15.13 72.47 8.37
C LEU V 105 -13.85 73.05 7.82
N THR V 106 -12.95 72.25 7.24
CA THR V 106 -11.81 72.86 6.63
C THR V 106 -11.72 72.50 5.17
N GLU V 107 -11.11 73.37 4.38
CA GLU V 107 -10.82 73.04 3.00
C GLU V 107 -9.33 73.29 2.71
N ALA V 108 -8.91 72.88 1.53
CA ALA V 108 -7.54 73.06 1.11
C ALA V 108 -7.24 74.41 0.49
N PRO V 109 -5.96 74.76 0.43
CA PRO V 109 -5.49 75.98 -0.16
C PRO V 109 -6.12 76.57 -1.41
N LEU V 110 -6.22 75.95 -2.56
CA LEU V 110 -6.82 76.65 -3.70
C LEU V 110 -8.02 75.82 -4.08
N ASN V 111 -8.83 75.46 -3.08
CA ASN V 111 -10.02 74.62 -3.23
C ASN V 111 -10.96 75.35 -4.16
N PRO V 112 -11.35 74.68 -5.23
CA PRO V 112 -12.25 75.23 -6.23
C PRO V 112 -13.55 75.76 -5.66
N LYS V 113 -13.89 77.00 -6.03
CA LYS V 113 -15.09 77.72 -5.55
C LYS V 113 -16.37 76.89 -5.43
N ALA V 114 -16.48 76.04 -6.45
CA ALA V 114 -17.59 75.14 -6.65
C ALA V 114 -17.72 74.04 -5.62
N ASN V 115 -16.59 73.58 -5.05
CA ASN V 115 -16.53 72.58 -4.01
C ASN V 115 -17.00 73.17 -2.70
N ARG V 116 -16.54 74.40 -2.37
CA ARG V 116 -16.87 75.07 -1.11
C ARG V 116 -18.37 75.28 -1.15
N GLU V 117 -18.92 75.66 -2.29
CA GLU V 117 -20.39 75.68 -2.47
C GLU V 117 -21.02 74.27 -2.38
N LYS V 118 -20.39 73.19 -2.87
CA LYS V 118 -21.00 71.87 -2.81
C LYS V 118 -21.03 71.31 -1.43
N MET V 119 -19.96 71.36 -0.63
CA MET V 119 -20.03 70.86 0.73
C MET V 119 -20.94 71.68 1.62
N THR V 120 -21.28 72.88 1.18
CA THR V 120 -22.21 73.70 1.91
C THR V 120 -23.60 73.21 1.56
N GLN V 121 -23.84 72.94 0.29
CA GLN V 121 -25.07 72.34 -0.20
C GLN V 121 -25.31 71.05 0.57
N ILE V 122 -24.33 70.17 0.78
CA ILE V 122 -24.51 68.90 1.48
C ILE V 122 -24.60 69.11 2.98
N MET V 123 -23.89 70.07 3.55
CA MET V 123 -23.99 70.27 4.98
C MET V 123 -25.38 70.74 5.31
N PHE V 124 -25.85 71.81 4.71
CA PHE V 124 -27.16 72.35 5.00
C PHE V 124 -28.31 71.53 4.43
N GLU V 125 -28.21 71.06 3.18
CA GLU V 125 -29.35 70.34 2.62
C GLU V 125 -29.40 68.85 2.91
N THR V 126 -28.34 68.06 3.18
CA THR V 126 -28.59 66.67 3.52
C THR V 126 -28.32 66.45 4.99
N PHE V 127 -27.50 67.23 5.72
CA PHE V 127 -27.30 67.00 7.17
C PHE V 127 -28.09 67.92 8.11
N ASN V 128 -28.56 69.03 7.50
CA ASN V 128 -29.42 70.00 8.14
C ASN V 128 -28.75 70.55 9.39
N VAL V 129 -27.49 70.98 9.28
CA VAL V 129 -26.80 71.53 10.44
C VAL V 129 -27.34 72.97 10.68
N PRO V 130 -27.41 73.57 11.90
CA PRO V 130 -27.92 74.92 12.09
C PRO V 130 -27.14 75.99 11.33
N ALA V 131 -25.81 75.86 11.41
CA ALA V 131 -24.87 76.78 10.80
C ALA V 131 -23.53 76.08 10.58
N MET V 132 -22.76 76.58 9.63
CA MET V 132 -21.47 76.03 9.33
C MET V 132 -20.50 77.10 8.85
N TYR V 133 -19.27 76.74 8.48
CA TYR V 133 -18.20 77.69 8.18
C TYR V 133 -17.08 76.85 7.60
N VAL V 134 -16.38 77.29 6.56
CA VAL V 134 -15.30 76.52 5.99
C VAL V 134 -14.01 77.34 6.22
N ALA V 135 -13.04 76.94 7.07
CA ALA V 135 -11.75 77.65 7.18
C ALA V 135 -10.64 77.09 6.28
N ILE V 136 -9.64 77.82 5.81
CA ILE V 136 -8.61 77.21 4.96
C ILE V 136 -7.62 76.62 5.92
N GLN V 137 -7.08 75.47 5.59
CA GLN V 137 -6.24 74.75 6.54
C GLN V 137 -5.02 75.47 7.02
N ALA V 138 -4.06 75.90 6.17
CA ALA V 138 -2.90 76.67 6.63
C ALA V 138 -3.21 77.89 7.53
N VAL V 139 -4.35 78.48 7.23
CA VAL V 139 -4.80 79.62 7.97
C VAL V 139 -5.14 79.21 9.40
N LEU V 140 -5.74 78.04 9.66
CA LEU V 140 -6.01 77.60 11.03
C LEU V 140 -4.74 77.17 11.71
N SER V 141 -3.81 76.62 10.95
CA SER V 141 -2.57 76.23 11.58
C SER V 141 -1.84 77.44 12.10
N LEU V 142 -1.76 78.52 11.32
CA LEU V 142 -1.05 79.73 11.73
C LEU V 142 -1.55 80.39 13.00
N TYR V 143 -2.87 80.45 12.94
CA TYR V 143 -3.64 81.08 13.98
C TYR V 143 -3.54 80.31 15.30
N ALA V 144 -3.52 79.00 15.23
CA ALA V 144 -3.30 78.16 16.39
C ALA V 144 -1.89 78.40 16.95
N SER V 145 -0.94 78.99 16.20
CA SER V 145 0.37 79.30 16.78
C SER V 145 0.41 80.76 17.23
N GLY V 146 -0.78 81.30 17.49
CA GLY V 146 -0.97 82.65 17.93
C GLY V 146 -1.05 83.65 16.79
N ARG V 147 -0.19 83.61 15.76
CA ARG V 147 -0.14 84.71 14.80
C ARG V 147 -1.07 84.80 13.59
N THR V 148 -0.92 85.93 12.86
CA THR V 148 -1.75 86.23 11.70
C THR V 148 -1.06 86.45 10.39
N THR V 149 0.25 86.63 10.45
CA THR V 149 1.08 86.74 9.28
C THR V 149 2.21 85.77 9.60
N GLY V 150 2.49 85.04 8.54
CA GLY V 150 3.51 84.03 8.51
C GLY V 150 3.36 83.20 7.25
N ILE V 151 4.16 82.17 7.04
CA ILE V 151 3.98 81.30 5.89
C ILE V 151 3.94 79.90 6.50
N VAL V 152 2.91 79.11 6.18
CA VAL V 152 2.80 77.76 6.71
C VAL V 152 3.34 76.73 5.70
N LEU V 153 4.24 75.83 6.12
CA LEU V 153 4.58 74.71 5.28
C LEU V 153 3.67 73.66 5.85
N ASP V 154 2.69 73.24 5.06
CA ASP V 154 1.73 72.26 5.54
C ASP V 154 1.90 70.98 4.75
N SER V 155 2.04 69.84 5.46
CA SER V 155 2.38 68.53 4.90
C SER V 155 1.77 67.33 5.60
N GLY V 156 0.87 66.67 4.91
CA GLY V 156 0.18 65.59 5.57
C GLY V 156 0.34 64.27 4.88
N ASP V 157 -0.79 63.72 4.48
CA ASP V 157 -0.71 62.44 3.85
C ASP V 157 -0.67 62.45 2.34
N GLY V 158 -1.44 63.22 1.58
CA GLY V 158 -1.34 63.24 0.14
C GLY V 158 -0.73 64.55 -0.39
N VAL V 159 -0.76 65.75 0.26
CA VAL V 159 -0.22 67.02 -0.26
C VAL V 159 0.69 67.74 0.70
N THR V 160 1.61 68.54 0.10
CA THR V 160 2.41 69.55 0.78
C THR V 160 2.09 70.91 0.19
N HIS V 161 2.11 71.95 1.00
CA HIS V 161 1.70 73.27 0.58
C HIS V 161 2.56 74.25 1.29
N ASN V 162 2.60 75.44 0.71
CA ASN V 162 3.19 76.63 1.34
C ASN V 162 2.14 77.70 1.25
N VAL V 163 1.60 78.21 2.34
CA VAL V 163 0.54 79.19 2.16
C VAL V 163 0.96 80.41 2.92
N PRO V 164 1.41 81.46 2.21
CA PRO V 164 1.82 82.73 2.81
C PRO V 164 0.53 83.41 3.22
N ILE V 165 0.41 83.84 4.49
CA ILE V 165 -0.80 84.54 4.98
C ILE V 165 -0.46 85.90 5.55
N TYR V 166 -1.19 86.94 5.17
CA TYR V 166 -0.91 88.29 5.66
C TYR V 166 -2.15 88.88 6.32
N GLU V 167 -2.06 89.16 7.61
CA GLU V 167 -3.18 89.64 8.41
C GLU V 167 -4.49 88.91 8.18
N GLY V 168 -4.26 87.62 7.93
CA GLY V 168 -5.28 86.62 7.85
C GLY V 168 -5.65 86.16 6.48
N TYR V 169 -5.33 86.95 5.45
CA TYR V 169 -5.71 86.61 4.10
C TYR V 169 -4.60 85.81 3.44
N ALA V 170 -4.88 84.52 3.16
CA ALA V 170 -3.96 83.64 2.47
C ALA V 170 -3.75 84.18 1.08
N LEU V 171 -2.50 84.21 0.61
CA LEU V 171 -2.15 84.91 -0.62
C LEU V 171 -2.18 83.98 -1.83
N PRO V 172 -3.31 83.89 -2.52
CA PRO V 172 -3.51 82.98 -3.67
C PRO V 172 -2.39 82.75 -4.67
N HIS V 173 -1.81 83.83 -5.13
CA HIS V 173 -0.74 83.76 -6.11
C HIS V 173 0.60 83.38 -5.52
N ALA V 174 0.76 83.06 -4.25
CA ALA V 174 2.10 82.77 -3.77
C ALA V 174 2.18 81.38 -3.21
N ILE V 175 0.98 80.73 -3.07
CA ILE V 175 0.76 79.34 -2.60
C ILE V 175 1.40 78.32 -3.55
N MET V 176 2.10 77.31 -3.01
CA MET V 176 2.76 76.27 -3.81
C MET V 176 2.31 74.95 -3.23
N ARG V 177 2.09 74.04 -4.15
CA ARG V 177 1.65 72.71 -3.83
C ARG V 177 2.65 71.71 -4.40
N LEU V 178 3.06 70.78 -3.55
CA LEU V 178 4.00 69.77 -3.92
C LEU V 178 3.30 68.46 -3.58
N ASP V 179 2.88 67.68 -4.58
CA ASP V 179 2.24 66.38 -4.35
C ASP V 179 3.21 65.25 -3.95
N LEU V 180 3.90 65.37 -2.79
CA LEU V 180 4.72 64.29 -2.25
C LEU V 180 4.59 64.49 -0.77
N ALA V 181 4.07 63.50 -0.05
CA ALA V 181 3.84 63.62 1.36
C ALA V 181 4.08 62.32 2.10
N GLY V 182 3.51 62.10 3.30
CA GLY V 182 3.76 60.95 4.14
C GLY V 182 3.44 59.59 3.55
N ARG V 183 2.49 59.54 2.62
CA ARG V 183 2.03 58.35 1.90
C ARG V 183 3.15 57.93 0.97
N ASP V 184 3.65 58.85 0.14
CA ASP V 184 4.79 58.67 -0.76
C ASP V 184 5.99 58.22 0.04
N LEU V 185 6.20 58.87 1.20
CA LEU V 185 7.30 58.61 2.11
C LEU V 185 7.36 57.25 2.80
N THR V 186 6.19 56.63 3.04
CA THR V 186 6.11 55.30 3.62
C THR V 186 6.47 54.31 2.52
N ASP V 187 6.12 54.59 1.25
CA ASP V 187 6.35 53.64 0.20
C ASP V 187 7.79 53.66 -0.23
N TYR V 188 8.47 54.78 -0.03
CA TYR V 188 9.87 54.86 -0.35
C TYR V 188 10.64 54.14 0.74
N LEU V 189 10.26 54.27 2.01
CA LEU V 189 10.99 53.59 3.08
C LEU V 189 10.93 52.12 2.83
N MET V 190 9.72 51.68 2.46
CA MET V 190 9.39 50.31 2.12
C MET V 190 10.43 49.68 1.20
N LYS V 191 10.67 50.37 0.06
CA LYS V 191 11.65 49.92 -0.87
C LYS V 191 13.00 50.07 -0.20
N ILE V 192 13.53 51.17 0.38
CA ILE V 192 14.88 51.12 0.94
C ILE V 192 15.12 50.13 2.07
N LEU V 193 14.03 49.59 2.60
CA LEU V 193 14.08 48.62 3.67
C LEU V 193 14.02 47.22 3.09
N THR V 194 13.31 46.96 1.97
CA THR V 194 13.36 45.66 1.32
C THR V 194 14.73 45.52 0.65
N GLU V 195 15.20 46.68 0.16
CA GLU V 195 16.50 46.87 -0.48
C GLU V 195 17.61 46.69 0.56
N ARG V 196 17.36 46.88 1.87
CA ARG V 196 18.30 46.55 2.94
C ARG V 196 18.38 45.01 3.12
N GLY V 197 17.59 44.27 2.33
CA GLY V 197 17.56 42.82 2.33
C GLY V 197 16.42 42.36 3.20
N TYR V 198 15.17 42.74 2.90
CA TYR V 198 14.02 42.36 3.72
C TYR V 198 12.79 42.08 2.88
N SER V 199 11.75 41.64 3.63
CA SER V 199 10.47 41.32 3.02
C SER V 199 9.25 41.62 3.88
N PHE V 200 8.50 42.52 3.28
CA PHE V 200 7.23 42.94 3.85
C PHE V 200 6.29 42.32 2.83
N VAL V 201 6.02 41.12 3.33
CA VAL V 201 5.30 40.17 2.52
C VAL V 201 3.82 40.15 2.87
N THR V 202 3.41 39.74 4.08
CA THR V 202 1.98 39.74 4.44
C THR V 202 1.53 41.14 4.79
N THR V 203 0.21 41.38 4.92
CA THR V 203 -0.32 42.70 5.20
C THR V 203 0.06 43.20 6.59
N ALA V 204 0.40 42.30 7.51
CA ALA V 204 0.93 42.65 8.82
C ALA V 204 2.39 43.10 8.80
N GLU V 205 3.02 42.97 7.63
CA GLU V 205 4.37 43.42 7.43
C GLU V 205 4.23 44.77 6.76
N ARG V 206 3.42 44.89 5.69
CA ARG V 206 3.16 46.18 5.02
C ARG V 206 2.85 47.36 5.98
N GLU V 207 1.82 47.21 6.81
CA GLU V 207 1.28 48.27 7.65
C GLU V 207 2.26 48.88 8.63
N ILE V 208 3.07 48.01 9.22
CA ILE V 208 4.05 48.42 10.22
C ILE V 208 5.28 49.15 9.67
N VAL V 209 5.54 49.19 8.34
CA VAL V 209 6.63 49.97 7.78
C VAL V 209 6.31 51.44 8.05
N ARG V 210 5.02 51.75 8.05
CA ARG V 210 4.53 53.06 8.35
C ARG V 210 4.78 53.40 9.82
N ASP V 211 4.69 52.43 10.74
CA ASP V 211 4.95 52.66 12.17
C ASP V 211 6.44 52.74 12.46
N ILE V 212 7.24 52.16 11.55
CA ILE V 212 8.70 52.31 11.60
C ILE V 212 9.03 53.76 11.22
N LYS V 213 8.56 54.24 10.05
CA LYS V 213 8.68 55.62 9.58
C LYS V 213 8.33 56.59 10.68
N GLU V 214 7.17 56.47 11.31
CA GLU V 214 6.78 57.40 12.38
C GLU V 214 7.73 57.32 13.58
N LYS V 215 7.99 56.15 14.18
CA LYS V 215 8.81 56.03 15.40
C LYS V 215 10.33 56.29 15.30
N LEU V 216 10.95 55.67 14.29
CA LEU V 216 12.39 55.72 14.12
C LEU V 216 12.90 56.72 13.12
N CYS V 217 12.14 57.26 12.15
CA CYS V 217 12.69 58.24 11.23
C CYS V 217 12.96 59.65 11.72
N TYR V 218 14.06 60.11 11.10
CA TYR V 218 14.80 61.34 11.43
C TYR V 218 15.05 62.24 10.25
N VAL V 219 15.20 63.55 10.48
CA VAL V 219 15.69 64.44 9.41
C VAL V 219 16.93 64.99 10.03
N ALA V 220 17.98 64.47 9.46
CA ALA V 220 19.26 64.96 9.85
C ALA V 220 19.61 66.23 9.09
N LEU V 221 20.30 67.03 9.90
CA LEU V 221 20.97 68.22 9.47
C LEU V 221 22.36 67.69 9.16
N ASP V 222 22.81 68.16 7.98
CA ASP V 222 24.05 67.68 7.36
C ASP V 222 23.92 66.18 7.14
N PHE V 223 23.01 65.95 6.18
CA PHE V 223 22.61 64.64 5.70
C PHE V 223 23.74 64.00 4.92
N GLU V 224 24.68 64.89 4.54
CA GLU V 224 25.95 64.64 3.85
C GLU V 224 26.89 63.76 4.66
N ASN V 225 27.34 64.35 5.78
CA ASN V 225 28.22 63.69 6.71
C ASN V 225 27.39 63.04 7.79
N GLU V 226 26.33 62.35 7.35
CA GLU V 226 25.49 61.52 8.19
C GLU V 226 25.48 60.11 7.57
N MET V 227 25.55 60.11 6.23
CA MET V 227 25.81 58.94 5.42
C MET V 227 27.25 58.53 5.73
N ALA V 228 28.20 59.51 5.67
CA ALA V 228 29.59 59.31 6.04
C ALA V 228 29.73 58.69 7.43
N THR V 229 28.94 59.22 8.38
CA THR V 229 28.86 58.67 9.72
C THR V 229 28.37 57.22 9.73
N ALA V 230 27.36 56.95 8.87
CA ALA V 230 26.72 55.63 8.77
C ALA V 230 27.74 54.53 8.52
N ALA V 231 28.68 54.87 7.62
CA ALA V 231 29.79 54.03 7.16
C ALA V 231 30.86 53.63 8.20
N SER V 232 31.31 54.60 9.01
CA SER V 232 32.21 54.35 10.14
C SER V 232 31.54 53.40 11.15
N SER V 233 30.18 53.38 11.07
CA SER V 233 29.22 52.61 11.86
C SER V 233 29.47 52.69 13.35
N SER V 234 28.73 53.75 13.68
CA SER V 234 28.54 54.18 15.04
C SER V 234 27.32 53.42 15.55
N SER V 235 26.99 53.75 16.79
CA SER V 235 25.79 53.23 17.40
C SER V 235 24.64 54.18 16.96
N LEU V 236 24.54 54.37 15.61
CA LEU V 236 23.49 55.15 14.96
C LEU V 236 22.33 54.21 14.61
N GLU V 237 22.60 52.91 14.35
CA GLU V 237 21.61 51.87 14.03
C GLU V 237 20.40 51.73 14.97
N LYS V 238 19.27 51.21 14.46
CA LYS V 238 18.11 51.06 15.32
C LYS V 238 17.19 49.91 14.93
N SER V 239 17.19 48.89 15.79
CA SER V 239 16.32 47.73 15.59
C SER V 239 14.98 47.79 16.31
N TYR V 240 13.96 47.52 15.48
CA TYR V 240 12.56 47.49 15.83
C TYR V 240 12.10 46.03 15.89
N GLU V 241 11.33 45.60 16.90
CA GLU V 241 10.79 44.23 16.93
C GLU V 241 9.40 44.19 16.27
N LEU V 242 9.27 43.33 15.25
CA LEU V 242 8.07 43.23 14.43
C LEU V 242 6.78 42.72 15.14
N PRO V 243 5.57 42.37 14.57
CA PRO V 243 4.40 41.88 15.34
C PRO V 243 4.75 40.67 16.24
N ASP V 244 5.69 39.88 15.68
CA ASP V 244 6.38 38.74 16.31
C ASP V 244 7.82 39.14 16.71
N GLY V 245 8.73 38.15 16.92
CA GLY V 245 10.12 38.37 17.34
C GLY V 245 10.98 39.09 16.33
N GLN V 246 10.95 38.60 15.07
CA GLN V 246 11.67 39.13 13.90
C GLN V 246 12.18 40.58 13.95
N VAL V 247 13.24 40.70 14.74
CA VAL V 247 13.89 41.97 14.96
C VAL V 247 14.60 42.46 13.70
N ILE V 248 13.98 43.51 13.19
CA ILE V 248 14.49 44.13 12.00
C ILE V 248 15.39 45.30 12.39
N THR V 249 16.52 45.49 11.70
CA THR V 249 17.41 46.61 11.98
C THR V 249 17.42 47.63 10.82
N ILE V 250 17.42 48.89 11.28
CA ILE V 250 17.38 50.07 10.44
C ILE V 250 18.38 50.98 11.07
N GLY V 251 19.47 51.16 10.36
CA GLY V 251 20.47 52.06 10.88
C GLY V 251 20.32 53.42 10.28
N ASN V 252 20.74 53.29 9.03
CA ASN V 252 21.01 54.37 8.09
C ASN V 252 19.72 54.93 7.42
N GLU V 253 18.97 54.16 6.61
CA GLU V 253 17.69 54.52 5.93
C GLU V 253 16.64 55.33 6.68
N ARG V 254 16.76 55.14 7.98
CA ARG V 254 16.13 55.92 9.01
C ARG V 254 15.99 57.44 8.66
N PHE V 255 17.03 58.04 8.05
CA PHE V 255 17.02 59.45 7.61
C PHE V 255 17.04 59.60 6.09
N ARG V 256 17.30 58.52 5.35
CA ARG V 256 17.29 58.57 3.90
C ARG V 256 15.85 58.81 3.41
N CYS V 257 14.89 58.42 4.26
CA CYS V 257 13.46 58.61 3.99
C CYS V 257 13.05 60.10 4.08
N PRO V 258 13.22 60.90 5.15
CA PRO V 258 12.90 62.32 5.15
C PRO V 258 13.87 63.13 4.26
N GLU V 259 15.13 62.72 3.94
CA GLU V 259 15.97 63.43 2.97
C GLU V 259 15.14 63.42 1.66
N THR V 260 14.09 62.59 1.46
CA THR V 260 13.28 62.65 0.25
C THR V 260 12.55 63.98 0.19
N LEU V 261 12.03 64.49 1.31
CA LEU V 261 11.40 65.81 1.32
C LEU V 261 12.30 66.99 0.84
N PHE V 262 13.64 66.94 0.93
CA PHE V 262 14.54 67.98 0.43
C PHE V 262 15.06 67.66 -0.96
N GLN V 263 15.14 66.36 -1.25
CA GLN V 263 15.56 65.83 -2.54
C GLN V 263 14.44 64.92 -3.06
N PRO V 264 13.55 65.42 -3.94
CA PRO V 264 12.46 64.67 -4.56
C PRO V 264 13.05 63.72 -5.59
N SER V 265 14.30 63.97 -6.01
CA SER V 265 15.10 63.15 -6.95
C SER V 265 15.36 61.69 -6.49
N PHE V 266 15.24 61.48 -5.16
CA PHE V 266 15.28 60.17 -4.50
C PHE V 266 14.14 59.29 -4.94
N ILE V 267 13.09 59.95 -5.45
CA ILE V 267 11.92 59.23 -5.86
C ILE V 267 11.46 59.56 -7.27
N GLY V 268 12.41 59.92 -8.14
CA GLY V 268 12.01 60.18 -9.51
C GLY V 268 11.07 61.38 -9.64
N MET V 269 11.12 62.25 -8.64
CA MET V 269 10.42 63.52 -8.77
C MET V 269 11.42 64.58 -9.23
N GLU V 270 10.98 65.32 -10.26
CA GLU V 270 11.74 66.45 -10.82
C GLU V 270 11.42 67.83 -10.22
N SER V 271 10.37 67.91 -9.39
CA SER V 271 9.97 69.10 -8.65
C SER V 271 11.05 69.51 -7.66
N ALA V 272 10.97 70.77 -7.26
CA ALA V 272 11.88 71.32 -6.24
C ALA V 272 11.51 70.79 -4.84
N GLY V 273 12.31 71.01 -3.80
CA GLY V 273 11.97 70.46 -2.50
C GLY V 273 11.51 71.50 -1.50
N ILE V 274 10.85 71.00 -0.42
CA ILE V 274 10.33 71.78 0.69
C ILE V 274 10.95 73.15 0.99
N HIS V 275 12.27 73.22 1.19
CA HIS V 275 12.98 74.44 1.55
C HIS V 275 13.10 75.47 0.43
N GLU V 276 13.30 74.98 -0.79
CA GLU V 276 13.38 75.83 -1.93
C GLU V 276 12.04 76.36 -2.19
N THR V 277 11.03 75.54 -1.97
CA THR V 277 9.66 75.91 -2.24
C THR V 277 9.23 76.92 -1.20
N THR V 278 9.61 76.82 0.07
CA THR V 278 9.32 77.82 1.10
C THR V 278 9.78 79.21 0.63
N TYR V 279 10.99 79.15 0.10
CA TYR V 279 11.69 80.28 -0.40
C TYR V 279 10.99 80.79 -1.62
N ASN V 280 10.67 79.97 -2.60
CA ASN V 280 10.14 80.52 -3.83
C ASN V 280 8.80 81.21 -3.63
N SER V 281 8.03 80.70 -2.65
CA SER V 281 6.73 81.24 -2.28
C SER V 281 6.97 82.67 -1.86
N ILE V 282 8.05 82.76 -1.06
CA ILE V 282 8.48 84.01 -0.45
C ILE V 282 9.00 84.92 -1.53
N MET V 283 9.85 84.59 -2.51
CA MET V 283 10.20 85.61 -3.48
C MET V 283 9.11 85.85 -4.56
N LYS V 284 7.89 85.29 -4.36
CA LYS V 284 6.67 85.55 -5.15
C LYS V 284 5.69 86.52 -4.49
N CYS V 285 6.00 86.89 -3.24
CA CYS V 285 5.18 87.79 -2.43
C CYS V 285 5.66 89.22 -2.48
N ASP V 286 4.89 90.18 -1.97
CA ASP V 286 5.34 91.54 -1.92
C ASP V 286 6.57 91.55 -1.02
N ILE V 287 7.45 92.47 -1.46
CA ILE V 287 8.80 92.83 -0.92
C ILE V 287 8.88 93.29 0.54
N ASP V 288 7.91 94.17 0.84
CA ASP V 288 7.76 94.72 2.16
C ASP V 288 7.28 93.62 3.09
N ILE V 289 6.56 92.56 2.63
CA ILE V 289 6.10 91.53 3.57
C ILE V 289 7.08 90.41 3.74
N ARG V 290 8.11 90.31 2.89
CA ARG V 290 9.05 89.23 3.01
C ARG V 290 9.80 89.25 4.35
N LYS V 291 10.09 90.31 5.14
CA LYS V 291 10.76 90.03 6.41
C LYS V 291 9.85 89.27 7.38
N ASP V 292 8.53 89.49 7.26
CA ASP V 292 7.53 88.91 8.14
C ASP V 292 7.41 87.41 7.93
N LEU V 293 7.17 87.03 6.69
CA LEU V 293 7.13 85.64 6.33
C LEU V 293 8.39 84.90 6.78
N TYR V 294 9.58 85.50 6.63
CA TYR V 294 10.79 84.81 7.01
C TYR V 294 10.94 84.57 8.48
N ALA V 295 10.42 85.44 9.31
CA ALA V 295 10.53 85.19 10.74
C ALA V 295 9.35 84.38 11.25
N ASN V 296 8.52 83.82 10.34
CA ASN V 296 7.33 83.11 10.76
C ASN V 296 6.96 81.99 9.84
N ASN V 297 7.84 81.01 9.80
CA ASN V 297 7.66 79.80 9.03
C ASN V 297 7.03 78.83 10.01
N VAL V 298 5.74 78.66 9.93
CA VAL V 298 5.04 77.80 10.87
C VAL V 298 4.91 76.51 10.11
N MET V 299 5.20 75.44 10.85
CA MET V 299 5.04 74.11 10.31
C MET V 299 3.82 73.39 10.85
N SER V 300 3.08 72.73 9.97
CA SER V 300 2.03 71.87 10.48
C SER V 300 1.89 70.65 9.58
N GLY V 301 1.31 69.60 10.15
CA GLY V 301 1.07 68.37 9.41
C GLY V 301 1.86 67.15 9.90
N GLY V 302 1.25 65.97 9.79
CA GLY V 302 1.86 64.74 10.24
C GLY V 302 3.27 64.54 9.68
N THR V 303 3.51 64.81 8.41
CA THR V 303 4.80 64.56 7.84
C THR V 303 5.84 65.59 8.28
N THR V 304 5.51 66.69 8.96
CA THR V 304 6.55 67.65 9.41
C THR V 304 7.01 67.33 10.82
N MET V 305 6.60 66.16 11.33
CA MET V 305 6.91 65.74 12.68
C MET V 305 8.25 65.04 12.82
N TYR V 306 8.88 64.56 11.72
CA TYR V 306 10.20 63.92 11.73
C TYR V 306 11.17 64.75 12.55
N PRO V 307 11.73 64.36 13.71
CA PRO V 307 12.67 65.21 14.45
C PRO V 307 13.80 65.81 13.58
N GLY V 308 14.20 67.05 13.90
CA GLY V 308 15.29 67.74 13.21
C GLY V 308 14.95 68.29 11.86
N ILE V 309 13.64 68.40 11.66
CA ILE V 309 13.06 68.91 10.42
C ILE V 309 13.18 70.42 10.37
N ALA V 310 12.99 70.97 11.58
CA ALA V 310 13.02 72.38 11.82
C ALA V 310 14.45 72.87 11.69
N ASP V 311 15.47 72.20 12.32
CA ASP V 311 16.89 72.60 12.22
C ASP V 311 17.40 72.57 10.78
N ARG V 312 17.08 71.51 10.04
CA ARG V 312 17.42 71.41 8.63
C ARG V 312 16.75 72.56 7.91
N MET V 313 15.46 72.86 8.13
CA MET V 313 14.79 73.95 7.42
C MET V 313 15.31 75.33 7.75
N GLN V 314 15.77 75.46 8.99
CA GLN V 314 16.34 76.65 9.59
C GLN V 314 17.56 77.05 8.81
N LYS V 315 18.43 76.05 8.66
CA LYS V 315 19.65 76.23 7.92
C LYS V 315 19.47 76.16 6.43
N GLU V 316 18.39 75.54 5.99
CA GLU V 316 18.16 75.47 4.58
C GLU V 316 17.76 76.85 4.04
N ILE V 317 16.88 77.56 4.75
CA ILE V 317 16.50 78.84 4.22
C ILE V 317 17.42 79.94 4.69
N THR V 318 18.17 79.89 5.81
CA THR V 318 19.11 80.96 6.15
C THR V 318 20.09 81.17 5.02
N ALA V 319 20.60 80.02 4.58
CA ALA V 319 21.54 79.99 3.48
C ALA V 319 20.96 80.22 2.07
N LEU V 320 19.68 80.63 1.95
CA LEU V 320 19.14 81.03 0.65
C LEU V 320 18.62 82.47 0.72
N ALA V 321 18.30 82.87 1.95
CA ALA V 321 17.79 84.19 2.26
C ALA V 321 18.89 85.24 2.38
N PRO V 322 18.65 86.53 2.04
CA PRO V 322 19.64 87.61 2.15
C PRO V 322 20.12 87.75 3.60
N SER V 323 21.41 87.79 3.98
CA SER V 323 21.84 87.81 5.40
C SER V 323 21.32 88.87 6.37
N THR V 324 20.75 89.91 5.76
CA THR V 324 20.10 91.00 6.47
C THR V 324 18.79 90.51 7.13
N MET V 325 18.40 89.27 6.82
CA MET V 325 17.14 88.72 7.23
C MET V 325 17.21 87.85 8.46
N LYS V 326 16.08 87.88 9.16
CA LYS V 326 15.87 87.02 10.29
C LYS V 326 15.00 85.85 9.80
N ILE V 327 15.52 84.64 10.02
CA ILE V 327 14.84 83.40 9.67
C ILE V 327 14.19 82.93 10.97
N LYS V 328 13.00 82.29 10.96
CA LYS V 328 12.48 81.68 12.17
C LYS V 328 11.42 80.62 11.84
N ILE V 329 11.85 79.37 12.11
CA ILE V 329 11.06 78.16 11.83
C ILE V 329 10.35 77.66 13.08
N ILE V 330 9.07 77.98 13.20
CA ILE V 330 8.25 77.54 14.31
C ILE V 330 7.65 76.17 13.91
N ALA V 331 7.88 75.20 14.78
CA ALA V 331 7.38 73.84 14.67
C ALA V 331 6.85 73.42 16.04
N PRO V 332 5.58 73.61 16.40
CA PRO V 332 5.07 73.21 17.70
C PRO V 332 4.92 71.69 17.82
N PRO V 333 4.81 71.16 19.05
CA PRO V 333 4.71 69.74 19.34
C PRO V 333 3.37 69.16 18.92
N GLU V 334 2.28 69.89 19.08
CA GLU V 334 1.01 69.33 18.71
C GLU V 334 0.84 69.44 17.21
N ARG V 335 1.81 69.90 16.39
CA ARG V 335 1.59 70.09 14.95
C ARG V 335 0.83 69.10 14.07
N LYS V 336 0.77 67.80 14.40
CA LYS V 336 -0.07 66.89 13.66
C LYS V 336 -1.55 67.27 13.83
N TYR V 337 -1.98 68.09 14.80
CA TYR V 337 -3.34 68.64 14.90
C TYR V 337 -3.41 70.19 14.87
N SER V 338 -2.42 70.96 14.36
CA SER V 338 -2.47 72.43 14.35
C SER V 338 -3.72 73.00 13.77
N VAL V 339 -3.98 72.50 12.56
CA VAL V 339 -5.16 72.81 11.77
C VAL V 339 -6.38 72.67 12.64
N TRP V 340 -6.54 71.53 13.33
CA TRP V 340 -7.75 71.24 14.08
C TRP V 340 -7.88 72.17 15.27
N ILE V 341 -6.74 72.40 15.94
CA ILE V 341 -6.70 73.12 17.17
C ILE V 341 -7.03 74.56 16.84
N GLY V 342 -6.53 75.07 15.70
CA GLY V 342 -6.81 76.43 15.25
C GLY V 342 -8.30 76.61 15.01
N GLY V 343 -8.98 75.55 14.58
CA GLY V 343 -10.40 75.57 14.34
C GLY V 343 -11.15 75.54 15.66
N SER V 344 -10.67 74.75 16.64
CA SER V 344 -11.28 74.64 17.95
C SER V 344 -11.29 75.97 18.68
N ILE V 345 -10.16 76.66 18.56
CA ILE V 345 -9.97 77.97 19.19
C ILE V 345 -10.94 78.95 18.56
N LEU V 346 -10.79 79.12 17.25
CA LEU V 346 -11.56 80.04 16.47
C LEU V 346 -13.06 79.82 16.66
N ALA V 347 -13.50 78.56 16.57
CA ALA V 347 -14.94 78.32 16.62
C ALA V 347 -15.47 78.42 18.02
N SER V 348 -14.64 78.27 19.05
CA SER V 348 -15.17 78.44 20.40
C SER V 348 -15.12 79.92 20.82
N LEU V 349 -14.36 80.71 20.05
CA LEU V 349 -14.24 82.15 20.25
C LEU V 349 -15.55 82.92 20.20
N SER V 350 -15.41 83.84 21.14
CA SER V 350 -16.34 84.90 21.49
C SER V 350 -16.69 85.74 20.27
N THR V 351 -15.78 86.04 19.34
CA THR V 351 -16.11 86.87 18.19
C THR V 351 -16.52 86.20 16.89
N PHE V 352 -16.50 84.88 16.90
CA PHE V 352 -16.73 84.13 15.68
C PHE V 352 -18.19 83.92 15.32
N GLN V 353 -18.98 84.15 16.34
CA GLN V 353 -20.40 83.90 16.24
C GLN V 353 -21.00 84.64 15.06
N GLN V 354 -20.58 85.88 14.86
CA GLN V 354 -21.06 86.66 13.74
C GLN V 354 -20.51 86.25 12.37
N MET V 355 -19.60 85.25 12.22
CA MET V 355 -19.27 84.74 10.87
C MET V 355 -19.88 83.37 10.52
N TRP V 356 -20.51 82.66 11.47
CA TRP V 356 -21.23 81.42 11.17
C TRP V 356 -22.24 81.52 10.03
N ILE V 357 -22.20 80.76 8.90
CA ILE V 357 -23.29 80.86 7.90
C ILE V 357 -24.52 80.10 8.41
N THR V 358 -25.63 80.79 8.66
CA THR V 358 -26.80 80.12 9.22
C THR V 358 -27.73 79.68 8.10
N LYS V 359 -28.57 78.66 8.36
CA LYS V 359 -29.62 78.27 7.41
C LYS V 359 -30.46 79.44 6.93
N GLN V 360 -30.58 80.52 7.73
CA GLN V 360 -31.28 81.75 7.36
C GLN V 360 -30.45 82.27 6.19
N GLU V 361 -29.15 82.62 6.38
CA GLU V 361 -28.32 83.05 5.25
C GLU V 361 -28.44 82.15 4.01
N TYR V 362 -28.34 80.84 4.23
CA TYR V 362 -28.38 79.92 3.12
C TYR V 362 -29.72 79.87 2.40
N ASP V 363 -30.83 79.53 3.08
CA ASP V 363 -32.14 79.42 2.45
C ASP V 363 -32.50 80.69 1.68
N GLU V 364 -31.88 81.80 2.11
CA GLU V 364 -32.07 83.07 1.45
C GLU V 364 -31.04 83.46 0.40
N ALA V 365 -29.76 83.06 0.48
CA ALA V 365 -28.73 83.51 -0.50
C ALA V 365 -28.12 82.51 -1.50
N GLY V 366 -28.44 81.21 -1.28
CA GLY V 366 -27.91 80.10 -2.06
C GLY V 366 -26.47 79.80 -1.63
N PRO V 367 -25.79 78.74 -2.11
CA PRO V 367 -24.47 78.32 -1.62
C PRO V 367 -23.37 79.37 -1.72
N SER V 368 -23.67 80.33 -2.60
CA SER V 368 -22.90 81.52 -2.85
C SER V 368 -22.55 82.23 -1.55
N ILE V 369 -23.53 82.33 -0.62
CA ILE V 369 -23.37 82.98 0.67
C ILE V 369 -22.09 82.68 1.45
N VAL V 370 -21.77 81.39 1.63
CA VAL V 370 -20.61 80.97 2.41
C VAL V 370 -19.35 80.99 1.53
N HIS V 371 -19.56 80.92 0.23
CA HIS V 371 -18.44 80.84 -0.67
C HIS V 371 -17.48 82.05 -0.53
N ARG V 372 -18.01 83.22 -0.13
CA ARG V 372 -17.28 84.47 0.05
C ARG V 372 -16.79 84.90 -1.37
N ASP W 1 26.87 91.99 -54.22
CA ASP W 1 26.54 90.62 -53.75
C ASP W 1 27.40 90.20 -52.56
N GLU W 2 28.67 90.62 -52.68
CA GLU W 2 29.74 90.48 -51.70
C GLU W 2 29.22 90.39 -50.28
N ASP W 3 28.36 91.37 -50.01
CA ASP W 3 27.60 91.32 -48.80
C ASP W 3 26.09 91.51 -49.03
N GLU W 4 25.56 91.73 -50.27
CA GLU W 4 24.12 91.86 -50.54
C GLU W 4 23.41 90.55 -50.11
N THR W 5 24.08 89.43 -50.46
CA THR W 5 23.65 88.07 -50.10
C THR W 5 23.95 87.66 -48.66
N THR W 6 25.16 88.14 -48.38
CA THR W 6 26.02 87.90 -47.24
C THR W 6 25.65 88.52 -45.90
N ALA W 7 24.75 89.51 -45.79
CA ALA W 7 24.40 90.07 -44.48
C ALA W 7 23.50 89.12 -43.72
N LEU W 8 23.83 88.90 -42.45
CA LEU W 8 23.07 87.99 -41.59
C LEU W 8 22.17 88.81 -40.67
N VAL W 9 21.02 88.31 -40.20
CA VAL W 9 20.23 89.08 -39.28
C VAL W 9 19.86 88.14 -38.19
N CYS W 10 20.32 88.47 -36.98
CA CYS W 10 20.08 87.63 -35.86
C CYS W 10 19.34 88.39 -34.81
N ASP W 11 18.09 88.00 -34.55
CA ASP W 11 17.31 88.58 -33.49
C ASP W 11 17.22 87.67 -32.24
N ASN W 12 17.92 88.09 -31.18
CA ASN W 12 18.07 87.36 -29.95
C ASN W 12 16.93 87.67 -29.03
N GLY W 13 16.16 86.65 -28.65
CA GLY W 13 15.03 86.83 -27.76
C GLY W 13 15.20 86.08 -26.46
N SER W 14 14.22 86.36 -25.64
CA SER W 14 14.11 85.70 -24.36
C SER W 14 13.65 84.27 -24.54
N GLY W 15 12.83 83.94 -25.54
CA GLY W 15 12.33 82.59 -25.72
C GLY W 15 12.91 82.01 -26.97
N LEU W 16 12.87 82.74 -28.10
CA LEU W 16 13.33 82.31 -29.42
C LEU W 16 14.44 83.12 -30.07
N VAL W 17 15.31 82.52 -30.89
CA VAL W 17 16.25 83.24 -31.71
C VAL W 17 15.59 83.28 -33.08
N LYS W 18 15.62 84.35 -33.85
CA LYS W 18 15.14 84.36 -35.22
C LYS W 18 16.37 84.72 -36.06
N ALA W 19 16.71 83.99 -37.11
CA ALA W 19 17.95 84.23 -37.82
C ALA W 19 17.79 83.92 -39.31
N GLY W 20 18.75 84.31 -40.13
CA GLY W 20 18.54 84.18 -41.56
C GLY W 20 19.36 85.21 -42.29
N PHE W 21 19.10 85.33 -43.59
CA PHE W 21 19.89 86.23 -44.43
C PHE W 21 19.08 87.45 -44.78
N ALA W 22 19.73 88.62 -44.72
CA ALA W 22 19.13 89.89 -45.11
C ALA W 22 18.79 89.66 -46.56
N GLY W 23 17.56 90.00 -46.89
CA GLY W 23 17.07 89.68 -48.20
C GLY W 23 15.88 88.79 -48.03
N ASP W 24 15.94 87.69 -47.27
CA ASP W 24 14.80 86.80 -47.10
C ASP W 24 13.60 87.50 -46.50
N ASP W 25 12.42 86.88 -46.64
CA ASP W 25 11.16 87.48 -46.18
C ASP W 25 10.78 87.16 -44.73
N ALA W 26 11.42 86.07 -44.26
CA ALA W 26 11.19 85.49 -42.94
C ALA W 26 12.44 84.77 -42.48
N PRO W 27 12.62 84.57 -41.15
CA PRO W 27 13.79 83.89 -40.60
C PRO W 27 14.01 82.46 -41.10
N ARG W 28 15.23 82.21 -41.50
CA ARG W 28 15.63 80.88 -41.92
C ARG W 28 15.72 79.98 -40.69
N ALA W 29 15.96 80.56 -39.52
CA ALA W 29 16.15 79.76 -38.33
C ALA W 29 15.44 80.37 -37.13
N VAL W 30 14.64 79.52 -36.47
CA VAL W 30 13.88 79.92 -35.31
C VAL W 30 14.02 78.77 -34.34
N PHE W 31 14.44 79.02 -33.10
CA PHE W 31 14.68 77.95 -32.16
C PHE W 31 14.80 78.42 -30.74
N PRO W 32 14.53 77.65 -29.69
CA PRO W 32 14.66 78.13 -28.32
C PRO W 32 16.07 78.58 -27.95
N SER W 33 15.98 79.54 -27.05
CA SER W 33 17.09 80.26 -26.54
C SER W 33 17.46 79.57 -25.24
N ILE W 34 17.84 78.29 -25.31
CA ILE W 34 18.31 77.54 -24.18
C ILE W 34 19.68 76.92 -24.40
N VAL W 35 20.36 76.49 -23.36
CA VAL W 35 21.66 75.88 -23.41
C VAL W 35 21.51 74.88 -22.29
N GLY W 36 21.55 73.62 -22.66
CA GLY W 36 21.39 72.53 -21.76
C GLY W 36 22.73 71.96 -21.44
N ARG W 37 22.86 71.58 -20.17
CA ARG W 37 24.09 71.05 -19.63
C ARG W 37 23.73 69.70 -19.00
N PRO W 38 24.20 68.54 -19.47
CA PRO W 38 23.82 67.23 -18.91
C PRO W 38 24.09 67.01 -17.44
N ARG W 39 23.00 66.68 -16.75
CA ARG W 39 23.07 66.30 -15.34
C ARG W 39 23.85 65.03 -15.08
N HIS W 40 24.10 64.10 -16.07
CA HIS W 40 24.82 62.83 -15.81
C HIS W 40 25.80 62.40 -16.85
N GLN W 41 26.79 61.56 -16.55
CA GLN W 41 27.66 61.15 -17.62
C GLN W 41 27.13 59.95 -18.39
N GLY W 42 27.23 60.04 -19.72
CA GLY W 42 26.71 59.04 -20.61
C GLY W 42 26.57 59.57 -22.01
N VAL W 43 26.09 58.74 -22.95
CA VAL W 43 25.95 59.10 -24.35
C VAL W 43 24.66 58.65 -25.07
N MET W 44 24.35 59.25 -26.22
CA MET W 44 23.27 58.75 -27.05
C MET W 44 23.99 57.73 -27.92
N VAL W 45 23.26 56.76 -28.45
CA VAL W 45 23.79 55.76 -29.33
C VAL W 45 24.38 56.36 -30.61
N GLY W 46 25.69 56.23 -30.76
CA GLY W 46 26.34 56.61 -31.96
C GLY W 46 26.99 57.98 -31.84
N MET W 47 26.62 58.73 -30.82
CA MET W 47 27.27 59.99 -30.61
C MET W 47 28.33 59.87 -29.54
N GLY W 48 29.15 60.92 -29.47
CA GLY W 48 30.12 61.08 -28.40
C GLY W 48 29.49 61.89 -27.26
N GLN W 49 30.28 61.95 -26.18
CA GLN W 49 29.99 62.79 -25.03
C GLN W 49 29.89 64.25 -25.45
N LYS W 50 28.83 64.87 -25.03
CA LYS W 50 28.52 66.20 -25.44
C LYS W 50 28.49 66.93 -24.13
N ASP W 51 29.17 68.05 -24.20
CA ASP W 51 29.26 68.93 -23.04
C ASP W 51 28.05 69.84 -22.89
N SER W 52 27.36 70.05 -24.01
CA SER W 52 26.37 71.08 -24.01
C SER W 52 25.34 70.85 -25.09
N TYR W 53 24.18 71.42 -24.98
CA TYR W 53 23.17 71.23 -25.98
C TYR W 53 22.51 72.57 -26.19
N VAL W 54 22.01 72.95 -27.38
CA VAL W 54 21.43 74.27 -27.60
C VAL W 54 20.18 74.14 -28.47
N GLY W 55 19.20 74.99 -28.19
CA GLY W 55 17.99 75.07 -28.99
C GLY W 55 17.10 73.89 -28.76
N ASP W 56 16.66 73.29 -29.87
CA ASP W 56 15.75 72.17 -29.80
C ASP W 56 16.40 70.93 -29.25
N GLU W 57 17.66 70.58 -29.49
CA GLU W 57 18.19 69.42 -28.83
C GLU W 57 18.24 69.57 -27.31
N ALA W 58 18.30 70.79 -26.79
CA ALA W 58 18.24 70.99 -25.36
C ALA W 58 16.81 70.83 -24.90
N GLN W 59 15.83 71.22 -25.70
CA GLN W 59 14.48 71.10 -25.27
C GLN W 59 14.11 69.62 -25.29
N SER W 60 14.38 68.94 -26.39
CA SER W 60 14.03 67.54 -26.53
C SER W 60 14.64 66.57 -25.53
N LYS W 61 15.83 66.91 -25.11
CA LYS W 61 16.52 66.07 -24.18
C LYS W 61 16.42 66.71 -22.82
N ARG W 62 15.40 67.53 -22.45
CA ARG W 62 15.47 68.25 -21.19
C ARG W 62 15.54 67.50 -19.87
N GLY W 63 15.02 66.27 -19.89
CA GLY W 63 15.05 65.41 -18.73
C GLY W 63 16.45 65.05 -18.26
N ILE W 64 17.55 65.06 -19.05
CA ILE W 64 18.86 64.73 -18.50
C ILE W 64 19.81 65.91 -18.38
N LEU W 65 19.35 67.12 -18.67
CA LEU W 65 20.19 68.32 -18.71
C LEU W 65 19.68 69.42 -17.79
N THR W 66 20.49 70.42 -17.41
CA THR W 66 19.98 71.54 -16.65
C THR W 66 19.96 72.64 -17.71
N LEU W 67 18.73 73.07 -17.95
CA LEU W 67 18.41 74.06 -18.95
C LEU W 67 18.68 75.43 -18.44
N LYS W 68 19.25 76.31 -19.28
CA LYS W 68 19.45 77.71 -18.85
C LYS W 68 19.16 78.67 -19.96
N TYR W 69 18.48 79.74 -19.54
CA TYR W 69 18.07 80.83 -20.41
C TYR W 69 19.06 82.03 -20.40
N PRO W 70 19.98 82.28 -21.37
CA PRO W 70 20.94 83.39 -21.41
C PRO W 70 20.40 84.80 -21.40
N ILE W 71 19.16 84.97 -21.84
CA ILE W 71 18.57 86.28 -21.95
C ILE W 71 17.39 86.41 -20.99
N GLU W 72 17.61 87.14 -19.89
CA GLU W 72 16.52 87.32 -18.98
C GLU W 72 15.86 88.66 -19.23
N HIS W 73 14.59 88.61 -19.67
CA HIS W 73 13.83 89.81 -19.94
C HIS W 73 14.44 90.67 -21.03
N GLY W 74 14.95 90.01 -22.08
CA GLY W 74 15.49 90.74 -23.22
C GLY W 74 16.92 91.15 -23.08
N ILE W 75 17.48 91.14 -21.85
CA ILE W 75 18.89 91.55 -21.63
C ILE W 75 19.81 90.33 -21.54
N ILE W 76 21.03 90.27 -22.13
CA ILE W 76 21.89 89.07 -22.03
C ILE W 76 22.48 89.09 -20.61
N THR W 77 22.13 88.03 -19.89
CA THR W 77 22.55 87.82 -18.52
C THR W 77 23.75 86.88 -18.44
N ASN W 78 23.87 85.87 -19.31
CA ASN W 78 25.07 85.03 -19.25
C ASN W 78 25.76 85.00 -20.58
N TRP W 79 26.97 85.60 -20.61
CA TRP W 79 27.75 85.74 -21.83
C TRP W 79 28.44 84.49 -22.29
N ASP W 80 28.67 83.50 -21.43
CA ASP W 80 29.29 82.19 -21.80
C ASP W 80 28.27 81.38 -22.59
N ASP W 81 27.09 81.27 -22.00
CA ASP W 81 25.96 80.69 -22.68
C ASP W 81 25.39 81.43 -23.85
N MET W 82 25.60 82.73 -24.05
CA MET W 82 25.10 83.42 -25.23
C MET W 82 26.03 83.10 -26.37
N GLU W 83 27.35 83.17 -26.17
CA GLU W 83 28.33 82.87 -27.22
C GLU W 83 28.10 81.45 -27.74
N LYS W 84 27.62 80.58 -26.84
CA LYS W 84 27.16 79.24 -27.25
C LYS W 84 25.96 79.33 -28.19
N ILE W 85 24.88 80.09 -27.90
CA ILE W 85 23.76 80.21 -28.84
C ILE W 85 24.18 80.83 -30.14
N TRP W 86 25.07 81.84 -30.17
CA TRP W 86 25.52 82.43 -31.42
C TRP W 86 26.27 81.42 -32.25
N HIS W 87 27.17 80.68 -31.58
CA HIS W 87 27.96 79.66 -32.28
C HIS W 87 27.06 78.68 -33.01
N HIS W 88 26.06 78.18 -32.28
CA HIS W 88 25.06 77.30 -32.83
C HIS W 88 24.37 77.96 -34.00
N THR W 89 24.03 79.23 -33.94
CA THR W 89 23.31 79.89 -35.00
C THR W 89 24.10 79.95 -36.26
N PHE W 90 25.33 80.40 -36.18
CA PHE W 90 26.13 80.49 -37.38
C PHE W 90 26.46 79.12 -37.92
N TYR W 91 27.08 78.29 -37.09
CA TYR W 91 27.63 77.09 -37.62
C TYR W 91 26.75 75.96 -37.87
N ASN W 92 25.68 75.82 -37.12
CA ASN W 92 24.80 74.67 -37.32
C ASN W 92 23.50 75.08 -37.98
N GLU W 93 22.85 76.11 -37.47
CA GLU W 93 21.59 76.52 -38.03
C GLU W 93 21.73 77.12 -39.41
N LEU W 94 22.56 78.17 -39.61
CA LEU W 94 22.67 78.79 -40.92
C LEU W 94 23.82 78.18 -41.71
N ARG W 95 24.67 77.40 -41.04
CA ARG W 95 25.80 76.65 -41.59
C ARG W 95 26.81 77.51 -42.37
N VAL W 96 26.88 78.78 -42.01
CA VAL W 96 27.76 79.72 -42.67
C VAL W 96 29.04 79.82 -41.86
N ALA W 97 30.13 80.31 -42.46
CA ALA W 97 31.30 80.65 -41.67
C ALA W 97 31.06 82.12 -41.36
N PRO W 98 31.10 82.62 -40.12
CA PRO W 98 30.86 84.03 -39.80
C PRO W 98 31.90 85.02 -40.30
N GLU W 99 33.18 84.59 -40.43
CA GLU W 99 34.25 85.50 -40.84
C GLU W 99 34.21 86.06 -42.24
N GLU W 100 33.18 85.71 -43.01
CA GLU W 100 32.99 86.42 -44.25
C GLU W 100 31.55 86.96 -44.36
N HIS W 101 30.79 87.12 -43.27
CA HIS W 101 29.44 87.66 -43.36
C HIS W 101 29.17 88.86 -42.51
N PRO W 102 28.66 90.00 -42.95
CA PRO W 102 28.36 91.12 -42.07
C PRO W 102 27.17 90.62 -41.24
N THR W 103 27.08 90.96 -39.94
CA THR W 103 26.05 90.46 -39.03
C THR W 103 25.22 91.58 -38.40
N LEU W 104 23.89 91.73 -38.66
CA LEU W 104 23.09 92.73 -37.98
C LEU W 104 22.44 92.01 -36.86
N LEU W 105 22.69 92.54 -35.67
CA LEU W 105 22.14 92.01 -34.44
C LEU W 105 21.08 92.90 -33.84
N THR W 106 20.28 92.43 -32.88
CA THR W 106 19.37 93.34 -32.26
C THR W 106 19.59 93.39 -30.77
N GLU W 107 19.27 94.53 -30.16
CA GLU W 107 19.29 94.61 -28.70
C GLU W 107 17.94 95.15 -28.21
N ALA W 108 17.77 95.13 -26.90
CA ALA W 108 16.57 95.61 -26.27
C ALA W 108 16.54 97.11 -26.03
N PRO W 109 15.34 97.66 -25.80
CA PRO W 109 15.14 99.04 -25.51
C PRO W 109 16.10 99.83 -24.65
N LEU W 110 16.41 99.52 -23.40
CA LEU W 110 17.32 100.40 -22.67
C LEU W 110 18.50 99.53 -22.31
N ASN W 111 19.02 98.80 -23.30
CA ASN W 111 20.13 97.87 -23.17
C ASN W 111 21.33 98.66 -22.69
N PRO W 112 21.90 98.25 -21.58
CA PRO W 112 23.05 98.89 -20.98
C PRO W 112 24.22 99.05 -21.94
N LYS W 113 24.75 100.27 -22.02
CA LYS W 113 25.86 100.65 -22.92
C LYS W 113 27.00 99.63 -23.05
N ALA W 114 27.27 99.07 -21.87
CA ALA W 114 28.31 98.10 -21.65
C ALA W 114 28.09 96.76 -22.33
N ASN W 115 26.83 96.35 -22.49
CA ASN W 115 26.43 95.13 -23.17
C ASN W 115 26.63 95.28 -24.66
N ARG W 116 26.21 96.44 -25.23
CA ARG W 116 26.29 96.70 -26.67
C ARG W 116 27.78 96.68 -27.00
N GLU W 117 28.62 97.26 -26.14
CA GLU W 117 30.07 97.10 -26.29
C GLU W 117 30.54 95.64 -26.09
N LYS W 118 29.96 94.83 -25.20
CA LYS W 118 30.41 93.47 -24.99
C LYS W 118 30.06 92.57 -26.14
N MET W 119 28.85 92.57 -26.68
CA MET W 119 28.54 91.72 -27.82
C MET W 119 29.29 92.14 -29.08
N THR W 120 29.83 93.35 -29.08
CA THR W 120 30.63 93.80 -30.19
C THR W 120 32.02 93.20 -30.00
N GLN W 121 32.52 93.25 -28.78
CA GLN W 121 33.76 92.62 -28.40
C GLN W 121 33.71 91.15 -28.80
N ILE W 122 32.63 90.41 -28.54
CA ILE W 122 32.52 88.99 -28.88
C ILE W 122 32.28 88.77 -30.35
N MET W 123 31.54 89.66 -31.03
CA MET W 123 31.30 89.46 -32.44
C MET W 123 32.62 89.61 -33.16
N PHE W 124 33.31 90.72 -33.00
CA PHE W 124 34.57 90.96 -33.69
C PHE W 124 35.73 90.16 -33.16
N GLU W 125 35.89 90.04 -31.83
CA GLU W 125 37.06 89.33 -31.32
C GLU W 125 36.90 87.83 -31.18
N THR W 126 35.75 87.16 -30.99
CA THR W 126 35.80 85.71 -30.97
C THR W 126 35.16 85.16 -32.23
N PHE W 127 34.26 85.83 -32.97
CA PHE W 127 33.72 85.26 -34.21
C PHE W 127 34.33 85.78 -35.51
N ASN W 128 35.03 86.93 -35.36
CA ASN W 128 35.80 87.56 -36.41
C ASN W 128 34.89 87.85 -37.61
N VAL W 129 33.74 88.49 -37.37
CA VAL W 129 32.84 88.82 -38.48
C VAL W 129 33.44 90.04 -39.22
N PRO W 130 33.27 90.28 -40.55
CA PRO W 130 33.84 91.44 -41.22
C PRO W 130 33.36 92.79 -40.66
N ALA W 131 32.05 92.84 -40.43
CA ALA W 131 31.36 94.02 -39.93
C ALA W 131 30.06 93.61 -39.25
N MET W 132 29.59 94.45 -38.35
CA MET W 132 28.36 94.20 -37.65
C MET W 132 27.63 95.49 -37.31
N TYR W 133 26.49 95.43 -36.62
CA TYR W 133 25.62 96.58 -36.39
C TYR W 133 24.60 96.11 -35.38
N VAL W 134 24.21 96.90 -34.40
CA VAL W 134 23.22 96.47 -33.42
C VAL W 134 21.98 97.38 -33.60
N ALA W 135 20.82 96.93 -34.08
CA ALA W 135 19.61 97.78 -34.13
C ALA W 135 18.70 97.64 -32.91
N ILE W 136 17.90 98.61 -32.47
CA ILE W 136 17.05 98.42 -31.29
C ILE W 136 15.82 97.75 -31.82
N GLN W 137 15.27 96.81 -31.06
CA GLN W 137 14.18 96.01 -31.59
C GLN W 137 12.93 96.77 -31.99
N ALA W 138 12.26 97.53 -31.12
CA ALA W 138 11.09 98.33 -31.55
C ALA W 138 11.28 99.20 -32.80
N VAL W 139 12.52 99.68 -32.92
CA VAL W 139 12.87 100.50 -34.02
C VAL W 139 12.82 99.68 -35.32
N LEU W 140 13.24 98.41 -35.35
CA LEU W 140 13.13 97.59 -36.56
C LEU W 140 11.70 97.19 -36.82
N SER W 141 10.93 97.01 -35.76
CA SER W 141 9.56 96.66 -35.98
C SER W 141 8.84 97.78 -36.67
N LEU W 142 9.03 99.05 -36.24
CA LEU W 142 8.35 100.19 -36.81
C LEU W 142 8.60 100.42 -38.30
N TYR W 143 9.89 100.30 -38.53
CA TYR W 143 10.46 100.50 -39.84
C TYR W 143 9.97 99.45 -40.84
N ALA W 144 9.85 98.20 -40.38
CA ALA W 144 9.30 97.14 -41.18
C ALA W 144 7.82 97.44 -41.49
N SER W 145 7.13 98.35 -40.78
CA SER W 145 5.75 98.68 -41.14
C SER W 145 5.73 99.97 -41.96
N GLY W 146 6.87 100.23 -42.61
CA GLY W 146 7.07 101.38 -43.45
C GLY W 146 7.50 102.62 -42.69
N ARG W 147 6.92 102.98 -41.54
CA ARG W 147 7.19 104.28 -40.94
C ARG W 147 8.39 104.55 -40.03
N THR W 148 8.52 105.82 -39.63
CA THR W 148 9.62 106.28 -38.81
C THR W 148 9.29 106.95 -37.51
N THR W 149 8.02 107.31 -37.35
CA THR W 149 7.51 107.84 -36.11
C THR W 149 6.26 107.01 -35.91
N GLY W 150 6.17 106.61 -34.65
CA GLY W 150 5.09 105.82 -34.12
C GLY W 150 5.47 105.34 -32.73
N ILE W 151 4.65 104.53 -32.08
CA ILE W 151 5.02 103.98 -30.79
C ILE W 151 4.79 102.48 -30.96
N VAL W 152 5.78 101.65 -30.65
CA VAL W 152 5.65 100.20 -30.77
C VAL W 152 5.28 99.57 -29.42
N LEU W 153 4.23 98.74 -29.38
CA LEU W 153 3.99 97.94 -28.20
C LEU W 153 4.65 96.65 -28.61
N ASP W 154 5.75 96.31 -27.94
CA ASP W 154 6.47 95.11 -28.31
C ASP W 154 6.39 94.11 -27.18
N SER W 155 5.98 92.86 -27.48
CA SER W 155 5.68 91.81 -26.50
C SER W 155 5.98 90.40 -26.94
N GLY W 156 6.96 89.80 -26.28
CA GLY W 156 7.37 88.50 -26.74
C GLY W 156 7.26 87.45 -25.68
N ASP W 157 8.40 86.86 -25.37
CA ASP W 157 8.37 85.81 -24.40
C ASP W 157 8.69 86.22 -22.98
N GLY W 158 9.67 87.02 -22.65
CA GLY W 158 9.92 87.44 -21.29
C GLY W 158 9.58 88.93 -21.04
N VAL W 159 9.57 89.89 -22.01
CA VAL W 159 9.27 91.31 -21.78
C VAL W 159 8.22 91.89 -22.70
N THR W 160 7.55 92.96 -22.17
CA THR W 160 6.70 93.87 -22.94
C THR W 160 7.28 95.27 -22.85
N HIS W 161 7.15 96.05 -23.91
CA HIS W 161 7.77 97.36 -23.96
C HIS W 161 6.85 98.23 -24.74
N ASN W 162 7.06 99.53 -24.53
CA ASN W 162 6.44 100.58 -25.34
C ASN W 162 7.58 101.46 -25.78
N VAL W 163 7.89 101.59 -27.07
CA VAL W 163 9.04 102.41 -27.38
C VAL W 163 8.57 103.44 -28.37
N PRO W 164 8.39 104.69 -27.91
CA PRO W 164 7.96 105.80 -28.74
C PRO W 164 9.18 106.16 -29.59
N ILE W 165 9.03 106.23 -30.93
CA ILE W 165 10.15 106.56 -31.83
C ILE W 165 9.80 107.77 -32.69
N TYR W 166 10.69 108.76 -32.78
CA TYR W 166 10.42 109.96 -33.57
C TYR W 166 11.52 110.16 -34.61
N GLU W 167 11.15 110.11 -35.89
CA GLU W 167 12.09 110.18 -36.99
C GLU W 167 13.34 109.36 -36.84
N GLY W 168 13.07 108.22 -36.19
CA GLY W 168 13.98 107.14 -36.03
C GLY W 168 14.63 107.00 -34.69
N TYR W 169 14.64 108.07 -33.89
CA TYR W 169 15.29 108.03 -32.59
C TYR W 169 14.30 107.61 -31.53
N ALA W 170 14.52 106.42 -30.95
CA ALA W 170 13.72 105.88 -29.87
C ALA W 170 13.90 106.80 -28.68
N LEU W 171 12.79 107.15 -28.00
CA LEU W 171 12.82 108.17 -26.97
C LEU W 171 13.05 107.61 -25.57
N PRO W 172 14.30 107.53 -25.14
CA PRO W 172 14.68 106.93 -23.85
C PRO W 172 13.81 107.14 -22.61
N HIS W 173 13.46 108.38 -22.38
CA HIS W 173 12.65 108.72 -21.21
C HIS W 173 11.17 108.42 -21.39
N ALA W 174 10.70 107.80 -22.45
CA ALA W 174 9.26 107.61 -22.54
C ALA W 174 8.92 106.14 -22.66
N ILE W 175 9.99 105.31 -22.85
CA ILE W 175 9.97 103.83 -22.94
C ILE W 175 9.49 103.20 -21.62
N MET W 176 8.59 102.20 -21.69
CA MET W 176 8.05 101.51 -20.51
C MET W 176 8.24 100.04 -20.76
N ARG W 177 8.58 99.38 -19.69
CA ARG W 177 8.80 97.96 -19.69
C ARG W 177 7.89 97.30 -18.67
N LEU W 178 7.20 96.26 -19.11
CA LEU W 178 6.30 95.53 -18.26
C LEU W 178 6.78 94.10 -18.36
N ASP W 179 7.35 93.54 -17.29
CA ASP W 179 7.81 92.14 -17.26
C ASP W 179 6.66 91.11 -17.11
N LEU W 180 5.73 91.03 -18.09
CA LEU W 180 4.72 89.99 -18.12
C LEU W 180 4.51 89.77 -19.60
N ALA W 181 4.76 88.56 -20.08
CA ALA W 181 4.66 88.27 -21.48
C ALA W 181 4.13 86.88 -21.76
N GLY W 182 4.38 86.27 -22.93
CA GLY W 182 3.84 84.98 -23.33
C GLY W 182 4.16 83.80 -22.45
N ARG W 183 5.31 83.85 -21.76
CA ARG W 183 5.81 82.83 -20.83
C ARG W 183 4.90 82.83 -19.63
N ASP W 184 4.71 84.01 -19.01
CA ASP W 184 3.80 84.25 -17.89
C ASP W 184 2.40 83.80 -18.27
N LEU W 185 1.99 84.14 -19.48
CA LEU W 185 0.68 83.82 -20.05
C LEU W 185 0.34 82.35 -20.28
N THR W 186 1.36 81.53 -20.57
CA THR W 186 1.18 80.10 -20.75
C THR W 186 1.01 79.49 -19.36
N ASP W 187 1.68 80.04 -18.33
CA ASP W 187 1.61 79.44 -17.03
C ASP W 187 0.32 79.79 -16.33
N TYR W 188 -0.28 80.91 -16.71
CA TYR W 188 -1.55 81.28 -16.13
C TYR W 188 -2.62 80.43 -16.80
N LEU W 189 -2.54 80.16 -18.10
CA LEU W 189 -3.56 79.35 -18.76
C LEU W 189 -3.57 78.00 -18.11
N MET W 190 -2.36 77.49 -17.88
CA MET W 190 -2.07 76.23 -17.24
C MET W 190 -2.92 76.02 -15.99
N LYS W 191 -2.82 77.00 -15.08
CA LYS W 191 -3.59 76.97 -13.88
C LYS W 191 -5.04 77.15 -14.26
N ILE W 192 -5.59 78.12 -15.01
CA ILE W 192 -7.04 78.14 -15.24
C ILE W 192 -7.62 76.94 -15.99
N LEU W 193 -6.75 76.11 -16.54
CA LEU W 193 -7.13 74.93 -17.26
C LEU W 193 -7.06 73.72 -16.31
N THR W 194 -6.13 73.67 -15.35
CA THR W 194 -6.15 72.60 -14.35
C THR W 194 -7.31 72.85 -13.40
N GLU W 195 -7.56 74.15 -13.19
CA GLU W 195 -8.64 74.70 -12.38
C GLU W 195 -9.98 74.41 -13.08
N ARG W 196 -10.03 74.23 -14.40
CA ARG W 196 -11.23 73.76 -15.13
C ARG W 196 -11.48 72.27 -14.83
N GLY W 197 -10.60 71.64 -14.03
CA GLY W 197 -10.70 70.26 -13.63
C GLY W 197 -9.84 69.42 -14.54
N TYR W 198 -8.52 69.67 -14.62
CA TYR W 198 -7.64 68.93 -15.52
C TYR W 198 -6.27 68.69 -14.91
N SER W 199 -5.49 67.92 -15.68
CA SER W 199 -4.13 67.57 -15.28
C SER W 199 -3.13 67.45 -16.42
N PHE W 200 -2.18 68.36 -16.27
CA PHE W 200 -1.06 68.42 -17.18
C PHE W 200 0.04 67.95 -16.24
N VAL W 201 0.09 66.64 -16.41
CA VAL W 201 0.89 65.83 -15.53
C VAL W 201 2.23 65.50 -16.15
N THR W 202 2.31 64.73 -17.25
CA THR W 202 3.60 64.42 -17.88
C THR W 202 4.09 65.60 -18.69
N THR W 203 5.35 65.58 -19.16
CA THR W 203 5.91 66.70 -19.90
C THR W 203 5.26 66.87 -21.28
N ALA W 204 4.63 65.82 -21.80
CA ALA W 204 3.85 65.90 -23.03
C ALA W 204 2.46 66.55 -22.84
N GLU W 205 2.13 66.83 -21.59
CA GLU W 205 0.90 67.51 -21.25
C GLU W 205 1.32 68.95 -21.04
N ARG W 206 2.37 69.22 -20.23
CA ARG W 206 2.90 70.58 -20.03
C ARG W 206 3.08 71.42 -21.34
N GLU W 207 3.87 70.89 -22.28
CA GLU W 207 4.28 71.61 -23.48
C GLU W 207 3.15 72.08 -24.37
N ILE W 208 2.15 71.23 -24.52
CA ILE W 208 1.01 71.50 -25.36
C ILE W 208 0.01 72.53 -24.81
N VAL W 209 0.09 72.95 -23.52
CA VAL W 209 -0.78 74.01 -23.00
C VAL W 209 -0.40 75.29 -23.75
N ARG W 210 0.88 75.39 -24.09
CA ARG W 210 1.40 76.49 -24.86
C ARG W 210 0.84 76.46 -26.28
N ASP W 211 0.61 75.29 -26.88
CA ASP W 211 0.05 75.18 -28.22
C ASP W 211 -1.45 75.40 -28.21
N ILE W 212 -2.08 75.22 -27.04
CA ILE W 212 -3.48 75.56 -26.83
C ILE W 212 -3.57 77.08 -26.83
N LYS W 213 -2.81 77.77 -25.96
CA LYS W 213 -2.68 79.23 -25.90
C LYS W 213 -2.52 79.82 -27.27
N GLU W 214 -1.55 79.37 -28.07
CA GLU W 214 -1.34 79.91 -29.41
C GLU W 214 -2.56 79.67 -30.31
N LYS W 215 -3.05 78.44 -30.50
CA LYS W 215 -4.15 78.13 -31.43
C LYS W 215 -5.57 78.63 -31.11
N LEU W 216 -5.99 78.41 -29.86
CA LEU W 216 -7.34 78.72 -29.42
C LEU W 216 -7.51 80.01 -28.67
N CYS W 217 -6.49 80.65 -28.07
CA CYS W 217 -6.71 81.91 -27.38
C CYS W 217 -6.97 83.18 -28.19
N TYR W 218 -7.85 83.94 -27.52
CA TYR W 218 -8.53 85.13 -28.04
C TYR W 218 -8.42 86.34 -27.14
N VAL W 219 -8.51 87.55 -27.70
CA VAL W 219 -8.64 88.74 -26.87
C VAL W 219 -9.94 89.30 -27.35
N ALA W 220 -10.86 89.11 -26.45
CA ALA W 220 -12.16 89.68 -26.68
C ALA W 220 -12.21 91.13 -26.27
N LEU W 221 -12.99 91.78 -27.13
CA LEU W 221 -13.43 93.14 -26.93
C LEU W 221 -14.75 92.93 -26.20
N ASP W 222 -14.87 93.74 -25.14
CA ASP W 222 -15.95 93.64 -24.17
C ASP W 222 -15.91 92.24 -23.57
N PHE W 223 -14.83 92.15 -22.78
CA PHE W 223 -14.44 90.94 -22.04
C PHE W 223 -15.40 90.72 -20.89
N GLU W 224 -16.15 91.81 -20.60
CA GLU W 224 -17.22 91.94 -19.63
C GLU W 224 -18.42 91.02 -19.94
N ASN W 225 -19.06 91.38 -21.06
CA ASN W 225 -20.19 90.64 -21.57
C ASN W 225 -19.70 89.61 -22.56
N GLU W 226 -18.64 88.91 -22.16
CA GLU W 226 -18.10 87.76 -22.89
C GLU W 226 -18.06 86.57 -21.90
N MET W 227 -17.81 86.94 -20.63
CA MET W 227 -17.97 86.08 -19.48
C MET W 227 -19.48 85.83 -19.36
N ALA W 228 -20.29 86.92 -19.40
CA ALA W 228 -21.76 86.84 -19.40
C ALA W 228 -22.26 85.91 -20.51
N THR W 229 -21.68 86.05 -21.70
CA THR W 229 -21.97 85.16 -22.82
C THR W 229 -21.61 83.70 -22.51
N ALA W 230 -20.47 83.51 -21.82
CA ALA W 230 -19.95 82.19 -21.49
C ALA W 230 -20.97 81.35 -20.72
N ALA W 231 -21.63 82.06 -19.79
CA ALA W 231 -22.67 81.54 -18.89
C ALA W 231 -23.99 81.05 -19.54
N SER W 232 -24.54 81.83 -20.48
CA SER W 232 -25.70 81.44 -21.29
C SER W 232 -25.37 80.17 -22.10
N SER W 233 -24.04 79.97 -22.28
CA SER W 233 -23.37 78.89 -23.00
C SER W 233 -23.95 78.60 -24.37
N SER W 234 -23.22 79.42 -25.13
CA SER W 234 -23.32 79.45 -26.57
C SER W 234 -22.34 78.40 -27.06
N SER W 235 -22.28 78.34 -28.40
CA SER W 235 -21.31 77.51 -29.06
C SER W 235 -20.01 78.36 -29.15
N LEU W 236 -19.56 78.87 -27.97
CA LEU W 236 -18.32 79.63 -27.79
C LEU W 236 -17.19 78.65 -27.44
N GLU W 237 -17.53 77.52 -26.77
CA GLU W 237 -16.58 76.46 -26.36
C GLU W 237 -15.64 75.90 -27.45
N LYS W 238 -14.48 75.37 -27.06
CA LYS W 238 -13.57 74.82 -28.04
C LYS W 238 -12.70 73.68 -27.54
N SER W 239 -12.98 72.49 -28.05
CA SER W 239 -12.20 71.31 -27.71
C SER W 239 -11.08 70.97 -28.67
N TYR W 240 -9.92 70.77 -28.01
CA TYR W 240 -8.64 70.45 -28.62
C TYR W 240 -8.34 68.97 -28.34
N GLU W 241 -7.88 68.18 -29.32
CA GLU W 241 -7.47 66.77 -29.07
C GLU W 241 -5.98 66.70 -28.73
N LEU W 242 -5.69 66.14 -27.55
CA LEU W 242 -4.34 66.06 -26.99
C LEU W 242 -3.31 65.20 -27.78
N PRO W 243 -2.04 64.83 -27.39
CA PRO W 243 -1.13 63.98 -28.20
C PRO W 243 -1.79 62.65 -28.62
N ASP W 244 -2.63 62.19 -27.68
CA ASP W 244 -3.54 61.04 -27.80
C ASP W 244 -5.01 61.53 -28.01
N GLY W 245 -6.03 60.67 -27.73
CA GLY W 245 -7.45 60.98 -27.91
C GLY W 245 -7.98 62.07 -26.99
N GLN W 246 -7.69 61.93 -25.68
CA GLN W 246 -8.06 62.84 -24.59
C GLN W 246 -8.43 64.29 -24.95
N VAL W 247 -9.64 64.35 -25.50
CA VAL W 247 -10.22 65.61 -25.95
C VAL W 247 -10.56 66.51 -24.77
N ILE W 248 -9.73 67.54 -24.71
CA ILE W 248 -9.89 68.53 -23.67
C ILE W 248 -10.77 69.67 -24.20
N THR W 249 -11.67 70.21 -23.37
CA THR W 249 -12.50 71.34 -23.78
C THR W 249 -12.14 72.62 -22.99
N ILE W 250 -12.15 73.70 -23.78
CA ILE W 250 -11.79 75.03 -23.34
C ILE W 250 -12.84 75.89 -23.99
N GLY W 251 -13.70 76.42 -23.16
CA GLY W 251 -14.71 77.27 -23.70
C GLY W 251 -14.31 78.72 -23.56
N ASN W 252 -14.43 78.98 -22.27
CA ASN W 252 -14.37 80.29 -21.64
C ASN W 252 -12.92 80.81 -21.44
N GLU W 253 -12.06 80.17 -20.60
CA GLU W 253 -10.63 80.50 -20.34
C GLU W 253 -9.72 80.92 -21.48
N ARG W 254 -10.16 80.41 -22.63
CA ARG W 254 -9.73 80.80 -23.94
C ARG W 254 -9.36 82.31 -24.08
N PHE W 255 -10.18 83.21 -23.47
CA PHE W 255 -9.96 84.65 -23.47
C PHE W 255 -9.59 85.20 -22.08
N ARG W 256 -9.76 84.41 -21.03
CA ARG W 256 -9.40 84.83 -19.69
C ARG W 256 -7.87 84.96 -19.59
N CYS W 257 -7.18 84.24 -20.46
CA CYS W 257 -5.71 84.26 -20.55
C CYS W 257 -5.21 85.61 -21.15
N PRO W 258 -5.56 86.12 -22.35
CA PRO W 258 -5.12 87.42 -22.82
C PRO W 258 -5.78 88.57 -22.04
N GLU W 259 -6.95 88.46 -21.35
CA GLU W 259 -7.47 89.52 -20.47
C GLU W 259 -6.36 89.72 -19.42
N THR W 260 -5.38 88.82 -19.20
CA THR W 260 -4.30 89.06 -18.26
C THR W 260 -3.46 90.24 -18.73
N LEU W 261 -3.18 90.35 -20.03
CA LEU W 261 -2.47 91.52 -20.54
C LEU W 261 -3.09 92.90 -20.26
N PHE W 262 -4.43 93.03 -20.06
CA PHE W 262 -5.09 94.30 -19.70
C PHE W 262 -5.29 94.42 -18.20
N GLN W 263 -5.41 93.27 -17.53
CA GLN W 263 -5.57 93.16 -16.10
C GLN W 263 -4.44 92.27 -15.57
N PRO W 264 -3.33 92.83 -15.07
CA PRO W 264 -2.20 92.11 -14.50
C PRO W 264 -2.60 91.56 -13.13
N SER W 265 -3.69 92.12 -12.57
CA SER W 265 -4.31 91.69 -11.30
C SER W 265 -4.80 90.22 -11.25
N PHE W 266 -5.02 89.65 -12.46
CA PHE W 266 -5.33 88.25 -12.68
C PHE W 266 -4.19 87.35 -12.26
N ILE W 267 -3.01 87.94 -12.18
CA ILE W 267 -1.83 87.19 -11.83
C ILE W 267 -1.04 87.81 -10.70
N GLY W 268 -1.70 88.51 -9.79
CA GLY W 268 -0.98 89.06 -8.67
C GLY W 268 0.06 90.10 -9.07
N MET W 269 -0.15 90.68 -10.26
CA MET W 269 0.67 91.81 -10.63
C MET W 269 -0.08 93.08 -10.32
N GLU W 270 0.65 94.00 -9.66
CA GLU W 270 0.16 95.34 -9.30
C GLU W 270 0.44 96.45 -10.33
N SER W 271 1.27 96.14 -11.34
CA SER W 271 1.59 97.03 -12.46
C SER W 271 0.34 97.32 -13.27
N ALA W 272 0.44 98.41 -14.04
CA ALA W 272 -0.63 98.80 -14.96
C ALA W 272 -0.65 97.88 -16.19
N GLY W 273 -1.65 97.94 -17.06
CA GLY W 273 -1.69 97.02 -18.19
C GLY W 273 -1.40 97.69 -19.53
N ILE W 274 -1.04 96.84 -20.52
CA ILE W 274 -0.74 97.21 -21.89
C ILE W 274 -1.29 98.53 -22.45
N HIS W 275 -2.61 98.74 -22.38
CA HIS W 275 -3.27 99.93 -22.92
C HIS W 275 -3.03 101.21 -22.15
N GLU W 276 -2.98 101.09 -20.83
CA GLU W 276 -2.71 102.21 -19.99
C GLU W 276 -1.29 102.59 -20.16
N THR W 277 -0.44 101.59 -20.34
CA THR W 277 0.96 101.81 -20.48
C THR W 277 1.24 102.44 -21.83
N THR W 278 0.56 102.06 -22.91
CA THR W 278 0.67 102.71 -24.22
C THR W 278 0.47 104.24 -24.08
N TYR W 279 -0.59 104.49 -23.33
CA TYR W 279 -1.03 105.81 -23.04
C TYR W 279 -0.03 106.50 -22.18
N ASN W 280 0.45 105.93 -21.09
CA ASN W 280 1.30 106.69 -20.22
C ASN W 280 2.60 107.09 -20.87
N SER W 281 3.07 106.23 -21.80
CA SER W 281 4.29 106.45 -22.57
C SER W 281 4.08 107.74 -23.32
N ILE W 282 2.86 107.79 -23.88
CA ILE W 282 2.41 108.89 -24.72
C ILE W 282 2.24 110.12 -23.87
N MET W 283 1.62 110.19 -22.68
CA MET W 283 1.61 111.47 -21.99
C MET W 283 2.93 111.81 -21.28
N LYS W 284 4.02 111.04 -21.55
CA LYS W 284 5.41 111.30 -21.13
C LYS W 284 6.29 111.91 -22.24
N CYS W 285 5.73 111.99 -23.45
CA CYS W 285 6.40 112.51 -24.62
C CYS W 285 6.08 113.96 -24.89
N ASP W 286 6.79 114.62 -25.80
CA ASP W 286 6.45 115.98 -26.15
C ASP W 286 5.06 115.95 -26.74
N ILE W 287 4.40 117.06 -26.42
CA ILE W 287 3.00 117.47 -26.75
C ILE W 287 2.62 117.54 -28.24
N ASP W 288 3.56 118.16 -28.97
CA ASP W 288 3.44 118.32 -30.39
C ASP W 288 3.59 116.95 -31.04
N ILE W 289 4.30 115.95 -30.45
CA ILE W 289 4.43 114.65 -31.14
C ILE W 289 3.34 113.69 -30.76
N ARG W 290 2.53 113.97 -29.75
CA ARG W 290 1.49 113.05 -29.34
C ARG W 290 0.46 112.84 -30.45
N LYS W 291 0.09 113.68 -31.44
CA LYS W 291 -0.90 113.19 -32.40
C LYS W 291 -0.31 112.08 -33.29
N ASP W 292 1.02 112.11 -33.50
CA ASP W 292 1.73 111.18 -34.37
C ASP W 292 1.76 109.80 -33.76
N LEU W 293 2.25 109.71 -32.53
CA LEU W 293 2.25 108.48 -31.80
C LEU W 293 0.86 107.84 -31.75
N TYR W 294 -0.20 108.63 -31.56
CA TYR W 294 -1.53 108.07 -31.47
C TYR W 294 -2.03 107.46 -32.74
N ALA W 295 -1.65 108.00 -33.87
CA ALA W 295 -2.13 107.42 -35.11
C ALA W 295 -1.17 106.33 -35.60
N ASN W 296 -0.20 105.90 -34.76
CA ASN W 296 0.78 104.94 -35.19
C ASN W 296 1.27 104.05 -34.08
N ASN W 297 0.33 103.26 -33.58
CA ASN W 297 0.58 102.28 -32.55
C ASN W 297 0.87 101.01 -33.31
N VAL W 298 2.13 100.67 -33.45
CA VAL W 298 2.50 99.51 -34.22
C VAL W 298 2.69 98.45 -33.17
N MET W 299 2.14 97.28 -33.50
CA MET W 299 2.31 96.13 -32.63
C MET W 299 3.29 95.11 -33.19
N SER W 300 4.16 94.60 -32.33
CA SER W 300 4.98 93.50 -32.76
C SER W 300 5.21 92.54 -31.60
N GLY W 301 5.55 91.30 -31.94
CA GLY W 301 5.85 90.29 -30.96
C GLY W 301 4.86 89.11 -30.90
N GLY W 302 5.37 87.92 -30.57
CA GLY W 302 4.56 86.73 -30.52
C GLY W 302 3.32 86.90 -29.65
N THR W 303 3.41 87.52 -28.49
CA THR W 303 2.27 87.63 -27.62
C THR W 303 1.26 88.65 -28.12
N THR W 304 1.51 89.48 -29.14
CA THR W 304 0.49 90.43 -29.63
C THR W 304 -0.33 89.83 -30.77
N MET W 305 -0.15 88.51 -30.98
CA MET W 305 -0.81 87.81 -32.08
C MET W 305 -2.20 87.31 -31.73
N TYR W 306 -2.58 87.23 -30.43
CA TYR W 306 -3.92 86.82 -29.98
C TYR W 306 -4.98 87.54 -30.80
N PRO W 307 -5.83 86.97 -31.67
CA PRO W 307 -6.85 87.71 -32.41
C PRO W 307 -7.68 88.68 -31.53
N GLY W 308 -8.03 89.84 -32.11
CA GLY W 308 -8.88 90.84 -31.44
C GLY W 308 -8.17 91.68 -30.40
N ILE W 309 -6.83 91.63 -30.51
CA ILE W 309 -5.93 92.36 -29.63
C ILE W 309 -5.91 93.82 -29.99
N ALA W 310 -5.97 94.00 -31.31
CA ALA W 310 -5.92 95.29 -31.95
C ALA W 310 -7.24 96.00 -31.66
N ASP W 311 -8.44 95.36 -31.86
CA ASP W 311 -9.74 95.98 -31.59
C ASP W 311 -9.89 96.41 -30.13
N ARG W 312 -9.50 95.54 -29.20
CA ARG W 312 -9.52 95.85 -27.78
C ARG W 312 -8.60 97.04 -27.58
N MET W 313 -7.37 97.08 -28.13
CA MET W 313 -6.46 98.21 -27.91
C MET W 313 -6.92 99.52 -28.50
N GLN W 314 -7.64 99.37 -29.62
CA GLN W 314 -8.24 100.44 -30.40
C GLN W 314 -9.19 101.21 -29.54
N LYS W 315 -10.08 100.44 -28.94
CA LYS W 315 -11.07 100.98 -28.05
C LYS W 315 -10.55 101.28 -26.67
N GLU W 316 -9.46 100.64 -26.30
CA GLU W 316 -8.90 100.90 -25.01
C GLU W 316 -8.27 102.29 -24.98
N ILE W 317 -7.52 102.65 -26.04
CA ILE W 317 -6.91 103.96 -25.97
C ILE W 317 -7.82 105.03 -26.55
N THR W 318 -8.81 104.80 -27.43
CA THR W 318 -9.71 105.87 -27.87
C THR W 318 -10.36 106.52 -26.66
N ALA W 319 -10.87 105.62 -25.83
CA ALA W 319 -11.51 106.01 -24.60
C ALA W 319 -10.60 106.50 -23.46
N LEU W 320 -9.30 106.73 -23.71
CA LEU W 320 -8.43 107.38 -22.73
C LEU W 320 -7.81 108.65 -23.31
N ALA W 321 -7.76 108.66 -24.65
CA ALA W 321 -7.22 109.76 -25.41
C ALA W 321 -8.23 110.90 -25.62
N PRO W 322 -7.80 112.18 -25.72
CA PRO W 322 -8.69 113.34 -25.93
C PRO W 322 -9.48 113.16 -27.24
N SER W 323 -10.81 113.29 -27.33
CA SER W 323 -11.56 113.02 -28.57
C SER W 323 -11.19 113.69 -29.90
N THR W 324 -10.42 114.76 -29.75
CA THR W 324 -9.86 115.51 -30.85
C THR W 324 -8.79 114.68 -31.59
N MET W 325 -8.45 113.51 -31.03
CA MET W 325 -7.37 112.69 -31.51
C MET W 325 -7.81 111.55 -32.39
N LYS W 326 -6.88 111.23 -33.28
CA LYS W 326 -7.02 110.08 -34.14
C LYS W 326 -6.16 108.97 -33.51
N ILE W 327 -6.83 107.84 -33.28
CA ILE W 327 -6.20 106.64 -32.73
C ILE W 327 -5.92 105.75 -33.94
N LYS W 328 -4.83 104.96 -33.98
CA LYS W 328 -4.66 103.98 -35.05
C LYS W 328 -3.65 102.90 -34.65
N ILE W 329 -4.24 101.70 -34.45
CA ILE W 329 -3.52 100.51 -34.01
C ILE W 329 -3.17 99.59 -35.18
N ILE W 330 -1.93 99.67 -35.65
CA ILE W 330 -1.44 98.84 -36.73
C ILE W 330 -0.89 97.56 -36.07
N ALA W 331 -1.40 96.43 -36.57
CA ALA W 331 -1.01 95.08 -36.17
C ALA W 331 -0.86 94.25 -37.44
N PRO W 332 0.29 94.15 -38.08
CA PRO W 332 0.46 93.35 -39.30
C PRO W 332 0.42 91.85 -39.00
N PRO W 333 0.19 91.00 -40.03
CA PRO W 333 0.11 89.56 -39.90
C PRO W 333 1.44 88.91 -39.61
N GLU W 334 2.53 89.40 -40.20
CA GLU W 334 3.79 88.78 -39.94
C GLU W 334 4.32 89.25 -38.61
N ARG W 335 3.62 90.04 -37.77
CA ARG W 335 4.19 90.56 -36.52
C ARG W 335 5.04 89.72 -35.57
N LYS W 336 4.90 88.40 -35.52
CA LYS W 336 5.83 87.60 -34.73
C LYS W 336 7.24 87.69 -35.31
N TYR W 337 7.50 88.16 -36.54
CA TYR W 337 8.84 88.45 -37.06
C TYR W 337 9.06 89.92 -37.49
N SER W 338 8.28 90.93 -37.03
CA SER W 338 8.46 92.33 -37.47
C SER W 338 9.87 92.84 -37.33
N VAL W 339 10.36 92.65 -36.11
CA VAL W 339 11.70 92.97 -35.70
C VAL W 339 12.68 92.42 -36.73
N TRP W 340 12.57 91.13 -37.07
CA TRP W 340 13.54 90.48 -37.93
C TRP W 340 13.46 91.02 -39.35
N ILE W 341 12.22 91.24 -39.81
CA ILE W 341 11.95 91.62 -41.16
C ILE W 341 12.48 93.02 -41.33
N GLY W 342 12.31 93.88 -40.31
CA GLY W 342 12.81 95.27 -40.33
C GLY W 342 14.32 95.27 -40.47
N GLY W 343 14.99 94.26 -39.89
CA GLY W 343 16.41 94.13 -39.97
C GLY W 343 16.82 93.65 -41.34
N SER W 344 16.07 92.72 -41.93
CA SER W 344 16.33 92.18 -43.24
C SER W 344 16.29 93.25 -44.32
N ILE W 345 15.28 94.12 -44.17
CA ILE W 345 15.06 95.23 -45.09
C ILE W 345 16.24 96.17 -45.00
N LEU W 346 16.42 96.69 -43.79
CA LEU W 346 17.43 97.66 -43.48
C LEU W 346 18.82 97.18 -43.89
N ALA W 347 19.16 95.93 -43.55
CA ALA W 347 20.52 95.48 -43.80
C ALA W 347 20.71 95.14 -45.25
N SER W 348 19.64 94.83 -46.01
CA SER W 348 19.85 94.57 -47.43
C SER W 348 19.84 95.88 -48.23
N LEU W 349 19.35 96.94 -47.59
CA LEU W 349 19.32 98.28 -48.17
C LEU W 349 20.66 98.83 -48.61
N SER W 350 20.39 99.50 -49.72
CA SER W 350 21.31 100.27 -50.55
C SER W 350 22.01 101.33 -49.71
N THR W 351 21.36 102.01 -48.76
CA THR W 351 22.03 103.05 -47.98
C THR W 351 22.67 102.68 -46.65
N PHE W 352 22.54 101.42 -46.27
CA PHE W 352 22.98 100.99 -44.95
C PHE W 352 24.46 100.66 -44.86
N GLN W 353 25.01 100.50 -46.05
CA GLN W 353 26.38 100.07 -46.17
C GLN W 353 27.30 100.99 -45.40
N GLN W 354 27.07 102.29 -45.48
CA GLN W 354 27.86 103.26 -44.75
C GLN W 354 27.61 103.30 -43.24
N MET W 355 26.69 102.53 -42.63
CA MET W 355 26.63 102.44 -41.16
C MET W 355 27.19 101.13 -40.57
N TRP W 356 27.51 100.11 -41.36
CA TRP W 356 28.17 98.90 -40.86
C TRP W 356 29.42 99.14 -40.04
N ILE W 357 29.59 98.72 -38.76
CA ILE W 357 30.88 98.91 -38.08
C ILE W 357 31.88 97.85 -38.58
N THR W 358 32.96 98.29 -39.25
CA THR W 358 33.90 97.33 -39.80
C THR W 358 35.03 97.05 -38.82
N LYS W 359 35.70 95.89 -38.93
CA LYS W 359 36.90 95.60 -38.16
C LYS W 359 37.93 96.72 -38.22
N GLN W 360 37.95 97.52 -39.30
CA GLN W 360 38.82 98.67 -39.44
C GLN W 360 38.34 99.61 -38.33
N GLU W 361 37.08 100.09 -38.34
CA GLU W 361 36.58 100.92 -37.24
C GLU W 361 36.90 100.37 -35.84
N TYR W 362 36.64 99.08 -35.64
CA TYR W 362 36.87 98.48 -34.36
C TYR W 362 38.33 98.42 -33.94
N ASP W 363 39.20 97.74 -34.71
CA ASP W 363 40.61 97.61 -34.35
C ASP W 363 41.25 98.96 -34.08
N GLU W 364 40.66 100.00 -34.67
CA GLU W 364 41.11 101.35 -34.46
C GLU W 364 40.40 102.17 -33.38
N ALA W 365 39.10 101.96 -33.06
CA ALA W 365 38.38 102.79 -32.07
C ALA W 365 37.93 102.19 -30.72
N GLY W 366 38.07 100.85 -30.62
CA GLY W 366 37.66 100.07 -29.47
C GLY W 366 36.13 99.89 -29.50
N PRO W 367 35.49 99.11 -28.61
CA PRO W 367 34.05 98.78 -28.67
C PRO W 367 33.10 99.97 -28.66
N SER W 368 33.70 101.07 -28.17
CA SER W 368 33.11 102.39 -28.12
C SER W 368 32.54 102.78 -29.47
N ILE W 369 33.26 102.49 -30.56
CA ILE W 369 32.86 102.79 -31.93
C ILE W 369 31.41 102.50 -32.31
N VAL W 370 30.95 101.28 -32.05
CA VAL W 370 29.60 100.84 -32.42
C VAL W 370 28.58 101.28 -31.35
N HIS W 371 29.10 101.52 -30.14
CA HIS W 371 28.22 101.85 -29.06
C HIS W 371 27.37 103.11 -29.34
N ARG W 372 27.89 104.04 -30.17
CA ARG W 372 27.25 105.30 -30.54
C ARG W 372 27.15 106.15 -29.25
N ASP X 1 -1.92 133.28 27.04
CA ASP X 1 -1.84 131.81 26.92
C ASP X 1 -3.01 131.23 26.11
N GLU X 2 -4.16 131.84 26.36
CA GLU X 2 -5.44 131.63 25.70
C GLU X 2 -5.28 131.08 24.28
N ASP X 3 -4.41 131.81 23.58
CA ASP X 3 -3.98 131.34 22.31
C ASP X 3 -2.45 131.36 22.17
N GLU X 4 -1.64 131.81 23.16
CA GLU X 4 -0.15 131.78 23.08
C GLU X 4 0.31 130.33 22.91
N THR X 5 -0.35 129.44 23.68
CA THR X 5 -0.14 127.99 23.66
C THR X 5 -0.81 127.27 22.49
N THR X 6 -2.00 127.83 22.33
CA THR X 6 -3.13 127.44 21.52
C THR X 6 -3.03 127.62 20.01
N ALA X 7 -2.10 128.39 19.44
CA ALA X 7 -2.02 128.54 17.98
C ALA X 7 -1.42 127.30 17.36
N LEU X 8 -2.05 126.80 16.30
CA LEU X 8 -1.60 125.60 15.60
C LEU X 8 -0.88 126.00 14.33
N VAL X 9 0.08 125.23 13.79
CA VAL X 9 0.69 125.61 12.55
C VAL X 9 0.71 124.38 11.73
N CYS X 10 0.02 124.45 10.60
CA CYS X 10 -0.10 123.31 9.73
C CYS X 10 0.43 123.65 8.38
N ASP X 11 1.55 123.02 8.01
CA ASP X 11 2.10 123.18 6.68
C ASP X 11 1.81 121.99 5.75
N ASN X 12 0.92 122.22 4.78
CA ASN X 12 0.41 121.22 3.88
C ASN X 12 1.32 121.10 2.69
N GLY X 13 1.90 119.92 2.47
CA GLY X 13 2.79 119.68 1.36
C GLY X 13 2.25 118.65 0.39
N SER X 14 3.04 118.55 -0.66
CA SER X 14 2.77 117.58 -1.68
C SER X 14 3.13 116.19 -1.20
N GLY X 15 4.13 116.01 -0.34
CA GLY X 15 4.55 114.69 0.13
C GLY X 15 4.23 114.55 1.58
N LEU X 16 4.60 115.54 2.42
CA LEU X 16 4.43 115.54 3.86
C LEU X 16 3.58 116.66 4.47
N VAL X 17 2.90 116.43 5.59
CA VAL X 17 2.24 117.47 6.34
C VAL X 17 3.21 117.76 7.47
N LYS X 18 3.45 118.99 7.90
CA LYS X 18 4.24 119.28 9.08
C LYS X 18 3.28 120.03 10.01
N ALA X 19 3.13 119.67 11.27
CA ALA X 19 2.13 120.26 12.13
C ALA X 19 2.60 120.33 13.57
N GLY X 20 1.91 121.06 14.42
CA GLY X 20 2.44 121.27 15.75
C GLY X 20 1.90 122.57 16.30
N PHE X 21 2.48 122.99 17.42
CA PHE X 21 1.99 124.19 18.12
C PHE X 21 2.96 125.32 17.93
N ALA X 22 2.43 126.52 17.68
CA ALA X 22 3.21 127.73 17.55
C ALA X 22 3.86 127.84 18.91
N GLY X 23 5.16 128.06 18.86
CA GLY X 23 5.91 128.03 20.09
C GLY X 23 6.96 126.95 19.94
N ASP X 24 6.61 125.71 19.56
CA ASP X 24 7.59 124.65 19.43
C ASP X 24 8.68 124.98 18.41
N ASP X 25 9.80 124.25 18.48
CA ASP X 25 10.96 124.51 17.63
C ASP X 25 10.96 123.77 16.29
N ALA X 26 10.13 122.70 16.28
CA ALA X 26 9.99 121.78 15.18
C ALA X 26 8.60 121.16 15.20
N PRO X 27 8.10 120.65 14.06
CA PRO X 27 6.77 120.03 13.98
C PRO X 27 6.55 118.83 14.89
N ARG X 28 5.44 118.88 15.59
CA ARG X 28 5.03 117.78 16.44
C ARG X 28 4.59 116.62 15.58
N ALA X 29 4.12 116.90 14.36
CA ALA X 29 3.60 115.86 13.51
C ALA X 29 4.04 116.02 12.08
N VAL X 30 4.58 114.92 11.53
CA VAL X 30 5.08 114.88 10.18
C VAL X 30 4.62 113.55 9.63
N PHE X 31 3.94 113.53 8.48
CA PHE X 31 3.39 112.30 7.96
C PHE X 31 2.98 112.40 6.52
N PRO X 32 2.92 111.35 5.71
CA PRO X 32 2.51 111.48 4.32
C PRO X 32 1.10 112.01 4.12
N SER X 33 1.06 112.68 2.99
CA SER X 33 -0.08 113.42 2.52
C SER X 33 -0.80 112.48 1.59
N ILE X 34 -1.25 111.32 2.10
CA ILE X 34 -2.06 110.39 1.34
C ILE X 34 -3.37 110.06 2.01
N VAL X 35 -4.32 109.48 1.30
CA VAL X 35 -5.62 109.11 1.79
C VAL X 35 -5.83 107.84 1.00
N GLY X 36 -5.90 106.74 1.71
CA GLY X 36 -6.05 105.44 1.15
C GLY X 36 -7.47 105.02 1.28
N ARG X 37 -7.92 104.35 0.23
CA ARG X 37 -9.30 103.89 0.13
C ARG X 37 -9.23 102.38 -0.15
N PRO X 38 -9.66 101.46 0.73
CA PRO X 38 -9.56 100.02 0.50
C PRO X 38 -10.17 99.46 -0.76
N ARG X 39 -9.31 98.81 -1.53
CA ARG X 39 -9.75 98.08 -2.72
C ARG X 39 -10.68 96.91 -2.45
N HIS X 40 -10.78 96.33 -1.20
CA HIS X 40 -11.65 95.17 -0.94
C HIS X 40 -12.39 95.17 0.36
N GLN X 41 -13.48 94.43 0.52
CA GLN X 41 -14.11 94.47 1.82
C GLN X 41 -13.52 93.44 2.78
N GLY X 42 -13.29 93.89 4.01
CA GLY X 42 -12.67 93.08 5.03
C GLY X 42 -12.15 93.93 6.17
N VAL X 43 -11.55 93.32 7.17
CA VAL X 43 -11.04 94.00 8.36
C VAL X 43 -9.66 93.56 8.90
N MET X 44 -9.05 94.40 9.74
CA MET X 44 -7.85 93.96 10.45
C MET X 44 -8.42 93.33 11.71
N VAL X 45 -7.68 92.42 12.33
CA VAL X 45 -8.07 91.78 13.54
C VAL X 45 -8.28 92.78 14.68
N GLY X 46 -9.53 92.89 15.13
CA GLY X 46 -9.85 93.68 16.29
C GLY X 46 -10.38 95.03 15.92
N MET X 47 -10.19 95.43 14.67
CA MET X 47 -10.76 96.68 14.23
C MET X 47 -12.05 96.45 13.47
N GLY X 48 -12.77 97.56 13.27
CA GLY X 48 -13.95 97.58 12.43
C GLY X 48 -13.52 97.96 11.00
N GLN X 49 -14.55 97.85 10.13
CA GLN X 49 -14.47 98.30 8.76
C GLN X 49 -14.13 99.80 8.71
N LYS X 50 -13.15 100.11 7.92
CA LYS X 50 -12.63 101.43 7.86
C LYS X 50 -12.85 101.80 6.41
N ASP X 51 -13.39 102.99 6.30
CA ASP X 51 -13.68 103.53 4.98
C ASP X 51 -12.47 104.18 4.33
N SER X 52 -11.51 104.57 5.17
CA SER X 52 -10.47 105.39 4.69
C SER X 52 -9.23 105.31 5.56
N TYR X 53 -8.09 105.64 5.04
CA TYR X 53 -6.89 105.58 5.82
C TYR X 53 -6.08 106.81 5.51
N VAL X 54 -5.28 107.39 6.41
CA VAL X 54 -4.55 108.63 6.12
C VAL X 54 -3.15 108.55 6.72
N GLY X 55 -2.19 109.13 6.01
CA GLY X 55 -0.82 109.24 6.49
C GLY X 55 -0.12 107.92 6.44
N ASP X 56 0.51 107.57 7.56
CA ASP X 56 1.28 106.35 7.63
C ASP X 56 0.42 105.12 7.60
N GLU X 57 -0.78 105.04 8.19
CA GLU X 57 -1.56 103.84 8.01
C GLU X 57 -1.96 103.59 6.56
N ALA X 58 -2.03 104.62 5.73
CA ALA X 58 -2.29 104.44 4.32
C ALA X 58 -1.02 103.94 3.64
N GLN X 59 0.14 104.39 4.09
CA GLN X 59 1.34 103.95 3.44
C GLN X 59 1.57 102.49 3.82
N SER X 60 1.50 102.16 5.09
CA SER X 60 1.76 100.81 5.55
C SER X 60 0.84 99.72 5.01
N LYS X 61 -0.38 100.11 4.77
CA LYS X 61 -1.34 99.17 4.28
C LYS X 61 -1.51 99.43 2.81
N ARG X 62 -0.55 99.95 2.02
CA ARG X 62 -0.85 100.32 0.64
C ARG X 62 -1.28 99.27 -0.36
N GLY X 63 -0.89 98.03 -0.10
CA GLY X 63 -1.26 96.90 -0.93
C GLY X 63 -2.77 96.66 -0.98
N ILE X 64 -3.63 97.03 -0.02
CA ILE X 64 -5.06 96.77 -0.18
C ILE X 64 -5.91 98.01 -0.42
N LEU X 65 -5.30 99.17 -0.60
CA LEU X 65 -5.99 100.46 -0.74
C LEU X 65 -5.61 101.19 -2.02
N THR X 66 -6.40 102.16 -2.50
CA THR X 66 -5.98 102.95 -3.63
C THR X 66 -5.62 104.28 -2.96
N LEU X 67 -4.33 104.56 -3.11
CA LEU X 67 -3.70 105.72 -2.52
C LEU X 67 -3.96 106.94 -3.34
N LYS X 68 -4.23 108.09 -2.70
CA LYS X 68 -4.41 109.33 -3.45
C LYS X 68 -3.77 110.50 -2.76
N TYR X 69 -3.13 111.30 -3.59
CA TYR X 69 -2.43 112.51 -3.16
C TYR X 69 -3.27 113.81 -3.33
N PRO X 70 -3.91 114.43 -2.30
CA PRO X 70 -4.74 115.64 -2.39
C PRO X 70 -4.10 116.90 -2.92
N ILE X 71 -2.77 116.99 -2.81
CA ILE X 71 -2.07 118.17 -3.21
C ILE X 71 -1.12 117.89 -4.38
N GLU X 72 -1.54 118.32 -5.56
CA GLU X 72 -0.69 118.10 -6.69
C GLU X 72 0.13 119.33 -6.98
N HIS X 73 1.46 119.20 -6.82
CA HIS X 73 2.36 120.30 -7.06
C HIS X 73 2.12 121.50 -6.16
N GLY X 74 1.81 121.22 -4.89
CA GLY X 74 1.63 122.29 -3.92
C GLY X 74 0.23 122.87 -3.89
N ILE X 75 -0.61 122.63 -4.91
CA ILE X 75 -1.98 123.17 -4.95
C ILE X 75 -3.00 122.13 -4.48
N ILE X 76 -4.04 122.41 -3.68
CA ILE X 76 -5.00 121.36 -3.26
C ILE X 76 -5.90 121.09 -4.46
N THR X 77 -5.83 119.84 -4.90
CA THR X 77 -6.59 119.36 -6.04
C THR X 77 -7.84 118.61 -5.61
N ASN X 78 -7.84 117.89 -4.47
CA ASN X 78 -9.10 117.27 -4.05
C ASN X 78 -9.45 117.70 -2.66
N TRP X 79 -10.55 118.46 -2.56
CA TRP X 79 -11.01 119.03 -1.31
C TRP X 79 -11.68 118.06 -0.37
N ASP X 80 -12.20 116.91 -0.83
CA ASP X 80 -12.82 115.87 0.01
C ASP X 80 -11.73 115.15 0.77
N ASP X 81 -10.73 114.70 0.02
CA ASP X 81 -9.53 114.15 0.58
C ASP X 81 -8.63 115.09 1.36
N MET X 82 -8.68 116.41 1.21
CA MET X 82 -7.85 117.30 2.01
C MET X 82 -8.52 117.43 3.36
N GLU X 83 -9.83 117.64 3.43
CA GLU X 83 -10.55 117.78 4.69
C GLU X 83 -10.34 116.53 5.53
N LYS X 84 -10.17 115.38 4.85
CA LYS X 84 -9.75 114.15 5.52
C LYS X 84 -8.34 114.30 6.13
N ILE X 85 -7.30 114.78 5.42
CA ILE X 85 -5.99 114.96 6.04
C ILE X 85 -6.03 115.97 7.17
N TRP X 86 -6.78 117.06 7.09
CA TRP X 86 -6.87 118.02 8.18
C TRP X 86 -7.49 117.38 9.39
N HIS X 87 -8.60 116.65 9.17
CA HIS X 87 -9.28 115.98 10.26
C HIS X 87 -8.31 115.10 11.06
N HIS X 88 -7.58 114.28 10.31
CA HIS X 88 -6.56 113.43 10.87
C HIS X 88 -5.55 114.26 11.65
N THR X 89 -5.13 115.40 11.16
CA THR X 89 -4.11 116.19 11.82
C THR X 89 -4.57 116.70 13.14
N PHE X 90 -5.75 117.30 13.19
CA PHE X 90 -6.23 117.82 14.44
C PHE X 90 -6.54 116.70 15.40
N TYR X 91 -7.41 115.80 15.00
CA TYR X 91 -7.93 114.86 15.95
C TYR X 91 -7.11 113.71 16.34
N ASN X 92 -6.27 113.23 15.45
CA ASN X 92 -5.48 112.06 15.79
C ASN X 92 -4.02 112.41 16.03
N GLU X 93 -3.42 113.17 15.12
CA GLU X 93 -2.03 113.52 15.27
C GLU X 93 -1.79 114.48 16.42
N LEU X 94 -2.45 115.65 16.47
CA LEU X 94 -2.19 116.60 17.54
C LEU X 94 -3.17 116.39 18.69
N ARG X 95 -4.23 115.61 18.46
CA ARG X 95 -5.26 115.21 19.42
C ARG X 95 -5.97 116.37 20.11
N VAL X 96 -6.00 117.50 19.42
CA VAL X 96 -6.62 118.70 19.95
C VAL X 96 -8.05 118.78 19.41
N ALA X 97 -8.91 119.57 20.05
CA ALA X 97 -10.20 119.87 19.46
C ALA X 97 -9.91 121.15 18.69
N PRO X 98 -10.19 121.32 17.40
CA PRO X 98 -9.92 122.54 16.65
C PRO X 98 -10.72 123.77 17.03
N GLU X 99 -11.97 123.59 17.55
CA GLU X 99 -12.81 124.73 17.88
C GLU X 99 -12.40 125.60 19.02
N GLU X 100 -11.25 125.33 19.65
CA GLU X 100 -10.71 126.30 20.55
C GLU X 100 -9.24 126.63 20.22
N HIS X 101 -8.75 126.38 18.99
CA HIS X 101 -7.37 126.72 18.65
C HIS X 101 -7.21 127.59 17.45
N PRO X 102 -6.51 128.72 17.43
CA PRO X 102 -6.33 129.51 16.22
C PRO X 102 -5.43 128.65 15.35
N THR X 103 -5.61 128.62 14.01
CA THR X 103 -4.87 127.75 13.10
C THR X 103 -4.12 128.53 12.02
N LEU X 104 -2.77 128.53 11.95
CA LEU X 104 -2.05 129.20 10.86
C LEU X 104 -1.76 128.11 9.88
N LEU X 105 -2.24 128.34 8.68
CA LEU X 105 -2.04 127.43 7.56
C LEU X 105 -1.08 127.97 6.53
N THR X 106 -0.58 127.15 5.61
CA THR X 106 0.24 127.72 4.58
C THR X 106 -0.32 127.41 3.21
N GLU X 107 -0.05 128.28 2.25
CA GLU X 107 -0.42 127.99 0.87
C GLU X 107 0.82 128.17 -0.03
N ALA X 108 0.67 127.79 -1.27
CA ALA X 108 1.74 127.91 -2.25
C ALA X 108 1.83 129.26 -2.92
N PRO X 109 2.98 129.54 -3.52
CA PRO X 109 3.25 130.76 -4.24
C PRO X 109 2.18 131.42 -5.08
N LEU X 110 1.56 130.86 -6.10
CA LEU X 110 0.58 131.65 -6.85
C LEU X 110 -0.73 130.89 -6.69
N ASN X 111 -1.07 130.54 -5.45
CA ASN X 111 -2.25 129.78 -5.07
C ASN X 111 -3.45 130.59 -5.50
N PRO X 112 -4.30 129.99 -6.32
CA PRO X 112 -5.50 130.63 -6.82
C PRO X 112 -6.39 131.20 -5.74
N LYS X 113 -6.78 132.48 -5.90
CA LYS X 113 -7.60 133.24 -4.95
C LYS X 113 -8.76 132.47 -4.31
N ALA X 114 -9.35 131.67 -5.19
CA ALA X 114 -10.50 130.85 -4.90
C ALA X 114 -10.25 129.72 -3.94
N ASN X 115 -9.02 129.17 -3.91
CA ASN X 115 -8.59 128.13 -3.01
C ASN X 115 -8.41 128.69 -1.63
N ARG X 116 -7.77 129.88 -1.50
CA ARG X 116 -7.48 130.52 -0.21
C ARG X 116 -8.84 130.81 0.40
N GLU X 117 -9.81 131.27 -0.39
CA GLU X 117 -11.19 131.37 0.08
C GLU X 117 -11.82 130.00 0.41
N LYS X 118 -11.54 128.90 -0.32
CA LYS X 118 -12.15 127.62 -0.02
C LYS X 118 -11.62 127.00 1.25
N MET X 119 -10.32 126.95 1.50
CA MET X 119 -9.83 126.41 2.75
C MET X 119 -10.22 127.24 3.96
N THR X 120 -10.63 128.47 3.72
CA THR X 120 -11.10 129.32 4.79
C THR X 120 -12.53 128.91 5.07
N GLN X 121 -13.31 128.72 4.01
CA GLN X 121 -14.67 128.21 4.09
C GLN X 121 -14.64 126.90 4.87
N ILE X 122 -13.72 125.95 4.63
CA ILE X 122 -13.68 124.68 5.33
C ILE X 122 -13.10 124.82 6.73
N MET X 123 -12.15 125.72 6.95
CA MET X 123 -11.62 125.87 8.28
C MET X 123 -12.70 126.40 9.19
N PHE X 124 -13.31 127.52 8.85
CA PHE X 124 -14.33 128.12 9.68
C PHE X 124 -15.66 127.39 9.66
N GLU X 125 -16.14 126.96 8.48
CA GLU X 125 -17.45 126.33 8.45
C GLU X 125 -17.47 124.84 8.71
N THR X 126 -16.45 123.97 8.49
CA THR X 126 -16.64 122.59 8.89
C THR X 126 -15.78 122.30 10.11
N PHE X 127 -14.66 122.99 10.42
CA PHE X 127 -13.90 122.69 11.63
C PHE X 127 -14.14 123.62 12.83
N ASN X 128 -14.75 124.77 12.50
CA ASN X 128 -15.19 125.78 13.46
C ASN X 128 -14.00 126.23 14.31
N VAL X 129 -12.88 126.59 13.67
CA VAL X 129 -11.73 127.07 14.44
C VAL X 129 -12.02 128.52 14.89
N PRO X 130 -11.52 129.06 16.04
CA PRO X 130 -11.80 130.43 16.45
C PRO X 130 -11.36 131.50 15.44
N ALA X 131 -10.14 131.29 14.94
CA ALA X 131 -9.49 132.18 14.00
C ALA X 131 -8.43 131.41 13.22
N MET X 132 -8.10 131.91 12.03
CA MET X 132 -7.10 131.31 11.19
C MET X 132 -6.36 132.34 10.36
N TYR X 133 -5.43 131.91 9.49
CA TYR X 133 -4.54 132.82 8.78
C TYR X 133 -3.84 131.95 7.76
N VAL X 134 -3.61 132.39 6.54
CA VAL X 134 -2.93 131.58 5.55
C VAL X 134 -1.61 132.32 5.20
N ALA X 135 -0.41 131.83 5.55
CA ALA X 135 0.84 132.48 5.11
C ALA X 135 1.42 131.89 3.81
N ILE X 136 2.18 132.57 2.97
CA ILE X 136 2.71 131.96 1.74
C ILE X 136 3.97 131.27 2.18
N GLN X 137 4.23 130.09 1.63
CA GLN X 137 5.34 129.31 2.12
C GLN X 137 6.71 129.94 2.04
N ALA X 138 7.23 130.34 0.86
CA ALA X 138 8.52 131.04 0.80
C ALA X 138 8.71 132.22 1.75
N VAL X 139 7.59 132.89 1.98
CA VAL X 139 7.58 134.03 2.86
C VAL X 139 7.86 133.57 4.29
N LEU X 140 7.35 132.43 4.77
CA LEU X 140 7.66 131.96 6.12
C LEU X 140 9.08 131.41 6.17
N SER X 141 9.55 130.85 5.08
CA SER X 141 10.92 130.37 5.11
C SER X 141 11.87 131.51 5.29
N LEU X 142 11.69 132.63 4.56
CA LEU X 142 12.59 133.77 4.64
C LEU X 142 12.72 134.41 6.01
N TYR X 143 11.51 134.55 6.52
CA TYR X 143 11.30 135.17 7.81
C TYR X 143 11.91 134.35 8.94
N ALA X 144 11.81 133.03 8.85
CA ALA X 144 12.44 132.14 9.80
C ALA X 144 13.97 132.28 9.70
N SER X 145 14.54 132.86 8.62
CA SER X 145 16.00 133.07 8.59
C SER X 145 16.31 134.49 8.99
N GLY X 146 15.39 135.09 9.75
CA GLY X 146 15.50 136.43 10.25
C GLY X 146 15.01 137.48 9.26
N ARG X 147 15.34 137.44 7.96
CA ARG X 147 15.05 138.57 7.09
C ARG X 147 13.70 138.77 6.40
N THR X 148 13.59 139.90 5.68
CA THR X 148 12.37 140.29 5.01
C THR X 148 12.45 140.54 3.52
N THR X 149 13.66 140.65 3.02
CA THR X 149 13.92 140.75 1.61
C THR X 149 15.00 139.72 1.40
N GLY X 150 14.76 139.00 0.32
CA GLY X 150 15.60 137.94 -0.17
C GLY X 150 14.87 137.18 -1.26
N ILE X 151 15.43 136.12 -1.81
CA ILE X 151 14.72 135.30 -2.77
C ILE X 151 14.85 133.88 -2.22
N VAL X 152 13.74 133.17 -2.08
CA VAL X 152 13.77 131.80 -1.58
C VAL X 152 13.75 130.78 -2.72
N LEU X 153 14.68 129.82 -2.74
CA LEU X 153 14.56 128.72 -3.67
C LEU X 153 13.91 127.68 -2.77
N ASP X 154 12.66 127.36 -3.08
CA ASP X 154 11.94 126.42 -2.24
C ASP X 154 11.66 125.17 -3.03
N SER X 155 12.01 123.99 -2.47
CA SER X 155 11.99 122.69 -3.14
C SER X 155 11.66 121.50 -2.26
N GLY X 156 10.51 120.91 -2.51
CA GLY X 156 10.10 119.85 -1.63
C GLY X 156 9.87 118.56 -2.34
N ASP X 157 8.64 118.08 -2.23
CA ASP X 157 8.35 116.82 -2.85
C ASP X 157 7.74 116.88 -4.22
N GLY X 158 6.78 117.72 -4.56
CA GLY X 158 6.26 117.81 -5.92
C GLY X 158 6.67 119.10 -6.64
N VAL X 159 6.99 120.28 -6.01
CA VAL X 159 7.35 121.52 -6.70
C VAL X 159 8.63 122.16 -6.21
N THR X 160 9.25 122.93 -7.15
CA THR X 160 10.34 123.87 -6.86
C THR X 160 9.88 125.28 -7.24
N HIS X 161 10.31 126.27 -6.51
CA HIS X 161 9.85 127.63 -6.70
C HIS X 161 11.00 128.52 -6.41
N ASN X 162 10.86 129.74 -6.93
CA ASN X 162 11.75 130.87 -6.60
C ASN X 162 10.83 131.99 -6.21
N VAL X 163 10.85 132.50 -4.99
CA VAL X 163 9.88 133.53 -4.69
C VAL X 163 10.67 134.70 -4.16
N PRO X 164 10.84 135.75 -4.98
CA PRO X 164 11.55 136.96 -4.62
C PRO X 164 10.61 137.71 -3.67
N ILE X 165 11.07 138.09 -2.46
CA ILE X 165 10.24 138.82 -1.51
C ILE X 165 10.88 140.14 -1.12
N TYR X 166 10.13 141.25 -1.13
CA TYR X 166 10.69 142.55 -0.78
C TYR X 166 9.88 143.18 0.35
N GLU X 167 10.54 143.40 1.48
CA GLU X 167 9.91 143.91 2.68
C GLU X 167 8.57 143.27 3.03
N GLY X 168 8.60 141.98 2.69
CA GLY X 168 7.57 141.04 3.04
C GLY X 168 6.61 140.66 1.96
N TYR X 169 6.51 141.47 0.90
CA TYR X 169 5.57 141.19 -0.16
C TYR X 169 6.24 140.37 -1.24
N ALA X 170 5.79 139.11 -1.39
CA ALA X 170 6.25 138.20 -2.41
C ALA X 170 5.89 138.80 -3.76
N LEU X 171 6.82 138.78 -4.71
CA LEU X 171 6.65 139.49 -5.97
C LEU X 171 6.05 138.62 -7.06
N PRO X 172 4.72 138.62 -7.20
CA PRO X 172 3.99 137.78 -8.16
C PRO X 172 4.56 137.52 -9.56
N HIS X 173 4.95 138.59 -10.20
CA HIS X 173 5.49 138.50 -11.55
C HIS X 173 6.94 138.03 -11.59
N ALA X 174 7.59 137.64 -10.52
CA ALA X 174 8.99 137.26 -10.68
C ALA X 174 9.21 135.83 -10.21
N ILE X 175 8.14 135.26 -9.58
CA ILE X 175 8.05 133.87 -9.08
C ILE X 175 8.15 132.85 -10.21
N MET X 176 8.95 131.78 -10.06
CA MET X 176 9.13 130.74 -11.06
C MET X 176 8.88 129.42 -10.38
N ARG X 177 8.24 128.57 -11.11
CA ARG X 177 7.89 127.25 -10.66
C ARG X 177 8.48 126.22 -11.62
N LEU X 178 9.15 125.23 -11.04
CA LEU X 178 9.77 124.18 -11.79
C LEU X 178 9.19 122.92 -11.19
N ASP X 179 8.33 122.19 -11.93
CA ASP X 179 7.77 120.92 -11.47
C ASP X 179 8.75 119.72 -11.53
N LEU X 180 9.87 119.75 -10.79
CA LEU X 180 10.76 118.61 -10.66
C LEU X 180 11.30 118.77 -9.25
N ALA X 181 11.07 117.77 -8.40
CA ALA X 181 11.48 117.85 -7.03
C ALA X 181 11.93 116.50 -6.48
N GLY X 182 11.90 116.28 -5.16
CA GLY X 182 12.40 115.07 -4.52
C GLY X 182 11.78 113.77 -4.94
N ARG X 183 10.52 113.80 -5.37
CA ARG X 183 9.72 112.67 -5.84
C ARG X 183 10.31 112.22 -7.16
N ASP X 184 10.46 113.15 -8.12
CA ASP X 184 11.09 112.95 -9.42
C ASP X 184 12.49 112.41 -9.22
N LEU X 185 13.21 112.99 -8.25
CA LEU X 185 14.58 112.62 -7.91
C LEU X 185 14.83 111.24 -7.33
N THR X 186 13.84 110.69 -6.62
CA THR X 186 13.94 109.33 -6.07
C THR X 186 13.71 108.37 -7.24
N ASP X 187 12.87 108.72 -8.22
CA ASP X 187 12.58 107.80 -9.28
C ASP X 187 13.69 107.76 -10.30
N TYR X 188 14.46 108.84 -10.39
CA TYR X 188 15.59 108.84 -11.28
C TYR X 188 16.70 108.05 -10.64
N LEU X 189 16.91 108.15 -9.32
CA LEU X 189 17.98 107.39 -8.68
C LEU X 189 17.72 105.92 -8.90
N MET X 190 16.44 105.57 -8.72
CA MET X 190 15.91 104.24 -8.90
C MET X 190 16.41 103.60 -10.18
N LYS X 191 16.19 104.31 -11.30
CA LYS X 191 16.64 103.85 -12.58
C LYS X 191 18.16 103.90 -12.55
N ILE X 192 18.94 104.94 -12.24
CA ILE X 192 20.41 104.79 -12.32
C ILE X 192 21.04 103.75 -11.41
N LEU X 193 20.25 103.25 -10.47
CA LEU X 193 20.69 102.24 -9.54
C LEU X 193 20.29 100.85 -10.06
N THR X 194 19.15 100.69 -10.76
CA THR X 194 18.84 99.41 -11.39
C THR X 194 19.77 99.22 -12.58
N GLU X 195 20.06 100.37 -13.21
CA GLU X 195 20.98 100.53 -14.34
C GLU X 195 22.41 100.24 -13.88
N ARG X 196 22.76 100.39 -12.60
CA ARG X 196 24.05 99.95 -12.03
C ARG X 196 24.08 98.42 -11.93
N GLY X 197 22.99 97.75 -12.32
CA GLY X 197 22.87 96.30 -12.32
C GLY X 197 22.18 95.87 -11.05
N TYR X 198 20.94 96.33 -10.78
CA TYR X 198 20.23 95.99 -9.55
C TYR X 198 18.74 95.81 -9.78
N SER X 199 18.10 95.40 -8.67
CA SER X 199 16.66 95.17 -8.66
C SER X 199 15.95 95.50 -7.36
N PHE X 200 15.07 96.47 -7.58
CA PHE X 200 14.21 96.94 -6.51
C PHE X 200 12.88 96.41 -7.03
N VAL X 201 12.77 95.21 -6.48
CA VAL X 201 11.71 94.33 -6.92
C VAL X 201 10.53 94.38 -5.97
N THR X 202 10.64 93.95 -4.69
CA THR X 202 9.52 94.01 -3.76
C THR X 202 9.35 95.42 -3.23
N THR X 203 8.22 95.71 -2.54
CA THR X 203 7.97 97.06 -2.06
C THR X 203 8.94 97.48 -0.95
N ALA X 204 9.57 96.51 -0.28
CA ALA X 204 10.62 96.80 0.68
C ALA X 204 11.98 97.15 0.05
N GLU X 205 12.04 97.04 -1.28
CA GLU X 205 13.20 97.42 -2.04
C GLU X 205 12.87 98.81 -2.56
N ARG X 206 11.69 99.01 -3.19
CA ARG X 206 11.25 100.34 -3.66
C ARG X 206 11.47 101.50 -2.64
N GLU X 207 10.88 101.37 -1.44
CA GLU X 207 10.82 102.42 -0.44
C GLU X 207 12.17 102.94 0.02
N ILE X 208 13.10 102.00 0.20
CA ILE X 208 14.42 102.31 0.68
C ILE X 208 15.35 103.01 -0.34
N VAL X 209 15.01 103.07 -1.65
CA VAL X 209 15.82 103.82 -2.61
C VAL X 209 15.74 105.29 -2.21
N ARG X 210 14.60 105.68 -1.65
CA ARG X 210 14.38 107.00 -1.15
C ARG X 210 15.26 107.26 0.07
N ASP X 211 15.51 106.26 0.93
CA ASP X 211 16.36 106.42 2.11
C ASP X 211 17.83 106.41 1.73
N ILE X 212 18.14 105.82 0.56
CA ILE X 212 19.48 105.88 -0.02
C ILE X 212 19.71 107.32 -0.48
N LYS X 213 18.82 107.88 -1.33
CA LYS X 213 18.82 109.26 -1.79
C LYS X 213 19.04 110.21 -0.64
N GLU X 214 18.25 110.13 0.43
CA GLU X 214 18.41 111.03 1.58
C GLU X 214 19.78 110.85 2.24
N LYS X 215 20.20 109.65 2.67
CA LYS X 215 21.44 109.44 3.41
C LYS X 215 22.79 109.62 2.68
N LEU X 216 22.88 109.01 1.49
CA LEU X 216 24.11 108.99 0.72
C LEU X 216 24.20 110.00 -0.39
N CYS X 217 23.14 110.60 -0.94
CA CYS X 217 23.30 111.61 -2.00
C CYS X 217 23.86 112.98 -1.64
N TYR X 218 24.62 113.40 -2.68
CA TYR X 218 25.50 114.57 -2.67
C TYR X 218 25.29 115.50 -3.84
N VAL X 219 25.61 116.79 -3.68
CA VAL X 219 25.65 117.69 -4.83
C VAL X 219 27.07 118.15 -4.81
N ALA X 220 27.74 117.60 -5.78
CA ALA X 220 29.09 118.00 -5.98
C ALA X 220 29.18 119.28 -6.79
N LEU X 221 30.19 119.99 -6.34
CA LEU X 221 30.69 121.17 -7.01
C LEU X 221 31.78 120.58 -7.90
N ASP X 222 31.71 121.06 -9.15
CA ASP X 222 32.51 120.55 -10.25
C ASP X 222 32.22 119.06 -10.40
N PHE X 223 30.97 118.94 -10.88
CA PHE X 223 30.32 117.65 -11.15
C PHE X 223 30.95 117.00 -12.37
N GLU X 224 31.70 117.85 -13.09
CA GLU X 224 32.52 117.56 -14.27
C GLU X 224 33.67 116.58 -13.95
N ASN X 225 34.60 117.12 -13.13
CA ASN X 225 35.74 116.37 -12.68
C ASN X 225 35.40 115.71 -11.35
N GLU X 226 34.22 115.11 -11.31
CA GLU X 226 33.77 114.29 -10.19
C GLU X 226 33.39 112.90 -10.77
N MET X 227 32.89 112.96 -12.00
CA MET X 227 32.69 111.81 -12.87
C MET X 227 34.10 111.32 -13.21
N ALA X 228 34.99 112.24 -13.65
CA ALA X 228 36.40 111.95 -13.93
C ALA X 228 37.07 111.26 -12.73
N THR X 229 36.81 111.80 -11.54
CA THR X 229 37.27 111.20 -10.28
C THR X 229 36.72 109.79 -10.08
N ALA X 230 35.43 109.60 -10.43
CA ALA X 230 34.73 108.32 -10.28
C ALA X 230 35.46 107.18 -10.95
N ALA X 231 35.95 107.50 -12.17
CA ALA X 231 36.70 106.62 -13.06
C ALA X 231 38.08 106.13 -12.59
N SER X 232 38.91 107.04 -12.04
CA SER X 232 40.18 106.68 -11.40
C SER X 232 39.94 105.74 -10.21
N SER X 233 38.68 105.80 -9.72
CA SER X 233 38.11 105.05 -8.60
C SER X 233 38.97 105.06 -7.36
N SER X 234 38.52 106.13 -6.73
CA SER X 234 38.96 106.52 -5.42
C SER X 234 38.03 105.81 -4.45
N SER X 235 38.29 106.11 -3.17
CA SER X 235 37.43 105.64 -2.10
C SER X 235 36.26 106.66 -2.00
N LEU X 236 35.61 106.91 -3.17
CA LEU X 236 34.43 107.78 -3.30
C LEU X 236 33.17 106.92 -3.12
N GLU X 237 33.23 105.62 -3.50
CA GLU X 237 32.12 104.64 -3.37
C GLU X 237 31.42 104.53 -2.01
N LYS X 238 30.16 104.10 -1.99
CA LYS X 238 29.46 103.97 -0.71
C LYS X 238 28.40 102.88 -0.70
N SER X 239 28.69 101.84 0.08
CA SER X 239 27.75 100.74 0.25
C SER X 239 26.85 100.84 1.48
N TYR X 240 25.56 100.66 1.16
CA TYR X 240 24.44 100.70 2.08
C TYR X 240 23.95 99.27 2.31
N GLU X 241 23.67 98.83 3.54
CA GLU X 241 23.09 97.50 3.79
C GLU X 241 21.56 97.56 3.80
N LEU X 242 20.95 96.76 2.91
CA LEU X 242 19.51 96.75 2.69
C LEU X 242 18.62 96.28 3.88
N PRO X 243 17.27 96.03 3.88
CA PRO X 243 16.51 95.57 5.06
C PRO X 243 17.11 94.29 5.71
N ASP X 244 17.67 93.48 4.79
CA ASP X 244 18.48 92.28 5.04
C ASP X 244 19.99 92.58 4.81
N GLY X 245 20.84 91.55 4.59
CA GLY X 245 22.28 91.66 4.37
C GLY X 245 22.67 92.38 3.09
N GLN X 246 22.07 91.95 1.97
CA GLN X 246 22.25 92.48 0.61
C GLN X 246 22.84 93.90 0.46
N VAL X 247 24.13 93.93 0.71
CA VAL X 247 24.91 95.16 0.65
C VAL X 247 25.02 95.65 -0.78
N ILE X 248 24.32 96.75 -0.96
CA ILE X 248 24.31 97.39 -2.25
C ILE X 248 25.38 98.49 -2.28
N THR X 249 26.11 98.65 -3.39
CA THR X 249 27.11 99.70 -3.49
C THR X 249 26.69 100.78 -4.52
N ILE X 250 26.97 102.01 -4.10
CA ILE X 250 26.64 103.23 -4.82
C ILE X 250 27.89 104.05 -4.68
N GLY X 251 28.58 104.21 -5.77
CA GLY X 251 29.76 105.01 -5.72
C GLY X 251 29.47 106.41 -6.19
N ASN X 252 29.30 106.31 -7.50
CA ASN X 252 29.21 107.40 -8.44
C ASN X 252 27.80 108.07 -8.50
N GLU X 253 26.72 107.37 -8.92
CA GLU X 253 25.30 107.83 -8.98
C GLU X 253 24.72 108.67 -7.84
N ARG X 254 25.38 108.41 -6.71
CA ARG X 254 25.31 109.18 -5.50
C ARG X 254 25.12 110.72 -5.74
N PHE X 255 25.84 111.29 -6.73
CA PHE X 255 25.76 112.71 -7.11
C PHE X 255 25.13 112.93 -8.49
N ARG X 256 24.97 111.87 -9.27
CA ARG X 256 24.34 111.97 -10.57
C ARG X 256 22.85 112.31 -10.39
N CYS X 257 22.32 111.95 -9.23
CA CYS X 257 20.93 112.22 -8.85
C CYS X 257 20.70 113.73 -8.58
N PRO X 258 21.36 114.47 -7.67
CA PRO X 258 21.17 115.90 -7.52
C PRO X 258 21.72 116.70 -8.72
N GLU X 259 22.69 116.24 -9.56
CA GLU X 259 23.08 116.94 -10.80
C GLU X 259 21.78 117.02 -11.61
N THR X 260 20.68 116.26 -11.36
CA THR X 260 19.44 116.41 -12.10
C THR X 260 18.84 117.78 -11.83
N LEU X 261 18.90 118.27 -10.58
CA LEU X 261 18.42 119.63 -10.29
C LEU X 261 19.09 120.77 -11.08
N PHE X 262 20.34 120.64 -11.58
CA PHE X 262 21.01 121.65 -12.41
C PHE X 262 20.85 121.36 -13.89
N GLN X 263 20.72 120.07 -14.21
CA GLN X 263 20.52 119.57 -15.56
C GLN X 263 19.22 118.75 -15.57
N PRO X 264 18.08 119.33 -15.96
CA PRO X 264 16.79 118.67 -16.06
C PRO X 264 16.80 117.71 -17.26
N SER X 265 17.78 117.93 -18.17
CA SER X 265 18.03 117.11 -19.37
C SER X 265 18.37 115.61 -19.09
N PHE X 266 18.81 115.35 -17.84
CA PHE X 266 19.05 114.02 -17.28
C PHE X 266 17.76 113.22 -17.20
N ILE X 267 16.65 113.96 -17.20
CA ILE X 267 15.36 113.32 -17.07
C ILE X 267 14.38 113.73 -18.15
N GLY X 268 14.87 114.08 -19.34
CA GLY X 268 13.96 114.41 -20.40
C GLY X 268 13.14 115.67 -20.10
N MET X 269 13.67 116.49 -19.21
CA MET X 269 13.07 117.79 -19.02
C MET X 269 13.83 118.82 -19.83
N GLU X 270 13.06 119.62 -20.56
CA GLU X 270 13.56 120.74 -21.38
C GLU X 270 13.64 122.11 -20.68
N SER X 271 13.04 122.21 -19.48
CA SER X 271 13.07 123.39 -18.63
C SER X 271 14.51 123.68 -18.19
N ALA X 272 14.68 124.94 -17.78
CA ALA X 272 15.98 125.40 -17.24
C ALA X 272 16.21 124.83 -15.83
N GLY X 273 17.38 124.96 -15.24
CA GLY X 273 17.61 124.37 -13.92
C GLY X 273 17.70 125.40 -12.80
N ILE X 274 17.51 124.91 -11.56
CA ILE X 274 17.58 125.66 -10.32
C ILE X 274 18.37 126.98 -10.29
N HIS X 275 19.64 126.97 -10.69
CA HIS X 275 20.51 128.14 -10.65
C HIS X 275 20.21 129.19 -11.69
N GLU X 276 19.84 128.74 -12.88
CA GLU X 276 19.48 129.65 -13.95
C GLU X 276 18.18 130.25 -13.60
N THR X 277 17.32 129.48 -12.97
CA THR X 277 16.00 129.93 -12.62
C THR X 277 16.11 130.92 -11.49
N THR X 278 17.00 130.76 -10.50
CA THR X 278 17.26 131.73 -9.44
C THR X 278 17.55 133.11 -10.04
N TYR X 279 18.42 133.01 -11.04
CA TYR X 279 18.90 134.12 -11.78
C TYR X 279 17.80 134.71 -12.57
N ASN X 280 17.02 133.95 -13.33
CA ASN X 280 16.06 134.58 -14.21
C ASN X 280 14.99 135.33 -13.44
N SER X 281 14.67 134.82 -12.24
CA SER X 281 13.70 135.41 -11.33
C SER X 281 14.19 136.80 -11.03
N ILE X 282 15.52 136.81 -10.77
CA ILE X 282 16.24 138.01 -10.40
C ILE X 282 16.31 138.94 -11.58
N MET X 283 16.64 138.60 -12.83
CA MET X 283 16.60 139.64 -13.86
C MET X 283 15.18 139.99 -14.35
N LYS X 284 14.12 139.47 -13.66
CA LYS X 284 12.70 139.84 -13.84
C LYS X 284 12.17 140.83 -12.80
N CYS X 285 13.00 141.14 -11.80
CA CYS X 285 12.68 142.04 -10.72
C CYS X 285 13.18 143.45 -10.95
N ASP X 286 12.77 144.43 -10.14
CA ASP X 286 13.30 145.76 -10.28
C ASP X 286 14.79 145.67 -10.00
N ILE X 287 15.44 146.55 -10.75
CA ILE X 287 16.91 146.80 -10.84
C ILE X 287 17.64 147.21 -9.55
N ASP X 288 16.96 148.12 -8.85
CA ASP X 288 17.43 148.63 -7.59
C ASP X 288 17.32 147.53 -6.56
N ILE X 289 16.40 146.52 -6.68
CA ILE X 289 16.32 145.48 -5.64
C ILE X 289 17.20 144.30 -5.93
N ARG X 290 17.77 144.18 -7.13
CA ARG X 290 18.59 143.04 -7.44
C ARG X 290 19.84 142.97 -6.56
N LYS X 291 20.51 143.99 -5.95
CA LYS X 291 21.64 143.61 -5.10
C LYS X 291 21.19 142.87 -3.84
N ASP X 292 19.95 143.17 -3.38
CA ASP X 292 19.38 142.61 -2.16
C ASP X 292 19.09 141.13 -2.32
N LEU X 293 18.33 140.81 -3.35
CA LEU X 293 18.04 139.43 -3.67
C LEU X 293 19.31 138.61 -3.82
N TYR X 294 20.36 139.16 -4.45
CA TYR X 294 21.58 138.39 -4.64
C TYR X 294 22.32 138.08 -3.38
N ALA X 295 22.26 138.94 -2.39
CA ALA X 295 22.96 138.62 -1.17
C ALA X 295 22.06 137.87 -0.20
N ASN X 296 20.88 137.39 -0.67
CA ASN X 296 19.94 136.73 0.22
C ASN X 296 19.13 135.66 -0.47
N ASN X 297 19.86 134.64 -0.90
CA ASN X 297 19.28 133.48 -1.53
C ASN X 297 19.07 132.51 -0.39
N VAL X 298 17.85 132.41 0.09
CA VAL X 298 17.58 131.56 1.22
C VAL X 298 17.04 130.30 0.58
N MET X 299 17.55 129.18 1.11
CA MET X 299 17.08 127.89 0.66
C MET X 299 16.17 127.21 1.68
N SER X 300 15.08 126.64 1.19
CA SER X 300 14.30 125.81 2.08
C SER X 300 13.70 124.64 1.31
N GLY X 301 13.35 123.59 2.06
CA GLY X 301 12.73 122.41 1.49
C GLY X 301 13.58 121.14 1.58
N GLY X 302 12.90 120.00 1.73
CA GLY X 302 13.56 118.71 1.84
C GLY X 302 14.57 118.46 0.74
N THR X 303 14.27 118.78 -0.50
CA THR X 303 15.18 118.47 -1.59
C THR X 303 16.36 119.42 -1.63
N THR X 304 16.44 120.51 -0.85
CA THR X 304 17.62 121.40 -0.87
C THR X 304 18.63 120.99 0.19
N MET X 305 18.40 119.83 0.82
CA MET X 305 19.22 119.35 1.91
C MET X 305 20.45 118.57 1.44
N TYR X 306 20.50 118.10 0.17
CA TYR X 306 21.66 117.38 -0.40
C TYR X 306 22.94 118.12 -0.06
N PRO X 307 23.91 117.67 0.74
CA PRO X 307 25.14 118.42 1.02
C PRO X 307 25.81 118.99 -0.25
N GLY X 308 26.40 120.19 -0.12
CA GLY X 308 27.15 120.84 -1.19
C GLY X 308 26.30 121.48 -2.27
N ILE X 309 25.03 121.67 -1.87
CA ILE X 309 24.01 122.27 -2.74
C ILE X 309 24.20 123.75 -2.81
N ALA X 310 24.58 124.26 -1.64
CA ALA X 310 24.80 125.66 -1.41
C ALA X 310 26.08 126.07 -2.14
N ASP X 311 27.23 125.34 -2.02
CA ASP X 311 28.48 125.65 -2.71
C ASP X 311 28.32 125.66 -4.24
N ARG X 312 27.65 124.64 -4.78
CA ARG X 312 27.35 124.57 -6.20
C ARG X 312 26.52 125.80 -6.55
N MET X 313 25.46 126.16 -5.79
CA MET X 313 24.62 127.31 -6.13
C MET X 313 25.33 128.65 -6.04
N GLN X 314 26.28 128.70 -5.11
CA GLN X 314 27.13 129.82 -4.81
C GLN X 314 27.92 130.19 -6.02
N LYS X 315 28.58 129.16 -6.54
CA LYS X 315 29.37 129.30 -7.74
C LYS X 315 28.56 129.30 -9.02
N GLU X 316 27.36 128.77 -8.94
CA GLU X 316 26.55 128.76 -10.12
C GLU X 316 26.05 130.18 -10.42
N ILE X 317 25.61 130.91 -9.38
CA ILE X 317 25.11 132.23 -9.69
C ILE X 317 26.23 133.26 -9.64
N THR X 318 27.37 133.12 -8.96
CA THR X 318 28.44 134.12 -9.03
C THR X 318 28.86 134.32 -10.49
N ALA X 319 29.06 133.17 -11.11
CA ALA X 319 29.42 133.13 -12.50
C ALA X 319 28.32 133.45 -13.52
N LEU X 320 27.14 133.93 -13.09
CA LEU X 320 26.12 134.42 -14.02
C LEU X 320 25.78 135.88 -13.71
N ALA X 321 26.05 136.24 -12.46
CA ALA X 321 25.80 137.57 -11.95
C ALA X 321 26.92 138.56 -12.29
N PRO X 322 26.65 139.87 -12.47
CA PRO X 322 27.66 140.89 -12.79
C PRO X 322 28.72 140.94 -11.68
N SER X 323 30.05 140.89 -11.90
CA SER X 323 31.05 140.84 -10.80
C SER X 323 31.07 141.88 -9.69
N THR X 324 30.36 142.97 -9.97
CA THR X 324 30.15 144.07 -9.04
C THR X 324 29.22 143.62 -7.90
N MET X 325 28.65 142.42 -8.02
CA MET X 325 27.65 141.92 -7.12
C MET X 325 28.18 141.00 -6.05
N LYS X 326 27.48 141.07 -4.94
CA LYS X 326 27.70 140.18 -3.83
C LYS X 326 26.63 139.08 -3.92
N ILE X 327 27.11 137.84 -3.96
CA ILE X 327 26.27 136.65 -3.99
C ILE X 327 26.20 136.16 -2.55
N LYS X 328 25.10 135.58 -2.06
CA LYS X 328 25.09 134.96 -0.75
C LYS X 328 23.93 133.98 -0.60
N ILE X 329 24.34 132.69 -0.56
CA ILE X 329 23.43 131.55 -0.49
C ILE X 329 23.29 131.03 0.94
N ILE X 330 22.21 131.40 1.61
CA ILE X 330 21.93 130.96 2.95
C ILE X 330 21.11 129.66 2.82
N ALA X 331 21.63 128.63 3.51
CA ALA X 331 21.04 127.31 3.60
C ALA X 331 21.12 126.87 5.06
N PRO X 332 20.14 127.12 5.93
CA PRO X 332 20.20 126.69 7.32
C PRO X 332 20.03 125.18 7.47
N PRO X 333 20.43 124.61 8.62
CA PRO X 333 20.35 123.18 8.91
C PRO X 333 18.94 122.68 9.09
N GLU X 334 18.07 123.49 9.73
CA GLU X 334 16.73 123.00 9.93
C GLU X 334 15.94 123.18 8.64
N ARG X 335 16.49 123.62 7.49
CA ARG X 335 15.69 123.88 6.29
C ARG X 335 14.56 122.96 5.81
N LYS X 336 14.57 121.67 6.13
CA LYS X 336 13.42 120.83 5.80
C LYS X 336 12.19 121.29 6.59
N TYR X 337 12.27 122.08 7.67
CA TYR X 337 11.14 122.70 8.35
C TYR X 337 11.16 124.26 8.36
N SER X 338 11.89 124.99 7.49
CA SER X 338 11.94 126.46 7.53
C SER X 338 10.59 127.12 7.55
N VAL X 339 9.80 126.69 6.55
CA VAL X 339 8.44 127.09 6.36
C VAL X 339 7.69 126.98 7.66
N TRP X 340 7.77 125.83 8.34
CA TRP X 340 6.97 125.58 9.53
C TRP X 340 7.43 126.46 10.68
N ILE X 341 8.75 126.59 10.79
CA ILE X 341 9.37 127.27 11.90
C ILE X 341 9.03 128.73 11.76
N GLY X 342 9.02 129.26 10.53
CA GLY X 342 8.67 130.66 10.24
C GLY X 342 7.24 130.93 10.68
N GLY X 343 6.36 129.92 10.57
CA GLY X 343 4.99 130.03 10.96
C GLY X 343 4.88 130.00 12.47
N SER X 344 5.68 129.14 13.13
CA SER X 344 5.68 129.01 14.58
C SER X 344 6.08 130.30 15.26
N ILE X 345 7.08 130.94 14.68
CA ILE X 345 7.61 132.20 15.18
C ILE X 345 6.54 133.25 15.05
N LEU X 346 6.12 133.47 13.81
CA LEU X 346 5.15 134.46 13.45
C LEU X 346 3.87 134.32 14.25
N ALA X 347 3.35 133.09 14.36
CA ALA X 347 2.06 132.93 15.00
C ALA X 347 2.18 133.01 16.49
N SER X 348 3.36 132.76 17.07
CA SER X 348 3.48 132.91 18.52
C SER X 348 3.79 134.37 18.90
N LEU X 349 4.21 135.15 17.88
CA LEU X 349 4.49 136.57 18.04
C LEU X 349 3.35 137.40 18.56
N SER X 350 3.94 138.29 19.36
CA SER X 350 3.32 139.37 20.09
C SER X 350 2.52 140.29 19.14
N THR X 351 2.98 140.57 17.93
CA THR X 351 2.25 141.46 17.04
C THR X 351 1.28 140.87 16.04
N PHE X 352 1.21 139.54 16.01
CA PHE X 352 0.43 138.86 15.00
C PHE X 352 -1.05 138.74 15.30
N GLN X 353 -1.31 138.98 16.57
CA GLN X 353 -2.65 138.82 17.08
C GLN X 353 -3.65 139.63 16.29
N GLN X 354 -3.27 140.85 15.95
CA GLN X 354 -4.14 141.70 15.14
C GLN X 354 -4.25 141.33 13.66
N MET X 355 -3.57 140.29 13.12
CA MET X 355 -3.87 139.80 11.76
C MET X 355 -4.67 138.49 11.69
N TRP X 356 -4.88 137.78 12.81
CA TRP X 356 -5.74 136.59 12.81
C TRP X 356 -7.12 136.79 12.23
N ILE X 357 -7.62 136.08 11.19
CA ILE X 357 -9.02 136.27 10.76
C ILE X 357 -9.96 135.56 11.73
N THR X 358 -10.82 136.30 12.46
CA THR X 358 -11.69 135.68 13.44
C THR X 358 -13.02 135.33 12.83
N LYS X 359 -13.75 134.36 13.41
CA LYS X 359 -15.12 134.06 13.00
C LYS X 359 -16.00 135.30 12.94
N GLN X 360 -15.69 136.35 13.73
CA GLN X 360 -16.41 137.63 13.71
C GLN X 360 -16.11 138.15 12.30
N GLU X 361 -14.85 138.42 11.91
CA GLU X 361 -14.56 138.84 10.55
C GLU X 361 -15.25 138.00 9.48
N TYR X 362 -15.15 136.68 9.61
CA TYR X 362 -15.73 135.81 8.61
C TYR X 362 -17.24 135.87 8.54
N ASP X 363 -17.97 135.55 9.63
CA ASP X 363 -19.43 135.54 9.61
C ASP X 363 -20.00 136.86 9.10
N GLU X 364 -19.19 137.92 9.24
CA GLU X 364 -19.56 139.23 8.74
C GLU X 364 -19.06 139.61 7.34
N ALA X 365 -17.89 139.13 6.85
CA ALA X 365 -17.35 139.56 5.55
C ALA X 365 -17.30 138.57 4.36
N GLY X 366 -17.58 137.28 4.67
CA GLY X 366 -17.51 136.18 3.74
C GLY X 366 -16.05 135.78 3.51
N PRO X 367 -15.71 134.71 2.76
CA PRO X 367 -14.34 134.18 2.63
C PRO X 367 -13.31 135.18 2.08
N SER X 368 -13.91 136.19 1.44
CA SER X 368 -13.23 137.35 0.89
C SER X 368 -12.32 137.98 1.93
N ILE X 369 -12.79 138.10 3.19
CA ILE X 369 -12.06 138.69 4.29
C ILE X 369 -10.58 138.28 4.44
N VAL X 370 -10.30 136.97 4.46
CA VAL X 370 -8.95 136.46 4.63
C VAL X 370 -8.18 136.44 3.31
N HIS X 371 -8.95 136.44 2.21
CA HIS X 371 -8.32 136.34 0.93
C HIS X 371 -7.33 137.49 0.66
N ARG X 372 -7.55 138.67 1.27
CA ARG X 372 -6.72 139.87 1.13
C ARG X 372 -6.86 140.33 -0.36
N ASP Y 1 10.34 147.14 -66.74
CA ASP Y 1 10.16 145.77 -66.18
C ASP Y 1 11.42 145.27 -65.49
N GLU Y 2 12.53 145.61 -66.14
CA GLU Y 2 13.91 145.37 -65.72
C GLU Y 2 14.04 145.26 -64.21
N ASP Y 3 13.44 146.26 -63.58
CA ASP Y 3 13.27 146.21 -62.17
C ASP Y 3 11.84 146.49 -61.73
N GLU Y 4 10.84 146.79 -62.62
CA GLU Y 4 9.43 147.01 -62.24
C GLU Y 4 8.90 145.74 -61.57
N THR Y 5 9.27 144.59 -62.17
CA THR Y 5 8.95 143.24 -61.68
C THR Y 5 9.81 142.76 -60.52
N THR Y 6 11.04 143.16 -60.78
CA THR Y 6 12.30 142.82 -60.13
C THR Y 6 12.58 143.40 -58.75
N ALA Y 7 11.87 144.44 -58.25
CA ALA Y 7 12.16 144.96 -56.92
C ALA Y 7 11.61 144.04 -55.85
N LEU Y 8 12.44 143.73 -54.84
CA LEU Y 8 12.06 142.85 -53.76
C LEU Y 8 11.69 143.67 -52.52
N VAL Y 9 10.82 143.22 -51.62
CA VAL Y 9 10.56 144.00 -50.44
C VAL Y 9 10.62 143.03 -49.30
N CYS Y 10 11.58 143.29 -48.41
CA CYS Y 10 11.79 142.41 -47.31
C CYS Y 10 11.63 143.17 -46.02
N ASP Y 11 10.58 142.84 -45.27
CA ASP Y 11 10.37 143.42 -43.96
C ASP Y 11 10.77 142.47 -42.80
N ASN Y 12 11.88 142.81 -42.14
CA ASN Y 12 12.49 142.02 -41.11
C ASN Y 12 11.87 142.35 -39.78
N GLY Y 13 11.28 141.36 -39.12
CA GLY Y 13 10.66 141.58 -37.82
C GLY Y 13 11.32 140.76 -36.74
N SER Y 14 10.80 141.06 -35.57
CA SER Y 14 11.20 140.36 -34.38
C SER Y 14 10.61 138.96 -34.36
N GLY Y 15 9.43 138.72 -34.91
CA GLY Y 15 8.81 137.40 -34.88
C GLY Y 15 8.74 136.84 -36.27
N LEU Y 16 8.28 137.62 -37.26
CA LEU Y 16 8.11 137.22 -38.65
C LEU Y 16 8.89 138.00 -39.71
N VAL Y 17 9.27 137.39 -40.84
CA VAL Y 17 9.81 138.08 -41.97
C VAL Y 17 8.64 138.21 -42.92
N LYS Y 18 8.41 139.30 -43.62
CA LYS Y 18 7.39 139.40 -44.65
C LYS Y 18 8.16 139.73 -45.92
N ALA Y 19 7.98 139.04 -47.03
CA ALA Y 19 8.80 139.22 -48.21
C ALA Y 19 8.01 138.98 -49.48
N GLY Y 20 8.54 139.35 -50.63
CA GLY Y 20 7.73 139.29 -51.83
C GLY Y 20 8.23 140.30 -52.83
N PHE Y 21 7.44 140.49 -53.89
CA PHE Y 21 7.85 141.38 -54.98
C PHE Y 21 7.06 142.66 -54.93
N ALA Y 22 7.74 143.79 -55.15
CA ALA Y 22 7.12 145.10 -55.22
C ALA Y 22 6.18 144.94 -56.39
N GLY Y 23 4.96 145.37 -56.15
CA GLY Y 23 3.93 145.13 -57.13
C GLY Y 23 2.87 144.30 -56.47
N ASP Y 24 3.18 143.16 -55.83
CA ASP Y 24 2.17 142.34 -55.20
C ASP Y 24 1.39 143.07 -54.12
N ASP Y 25 0.22 142.53 -53.75
CA ASP Y 25 -0.67 143.18 -52.79
C ASP Y 25 -0.43 142.81 -51.32
N ALA Y 26 0.28 141.68 -51.18
CA ALA Y 26 0.59 141.06 -49.91
C ALA Y 26 1.88 140.25 -50.04
N PRO Y 27 2.60 139.99 -48.91
CA PRO Y 27 3.84 139.23 -48.93
C PRO Y 27 3.73 137.81 -49.49
N ARG Y 28 4.65 137.50 -50.39
CA ARG Y 28 4.74 136.17 -50.95
C ARG Y 28 5.28 135.23 -49.89
N ALA Y 29 6.04 135.74 -48.93
CA ALA Y 29 6.65 134.88 -47.94
C ALA Y 29 6.58 135.48 -46.55
N VAL Y 30 6.09 134.66 -45.62
CA VAL Y 30 5.92 135.05 -44.23
C VAL Y 30 6.38 133.85 -43.44
N PHE Y 31 7.31 134.03 -42.49
CA PHE Y 31 7.86 132.91 -41.76
C PHE Y 31 8.61 133.31 -40.53
N PRO Y 32 8.76 132.51 -39.47
CA PRO Y 32 9.49 132.94 -38.29
C PRO Y 32 10.95 133.29 -38.55
N SER Y 33 11.32 134.22 -37.69
CA SER Y 33 12.59 134.86 -37.69
C SER Y 33 13.44 134.10 -36.69
N ILE Y 34 13.65 132.80 -36.94
CA ILE Y 34 14.52 131.97 -36.13
C ILE Y 34 15.61 131.30 -36.92
N VAL Y 35 16.64 130.79 -36.29
CA VAL Y 35 17.75 130.11 -36.89
C VAL Y 35 18.03 129.07 -35.84
N GLY Y 36 17.82 127.82 -36.20
CA GLY Y 36 17.99 126.71 -35.33
C GLY Y 36 19.30 126.06 -35.62
N ARG Y 37 19.93 125.62 -34.54
CA ARG Y 37 21.24 125.01 -34.58
C ARG Y 37 21.10 123.65 -33.88
N PRO Y 38 21.23 122.49 -34.52
CA PRO Y 38 21.05 121.17 -33.87
C PRO Y 38 21.89 120.88 -32.66
N ARG Y 39 21.19 120.59 -31.57
CA ARG Y 39 21.84 120.15 -30.34
C ARG Y 39 22.57 118.82 -30.45
N HIS Y 40 22.31 117.92 -31.47
CA HIS Y 40 22.99 116.60 -31.55
C HIS Y 40 23.39 116.16 -32.91
N GLN Y 41 24.35 115.26 -33.08
CA GLN Y 41 24.65 114.85 -34.43
C GLN Y 41 23.77 113.71 -34.91
N GLY Y 42 23.29 113.85 -36.15
CA GLY Y 42 22.38 112.92 -36.75
C GLY Y 42 21.68 113.51 -37.95
N VAL Y 43 20.79 112.75 -38.59
CA VAL Y 43 20.09 113.16 -39.80
C VAL Y 43 18.59 112.82 -39.90
N MET Y 44 17.88 113.48 -40.80
CA MET Y 44 16.50 113.07 -41.09
C MET Y 44 16.71 112.05 -42.21
N VAL Y 45 15.75 111.14 -42.37
CA VAL Y 45 15.80 110.15 -43.41
C VAL Y 45 15.82 110.77 -44.82
N GLY Y 46 16.92 110.58 -45.51
CA GLY Y 46 17.03 110.97 -46.88
C GLY Y 46 17.75 112.29 -47.04
N MET Y 47 17.91 113.02 -45.95
CA MET Y 47 18.67 114.23 -46.01
C MET Y 47 20.07 114.02 -45.49
N GLY Y 48 20.92 115.02 -45.78
CA GLY Y 48 22.26 115.08 -45.23
C GLY Y 48 22.23 115.88 -43.91
N GLN Y 49 23.41 115.84 -43.28
CA GLN Y 49 23.70 116.65 -42.11
C GLN Y 49 23.52 118.13 -42.42
N LYS Y 50 22.78 118.80 -41.57
CA LYS Y 50 22.41 120.15 -41.79
C LYS Y 50 23.00 120.84 -40.59
N ASP Y 51 23.65 121.92 -40.93
CA ASP Y 51 24.30 122.74 -39.92
C ASP Y 51 23.33 123.71 -39.25
N SER Y 52 22.25 124.00 -39.95
CA SER Y 52 21.41 125.07 -39.52
C SER Y 52 20.01 124.95 -40.06
N TYR Y 53 19.05 125.57 -39.45
CA TYR Y 53 17.71 125.49 -39.92
C TYR Y 53 17.11 126.87 -39.82
N VAL Y 54 16.18 127.32 -40.66
CA VAL Y 54 15.65 128.68 -40.59
C VAL Y 54 14.15 128.65 -40.85
N GLY Y 55 13.43 129.55 -40.16
CA GLY Y 55 12.00 129.73 -40.36
C GLY Y 55 11.22 128.59 -39.79
N ASP Y 56 10.31 128.06 -40.60
CA ASP Y 56 9.44 126.99 -40.17
C ASP Y 56 10.18 125.70 -39.96
N GLU Y 57 11.19 125.28 -40.73
CA GLU Y 57 11.88 124.07 -40.39
C GLU Y 57 12.58 124.15 -39.03
N ALA Y 58 12.94 125.35 -38.56
CA ALA Y 58 13.51 125.49 -37.25
C ALA Y 58 12.40 125.39 -36.21
N GLN Y 59 11.21 125.87 -36.52
CA GLN Y 59 10.16 125.81 -35.54
C GLN Y 59 9.73 124.36 -35.43
N SER Y 60 9.45 123.70 -36.54
CA SER Y 60 8.99 122.33 -36.54
C SER Y 60 9.90 121.29 -35.91
N LYS Y 61 11.17 121.55 -36.04
CA LYS Y 61 12.13 120.63 -35.51
C LYS Y 61 12.67 121.23 -34.23
N ARG Y 62 11.97 122.08 -33.46
CA ARG Y 62 12.62 122.74 -32.33
C ARG Y 62 13.19 121.94 -31.18
N GLY Y 63 12.62 120.74 -30.98
CA GLY Y 63 13.09 119.83 -29.97
C GLY Y 63 14.54 119.38 -30.14
N ILE Y 64 15.18 119.36 -31.33
CA ILE Y 64 16.58 118.94 -31.39
C ILE Y 64 17.57 120.05 -31.70
N LEU Y 65 17.12 121.30 -31.73
CA LEU Y 65 17.94 122.46 -32.11
C LEU Y 65 17.94 123.55 -31.05
N THR Y 66 18.90 124.47 -31.04
CA THR Y 66 18.83 125.60 -30.12
C THR Y 66 18.44 126.74 -31.06
N LEU Y 67 17.26 127.25 -30.74
CA LEU Y 67 16.61 128.29 -31.50
C LEU Y 67 17.16 129.63 -31.12
N LYS Y 68 17.37 130.50 -32.12
CA LYS Y 68 17.84 131.86 -31.81
C LYS Y 68 17.16 132.89 -32.67
N TYR Y 69 16.81 133.98 -31.98
CA TYR Y 69 16.13 135.12 -32.59
C TYR Y 69 17.11 136.27 -32.98
N PRO Y 70 17.54 136.51 -34.24
CA PRO Y 70 18.47 137.55 -34.67
C PRO Y 70 18.08 139.00 -34.42
N ILE Y 71 16.78 139.24 -34.28
CA ILE Y 71 16.30 140.58 -34.11
C ILE Y 71 15.64 140.75 -32.73
N GLU Y 72 16.36 141.42 -31.84
CA GLU Y 72 15.79 141.62 -30.54
C GLU Y 72 15.17 143.01 -30.46
N HIS Y 73 13.84 143.04 -30.31
CA HIS Y 73 13.12 144.30 -30.21
C HIS Y 73 13.25 145.16 -31.45
N GLY Y 74 13.22 144.52 -32.63
CA GLY Y 74 13.26 145.26 -33.88
C GLY Y 74 14.65 145.59 -34.35
N ILE Y 75 15.68 145.50 -33.49
CA ILE Y 75 17.07 145.82 -33.89
C ILE Y 75 17.86 144.55 -34.23
N ILE Y 76 18.70 144.44 -35.29
CA ILE Y 76 19.44 143.20 -35.57
C ILE Y 76 20.57 143.13 -34.55
N THR Y 77 20.49 142.06 -33.77
CA THR Y 77 21.45 141.77 -32.71
C THR Y 77 22.50 140.77 -33.15
N ASN Y 78 22.17 139.78 -34.02
CA ASN Y 78 23.22 138.89 -34.48
C ASN Y 78 23.27 138.87 -35.98
N TRP Y 79 24.38 139.40 -36.52
CA TRP Y 79 24.58 139.55 -37.95
C TRP Y 79 24.93 138.28 -38.69
N ASP Y 80 25.43 137.24 -38.02
CA ASP Y 80 25.74 135.92 -38.64
C ASP Y 80 24.44 135.20 -38.92
N ASP Y 81 23.61 135.13 -37.88
CA ASP Y 81 22.26 134.63 -38.01
C ASP Y 81 21.30 135.46 -38.83
N MET Y 82 21.48 136.75 -39.08
CA MET Y 82 20.58 137.51 -39.92
C MET Y 82 20.92 137.19 -41.35
N GLU Y 83 22.19 137.18 -41.74
CA GLU Y 83 22.60 136.87 -43.11
C GLU Y 83 22.08 135.49 -43.49
N LYS Y 84 21.98 134.60 -42.49
CA LYS Y 84 21.30 133.31 -42.68
C LYS Y 84 19.82 133.51 -43.01
N ILE Y 85 19.01 134.31 -42.27
CA ILE Y 85 17.62 134.52 -42.64
C ILE Y 85 17.48 135.17 -44.00
N TRP Y 86 18.34 136.14 -44.38
CA TRP Y 86 18.25 136.75 -45.70
C TRP Y 86 18.50 135.73 -46.77
N HIS Y 87 19.55 134.92 -46.58
CA HIS Y 87 19.89 133.89 -47.56
C HIS Y 87 18.69 132.99 -47.84
N HIS Y 88 18.08 132.52 -46.76
CA HIS Y 88 16.89 131.72 -46.84
C HIS Y 88 15.80 132.46 -47.59
N THR Y 89 15.62 133.74 -47.37
CA THR Y 89 14.55 134.48 -48.01
C THR Y 89 14.72 134.56 -49.49
N PHE Y 90 15.90 134.93 -49.94
CA PHE Y 90 16.11 135.02 -51.37
C PHE Y 90 16.09 133.66 -52.01
N TYR Y 91 16.94 132.77 -51.55
CA TYR Y 91 17.15 131.56 -52.27
C TYR Y 91 16.16 130.49 -52.15
N ASN Y 92 15.50 130.38 -51.00
CA ASN Y 92 14.56 129.29 -50.82
C ASN Y 92 13.13 129.80 -50.85
N GLU Y 93 12.82 130.84 -50.09
CA GLU Y 93 11.47 131.34 -50.05
C GLU Y 93 11.06 131.99 -51.36
N LEU Y 94 11.79 132.99 -51.88
CA LEU Y 94 11.37 133.66 -53.10
C LEU Y 94 12.02 133.02 -54.32
N ARG Y 95 13.03 132.17 -54.08
CA ARG Y 95 13.76 131.38 -55.08
C ARG Y 95 14.40 132.21 -56.21
N VAL Y 96 14.69 133.47 -55.89
CA VAL Y 96 15.28 134.37 -56.85
C VAL Y 96 16.78 134.38 -56.67
N ALA Y 97 17.53 134.83 -57.67
CA ALA Y 97 18.95 135.07 -57.46
C ALA Y 97 18.97 136.55 -57.05
N PRO Y 98 19.56 136.99 -55.95
CA PRO Y 98 19.58 138.39 -55.54
C PRO Y 98 20.38 139.34 -56.42
N GLU Y 99 21.44 138.85 -57.09
CA GLU Y 99 22.28 139.72 -57.91
C GLU Y 99 21.69 140.32 -59.16
N GLU Y 100 20.41 140.07 -59.42
CA GLU Y 100 19.75 140.84 -60.44
C GLU Y 100 18.45 141.46 -59.92
N HIS Y 101 18.24 141.62 -58.59
CA HIS Y 101 17.01 142.24 -58.10
C HIS Y 101 17.22 143.41 -57.19
N PRO Y 102 16.65 144.60 -57.35
CA PRO Y 102 16.83 145.69 -56.42
C PRO Y 102 16.08 145.23 -55.17
N THR Y 103 16.58 145.52 -53.95
CA THR Y 103 16.01 145.04 -52.70
C THR Y 103 15.59 146.18 -51.75
N LEU Y 104 14.31 146.41 -51.41
CA LEU Y 104 13.93 147.43 -50.45
C LEU Y 104 13.79 146.70 -49.16
N LEU Y 105 14.55 147.17 -48.19
CA LEU Y 105 14.54 146.62 -46.85
C LEU Y 105 13.90 147.54 -45.84
N THR Y 106 13.57 147.07 -44.64
CA THR Y 106 13.07 148.01 -43.67
C THR Y 106 13.92 147.99 -42.42
N GLU Y 107 13.96 149.12 -41.72
CA GLU Y 107 14.61 149.14 -40.40
C GLU Y 107 13.64 149.73 -39.38
N ALA Y 108 14.05 149.67 -38.13
CA ALA Y 108 13.26 150.19 -37.03
C ALA Y 108 13.44 151.67 -36.78
N PRO Y 109 12.50 152.27 -36.06
CA PRO Y 109 12.52 153.65 -35.69
C PRO Y 109 13.81 154.36 -35.30
N LEU Y 110 14.61 153.98 -34.31
CA LEU Y 110 15.81 154.78 -34.04
C LEU Y 110 16.97 153.83 -34.24
N ASN Y 111 16.95 153.11 -35.37
CA ASN Y 111 17.95 152.11 -35.73
C ASN Y 111 19.28 152.82 -35.80
N PRO Y 112 20.25 152.32 -35.06
CA PRO Y 112 21.59 152.88 -35.00
C PRO Y 112 22.24 153.02 -36.36
N LYS Y 113 22.77 154.22 -36.65
CA LYS Y 113 23.41 154.57 -37.93
C LYS Y 113 24.31 153.50 -38.55
N ALA Y 114 25.02 152.88 -37.61
CA ALA Y 114 25.99 151.84 -37.88
C ALA Y 114 25.43 150.54 -38.41
N ASN Y 115 24.18 150.20 -38.02
CA ASN Y 115 23.44 149.04 -38.48
C ASN Y 115 23.00 149.24 -39.91
N ARG Y 116 22.45 150.44 -40.23
CA ARG Y 116 21.93 150.76 -41.57
C ARG Y 116 23.12 150.67 -42.49
N GLU Y 117 24.29 151.17 -42.07
CA GLU Y 117 25.52 150.93 -42.83
C GLU Y 117 25.94 149.44 -42.88
N LYS Y 118 25.73 148.63 -41.82
CA LYS Y 118 26.15 147.24 -41.84
C LYS Y 118 25.28 146.40 -42.75
N MET Y 119 23.94 146.49 -42.72
CA MET Y 119 23.13 145.71 -43.62
C MET Y 119 23.29 146.14 -45.08
N THR Y 120 23.86 147.31 -45.29
CA THR Y 120 24.14 147.76 -46.63
C THR Y 120 25.42 147.09 -47.07
N GLN Y 121 26.40 147.06 -46.18
CA GLN Y 121 27.66 146.35 -46.38
C GLN Y 121 27.33 144.90 -46.73
N ILE Y 122 26.41 144.20 -46.04
CA ILE Y 122 26.09 142.81 -46.33
C ILE Y 122 25.22 142.67 -47.55
N MET Y 123 24.32 143.62 -47.83
CA MET Y 123 23.50 143.49 -49.01
C MET Y 123 24.38 143.60 -50.23
N PHE Y 124 25.15 144.66 -50.36
CA PHE Y 124 26.00 144.86 -51.53
C PHE Y 124 27.22 143.97 -51.56
N GLU Y 125 27.92 143.79 -50.42
CA GLU Y 125 29.14 143.00 -50.48
C GLU Y 125 28.97 141.51 -50.30
N THR Y 126 27.96 140.90 -49.64
CA THR Y 126 27.92 139.44 -49.66
C THR Y 126 26.78 138.98 -50.54
N PHE Y 127 25.69 139.73 -50.81
CA PHE Y 127 24.62 139.24 -51.70
C PHE Y 127 24.66 139.79 -53.14
N ASN Y 128 25.43 140.88 -53.28
CA ASN Y 128 25.72 141.51 -54.56
C ASN Y 128 24.41 141.91 -55.24
N VAL Y 129 23.52 142.58 -54.52
CA VAL Y 129 22.25 143.01 -55.13
C VAL Y 129 22.55 144.23 -56.04
N PRO Y 130 21.85 144.53 -57.17
CA PRO Y 130 22.16 145.68 -58.00
C PRO Y 130 22.06 147.03 -57.29
N ALA Y 131 20.97 147.14 -56.51
CA ALA Y 131 20.65 148.34 -55.74
C ALA Y 131 19.73 147.97 -54.58
N MET Y 132 19.75 148.80 -53.55
CA MET Y 132 18.92 148.60 -52.39
C MET Y 132 18.51 149.91 -51.76
N TYR Y 133 17.77 149.88 -50.63
CA TYR Y 133 17.15 151.06 -50.04
C TYR Y 133 16.64 150.61 -48.69
N VAL Y 134 16.75 151.37 -47.63
CA VAL Y 134 16.25 150.97 -46.33
C VAL Y 134 15.13 151.95 -45.95
N ALA Y 135 13.84 151.58 -45.90
CA ALA Y 135 12.79 152.50 -45.41
C ALA Y 135 12.49 152.37 -43.91
N ILE Y 136 12.01 153.35 -43.17
CA ILE Y 136 11.74 153.17 -41.74
C ILE Y 136 10.35 152.58 -41.69
N GLN Y 137 10.12 151.65 -40.78
CA GLN Y 137 8.86 150.94 -40.80
C GLN Y 137 7.62 151.77 -40.62
N ALA Y 138 7.43 152.53 -39.53
CA ALA Y 138 6.25 153.41 -39.41
C ALA Y 138 5.95 154.32 -40.61
N VAL Y 139 7.04 154.73 -41.24
CA VAL Y 139 6.93 155.58 -42.38
C VAL Y 139 6.29 154.82 -43.54
N LEU Y 140 6.57 153.53 -43.77
CA LEU Y 140 5.90 152.78 -44.82
C LEU Y 140 4.47 152.45 -44.44
N SER Y 141 4.22 152.28 -43.16
CA SER Y 141 2.86 152.01 -42.77
C SER Y 141 1.99 153.20 -43.07
N LEU Y 142 2.43 154.43 -42.75
CA LEU Y 142 1.66 155.63 -42.96
C LEU Y 142 1.25 155.91 -44.40
N TYR Y 143 2.31 155.72 -45.17
CA TYR Y 143 2.27 155.95 -46.60
C TYR Y 143 1.34 154.96 -47.30
N ALA Y 144 1.34 153.72 -46.86
CA ALA Y 144 0.43 152.72 -47.36
C ALA Y 144 -1.01 153.10 -46.99
N SER Y 145 -1.27 154.02 -46.05
CA SER Y 145 -2.64 154.45 -45.77
C SER Y 145 -2.92 155.76 -46.49
N GLY Y 146 -2.16 155.99 -47.56
CA GLY Y 146 -2.26 157.16 -48.39
C GLY Y 146 -1.46 158.34 -47.86
N ARG Y 147 -1.48 158.68 -46.58
CA ARG Y 147 -0.89 159.94 -46.14
C ARG Y 147 0.60 160.11 -45.83
N THR Y 148 0.98 161.35 -45.51
CA THR Y 148 2.35 161.72 -45.23
C THR Y 148 2.65 162.36 -43.90
N THR Y 149 1.61 162.77 -43.21
CA THR Y 149 1.70 163.28 -41.87
C THR Y 149 0.61 162.51 -41.16
N GLY Y 150 1.04 162.07 -39.98
CA GLY Y 150 0.25 161.32 -39.06
C GLY Y 150 1.15 160.77 -37.96
N ILE Y 151 0.64 159.98 -37.03
CA ILE Y 151 1.49 159.35 -36.04
C ILE Y 151 1.10 157.87 -36.12
N VAL Y 152 2.08 156.98 -36.27
CA VAL Y 152 1.80 155.55 -36.34
C VAL Y 152 2.01 154.87 -34.98
N LEU Y 153 1.02 154.11 -34.49
CA LEU Y 153 1.26 153.28 -33.34
C LEU Y 153 1.59 151.97 -34.01
N ASP Y 154 2.84 151.54 -33.89
CA ASP Y 154 3.25 150.32 -34.55
C ASP Y 154 3.59 149.29 -33.50
N SER Y 155 3.03 148.07 -33.61
CA SER Y 155 3.09 147.01 -32.61
C SER Y 155 3.09 145.59 -33.16
N GLY Y 156 4.21 144.92 -33.00
CA GLY Y 156 4.30 143.61 -33.60
C GLY Y 156 4.58 142.53 -32.61
N ASP Y 157 5.70 141.86 -32.83
CA ASP Y 157 6.02 140.79 -31.94
C ASP Y 157 6.94 141.10 -30.80
N GLY Y 158 8.03 141.85 -30.91
CA GLY Y 158 8.85 142.20 -29.78
C GLY Y 158 8.75 143.69 -29.39
N VAL Y 159 8.40 144.68 -30.25
CA VAL Y 159 8.32 146.12 -29.89
C VAL Y 159 7.03 146.79 -30.27
N THR Y 160 6.70 147.87 -29.49
CA THR Y 160 5.68 148.85 -29.82
C THR Y 160 6.33 150.22 -29.95
N HIS Y 161 5.83 151.04 -30.84
CA HIS Y 161 6.44 152.32 -31.15
C HIS Y 161 5.34 153.28 -31.44
N ASN Y 162 5.70 154.54 -31.34
CA ASN Y 162 4.86 155.67 -31.78
C ASN Y 162 5.75 156.50 -32.65
N VAL Y 163 5.50 156.67 -33.94
CA VAL Y 163 6.46 157.43 -34.72
C VAL Y 163 5.68 158.52 -35.39
N PRO Y 164 5.80 159.76 -34.89
CA PRO Y 164 5.13 160.93 -35.44
C PRO Y 164 5.88 161.26 -36.72
N ILE Y 165 5.19 161.38 -37.87
CA ILE Y 165 5.83 161.69 -39.15
C ILE Y 165 5.24 162.95 -39.76
N TYR Y 166 6.06 163.90 -40.21
CA TYR Y 166 5.57 165.14 -40.80
C TYR Y 166 6.13 165.32 -42.21
N GLU Y 167 5.23 165.33 -43.19
CA GLU Y 167 5.61 165.40 -44.60
C GLU Y 167 6.76 164.51 -45.01
N GLY Y 168 6.70 163.36 -44.32
CA GLY Y 168 7.52 162.22 -44.58
C GLY Y 168 8.68 162.00 -43.65
N TYR Y 169 9.09 163.03 -42.92
CA TYR Y 169 10.24 162.90 -42.04
C TYR Y 169 9.77 162.50 -40.65
N ALA Y 170 10.13 161.27 -40.24
CA ALA Y 170 9.85 160.74 -38.92
C ALA Y 170 10.57 161.60 -37.91
N LEU Y 171 9.89 161.97 -36.83
CA LEU Y 171 10.42 162.95 -35.90
C LEU Y 171 11.19 162.32 -34.74
N PRO Y 172 12.49 162.15 -34.87
CA PRO Y 172 13.35 161.49 -33.88
C PRO Y 172 13.11 161.69 -32.40
N HIS Y 173 12.98 162.94 -32.02
CA HIS Y 173 12.78 163.27 -30.61
C HIS Y 173 11.35 163.06 -30.15
N ALA Y 174 10.42 162.52 -30.90
CA ALA Y 174 9.07 162.41 -30.37
C ALA Y 174 8.63 160.96 -30.35
N ILE Y 175 9.44 160.09 -30.99
CA ILE Y 175 9.30 158.62 -31.08
C ILE Y 175 9.38 157.96 -29.70
N MET Y 176 8.48 157.02 -29.39
CA MET Y 176 8.45 156.31 -28.10
C MET Y 176 8.41 154.84 -28.41
N ARG Y 177 9.14 154.12 -27.60
CA ARG Y 177 9.24 152.69 -27.72
C ARG Y 177 8.81 152.04 -26.42
N LEU Y 178 7.93 151.06 -26.54
CA LEU Y 178 7.42 150.34 -25.39
C LEU Y 178 7.72 148.89 -25.72
N ASP Y 179 8.66 148.26 -25.00
CA ASP Y 179 8.99 146.85 -25.17
C ASP Y 179 7.95 145.86 -24.56
N LEU Y 180 6.69 145.87 -25.05
CA LEU Y 180 5.69 144.89 -24.66
C LEU Y 180 4.86 144.75 -25.90
N ALA Y 181 4.80 143.54 -26.47
CA ALA Y 181 4.08 143.32 -27.69
C ALA Y 181 3.39 141.97 -27.73
N GLY Y 182 3.09 141.40 -28.90
CA GLY Y 182 2.34 140.16 -29.05
C GLY Y 182 2.92 138.93 -28.42
N ARG Y 183 4.25 138.89 -28.28
CA ARG Y 183 5.04 137.81 -27.67
C ARG Y 183 4.74 137.81 -26.19
N ASP Y 184 4.90 138.97 -25.53
CA ASP Y 184 4.58 139.21 -24.13
C ASP Y 184 3.13 138.85 -23.87
N LEU Y 185 2.26 139.27 -24.80
CA LEU Y 185 0.82 139.05 -24.75
C LEU Y 185 0.31 137.61 -24.83
N THR Y 186 1.05 136.74 -25.54
CA THR Y 186 0.72 135.32 -25.64
C THR Y 186 1.13 134.68 -24.31
N ASP Y 187 2.19 135.14 -23.67
CA ASP Y 187 2.65 134.50 -22.47
C ASP Y 187 1.82 134.89 -21.29
N TYR Y 188 1.18 136.06 -21.34
CA TYR Y 188 0.31 136.47 -20.28
C TYR Y 188 -1.00 135.70 -20.44
N LEU Y 189 -1.51 135.49 -21.64
CA LEU Y 189 -2.75 134.76 -21.82
C LEU Y 189 -2.58 133.39 -21.24
N MET Y 190 -1.42 132.81 -21.57
CA MET Y 190 -0.98 131.51 -21.12
C MET Y 190 -1.22 131.30 -19.63
N LYS Y 191 -0.68 132.24 -18.84
CA LYS Y 191 -0.86 132.20 -17.42
C LYS Y 191 -2.32 132.47 -17.15
N ILE Y 192 -3.07 133.49 -17.58
CA ILE Y 192 -4.47 133.61 -17.16
C ILE Y 192 -5.39 132.47 -17.60
N LEU Y 193 -4.90 131.62 -18.49
CA LEU Y 193 -5.63 130.49 -18.98
C LEU Y 193 -5.24 129.24 -18.18
N THR Y 194 -3.99 129.10 -17.70
CA THR Y 194 -3.65 127.99 -16.81
C THR Y 194 -4.28 128.27 -15.45
N GLU Y 195 -4.32 129.57 -15.14
CA GLU Y 195 -4.92 130.15 -13.94
C GLU Y 195 -6.45 129.96 -13.99
N ARG Y 196 -7.07 129.83 -15.16
CA ARG Y 196 -8.48 129.47 -15.31
C ARG Y 196 -8.68 127.98 -14.95
N GLY Y 197 -7.59 127.27 -14.62
CA GLY Y 197 -7.60 125.88 -14.23
C GLY Y 197 -7.28 125.03 -15.43
N TYR Y 198 -6.10 125.21 -16.07
CA TYR Y 198 -5.74 124.46 -17.27
C TYR Y 198 -4.26 124.12 -17.30
N SER Y 199 -3.94 123.34 -18.35
CA SER Y 199 -2.56 122.91 -18.58
C SER Y 199 -2.16 122.78 -20.04
N PHE Y 200 -1.17 123.62 -20.31
CA PHE Y 200 -0.54 123.66 -21.60
C PHE Y 200 0.81 123.09 -21.23
N VAL Y 201 0.68 121.79 -21.43
CA VAL Y 201 1.73 120.90 -20.99
C VAL Y 201 2.65 120.52 -22.12
N THR Y 202 2.20 119.80 -23.16
CA THR Y 202 3.07 119.44 -24.29
C THR Y 202 3.24 120.62 -25.22
N THR Y 203 4.19 120.56 -26.18
CA THR Y 203 4.45 121.67 -27.08
C THR Y 203 3.28 121.93 -28.04
N ALA Y 204 2.42 120.93 -28.25
CA ALA Y 204 1.20 121.11 -29.03
C ALA Y 204 0.07 121.82 -28.26
N GLU Y 205 0.32 122.06 -26.97
CA GLU Y 205 -0.59 122.80 -26.14
C GLU Y 205 -0.02 124.21 -26.11
N ARG Y 206 1.28 124.39 -25.82
CA ARG Y 206 1.93 125.71 -25.85
C ARG Y 206 1.59 126.59 -27.09
N GLU Y 207 1.86 126.06 -28.29
CA GLU Y 207 1.78 126.80 -29.54
C GLU Y 207 0.40 127.38 -29.86
N ILE Y 208 -0.61 126.58 -29.56
CA ILE Y 208 -1.99 126.95 -29.84
C ILE Y 208 -2.58 128.01 -28.90
N VAL Y 209 -1.94 128.37 -27.76
CA VAL Y 209 -2.42 129.46 -26.90
C VAL Y 209 -2.31 130.74 -27.73
N ARG Y 210 -1.30 130.79 -28.59
CA ARG Y 210 -1.08 131.88 -29.49
C ARG Y 210 -2.20 131.94 -30.53
N ASP Y 211 -2.74 130.81 -30.98
CA ASP Y 211 -3.83 130.78 -31.97
C ASP Y 211 -5.17 131.09 -31.31
N ILE Y 212 -5.24 130.90 -29.98
CA ILE Y 212 -6.40 131.30 -29.18
C ILE Y 212 -6.38 132.83 -29.13
N LYS Y 213 -5.26 133.44 -28.66
CA LYS Y 213 -5.03 134.89 -28.64
C LYS Y 213 -5.43 135.52 -29.94
N GLU Y 214 -4.93 135.05 -31.08
CA GLU Y 214 -5.29 135.64 -32.37
C GLU Y 214 -6.78 135.50 -32.68
N LYS Y 215 -7.39 134.30 -32.64
CA LYS Y 215 -8.79 134.09 -33.02
C LYS Y 215 -9.90 134.66 -32.11
N LEU Y 216 -9.76 134.41 -30.81
CA LEU Y 216 -10.77 134.77 -29.83
C LEU Y 216 -10.51 136.03 -29.06
N CYS Y 217 -9.29 136.60 -28.95
CA CYS Y 217 -9.12 137.85 -28.21
C CYS Y 217 -9.61 139.15 -28.82
N TYR Y 218 -10.07 139.93 -27.82
CA TYR Y 218 -10.82 141.18 -27.98
C TYR Y 218 -10.25 142.35 -27.20
N VAL Y 219 -10.49 143.58 -27.65
CA VAL Y 219 -10.17 144.74 -26.82
C VAL Y 219 -11.51 145.39 -26.70
N ALA Y 220 -11.98 145.22 -25.49
CA ALA Y 220 -13.20 145.86 -25.15
C ALA Y 220 -12.98 147.30 -24.74
N LEU Y 221 -14.00 148.02 -25.16
CA LEU Y 221 -14.23 149.40 -24.77
C LEU Y 221 -15.11 149.23 -23.55
N ASP Y 222 -14.72 150.00 -22.53
CA ASP Y 222 -15.28 149.92 -21.19
C ASP Y 222 -15.08 148.49 -20.68
N PHE Y 223 -13.78 148.32 -20.44
CA PHE Y 223 -13.19 147.06 -19.95
C PHE Y 223 -13.58 146.84 -18.50
N GLU Y 224 -14.05 147.96 -17.91
CA GLU Y 224 -14.60 148.12 -16.56
C GLU Y 224 -15.87 147.28 -16.34
N ASN Y 225 -16.92 147.71 -17.08
CA ASN Y 225 -18.19 147.06 -17.06
C ASN Y 225 -18.24 146.03 -18.17
N GLU Y 226 -17.16 145.27 -18.29
CA GLU Y 226 -17.06 144.12 -19.19
C GLU Y 226 -16.68 142.90 -18.32
N MET Y 227 -15.89 143.20 -17.28
CA MET Y 227 -15.60 142.29 -16.19
C MET Y 227 -16.93 142.13 -15.44
N ALA Y 228 -17.60 143.26 -15.11
CA ALA Y 228 -18.93 143.27 -14.48
C ALA Y 228 -19.92 142.41 -15.27
N THR Y 229 -19.90 142.56 -16.60
CA THR Y 229 -20.70 141.74 -17.49
C THR Y 229 -20.35 140.25 -17.38
N ALA Y 230 -19.03 139.96 -17.26
CA ALA Y 230 -18.51 138.61 -17.19
C ALA Y 230 -19.15 137.80 -16.09
N ALA Y 231 -19.31 138.50 -14.94
CA ALA Y 231 -19.89 138.01 -13.70
C ALA Y 231 -21.39 137.62 -13.71
N SER Y 232 -22.24 138.47 -14.32
CA SER Y 232 -23.65 138.17 -14.56
C SER Y 232 -23.78 136.91 -15.45
N SER Y 233 -22.67 136.65 -16.19
CA SER Y 233 -22.46 135.56 -17.14
C SER Y 233 -23.59 135.37 -18.12
N SER Y 234 -23.19 136.17 -19.12
CA SER Y 234 -23.90 136.26 -20.37
C SER Y 234 -23.29 135.19 -21.25
N SER Y 235 -23.82 135.18 -22.48
CA SER Y 235 -23.28 134.32 -23.52
C SER Y 235 -22.09 135.10 -24.15
N LEU Y 236 -21.15 135.54 -23.26
CA LEU Y 236 -19.91 136.22 -23.63
C LEU Y 236 -18.81 135.17 -23.80
N GLU Y 237 -18.89 134.02 -23.06
CA GLU Y 237 -17.93 132.90 -23.12
C GLU Y 237 -17.59 132.34 -24.51
N LYS Y 238 -16.42 131.73 -24.67
CA LYS Y 238 -16.05 131.17 -25.95
C LYS Y 238 -15.12 129.97 -25.89
N SER Y 239 -15.68 128.82 -26.25
CA SER Y 239 -14.92 127.58 -26.29
C SER Y 239 -14.33 127.22 -27.64
N TYR Y 240 -13.02 126.93 -27.55
CA TYR Y 240 -12.15 126.56 -28.65
C TYR Y 240 -11.86 125.06 -28.55
N GLU Y 241 -11.91 124.28 -29.64
CA GLU Y 241 -11.53 122.85 -29.60
C GLU Y 241 -10.05 122.68 -29.94
N LEU Y 242 -9.32 122.06 -29.01
CA LEU Y 242 -7.87 121.89 -29.09
C LEU Y 242 -7.35 121.00 -30.25
N PRO Y 243 -6.05 120.55 -30.45
CA PRO Y 243 -5.64 119.68 -31.58
C PRO Y 243 -6.49 118.41 -31.69
N ASP Y 244 -6.89 117.95 -30.49
CA ASP Y 244 -7.84 116.86 -30.22
C ASP Y 244 -9.21 117.44 -29.77
N GLY Y 245 -10.07 116.63 -29.09
CA GLY Y 245 -11.41 117.02 -28.63
C GLY Y 245 -11.42 118.10 -27.56
N GLN Y 246 -10.61 117.89 -26.51
CA GLN Y 246 -10.41 118.78 -25.36
C GLN Y 246 -10.81 120.26 -25.51
N VAL Y 247 -12.13 120.41 -25.49
CA VAL Y 247 -12.75 121.71 -25.62
C VAL Y 247 -12.49 122.59 -24.40
N ILE Y 248 -11.66 123.57 -24.69
CA ILE Y 248 -11.30 124.52 -23.67
C ILE Y 248 -12.22 125.73 -23.75
N THR Y 249 -12.65 126.28 -22.61
CA THR Y 249 -13.50 127.47 -22.60
C THR Y 249 -12.75 128.70 -22.03
N ILE Y 250 -13.02 129.80 -22.73
CA ILE Y 250 -12.43 131.09 -22.47
C ILE Y 250 -13.59 132.04 -22.60
N GLY Y 251 -13.98 132.57 -21.47
CA GLY Y 251 -15.07 133.51 -21.51
C GLY Y 251 -14.54 134.92 -21.54
N ASN Y 252 -14.08 135.13 -20.32
CA ASN Y 252 -13.67 136.41 -19.75
C ASN Y 252 -12.24 136.85 -20.19
N GLU Y 253 -11.15 136.13 -19.82
CA GLU Y 253 -9.73 136.36 -20.19
C GLU Y 253 -9.37 136.79 -21.60
N ARG Y 254 -10.29 136.35 -22.45
CA ARG Y 254 -10.44 136.76 -23.83
C ARG Y 254 -10.07 138.26 -24.08
N PHE Y 255 -10.48 139.17 -23.16
CA PHE Y 255 -10.18 140.60 -23.25
C PHE Y 255 -9.23 141.07 -22.14
N ARG Y 256 -8.99 140.25 -21.13
CA ARG Y 256 -8.05 140.59 -20.07
C ARG Y 256 -6.62 140.64 -20.64
N CYS Y 257 -6.42 139.91 -21.74
CA CYS Y 257 -5.14 139.85 -22.45
C CYS Y 257 -4.85 141.20 -23.18
N PRO Y 258 -5.65 141.77 -24.11
CA PRO Y 258 -5.35 143.07 -24.71
C PRO Y 258 -5.54 144.22 -23.70
N GLU Y 259 -6.31 144.14 -22.58
CA GLU Y 259 -6.34 145.19 -21.54
C GLU Y 259 -4.87 145.29 -21.07
N THR Y 260 -3.94 144.32 -21.31
CA THR Y 260 -2.55 144.47 -20.92
C THR Y 260 -1.92 145.62 -21.69
N LEU Y 261 -2.22 145.77 -22.98
CA LEU Y 261 -1.72 146.92 -23.74
C LEU Y 261 -2.07 148.32 -23.19
N PHE Y 262 -3.18 148.52 -22.44
CA PHE Y 262 -3.53 149.80 -21.82
C PHE Y 262 -3.06 149.88 -20.37
N GLN Y 263 -2.97 148.71 -19.74
CA GLN Y 263 -2.49 148.55 -18.37
C GLN Y 263 -1.32 147.57 -18.39
N PRO Y 264 -0.06 148.05 -18.42
CA PRO Y 264 1.15 147.25 -18.39
C PRO Y 264 1.33 146.67 -17.00
N SER Y 265 0.63 147.26 -16.01
CA SER Y 265 0.59 146.82 -14.60
C SER Y 265 0.07 145.37 -14.37
N PHE Y 266 -0.69 144.86 -15.37
CA PHE Y 266 -1.16 143.48 -15.45
C PHE Y 266 -0.01 142.52 -15.57
N ILE Y 267 1.13 143.04 -16.01
CA ILE Y 267 2.29 142.20 -16.20
C ILE Y 267 3.53 142.73 -15.51
N GLY Y 268 3.37 143.45 -14.39
CA GLY Y 268 4.54 143.90 -13.68
C GLY Y 268 5.37 144.90 -14.48
N MET Y 269 4.72 145.53 -15.46
CA MET Y 269 5.37 146.62 -16.14
C MET Y 269 4.92 147.94 -15.51
N GLU Y 270 5.92 148.78 -15.21
CA GLU Y 270 5.71 150.13 -14.66
C GLU Y 270 5.60 151.27 -15.70
N SER Y 271 5.90 150.96 -16.97
CA SER Y 271 5.77 151.87 -18.10
C SER Y 271 4.31 152.26 -18.30
N ALA Y 272 4.14 153.37 -19.02
CA ALA Y 272 2.81 153.86 -19.39
C ALA Y 272 2.20 152.99 -20.50
N GLY Y 273 0.93 153.14 -20.86
CA GLY Y 273 0.36 152.27 -21.88
C GLY Y 273 0.10 152.97 -23.19
N ILE Y 274 -0.07 152.14 -24.26
CA ILE Y 274 -0.35 152.55 -25.63
C ILE Y 274 -1.01 153.93 -25.87
N HIS Y 275 -2.15 154.21 -25.24
CA HIS Y 275 -2.89 155.44 -25.43
C HIS Y 275 -2.26 156.68 -24.82
N GLU Y 276 -1.66 156.51 -23.65
CA GLU Y 276 -0.98 157.58 -22.99
C GLU Y 276 0.24 157.88 -23.75
N THR Y 277 0.86 156.85 -24.28
CA THR Y 277 2.10 156.99 -25.02
C THR Y 277 1.80 157.66 -26.34
N THR Y 278 0.71 157.37 -27.03
CA THR Y 278 0.28 158.06 -28.26
C THR Y 278 0.26 159.58 -28.03
N TYR Y 279 -0.34 159.87 -26.89
CA TYR Y 279 -0.54 161.20 -26.42
C TYR Y 279 0.78 161.80 -26.07
N ASN Y 280 1.63 161.16 -25.30
CA ASN Y 280 2.84 161.84 -24.86
C ASN Y 280 3.74 162.19 -26.00
N SER Y 281 3.73 161.35 -27.06
CA SER Y 281 4.50 161.52 -28.27
C SER Y 281 4.08 162.85 -28.84
N ILE Y 282 2.75 162.99 -28.82
CA ILE Y 282 2.06 164.15 -29.38
C ILE Y 282 2.35 165.35 -28.52
N MET Y 283 2.30 165.40 -27.18
CA MET Y 283 2.67 166.66 -26.53
C MET Y 283 4.20 166.90 -26.46
N LYS Y 284 5.01 166.08 -27.18
CA LYS Y 284 6.46 166.25 -27.39
C LYS Y 284 6.81 166.85 -28.75
N CYS Y 285 5.80 167.01 -29.61
CA CYS Y 285 5.93 167.54 -30.96
C CYS Y 285 5.63 169.01 -31.04
N ASP Y 286 5.93 169.67 -32.15
CA ASP Y 286 5.57 171.06 -32.31
C ASP Y 286 4.05 171.12 -32.24
N ILE Y 287 3.67 172.26 -31.67
CA ILE Y 287 2.29 172.76 -31.35
C ILE Y 287 1.31 172.91 -32.53
N ASP Y 288 1.88 173.50 -33.58
CA ASP Y 288 1.19 173.73 -34.81
C ASP Y 288 0.95 172.38 -35.48
N ILE Y 289 1.77 171.32 -35.28
CA ILE Y 289 1.51 170.04 -35.97
C ILE Y 289 0.63 169.13 -35.17
N ARG Y 290 0.35 169.42 -33.90
CA ARG Y 290 -0.47 168.54 -33.11
C ARG Y 290 -1.89 168.43 -33.67
N LYS Y 291 -2.60 169.33 -34.39
CA LYS Y 291 -3.93 168.93 -34.85
C LYS Y 291 -3.85 167.83 -35.90
N ASP Y 292 -2.73 167.80 -36.67
CA ASP Y 292 -2.53 166.86 -37.77
C ASP Y 292 -2.34 165.46 -37.25
N LEU Y 293 -1.38 165.29 -36.35
CA LEU Y 293 -1.15 164.03 -35.71
C LEU Y 293 -2.42 163.47 -35.08
N TYR Y 294 -3.23 164.31 -34.42
CA TYR Y 294 -4.44 163.81 -33.79
C TYR Y 294 -5.48 163.30 -34.73
N ALA Y 295 -5.58 163.85 -35.91
CA ALA Y 295 -6.58 163.35 -36.83
C ALA Y 295 -6.00 162.23 -37.69
N ASN Y 296 -4.79 161.73 -37.36
CA ASN Y 296 -4.16 160.72 -38.18
C ASN Y 296 -3.30 159.77 -37.41
N ASN Y 297 -3.99 159.01 -36.55
CA ASN Y 297 -3.39 157.97 -35.75
C ASN Y 297 -3.54 156.72 -36.58
N VAL Y 298 -2.49 156.32 -37.25
CA VAL Y 298 -2.56 155.17 -38.12
C VAL Y 298 -2.01 154.06 -37.27
N MET Y 299 -2.71 152.94 -37.33
CA MET Y 299 -2.28 151.74 -36.64
C MET Y 299 -1.69 150.69 -37.59
N SER Y 300 -0.57 150.11 -37.18
CA SER Y 300 -0.11 148.98 -37.94
C SER Y 300 0.54 147.97 -37.01
N GLY Y 301 0.61 146.72 -37.48
CA GLY Y 301 1.25 145.66 -36.72
C GLY Y 301 0.29 144.54 -36.26
N GLY Y 302 0.82 143.31 -36.21
CA GLY Y 302 0.03 142.14 -35.83
C GLY Y 302 -0.71 142.36 -34.51
N THR Y 303 -0.09 142.93 -33.50
CA THR Y 303 -0.74 143.06 -32.22
C THR Y 303 -1.79 144.16 -32.21
N THR Y 304 -1.95 145.01 -33.23
CA THR Y 304 -3.01 146.03 -33.22
C THR Y 304 -4.27 145.53 -33.91
N MET Y 305 -4.30 144.21 -34.19
CA MET Y 305 -5.40 143.59 -34.91
C MET Y 305 -6.55 143.16 -34.01
N TYR Y 306 -6.34 143.05 -32.67
CA TYR Y 306 -7.39 142.70 -31.70
C TYR Y 306 -8.63 143.50 -31.97
N PRO Y 307 -9.82 143.01 -32.39
CA PRO Y 307 -11.00 143.84 -32.62
C PRO Y 307 -11.30 144.81 -31.46
N GLY Y 308 -11.79 146.02 -31.81
CA GLY Y 308 -12.20 147.03 -30.84
C GLY Y 308 -11.06 147.79 -30.19
N ILE Y 309 -9.92 147.68 -30.86
CA ILE Y 309 -8.67 148.32 -30.43
C ILE Y 309 -8.71 149.78 -30.76
N ALA Y 310 -9.31 150.02 -31.92
CA ALA Y 310 -9.45 151.33 -32.50
C ALA Y 310 -10.48 152.10 -31.67
N ASP Y 311 -11.68 151.54 -31.33
CA ASP Y 311 -12.70 152.22 -30.53
C ASP Y 311 -12.19 152.60 -29.13
N ARG Y 312 -11.50 151.67 -28.47
CA ARG Y 312 -10.88 151.92 -27.18
C ARG Y 312 -9.88 153.05 -27.38
N MET Y 313 -9.02 153.04 -28.40
CA MET Y 313 -8.02 154.10 -28.58
C MET Y 313 -8.60 155.46 -28.91
N GLN Y 314 -9.74 155.40 -29.61
CA GLN Y 314 -10.54 156.54 -30.04
C GLN Y 314 -10.98 157.32 -28.85
N LYS Y 315 -11.57 156.58 -27.92
CA LYS Y 315 -12.06 157.14 -26.69
C LYS Y 315 -10.98 157.35 -25.66
N GLU Y 316 -9.87 156.64 -25.82
CA GLU Y 316 -8.80 156.82 -24.88
C GLU Y 316 -8.13 158.16 -25.11
N ILE Y 317 -7.87 158.52 -26.38
CA ILE Y 317 -7.21 159.80 -26.57
C ILE Y 317 -8.21 160.94 -26.69
N THR Y 318 -9.49 160.80 -27.06
CA THR Y 318 -10.43 161.93 -27.06
C THR Y 318 -10.45 162.56 -25.67
N ALA Y 319 -10.60 161.66 -24.71
CA ALA Y 319 -10.63 162.03 -23.33
C ALA Y 319 -9.30 162.43 -22.68
N LEU Y 320 -8.21 162.60 -23.47
CA LEU Y 320 -6.97 163.16 -22.95
C LEU Y 320 -6.58 164.41 -23.72
N ALA Y 321 -7.10 164.47 -24.94
CA ALA Y 321 -6.87 165.58 -25.85
C ALA Y 321 -7.78 166.78 -25.60
N PRO Y 322 -7.35 168.03 -25.86
CA PRO Y 322 -8.17 169.25 -25.64
C PRO Y 322 -9.45 169.17 -26.48
N SER Y 323 -10.69 169.37 -25.99
CA SER Y 323 -11.92 169.19 -26.80
C SER Y 323 -12.11 169.90 -28.14
N THR Y 324 -11.27 170.91 -28.33
CA THR Y 324 -11.18 171.68 -29.57
C THR Y 324 -10.60 170.82 -30.69
N MET Y 325 -10.12 169.61 -30.35
CA MET Y 325 -9.41 168.75 -31.26
C MET Y 325 -10.26 167.67 -31.88
N LYS Y 326 -9.83 167.34 -33.09
CA LYS Y 326 -10.40 166.23 -33.81
C LYS Y 326 -9.44 165.05 -33.63
N ILE Y 327 -10.00 163.95 -33.15
CA ILE Y 327 -9.28 162.70 -32.93
C ILE Y 327 -9.62 161.84 -34.17
N LYS Y 328 -8.70 161.00 -34.68
CA LYS Y 328 -9.07 160.06 -35.73
C LYS Y 328 -8.07 158.91 -35.82
N ILE Y 329 -8.58 157.74 -35.40
CA ILE Y 329 -7.82 156.49 -35.33
C ILE Y 329 -8.07 155.60 -36.54
N ILE Y 330 -7.14 155.63 -37.50
CA ILE Y 330 -7.23 154.82 -38.69
C ILE Y 330 -6.53 153.49 -38.36
N ALA Y 331 -7.29 152.41 -38.60
CA ALA Y 331 -6.86 151.03 -38.42
C ALA Y 331 -7.32 150.23 -39.64
N PRO Y 332 -6.56 150.10 -40.73
CA PRO Y 332 -6.98 149.35 -41.90
C PRO Y 332 -6.98 147.83 -41.63
N PRO Y 333 -7.69 147.04 -42.48
CA PRO Y 333 -7.82 145.60 -42.35
C PRO Y 333 -6.53 144.87 -42.67
N GLU Y 334 -5.77 145.33 -43.65
CA GLU Y 334 -4.57 144.62 -43.97
C GLU Y 334 -3.49 145.01 -42.99
N ARG Y 335 -3.71 145.80 -41.93
CA ARG Y 335 -2.62 146.24 -41.03
C ARG Y 335 -1.50 145.32 -40.55
N LYS Y 336 -1.69 144.01 -40.47
CA LYS Y 336 -0.58 143.11 -40.16
C LYS Y 336 0.46 143.16 -41.29
N TYR Y 337 0.20 143.66 -42.51
CA TYR Y 337 1.20 143.90 -43.55
C TYR Y 337 1.30 145.38 -44.00
N SER Y 338 0.88 146.42 -43.25
CA SER Y 338 0.94 147.81 -43.70
C SER Y 338 2.30 148.23 -44.18
N VAL Y 339 3.26 147.97 -43.28
CA VAL Y 339 4.66 148.20 -43.49
C VAL Y 339 5.07 147.65 -44.84
N TRP Y 340 4.73 146.37 -45.12
CA TRP Y 340 5.20 145.71 -46.32
C TRP Y 340 4.56 146.31 -47.56
N ILE Y 341 3.26 146.61 -47.44
CA ILE Y 341 2.46 147.06 -48.55
C ILE Y 341 2.96 148.43 -48.91
N GLY Y 342 3.30 149.26 -47.90
CA GLY Y 342 3.83 150.62 -48.11
C GLY Y 342 5.15 150.55 -48.89
N GLY Y 343 5.92 149.48 -48.66
CA GLY Y 343 7.16 149.27 -49.36
C GLY Y 343 6.92 148.83 -50.78
N SER Y 344 5.91 147.96 -50.99
CA SER Y 344 5.56 147.46 -52.30
C SER Y 344 5.12 148.57 -53.23
N ILE Y 345 4.34 149.49 -52.67
CA ILE Y 345 3.82 150.65 -53.39
C ILE Y 345 4.99 151.52 -53.79
N LEU Y 346 5.71 151.98 -52.77
CA LEU Y 346 6.82 152.89 -52.91
C LEU Y 346 7.85 152.34 -53.89
N ALA Y 347 8.22 151.06 -53.74
CA ALA Y 347 9.30 150.54 -54.56
C ALA Y 347 8.84 150.25 -55.96
N SER Y 348 7.54 150.04 -56.19
CA SER Y 348 7.10 149.82 -57.56
C SER Y 348 6.83 151.16 -58.26
N LEU Y 349 6.74 152.23 -57.46
CA LEU Y 349 6.56 153.59 -57.95
C LEU Y 349 7.61 154.08 -58.92
N SER Y 350 6.93 154.80 -59.80
CA SER Y 350 7.45 155.55 -60.93
C SER Y 350 8.52 156.54 -60.46
N THR Y 351 8.40 157.21 -59.31
CA THR Y 351 9.41 158.18 -58.88
C THR Y 351 10.52 157.73 -57.97
N PHE Y 352 10.47 156.46 -57.58
CA PHE Y 352 11.41 155.95 -56.59
C PHE Y 352 12.77 155.54 -57.13
N GLN Y 353 12.73 155.40 -58.45
CA GLN Y 353 13.90 154.90 -59.15
C GLN Y 353 15.11 155.74 -58.85
N GLN Y 354 14.94 157.05 -58.81
CA GLN Y 354 16.04 157.94 -58.48
C GLN Y 354 16.47 157.95 -57.00
N MET Y 355 15.85 157.19 -56.06
CA MET Y 355 16.42 157.04 -54.71
C MET Y 355 17.09 155.69 -54.43
N TRP Y 356 16.97 154.69 -55.31
CA TRP Y 356 17.68 153.42 -55.15
C TRP Y 356 19.19 153.56 -54.94
N ILE Y 357 19.86 153.07 -53.87
CA ILE Y 357 21.33 153.17 -53.79
C ILE Y 357 21.95 152.08 -54.69
N THR Y 358 22.67 152.48 -55.76
CA THR Y 358 23.21 151.49 -56.68
C THR Y 358 24.62 151.12 -56.28
N LYS Y 359 25.10 149.93 -56.68
CA LYS Y 359 26.50 149.54 -56.50
C LYS Y 359 27.49 150.60 -56.98
N GLN Y 360 27.09 151.45 -57.95
CA GLN Y 360 27.89 152.56 -58.44
C GLN Y 360 27.99 153.47 -57.22
N GLU Y 361 26.88 154.02 -56.68
CA GLU Y 361 26.96 154.82 -55.47
C GLU Y 361 27.81 154.20 -54.35
N TYR Y 362 27.57 152.92 -54.07
CA TYR Y 362 28.29 152.26 -53.01
C TYR Y 362 29.77 152.11 -53.27
N ASP Y 363 30.19 151.41 -54.35
CA ASP Y 363 31.61 151.18 -54.62
C ASP Y 363 32.39 152.49 -54.63
N GLU Y 364 31.67 153.59 -54.90
CA GLU Y 364 32.26 154.91 -54.89
C GLU Y 364 32.14 155.71 -53.60
N ALA Y 365 31.09 155.56 -52.77
CA ALA Y 365 30.92 156.39 -51.55
C ALA Y 365 31.06 155.75 -50.14
N GLY Y 366 31.13 154.41 -50.13
CA GLY Y 366 31.19 153.61 -48.92
C GLY Y 366 29.81 153.51 -48.29
N PRO Y 367 29.56 152.74 -47.22
CA PRO Y 367 28.21 152.49 -46.67
C PRO Y 367 27.44 153.73 -46.23
N SER Y 368 28.26 154.77 -46.04
CA SER Y 368 27.83 156.11 -45.73
C SER Y 368 26.76 156.59 -46.69
N ILE Y 369 26.93 156.30 -48.00
CA ILE Y 369 26.00 156.69 -49.05
C ILE Y 369 24.52 156.48 -48.77
N VAL Y 370 24.13 155.28 -48.36
CA VAL Y 370 22.73 154.94 -48.10
C VAL Y 370 22.30 155.39 -46.71
N HIS Y 371 23.30 155.55 -45.84
CA HIS Y 371 22.98 155.88 -44.48
C HIS Y 371 22.18 157.20 -44.35
N ARG Y 372 22.36 158.13 -45.30
CA ARG Y 372 21.71 159.44 -45.35
C ARG Y 372 22.24 160.24 -44.13
N ASP Z 1 -21.98 -206.89 -15.30
CA ASP Z 1 -22.09 -208.25 -14.73
C ASP Z 1 -20.72 -208.81 -14.35
N GLU Z 2 -19.77 -208.49 -15.22
CA GLU Z 2 -18.34 -208.77 -15.12
C GLU Z 2 -17.89 -208.92 -13.67
N ASP Z 3 -18.30 -207.91 -12.91
CA ASP Z 3 -18.15 -207.98 -11.51
C ASP Z 3 -19.45 -207.65 -10.76
N GLU Z 4 -20.60 -207.32 -11.40
CA GLU Z 4 -21.89 -207.07 -10.71
C GLU Z 4 -22.30 -208.33 -9.96
N THR Z 5 -22.11 -209.47 -10.64
CA THR Z 5 -22.36 -210.82 -10.11
C THR Z 5 -21.29 -211.35 -9.16
N THR Z 6 -20.12 -210.99 -9.69
CA THR Z 6 -18.77 -211.37 -9.33
C THR Z 6 -18.18 -210.83 -8.04
N ALA Z 7 -18.72 -209.78 -7.39
CA ALA Z 7 -18.13 -209.28 -6.15
C ALA Z 7 -18.46 -210.21 -4.99
N LEU Z 8 -17.45 -210.55 -4.20
CA LEU Z 8 -17.61 -211.45 -3.07
C LEU Z 8 -17.66 -210.64 -1.78
N VAL Z 9 -18.32 -211.08 -0.70
CA VAL Z 9 -18.30 -210.31 0.52
C VAL Z 9 -18.02 -211.29 1.60
N CYS Z 10 -16.88 -211.08 2.26
CA CYS Z 10 -16.46 -211.98 3.28
C CYS Z 10 -16.32 -211.23 4.58
N ASP Z 11 -17.18 -211.56 5.55
CA ASP Z 11 -17.07 -210.99 6.87
C ASP Z 11 -16.46 -211.97 7.90
N ASN Z 12 -15.22 -211.67 8.30
CA ASN Z 12 -14.43 -212.51 9.17
C ASN Z 12 -14.72 -212.18 10.61
N GLY Z 13 -15.20 -213.16 11.37
CA GLY Z 13 -15.51 -212.95 12.77
C GLY Z 13 -14.66 -213.81 13.68
N SER Z 14 -14.89 -213.50 14.94
CA SER Z 14 -14.26 -214.24 15.99
C SER Z 14 -14.87 -215.61 16.13
N GLY Z 15 -16.15 -215.82 15.85
CA GLY Z 15 -16.80 -217.11 16.01
C GLY Z 15 -17.19 -217.65 14.66
N LEU Z 16 -17.82 -216.83 13.80
CA LEU Z 16 -18.31 -217.20 12.48
C LEU Z 16 -17.77 -216.44 11.29
N VAL Z 17 -17.66 -217.04 10.10
CA VAL Z 17 -17.35 -216.34 8.88
C VAL Z 17 -18.71 -216.16 8.22
N LYS Z 18 -19.05 -215.05 7.59
CA LYS Z 18 -20.26 -214.91 6.81
C LYS Z 18 -19.78 -214.58 5.40
N ALA Z 19 -20.22 -215.25 4.36
CA ALA Z 19 -19.68 -215.07 3.04
C ALA Z 19 -20.74 -215.27 1.95
N GLY Z 20 -20.46 -214.88 0.73
CA GLY Z 20 -21.51 -214.90 -0.27
C GLY Z 20 -21.21 -213.90 -1.34
N PHE Z 21 -22.20 -213.65 -2.20
CA PHE Z 21 -22.02 -212.76 -3.34
C PHE Z 21 -22.74 -211.46 -3.11
N ALA Z 22 -22.08 -210.35 -3.46
CA ALA Z 22 -22.66 -209.03 -3.39
C ALA Z 22 -23.83 -209.13 -4.31
N GLY Z 23 -24.97 -208.67 -3.81
CA GLY Z 23 -26.19 -208.87 -4.54
C GLY Z 23 -27.11 -209.68 -3.67
N ASP Z 24 -26.70 -210.83 -3.13
CA ASP Z 24 -27.58 -211.64 -2.29
C ASP Z 24 -28.08 -210.90 -1.07
N ASP Z 25 -29.14 -211.42 -0.46
CA ASP Z 25 -29.79 -210.75 0.68
C ASP Z 25 -29.24 -211.14 2.06
N ALA Z 26 -28.56 -212.31 2.03
CA ALA Z 26 -27.98 -212.95 3.19
C ALA Z 26 -26.79 -213.79 2.79
N PRO Z 27 -25.86 -214.10 3.72
CA PRO Z 27 -24.67 -214.91 3.41
C PRO Z 27 -24.95 -216.31 2.89
N ARG Z 28 -24.26 -216.63 1.80
CA ARG Z 28 -24.34 -217.95 1.22
C ARG Z 28 -23.61 -218.93 2.11
N ALA Z 29 -22.65 -218.46 2.90
CA ALA Z 29 -21.85 -219.34 3.72
C ALA Z 29 -21.60 -218.78 5.09
N VAL Z 30 -21.91 -219.60 6.10
CA VAL Z 30 -21.74 -219.23 7.49
C VAL Z 30 -21.16 -220.45 8.17
N PHE Z 31 -20.05 -220.31 8.87
CA PHE Z 31 -19.39 -221.46 9.46
C PHE Z 31 -18.38 -221.09 10.50
N PRO Z 32 -18.02 -221.91 11.49
CA PRO Z 32 -17.03 -221.54 12.48
C PRO Z 32 -15.65 -221.23 11.92
N SER Z 33 -15.08 -220.33 12.68
CA SER Z 33 -13.81 -219.72 12.41
C SER Z 33 -12.79 -220.52 13.19
N ILE Z 34 -12.68 -221.82 12.89
CA ILE Z 34 -11.68 -222.69 13.49
C ILE Z 34 -10.82 -223.39 12.46
N VAL Z 35 -9.69 -223.94 12.85
CA VAL Z 35 -8.77 -224.64 12.01
C VAL Z 35 -8.29 -225.70 12.97
N GLY Z 36 -8.61 -226.93 12.63
CA GLY Z 36 -8.30 -228.07 13.44
C GLY Z 36 -7.11 -228.75 12.86
N ARG Z 37 -6.27 -229.22 13.77
CA ARG Z 37 -5.03 -229.87 13.44
C ARG Z 37 -5.04 -231.25 14.14
N PRO Z 38 -5.10 -232.40 13.47
CA PRO Z 38 -5.18 -233.72 14.13
C PRO Z 38 -4.09 -234.05 15.13
N ARG Z 39 -4.54 -234.35 16.34
CA ARG Z 39 -3.67 -234.83 17.40
C ARG Z 39 -3.02 -236.17 17.11
N HIS Z 40 -3.53 -237.04 16.17
CA HIS Z 40 -2.93 -238.38 15.92
C HIS Z 40 -2.84 -238.81 14.49
N GLN Z 41 -1.97 -239.74 14.12
CA GLN Z 41 -2.00 -240.14 12.73
C GLN Z 41 -2.99 -241.24 12.45
N GLY Z 42 -3.72 -241.07 11.34
CA GLY Z 42 -4.78 -241.96 10.95
C GLY Z 42 -5.70 -241.33 9.93
N VAL Z 43 -6.73 -242.04 9.49
CA VAL Z 43 -7.67 -241.58 8.48
C VAL Z 43 -9.17 -241.89 8.71
N MET Z 44 -10.05 -241.18 8.00
CA MET Z 44 -11.46 -241.56 8.01
C MET Z 44 -11.54 -242.55 6.87
N VAL Z 45 -12.54 -243.44 6.90
CA VAL Z 45 -12.75 -244.41 5.87
C VAL Z 45 -13.02 -243.77 4.51
N GLY Z 46 -12.10 -243.99 3.58
CA GLY Z 46 -12.29 -243.57 2.23
C GLY Z 46 -11.58 -242.27 1.93
N MET Z 47 -11.16 -241.56 2.96
CA MET Z 47 -10.39 -240.37 2.75
C MET Z 47 -8.92 -240.63 2.93
N GLY Z 48 -8.12 -239.65 2.49
CA GLY Z 48 -6.69 -239.64 2.73
C GLY Z 48 -6.40 -238.86 4.02
N GLN Z 49 -5.11 -238.94 4.39
CA GLN Z 49 -4.55 -238.18 5.47
C GLN Z 49 -4.75 -236.68 5.23
N LYS Z 50 -5.26 -236.01 6.22
CA LYS Z 50 -5.61 -234.64 6.10
C LYS Z 50 -4.76 -234.00 7.15
N ASP Z 51 -4.16 -232.92 6.68
CA ASP Z 51 -3.29 -232.14 7.54
C ASP Z 51 -4.05 -231.16 8.42
N SER Z 52 -5.26 -230.82 7.97
CA SER Z 52 -5.93 -229.73 8.58
C SER Z 52 -7.42 -229.80 8.36
N TYR Z 53 -8.20 -229.16 9.17
CA TYR Z 53 -9.63 -229.20 9.01
C TYR Z 53 -10.14 -227.80 9.26
N VAL Z 54 -11.22 -227.31 8.65
CA VAL Z 54 -11.67 -225.93 8.84
C VAL Z 54 -13.20 -225.92 8.93
N GLY Z 55 -13.71 -225.02 9.77
CA GLY Z 55 -15.13 -224.78 9.87
C GLY Z 55 -15.81 -225.90 10.60
N ASP Z 56 -16.89 -226.40 10.00
CA ASP Z 56 -17.69 -227.44 10.60
C ASP Z 56 -16.96 -228.76 10.63
N GLU Z 57 -16.16 -229.19 9.66
CA GLU Z 57 -15.45 -230.44 9.83
C GLU Z 57 -14.46 -230.39 11.00
N ALA Z 58 -13.97 -229.22 11.38
CA ALA Z 58 -13.13 -229.12 12.54
C ALA Z 58 -13.98 -229.20 13.79
N GLN Z 59 -15.19 -228.68 13.77
CA GLN Z 59 -16.00 -228.73 14.95
C GLN Z 59 -16.45 -230.18 15.14
N SER Z 60 -16.98 -230.81 14.10
CA SER Z 60 -17.48 -232.16 14.20
C SER Z 60 -16.50 -233.23 14.61
N LYS Z 61 -15.27 -233.01 14.20
CA LYS Z 61 -14.25 -233.97 14.49
C LYS Z 61 -13.43 -233.40 15.62
N ARG Z 62 -13.90 -232.55 16.55
CA ARG Z 62 -13.00 -231.92 17.51
C ARG Z 62 -12.23 -232.76 18.50
N GLY Z 63 -12.76 -233.94 18.80
CA GLY Z 63 -12.12 -234.89 19.68
C GLY Z 63 -10.76 -235.37 19.18
N ILE Z 64 -10.39 -235.39 17.89
CA ILE Z 64 -9.06 -235.86 17.52
C ILE Z 64 -8.13 -234.77 17.01
N LEU Z 65 -8.53 -233.51 17.09
CA LEU Z 65 -7.77 -232.37 16.55
C LEU Z 65 -7.51 -231.30 17.59
N THR Z 66 -6.54 -230.40 17.40
CA THR Z 66 -6.36 -229.30 18.32
C THR Z 66 -6.91 -228.12 17.51
N LEU Z 67 -7.99 -227.59 18.09
CA LEU Z 67 -8.74 -226.51 17.50
C LEU Z 67 -8.08 -225.20 17.75
N LYS Z 68 -8.07 -224.31 16.75
CA LYS Z 68 -7.50 -222.97 16.97
C LYS Z 68 -8.32 -221.92 16.28
N TYR Z 69 -8.48 -220.83 17.04
CA TYR Z 69 -9.23 -219.65 16.61
C TYR Z 69 -8.33 -218.52 16.03
N PRO Z 70 -8.18 -218.28 14.70
CA PRO Z 70 -7.34 -217.25 14.09
C PRO Z 70 -7.60 -215.81 14.43
N ILE Z 71 -8.83 -215.52 14.85
CA ILE Z 71 -9.22 -214.17 15.14
C ILE Z 71 -9.56 -214.00 16.63
N GLU Z 72 -8.63 -213.38 17.35
CA GLU Z 72 -8.90 -213.17 18.75
C GLU Z 72 -9.44 -211.78 18.97
N HIS Z 73 -10.71 -211.71 19.42
CA HIS Z 73 -11.35 -210.44 19.68
C HIS Z 73 -11.46 -209.55 18.46
N GLY Z 74 -11.77 -210.17 17.30
CA GLY Z 74 -11.98 -209.41 16.09
C GLY Z 74 -10.71 -209.11 15.32
N ILE Z 75 -9.52 -209.24 15.93
CA ILE Z 75 -8.25 -208.96 15.24
C ILE Z 75 -7.60 -210.25 14.72
N ILE Z 76 -7.02 -210.36 13.51
CA ILE Z 76 -6.40 -211.63 13.05
C ILE Z 76 -5.08 -211.75 13.80
N THR Z 77 -5.01 -212.83 14.58
CA THR Z 77 -3.85 -213.16 15.39
C THR Z 77 -2.96 -214.19 14.71
N ASN Z 78 -3.50 -215.15 13.93
CA ASN Z 78 -2.61 -216.06 13.24
C ASN Z 78 -2.90 -216.06 11.77
N TRP Z 79 -1.91 -215.56 11.00
CA TRP Z 79 -2.03 -215.39 9.57
C TRP Z 79 -1.90 -216.65 8.75
N ASP Z 80 -1.29 -217.72 9.29
CA ASP Z 80 -1.16 -219.03 8.60
C ASP Z 80 -2.52 -219.71 8.61
N ASP Z 81 -3.10 -219.78 9.79
CA ASP Z 81 -4.46 -220.22 9.96
C ASP Z 81 -5.56 -219.36 9.39
N MET Z 82 -5.38 -218.08 9.12
CA MET Z 82 -6.42 -217.27 8.51
C MET Z 82 -6.42 -217.58 7.03
N GLU Z 83 -5.27 -217.62 6.37
CA GLU Z 83 -5.17 -217.92 4.94
C GLU Z 83 -5.82 -219.28 4.67
N LYS Z 84 -5.72 -220.18 5.66
CA LYS Z 84 -6.47 -221.44 5.61
C LYS Z 84 -7.98 -221.20 5.62
N ILE Z 85 -8.58 -220.38 6.52
CA ILE Z 85 -10.02 -220.12 6.48
C ILE Z 85 -10.43 -219.44 5.19
N TRP Z 86 -9.65 -218.50 4.63
CA TRP Z 86 -10.00 -217.87 3.38
C TRP Z 86 -10.01 -218.87 2.26
N HIS Z 87 -8.99 -219.72 2.21
CA HIS Z 87 -8.89 -220.73 1.17
C HIS Z 87 -10.15 -221.60 1.15
N HIS Z 88 -10.53 -222.07 2.34
CA HIS Z 88 -11.73 -222.83 2.50
C HIS Z 88 -12.93 -222.05 2.02
N THR Z 89 -13.02 -220.76 2.28
CA THR Z 89 -14.19 -219.98 1.91
C THR Z 89 -14.34 -219.89 0.43
N PHE Z 90 -13.28 -219.54 -0.27
CA PHE Z 90 -13.38 -219.43 -1.70
C PHE Z 90 -13.58 -220.78 -2.34
N TYR Z 91 -12.68 -221.71 -2.09
CA TYR Z 91 -12.68 -222.91 -2.85
C TYR Z 91 -13.65 -223.95 -2.51
N ASN Z 92 -14.04 -224.06 -1.26
CA ASN Z 92 -14.97 -225.12 -0.88
C ASN Z 92 -16.35 -224.57 -0.59
N GLU Z 93 -16.44 -223.53 0.21
CA GLU Z 93 -17.73 -222.99 0.56
C GLU Z 93 -18.40 -222.31 -0.62
N LEU Z 94 -17.77 -221.31 -1.27
CA LEU Z 94 -18.42 -220.61 -2.36
C LEU Z 94 -18.08 -221.26 -3.70
N ARG Z 95 -17.08 -222.14 -3.71
CA ARG Z 95 -16.61 -222.93 -4.84
C ARG Z 95 -16.21 -222.10 -6.08
N VAL Z 96 -15.81 -220.87 -5.82
CA VAL Z 96 -15.42 -219.96 -6.88
C VAL Z 96 -13.92 -220.00 -7.03
N ALA Z 97 -13.38 -219.55 -8.17
CA ALA Z 97 -11.95 -219.36 -8.26
C ALA Z 97 -11.79 -217.90 -7.86
N PRO Z 98 -10.96 -217.48 -6.92
CA PRO Z 98 -10.80 -216.08 -6.51
C PRO Z 98 -10.19 -215.14 -7.53
N GLU Z 99 -9.32 -215.67 -8.42
CA GLU Z 99 -8.65 -214.81 -9.39
C GLU Z 99 -9.48 -214.16 -10.48
N GLU Z 100 -10.79 -214.38 -10.45
CA GLU Z 100 -11.64 -213.56 -11.30
C GLU Z 100 -12.77 -212.91 -10.50
N HIS Z 101 -12.68 -212.77 -9.16
CA HIS Z 101 -13.74 -212.13 -8.40
C HIS Z 101 -13.31 -210.98 -7.55
N PRO Z 102 -13.86 -209.77 -7.56
CA PRO Z 102 -13.44 -208.69 -6.68
C PRO Z 102 -13.90 -209.15 -5.30
N THR Z 103 -13.15 -208.90 -4.22
CA THR Z 103 -13.45 -209.39 -2.87
C THR Z 103 -13.60 -208.25 -1.86
N LEU Z 104 -14.78 -207.99 -1.24
CA LEU Z 104 -14.89 -206.97 -0.20
C LEU Z 104 -14.77 -207.73 1.08
N LEU Z 105 -13.81 -207.30 1.86
CA LEU Z 105 -13.54 -207.87 3.17
C LEU Z 105 -13.90 -206.94 4.30
N THR Z 106 -13.98 -207.42 5.54
CA THR Z 106 -14.22 -206.49 6.61
C THR Z 106 -13.12 -206.55 7.64
N GLU Z 107 -12.90 -205.45 8.33
CA GLU Z 107 -11.98 -205.47 9.46
C GLU Z 107 -12.67 -204.86 10.69
N ALA Z 108 -12.00 -204.96 11.81
CA ALA Z 108 -12.51 -204.42 13.06
C ALA Z 108 -12.23 -202.95 13.28
N PRO Z 109 -12.97 -202.34 14.20
CA PRO Z 109 -12.82 -200.96 14.57
C PRO Z 109 -11.46 -200.32 14.66
N LEU Z 110 -10.47 -200.73 15.45
CA LEU Z 110 -9.23 -199.98 15.47
C LEU Z 110 -8.16 -200.96 15.01
N ASN Z 111 -8.44 -201.65 13.90
CA ASN Z 111 -7.60 -202.67 13.31
C ASN Z 111 -6.29 -202.00 12.96
N PRO Z 112 -5.19 -202.53 13.47
CA PRO Z 112 -3.86 -202.02 13.23
C PRO Z 112 -3.51 -201.88 11.77
N LYS Z 113 -3.02 -200.70 11.38
CA LYS Z 113 -2.67 -200.34 9.99
C LYS Z 113 -1.96 -201.43 9.18
N ALA Z 114 -1.09 -202.09 9.93
CA ALA Z 114 -0.23 -203.14 9.46
C ALA Z 114 -0.94 -204.42 9.05
N ASN Z 115 -2.08 -204.72 9.70
CA ASN Z 115 -2.94 -205.85 9.40
C ASN Z 115 -3.68 -205.63 8.11
N ARG Z 116 -4.25 -204.39 7.92
CA ARG Z 116 -5.03 -204.05 6.74
C ARG Z 116 -4.08 -204.15 5.57
N GLU Z 117 -2.84 -203.70 5.72
CA GLU Z 117 -1.81 -203.96 4.71
C GLU Z 117 -1.46 -205.46 4.56
N LYS Z 118 -1.45 -206.28 5.63
CA LYS Z 118 -1.11 -207.68 5.50
C LYS Z 118 -2.18 -208.48 4.79
N MET Z 119 -3.46 -208.35 5.12
CA MET Z 119 -4.48 -209.09 4.41
C MET Z 119 -4.63 -208.65 2.96
N THR Z 120 -4.09 -207.48 2.64
CA THR Z 120 -4.10 -207.02 1.28
C THR Z 120 -2.97 -207.71 0.56
N GLN Z 121 -1.81 -207.79 1.21
CA GLN Z 121 -0.65 -208.54 0.73
C GLN Z 121 -1.10 -209.97 0.45
N ILE Z 122 -1.86 -210.65 1.31
CA ILE Z 122 -2.29 -212.03 1.10
C ILE Z 122 -3.41 -212.12 0.09
N MET Z 123 -4.32 -211.15 0.02
CA MET Z 123 -5.38 -211.22 -0.95
C MET Z 123 -4.79 -211.13 -2.33
N PHE Z 124 -4.04 -210.08 -2.62
CA PHE Z 124 -3.45 -209.89 -3.93
C PHE Z 124 -2.29 -210.82 -4.24
N GLU Z 125 -1.36 -211.03 -3.30
CA GLU Z 125 -0.22 -211.86 -3.63
C GLU Z 125 -0.39 -213.35 -3.43
N THR Z 126 -1.25 -213.94 -2.57
CA THR Z 126 -1.34 -215.40 -2.59
C THR Z 126 -2.67 -215.81 -3.20
N PHE Z 127 -3.77 -215.01 -3.22
CA PHE Z 127 -5.01 -215.45 -3.86
C PHE Z 127 -5.28 -214.90 -5.27
N ASN Z 128 -4.52 -213.82 -5.56
CA ASN Z 128 -4.51 -213.18 -6.87
C ASN Z 128 -5.92 -212.73 -7.24
N VAL Z 129 -6.61 -212.04 -6.33
CA VAL Z 129 -7.96 -211.57 -6.65
C VAL Z 129 -7.82 -210.34 -7.59
N PRO Z 130 -8.74 -209.99 -8.53
CA PRO Z 130 -8.59 -208.83 -9.40
C PRO Z 130 -8.49 -207.51 -8.66
N ALA Z 131 -9.38 -207.37 -7.66
CA ALA Z 131 -9.48 -206.18 -6.84
C ALA Z 131 -10.12 -206.53 -5.50
N MET Z 132 -9.86 -205.72 -4.49
CA MET Z 132 -10.42 -205.93 -3.18
C MET Z 132 -10.64 -204.62 -2.46
N TYR Z 133 -11.12 -204.65 -1.20
CA TYR Z 133 -11.55 -203.45 -0.48
C TYR Z 133 -11.77 -203.92 0.94
N VAL Z 134 -11.40 -203.17 1.97
CA VAL Z 134 -11.61 -203.59 3.33
C VAL Z 134 -12.60 -202.58 3.96
N ALA Z 135 -13.85 -202.90 4.31
CA ALA Z 135 -14.74 -201.96 5.02
C ALA Z 135 -14.71 -202.11 6.54
N ILE Z 136 -14.98 -201.13 7.38
CA ILE Z 136 -14.93 -201.33 8.83
C ILE Z 136 -16.29 -201.87 9.17
N GLN Z 137 -16.35 -202.82 10.10
CA GLN Z 137 -17.61 -203.49 10.36
C GLN Z 137 -18.75 -202.63 10.82
N ALA Z 138 -18.67 -201.87 11.93
CA ALA Z 138 -19.77 -200.96 12.32
C ALA Z 138 -20.29 -200.01 11.22
N VAL Z 139 -19.35 -199.64 10.37
CA VAL Z 139 -19.68 -198.76 9.28
C VAL Z 139 -20.59 -199.48 8.29
N LEU Z 140 -20.40 -200.78 8.00
CA LEU Z 140 -21.32 -201.50 7.11
C LEU Z 140 -22.64 -201.78 7.80
N SER Z 141 -22.60 -201.97 9.10
CA SER Z 141 -23.86 -202.19 9.77
C SER Z 141 -24.73 -200.98 9.68
N LEU Z 142 -24.18 -199.78 9.91
CA LEU Z 142 -24.95 -198.54 9.89
C LEU Z 142 -25.66 -198.24 8.57
N TYR Z 143 -24.79 -198.43 7.59
CA TYR Z 143 -25.14 -198.18 6.22
C TYR Z 143 -26.23 -199.13 5.72
N ALA Z 144 -26.17 -200.38 6.13
CA ALA Z 144 -27.21 -201.35 5.84
C ALA Z 144 -28.52 -200.92 6.51
N SER Z 145 -28.53 -200.01 7.50
CA SER Z 145 -29.80 -199.55 8.08
C SER Z 145 -30.20 -198.22 7.46
N GLY Z 146 -29.67 -197.99 6.24
CA GLY Z 146 -29.91 -196.81 5.47
C GLY Z 146 -28.98 -195.67 5.81
N ARG Z 147 -28.70 -195.34 7.08
CA ARG Z 147 -27.99 -194.11 7.39
C ARG Z 147 -26.46 -193.98 7.37
N THR Z 148 -25.99 -192.75 7.62
CA THR Z 148 -24.57 -192.43 7.59
C THR Z 148 -23.97 -191.84 8.83
N THR Z 149 -24.82 -191.40 9.72
CA THR Z 149 -24.41 -190.92 11.02
C THR Z 149 -25.35 -191.67 11.95
N GLY Z 150 -24.69 -192.13 12.99
CA GLY Z 150 -25.29 -192.88 14.07
C GLY Z 150 -24.19 -193.48 14.92
N ILE Z 151 -24.50 -194.27 15.94
CA ILE Z 151 -23.48 -194.95 16.72
C ILE Z 151 -23.92 -196.41 16.70
N VAL Z 152 -23.03 -197.33 16.34
CA VAL Z 152 -23.35 -198.75 16.31
C VAL Z 152 -22.88 -199.44 17.59
N LEU Z 153 -23.77 -200.19 18.27
CA LEU Z 153 -23.31 -201.05 19.34
C LEU Z 153 -23.18 -202.36 18.59
N ASP Z 154 -21.94 -202.82 18.43
CA ASP Z 154 -21.72 -204.04 17.70
C ASP Z 154 -21.19 -205.10 18.62
N SER Z 155 -21.82 -206.30 18.63
CA SER Z 155 -21.56 -207.39 19.58
C SER Z 155 -21.73 -208.79 19.03
N GLY Z 156 -20.62 -209.50 18.94
CA GLY Z 156 -20.71 -210.79 18.32
C GLY Z 156 -20.25 -211.90 19.21
N ASP Z 157 -19.23 -212.60 18.74
CA ASP Z 157 -18.77 -213.70 19.53
C ASP Z 157 -17.61 -213.42 20.43
N GLY Z 158 -16.55 -212.71 20.09
CA GLY Z 158 -15.48 -212.41 21.02
C GLY Z 158 -15.45 -210.92 21.44
N VAL Z 159 -15.95 -209.90 20.69
CA VAL Z 159 -15.90 -208.48 21.08
C VAL Z 159 -17.22 -207.75 20.99
N THR Z 160 -17.32 -206.69 21.83
CA THR Z 160 -18.36 -205.67 21.76
C THR Z 160 -17.71 -204.32 21.49
N HIS Z 161 -18.38 -203.46 20.75
CA HIS Z 161 -17.80 -202.20 20.33
C HIS Z 161 -18.90 -201.21 20.29
N ASN Z 162 -18.49 -199.95 20.33
CA ASN Z 162 -19.36 -198.80 20.09
C ASN Z 162 -18.66 -197.97 19.05
N VAL Z 163 -19.19 -197.78 17.85
CA VAL Z 163 -18.40 -197.03 16.88
C VAL Z 163 -19.28 -195.91 16.42
N PRO Z 164 -19.01 -194.67 16.90
CA PRO Z 164 -19.74 -193.48 16.51
C PRO Z 164 -19.27 -193.16 15.11
N ILE Z 165 -20.20 -193.00 14.14
CA ILE Z 165 -19.85 -192.68 12.75
C ILE Z 165 -20.52 -191.39 12.29
N TYR Z 166 -19.79 -190.47 11.68
CA TYR Z 166 -20.36 -189.20 11.23
C TYR Z 166 -20.12 -189.01 9.74
N GLU Z 167 -21.19 -188.95 8.97
CA GLU Z 167 -21.14 -188.86 7.52
C GLU Z 167 -20.14 -189.80 6.85
N GLY Z 168 -20.08 -190.95 7.53
CA GLY Z 168 -19.37 -192.11 7.08
C GLY Z 168 -18.05 -192.38 7.74
N TYR Z 169 -17.45 -191.38 8.37
CA TYR Z 169 -16.14 -191.55 8.98
C TYR Z 169 -16.31 -191.97 10.42
N ALA Z 170 -15.90 -193.21 10.74
CA ALA Z 170 -15.91 -193.76 12.07
C ALA Z 170 -14.96 -192.93 12.91
N LEU Z 171 -15.36 -192.56 14.12
CA LEU Z 171 -14.61 -191.60 14.93
C LEU Z 171 -13.64 -192.29 15.88
N PRO Z 172 -12.39 -192.48 15.46
CA PRO Z 172 -11.36 -193.20 16.23
C PRO Z 172 -11.26 -193.01 17.74
N HIS Z 173 -11.27 -191.77 18.14
CA HIS Z 173 -11.15 -191.44 19.56
C HIS Z 173 -12.45 -191.63 20.32
N ALA Z 174 -13.53 -192.13 19.79
CA ALA Z 174 -14.73 -192.21 20.60
C ALA Z 174 -15.21 -193.64 20.71
N ILE Z 175 -14.57 -194.53 19.90
CA ILE Z 175 -14.80 -195.99 19.83
C ILE Z 175 -14.44 -196.68 21.15
N MET Z 176 -15.27 -197.60 21.64
CA MET Z 176 -15.05 -198.32 22.90
C MET Z 176 -15.19 -199.79 22.58
N ARG Z 177 -14.34 -200.54 23.21
CA ARG Z 177 -14.30 -201.97 23.06
C ARG Z 177 -14.46 -202.63 24.42
N LEU Z 178 -15.37 -203.59 24.48
CA LEU Z 178 -15.64 -204.30 25.70
C LEU Z 178 -15.47 -205.76 25.31
N ASP Z 179 -14.41 -206.42 25.80
CA ASP Z 179 -14.19 -207.85 25.54
C ASP Z 179 -15.09 -208.80 26.34
N LEU Z 180 -16.43 -208.76 26.16
CA LEU Z 180 -17.34 -209.71 26.74
C LEU Z 180 -18.44 -209.81 25.71
N ALA Z 181 -18.66 -210.99 25.17
CA ALA Z 181 -19.64 -211.17 24.12
C ALA Z 181 -20.35 -212.51 24.22
N GLY Z 182 -20.94 -213.05 23.14
CA GLY Z 182 -21.75 -214.26 23.14
C GLY Z 182 -21.07 -215.53 23.63
N ARG Z 183 -19.74 -215.61 23.46
CA ARG Z 183 -18.87 -216.72 23.87
C ARG Z 183 -18.85 -216.73 25.39
N ASP Z 184 -18.50 -215.59 26.01
CA ASP Z 184 -18.50 -215.37 27.44
C ASP Z 184 -19.87 -215.69 28.02
N LEU Z 185 -20.91 -215.23 27.31
CA LEU Z 185 -22.31 -215.41 27.67
C LEU Z 185 -22.87 -216.83 27.69
N THR Z 186 -22.33 -217.71 26.83
CA THR Z 186 -22.73 -219.10 26.79
C THR Z 186 -22.06 -219.79 27.98
N ASP Z 187 -20.85 -219.37 28.38
CA ASP Z 187 -20.17 -220.05 29.44
C ASP Z 187 -20.72 -219.65 30.78
N TYR Z 188 -21.30 -218.47 30.87
CA TYR Z 188 -21.91 -218.04 32.11
C TYR Z 188 -23.25 -218.76 32.24
N LEU Z 189 -24.01 -218.95 31.17
CA LEU Z 189 -25.29 -219.63 31.27
C LEU Z 189 -25.04 -221.02 31.78
N MET Z 190 -24.00 -221.64 31.20
CA MET Z 190 -23.51 -222.96 31.52
C MET Z 190 -23.43 -223.17 33.03
N LYS Z 191 -22.69 -222.27 33.70
CA LYS Z 191 -22.56 -222.33 35.12
C LYS Z 191 -23.91 -222.02 35.71
N ILE Z 192 -24.70 -220.97 35.46
CA ILE Z 192 -25.98 -220.82 36.17
C ILE Z 192 -27.01 -221.92 35.95
N LEU Z 193 -26.75 -222.77 34.95
CA LEU Z 193 -27.61 -223.87 34.63
C LEU Z 193 -27.09 -225.14 35.31
N THR Z 194 -25.78 -225.33 35.49
CA THR Z 194 -25.29 -226.46 36.28
C THR Z 194 -25.60 -226.19 37.75
N GLU Z 195 -25.52 -224.89 38.09
CA GLU Z 195 -25.82 -224.32 39.39
C GLU Z 195 -27.33 -224.46 39.67
N ARG Z 196 -28.20 -224.55 38.65
CA ARG Z 196 -29.63 -224.87 38.83
C ARG Z 196 -29.79 -226.35 39.20
N GLY Z 197 -28.67 -227.10 39.27
CA GLY Z 197 -28.64 -228.50 39.64
C GLY Z 197 -28.61 -229.33 38.39
N TYR Z 198 -27.60 -229.18 37.51
CA TYR Z 198 -27.54 -229.92 36.26
C TYR Z 198 -26.12 -230.30 35.90
N SER Z 199 -26.05 -231.08 34.79
CA SER Z 199 -24.79 -231.54 34.27
C SER Z 199 -24.72 -231.65 32.75
N PHE Z 200 -23.78 -230.85 32.29
CA PHE Z 200 -23.46 -230.80 30.88
C PHE Z 200 -22.07 -231.42 30.94
N VAL Z 201 -22.28 -232.71 30.76
CA VAL Z 201 -21.19 -233.62 30.95
C VAL Z 201 -20.55 -234.02 29.63
N THR Z 202 -21.25 -234.72 28.72
CA THR Z 202 -20.65 -235.08 27.42
C THR Z 202 -20.66 -233.89 26.48
N THR Z 203 -19.95 -233.96 25.34
CA THR Z 203 -19.85 -232.84 24.42
C THR Z 203 -21.20 -232.53 23.74
N ALA Z 204 -22.11 -233.49 23.71
CA ALA Z 204 -23.47 -233.27 23.22
C ALA Z 204 -24.37 -232.54 24.24
N GLU Z 205 -23.84 -232.32 25.43
CA GLU Z 205 -24.52 -231.58 26.46
C GLU Z 205 -23.92 -230.18 26.37
N ARG Z 206 -22.57 -230.04 26.36
CA ARG Z 206 -21.91 -228.75 26.21
C ARG Z 206 -22.48 -227.84 25.09
N GLU Z 207 -22.50 -228.35 23.84
CA GLU Z 207 -22.83 -227.59 22.65
C GLU Z 207 -24.22 -226.98 22.65
N ILE Z 208 -25.18 -227.75 23.16
CA ILE Z 208 -26.55 -227.33 23.19
C ILE Z 208 -26.90 -226.26 24.25
N VAL Z 209 -26.01 -225.94 25.22
CA VAL Z 209 -26.26 -224.86 26.18
C VAL Z 209 -26.29 -223.57 25.37
N ARG Z 210 -25.49 -223.54 24.30
CA ARG Z 210 -25.44 -222.42 23.39
C ARG Z 210 -26.76 -222.32 22.62
N ASP Z 211 -27.42 -223.43 22.28
CA ASP Z 211 -28.70 -223.40 21.57
C ASP Z 211 -29.85 -223.08 22.50
N ILE Z 212 -29.62 -223.29 23.81
CA ILE Z 212 -30.57 -222.86 24.84
C ILE Z 212 -30.50 -221.34 24.92
N LYS Z 213 -29.29 -220.76 25.13
CA LYS Z 213 -29.01 -219.33 25.12
C LYS Z 213 -29.66 -218.65 23.94
N GLU Z 214 -29.44 -219.12 22.72
CA GLU Z 214 -30.04 -218.51 21.54
C GLU Z 214 -31.57 -218.60 21.57
N LYS Z 215 -32.20 -219.77 21.72
CA LYS Z 215 -33.66 -219.93 21.67
C LYS Z 215 -34.53 -219.34 22.80
N LEU Z 216 -34.11 -219.63 24.04
CA LEU Z 216 -34.86 -219.25 25.21
C LEU Z 216 -34.40 -218.01 25.92
N CYS Z 217 -33.17 -217.49 25.78
CA CYS Z 217 -32.79 -216.25 26.46
C CYS Z 217 -33.37 -214.92 26.00
N TYR Z 218 -33.57 -214.15 27.08
CA TYR Z 218 -34.30 -212.88 27.10
C TYR Z 218 -33.53 -211.74 27.74
N VAL Z 219 -33.82 -210.49 27.37
CA VAL Z 219 -33.29 -209.35 28.11
C VAL Z 219 -34.56 -208.67 28.55
N ALA Z 220 -34.74 -208.85 29.82
CA ALA Z 220 -35.85 -208.18 30.44
C ALA Z 220 -35.49 -206.74 30.80
N LEU Z 221 -36.56 -205.99 30.63
CA LEU Z 221 -36.64 -204.62 31.06
C LEU Z 221 -37.25 -204.78 32.44
N ASP Z 222 -36.60 -204.04 33.36
CA ASP Z 222 -36.87 -204.13 34.79
C ASP Z 222 -36.61 -205.56 35.23
N PHE Z 223 -35.29 -205.79 35.18
CA PHE Z 223 -34.65 -207.06 35.51
C PHE Z 223 -34.72 -207.29 37.01
N GLU Z 224 -35.01 -206.17 37.70
CA GLU Z 224 -35.25 -206.03 39.14
C GLU Z 224 -36.47 -206.83 39.62
N ASN Z 225 -37.63 -206.35 39.14
CA ASN Z 225 -38.90 -206.97 39.43
C ASN Z 225 -39.22 -207.97 38.35
N GLU Z 226 -38.22 -208.77 37.99
CA GLU Z 226 -38.35 -209.90 37.08
C GLU Z 226 -37.85 -211.15 37.82
N MET Z 227 -36.83 -210.89 38.67
CA MET Z 227 -36.33 -211.81 39.67
C MET Z 227 -37.47 -211.96 40.69
N ALA Z 228 -38.02 -210.82 41.17
CA ALA Z 228 -39.17 -210.78 42.07
C ALA Z 228 -40.34 -211.60 41.51
N THR Z 229 -40.60 -211.42 40.22
CA THR Z 229 -41.61 -212.21 39.50
C THR Z 229 -41.29 -213.70 39.52
N ALA Z 230 -39.99 -214.03 39.34
CA ALA Z 230 -39.50 -215.41 39.29
C ALA Z 230 -39.91 -216.21 40.49
N ALA Z 231 -39.79 -215.53 41.66
CA ALA Z 231 -40.11 -216.02 43.00
C ALA Z 231 -41.59 -216.37 43.30
N SER Z 232 -42.52 -215.48 42.90
CA SER Z 232 -43.95 -215.74 42.98
C SER Z 232 -44.33 -216.97 42.13
N SER Z 233 -43.42 -217.25 41.16
CA SER Z 233 -43.45 -218.32 40.17
C SER Z 233 -44.77 -218.47 39.46
N SER Z 234 -44.59 -217.66 38.42
CA SER Z 234 -45.55 -217.53 37.35
C SER Z 234 -45.18 -218.61 36.34
N SER Z 235 -45.97 -218.58 35.26
CA SER Z 235 -45.69 -219.44 34.12
C SER Z 235 -44.64 -218.69 33.26
N LEU Z 236 -43.52 -218.29 33.93
CA LEU Z 236 -42.37 -217.64 33.30
C LEU Z 236 -41.36 -218.72 32.87
N GLU Z 237 -41.32 -219.87 33.60
CA GLU Z 237 -40.44 -221.02 33.32
C GLU Z 237 -40.43 -221.57 31.88
N LYS Z 238 -39.32 -222.21 31.47
CA LYS Z 238 -39.29 -222.76 30.12
C LYS Z 238 -38.40 -223.99 29.98
N SER Z 239 -39.07 -225.12 29.73
CA SER Z 239 -38.36 -226.38 29.51
C SER Z 239 -38.10 -226.73 28.06
N TYR Z 240 -36.81 -227.05 27.85
CA TYR Z 240 -36.21 -227.43 26.59
C TYR Z 240 -35.97 -228.94 26.61
N GLU Z 241 -36.28 -229.70 25.54
CA GLU Z 241 -35.95 -231.14 25.49
C GLU Z 241 -34.59 -231.35 24.83
N LEU Z 242 -33.69 -232.01 25.58
CA LEU Z 242 -32.29 -232.23 25.17
C LEU Z 242 -32.06 -233.11 23.91
N PRO Z 243 -30.86 -233.59 23.43
CA PRO Z 243 -30.74 -234.45 22.23
C PRO Z 243 -31.65 -235.70 22.29
N ASP Z 244 -31.78 -236.16 23.55
CA ASP Z 244 -32.68 -237.23 24.01
C ASP Z 244 -33.91 -236.62 24.76
N GLY Z 245 -34.61 -237.41 25.60
CA GLY Z 245 -35.80 -237.00 26.34
C GLY Z 245 -35.55 -235.93 27.40
N GLN Z 246 -34.54 -236.19 28.24
CA GLN Z 246 -34.06 -235.32 29.33
C GLN Z 246 -34.44 -233.83 29.30
N VAL Z 247 -35.71 -233.64 29.61
CA VAL Z 247 -36.30 -232.31 29.62
C VAL Z 247 -35.75 -231.47 30.76
N ILE Z 248 -34.97 -230.50 30.31
CA ILE Z 248 -34.36 -229.59 31.24
C ILE Z 248 -35.24 -228.35 31.37
N THR Z 249 -35.39 -227.80 32.59
CA THR Z 249 -36.18 -226.59 32.78
C THR Z 249 -35.28 -225.40 33.20
N ILE Z 250 -35.67 -224.27 32.58
CA ILE Z 250 -34.98 -223.00 32.72
C ILE Z 250 -36.11 -222.02 32.86
N GLY Z 251 -36.23 -221.49 34.06
CA GLY Z 251 -37.26 -220.53 34.27
C GLY Z 251 -36.72 -219.13 34.13
N ASN Z 252 -35.99 -218.94 35.22
CA ASN Z 252 -35.43 -217.70 35.69
C ASN Z 252 -34.12 -217.29 34.97
N GLU Z 253 -33.00 -218.06 35.08
CA GLU Z 253 -31.68 -217.85 34.42
C GLU Z 253 -31.63 -217.42 32.96
N ARG Z 254 -32.72 -217.82 32.33
CA ARG Z 254 -33.16 -217.38 31.03
C ARG Z 254 -32.81 -215.89 30.71
N PHE Z 255 -32.98 -214.98 31.69
CA PHE Z 255 -32.66 -213.56 31.57
C PHE Z 255 -31.46 -213.13 32.44
N ARG Z 256 -31.03 -213.98 33.37
CA ARG Z 256 -29.88 -213.68 34.19
C ARG Z 256 -28.61 -213.67 33.34
N CYS Z 257 -28.68 -214.38 32.21
CA CYS Z 257 -27.58 -214.46 31.24
C CYS Z 257 -27.42 -213.12 30.47
N PRO Z 258 -28.38 -212.50 29.75
CA PRO Z 258 -28.19 -211.21 29.11
C PRO Z 258 -28.11 -210.06 30.15
N GLU Z 259 -28.62 -210.14 31.40
CA GLU Z 259 -28.38 -209.12 32.43
C GLU Z 259 -26.85 -209.06 32.58
N THR Z 260 -26.03 -210.05 32.12
CA THR Z 260 -24.58 -209.95 32.20
C THR Z 260 -24.09 -208.81 31.33
N LEU Z 261 -24.67 -208.63 30.13
CA LEU Z 261 -24.30 -207.49 29.29
C LEU Z 261 -24.48 -206.08 29.92
N PHE Z 262 -25.39 -205.87 30.90
CA PHE Z 262 -25.55 -204.58 31.59
C PHE Z 262 -24.78 -204.55 32.91
N GLN Z 263 -24.59 -205.73 33.49
CA GLN Z 263 -23.83 -205.93 34.71
C GLN Z 263 -22.71 -206.94 34.43
N PRO Z 264 -21.49 -206.49 34.13
CA PRO Z 264 -20.32 -207.33 33.88
C PRO Z 264 -19.85 -207.94 35.19
N SER Z 265 -20.31 -207.34 36.32
CA SER Z 265 -20.05 -207.81 37.71
C SER Z 265 -20.55 -209.24 38.03
N PHE Z 266 -21.53 -209.71 37.21
CA PHE Z 266 -22.05 -211.07 37.22
C PHE Z 266 -20.99 -212.07 36.84
N ILE Z 267 -19.95 -211.58 36.17
CA ILE Z 267 -18.89 -212.44 35.71
C ILE Z 267 -17.51 -211.96 36.12
N GLY Z 268 -17.40 -211.27 37.25
CA GLY Z 268 -16.09 -210.85 37.68
C GLY Z 268 -15.43 -209.88 36.74
N MET Z 269 -16.26 -209.20 35.94
CA MET Z 269 -15.73 -208.11 35.15
C MET Z 269 -15.99 -206.81 35.87
N GLU Z 270 -14.92 -205.99 35.94
CA GLU Z 270 -14.96 -204.65 36.54
C GLU Z 270 -15.26 -203.50 35.56
N SER Z 271 -15.26 -203.79 34.25
CA SER Z 271 -15.60 -202.86 33.20
C SER Z 271 -17.05 -202.42 33.32
N ALA Z 272 -17.34 -201.29 32.66
CA ALA Z 272 -18.70 -200.76 32.61
C ALA Z 272 -19.57 -201.59 31.65
N GLY Z 273 -20.88 -201.39 31.58
CA GLY Z 273 -21.69 -202.23 30.70
C GLY Z 273 -22.21 -201.50 29.48
N ILE Z 274 -22.63 -202.29 28.48
CA ILE Z 274 -23.21 -201.86 27.21
C ILE Z 274 -23.85 -200.47 27.13
N HIS Z 275 -24.81 -200.16 28.00
CA HIS Z 275 -25.54 -198.89 27.98
C HIS Z 275 -24.75 -197.69 28.46
N GLU Z 276 -23.92 -197.90 29.46
CA GLU Z 276 -23.07 -196.86 29.96
C GLU Z 276 -22.04 -196.59 28.95
N THR Z 277 -21.58 -197.63 28.29
CA THR Z 277 -20.53 -197.51 27.31
C THR Z 277 -21.09 -196.81 26.08
N THR Z 278 -22.33 -197.06 25.65
CA THR Z 278 -22.98 -196.33 24.56
C THR Z 278 -22.90 -194.81 24.79
N TYR Z 279 -23.23 -194.53 26.05
CA TYR Z 279 -23.28 -193.20 26.56
C TYR Z 279 -21.90 -192.64 26.62
N ASN Z 280 -20.91 -193.33 27.17
CA ASN Z 280 -19.62 -192.69 27.35
C ASN Z 280 -18.97 -192.34 26.03
N SER Z 281 -19.25 -193.17 25.00
CA SER Z 281 -18.75 -192.99 23.64
C SER Z 281 -19.25 -191.64 23.20
N ILE Z 282 -20.54 -191.46 23.51
CA ILE Z 282 -21.30 -190.27 23.14
C ILE Z 282 -20.79 -189.10 23.92
N MET Z 283 -20.54 -189.07 25.24
CA MET Z 283 -19.99 -187.84 25.80
C MET Z 283 -18.47 -187.65 25.55
N LYS Z 284 -17.87 -188.48 24.66
CA LYS Z 284 -16.50 -188.35 24.12
C LYS Z 284 -16.43 -187.73 22.72
N CYS Z 285 -17.61 -187.53 22.11
CA CYS Z 285 -17.75 -186.98 20.78
C CYS Z 285 -18.02 -185.50 20.78
N ASP Z 286 -17.95 -184.83 19.63
CA ASP Z 286 -18.30 -183.43 19.57
C ASP Z 286 -19.76 -183.31 19.97
N ILE Z 287 -19.96 -182.18 20.64
CA ILE Z 287 -21.22 -181.65 21.25
C ILE Z 287 -22.43 -181.45 20.31
N ASP Z 288 -22.08 -180.85 19.16
CA ASP Z 288 -23.03 -180.59 18.12
C ASP Z 288 -23.45 -181.91 17.51
N ILE Z 289 -22.63 -183.00 17.52
CA ILE Z 289 -23.08 -184.25 16.89
C ILE Z 289 -23.80 -185.16 17.85
N ARG Z 290 -23.78 -184.89 19.15
CA ARG Z 290 -24.44 -185.75 20.10
C ARG Z 290 -25.95 -185.81 19.87
N LYS Z 291 -26.76 -184.87 19.33
CA LYS Z 291 -28.18 -185.23 19.17
C LYS Z 291 -28.37 -186.32 18.11
N ASP Z 292 -27.45 -186.37 17.11
CA ASP Z 292 -27.52 -187.29 16.00
C ASP Z 292 -27.28 -188.71 16.44
N LEU Z 293 -26.15 -188.92 17.11
CA LEU Z 293 -25.83 -190.19 17.66
C LEU Z 293 -26.94 -190.73 18.55
N TYR Z 294 -27.56 -189.86 19.37
CA TYR Z 294 -28.61 -190.34 20.26
C TYR Z 294 -29.85 -190.82 19.56
N ALA Z 295 -30.19 -190.23 18.44
CA ALA Z 295 -31.38 -190.70 17.76
C ALA Z 295 -31.04 -191.82 16.78
N ASN Z 296 -29.81 -192.36 16.84
CA ASN Z 296 -29.40 -193.36 15.88
C ASN Z 296 -28.43 -194.36 16.44
N ASN Z 297 -28.94 -195.11 17.41
CA ASN Z 297 -28.20 -196.18 18.05
C ASN Z 297 -28.58 -197.41 17.26
N VAL Z 298 -27.72 -197.84 16.38
CA VAL Z 298 -28.02 -198.96 15.54
C VAL Z 298 -27.32 -200.11 16.23
N MET Z 299 -28.07 -201.21 16.31
CA MET Z 299 -27.52 -202.41 16.87
C MET Z 299 -27.20 -203.47 15.82
N SER Z 300 -26.05 -204.10 15.96
CA SER Z 300 -25.79 -205.23 15.10
C SER Z 300 -24.98 -206.27 15.86
N GLY Z 301 -25.05 -207.52 15.37
CA GLY Z 301 -24.31 -208.61 15.96
C GLY Z 301 -25.17 -209.71 16.61
N GLY Z 302 -24.69 -210.96 16.53
CA GLY Z 302 -25.42 -212.09 17.07
C GLY Z 302 -25.84 -211.89 18.51
N THR Z 303 -25.00 -211.35 19.38
CA THR Z 303 -25.35 -211.23 20.76
C THR Z 303 -26.33 -210.10 21.01
N THR Z 304 -26.68 -209.22 20.06
CA THR Z 304 -27.68 -208.17 20.32
C THR Z 304 -29.07 -208.63 19.92
N MET Z 305 -29.21 -209.92 19.64
CA MET Z 305 -30.47 -210.50 19.16
C MET Z 305 -31.40 -210.93 20.30
N TYR Z 306 -30.90 -211.05 21.56
CA TYR Z 306 -31.71 -211.40 22.73
C TYR Z 306 -32.97 -210.55 22.75
N PRO Z 307 -34.23 -211.00 22.60
CA PRO Z 307 -35.41 -210.13 22.64
C PRO Z 307 -35.42 -209.17 23.85
N GLY Z 308 -35.93 -207.95 23.63
CA GLY Z 308 -36.09 -206.94 24.67
C GLY Z 308 -34.80 -206.22 25.06
N ILE Z 309 -33.83 -206.36 24.16
CA ILE Z 309 -32.51 -205.76 24.31
C ILE Z 309 -32.57 -204.29 24.01
N ALA Z 310 -33.41 -204.02 23.01
CA ALA Z 310 -33.63 -202.69 22.50
C ALA Z 310 -34.42 -201.91 23.54
N ASP Z 311 -35.54 -202.43 24.13
CA ASP Z 311 -36.34 -201.74 25.14
C ASP Z 311 -35.52 -201.41 26.38
N ARG Z 312 -34.72 -202.37 26.88
CA ARG Z 312 -33.83 -202.15 28.01
C ARG Z 312 -32.86 -201.06 27.60
N MET Z 313 -32.24 -201.06 26.41
CA MET Z 313 -31.28 -200.03 26.02
C MET Z 313 -31.87 -198.65 25.85
N GLN Z 314 -33.13 -198.67 25.42
CA GLN Z 314 -33.97 -197.50 25.19
C GLN Z 314 -34.12 -196.72 26.45
N LYS Z 315 -34.52 -197.47 27.47
CA LYS Z 315 -34.69 -196.92 28.80
C LYS Z 315 -33.41 -196.76 29.55
N GLU Z 316 -32.39 -197.49 29.15
CA GLU Z 316 -31.14 -197.36 29.84
C GLU Z 316 -30.48 -196.04 29.48
N ILE Z 317 -30.51 -195.65 28.19
CA ILE Z 317 -29.87 -194.40 27.86
C ILE Z 317 -30.82 -193.23 27.99
N THR Z 318 -32.16 -193.32 27.90
CA THR Z 318 -33.03 -192.17 28.12
C THR Z 318 -32.73 -191.56 29.49
N ALA Z 319 -32.70 -192.47 30.44
CA ALA Z 319 -32.41 -192.12 31.81
C ALA Z 319 -30.95 -191.77 32.14
N LEU Z 320 -30.06 -191.62 31.14
CA LEU Z 320 -28.72 -191.11 31.38
C LEU Z 320 -28.46 -189.86 30.56
N ALA Z 321 -29.24 -189.76 29.49
CA ALA Z 321 -29.18 -188.65 28.55
C ALA Z 321 -29.97 -187.42 29.02
N PRO Z 322 -29.57 -186.18 28.68
CA PRO Z 322 -30.27 -184.94 29.09
C PRO Z 322 -31.71 -184.97 28.55
N SER Z 323 -32.81 -184.74 29.30
CA SER Z 323 -34.19 -184.87 28.78
C SER Z 323 -34.65 -184.14 27.51
N THR Z 324 -33.84 -183.14 27.16
CA THR Z 324 -34.00 -182.36 25.95
C THR Z 324 -33.70 -183.22 24.70
N MET Z 325 -33.21 -184.44 24.92
CA MET Z 325 -32.74 -185.31 23.87
C MET Z 325 -33.74 -186.35 23.44
N LYS Z 326 -33.60 -186.67 22.17
CA LYS Z 326 -34.34 -187.75 21.58
C LYS Z 326 -33.41 -188.96 21.53
N ILE Z 327 -33.89 -190.05 22.11
CA ILE Z 327 -33.19 -191.33 22.15
C ILE Z 327 -33.80 -192.15 21.00
N LYS Z 328 -33.05 -193.01 20.30
CA LYS Z 328 -33.67 -193.93 19.35
C LYS Z 328 -32.76 -195.09 19.03
N ILE Z 329 -33.21 -196.27 19.54
CA ILE Z 329 -32.48 -197.54 19.43
C ILE Z 329 -33.04 -198.39 18.29
N ILE Z 330 -32.33 -198.38 17.15
CA ILE Z 330 -32.71 -199.17 16.00
C ILE Z 330 -32.00 -200.53 16.16
N ALA Z 331 -32.82 -201.58 16.08
CA ALA Z 331 -32.40 -202.98 16.14
C ALA Z 331 -33.15 -203.72 15.04
N PRO Z 332 -32.65 -203.87 13.81
CA PRO Z 332 -33.35 -204.59 12.76
C PRO Z 332 -33.35 -206.10 13.01
N PRO Z 333 -34.24 -206.86 12.34
CA PRO Z 333 -34.38 -208.30 12.47
C PRO Z 333 -33.22 -209.07 11.87
N GLU Z 334 -32.68 -208.61 10.73
CA GLU Z 334 -31.60 -209.35 10.16
C GLU Z 334 -30.32 -209.01 10.88
N ARG Z 335 -30.27 -208.23 11.97
CA ARG Z 335 -29.01 -207.83 12.61
C ARG Z 335 -27.83 -208.79 12.82
N LYS Z 336 -28.05 -210.11 12.93
CA LYS Z 336 -26.93 -211.03 12.98
C LYS Z 336 -26.15 -210.99 11.65
N TYR Z 337 -26.67 -210.47 10.53
CA TYR Z 337 -25.91 -210.25 9.29
C TYR Z 337 -25.85 -208.76 8.84
N SER Z 338 -26.08 -207.73 9.68
CA SER Z 338 -26.06 -206.32 9.24
C SER Z 338 -24.83 -205.93 8.48
N VAL Z 339 -23.71 -206.25 9.14
CA VAL Z 339 -22.38 -206.06 8.63
C VAL Z 339 -22.30 -206.60 7.22
N TRP Z 340 -22.74 -207.86 7.01
CA TRP Z 340 -22.56 -208.52 5.73
C TRP Z 340 -23.43 -207.86 4.67
N ILE Z 341 -24.66 -207.53 5.07
CA ILE Z 341 -25.67 -207.04 4.18
C ILE Z 341 -25.22 -205.67 3.73
N GLY Z 342 -24.64 -204.87 4.64
CA GLY Z 342 -24.13 -203.54 4.33
C GLY Z 342 -23.02 -203.63 3.29
N GLY Z 343 -22.25 -204.73 3.31
CA GLY Z 343 -21.19 -204.95 2.37
C GLY Z 343 -21.76 -205.37 1.03
N SER Z 344 -22.82 -206.20 1.04
CA SER Z 344 -23.47 -206.67 -0.16
C SER Z 344 -24.06 -205.53 -0.97
N ILE Z 345 -24.67 -204.60 -0.23
CA ILE Z 345 -25.29 -203.42 -0.81
C ILE Z 345 -24.21 -202.56 -1.45
N LEU Z 346 -23.28 -202.15 -0.61
CA LEU Z 346 -22.19 -201.28 -0.99
C LEU Z 346 -21.42 -201.84 -2.17
N ALA Z 347 -21.07 -203.12 -2.12
CA ALA Z 347 -20.20 -203.66 -3.16
C ALA Z 347 -20.98 -203.91 -4.42
N SER Z 348 -22.30 -204.08 -4.37
CA SER Z 348 -23.04 -204.26 -5.61
C SER Z 348 -23.41 -202.90 -6.23
N LEU Z 349 -23.29 -201.85 -5.41
CA LEU Z 349 -23.54 -200.47 -5.83
C LEU Z 349 -22.70 -200.00 -7.01
N SER Z 350 -23.53 -199.24 -7.70
CA SER Z 350 -23.24 -198.49 -8.91
C SER Z 350 -22.08 -197.53 -8.69
N THR Z 351 -21.92 -196.89 -7.53
CA THR Z 351 -20.82 -195.96 -7.32
C THR Z 351 -19.54 -196.45 -6.68
N PHE Z 352 -19.54 -197.73 -6.30
CA PHE Z 352 -18.43 -198.28 -5.55
C PHE Z 352 -17.24 -198.73 -6.38
N GLN Z 353 -17.56 -198.85 -7.67
CA GLN Z 353 -16.60 -199.36 -8.61
C GLN Z 353 -15.32 -198.57 -8.57
N GLN Z 354 -15.43 -197.25 -8.47
CA GLN Z 354 -14.26 -196.41 -8.39
C GLN Z 354 -13.52 -196.43 -7.04
N MET Z 355 -13.94 -197.18 -5.99
CA MET Z 355 -13.09 -197.37 -4.80
C MET Z 355 -12.42 -198.75 -4.69
N TRP Z 356 -12.77 -199.74 -5.54
CA TRP Z 356 -12.07 -201.01 -5.55
C TRP Z 356 -10.56 -200.93 -5.68
N ILE Z 357 -9.68 -201.46 -4.78
CA ILE Z 357 -8.23 -201.41 -5.04
C ILE Z 357 -7.87 -202.49 -6.06
N THR Z 358 -7.38 -202.10 -7.25
CA THR Z 358 -7.08 -203.09 -8.28
C THR Z 358 -5.63 -203.51 -8.21
N LYS Z 359 -5.30 -204.71 -8.72
CA LYS Z 359 -3.90 -205.14 -8.84
C LYS Z 359 -3.01 -204.10 -9.52
N GLN Z 360 -3.59 -203.23 -10.37
CA GLN Z 360 -2.87 -202.13 -11.02
C GLN Z 360 -2.48 -201.25 -9.84
N GLU Z 361 -3.42 -200.67 -9.06
CA GLU Z 361 -3.05 -199.88 -7.89
C GLU Z 361 -2.00 -200.56 -7.00
N TYR Z 362 -2.21 -201.84 -6.68
CA TYR Z 362 -1.30 -202.53 -5.81
C TYR Z 362 0.08 -202.73 -6.40
N ASP Z 363 0.23 -203.41 -7.54
CA ASP Z 363 1.55 -203.68 -8.13
C ASP Z 363 2.35 -202.40 -8.30
N GLU Z 364 1.62 -201.28 -8.39
CA GLU Z 364 2.25 -199.97 -8.49
C GLU Z 364 2.44 -199.19 -7.20
N ALA Z 365 1.59 -199.33 -6.15
CA ALA Z 365 1.72 -198.51 -4.92
C ALA Z 365 2.14 -199.17 -3.59
N GLY Z 366 2.18 -200.52 -3.61
CA GLY Z 366 2.48 -201.35 -2.45
C GLY Z 366 1.25 -201.41 -1.53
N PRO Z 367 1.22 -202.20 -0.45
CA PRO Z 367 0.03 -202.42 0.39
C PRO Z 367 -0.59 -201.16 1.00
N SER Z 368 0.28 -200.15 1.03
CA SER Z 368 -0.02 -198.80 1.43
C SER Z 368 -1.26 -198.27 0.74
N ILE Z 369 -1.39 -198.54 -0.57
CA ILE Z 369 -2.51 -198.11 -1.41
C ILE Z 369 -3.91 -198.27 -0.81
N VAL Z 370 -4.24 -199.47 -0.33
CA VAL Z 370 -5.56 -199.78 0.23
C VAL Z 370 -5.66 -199.34 1.69
N HIS Z 371 -4.49 -199.22 2.32
CA HIS Z 371 -4.48 -198.89 3.71
C HIS Z 371 -5.19 -197.57 4.03
N ARG Z 372 -5.20 -196.62 3.07
CA ARG Z 372 -5.80 -195.30 3.18
C ARG Z 372 -4.99 -194.53 4.27
N ASP AA 1 9.56 -169.24 66.70
CA ASP AA 1 9.40 -170.71 66.55
C ASP AA 1 7.93 -171.14 66.63
N GLU AA 2 7.25 -170.46 67.54
CA GLU AA 2 5.81 -170.54 67.81
C GLU AA 2 5.02 -170.99 66.60
N ASP AA 3 5.34 -170.28 65.51
CA ASP AA 3 4.85 -170.69 64.24
C ASP AA 3 5.97 -170.78 63.19
N GLU AA 4 7.26 -170.46 63.46
CA GLU AA 4 8.36 -170.60 62.49
C GLU AA 4 8.47 -172.07 62.05
N THR AA 5 8.34 -172.95 63.07
CA THR AA 5 8.34 -174.41 62.90
C THR AA 5 7.03 -175.00 62.38
N THR AA 6 6.05 -174.34 63.01
CA THR AA 6 4.63 -174.59 63.06
C THR AA 6 3.81 -174.31 61.82
N ALA AA 7 4.27 -173.57 60.79
CA ALA AA 7 3.44 -173.34 59.61
C ALA AA 7 3.40 -174.57 58.73
N LEU AA 8 2.21 -174.95 58.29
CA LEU AA 8 2.01 -176.13 57.45
C LEU AA 8 1.83 -175.68 56.00
N VAL AA 9 2.18 -176.49 54.99
CA VAL AA 9 1.93 -176.07 53.63
C VAL AA 9 1.32 -177.25 52.96
N CYS AA 10 0.08 -177.04 52.50
CA CYS AA 10 -0.66 -178.11 51.89
C CYS AA 10 -1.03 -177.71 50.50
N ASP AA 11 -0.45 -178.40 49.51
CA ASP AA 11 -0.81 -178.19 48.13
C ASP AA 11 -1.74 -179.30 47.57
N ASN AA 12 -3.00 -178.94 47.36
CA ASN AA 12 -4.06 -179.83 46.95
C ASN AA 12 -4.08 -179.93 45.45
N GLY AA 13 -3.89 -181.15 44.91
CA GLY AA 13 -3.91 -181.36 43.48
C GLY AA 13 -5.02 -182.28 43.07
N SER AA 14 -5.06 -182.36 41.75
CA SER AA 14 -5.99 -183.24 41.10
C SER AA 14 -5.55 -184.68 41.24
N GLY AA 15 -4.26 -184.99 41.31
CA GLY AA 15 -3.79 -186.37 41.39
C GLY AA 15 -3.15 -186.58 42.73
N LEU AA 16 -2.25 -185.68 43.17
CA LEU AA 16 -1.50 -185.77 44.41
C LEU AA 16 -1.68 -184.64 45.42
N VAL AA 17 -1.54 -184.90 46.74
CA VAL AA 17 -1.49 -183.86 47.73
C VAL AA 17 -0.01 -183.73 48.03
N LYS AA 18 0.56 -182.55 48.22
CA LYS AA 18 1.93 -182.39 48.66
C LYS AA 18 1.84 -181.64 49.99
N ALA AA 19 2.46 -182.08 51.07
CA ALA AA 19 2.25 -181.47 52.37
C ALA AA 19 3.51 -181.54 53.22
N GLY AA 20 3.57 -180.82 54.31
CA GLY AA 20 4.83 -180.73 55.04
C GLY AA 20 4.87 -179.44 55.81
N PHE AA 21 6.06 -179.15 56.35
CA PHE AA 21 6.23 -177.97 57.20
C PHE AA 21 6.99 -176.90 56.46
N ALA AA 22 6.53 -175.65 56.60
CA ALA AA 22 7.19 -174.49 56.02
C ALA AA 22 8.54 -174.53 56.68
N GLY AA 23 9.55 -174.39 55.86
CA GLY AA 23 10.90 -174.58 56.35
C GLY AA 23 11.50 -175.72 55.58
N ASP AA 24 10.89 -176.89 55.49
CA ASP AA 24 11.46 -178.01 54.76
C ASP AA 24 11.71 -177.69 53.30
N ASP AA 25 12.57 -178.51 52.66
CA ASP AA 25 12.97 -178.27 51.27
C ASP AA 25 12.08 -178.92 50.21
N ALA AA 26 11.32 -179.93 50.71
CA ALA AA 26 10.44 -180.76 49.92
C ALA AA 26 9.30 -181.27 50.79
N PRO AA 27 8.15 -181.67 50.20
CA PRO AA 27 7.00 -182.18 50.96
C PRO AA 27 7.28 -183.42 51.80
N ARG AA 28 6.85 -183.33 53.03
CA ARG AA 28 6.93 -184.45 53.95
C ARG AA 28 5.93 -185.52 53.53
N ALA AA 29 4.85 -185.11 52.86
CA ALA AA 29 3.82 -186.06 52.52
C ALA AA 29 3.30 -185.84 51.12
N VAL AA 30 3.27 -186.93 50.35
CA VAL AA 30 2.83 -186.91 48.97
C VAL AA 30 1.99 -188.17 48.81
N PHE AA 31 0.75 -188.05 48.33
CA PHE AA 31 -0.13 -189.20 48.25
C PHE AA 31 -1.30 -188.97 47.38
N PRO AA 32 -1.96 -189.96 46.75
CA PRO AA 32 -3.12 -189.70 45.92
C PRO AA 32 -4.30 -189.05 46.64
N SER AA 33 -4.96 -188.30 45.79
CA SER AA 33 -6.06 -187.47 46.12
C SER AA 33 -7.30 -188.28 45.83
N ILE AA 34 -7.46 -189.42 46.50
CA ILE AA 34 -8.64 -190.25 46.41
C ILE AA 34 -9.29 -190.52 47.74
N VAL AA 35 -10.53 -190.97 47.76
CA VAL AA 35 -11.28 -191.29 48.93
C VAL AA 35 -12.06 -192.47 48.44
N GLY AA 36 -11.78 -193.61 49.03
CA GLY AA 36 -12.38 -194.86 48.68
C GLY AA 36 -13.45 -195.18 49.66
N ARG AA 37 -14.52 -195.74 49.10
CA ARG AA 37 -15.71 -196.08 49.86
C ARG AA 37 -15.97 -197.58 49.60
N PRO AA 38 -15.88 -198.51 50.54
CA PRO AA 38 -16.07 -199.95 50.28
C PRO AA 38 -17.38 -200.37 49.67
N ARG AA 39 -17.25 -201.03 48.52
CA ARG AA 39 -18.39 -201.63 47.86
C ARG AA 39 -19.07 -202.75 48.64
N HIS AA 40 -18.44 -203.41 49.67
CA HIS AA 40 -19.08 -204.52 50.41
C HIS AA 40 -18.86 -204.54 51.89
N GLN AA 41 -19.69 -205.21 52.69
CA GLN AA 41 -19.38 -205.22 54.09
C GLN AA 41 -18.44 -206.36 54.47
N GLY AA 42 -17.46 -206.02 55.31
CA GLY AA 42 -16.42 -206.92 55.71
C GLY AA 42 -15.24 -206.20 56.29
N VAL AA 43 -14.20 -206.92 56.71
CA VAL AA 43 -13.01 -206.36 57.33
C VAL AA 43 -11.65 -206.94 56.90
N MET AA 44 -10.56 -206.21 57.19
CA MET AA 44 -9.23 -206.78 57.00
C MET AA 44 -8.98 -207.46 58.34
N VAL AA 45 -8.09 -208.45 58.36
CA VAL AA 45 -7.73 -209.14 59.55
C VAL AA 45 -7.09 -208.22 60.60
N GLY AA 46 -7.78 -208.05 61.71
CA GLY AA 46 -7.24 -207.32 62.82
C GLY AA 46 -7.75 -205.90 62.87
N MET AA 47 -8.33 -205.43 61.78
CA MET AA 47 -8.92 -204.13 61.80
C MET AA 47 -10.41 -204.21 62.00
N GLY AA 48 -10.99 -203.04 62.29
CA GLY AA 48 -12.43 -202.86 62.35
C GLY AA 48 -12.94 -202.42 60.97
N GLN AA 49 -14.28 -202.39 60.93
CA GLN AA 49 -15.01 -201.86 59.80
C GLN AA 49 -14.63 -200.40 59.57
N LYS AA 50 -14.32 -200.09 58.34
CA LYS AA 50 -13.82 -198.81 57.99
C LYS AA 50 -14.84 -198.34 56.98
N ASP AA 51 -15.21 -197.10 57.24
CA ASP AA 51 -16.20 -196.45 56.39
C ASP AA 51 -15.58 -195.86 55.14
N SER AA 52 -14.27 -195.59 55.20
CA SER AA 52 -13.67 -194.82 54.17
C SER AA 52 -12.18 -195.05 54.10
N TYR AA 53 -11.56 -194.77 53.00
CA TYR AA 53 -10.15 -194.99 52.87
C TYR AA 53 -9.58 -193.79 52.14
N VAL AA 54 -8.35 -193.33 52.35
CA VAL AA 54 -7.84 -192.13 51.68
C VAL AA 54 -6.38 -192.37 51.28
N GLY AA 55 -6.00 -191.81 50.13
CA GLY AA 55 -4.63 -191.84 49.68
C GLY AA 55 -4.24 -193.20 49.19
N ASP AA 56 -3.10 -193.67 49.68
CA ASP AA 56 -2.58 -194.95 49.24
C ASP AA 56 -3.39 -196.10 49.75
N GLU AA 57 -3.98 -196.14 50.95
CA GLU AA 57 -4.82 -197.25 51.28
C GLU AA 57 -6.04 -197.38 50.38
N ALA AA 58 -6.50 -196.28 49.78
CA ALA AA 58 -7.58 -196.36 48.84
C ALA AA 58 -7.06 -196.89 47.52
N GLN AA 59 -5.84 -196.57 47.15
CA GLN AA 59 -5.34 -197.05 45.90
C GLN AA 59 -5.08 -198.54 46.03
N SER AA 60 -4.38 -198.95 47.07
CA SER AA 60 -4.04 -200.34 47.27
C SER AA 60 -5.19 -201.32 47.40
N LYS AA 61 -6.26 -200.82 47.97
CA LYS AA 61 -7.40 -201.65 48.18
C LYS AA 61 -8.41 -201.28 47.13
N ARG AA 62 -8.09 -200.79 45.91
CA ARG AA 62 -9.14 -200.30 45.02
C ARG AA 62 -10.20 -201.24 44.49
N GLY AA 63 -9.85 -202.53 44.44
CA GLY AA 63 -10.77 -203.56 44.02
C GLY AA 63 -12.00 -203.68 44.91
N ILE AA 64 -12.05 -203.32 46.19
CA ILE AA 64 -13.30 -203.47 46.95
C ILE AA 64 -13.99 -202.15 47.30
N LEU AA 65 -13.50 -201.03 46.78
CA LEU AA 65 -14.00 -199.69 47.11
C LEU AA 65 -14.41 -198.90 45.88
N THR AA 66 -15.23 -197.85 45.99
CA THR AA 66 -15.51 -197.01 44.85
C THR AA 66 -14.69 -195.76 45.17
N LEU AA 67 -13.74 -195.56 44.25
CA LEU AA 67 -12.77 -194.50 44.34
C LEU AA 67 -13.36 -193.22 43.86
N LYS AA 68 -13.04 -192.10 44.55
CA LYS AA 68 -13.53 -190.80 44.07
C LYS AA 68 -12.49 -189.73 44.24
N TYR AA 69 -12.41 -188.92 43.19
CA TYR AA 69 -11.48 -187.79 43.10
C TYR AA 69 -12.12 -186.43 43.50
N PRO AA 70 -11.92 -185.84 44.71
CA PRO AA 70 -12.50 -184.56 45.15
C PRO AA 70 -12.20 -183.32 44.36
N ILE AA 71 -11.09 -183.34 43.63
CA ILE AA 71 -10.66 -182.19 42.89
C ILE AA 71 -10.67 -182.46 41.39
N GLU AA 72 -11.67 -181.92 40.71
CA GLU AA 72 -11.73 -182.12 39.30
C GLU AA 72 -11.14 -180.94 38.58
N HIS AA 73 -10.01 -181.18 37.89
CA HIS AA 73 -9.34 -180.13 37.14
C HIS AA 73 -8.86 -178.98 38.02
N GLY AA 74 -8.34 -179.32 39.19
CA GLY AA 74 -7.78 -178.31 40.08
C GLY AA 74 -8.80 -177.64 40.97
N ILE AA 75 -10.11 -177.75 40.68
CA ILE AA 75 -11.16 -177.10 41.51
C ILE AA 75 -11.77 -178.10 42.49
N ILE AA 76 -12.06 -177.79 43.78
CA ILE AA 76 -12.67 -178.79 44.69
C ILE AA 76 -14.14 -178.91 44.29
N THR AA 77 -14.48 -180.13 43.89
CA THR AA 77 -15.82 -180.48 43.47
C THR AA 77 -16.61 -181.15 44.58
N ASN AA 78 -15.98 -181.94 45.47
CA ASN AA 78 -16.77 -182.50 46.56
C ASN AA 78 -16.15 -182.16 47.89
N TRP AA 79 -16.88 -181.32 48.64
CA TRP AA 79 -16.40 -180.80 49.92
C TRP AA 79 -16.45 -181.78 51.07
N ASP AA 80 -17.25 -182.85 51.01
CA ASP AA 80 -17.33 -183.90 52.05
C ASP AA 80 -16.08 -184.76 51.97
N ASP AA 81 -15.81 -185.22 50.76
CA ASP AA 81 -14.57 -185.89 50.45
C ASP AA 81 -13.30 -185.09 50.52
N MET AA 82 -13.30 -183.76 50.43
CA MET AA 82 -12.06 -182.99 50.56
C MET AA 82 -11.74 -182.90 52.04
N GLU AA 83 -12.71 -182.59 52.90
CA GLU AA 83 -12.48 -182.50 54.34
C GLU AA 83 -11.92 -183.81 54.86
N LYS AA 84 -12.33 -184.92 54.20
CA LYS AA 84 -11.71 -186.22 54.46
C LYS AA 84 -10.22 -186.22 54.08
N ILE AA 85 -9.79 -185.77 52.88
CA ILE AA 85 -8.36 -185.72 52.55
C ILE AA 85 -7.60 -184.81 53.49
N TRP AA 86 -8.14 -183.64 53.88
CA TRP AA 86 -7.44 -182.77 54.82
C TRP AA 86 -7.25 -183.43 56.15
N HIS AA 87 -8.32 -184.07 56.65
CA HIS AA 87 -8.25 -184.75 57.93
C HIS AA 87 -7.10 -185.76 57.95
N HIS AA 88 -7.06 -186.58 56.89
CA HIS AA 88 -5.99 -187.54 56.70
C HIS AA 88 -4.65 -186.84 56.69
N THR AA 89 -4.51 -185.70 56.05
CA THR AA 89 -3.23 -185.03 55.95
C THR AA 89 -2.72 -184.58 57.27
N PHE AA 90 -3.56 -183.90 58.04
CA PHE AA 90 -3.11 -183.45 59.33
C PHE AA 90 -2.88 -184.60 60.27
N TYR AA 91 -3.90 -185.41 60.49
CA TYR AA 91 -3.81 -186.36 61.55
C TYR AA 91 -3.04 -187.59 61.34
N ASN AA 92 -2.98 -188.08 60.11
CA ASN AA 92 -2.27 -189.33 59.88
C ASN AA 92 -0.95 -189.09 59.17
N GLU AA 93 -0.97 -188.32 58.09
CA GLU AA 93 0.25 -188.09 57.36
C GLU AA 93 1.24 -187.24 58.12
N LEU AA 94 0.87 -186.03 58.58
CA LEU AA 94 1.83 -185.17 59.26
C LEU AA 94 1.75 -185.37 60.77
N ARG AA 95 0.70 -186.07 61.24
CA ARG AA 95 0.44 -186.46 62.62
C ARG AA 95 0.43 -185.28 63.62
N VAL AA 96 0.10 -184.11 63.11
CA VAL AA 96 0.05 -182.91 63.91
C VAL AA 96 -1.37 -182.68 64.37
N ALA AA 97 -1.58 -181.89 65.42
CA ALA AA 97 -2.93 -181.45 65.75
C ALA AA 97 -3.05 -180.14 64.98
N PRO AA 98 -4.04 -179.86 64.14
CA PRO AA 98 -4.16 -178.62 63.39
C PRO AA 98 -4.43 -177.37 64.19
N GLU AA 99 -5.11 -177.49 65.37
CA GLU AA 99 -5.45 -176.32 66.16
C GLU AA 99 -4.34 -175.54 66.82
N GLU AA 100 -3.09 -175.96 66.60
CA GLU AA 100 -2.00 -175.09 66.97
C GLU AA 100 -1.03 -174.85 65.81
N HIS AA 101 -1.43 -175.05 64.53
CA HIS AA 101 -0.53 -174.80 63.42
C HIS AA 101 -1.04 -173.86 62.38
N PRO AA 102 -0.40 -172.78 61.94
CA PRO AA 102 -0.91 -171.92 60.89
C PRO AA 102 -0.83 -172.80 59.64
N THR AA 103 -1.80 -172.72 58.70
CA THR AA 103 -1.87 -173.58 57.52
C THR AA 103 -1.86 -172.78 56.21
N LEU AA 104 -0.85 -172.87 55.32
CA LEU AA 104 -0.89 -172.19 54.03
C LEU AA 104 -1.37 -173.22 53.08
N LEU AA 105 -2.47 -172.87 52.42
CA LEU AA 105 -3.08 -173.71 51.41
C LEU AA 105 -2.92 -173.18 50.01
N THR AA 106 -3.17 -173.98 48.97
CA THR AA 106 -3.11 -173.40 47.66
C THR AA 106 -4.42 -173.57 46.94
N GLU AA 107 -4.71 -172.65 46.02
CA GLU AA 107 -5.87 -172.82 45.15
C GLU AA 107 -5.44 -172.67 43.68
N ALA AA 108 -6.36 -172.96 42.79
CA ALA AA 108 -6.11 -172.86 41.37
C ALA AA 108 -6.30 -171.46 40.80
N PRO AA 109 -5.75 -171.24 39.61
CA PRO AA 109 -5.86 -170.00 38.90
C PRO AA 109 -7.15 -169.19 38.91
N LEU AA 110 -8.32 -169.64 38.49
CA LEU AA 110 -9.47 -168.74 38.50
C LEU AA 110 -10.47 -169.39 39.44
N ASN AA 111 -10.00 -169.81 40.61
CA ASN AA 111 -10.77 -170.50 41.63
C ASN AA 111 -11.90 -169.57 42.03
N PRO AA 112 -13.12 -170.05 41.93
CA PRO AA 112 -14.31 -169.29 42.27
C PRO AA 112 -14.29 -168.72 43.68
N LYS AA 113 -14.56 -167.43 43.80
CA LYS AA 113 -14.54 -166.67 45.07
C LYS AA 113 -15.13 -167.39 46.28
N ALA AA 114 -16.22 -168.08 45.94
CA ALA AA 114 -17.02 -168.83 46.87
C ALA AA 114 -16.35 -170.05 47.47
N ASN AA 115 -15.43 -170.68 46.71
CA ASN AA 115 -14.63 -171.81 47.15
C ASN AA 115 -13.59 -171.37 48.15
N ARG AA 116 -12.89 -170.23 47.85
CA ARG AA 116 -11.81 -169.70 48.70
C ARG AA 116 -12.47 -169.36 50.01
N GLU AA 117 -13.67 -168.79 50.00
CA GLU AA 117 -14.45 -168.61 51.22
C GLU AA 117 -14.88 -169.95 51.86
N LYS AA 118 -15.21 -171.00 51.10
CA LYS AA 118 -15.65 -172.26 51.70
C LYS AA 118 -14.51 -173.00 52.36
N MET AA 119 -13.33 -173.16 51.77
CA MET AA 119 -12.24 -173.83 52.44
C MET AA 119 -11.72 -173.05 53.63
N THR AA 120 -12.07 -171.78 53.72
CA THR AA 120 -11.70 -170.97 54.85
C THR AA 120 -12.68 -171.29 55.95
N GLN AA 121 -13.96 -171.35 55.60
CA GLN AA 121 -15.02 -171.78 56.50
C GLN AA 121 -14.66 -173.13 57.09
N ILE AA 122 -14.18 -174.12 56.32
CA ILE AA 122 -13.84 -175.44 56.83
C ILE AA 122 -12.52 -175.43 57.57
N MET AA 123 -11.55 -174.62 57.17
CA MET AA 123 -10.29 -174.60 57.88
C MET AA 123 -10.54 -174.07 59.27
N PHE AA 124 -11.11 -172.88 59.39
CA PHE AA 124 -11.34 -172.27 60.68
C PHE AA 124 -12.46 -172.90 61.47
N GLU AA 125 -13.60 -173.20 60.84
CA GLU AA 125 -14.72 -173.74 61.63
C GLU AA 125 -14.72 -175.23 61.83
N THR AA 126 -14.15 -176.15 61.03
CA THR AA 126 -14.18 -177.54 61.44
C THR AA 126 -12.79 -177.98 61.87
N PHE AA 127 -11.66 -177.38 61.42
CA PHE AA 127 -10.34 -177.82 61.90
C PHE AA 127 -9.70 -176.97 63.00
N ASN AA 128 -10.26 -175.75 63.12
CA ASN AA 128 -9.91 -174.80 64.17
C ASN AA 128 -8.42 -174.48 64.11
N VAL AA 129 -7.90 -174.17 62.91
CA VAL AA 129 -6.48 -173.84 62.80
C VAL AA 129 -6.28 -172.41 63.35
N PRO AA 130 -5.14 -171.97 63.95
CA PRO AA 130 -4.97 -170.61 64.45
C PRO AA 130 -5.13 -169.52 63.41
N ALA AA 131 -4.50 -169.79 62.25
CA ALA AA 131 -4.49 -168.89 61.11
C ALA AA 131 -4.21 -169.67 59.84
N MET AA 132 -4.62 -169.12 58.72
CA MET AA 132 -4.43 -169.74 57.43
C MET AA 132 -4.26 -168.71 56.33
N TYR AA 133 -4.10 -169.13 55.06
CA TYR AA 133 -3.75 -168.25 53.95
C TYR AA 133 -3.91 -169.10 52.72
N VAL AA 134 -4.44 -168.59 51.62
CA VAL AA 134 -4.61 -169.38 50.41
C VAL AA 134 -3.71 -168.73 49.34
N ALA AA 135 -2.61 -169.32 48.86
CA ALA AA 135 -1.84 -168.75 47.74
C ALA AA 135 -2.24 -169.28 46.37
N ILE AA 136 -2.09 -168.60 45.23
CA ILE AA 136 -2.49 -169.17 43.94
C ILE AA 136 -1.31 -169.98 43.51
N GLN AA 137 -1.55 -171.12 42.90
CA GLN AA 137 -0.46 -172.03 42.60
C GLN AA 137 0.62 -171.49 41.69
N ALA AA 138 0.35 -171.05 40.45
CA ALA AA 138 1.39 -170.45 39.59
C ALA AA 138 2.24 -169.35 40.25
N VAL AA 139 1.57 -168.61 41.12
CA VAL AA 139 2.22 -167.55 41.82
C VAL AA 139 3.28 -168.12 42.77
N LEU AA 140 3.06 -169.25 43.46
CA LEU AA 140 4.08 -169.84 44.31
C LEU AA 140 5.16 -170.48 43.49
N SER AA 141 4.81 -171.00 42.33
CA SER AA 141 5.84 -171.59 41.51
C SER AA 141 6.81 -170.54 41.07
N LEU AA 142 6.34 -169.36 40.61
CA LEU AA 142 7.20 -168.30 40.13
C LEU AA 142 8.22 -167.76 41.13
N TYR AA 143 7.60 -167.57 42.28
CA TYR AA 143 8.28 -167.02 43.42
C TYR AA 143 9.37 -167.97 43.94
N ALA AA 144 9.10 -169.26 43.91
CA ALA AA 144 10.09 -170.26 44.26
C ALA AA 144 11.24 -170.23 43.24
N SER AA 145 11.09 -169.62 42.05
CA SER AA 145 12.22 -169.52 41.12
C SER AA 145 12.88 -168.15 41.25
N GLY AA 146 12.67 -167.54 42.42
CA GLY AA 146 13.20 -166.25 42.76
C GLY AA 146 12.31 -165.11 42.29
N ARG AA 147 11.78 -165.09 41.07
CA ARG AA 147 11.12 -163.88 40.57
C ARG AA 147 9.66 -163.53 40.86
N THR AA 148 9.25 -162.35 40.38
CA THR AA 148 7.92 -161.82 40.60
C THR AA 148 7.10 -161.48 39.39
N THR AA 149 7.75 -161.43 38.26
CA THR AA 149 7.09 -161.24 36.98
C THR AA 149 7.71 -162.34 36.14
N GLY AA 150 6.77 -162.96 35.43
CA GLY AA 150 7.03 -164.04 34.52
C GLY AA 150 5.71 -164.67 34.11
N ILE AA 151 5.71 -165.73 33.33
CA ILE AA 151 4.47 -166.42 33.00
C ILE AA 151 4.77 -167.88 33.34
N VAL AA 152 3.92 -168.52 34.13
CA VAL AA 152 4.11 -169.93 34.50
C VAL AA 152 3.29 -170.85 33.60
N LEU AA 153 3.91 -171.88 33.00
CA LEU AA 153 3.14 -172.89 32.34
C LEU AA 153 3.08 -173.94 33.44
N ASP AA 154 1.88 -174.15 33.97
CA ASP AA 154 1.73 -175.08 35.06
C ASP AA 154 0.90 -176.26 34.60
N SER AA 155 1.40 -177.49 34.81
CA SER AA 155 0.84 -178.74 34.28
C SER AA 155 1.00 -179.97 35.17
N GLY AA 156 -0.11 -180.44 35.69
CA GLY AA 156 0.00 -181.53 36.63
C GLY AA 156 -0.75 -182.76 36.20
N ASP AA 157 -1.69 -183.15 37.04
CA ASP AA 157 -2.42 -184.33 36.72
C ASP AA 157 -3.73 -184.13 36.02
N GLY AA 158 -4.61 -183.20 36.35
CA GLY AA 158 -5.84 -182.98 35.61
C GLY AA 158 -5.83 -181.67 34.81
N VAL AA 159 -5.08 -180.58 35.11
CA VAL AA 159 -5.09 -179.31 34.36
C VAL AA 159 -3.73 -178.81 33.94
N THR AA 160 -3.73 -178.02 32.83
CA THR AA 160 -2.62 -177.18 32.40
C THR AA 160 -3.07 -175.73 32.40
N HIS AA 161 -2.17 -174.82 32.71
CA HIS AA 161 -2.52 -173.42 32.86
C HIS AA 161 -1.35 -172.64 32.38
N ASN AA 162 -1.65 -171.38 32.07
CA ASN AA 162 -0.64 -170.35 31.78
C ASN AA 162 -1.00 -169.19 32.67
N VAL AA 163 -0.19 -168.78 33.63
CA VAL AA 163 -0.67 -167.69 34.47
C VAL AA 163 0.39 -166.62 34.41
N PRO AA 164 0.13 -165.54 33.66
CA PRO AA 164 1.04 -164.41 33.52
C PRO AA 164 0.95 -163.67 34.85
N ILE AA 165 2.09 -163.40 35.51
CA ILE AA 165 2.10 -162.67 36.80
C ILE AA 165 2.97 -161.43 36.71
N TYR AA 166 2.50 -160.28 37.16
CA TYR AA 166 3.26 -159.05 37.12
C TYR AA 166 3.40 -158.44 38.51
N GLU AA 167 4.63 -158.34 38.99
CA GLU AA 167 4.93 -157.87 40.34
C GLU AA 167 4.04 -158.44 41.43
N GLY AA 168 3.71 -159.71 41.13
CA GLY AA 168 3.03 -160.59 42.03
C GLY AA 168 1.58 -160.81 41.76
N TYR AA 169 0.94 -159.93 41.01
CA TYR AA 169 -0.49 -160.06 40.75
C TYR AA 169 -0.71 -160.86 39.48
N ALA AA 170 -1.28 -162.06 39.63
CA ALA AA 170 -1.64 -162.93 38.53
C ALA AA 170 -2.69 -162.23 37.71
N LEU AA 171 -2.55 -162.24 36.38
CA LEU AA 171 -3.38 -161.43 35.51
C LEU AA 171 -4.62 -162.18 35.01
N PRO AA 172 -5.73 -162.07 35.72
CA PRO AA 172 -6.98 -162.79 35.42
C PRO AA 172 -7.42 -162.99 33.97
N HIS AA 173 -7.40 -161.91 33.22
CA HIS AA 173 -7.82 -161.97 31.83
C HIS AA 173 -6.76 -162.53 30.90
N ALA AA 174 -5.63 -163.03 31.32
CA ALA AA 174 -4.67 -163.51 30.34
C ALA AA 174 -4.35 -164.97 30.56
N ILE AA 175 -4.85 -165.51 31.71
CA ILE AA 175 -4.76 -166.93 32.15
C ILE AA 175 -5.48 -167.86 31.17
N MET AA 176 -4.86 -168.99 30.81
CA MET AA 176 -5.45 -169.98 29.89
C MET AA 176 -5.36 -171.31 30.58
N ARG AA 177 -6.40 -172.06 30.39
CA ARG AA 177 -6.52 -173.38 30.94
C ARG AA 177 -6.75 -174.39 29.83
N LEU AA 178 -5.97 -175.46 29.87
CA LEU AA 178 -6.07 -176.50 28.87
C LEU AA 178 -6.27 -177.76 29.69
N ASP AA 179 -7.47 -178.37 29.64
CA ASP AA 179 -7.75 -179.62 30.34
C ASP AA 179 -7.15 -180.88 29.67
N LEU AA 180 -5.81 -180.98 29.57
CA LEU AA 180 -5.14 -182.19 29.11
C LEU AA 180 -3.86 -182.17 29.88
N ALA AA 181 -3.62 -183.20 30.68
CA ALA AA 181 -2.44 -183.25 31.51
C ALA AA 181 -1.89 -184.66 31.66
N GLY AA 182 -1.11 -184.97 32.71
CA GLY AA 182 -0.45 -186.26 32.88
C GLY AA 182 -1.32 -187.49 32.94
N ARG AA 183 -2.58 -187.32 33.38
CA ARG AA 183 -3.61 -188.35 33.49
C ARG AA 183 -3.99 -188.76 32.09
N ASP AA 184 -4.37 -187.77 31.25
CA ASP AA 184 -4.69 -187.93 29.84
C ASP AA 184 -3.53 -188.59 29.12
N LEU AA 185 -2.33 -188.13 29.44
CA LEU AA 185 -1.07 -188.62 28.86
C LEU AA 185 -0.66 -190.06 29.15
N THR AA 186 -1.06 -190.58 30.32
CA THR AA 186 -0.78 -191.97 30.68
C THR AA 186 -1.77 -192.83 29.89
N ASP AA 187 -3.00 -192.36 29.65
CA ASP AA 187 -3.98 -193.18 28.98
C ASP AA 187 -3.73 -193.23 27.50
N TYR AA 188 -3.07 -192.21 26.96
CA TYR AA 188 -2.74 -192.23 25.55
C TYR AA 188 -1.55 -193.14 25.38
N LEU AA 189 -0.57 -193.15 26.28
CA LEU AA 189 0.59 -194.03 26.11
C LEU AA 189 0.10 -195.45 26.08
N MET AA 190 -0.82 -195.72 27.01
CA MET AA 190 -1.50 -197.00 27.19
C MET AA 190 -1.95 -197.58 25.87
N LYS AA 191 -2.74 -196.78 25.13
CA LYS AA 191 -3.20 -197.19 23.84
C LYS AA 191 -2.01 -197.25 22.93
N ILE AA 192 -1.09 -196.30 22.70
CA ILE AA 192 -0.01 -196.54 21.73
C ILE AA 192 0.93 -197.69 22.05
N LEU AA 193 0.84 -198.20 23.27
CA LEU AA 193 1.66 -199.30 23.72
C LEU AA 193 0.89 -200.61 23.55
N THR AA 194 -0.45 -200.64 23.69
CA THR AA 194 -1.22 -201.85 23.38
C THR AA 194 -1.24 -202.02 21.87
N GLU AA 195 -1.27 -200.86 21.21
CA GLU AA 195 -1.24 -200.69 19.76
C GLU AA 195 0.14 -201.13 19.23
N ARG AA 196 1.21 -201.08 20.02
CA ARG AA 196 2.52 -201.65 19.66
C ARG AA 196 2.47 -203.18 19.71
N GLY AA 197 1.30 -203.74 20.08
CA GLY AA 197 1.05 -205.17 20.15
C GLY AA 197 1.26 -205.64 21.57
N TYR AA 198 0.50 -205.11 22.54
CA TYR AA 198 0.67 -205.48 23.95
C TYR AA 198 -0.66 -205.53 24.68
N SER AA 199 -0.53 -205.97 25.95
CA SER AA 199 -1.67 -206.08 26.84
C SER AA 199 -1.39 -205.79 28.30
N PHE AA 200 -2.11 -204.75 28.70
CA PHE AA 200 -2.09 -204.29 30.06
C PHE AA 200 -3.50 -204.69 30.47
N VAL AA 201 -3.37 -205.91 30.96
CA VAL AA 201 -4.55 -206.67 31.27
C VAL AA 201 -4.90 -206.60 32.74
N THR AA 202 -4.07 -207.13 33.66
CA THR AA 202 -4.36 -207.06 35.10
C THR AA 202 -4.03 -205.67 35.63
N THR AA 203 -4.45 -205.35 36.87
CA THR AA 203 -4.23 -204.02 37.43
C THR AA 203 -2.74 -203.75 37.70
N ALA AA 204 -1.93 -204.80 37.83
CA ALA AA 204 -0.48 -204.66 37.93
C ALA AA 204 0.21 -204.37 36.60
N GLU AA 205 -0.56 -204.39 35.51
CA GLU AA 205 -0.08 -204.04 34.20
C GLU AA 205 -0.52 -202.61 34.02
N ARG AA 206 -1.80 -202.27 34.24
CA ARG AA 206 -2.31 -200.89 34.16
C ARG AA 206 -1.40 -199.82 34.83
N GLU AA 207 -1.14 -199.99 36.14
CA GLU AA 207 -0.47 -199.00 36.96
C GLU AA 207 0.94 -198.62 36.51
N ILE AA 208 1.67 -199.64 36.07
CA ILE AA 208 3.04 -199.46 35.63
C ILE AA 208 3.21 -198.76 34.26
N VAL AA 209 2.15 -198.58 33.43
CA VAL AA 209 2.26 -197.84 32.19
C VAL AA 209 2.60 -196.40 32.57
N ARG AA 210 2.08 -195.97 33.71
CA ARG AA 210 2.35 -194.66 34.26
C ARG AA 210 3.82 -194.55 34.67
N ASP AA 211 4.44 -195.62 35.19
CA ASP AA 211 5.85 -195.61 35.59
C ASP AA 211 6.77 -195.71 34.39
N ILE AA 212 6.23 -196.23 33.26
CA ILE AA 212 6.93 -196.23 31.98
C ILE AA 212 6.97 -194.79 31.49
N LYS AA 213 5.80 -194.10 31.38
CA LYS AA 213 5.66 -192.70 31.03
C LYS AA 213 6.64 -191.85 31.81
N GLU AA 214 6.67 -191.95 33.13
CA GLU AA 214 7.60 -191.14 33.93
C GLU AA 214 9.06 -191.47 33.61
N LYS AA 215 9.52 -192.72 33.68
CA LYS AA 215 10.93 -193.07 33.49
C LYS AA 215 11.56 -192.94 32.08
N LEU AA 216 10.84 -193.47 31.09
CA LEU AA 216 11.31 -193.54 29.73
C LEU AA 216 10.81 -192.46 28.80
N CYS AA 217 9.70 -191.74 29.04
CA CYS AA 217 9.28 -190.68 28.11
C CYS AA 217 10.07 -189.39 28.06
N TYR AA 218 10.07 -188.95 26.77
CA TYR AA 218 10.89 -187.86 26.24
C TYR AA 218 10.10 -186.83 25.47
N VAL AA 219 10.58 -185.59 25.40
CA VAL AA 219 9.99 -184.62 24.48
C VAL AA 219 11.16 -184.27 23.62
N ALA AA 220 11.04 -184.80 22.44
CA ALA AA 220 12.01 -184.48 21.46
C ALA AA 220 11.70 -183.16 20.77
N LEU AA 221 12.85 -182.56 20.51
CA LEU AA 221 12.95 -181.37 19.68
C LEU AA 221 13.19 -181.98 18.31
N ASP AA 222 12.43 -181.42 17.37
CA ASP AA 222 12.32 -181.91 16.00
C ASP AA 222 11.85 -183.36 16.05
N PHE AA 223 10.56 -183.36 16.44
CA PHE AA 223 9.76 -184.55 16.63
C PHE AA 223 9.44 -185.18 15.28
N GLU AA 224 9.66 -184.34 14.24
CA GLU AA 224 9.56 -184.61 12.81
C GLU AA 224 10.55 -185.69 12.34
N ASN AA 225 11.83 -185.28 12.42
CA ASN AA 225 12.94 -186.14 12.07
C ASN AA 225 13.42 -186.86 13.31
N GLU AA 226 12.47 -187.37 14.07
CA GLU AA 226 12.71 -188.24 15.22
C GLU AA 226 11.93 -189.55 14.99
N MET AA 227 10.77 -189.37 14.33
CA MET AA 227 9.97 -190.43 13.76
C MET AA 227 10.82 -191.01 12.62
N ALA AA 228 11.34 -190.13 11.73
CA ALA AA 228 12.23 -190.50 10.64
C ALA AA 228 13.44 -191.31 11.16
N THR AA 229 14.01 -190.84 12.27
CA THR AA 229 15.08 -191.56 12.95
C THR AA 229 14.63 -192.94 13.44
N ALA AA 230 13.38 -193.01 13.97
CA ALA AA 230 12.81 -194.23 14.51
C ALA AA 230 12.86 -195.38 13.52
N ALA AA 231 12.52 -195.01 12.27
CA ALA AA 231 12.46 -195.88 11.09
C ALA AA 231 13.79 -196.51 10.61
N SER AA 232 14.87 -195.71 10.53
CA SER AA 232 16.22 -196.18 10.24
C SER AA 232 16.66 -197.19 11.31
N SER AA 233 15.99 -197.08 12.49
CA SER AA 233 16.15 -197.85 13.71
C SER AA 233 17.59 -198.00 14.16
N SER AA 234 17.73 -196.93 14.94
CA SER AA 234 18.92 -196.67 15.70
C SER AA 234 18.72 -197.38 17.03
N SER AA 235 19.73 -197.20 17.89
CA SER AA 235 19.67 -197.67 19.25
C SER AA 235 18.92 -196.57 20.05
N LEU AA 236 17.71 -196.19 19.54
CA LEU AA 236 16.81 -195.23 20.18
C LEU AA 236 15.84 -196.01 21.08
N GLU AA 237 15.53 -197.29 20.75
CA GLU AA 237 14.64 -198.18 21.52
C GLU AA 237 14.91 -198.33 23.02
N LYS AA 238 13.89 -198.66 23.82
CA LYS AA 238 14.12 -198.83 25.25
C LYS AA 238 13.19 -199.83 25.92
N SER AA 239 13.79 -200.94 26.33
CA SER AA 239 13.05 -201.98 27.05
C SER AA 239 13.10 -201.90 28.57
N TYR AA 240 11.88 -201.97 29.11
CA TYR AA 240 11.58 -201.90 30.53
C TYR AA 240 11.19 -203.31 30.99
N GLU AA 241 11.68 -203.80 32.14
CA GLU AA 241 11.25 -205.10 32.68
C GLU AA 241 10.06 -204.93 33.63
N LEU AA 242 8.95 -205.62 33.30
CA LEU AA 242 7.69 -205.50 34.02
C LEU AA 242 7.69 -205.99 35.50
N PRO AA 243 6.59 -206.14 36.34
CA PRO AA 243 6.68 -206.62 37.74
C PRO AA 243 7.44 -207.98 37.85
N ASP AA 244 7.22 -208.77 36.78
CA ASP AA 244 7.89 -210.03 36.47
C ASP AA 244 8.95 -209.83 35.35
N GLY AA 245 9.38 -210.91 34.65
CA GLY AA 245 10.38 -210.89 33.59
C GLY AA 245 9.98 -210.11 32.34
N GLN AA 246 8.77 -210.42 31.83
CA GLN AA 246 8.13 -209.81 30.66
C GLN AA 246 8.64 -208.43 30.19
N VAL AA 247 9.82 -208.52 29.59
CA VAL AA 247 10.50 -207.36 29.07
C VAL AA 247 9.77 -206.77 27.87
N ILE AA 248 9.21 -205.61 28.17
CA ILE AA 248 8.48 -204.89 27.17
C ILE AA 248 9.41 -203.87 26.50
N THR AA 249 9.32 -203.69 25.18
CA THR AA 249 10.14 -202.71 24.49
C THR AA 249 9.28 -201.54 23.94
N ILE AA 250 9.89 -200.36 24.11
CA ILE AA 250 9.32 -199.09 23.75
C ILE AA 250 10.46 -198.36 23.11
N GLY AA 251 10.35 -198.18 21.82
CA GLY AA 251 11.38 -197.47 21.14
C GLY AA 251 11.01 -196.03 20.96
N ASN AA 252 10.05 -196.03 20.04
CA ASN AA 252 9.52 -194.87 19.35
C ASN AA 252 8.46 -194.10 20.20
N GLU AA 253 7.28 -194.69 20.53
CA GLU AA 253 6.18 -194.11 21.36
C GLU AA 253 6.51 -193.32 22.61
N ARG AA 254 7.68 -193.70 23.10
CA ARG AA 254 8.46 -193.01 24.10
C ARG AA 254 8.32 -191.45 24.04
N PHE AA 255 8.33 -190.86 22.82
CA PHE AA 255 8.18 -189.42 22.59
C PHE AA 255 6.86 -189.06 21.90
N ARG AA 256 6.14 -190.05 21.36
CA ARG AA 256 4.86 -189.81 20.73
C ARG AA 256 3.84 -189.37 21.79
N CYS AA 257 4.10 -189.78 23.03
CA CYS AA 257 3.27 -189.43 24.19
C CYS AA 257 3.41 -187.93 24.56
N PRO AA 258 4.57 -187.30 24.86
CA PRO AA 258 4.65 -185.87 25.13
C PRO AA 258 4.43 -185.04 23.84
N GLU AA 259 4.62 -185.52 22.58
CA GLU AA 259 4.23 -184.76 21.38
C GLU AA 259 2.72 -184.52 21.54
N THR AA 260 1.95 -185.22 22.41
CA THR AA 260 0.54 -184.93 22.59
C THR AA 260 0.38 -183.54 23.19
N LEU AA 261 1.23 -183.14 24.13
CA LEU AA 261 1.18 -181.78 24.67
C LEU AA 261 1.32 -180.63 23.65
N PHE AA 262 1.99 -180.82 22.48
CA PHE AA 262 2.10 -179.80 21.43
C PHE AA 262 1.04 -179.98 20.34
N GLN AA 263 0.61 -181.24 20.17
CA GLN AA 263 -0.42 -181.63 19.24
C GLN AA 263 -1.53 -182.35 20.02
N PRO AA 264 -2.61 -181.66 20.42
CA PRO AA 264 -3.75 -182.21 21.14
C PRO AA 264 -4.57 -183.08 20.18
N SER AA 265 -4.34 -182.88 18.86
CA SER AA 265 -4.95 -183.63 17.76
C SER AA 265 -4.68 -185.16 17.76
N PHE AA 266 -3.59 -185.54 18.47
CA PHE AA 266 -3.19 -186.92 18.74
C PHE AA 266 -4.22 -187.63 19.60
N ILE AA 267 -5.03 -186.81 20.29
CA ILE AA 267 -6.02 -187.36 21.18
C ILE AA 267 -7.41 -186.80 20.94
N GLY AA 268 -7.72 -186.41 19.71
CA GLY AA 268 -9.05 -185.94 19.44
C GLY AA 268 -9.39 -184.65 20.19
N MET AA 269 -8.34 -183.93 20.58
CA MET AA 269 -8.56 -182.61 21.11
C MET AA 269 -8.36 -181.59 20.00
N GLU AA 270 -9.34 -180.68 19.92
CA GLU AA 270 -9.32 -179.55 18.97
C GLU AA 270 -8.70 -178.24 19.48
N SER AA 271 -8.42 -178.18 20.79
CA SER AA 271 -7.75 -177.07 21.45
C SER AA 271 -6.34 -176.91 20.91
N ALA AA 272 -5.81 -175.69 21.14
CA ALA AA 272 -4.43 -175.38 20.77
C ALA AA 272 -3.43 -176.05 21.72
N GLY AA 273 -2.13 -176.05 21.47
CA GLY AA 273 -1.22 -176.74 22.36
C GLY AA 273 -0.36 -175.81 23.19
N ILE AA 274 0.22 -176.37 24.28
CA ILE AA 274 1.11 -175.71 25.23
C ILE AA 274 1.87 -174.46 24.76
N HIS AA 275 2.62 -174.53 23.67
CA HIS AA 275 3.45 -173.44 23.16
C HIS AA 275 2.68 -172.30 22.54
N GLU AA 276 1.61 -172.63 21.83
CA GLU AA 276 0.77 -171.63 21.23
C GLU AA 276 0.03 -170.96 22.31
N THR AA 277 -0.34 -171.70 23.32
CA THR AA 277 -1.11 -171.19 24.42
C THR AA 277 -0.23 -170.28 25.25
N THR AA 278 1.05 -170.58 25.48
CA THR AA 278 2.01 -169.70 26.16
C THR AA 278 2.01 -168.31 25.52
N TYR AA 279 2.06 -168.42 24.19
CA TYR AA 279 2.10 -167.29 23.32
C TYR AA 279 0.81 -166.56 23.39
N ASN AA 280 -0.34 -167.22 23.26
CA ASN AA 280 -1.58 -166.46 23.18
C ASN AA 280 -1.86 -165.68 24.45
N SER AA 281 -1.42 -166.24 25.58
CA SER AA 281 -1.57 -165.65 26.91
C SER AA 281 -0.87 -164.32 26.83
N ILE AA 282 0.34 -164.43 26.23
CA ILE AA 282 1.26 -163.31 26.09
C ILE AA 282 0.68 -162.31 25.12
N MET AA 283 0.13 -162.59 23.92
CA MET AA 283 -0.42 -161.48 23.16
C MET AA 283 -1.81 -161.00 23.65
N LYS AA 284 -2.26 -161.48 24.85
CA LYS AA 284 -3.45 -161.00 25.58
C LYS AA 284 -3.13 -160.05 26.73
N CYS AA 285 -1.83 -159.87 27.00
CA CYS AA 285 -1.32 -159.02 28.07
C CYS AA 285 -0.93 -157.64 27.58
N ASP AA 286 -0.66 -156.69 28.47
CA ASP AA 286 -0.19 -155.40 28.06
C ASP AA 286 1.14 -155.62 27.36
N ILE AA 287 1.28 -154.74 26.36
CA ILE AA 287 2.40 -154.59 25.39
C ILE AA 287 3.80 -154.33 25.96
N ASP AA 288 3.79 -153.41 26.94
CA ASP AA 288 4.98 -153.03 27.64
C ASP AA 288 5.42 -154.20 28.51
N ILE AA 289 4.53 -155.12 28.98
CA ILE AA 289 5.00 -156.21 29.84
C ILE AA 289 5.39 -157.44 29.06
N ARG AA 290 5.08 -157.52 27.76
CA ARG AA 290 5.42 -158.69 26.99
C ARG AA 290 6.94 -158.91 26.92
N LYS AA 291 7.92 -157.99 26.99
CA LYS AA 291 9.30 -158.51 26.95
C LYS AA 291 9.64 -159.30 28.22
N ASP AA 292 8.99 -158.94 29.35
CA ASP AA 292 9.23 -159.55 30.65
C ASP AA 292 8.77 -160.98 30.69
N LEU AA 293 7.50 -161.17 30.35
CA LEU AA 293 6.93 -162.49 30.27
C LEU AA 293 7.76 -163.39 29.36
N TYR AA 294 8.25 -162.89 28.21
CA TYR AA 294 9.01 -163.73 27.32
C TYR AA 294 10.33 -164.18 27.85
N ALA AA 295 10.98 -163.39 28.66
CA ALA AA 295 12.25 -163.84 29.19
C ALA AA 295 12.05 -164.60 30.51
N ASN AA 296 10.81 -164.95 30.86
CA ASN AA 296 10.54 -165.59 32.12
C ASN AA 296 9.39 -166.55 32.08
N ASN AA 297 9.58 -167.58 31.29
CA ASN AA 297 8.62 -168.66 31.13
C ASN AA 297 9.06 -169.69 32.15
N VAL AA 298 8.40 -169.73 33.28
CA VAL AA 298 8.79 -170.63 34.34
C VAL AA 298 7.84 -171.80 34.15
N MET AA 299 8.46 -172.98 34.25
CA MET AA 299 7.68 -174.20 34.18
C MET AA 299 7.52 -174.89 35.54
N SER AA 300 6.32 -175.34 35.82
CA SER AA 300 6.17 -176.17 37.00
C SER AA 300 5.12 -177.23 36.76
N GLY AA 301 5.20 -178.30 37.55
CA GLY AA 301 4.25 -179.39 37.47
C GLY AA 301 4.82 -180.73 37.01
N GLY AA 302 4.27 -181.83 37.53
CA GLY AA 302 4.74 -183.16 37.21
C GLY AA 302 4.82 -183.41 35.71
N THR AA 303 3.85 -182.99 34.92
CA THR AA 303 3.87 -183.28 33.52
C THR AA 303 4.86 -182.42 32.75
N THR AA 304 5.51 -181.39 33.32
CA THR AA 304 6.52 -180.60 32.58
C THR AA 304 7.92 -181.15 32.81
N MET AA 305 7.99 -182.33 33.42
CA MET AA 305 9.27 -182.95 33.76
C MET AA 305 9.86 -183.79 32.63
N TYR AA 306 9.08 -184.17 31.60
CA TYR AA 306 9.56 -184.93 30.43
C TYR AA 306 10.84 -184.31 29.91
N PRO AA 307 12.06 -184.89 29.94
CA PRO AA 307 13.26 -184.25 29.40
C PRO AA 307 13.06 -183.65 27.99
N GLY AA 308 13.73 -182.50 27.75
CA GLY AA 308 13.71 -181.84 26.45
C GLY AA 308 12.46 -181.06 26.13
N ILE AA 309 11.71 -180.81 27.22
CA ILE AA 309 10.46 -180.08 27.18
C ILE AA 309 10.70 -178.61 27.01
N ALA AA 310 11.78 -178.22 27.70
CA ALA AA 310 12.23 -176.85 27.76
C ALA AA 310 12.83 -176.50 26.39
N ASP AA 311 13.72 -177.32 25.78
CA ASP AA 311 14.31 -177.05 24.46
C ASP AA 311 13.25 -176.92 23.36
N ARG AA 312 12.28 -177.85 23.35
CA ARG AA 312 11.18 -177.80 22.41
C ARG AA 312 10.43 -176.49 22.66
N MET AA 313 10.11 -176.10 23.91
CA MET AA 313 9.36 -174.88 24.17
C MET AA 313 10.10 -173.61 23.81
N GLN AA 314 11.43 -173.69 23.96
CA GLN AA 314 12.40 -172.66 23.68
C GLN AA 314 12.30 -172.27 22.23
N LYS AA 315 12.39 -173.30 21.41
CA LYS AA 315 12.28 -173.14 19.99
C LYS AA 315 10.88 -173.00 19.49
N GLU AA 316 9.93 -173.44 20.28
CA GLU AA 316 8.56 -173.30 19.86
C GLU AA 316 8.14 -171.84 19.94
N ILE AA 317 8.49 -171.15 21.04
CA ILE AA 317 8.06 -169.78 21.11
C ILE AA 317 9.06 -168.84 20.46
N THR AA 318 10.36 -169.10 20.30
CA THR AA 318 11.25 -168.19 19.58
C THR AA 318 10.71 -167.92 18.20
N ALA AA 319 10.36 -169.04 17.57
CA ALA AA 319 9.79 -169.01 16.24
C ALA AA 319 8.33 -168.54 16.13
N LEU AA 320 7.73 -168.00 17.20
CA LEU AA 320 6.41 -167.38 17.09
C LEU AA 320 6.47 -165.92 17.56
N ALA AA 321 7.48 -165.66 18.39
CA ALA AA 321 7.75 -164.36 18.95
C ALA AA 321 8.51 -163.43 18.01
N PRO AA 322 8.30 -162.09 18.03
CA PRO AA 322 9.01 -161.14 17.16
C PRO AA 322 10.53 -161.24 17.38
N SER AA 323 11.43 -161.38 16.40
CA SER AA 323 12.87 -161.57 16.64
C SER AA 323 13.69 -160.62 17.52
N THR AA 324 13.07 -159.46 17.73
CA THR AA 324 13.58 -158.41 18.60
C THR AA 324 13.51 -158.87 20.08
N MET AA 325 12.88 -160.02 20.32
CA MET AA 325 12.60 -160.50 21.65
C MET AA 325 13.57 -161.53 22.14
N LYS AA 326 13.70 -161.48 23.46
CA LYS AA 326 14.48 -162.47 24.17
C LYS AA 326 13.47 -163.47 24.76
N ILE AA 327 13.70 -164.74 24.42
CA ILE AA 327 12.90 -165.85 24.91
C ILE AA 327 13.69 -166.43 26.08
N LYS AA 328 13.06 -166.96 27.15
CA LYS AA 328 13.80 -167.68 28.17
C LYS AA 328 12.89 -168.57 29.00
N ILE AA 329 13.10 -169.89 28.77
CA ILE AA 329 12.31 -170.97 29.37
C ILE AA 329 13.03 -171.56 30.58
N ILE AA 330 12.64 -171.16 31.78
CA ILE AA 330 13.20 -171.66 33.00
C ILE AA 330 12.35 -172.89 33.39
N ALA AA 331 13.07 -174.00 33.61
CA ALA AA 331 12.53 -175.28 34.04
C ALA AA 331 13.44 -175.82 35.13
N PRO AA 332 13.24 -175.56 36.42
CA PRO AA 332 14.10 -176.08 37.47
C PRO AA 332 13.91 -177.59 37.68
N PRO AA 333 14.86 -178.27 38.34
CA PRO AA 333 14.84 -179.70 38.61
C PRO AA 333 13.79 -180.10 39.62
N GLU AA 334 13.58 -179.29 40.66
CA GLU AA 334 12.61 -179.68 41.64
C GLU AA 334 11.22 -179.35 41.12
N ARG AA 335 10.99 -178.89 39.88
CA ARG AA 335 9.65 -178.47 39.43
C ARG AA 335 8.38 -179.27 39.74
N LYS AA 336 8.45 -180.58 39.97
CA LYS AA 336 7.26 -181.31 40.42
C LYS AA 336 6.84 -180.81 41.82
N TYR AA 337 7.65 -180.10 42.61
CA TYR AA 337 7.23 -179.46 43.85
C TYR AA 337 7.42 -177.91 43.85
N SER AA 338 7.52 -177.17 42.74
CA SER AA 338 7.73 -175.72 42.74
C SER AA 338 6.76 -174.96 43.59
N VAL AA 339 5.49 -175.27 43.29
CA VAL AA 339 4.33 -174.75 43.98
C VAL AA 339 4.55 -174.89 45.48
N TRP AA 340 4.91 -176.10 45.95
CA TRP AA 340 4.98 -176.36 47.37
C TRP AA 340 6.15 -175.60 48.00
N ILE AA 341 7.27 -175.57 47.28
CA ILE AA 341 8.49 -175.02 47.77
C ILE AA 341 8.29 -173.53 47.89
N GLY AA 342 7.58 -172.92 46.92
CA GLY AA 342 7.27 -171.48 46.93
C GLY AA 342 6.44 -171.14 48.16
N GLY AA 343 5.59 -172.07 48.60
CA GLY AA 343 4.77 -171.89 49.76
C GLY AA 343 5.60 -172.02 51.02
N SER AA 344 6.54 -172.98 51.05
CA SER AA 344 7.42 -173.20 52.18
C SER AA 344 8.29 -171.99 52.48
N ILE AA 345 8.79 -171.40 51.40
CA ILE AA 345 9.63 -170.21 51.47
C ILE AA 345 8.82 -169.07 52.05
N LEU AA 346 7.75 -168.74 51.33
CA LEU AA 346 6.86 -167.66 51.65
C LEU AA 346 6.34 -167.76 53.07
N ALA AA 347 5.88 -168.95 53.47
CA ALA AA 347 5.25 -169.06 54.77
C ALA AA 347 6.27 -169.09 55.87
N SER AA 348 7.52 -169.47 55.60
CA SER AA 348 8.52 -169.43 56.67
C SER AA 348 9.14 -168.02 56.77
N LEU AA 349 8.93 -167.22 55.73
CA LEU AA 349 9.38 -165.83 55.69
C LEU AA 349 8.89 -164.95 56.81
N SER AA 350 9.94 -164.17 57.08
CA SER AA 350 10.01 -163.09 58.05
C SER AA 350 8.90 -162.06 57.81
N THR AA 351 8.54 -161.73 56.56
CA THR AA 351 7.51 -160.72 56.32
C THR AA 351 6.07 -161.17 56.13
N PHE AA 352 5.87 -162.48 56.15
CA PHE AA 352 4.57 -163.04 55.82
C PHE AA 352 3.58 -163.07 56.96
N GLN AA 353 4.17 -162.90 58.14
CA GLN AA 353 3.43 -163.00 59.37
C GLN AA 353 2.24 -162.07 59.37
N GLN AA 354 2.45 -160.84 58.88
CA GLN AA 354 1.37 -159.88 58.78
C GLN AA 354 0.33 -160.14 57.68
N MET AA 355 0.43 -161.20 56.83
CA MET AA 355 -0.69 -161.56 55.94
C MET AA 355 -1.49 -162.81 56.37
N TRP AA 356 -1.05 -163.57 57.38
CA TRP AA 356 -1.83 -164.69 57.90
C TRP AA 356 -3.26 -164.34 58.30
N ILE AA 357 -4.36 -164.95 57.79
CA ILE AA 357 -5.70 -164.62 58.31
C ILE AA 357 -5.91 -165.32 59.65
N THR AA 358 -6.05 -164.57 60.76
CA THR AA 358 -6.19 -165.20 62.07
C THR AA 358 -7.65 -165.40 62.40
N LYS AA 359 -7.96 -166.36 63.30
CA LYS AA 359 -9.31 -166.52 63.83
C LYS AA 359 -9.92 -165.23 64.34
N GLN AA 360 -9.08 -164.26 64.78
CA GLN AA 360 -9.53 -162.93 65.20
C GLN AA 360 -10.11 -162.34 63.92
N GLU AA 361 -9.33 -162.14 62.84
CA GLU AA 361 -9.90 -161.63 61.59
C GLU AA 361 -11.19 -162.35 61.16
N TYR AA 362 -11.16 -163.69 61.20
CA TYR AA 362 -12.31 -164.43 60.77
C TYR AA 362 -13.53 -164.26 61.66
N ASP AA 363 -13.47 -164.59 62.95
CA ASP AA 363 -14.63 -164.49 63.84
C ASP AA 363 -15.25 -163.10 63.80
N GLU AA 364 -14.43 -162.13 63.42
CA GLU AA 364 -14.89 -160.76 63.26
C GLU AA 364 -15.31 -160.33 61.86
N ALA AA 365 -14.75 -160.85 60.75
CA ALA AA 365 -15.09 -160.37 59.39
C ALA AA 365 -15.87 -161.29 58.42
N GLY AA 366 -16.02 -162.56 58.83
CA GLY AA 366 -16.67 -163.61 58.04
C GLY AA 366 -15.70 -164.09 56.95
N PRO AA 367 -16.00 -165.13 56.15
CA PRO AA 367 -15.05 -165.75 55.19
C PRO AA 367 -14.49 -164.80 54.14
N SER AA 368 -15.25 -163.70 54.00
CA SER AA 368 -14.94 -162.57 53.17
C SER AA 368 -13.54 -162.07 53.42
N ILE AA 369 -13.12 -162.01 54.71
CA ILE AA 369 -11.80 -161.54 55.12
C ILE AA 369 -10.60 -162.07 54.32
N VAL AA 370 -10.50 -163.39 54.15
CA VAL AA 370 -9.38 -164.03 53.46
C VAL AA 370 -9.60 -164.00 51.94
N HIS AA 371 -10.87 -163.88 51.55
CA HIS AA 371 -11.18 -163.93 50.15
C HIS AA 371 -10.44 -162.86 49.34
N ARG AA 372 -10.13 -161.70 49.96
CA ARG AA 372 -9.46 -160.56 49.35
C ARG AA 372 -10.43 -159.99 48.27
N ASP BA 1 21.92 186.63 19.53
CA ASP BA 1 21.85 185.16 19.38
C ASP BA 1 20.42 184.67 19.13
N GLU BA 2 19.52 185.34 19.87
CA GLU BA 2 18.07 185.22 19.82
C GLU BA 2 17.58 184.74 18.47
N ASP BA 3 18.10 185.44 17.47
CA ASP BA 3 17.92 185.00 16.12
C ASP BA 3 19.24 184.94 15.34
N GLU BA 4 20.43 185.31 15.89
CA GLU BA 4 21.73 185.20 15.18
C GLU BA 4 21.98 183.72 14.80
N THR BA 5 21.65 182.85 15.78
CA THR BA 5 21.73 181.39 15.65
C THR BA 5 20.58 180.75 14.87
N THR BA 6 19.48 181.39 15.25
CA THR BA 6 18.09 181.08 15.00
C THR BA 6 17.54 181.32 13.59
N ALA BA 7 18.19 182.07 12.68
CA ALA BA 7 17.64 182.27 11.34
C ALA BA 7 17.84 181.03 10.50
N LEU BA 8 16.78 180.60 9.81
CA LEU BA 8 16.81 179.41 8.97
C LEU BA 8 16.94 179.83 7.51
N VAL BA 9 17.53 179.03 6.61
CA VAL BA 9 17.57 179.42 5.22
C VAL BA 9 17.16 178.22 4.46
N CYS BA 10 16.05 178.38 3.74
CA CYS BA 10 15.49 177.28 3.00
C CYS BA 10 15.43 177.65 1.55
N ASP BA 11 16.23 176.97 0.72
CA ASP BA 11 16.17 177.16 -0.71
C ASP BA 11 15.43 176.01 -1.44
N ASN BA 12 14.22 176.33 -1.92
CA ASN BA 12 13.32 175.40 -2.54
C ASN BA 12 13.62 175.28 -4.00
N GLY BA 13 13.96 174.07 -4.46
CA GLY BA 13 14.27 173.84 -5.86
C GLY BA 13 13.31 172.88 -6.50
N SER BA 14 13.56 172.78 -7.80
CA SER BA 14 12.82 171.87 -8.62
C SER BA 14 13.26 170.45 -8.36
N GLY BA 15 14.51 170.17 -8.01
CA GLY BA 15 14.99 168.82 -7.79
C GLY BA 15 15.34 168.64 -6.34
N LEU BA 16 16.08 169.57 -5.73
CA LEU BA 16 16.54 169.52 -4.35
C LEU BA 16 16.11 170.66 -3.42
N VAL BA 17 15.96 170.42 -2.11
CA VAL BA 17 15.76 171.47 -1.15
C VAL BA 17 17.14 171.65 -0.54
N LYS BA 18 17.62 172.85 -0.24
CA LYS BA 18 18.86 173.05 0.48
C LYS BA 18 18.44 173.82 1.74
N ALA BA 19 18.82 173.41 2.95
CA ALA BA 19 18.33 174.02 4.16
C ALA BA 19 19.37 174.01 5.26
N GLY BA 20 19.17 174.74 6.34
CA GLY BA 20 20.22 174.87 7.32
C GLY BA 20 20.06 176.17 8.06
N PHE BA 21 21.10 176.51 8.83
CA PHE BA 21 21.04 177.70 9.68
C PHE BA 21 21.91 178.79 9.12
N ALA BA 22 21.39 180.02 9.12
CA ALA BA 22 22.12 181.20 8.69
C ALA BA 22 23.30 181.21 9.64
N GLY BA 23 24.46 181.37 9.04
CA GLY BA 23 25.66 181.24 9.83
C GLY BA 23 26.46 180.11 9.23
N ASP BA 24 25.91 178.92 9.01
CA ASP BA 24 26.67 177.81 8.46
C ASP BA 24 27.23 178.11 7.08
N ASP BA 25 28.23 177.32 6.65
CA ASP BA 25 28.92 177.56 5.39
C ASP BA 25 28.30 176.87 4.17
N ALA BA 26 27.49 175.85 4.51
CA ALA BA 26 26.82 174.98 3.56
C ALA BA 26 25.53 174.44 4.17
N PRO BA 27 24.56 174.00 3.34
CA PRO BA 27 23.29 173.46 3.83
C PRO BA 27 23.40 172.23 4.74
N ARG BA 28 22.71 172.32 5.85
CA ARG BA 28 22.63 171.21 6.78
C ARG BA 28 21.77 170.12 6.18
N ALA BA 29 20.85 170.46 5.28
CA ALA BA 29 19.95 169.49 4.72
C ALA BA 29 19.74 169.68 3.24
N VAL BA 30 19.92 168.58 2.51
CA VAL BA 30 19.79 168.57 1.06
C VAL BA 30 19.05 167.28 0.75
N PHE BA 31 17.95 167.35 0.01
CA PHE BA 31 17.15 166.17 -0.25
C PHE BA 31 16.17 166.36 -1.36
N PRO BA 32 15.70 165.34 -2.10
CA PRO BA 32 14.75 165.56 -3.16
C PRO BA 32 13.42 166.17 -2.74
N SER BA 33 12.94 166.89 -3.73
CA SER BA 33 11.77 167.70 -3.66
C SER BA 33 10.65 166.84 -4.20
N ILE BA 34 10.38 165.70 -3.56
CA ILE BA 34 9.27 164.83 -3.90
C ILE BA 34 8.36 164.56 -2.74
N VAL BA 35 7.16 164.06 -2.98
CA VAL BA 35 6.17 163.73 -2.00
C VAL BA 35 5.56 162.52 -2.63
N GLY BA 36 5.73 161.40 -1.97
CA GLY BA 36 5.26 160.13 -2.43
C GLY BA 36 4.01 159.78 -1.70
N ARG BA 37 3.11 159.18 -2.47
CA ARG BA 37 1.80 158.81 -1.98
C ARG BA 37 1.64 157.30 -2.28
N PRO BA 38 1.56 156.38 -1.31
CA PRO BA 38 1.47 154.94 -1.58
C PRO BA 38 0.34 154.47 -2.46
N ARG BA 39 0.73 153.79 -3.54
CA ARG BA 39 -0.22 153.15 -4.43
C ARG BA 39 -1.02 152.02 -3.80
N HIS BA 40 -0.61 151.39 -2.64
CA HIS BA 40 -1.36 150.27 -2.05
C HIS BA 40 -1.47 150.27 -0.55
N GLN BA 41 -2.44 149.58 0.05
CA GLN BA 41 -2.44 149.59 1.49
C GLN BA 41 -1.58 148.49 2.08
N GLY BA 42 -0.82 148.89 3.12
CA GLY BA 42 0.13 148.01 3.76
C GLY BA 42 1.14 148.78 4.57
N VAL BA 43 2.08 148.09 5.22
CA VAL BA 43 3.09 148.70 6.07
C VAL BA 43 4.53 148.16 5.96
N MET BA 44 5.50 148.93 6.46
CA MET BA 44 6.86 148.40 6.59
C MET BA 44 6.83 147.75 7.96
N VAL BA 45 7.72 146.78 8.19
CA VAL BA 45 7.83 146.11 9.46
C VAL BA 45 8.20 147.07 10.59
N GLY BA 46 7.28 147.23 11.52
CA GLY BA 46 7.54 147.98 12.71
C GLY BA 46 6.99 149.39 12.63
N MET BA 47 6.65 149.83 11.43
CA MET BA 47 6.03 151.12 11.29
C MET BA 47 4.53 150.99 11.16
N GLY BA 48 3.87 152.14 11.31
CA GLY BA 48 2.45 152.27 11.04
C GLY BA 48 2.25 152.68 9.58
N GLN BA 49 0.94 152.66 9.23
CA GLN BA 49 0.45 153.16 7.96
C GLN BA 49 0.83 154.63 7.79
N LYS BA 50 1.41 154.93 6.66
CA LYS BA 50 1.94 156.22 6.40
C LYS BA 50 1.14 156.65 5.20
N ASP BA 51 0.69 157.88 5.34
CA ASP BA 51 -0.10 158.49 4.28
C ASP BA 51 0.76 159.09 3.18
N SER BA 52 2.00 159.40 3.54
CA SER BA 52 2.80 160.18 2.66
C SER BA 52 4.27 160.00 2.91
N TYR BA 53 5.11 160.29 1.97
CA TYR BA 53 6.52 160.11 2.16
C TYR BA 53 7.20 161.32 1.54
N VAL BA 54 8.34 161.82 2.01
CA VAL BA 54 8.96 163.03 1.45
C VAL BA 54 10.47 162.84 1.39
N GLY BA 55 11.08 163.40 0.34
CA GLY BA 55 12.52 163.41 0.20
C GLY BA 55 13.04 162.06 -0.17
N ASP BA 56 14.06 161.63 0.57
CA ASP BA 56 14.70 160.36 0.29
C ASP BA 56 13.82 159.19 0.62
N GLU BA 57 13.00 159.14 1.66
CA GLU BA 57 12.15 158.01 1.82
C GLU BA 57 11.14 157.83 0.67
N ALA BA 58 10.80 158.91 -0.03
CA ALA BA 58 9.95 158.79 -1.19
C ALA BA 58 10.77 158.26 -2.36
N GLN BA 59 12.03 158.62 -2.46
CA GLN BA 59 12.81 158.14 -3.55
C GLN BA 59 13.08 156.66 -3.34
N SER BA 60 13.54 156.28 -2.16
CA SER BA 60 13.88 154.90 -1.87
C SER BA 60 12.75 153.89 -1.97
N LYS BA 61 11.57 154.36 -1.67
CA LYS BA 61 10.44 153.49 -1.70
C LYS BA 61 9.67 153.81 -2.95
N ARG BA 62 10.23 154.31 -4.07
CA ARG BA 62 9.39 154.75 -5.19
C ARG BA 62 8.50 153.77 -5.92
N GLY BA 63 8.89 152.49 -5.87
CA GLY BA 63 8.13 151.43 -6.47
C GLY BA 63 6.73 151.28 -5.88
N ILE BA 64 6.38 151.66 -4.63
CA ILE BA 64 5.01 151.48 -4.17
C ILE BA 64 4.22 152.77 -4.00
N LEU BA 65 4.78 153.90 -4.41
CA LEU BA 65 4.17 155.22 -4.23
C LEU BA 65 4.02 156.00 -5.54
N THR BA 66 3.17 157.02 -5.62
CA THR BA 66 3.11 157.84 -6.81
C THR BA 66 3.81 159.11 -6.34
N LEU BA 67 4.93 159.33 -7.03
CA LEU BA 67 5.83 160.43 -6.76
C LEU BA 67 5.32 161.69 -7.37
N LYS BA 68 5.44 162.81 -6.66
CA LYS BA 68 5.04 164.10 -7.24
C LYS BA 68 5.99 165.20 -6.87
N TYR BA 69 6.26 166.01 -7.89
CA TYR BA 69 7.16 167.16 -7.79
C TYR BA 69 6.41 168.49 -7.55
N PRO BA 70 6.32 169.12 -6.35
CA PRO BA 70 5.62 170.37 -6.06
C PRO BA 70 6.05 171.62 -6.79
N ILE BA 71 7.30 171.63 -7.26
CA ILE BA 71 7.85 172.79 -7.91
C ILE BA 71 8.18 172.50 -9.37
N GLU BA 72 7.33 173.00 -10.26
CA GLU BA 72 7.59 172.78 -11.66
C GLU BA 72 8.29 173.98 -12.25
N HIS BA 73 9.54 173.77 -12.67
CA HIS BA 73 10.34 174.83 -13.27
C HIS BA 73 10.58 176.00 -12.33
N GLY BA 74 10.83 175.69 -11.05
CA GLY BA 74 11.14 176.73 -10.09
C GLY BA 74 9.94 177.37 -9.44
N ILE BA 75 8.73 177.23 -10.02
CA ILE BA 75 7.51 177.84 -9.45
C ILE BA 75 6.72 176.83 -8.62
N ILE BA 76 6.15 177.13 -7.43
CA ILE BA 76 5.39 176.13 -6.66
C ILE BA 76 4.05 175.96 -7.36
N THR BA 77 3.84 174.73 -7.80
CA THR BA 77 2.63 174.33 -8.52
C THR BA 77 1.64 173.64 -7.60
N ASN BA 78 2.07 172.88 -6.57
CA ASN BA 78 1.09 172.31 -5.66
C ASN BA 78 1.39 172.69 -4.25
N TRP BA 79 0.49 173.51 -3.68
CA TRP BA 79 0.66 174.06 -2.34
C TRP BA 79 0.38 173.09 -1.21
N ASP BA 80 -0.36 171.99 -1.43
CA ASP BA 80 -0.63 170.95 -0.41
C ASP BA 80 0.64 170.13 -0.20
N ASP BA 81 1.19 169.67 -1.32
CA ASP BA 81 2.48 169.04 -1.33
C ASP BA 81 3.68 169.88 -1.00
N MET BA 82 3.66 171.20 -1.10
CA MET BA 82 4.80 172.02 -0.73
C MET BA 82 4.79 172.13 0.78
N GLU BA 83 3.66 172.42 1.41
CA GLU BA 83 3.54 172.53 2.87
C GLU BA 83 4.03 171.25 3.51
N LYS BA 84 3.81 170.12 2.81
CA LYS BA 84 4.40 168.84 3.21
C LYS BA 84 5.92 168.89 3.17
N ILE BA 85 6.60 169.34 2.09
CA ILE BA 85 8.05 169.43 2.08
C ILE BA 85 8.57 170.39 3.14
N TRP BA 86 7.92 171.53 3.39
CA TRP BA 86 8.37 172.44 4.44
C TRP BA 86 8.28 171.79 5.79
N HIS BA 87 7.15 171.13 6.05
CA HIS BA 87 6.96 170.45 7.33
C HIS BA 87 8.11 169.48 7.62
N HIS BA 88 8.41 168.65 6.61
CA HIS BA 88 9.51 167.73 6.68
C HIS BA 88 10.80 168.47 6.95
N THR BA 89 11.04 169.62 6.34
CA THR BA 89 12.30 170.32 6.51
C THR BA 89 12.48 170.80 7.90
N PHE BA 90 11.48 171.46 8.46
CA PHE BA 90 11.62 171.94 9.80
C PHE BA 90 11.68 170.82 10.79
N TYR BA 91 10.66 169.97 10.80
CA TYR BA 91 10.53 169.04 11.87
C TYR BA 91 11.36 167.83 11.85
N ASN BA 92 11.71 167.33 10.68
CA ASN BA 92 12.48 166.10 10.62
C ASN BA 92 13.92 166.38 10.22
N GLU BA 93 14.13 167.13 9.16
CA GLU BA 93 15.47 167.39 8.70
C GLU BA 93 16.23 168.30 9.65
N LEU BA 94 15.74 169.49 9.99
CA LEU BA 94 16.50 170.38 10.86
C LEU BA 94 16.10 170.19 12.31
N ARG BA 95 14.99 169.46 12.55
CA ARG BA 95 14.45 169.08 13.85
C ARG BA 95 14.18 170.27 14.80
N VAL BA 96 13.94 171.42 14.20
CA VAL BA 96 13.68 172.63 14.96
C VAL BA 96 12.17 172.81 15.09
N ALA BA 97 11.72 173.62 16.05
CA ALA BA 97 10.33 174.01 16.06
C ALA BA 97 10.34 175.31 15.27
N PRO BA 98 9.55 175.54 14.23
CA PRO BA 98 9.56 176.77 13.46
C PRO BA 98 9.08 178.02 14.15
N GLU BA 99 8.17 177.90 15.15
CA GLU BA 99 7.62 179.06 15.84
C GLU BA 99 8.54 179.88 16.70
N GLU BA 100 9.82 179.50 16.76
CA GLU BA 100 10.77 180.42 17.36
C GLU BA 100 11.96 180.67 16.43
N HIS BA 101 11.86 180.44 15.11
CA HIS BA 101 12.99 180.71 14.21
C HIS BA 101 12.68 181.63 13.07
N PRO BA 102 13.38 182.72 12.76
CA PRO BA 102 13.07 183.55 11.61
C PRO BA 102 13.45 182.66 10.42
N THR BA 103 12.72 182.70 9.30
CA THR BA 103 12.93 181.83 8.14
C THR BA 103 13.21 182.61 6.85
N LEU BA 104 14.39 182.54 6.21
CA LEU BA 104 14.61 183.21 4.94
C LEU BA 104 14.39 182.16 3.91
N LEU BA 105 13.46 182.46 3.02
CA LEU BA 105 13.10 181.59 1.93
C LEU BA 105 13.56 182.11 0.58
N THR BA 106 13.56 181.30 -0.48
CA THR BA 106 13.90 181.87 -1.75
C THR BA 106 12.77 181.65 -2.74
N GLU BA 107 12.67 182.55 -3.71
CA GLU BA 107 11.73 182.33 -4.82
C GLU BA 107 12.48 182.48 -6.15
N ALA BA 108 11.78 182.15 -7.22
CA ALA BA 108 12.33 182.24 -8.56
C ALA BA 108 12.22 183.63 -9.18
N PRO BA 109 13.02 183.87 -10.21
CA PRO BA 109 13.03 185.09 -10.95
C PRO BA 109 11.75 185.85 -11.25
N LEU BA 110 10.72 185.36 -11.91
CA LEU BA 110 9.57 186.22 -12.16
C LEU BA 110 8.41 185.54 -11.46
N ASN BA 111 8.62 185.15 -10.20
CA ASN BA 111 7.66 184.45 -9.37
C ASN BA 111 6.45 185.35 -9.24
N PRO BA 112 5.29 184.83 -9.60
CA PRO BA 112 4.04 185.55 -9.54
C PRO BA 112 3.74 186.13 -8.17
N LYS BA 113 3.40 187.42 -8.13
CA LYS BA 113 3.11 188.19 -6.91
C LYS BA 113 2.29 187.46 -5.84
N ALA BA 114 1.33 186.73 -6.40
CA ALA BA 114 0.36 185.97 -5.66
C ALA BA 114 0.93 184.78 -4.90
N ASN BA 115 2.01 184.17 -5.42
CA ASN BA 115 2.72 183.07 -4.80
C ASN BA 115 3.51 183.57 -3.61
N ARG BA 116 4.22 184.71 -3.77
CA ARG BA 116 5.07 185.27 -2.71
C ARG BA 116 4.13 185.62 -1.58
N GLU BA 117 2.94 186.15 -1.88
CA GLU BA 117 1.91 186.31 -0.85
C GLU BA 117 1.39 184.97 -0.30
N LYS BA 118 1.27 183.90 -1.10
CA LYS BA 118 0.75 182.64 -0.58
C LYS BA 118 1.72 181.94 0.33
N MET BA 119 3.01 181.81 0.00
CA MET BA 119 3.94 181.18 0.91
C MET BA 119 4.17 181.99 2.18
N THR BA 120 3.78 183.26 2.16
CA THR BA 120 3.87 184.08 3.33
C THR BA 120 2.67 183.75 4.20
N GLN BA 121 1.50 183.64 3.58
CA GLN BA 121 0.28 183.19 4.23
C GLN BA 121 0.55 181.85 4.90
N ILE BA 122 1.20 180.87 4.28
CA ILE BA 122 1.46 179.56 4.87
C ILE BA 122 2.59 179.63 5.89
N MET BA 123 3.61 180.47 5.69
CA MET BA 123 4.68 180.53 6.67
C MET BA 123 4.11 181.07 7.95
N PHE BA 124 3.50 182.24 7.93
CA PHE BA 124 2.97 182.86 9.13
C PHE BA 124 1.72 182.21 9.66
N GLU BA 125 0.75 181.86 8.80
CA GLU BA 125 -0.49 181.29 9.33
C GLU BA 125 -0.49 179.79 9.56
N THR BA 126 0.27 178.90 8.92
CA THR BA 126 0.18 177.50 9.33
C THR BA 126 1.46 177.11 10.05
N PHE BA 127 2.64 177.74 9.87
CA PHE BA 127 3.84 177.35 10.64
C PHE BA 127 4.19 178.24 11.83
N ASN BA 128 3.58 179.44 11.81
CA ASN BA 128 3.66 180.41 12.88
C ASN BA 128 5.13 180.77 13.13
N VAL BA 129 5.88 181.09 12.09
CA VAL BA 129 7.28 181.47 12.28
C VAL BA 129 7.32 182.91 12.85
N PRO BA 130 8.29 183.40 13.66
CA PRO BA 130 8.30 184.76 14.18
C PRO BA 130 8.34 185.83 13.10
N ALA BA 131 9.22 185.58 12.12
CA ALA BA 131 9.46 186.47 11.00
C ALA BA 131 10.02 185.69 9.82
N MET BA 132 9.84 186.21 8.63
CA MET BA 132 10.35 185.58 7.42
C MET BA 132 10.72 186.60 6.37
N TYR BA 133 11.17 186.17 5.19
CA TYR BA 133 11.73 187.05 4.16
C TYR BA 133 11.87 186.19 2.93
N VAL BA 134 11.58 186.67 1.74
CA VAL BA 134 11.71 185.86 0.53
C VAL BA 134 12.80 186.53 -0.33
N ALA BA 135 14.00 185.97 -0.54
CA ALA BA 135 14.98 186.56 -1.47
C ALA BA 135 14.91 185.99 -2.90
N ILE BA 136 15.28 186.67 -3.98
CA ILE BA 136 15.19 186.08 -5.32
C ILE BA 136 16.46 185.30 -5.46
N GLN BA 137 16.39 184.14 -6.10
CA GLN BA 137 17.55 183.27 -6.13
C GLN BA 137 18.78 183.83 -6.79
N ALA BA 138 18.78 184.25 -8.07
CA ALA BA 138 19.96 184.88 -8.68
C ALA BA 138 20.63 186.01 -7.88
N VAL BA 139 19.75 186.73 -7.19
CA VAL BA 139 20.20 187.82 -6.38
C VAL BA 139 21.03 187.30 -5.21
N LEU BA 140 20.70 186.18 -4.57
CA LEU BA 140 21.53 185.62 -3.50
C LEU BA 140 22.80 185.01 -4.05
N SER BA 141 22.72 184.47 -5.25
CA SER BA 141 23.92 183.91 -5.82
C SER BA 141 24.94 184.98 -6.05
N LEU BA 142 24.53 186.13 -6.61
CA LEU BA 142 25.45 187.23 -6.92
C LEU BA 142 26.20 187.81 -5.73
N TYR BA 143 25.35 187.99 -4.74
CA TYR BA 143 25.74 188.57 -3.49
C TYR BA 143 26.71 187.66 -2.74
N ALA BA 144 26.50 186.36 -2.79
CA ALA BA 144 27.43 185.40 -2.22
C ALA BA 144 28.77 185.46 -2.97
N SER BA 145 28.87 186.05 -4.17
CA SER BA 145 30.16 186.18 -4.83
C SER BA 145 30.73 187.57 -4.58
N GLY BA 146 30.26 188.18 -3.50
CA GLY BA 146 30.66 189.49 -3.07
C GLY BA 146 29.86 190.60 -3.74
N ARG BA 147 29.61 190.59 -5.05
CA ARG BA 147 29.05 191.77 -5.70
C ARG BA 147 27.55 192.08 -5.75
N THR BA 148 27.22 193.24 -6.33
CA THR BA 148 25.85 193.73 -6.41
C THR BA 148 25.31 194.03 -7.78
N THR BA 149 26.19 194.09 -8.75
CA THR BA 149 25.82 194.25 -10.14
C THR BA 149 26.65 193.15 -10.80
N GLY BA 150 25.91 192.50 -11.68
CA GLY BA 150 26.39 191.41 -12.51
C GLY BA 150 25.22 190.74 -13.18
N ILE BA 151 25.42 189.67 -13.93
CA ILE BA 151 24.30 188.94 -14.50
C ILE BA 151 24.56 187.49 -14.09
N VAL BA 152 23.57 186.83 -13.48
CA VAL BA 152 23.73 185.45 -13.07
C VAL BA 152 23.15 184.48 -14.11
N LEU BA 153 23.92 183.47 -14.54
CA LEU BA 153 23.34 182.42 -15.34
C LEU BA 153 23.07 181.38 -14.25
N ASP BA 154 21.79 181.14 -14.00
CA ASP BA 154 21.43 180.21 -12.95
C ASP BA 154 20.76 179.00 -13.56
N SER BA 155 21.24 177.79 -13.22
CA SER BA 155 20.84 176.52 -13.83
C SER BA 155 20.84 175.31 -12.92
N GLY BA 156 19.66 174.80 -12.65
CA GLY BA 156 19.60 173.73 -11.69
C GLY BA 156 19.00 172.48 -12.25
N ASP BA 157 17.91 172.07 -11.62
CA ASP BA 157 17.30 170.85 -12.08
C ASP BA 157 16.17 171.00 -13.05
N GLY BA 158 15.21 171.91 -12.94
CA GLY BA 158 14.17 172.08 -13.93
C GLY BA 158 14.31 173.38 -14.75
N VAL BA 159 14.95 174.49 -14.31
CA VAL BA 159 15.06 175.75 -15.07
C VAL BA 159 16.47 176.30 -15.17
N THR BA 160 16.68 177.07 -16.27
CA THR BA 160 17.83 177.94 -16.46
C THR BA 160 17.36 179.38 -16.59
N HIS BA 161 18.14 180.32 -16.11
CA HIS BA 161 17.72 181.71 -16.06
C HIS BA 161 18.95 182.53 -16.27
N ASN BA 162 18.68 183.77 -16.68
CA ASN BA 162 19.70 184.83 -16.75
C ASN BA 162 19.11 185.99 -15.99
N VAL BA 163 19.68 186.43 -14.89
CA VAL BA 163 19.00 187.52 -14.18
C VAL BA 163 20.02 188.62 -14.03
N PRO BA 164 19.90 189.68 -14.84
CA PRO BA 164 20.78 190.84 -14.78
C PRO BA 164 20.38 191.60 -13.53
N ILE BA 165 21.34 191.90 -12.62
CA ILE BA 165 21.05 192.64 -11.39
C ILE BA 165 21.88 193.91 -11.30
N TYR BA 166 21.28 195.06 -10.97
CA TYR BA 166 22.00 196.31 -10.88
C TYR BA 166 21.81 196.93 -9.51
N GLU BA 167 22.90 197.08 -8.77
CA GLU BA 167 22.87 197.57 -7.40
C GLU BA 167 21.78 196.99 -6.51
N GLY BA 168 21.58 195.70 -6.85
CA GLY BA 168 20.74 194.82 -6.11
C GLY BA 168 19.39 194.54 -6.69
N TYR BA 169 18.90 195.39 -7.58
CA TYR BA 169 17.58 195.21 -8.14
C TYR BA 169 17.66 194.39 -9.42
N ALA BA 170 17.10 193.17 -9.37
CA ALA BA 170 17.02 192.28 -10.52
C ALA BA 170 16.16 192.94 -11.56
N LEU BA 171 16.59 192.92 -12.82
CA LEU BA 171 15.94 193.69 -13.87
C LEU BA 171 14.87 192.90 -14.62
N PRO BA 172 13.62 192.97 -14.17
CA PRO BA 172 12.50 192.21 -14.73
C PRO BA 172 12.39 191.99 -16.23
N HIS BA 173 12.55 193.06 -16.98
CA HIS BA 173 12.44 192.98 -18.42
C HIS BA 173 13.70 192.44 -19.09
N ALA BA 174 14.72 191.98 -18.41
CA ALA BA 174 15.89 191.53 -19.15
C ALA BA 174 16.20 190.07 -18.85
N ILE BA 175 15.47 189.53 -17.83
CA ILE BA 175 15.50 188.13 -17.35
C ILE BA 175 15.04 187.16 -18.44
N MET BA 176 15.76 186.04 -18.65
CA MET BA 176 15.41 185.03 -19.66
C MET BA 176 15.40 183.70 -18.94
N ARG BA 177 14.44 182.92 -19.35
CA ARG BA 177 14.24 181.60 -18.80
C ARG BA 177 14.29 180.58 -19.92
N LEU BA 178 15.07 179.53 -19.71
CA LEU BA 178 15.23 178.48 -20.67
C LEU BA 178 14.89 177.22 -19.90
N ASP BA 179 13.76 176.57 -20.19
CA ASP BA 179 13.36 175.32 -19.56
C ASP BA 179 14.13 174.07 -20.05
N LEU BA 180 15.47 174.02 -19.87
CA LEU BA 180 16.25 172.82 -20.15
C LEU BA 180 17.34 172.88 -19.10
N ALA BA 181 17.43 171.88 -18.25
CA ALA BA 181 18.39 171.88 -17.19
C ALA BA 181 18.95 170.49 -16.90
N GLY BA 182 19.47 170.21 -15.70
CA GLY BA 182 20.12 168.95 -15.35
C GLY BA 182 19.29 167.69 -15.48
N ARG BA 183 17.97 167.83 -15.32
CA ARG BA 183 16.96 166.76 -15.42
C ARG BA 183 16.91 166.33 -16.87
N ASP BA 184 16.70 167.29 -17.79
CA ASP BA 184 16.69 167.11 -19.23
C ASP BA 184 18.01 166.48 -19.66
N LEU BA 185 19.11 166.98 -19.10
CA LEU BA 185 20.47 166.53 -19.38
C LEU BA 185 20.86 165.11 -18.98
N THR BA 186 20.23 164.58 -17.93
CA THR BA 186 20.45 163.21 -17.48
C THR BA 186 19.69 162.31 -18.45
N ASP BA 187 18.53 162.74 -18.97
CA ASP BA 187 17.75 161.88 -19.82
C ASP BA 187 18.31 161.82 -21.21
N TYR BA 188 19.04 162.85 -21.62
CA TYR BA 188 19.67 162.84 -22.91
C TYR BA 188 20.90 161.96 -22.81
N LEU BA 189 21.67 161.99 -21.72
CA LEU BA 189 22.84 161.15 -21.60
C LEU BA 189 22.42 159.71 -21.71
N MET BA 190 21.32 159.42 -21.01
CA MET BA 190 20.67 158.13 -20.95
C MET BA 190 20.54 157.51 -22.34
N LYS BA 191 19.90 158.28 -23.24
CA LYS BA 191 19.74 157.85 -24.60
C LYS BA 191 21.12 157.81 -25.23
N ILE BA 192 22.04 158.79 -25.27
CA ILE BA 192 23.30 158.58 -25.97
C ILE BA 192 24.20 157.46 -25.42
N LEU BA 193 23.85 156.96 -24.25
CA LEU BA 193 24.58 155.90 -23.61
C LEU BA 193 23.91 154.56 -23.93
N THR BA 194 22.57 154.49 -24.07
CA THR BA 194 21.93 153.25 -24.52
C THR BA 194 22.25 153.06 -26.01
N GLU BA 195 22.32 154.21 -26.68
CA GLU BA 195 22.66 154.37 -28.09
C GLU BA 195 24.14 153.97 -28.30
N ARG BA 196 25.02 154.06 -27.28
CA ARG BA 196 26.38 153.53 -27.34
C ARG BA 196 26.36 152.00 -27.28
N GLY BA 197 25.16 151.41 -27.16
CA GLY BA 197 24.95 149.97 -27.13
C GLY BA 197 24.84 149.52 -25.69
N TYR BA 198 23.88 150.04 -24.92
CA TYR BA 198 23.74 149.69 -23.50
C TYR BA 198 22.29 149.60 -23.07
N SER BA 199 22.16 149.18 -21.80
CA SER BA 199 20.85 149.03 -21.18
C SER BA 199 20.79 149.35 -19.70
N PHE BA 200 19.97 150.36 -19.49
CA PHE BA 200 19.68 150.84 -18.16
C PHE BA 200 18.23 150.41 -18.07
N VAL BA 201 18.28 149.20 -17.54
CA VAL BA 201 17.08 148.40 -17.49
C VAL BA 201 16.42 148.47 -16.12
N THR BA 202 17.04 147.98 -15.04
CA THR BA 202 16.44 148.06 -13.70
C THR BA 202 16.60 149.46 -13.13
N THR BA 203 15.90 149.78 -12.03
CA THR BA 203 15.96 151.13 -11.45
C THR BA 203 17.35 151.45 -10.86
N ALA BA 204 18.14 150.42 -10.55
CA ALA BA 204 19.52 150.61 -10.12
C ALA BA 204 20.49 150.91 -11.29
N GLU BA 205 19.97 150.85 -12.50
CA GLU BA 205 20.72 151.20 -13.68
C GLU BA 205 20.29 152.62 -13.99
N ARG BA 206 18.98 152.92 -14.05
CA ARG BA 206 18.47 154.28 -14.27
C ARG BA 206 19.16 155.39 -13.43
N GLU BA 207 19.15 155.24 -12.10
CA GLU BA 207 19.58 156.26 -11.16
C GLU BA 207 21.04 156.68 -11.32
N ILE BA 208 21.89 155.68 -11.56
CA ILE BA 208 23.31 155.90 -11.68
C ILE BA 208 23.76 156.59 -13.00
N VAL BA 209 22.90 156.73 -14.03
CA VAL BA 209 23.26 157.46 -15.24
C VAL BA 209 23.46 158.92 -14.81
N ARG BA 210 22.70 159.35 -13.83
CA ARG BA 210 22.80 160.65 -13.27
C ARG BA 210 24.13 160.82 -12.53
N ASP BA 211 24.67 159.77 -11.88
CA ASP BA 211 25.94 159.84 -11.18
C ASP BA 211 27.10 159.76 -12.15
N ILE BA 212 26.84 159.21 -13.35
CA ILE BA 212 27.81 159.21 -14.45
C ILE BA 212 27.91 160.66 -14.94
N LYS BA 213 26.78 161.29 -15.32
CA LYS BA 213 26.68 162.70 -15.71
C LYS BA 213 27.43 163.59 -14.76
N GLU BA 214 27.17 163.50 -13.46
CA GLU BA 214 27.87 164.35 -12.49
C GLU BA 214 29.38 164.06 -12.47
N LYS BA 215 29.85 162.83 -12.28
CA LYS BA 215 31.29 162.51 -12.15
C LYS BA 215 32.19 162.65 -13.38
N LEU BA 216 31.73 162.09 -14.51
CA LEU BA 216 32.50 162.03 -15.73
C LEU BA 216 32.18 163.08 -16.76
N CYS BA 217 31.03 163.76 -16.79
CA CYS BA 217 30.79 164.80 -17.80
C CYS BA 217 31.53 166.12 -17.71
N TYR BA 218 31.81 166.53 -18.96
CA TYR BA 218 32.68 167.65 -19.32
C TYR BA 218 32.04 168.65 -20.27
N VAL BA 219 32.50 169.91 -20.24
CA VAL BA 219 32.10 170.85 -21.29
C VAL BA 219 33.42 171.23 -21.88
N ALA BA 220 33.57 170.68 -23.04
CA ALA BA 220 34.73 171.02 -23.80
C ALA BA 220 34.54 172.32 -24.56
N LEU BA 221 35.70 172.96 -24.57
CA LEU BA 221 35.95 174.14 -25.38
C LEU BA 221 36.51 173.53 -26.65
N ASP BA 222 35.95 174.05 -27.74
CA ASP BA 222 36.16 173.54 -29.09
C ASP BA 222 35.73 172.08 -29.12
N PHE BA 223 34.39 172.05 -29.02
CA PHE BA 223 33.59 170.81 -29.00
C PHE BA 223 33.61 170.17 -30.38
N GLU BA 224 34.02 171.01 -31.35
CA GLU BA 224 34.25 170.72 -32.77
C GLU BA 224 35.35 169.67 -32.99
N ASN BA 225 36.57 170.12 -32.64
CA ASN BA 225 37.75 169.30 -32.72
C ASN BA 225 37.97 168.60 -31.39
N GLU BA 226 36.89 168.07 -30.85
CA GLU BA 226 36.89 167.23 -29.66
C GLU BA 226 36.23 165.89 -30.04
N MET BA 227 35.23 166.02 -30.94
CA MET BA 227 34.62 164.93 -31.65
C MET BA 227 35.71 164.37 -32.57
N ALA BA 228 36.38 165.26 -33.34
CA ALA BA 228 37.51 164.89 -34.19
C ALA BA 228 38.58 164.13 -33.41
N THR BA 229 38.90 164.63 -32.21
CA THR BA 229 39.80 163.96 -31.30
C THR BA 229 39.31 162.57 -30.90
N ALA BA 230 37.98 162.46 -30.66
CA ALA BA 230 37.33 161.23 -30.22
C ALA BA 230 37.62 160.08 -31.16
N ALA BA 231 37.56 160.42 -32.47
CA ALA BA 231 37.79 159.53 -33.62
C ALA BA 231 39.21 158.95 -33.79
N SER BA 232 40.25 159.77 -33.63
CA SER BA 232 41.65 159.34 -33.61
C SER BA 232 41.87 158.36 -32.44
N SER BA 233 40.96 158.47 -31.46
CA SER BA 233 40.87 157.71 -30.22
C SER BA 233 42.19 157.62 -29.45
N SER BA 234 42.11 158.69 -28.68
CA SER BA 234 43.10 159.00 -27.68
C SER BA 234 42.62 158.29 -26.42
N SER BA 235 43.42 158.53 -25.37
CA SER BA 235 43.07 158.07 -24.04
C SER BA 235 42.14 159.15 -23.44
N LEU BA 236 41.06 159.48 -24.21
CA LEU BA 236 40.01 160.41 -23.81
C LEU BA 236 38.88 159.61 -23.12
N GLU BA 237 38.70 158.32 -23.50
CA GLU BA 237 37.69 157.42 -22.93
C GLU BA 237 37.63 157.29 -21.40
N LYS BA 238 36.47 156.93 -20.83
CA LYS BA 238 36.37 156.79 -19.39
C LYS BA 238 35.36 155.76 -18.93
N SER BA 239 35.88 154.67 -18.36
CA SER BA 239 35.03 153.62 -17.82
C SER BA 239 34.75 153.72 -16.33
N TYR BA 240 33.45 153.62 -16.06
CA TYR BA 240 32.83 153.69 -14.75
C TYR BA 240 32.39 152.27 -14.36
N GLU BA 241 32.63 151.81 -13.12
CA GLU BA 241 32.13 150.49 -12.67
C GLU BA 241 30.76 150.64 -12.00
N LEU BA 242 29.77 149.91 -12.55
CA LEU BA 242 28.37 150.00 -12.13
C LEU BA 242 28.07 149.52 -10.68
N PRO BA 243 26.82 149.35 -10.11
CA PRO BA 243 26.61 148.88 -8.71
C PRO BA 243 27.35 147.55 -8.40
N ASP BA 244 27.40 146.75 -9.49
CA ASP BA 244 28.17 145.50 -9.62
C ASP BA 244 29.45 145.72 -10.48
N GLY BA 245 30.04 144.64 -11.06
CA GLY BA 245 31.26 144.69 -11.87
C GLY BA 245 31.11 145.45 -13.18
N GLN BA 246 30.07 145.09 -13.95
CA GLN BA 246 29.68 145.67 -15.24
C GLN BA 246 30.23 147.06 -15.61
N VAL BA 247 31.52 146.99 -15.94
CA VAL BA 247 32.27 148.18 -16.31
C VAL BA 247 31.80 148.74 -17.65
N ILE BA 248 31.15 149.88 -17.50
CA ILE BA 248 30.64 150.57 -18.65
C ILE BA 248 31.66 151.60 -19.11
N THR BA 249 31.86 151.77 -20.43
CA THR BA 249 32.79 152.77 -20.94
C THR BA 249 32.03 153.91 -21.68
N ILE BA 250 32.56 155.10 -21.40
CA ILE BA 250 32.03 156.36 -21.90
C ILE BA 250 33.28 157.11 -22.28
N GLY BA 251 33.43 157.26 -23.58
CA GLY BA 251 34.58 158.01 -24.02
C GLY BA 251 34.20 159.44 -24.30
N ASN BA 252 33.48 159.40 -25.41
CA ASN BA 252 33.07 160.53 -26.22
C ASN BA 252 31.83 161.28 -25.64
N GLU BA 253 30.63 160.66 -25.57
CA GLU BA 253 29.35 161.20 -25.00
C GLU BA 253 29.37 162.02 -23.72
N ARG BA 254 30.43 161.68 -22.99
CA ARG BA 254 30.93 162.41 -21.86
C ARG BA 254 30.77 163.96 -21.97
N PHE BA 255 31.04 164.53 -23.17
CA PHE BA 255 30.89 165.96 -23.45
C PHE BA 255 29.75 166.27 -24.42
N ARG BA 256 29.19 165.26 -25.09
CA ARG BA 256 28.08 165.45 -25.98
C ARG BA 256 26.84 165.85 -25.19
N CYS BA 257 26.83 165.48 -23.91
CA CYS BA 257 25.76 165.81 -22.97
C CYS BA 257 25.77 167.32 -22.60
N PRO BA 258 26.82 167.99 -22.06
CA PRO BA 258 26.79 169.42 -21.81
C PRO BA 258 26.83 170.24 -23.13
N GLU BA 259 27.30 169.76 -24.31
CA GLU BA 259 27.18 170.48 -25.59
C GLU BA 259 25.65 170.67 -25.75
N THR BA 260 24.74 169.96 -25.07
CA THR BA 260 23.31 170.21 -25.20
C THR BA 260 22.98 171.60 -24.69
N LEU BA 261 23.59 172.03 -23.58
CA LEU BA 261 23.37 173.40 -23.09
C LEU BA 261 23.72 174.53 -24.08
N PHE BA 262 24.63 174.36 -25.07
CA PHE BA 262 24.94 175.37 -26.09
C PHE BA 262 24.15 175.14 -27.37
N GLN BA 263 23.80 173.88 -27.61
CA GLN BA 263 23.01 173.44 -28.74
C GLN BA 263 21.78 172.69 -28.20
N PRO BA 264 20.62 173.35 -28.07
CA PRO BA 264 19.37 172.76 -27.61
C PRO BA 264 18.81 171.86 -28.71
N SER BA 265 19.31 172.06 -29.95
CA SER BA 265 18.98 171.27 -31.15
C SER BA 265 19.30 169.76 -31.06
N PHE BA 266 20.22 169.42 -30.13
CA PHE BA 266 20.58 168.05 -29.75
C PHE BA 266 19.40 167.32 -29.12
N ILE BA 267 18.45 168.12 -28.64
CA ILE BA 267 17.30 167.55 -27.98
C ILE BA 267 15.98 168.06 -28.53
N GLY BA 268 15.94 168.42 -29.81
CA GLY BA 268 14.68 168.85 -30.36
C GLY BA 268 14.14 170.14 -29.73
N MET BA 269 15.07 170.89 -29.14
CA MET BA 269 14.70 172.21 -28.68
C MET BA 269 15.10 173.23 -29.74
N GLU BA 270 14.14 174.11 -30.06
CA GLU BA 270 14.33 175.23 -31.00
C GLU BA 270 14.79 176.56 -30.38
N SER BA 271 14.77 176.63 -29.04
CA SER BA 271 15.24 177.78 -28.27
C SER BA 271 16.74 177.98 -28.49
N ALA BA 272 17.16 179.21 -28.17
CA ALA BA 272 18.58 179.56 -28.24
C ALA BA 272 19.36 178.93 -27.08
N GLY BA 273 20.68 178.98 -27.04
CA GLY BA 273 21.41 178.33 -25.96
C GLY BA 273 22.04 179.31 -24.97
N ILE BA 274 22.37 178.77 -23.78
CA ILE BA 274 23.01 179.46 -22.67
C ILE BA 274 23.82 180.74 -22.97
N HIS BA 275 24.79 180.68 -23.88
CA HIS BA 275 25.68 181.79 -24.20
C HIS BA 275 25.04 182.90 -25.00
N GLU BA 276 24.16 182.52 -25.92
CA GLU BA 276 23.44 183.49 -26.71
C GLU BA 276 22.46 184.16 -25.83
N THR BA 277 21.89 183.40 -24.92
CA THR BA 277 20.88 183.91 -24.02
C THR BA 277 21.54 184.85 -23.03
N THR BA 278 22.76 184.59 -22.52
CA THR BA 278 23.51 185.51 -21.66
C THR BA 278 23.61 186.89 -22.31
N TYR BA 279 23.96 186.77 -23.59
CA TYR BA 279 24.14 187.89 -24.45
C TYR BA 279 22.85 188.58 -24.69
N ASN BA 280 21.77 187.88 -25.05
CA ASN BA 280 20.57 188.61 -25.41
C ASN BA 280 19.99 189.38 -24.25
N SER BA 281 20.19 188.85 -23.04
CA SER BA 281 19.73 189.45 -21.79
C SER BA 281 20.39 190.80 -21.73
N ILE BA 282 21.70 190.72 -22.05
CA ILE BA 282 22.59 191.87 -22.00
C ILE BA 282 22.22 192.84 -23.10
N MET BA 283 21.95 192.53 -24.38
CA MET BA 283 21.55 193.61 -25.27
C MET BA 283 20.07 194.05 -25.10
N LYS BA 284 19.39 193.57 -24.02
CA LYS BA 284 18.06 194.02 -23.57
C LYS BA 284 18.09 195.00 -22.40
N CYS BA 285 19.29 195.22 -21.85
CA CYS BA 285 19.52 196.10 -20.71
C CYS BA 285 19.97 197.48 -21.12
N ASP BA 286 20.00 198.45 -20.21
CA ASP BA 286 20.52 199.76 -20.53
C ASP BA 286 21.97 199.57 -20.92
N ILE BA 287 22.30 200.45 -21.88
CA ILE BA 287 23.60 200.62 -22.58
C ILE BA 287 24.85 200.93 -21.72
N ASP BA 288 24.59 201.86 -20.79
CA ASP BA 288 25.58 202.28 -19.85
C ASP BA 288 25.85 201.14 -18.88
N ILE BA 289 24.90 200.19 -18.60
CA ILE BA 289 25.21 199.13 -17.65
C ILE BA 289 25.80 197.90 -18.30
N ARG BA 290 25.79 197.81 -19.63
CA ARG BA 290 26.32 196.64 -20.28
C ARG BA 290 27.82 196.46 -20.02
N LYS BA 291 28.74 197.41 -19.75
CA LYS BA 291 30.10 196.94 -19.48
C LYS BA 291 30.19 196.18 -18.15
N ASP BA 292 29.29 196.53 -17.20
CA ASP BA 292 29.26 195.94 -15.87
C ASP BA 292 28.84 194.49 -15.90
N LEU BA 293 27.68 194.25 -16.50
CA LEU BA 293 27.19 192.92 -16.69
C LEU BA 293 28.23 192.02 -17.38
N TYR BA 294 28.93 192.54 -18.41
CA TYR BA 294 29.90 191.72 -19.10
C TYR BA 294 31.08 191.30 -18.28
N ALA BA 295 31.51 192.14 -17.36
CA ALA BA 295 32.65 191.74 -16.55
C ALA BA 295 32.19 190.98 -15.30
N ASN BA 296 30.90 190.60 -15.23
CA ASN BA 296 30.39 189.96 -14.04
C ASN BA 296 29.30 188.96 -14.32
N ASN BA 297 29.69 187.93 -15.04
CA ASN BA 297 28.82 186.81 -15.37
C ASN BA 297 29.05 185.82 -14.27
N VAL BA 298 28.17 185.77 -13.31
CA VAL BA 298 28.34 184.88 -12.18
C VAL BA 298 27.49 183.69 -12.55
N MET BA 299 28.10 182.52 -12.30
CA MET BA 299 27.41 181.28 -12.52
C MET BA 299 26.98 180.60 -11.21
N SER BA 300 25.75 180.11 -11.20
CA SER BA 300 25.37 179.30 -10.06
C SER BA 300 24.43 178.20 -10.51
N GLY BA 301 24.36 177.13 -9.70
CA GLY BA 301 23.48 176.02 -9.97
C GLY BA 301 24.20 174.69 -10.27
N GLY BA 302 23.56 173.58 -9.86
CA GLY BA 302 24.14 172.26 -10.05
C GLY BA 302 24.56 172.00 -11.49
N THR BA 303 23.77 172.38 -12.49
CA THR BA 303 24.11 172.07 -13.85
C THR BA 303 25.22 172.95 -14.38
N THR BA 304 25.69 174.01 -13.70
CA THR BA 304 26.81 174.83 -14.22
C THR BA 304 28.14 174.33 -13.69
N MET BA 305 28.12 173.16 -13.05
CA MET BA 305 29.30 172.58 -12.42
C MET BA 305 30.16 171.75 -13.38
N TYR BA 306 29.63 171.33 -14.56
CA TYR BA 306 30.37 170.58 -15.58
C TYR BA 306 31.72 171.24 -15.81
N PRO BA 307 32.92 170.70 -15.52
CA PRO BA 307 34.20 171.37 -15.78
C PRO BA 307 34.30 171.95 -17.21
N GLY BA 308 34.96 173.12 -17.32
CA GLY BA 308 35.22 173.77 -18.61
C GLY BA 308 34.03 174.50 -19.19
N ILE BA 309 33.06 174.73 -18.31
CA ILE BA 309 31.82 175.42 -18.64
C ILE BA 309 32.06 176.90 -18.77
N ALA BA 310 32.95 177.33 -17.87
CA ALA BA 310 33.34 178.71 -17.73
C ALA BA 310 34.19 179.08 -18.94
N ASP BA 311 35.23 178.28 -19.33
CA ASP BA 311 36.09 178.56 -20.49
C ASP BA 311 35.30 178.63 -21.80
N ARG BA 312 34.38 177.68 -22.01
CA ARG BA 312 33.51 177.68 -23.17
C ARG BA 312 32.69 178.95 -23.10
N MET BA 313 32.09 179.34 -21.96
CA MET BA 313 31.26 180.56 -21.90
C MET BA 313 32.02 181.85 -22.10
N GLN BA 314 33.29 181.80 -21.66
CA GLN BA 314 34.26 182.87 -21.75
C GLN BA 314 34.47 183.24 -23.18
N LYS BA 315 34.77 182.20 -23.95
CA LYS BA 315 34.98 182.34 -25.36
C LYS BA 315 33.72 182.44 -26.17
N GLU BA 316 32.63 181.97 -25.60
CA GLU BA 316 31.39 182.06 -26.31
C GLU BA 316 30.91 183.50 -26.34
N ILE BA 317 31.00 184.22 -25.20
CA ILE BA 317 30.52 185.58 -25.26
C ILE BA 317 31.61 186.55 -25.69
N THR BA 318 32.93 186.32 -25.56
CA THR BA 318 33.93 187.26 -26.07
C THR BA 318 33.68 187.50 -27.55
N ALA BA 319 33.53 186.36 -28.22
CA ALA BA 319 33.25 186.36 -29.64
C ALA BA 319 31.84 186.77 -30.08
N LEU BA 320 31.00 187.29 -29.17
CA LEU BA 320 29.72 187.88 -29.58
C LEU BA 320 29.63 189.34 -29.13
N ALA BA 321 30.43 189.64 -28.11
CA ALA BA 321 30.52 190.96 -27.52
C ALA BA 321 31.45 191.90 -28.30
N PRO BA 322 31.21 193.23 -28.33
CA PRO BA 322 32.05 194.21 -29.05
C PRO BA 322 33.49 194.16 -28.49
N SER BA 323 34.59 194.04 -29.26
CA SER BA 323 35.95 193.89 -28.70
C SER BA 323 36.52 194.88 -27.68
N THR BA 324 35.84 196.02 -27.63
CA THR BA 324 36.12 197.09 -26.68
C THR BA 324 35.74 196.65 -25.25
N MET BA 325 35.10 195.49 -25.13
CA MET BA 325 34.55 195.01 -23.90
C MET BA 325 35.42 194.01 -23.17
N LYS BA 326 35.26 194.08 -21.86
CA LYS BA 326 35.88 193.12 -20.98
C LYS BA 326 34.81 192.10 -20.62
N ILE BA 327 35.14 190.84 -20.87
CA ILE BA 327 34.29 189.70 -20.56
C ILE BA 327 34.82 189.15 -19.23
N LYS BA 328 33.98 188.62 -18.32
CA LYS BA 328 34.51 187.94 -17.14
C LYS BA 328 33.45 187.02 -16.52
N ILE BA 329 33.75 185.71 -16.68
CA ILE BA 329 32.88 184.61 -16.24
C ILE BA 329 33.34 184.06 -14.90
N ILE BA 330 32.67 184.46 -13.82
CA ILE BA 330 32.96 183.99 -12.49
C ILE BA 330 32.08 182.73 -12.28
N ALA BA 331 32.77 181.65 -11.89
CA ALA BA 331 32.20 180.36 -11.57
C ALA BA 331 32.86 179.86 -10.29
N PRO BA 332 32.38 180.12 -9.09
CA PRO BA 332 32.99 179.64 -7.86
C PRO BA 332 32.81 178.13 -7.67
N PRO BA 333 33.61 177.49 -6.80
CA PRO BA 333 33.57 176.06 -6.53
C PRO BA 333 32.34 175.64 -5.76
N GLU BA 334 31.89 176.45 -4.81
CA GLU BA 334 30.73 176.04 -4.07
C GLU BA 334 29.48 176.32 -4.88
N ARG BA 335 29.51 176.76 -6.15
CA ARG BA 335 28.30 177.13 -6.90
C ARG BA 335 27.01 176.29 -6.85
N LYS BA 336 27.06 174.99 -6.59
CA LYS BA 336 25.84 174.22 -6.40
C LYS BA 336 25.10 174.72 -5.14
N TYR BA 337 25.68 175.47 -4.20
CA TYR BA 337 24.98 176.11 -3.09
C TYR BA 337 25.13 177.67 -3.07
N SER BA 338 25.45 178.39 -4.16
CA SER BA 338 25.62 179.85 -4.13
C SER BA 338 24.46 180.59 -3.53
N VAL BA 339 23.29 180.23 -4.09
CA VAL BA 339 22.00 180.72 -3.67
C VAL BA 339 21.88 180.60 -2.17
N TRP BA 340 22.16 179.42 -1.61
CA TRP BA 340 21.94 179.17 -0.20
C TRP BA 340 22.90 179.97 0.66
N ILE BA 341 24.16 180.03 0.19
CA ILE BA 341 25.23 180.63 0.94
C ILE BA 341 24.96 182.11 0.97
N GLY BA 342 24.45 182.69 -0.12
CA GLY BA 342 24.12 184.11 -0.22
C GLY BA 342 23.03 184.44 0.80
N GLY BA 343 22.13 183.49 1.06
CA GLY BA 343 21.07 183.66 2.00
C GLY BA 343 21.61 183.56 3.41
N SER BA 344 22.55 182.64 3.66
CA SER BA 344 23.16 182.45 4.96
C SER BA 344 23.90 183.69 5.43
N ILE BA 345 24.61 184.30 4.48
CA ILE BA 345 25.37 185.51 4.71
C ILE BA 345 24.42 186.63 5.08
N LEU BA 346 23.54 186.91 4.13
CA LEU BA 346 22.57 187.97 4.24
C LEU BA 346 21.75 187.87 5.52
N ALA BA 347 21.24 186.67 5.81
CA ALA BA 347 20.34 186.55 6.94
C ALA BA 347 21.11 186.56 8.25
N SER BA 348 22.39 186.22 8.26
CA SER BA 348 23.12 186.31 9.52
C SER BA 348 23.66 187.73 9.74
N LEU BA 349 23.66 188.52 8.66
CA LEU BA 349 24.08 189.92 8.70
C LEU BA 349 23.33 190.80 9.67
N SER BA 350 24.26 191.61 10.15
CA SER BA 350 24.09 192.71 11.09
C SER BA 350 23.03 193.69 10.59
N THR BA 351 22.94 194.00 9.30
CA THR BA 351 21.96 194.97 8.82
C THR BA 351 20.62 194.47 8.32
N PHE BA 352 20.46 193.15 8.31
CA PHE BA 352 19.26 192.56 7.72
C PHE BA 352 18.06 192.51 8.62
N GLN BA 353 18.38 192.71 9.90
CA GLN BA 353 17.38 192.59 10.92
C GLN BA 353 16.20 193.50 10.65
N GLN BA 354 16.48 194.71 10.19
CA GLN BA 354 15.41 195.64 9.85
C GLN BA 354 14.64 195.33 8.55
N MET BA 355 14.96 194.27 7.76
CA MET BA 355 14.07 193.86 6.66
C MET BA 355 13.23 192.59 6.92
N TRP BA 356 13.47 191.85 8.01
CA TRP BA 356 12.63 190.72 8.37
C TRP BA 356 11.13 191.02 8.44
N ILE BA 357 10.20 190.37 7.71
CA ILE BA 357 8.77 190.67 7.92
C ILE BA 357 8.29 189.96 9.19
N THR BA 358 7.88 190.72 10.23
CA THR BA 358 7.47 190.11 11.49
C THR BA 358 5.98 189.86 11.50
N LYS BA 359 5.51 188.90 12.31
CA LYS BA 359 4.08 188.70 12.54
C LYS BA 359 3.34 189.99 12.88
N GLN BA 360 4.02 190.98 13.48
CA GLN BA 360 3.46 192.29 13.78
C GLN BA 360 3.16 192.85 12.39
N GLU BA 361 4.14 193.07 11.50
CA GLU BA 361 3.86 193.54 10.15
C GLU BA 361 2.71 192.78 9.45
N TYR BA 362 2.77 191.46 9.52
CA TYR BA 362 1.77 190.66 8.86
C TYR BA 362 0.38 190.80 9.45
N ASP BA 363 0.16 190.49 10.74
CA ASP BA 363 -1.16 190.55 11.35
C ASP BA 363 -1.81 191.92 11.14
N GLU BA 364 -0.95 192.92 10.93
CA GLU BA 364 -1.40 194.27 10.67
C GLU BA 364 -1.52 194.67 9.19
N ALA BA 365 -0.71 194.16 8.25
CA ALA BA 365 -0.76 194.61 6.83
C ALA BA 365 -1.28 193.66 5.72
N GLY BA 366 -1.48 192.39 6.12
CA GLY BA 366 -1.90 191.31 5.23
C GLY BA 366 -0.71 190.85 4.38
N PRO BA 367 -0.79 189.79 3.56
CA PRO BA 367 0.36 189.20 2.84
C PRO BA 367 1.11 190.16 1.92
N SER BA 368 0.36 191.23 1.60
CA SER BA 368 0.82 192.36 0.83
C SER BA 368 2.12 192.90 1.38
N ILE BA 369 2.24 192.99 2.72
CA ILE BA 369 3.43 193.50 3.41
C ILE BA 369 4.78 193.01 2.91
N VAL BA 370 4.95 191.69 2.78
CA VAL BA 370 6.22 191.10 2.37
C VAL BA 370 6.34 191.08 0.84
N HIS BA 371 5.18 191.16 0.18
CA HIS BA 371 5.18 191.09 -1.25
C HIS BA 371 6.06 192.18 -1.90
N ARG BA 372 6.19 193.35 -1.24
CA ARG BA 372 6.95 194.52 -1.71
C ARG BA 372 6.22 195.03 -2.98
N ASP CA 1 -6.21 203.57 -70.23
CA ASP CA 1 -6.24 202.21 -69.67
C ASP CA 1 -4.84 201.59 -69.60
N GLU CA 2 -4.09 201.90 -70.66
CA GLU CA 2 -2.68 201.58 -70.87
C GLU CA 2 -1.93 201.39 -69.56
N ASP CA 3 -2.13 202.40 -68.72
CA ASP CA 3 -1.68 202.30 -67.37
C ASP CA 3 -2.77 202.65 -66.36
N GLU CA 4 -4.02 203.03 -66.73
CA GLU CA 4 -5.12 203.31 -65.78
C GLU CA 4 -5.40 202.04 -64.95
N THR CA 5 -5.40 200.91 -65.68
CA THR CA 5 -5.57 199.56 -65.12
C THR CA 5 -4.33 198.99 -64.43
N THR CA 6 -3.30 199.32 -65.21
CA THR CA 6 -1.92 198.89 -65.16
C THR CA 6 -1.03 199.41 -64.03
N ALA CA 7 -1.38 200.45 -63.26
CA ALA CA 7 -0.52 200.90 -62.17
C ALA CA 7 -0.62 199.97 -60.98
N LEU CA 8 0.54 199.59 -60.44
CA LEU CA 8 0.59 198.67 -59.29
C LEU CA 8 0.85 199.46 -58.03
N VAL CA 9 0.43 199.02 -56.84
CA VAL CA 9 0.74 199.77 -55.65
C VAL CA 9 1.23 198.76 -54.67
N CYS CA 10 2.49 198.92 -54.27
CA CYS CA 10 3.09 197.99 -53.36
C CYS CA 10 3.54 198.71 -52.13
N ASP CA 11 2.90 198.40 -50.99
CA ASP CA 11 3.31 198.94 -49.72
C ASP CA 11 4.10 197.93 -48.86
N ASN CA 12 5.41 198.17 -48.74
CA ASN CA 12 6.35 197.31 -48.08
C ASN CA 12 6.38 197.63 -46.61
N GLY CA 13 6.05 196.64 -45.77
CA GLY CA 13 6.07 196.84 -44.33
C GLY CA 13 7.07 195.94 -43.65
N SER CA 14 7.12 196.22 -42.36
CA SER CA 14 7.95 195.46 -41.47
C SER CA 14 7.34 194.09 -41.22
N GLY CA 15 6.01 193.93 -41.22
CA GLY CA 15 5.38 192.66 -40.94
C GLY CA 15 4.70 192.16 -42.17
N LEU CA 16 3.91 193.00 -42.85
CA LEU CA 16 3.12 192.67 -44.04
C LEU CA 16 3.43 193.44 -45.32
N VAL CA 17 3.24 192.86 -46.51
CA VAL CA 17 3.30 193.57 -47.75
C VAL CA 17 1.84 193.80 -48.10
N LYS CA 18 1.42 194.94 -48.63
CA LYS CA 18 0.06 195.12 -49.12
C LYS CA 18 0.23 195.46 -50.59
N ALA CA 19 -0.46 194.82 -51.52
CA ALA CA 19 -0.20 195.01 -52.94
C ALA CA 19 -1.48 194.86 -53.75
N GLY CA 20 -1.47 195.25 -55.00
CA GLY CA 20 -2.72 195.29 -55.75
C GLY CA 20 -2.62 196.30 -56.86
N PHE CA 21 -3.78 196.59 -57.47
CA PHE CA 21 -3.81 197.49 -58.62
C PHE CA 21 -4.42 198.80 -58.22
N ALA CA 22 -3.82 199.90 -58.69
CA ALA CA 22 -4.33 201.25 -58.47
C ALA CA 22 -5.68 201.19 -59.12
N GLY CA 23 -6.65 201.67 -58.38
CA GLY CA 23 -8.01 201.53 -58.83
C GLY CA 23 -8.75 200.73 -57.79
N ASP CA 24 -8.27 199.56 -57.36
CA ASP CA 24 -8.97 198.76 -56.35
C ASP CA 24 -9.16 199.50 -55.05
N ASP CA 25 -10.09 199.00 -54.22
CA ASP CA 25 -10.43 199.67 -52.95
C ASP CA 25 -9.61 199.24 -51.74
N ALA CA 26 -9.00 198.05 -51.94
CA ALA CA 26 -8.20 197.36 -50.93
C ALA CA 26 -7.16 196.49 -51.60
N PRO CA 27 -6.05 196.15 -50.91
CA PRO CA 27 -4.98 195.31 -51.46
C PRO CA 27 -5.42 193.93 -51.93
N ARG CA 28 -4.99 193.61 -53.14
CA ARG CA 28 -5.24 192.30 -53.71
C ARG CA 28 -4.37 191.28 -53.00
N ALA CA 29 -3.24 191.72 -52.45
CA ALA CA 29 -2.32 190.79 -51.84
C ALA CA 29 -1.75 191.33 -50.54
N VAL CA 30 -1.86 190.50 -49.50
CA VAL CA 30 -1.38 190.84 -48.17
C VAL CA 30 -0.70 189.59 -47.66
N PHE CA 31 0.55 189.69 -47.21
CA PHE CA 31 1.27 188.50 -46.80
C PHE CA 31 2.50 188.82 -46.01
N PRO CA 32 3.04 187.97 -45.12
CA PRO CA 32 4.24 188.30 -44.37
C PRO CA 32 5.47 188.58 -45.22
N SER CA 33 6.24 189.45 -44.60
CA SER CA 33 7.42 190.03 -45.13
C SER CA 33 8.56 189.17 -44.60
N ILE CA 34 8.56 187.88 -44.93
CA ILE CA 34 9.64 186.97 -44.58
C ILE CA 34 10.23 186.27 -45.78
N VAL CA 35 11.40 185.68 -45.65
CA VAL CA 35 12.09 184.97 -46.67
C VAL CA 35 12.73 183.88 -45.86
N GLY CA 36 12.30 182.66 -46.13
CA GLY CA 36 12.76 181.50 -45.42
C GLY CA 36 13.76 180.79 -46.26
N ARG CA 37 14.76 180.28 -45.56
CA ARG CA 37 15.89 179.59 -46.17
C ARG CA 37 15.97 178.22 -45.48
N PRO CA 38 15.74 177.08 -46.13
CA PRO CA 38 15.76 175.75 -45.49
C PRO CA 38 17.03 175.36 -44.76
N ARG CA 39 16.83 175.07 -43.48
CA ARG CA 39 17.91 174.54 -42.65
C ARG CA 39 18.44 173.18 -43.09
N HIS CA 40 17.70 172.34 -43.90
CA HIS CA 40 18.19 170.99 -44.28
C HIS CA 40 17.95 170.58 -45.70
N GLN CA 41 18.68 169.64 -46.27
CA GLN CA 41 18.35 169.27 -47.62
C GLN CA 41 17.27 168.20 -47.69
N GLY CA 42 16.32 168.41 -48.60
CA GLY CA 42 15.17 167.56 -48.77
C GLY CA 42 14.08 168.23 -49.54
N VAL CA 43 12.95 167.56 -49.76
CA VAL CA 43 11.82 168.06 -50.54
C VAL CA 43 10.41 167.79 -49.98
N MET CA 44 9.42 168.54 -50.47
CA MET CA 44 8.03 168.21 -50.16
C MET CA 44 7.68 167.23 -51.26
N VAL CA 45 6.68 166.38 -51.03
CA VAL CA 45 6.20 165.43 -51.99
C VAL CA 45 5.67 166.10 -53.25
N GLY CA 46 6.35 165.87 -54.37
CA GLY CA 46 5.89 166.32 -55.64
C GLY CA 46 6.56 167.60 -56.07
N MET CA 47 7.22 168.28 -55.14
CA MET CA 47 7.96 169.46 -55.51
C MET CA 47 9.42 169.13 -55.66
N GLY CA 48 10.14 170.10 -56.26
CA GLY CA 48 11.58 170.08 -56.34
C GLY CA 48 12.17 170.81 -55.13
N GLN CA 49 13.51 170.68 -55.06
CA GLN CA 49 14.32 171.42 -54.12
C GLN CA 49 14.12 172.93 -54.30
N LYS CA 50 13.86 173.59 -53.22
CA LYS CA 50 13.54 174.98 -53.24
C LYS CA 50 14.62 175.58 -52.40
N ASP CA 51 15.13 176.65 -52.97
CA ASP CA 51 16.20 177.38 -52.32
C ASP CA 51 15.69 178.37 -51.29
N SER CA 52 14.42 178.75 -51.46
CA SER CA 52 13.93 179.86 -50.70
C SER CA 52 12.44 179.84 -50.58
N TYR CA 53 11.87 180.49 -49.61
CA TYR CA 53 10.45 180.48 -49.45
C TYR CA 53 10.05 181.90 -49.09
N VAL CA 54 8.88 182.43 -49.44
CA VAL CA 54 8.52 183.82 -49.14
C VAL CA 54 7.06 183.87 -48.73
N GLY CA 55 6.76 184.78 -47.79
CA GLY CA 55 5.41 185.04 -47.35
C GLY CA 55 4.86 183.93 -46.52
N ASP CA 56 3.66 183.48 -46.87
CA ASP CA 56 2.99 182.44 -46.11
C ASP CA 56 3.66 181.11 -46.27
N GLU CA 57 4.21 180.67 -47.39
CA GLU CA 57 4.90 179.41 -47.40
C GLU CA 57 6.13 179.40 -46.47
N ALA CA 58 6.72 180.55 -46.19
CA ALA CA 58 7.81 180.61 -45.25
C ALA CA 58 7.25 180.53 -43.83
N GLN CA 59 6.08 181.09 -43.60
CA GLN CA 59 5.55 181.04 -42.26
C GLN CA 59 5.10 179.61 -41.99
N SER CA 60 4.34 179.01 -42.89
CA SER CA 60 3.82 177.68 -42.70
C SER CA 60 4.85 176.56 -42.53
N LYS CA 61 5.95 176.75 -43.20
CA LYS CA 61 6.99 175.77 -43.14
C LYS CA 61 8.05 176.28 -42.21
N ARG CA 62 7.82 177.14 -41.19
CA ARG CA 62 8.93 177.72 -40.45
C ARG CA 62 9.88 176.84 -39.66
N GLY CA 63 9.38 175.66 -39.26
CA GLY CA 63 10.17 174.69 -38.55
C GLY CA 63 11.37 174.17 -39.35
N ILE CA 64 11.43 174.16 -40.70
CA ILE CA 64 12.64 173.67 -41.36
C ILE CA 64 13.48 174.74 -42.04
N LEU CA 65 13.14 176.01 -41.87
CA LEU CA 65 13.79 177.13 -42.55
C LEU CA 65 14.32 178.18 -41.57
N THR CA 66 15.26 179.05 -41.97
CA THR CA 66 15.67 180.13 -41.10
C THR CA 66 14.99 181.34 -41.76
N LEU CA 67 14.09 181.89 -40.96
CA LEU CA 67 13.25 183.00 -41.34
C LEU CA 67 14.00 184.29 -41.23
N LYS CA 68 13.82 185.19 -42.20
CA LYS CA 68 14.46 186.51 -42.11
C LYS CA 68 13.55 187.60 -42.58
N TYR CA 69 13.60 188.68 -41.80
CA TYR CA 69 12.81 189.88 -42.04
C TYR CA 69 13.60 190.99 -42.79
N PRO CA 70 13.46 191.26 -44.12
CA PRO CA 70 14.18 192.28 -44.89
C PRO CA 70 14.05 193.72 -44.49
N ILE CA 71 12.95 194.03 -43.80
CA ILE CA 71 12.68 195.39 -43.42
C ILE CA 71 12.68 195.55 -41.89
N GLU CA 72 13.76 196.13 -41.37
CA GLU CA 72 13.81 196.31 -39.95
C GLU CA 72 13.38 197.72 -39.60
N HIS CA 73 12.25 197.82 -38.90
CA HIS CA 73 11.73 199.11 -38.48
C HIS CA 73 11.37 200.02 -39.65
N GLY CA 74 10.79 199.43 -40.70
CA GLY CA 74 10.35 200.21 -41.83
C GLY CA 74 11.42 200.48 -42.86
N ILE CA 75 12.71 200.30 -42.53
CA ILE CA 75 13.82 200.56 -43.48
C ILE CA 75 14.30 199.27 -44.14
N ILE CA 76 14.59 199.15 -45.45
CA ILE CA 76 15.06 197.89 -46.05
C ILE CA 76 16.51 197.71 -45.62
N THR CA 77 16.70 196.61 -44.88
CA THR CA 77 18.00 196.23 -44.35
C THR CA 77 18.69 195.19 -45.21
N ASN CA 78 17.95 194.26 -45.86
CA ASN CA 78 18.64 193.32 -46.75
C ASN CA 78 18.05 193.37 -48.12
N TRP CA 79 18.86 193.86 -49.08
CA TRP CA 79 18.42 194.06 -50.45
C TRP CA 79 18.33 192.81 -51.28
N ASP CA 80 19.01 191.71 -50.91
CA ASP CA 80 18.93 190.41 -51.62
C ASP CA 80 17.59 189.76 -51.32
N ASP CA 81 17.28 189.69 -50.03
CA ASP CA 81 15.97 189.29 -49.58
C ASP CA 81 14.82 190.19 -49.88
N MET CA 82 14.97 191.48 -50.18
CA MET CA 82 13.84 192.32 -50.53
C MET CA 82 13.52 192.04 -51.98
N GLU CA 83 14.49 191.97 -52.87
CA GLU CA 83 14.26 191.69 -54.29
C GLU CA 83 13.53 190.36 -54.43
N LYS CA 84 13.81 189.45 -53.49
CA LYS CA 84 13.04 188.21 -53.38
C LYS CA 84 11.57 188.50 -53.05
N ILE CA 85 11.21 189.31 -52.03
CA ILE CA 85 9.81 189.62 -51.76
C ILE CA 85 9.15 190.33 -52.91
N TRP CA 86 9.82 191.26 -53.62
CA TRP CA 86 9.21 191.92 -54.76
C TRP CA 86 8.92 190.94 -55.86
N HIS CA 87 9.89 190.06 -56.14
CA HIS CA 87 9.71 189.07 -57.18
C HIS CA 87 8.45 188.24 -56.94
N HIS CA 88 8.33 187.75 -55.70
CA HIS CA 88 7.17 187.03 -55.27
C HIS CA 88 5.91 187.85 -55.48
N THR CA 89 5.93 189.14 -55.18
CA THR CA 89 4.74 189.96 -55.30
C THR CA 89 4.27 190.08 -56.70
N PHE CA 90 5.16 190.41 -57.61
CA PHE CA 90 4.75 190.54 -58.98
C PHE CA 90 4.36 189.22 -59.57
N TYR CA 91 5.28 188.26 -59.53
CA TYR CA 91 5.06 187.07 -60.29
C TYR CA 91 4.15 186.05 -59.76
N ASN CA 92 4.05 185.93 -58.46
CA ASN CA 92 3.20 184.90 -57.89
C ASN CA 92 1.93 185.47 -57.31
N GLU CA 93 2.06 186.50 -56.49
CA GLU CA 93 0.89 187.08 -55.86
C GLU CA 93 0.00 187.80 -56.85
N LEU CA 94 0.50 188.79 -57.62
CA LEU CA 94 -0.35 189.53 -58.53
C LEU CA 94 -0.33 188.90 -59.92
N ARG CA 95 0.61 187.97 -60.15
CA ARG CA 95 0.80 187.20 -61.38
C ARG CA 95 0.94 188.03 -62.66
N VAL CA 96 1.42 189.25 -62.48
CA VAL CA 96 1.61 190.17 -63.59
C VAL CA 96 3.04 190.08 -64.07
N ALA CA 97 3.32 190.54 -65.29
CA ALA CA 97 4.70 190.69 -65.70
C ALA CA 97 5.00 192.14 -65.33
N PRO CA 98 6.03 192.51 -64.58
CA PRO CA 98 6.32 193.88 -64.21
C PRO CA 98 6.72 194.83 -65.33
N GLU CA 99 7.36 194.30 -66.40
CA GLU CA 99 7.82 195.16 -67.48
C GLU CA 99 6.80 195.85 -68.35
N GLU CA 100 5.52 195.67 -68.04
CA GLU CA 100 4.53 196.53 -68.66
C GLU CA 100 3.62 197.20 -67.63
N HIS CA 101 4.02 197.31 -66.35
CA HIS CA 101 3.17 197.96 -65.35
C HIS CA 101 3.82 199.09 -64.61
N PRO CA 102 3.31 200.31 -64.49
CA PRO CA 102 3.95 201.37 -63.72
C PRO CA 102 3.78 200.88 -62.27
N THR CA 103 4.76 201.10 -61.38
CA THR CA 103 4.76 200.60 -60.01
C THR CA 103 4.87 201.73 -58.97
N LEU CA 104 3.86 202.02 -58.11
CA LEU CA 104 4.01 203.01 -57.06
C LEU CA 104 4.39 202.24 -55.85
N LEU CA 105 5.52 202.62 -55.29
CA LEU CA 105 6.05 202.02 -54.08
C LEU CA 105 5.97 202.94 -52.88
N THR CA 106 6.15 202.44 -51.65
CA THR CA 106 6.17 203.36 -50.57
C THR CA 106 7.47 203.24 -49.79
N GLU CA 107 7.88 204.33 -49.17
CA GLU CA 107 9.03 204.27 -48.26
C GLU CA 107 8.64 204.87 -46.90
N ALA CA 108 9.53 204.74 -45.95
CA ALA CA 108 9.33 205.26 -44.62
C ALA CA 108 9.70 206.72 -44.46
N PRO CA 109 9.20 207.34 -43.39
CA PRO CA 109 9.48 208.70 -43.05
C PRO CA 109 10.84 209.31 -43.25
N LEU CA 110 11.96 208.85 -42.70
CA LEU CA 110 13.20 209.57 -42.95
C LEU CA 110 14.11 208.57 -43.65
N ASN CA 111 13.57 207.90 -44.67
CA ASN CA 111 14.24 206.87 -45.44
C ASN CA 111 15.46 207.50 -46.06
N PRO CA 112 16.62 206.93 -45.81
CA PRO CA 112 17.89 207.41 -46.33
C PRO CA 112 17.90 207.56 -47.84
N LYS CA 113 18.33 208.73 -48.31
CA LYS CA 113 18.38 209.11 -49.74
C LYS CA 113 18.86 208.01 -50.69
N ALA CA 114 19.87 207.31 -50.16
CA ALA CA 114 20.55 206.24 -50.83
C ALA CA 114 19.72 205.00 -51.08
N ASN CA 115 18.75 204.71 -50.21
CA ASN CA 115 17.82 203.60 -50.31
C ASN CA 115 16.81 203.89 -51.41
N ARG CA 116 16.26 205.13 -51.45
CA ARG CA 116 15.24 205.53 -52.43
C ARG CA 116 15.92 205.42 -53.78
N GLU CA 117 17.17 205.83 -53.90
CA GLU CA 117 17.95 205.56 -55.11
C GLU CA 117 18.21 204.05 -55.35
N LYS CA 118 18.42 203.21 -54.32
CA LYS CA 118 18.69 201.80 -54.54
C LYS CA 118 17.46 201.05 -55.00
N MET CA 119 16.29 201.21 -54.40
CA MET CA 119 15.11 200.51 -54.87
C MET CA 119 14.66 200.98 -56.24
N THR CA 120 15.16 202.14 -56.68
CA THR CA 120 14.87 202.63 -57.99
C THR CA 120 15.79 201.91 -58.95
N GLN CA 121 17.05 201.79 -58.56
CA GLN CA 121 18.05 201.01 -59.30
C GLN CA 121 17.51 199.60 -59.49
N ILE CA 122 16.93 198.93 -58.49
CA ILE CA 122 16.42 197.56 -58.62
C ILE CA 122 15.10 197.53 -59.36
N MET CA 123 14.23 198.53 -59.21
CA MET CA 123 12.98 198.49 -59.93
C MET CA 123 13.26 198.60 -61.40
N PHE CA 124 13.97 199.63 -61.83
CA PHE CA 124 14.26 199.82 -63.24
C PHE CA 124 15.29 198.87 -63.82
N GLU CA 125 16.40 198.62 -63.10
CA GLU CA 125 17.41 197.75 -63.68
C GLU CA 125 17.23 196.27 -63.47
N THR CA 126 16.57 195.68 -62.45
CA THR CA 126 16.42 194.23 -62.46
C THR CA 126 14.98 193.87 -62.77
N PHE CA 127 13.94 194.70 -62.54
CA PHE CA 127 12.57 194.31 -62.89
C PHE CA 127 12.01 194.90 -64.19
N ASN CA 128 12.72 195.95 -64.65
CA ASN CA 128 12.47 196.62 -65.91
C ASN CA 128 11.03 197.12 -65.97
N VAL CA 129 10.57 197.81 -64.92
CA VAL CA 129 9.21 198.33 -64.92
C VAL CA 129 9.17 199.56 -65.86
N PRO CA 130 8.08 199.96 -66.57
CA PRO CA 130 8.06 201.13 -67.44
C PRO CA 130 8.38 202.44 -66.73
N ALA CA 131 7.74 202.58 -65.56
CA ALA CA 131 7.86 203.77 -64.71
C ALA CA 131 7.51 203.40 -63.28
N MET CA 132 8.01 204.18 -62.35
CA MET CA 132 7.75 203.97 -60.94
C MET CA 132 7.74 205.28 -60.17
N TYR CA 133 7.55 205.25 -58.84
CA TYR CA 133 7.32 206.44 -58.03
C TYR CA 133 7.41 205.96 -56.60
N VAL CA 134 8.02 206.68 -55.68
CA VAL CA 134 8.10 206.24 -54.29
C VAL CA 134 7.31 207.27 -53.46
N ALA CA 135 6.15 206.97 -52.85
CA ALA CA 135 5.47 207.92 -51.95
C ALA CA 135 5.83 207.75 -50.48
N ILE CA 136 5.78 208.73 -49.58
CA ILE CA 136 6.14 208.50 -48.18
C ILE CA 136 4.87 208.00 -47.55
N GLN CA 137 4.99 207.04 -46.64
CA GLN CA 137 3.80 206.40 -46.12
C GLN CA 137 2.82 207.29 -45.42
N ALA CA 138 3.15 208.02 -44.34
CA ALA CA 138 2.21 208.95 -43.72
C ALA CA 138 1.48 209.93 -44.66
N VAL CA 139 2.23 210.30 -45.69
CA VAL CA 139 1.70 211.20 -46.66
C VAL CA 139 0.57 210.52 -47.44
N LEU CA 140 0.64 209.23 -47.78
CA LEU CA 140 -0.47 208.56 -48.46
C LEU CA 140 -1.61 208.30 -47.50
N SER CA 141 -1.31 208.08 -46.24
CA SER CA 141 -2.38 207.89 -45.31
C SER CA 141 -3.21 209.12 -45.19
N LEU CA 142 -2.59 210.31 -45.07
CA LEU CA 142 -3.31 211.57 -44.92
C LEU CA 142 -4.27 211.92 -46.05
N TYR CA 143 -3.65 211.71 -47.20
CA TYR CA 143 -4.28 211.99 -48.45
C TYR CA 143 -5.49 211.09 -48.71
N ALA CA 144 -5.37 209.83 -48.32
CA ALA CA 144 -6.49 208.90 -48.39
C ALA CA 144 -7.60 209.35 -47.45
N SER CA 145 -7.37 210.24 -46.46
CA SER CA 145 -8.45 210.73 -45.63
C SER CA 145 -8.93 212.08 -46.13
N GLY CA 146 -8.68 212.32 -47.43
CA GLY CA 146 -9.05 213.52 -48.12
C GLY CA 146 -8.03 214.63 -47.98
N ARG CA 147 -7.47 214.92 -46.79
CA ARG CA 147 -6.67 216.13 -46.64
C ARG CA 147 -5.18 216.20 -46.99
N THR CA 148 -4.62 217.41 -46.85
CA THR CA 148 -3.24 217.69 -47.19
C THR CA 148 -2.36 218.26 -46.10
N THR CA 149 -2.98 218.70 -45.04
CA THR CA 149 -2.28 219.15 -43.85
C THR CA 149 -3.02 218.41 -42.75
N GLY CA 150 -2.15 217.90 -41.88
CA GLY CA 150 -2.52 217.15 -40.71
C GLY CA 150 -1.28 216.51 -40.12
N ILE CA 151 -1.40 215.72 -39.07
CA ILE CA 151 -0.24 215.00 -38.55
C ILE CA 151 -0.73 213.55 -38.47
N VAL CA 152 0.02 212.62 -39.04
CA VAL CA 152 -0.34 211.21 -39.01
C VAL CA 152 0.38 210.46 -37.87
N LEU CA 153 -0.35 209.74 -37.02
CA LEU CA 153 0.30 208.85 -36.09
C LEU CA 153 0.22 207.54 -36.86
N ASP CA 154 1.37 207.05 -37.29
CA ASP CA 154 1.38 205.84 -38.07
C ASP CA 154 2.08 204.74 -37.29
N SER CA 155 1.42 203.57 -37.16
CA SER CA 155 1.84 202.46 -36.29
C SER CA 155 1.51 201.07 -36.81
N GLY CA 156 2.54 200.33 -37.16
CA GLY CA 156 2.29 199.05 -37.76
C GLY CA 156 2.88 197.91 -37.00
N ASP CA 157 3.76 197.20 -37.68
CA ASP CA 157 4.35 196.06 -37.04
C ASP CA 157 5.69 196.29 -36.39
N GLY CA 158 6.67 196.98 -36.96
CA GLY CA 158 7.92 197.24 -36.29
C GLY CA 158 8.09 198.71 -35.87
N VAL CA 159 7.48 199.77 -36.47
CA VAL CA 159 7.65 201.17 -36.11
C VAL CA 159 6.37 201.93 -35.88
N THR CA 160 6.49 203.00 -35.02
CA THR CA 160 5.50 204.05 -34.86
C THR CA 160 6.12 205.38 -35.25
N HIS CA 161 5.33 206.27 -35.82
CA HIS CA 161 5.84 207.52 -36.35
C HIS CA 161 4.79 208.54 -36.13
N ASN CA 162 5.25 209.79 -36.17
CA ASN CA 162 4.38 210.97 -36.20
C ASN CA 162 4.86 211.78 -37.37
N VAL CA 163 4.09 212.01 -38.41
CA VAL CA 163 4.67 212.76 -39.52
C VAL CA 163 3.76 213.92 -39.77
N PRO CA 164 4.16 215.13 -39.35
CA PRO CA 164 3.40 216.35 -39.54
C PRO CA 164 3.55 216.69 -41.03
N ILE CA 165 2.44 216.90 -41.76
CA ILE CA 165 2.50 217.22 -43.20
C ILE CA 165 1.79 218.54 -43.47
N TYR CA 166 2.39 219.45 -44.22
CA TYR CA 166 1.77 220.74 -44.53
C TYR CA 166 1.69 220.95 -46.02
N GLU CA 167 0.47 221.05 -46.55
CA GLU CA 167 0.22 221.16 -47.97
C GLU CA 167 1.01 220.22 -48.84
N GLY CA 168 1.18 219.05 -48.21
CA GLY CA 168 1.74 217.88 -48.82
C GLY CA 168 3.15 217.56 -48.47
N TYR CA 169 3.91 218.53 -47.98
CA TYR CA 169 5.32 218.31 -47.68
C TYR CA 169 5.46 217.87 -46.23
N ALA CA 170 5.88 216.61 -46.03
CA ALA CA 170 6.15 216.04 -44.72
C ALA CA 170 7.28 216.82 -44.11
N LEU CA 171 7.17 217.19 -42.83
CA LEU CA 171 8.11 218.10 -42.21
C LEU CA 171 9.26 217.38 -41.50
N PRO CA 172 10.36 217.15 -42.19
CA PRO CA 172 11.52 216.40 -41.67
C PRO CA 172 11.95 216.56 -40.22
N HIS CA 173 12.07 217.79 -39.81
CA HIS CA 173 12.51 218.08 -38.45
C HIS CA 173 11.41 217.93 -37.41
N ALA CA 174 10.22 217.47 -37.70
CA ALA CA 174 9.23 217.40 -36.65
C ALA CA 174 8.73 215.99 -36.45
N ILE CA 175 9.14 215.10 -37.39
CA ILE CA 175 8.88 213.64 -37.43
C ILE CA 175 9.49 212.92 -36.22
N MET CA 176 8.75 212.02 -35.57
CA MET CA 176 9.23 211.27 -34.40
C MET CA 176 8.95 209.82 -34.70
N ARG CA 177 9.90 209.03 -34.28
CA ARG CA 177 9.86 207.60 -34.45
C ARG CA 177 9.98 206.92 -33.09
N LEU CA 178 9.07 205.98 -32.85
CA LEU CA 178 9.06 205.26 -31.60
C LEU CA 178 9.10 203.81 -32.04
N ASP CA 179 10.21 203.10 -31.80
CA ASP CA 179 10.32 201.68 -32.12
C ASP CA 179 9.59 200.73 -31.14
N LEU CA 180 8.25 200.83 -31.03
CA LEU CA 180 7.45 199.88 -30.26
C LEU CA 180 6.15 199.84 -31.04
N ALA CA 181 5.78 198.66 -31.52
CA ALA CA 181 4.59 198.53 -32.33
C ALA CA 181 3.87 197.23 -32.08
N GLY CA 182 3.04 196.72 -33.02
CA GLY CA 182 2.22 195.53 -32.85
C GLY CA 182 2.95 194.24 -32.54
N ARG CA 183 4.19 194.12 -33.00
CA ARG CA 183 5.10 192.98 -32.80
C ARG CA 183 5.46 192.93 -31.32
N ASP CA 184 5.97 194.06 -30.79
CA ASP CA 184 6.29 194.26 -29.38
C ASP CA 184 5.07 193.97 -28.53
N LEU CA 185 3.92 194.47 -28.99
CA LEU CA 185 2.63 194.32 -28.32
C LEU CA 185 2.04 192.92 -28.21
N THR CA 186 2.35 192.05 -29.18
CA THR CA 186 1.91 190.65 -29.13
C THR CA 186 2.79 189.93 -28.12
N ASP CA 187 4.07 190.31 -27.99
CA ASP CA 187 4.94 189.59 -27.12
C ASP CA 187 4.73 189.99 -25.69
N TYR CA 188 4.21 191.18 -25.45
CA TYR CA 188 3.90 191.60 -24.11
C TYR CA 188 2.61 190.92 -23.70
N LEU CA 189 1.62 190.78 -24.58
CA LEU CA 189 0.37 190.12 -24.20
C LEU CA 189 0.68 188.73 -23.78
N MET CA 190 1.55 188.09 -24.58
CA MET CA 190 2.05 186.75 -24.38
C MET CA 190 2.46 186.50 -22.94
N LYS CA 191 3.35 187.37 -22.44
CA LYS CA 191 3.79 187.29 -21.08
C LYS CA 191 2.61 187.63 -20.20
N ILE CA 192 1.82 188.71 -20.26
CA ILE CA 192 0.73 188.89 -19.28
C ILE CA 192 -0.35 187.81 -19.29
N LEU CA 193 -0.34 186.98 -20.31
CA LEU CA 193 -1.30 185.90 -20.46
C LEU CA 193 -0.68 184.61 -19.92
N THR CA 194 0.64 184.37 -20.03
CA THR CA 194 1.26 183.22 -19.39
C THR CA 194 1.28 183.48 -17.88
N GLU CA 195 1.47 184.76 -17.56
CA GLU CA 195 1.49 185.33 -16.22
C GLU CA 195 0.08 185.23 -15.61
N ARG CA 196 -1.00 185.17 -16.41
CA ARG CA 196 -2.37 184.90 -15.93
C ARG CA 196 -2.49 183.40 -15.54
N GLY CA 197 -1.42 182.63 -15.73
CA GLY CA 197 -1.34 181.23 -15.38
C GLY CA 197 -1.62 180.41 -16.62
N TYR CA 198 -0.82 180.56 -17.69
CA TYR CA 198 -1.06 179.83 -18.95
C TYR CA 198 0.23 179.41 -19.62
N SER CA 199 0.03 178.66 -20.71
CA SER CA 199 1.13 178.16 -21.51
C SER CA 199 0.86 178.07 -23.01
N PHE CA 200 1.70 178.87 -23.66
CA PHE CA 200 1.71 178.92 -25.10
C PHE CA 200 3.05 178.26 -25.36
N VAL CA 201 2.77 176.98 -25.49
CA VAL CA 201 3.84 176.02 -25.56
C VAL CA 201 4.17 175.64 -26.99
N THR CA 202 3.26 174.98 -27.74
CA THR CA 202 3.55 174.62 -29.14
C THR CA 202 3.37 175.83 -30.03
N THR CA 203 3.81 175.74 -31.30
CA THR CA 203 3.74 176.88 -32.22
C THR CA 203 2.29 177.25 -32.58
N ALA CA 204 1.36 176.30 -32.42
CA ALA CA 204 -0.07 176.58 -32.59
C ALA CA 204 -0.71 177.33 -31.39
N GLU CA 205 0.09 177.51 -30.34
CA GLU CA 205 -0.32 178.26 -29.19
C GLU CA 205 0.29 179.63 -29.39
N ARG CA 206 1.60 179.72 -29.69
CA ARG CA 206 2.27 181.01 -29.98
C ARG CA 206 1.49 181.95 -30.94
N GLU CA 207 1.18 181.45 -32.15
CA GLU CA 207 0.62 182.25 -33.23
C GLU CA 207 -0.71 182.91 -32.92
N ILE CA 208 -1.56 182.16 -32.23
CA ILE CA 208 -2.89 182.62 -31.88
C ILE CA 208 -2.96 183.67 -30.76
N VAL CA 209 -1.86 183.95 -30.01
CA VAL CA 209 -1.86 185.02 -29.02
C VAL CA 209 -2.03 186.33 -29.78
N ARG CA 210 -1.48 186.36 -30.99
CA ARG CA 210 -1.59 187.47 -31.88
C ARG CA 210 -3.05 187.64 -32.34
N ASP CA 211 -3.81 186.56 -32.54
CA ASP CA 211 -5.20 186.62 -32.96
C ASP CA 211 -6.11 186.98 -31.79
N ILE CA 212 -5.61 186.74 -30.56
CA ILE CA 212 -6.29 187.18 -29.33
C ILE CA 212 -6.14 188.69 -29.27
N LYS CA 213 -4.91 189.23 -29.32
CA LYS CA 213 -4.59 190.66 -29.38
C LYS CA 213 -5.46 191.36 -30.38
N GLU CA 214 -5.53 190.91 -31.63
CA GLU CA 214 -6.37 191.57 -32.64
C GLU CA 214 -7.85 191.52 -32.26
N LYS CA 215 -8.46 190.36 -31.99
CA LYS CA 215 -9.91 190.25 -31.73
C LYS CA 215 -10.48 190.83 -30.43
N LEU CA 216 -9.82 190.51 -29.32
CA LEU CA 216 -10.28 190.90 -28.00
C LEU CA 216 -9.63 192.11 -27.39
N CYS CA 217 -8.45 192.61 -27.81
CA CYS CA 217 -7.89 193.81 -27.20
C CYS CA 217 -8.51 195.17 -27.52
N TYR CA 218 -8.44 195.93 -26.41
CA TYR CA 218 -9.11 197.22 -26.22
C TYR CA 218 -8.18 198.32 -25.74
N VAL CA 219 -8.50 199.58 -26.03
CA VAL CA 219 -7.79 200.70 -25.41
C VAL CA 219 -8.90 201.41 -24.71
N ALA CA 220 -8.80 201.22 -23.42
CA ALA CA 220 -9.72 201.91 -22.58
C ALA CA 220 -9.25 203.32 -22.29
N LEU CA 221 -10.30 204.11 -22.21
CA LEU CA 221 -10.25 205.48 -21.75
C LEU CA 221 -10.54 205.31 -20.26
N ASP CA 222 -9.70 206.02 -19.52
CA ASP CA 222 -9.63 205.92 -18.06
C ASP CA 222 -9.33 204.46 -17.69
N PHE CA 223 -8.06 204.20 -18.04
CA PHE CA 223 -7.41 202.90 -17.88
C PHE CA 223 -7.16 202.64 -16.41
N GLU CA 224 -7.25 203.76 -15.64
CA GLU CA 224 -7.16 203.89 -14.20
C GLU CA 224 -8.27 203.11 -13.46
N ASN CA 225 -9.49 203.63 -13.68
CA ASN CA 225 -10.69 203.05 -13.11
C ASN CA 225 -11.28 202.08 -14.11
N GLU CA 226 -10.40 201.26 -14.69
CA GLU CA 226 -10.77 200.15 -15.56
C GLU CA 226 -10.15 198.87 -14.96
N MET CA 227 -8.97 199.08 -14.36
CA MET CA 227 -8.30 198.12 -13.50
C MET CA 227 -9.18 197.99 -12.25
N ALA CA 228 -9.57 199.14 -11.65
CA ALA CA 228 -10.50 199.20 -10.52
C ALA CA 228 -11.79 198.43 -10.82
N THR CA 229 -12.33 198.64 -12.02
CA THR CA 229 -13.49 197.90 -12.50
C THR CA 229 -13.22 196.39 -12.58
N ALA CA 230 -12.00 196.03 -13.03
CA ALA CA 230 -11.58 194.64 -13.22
C ALA CA 230 -11.75 193.82 -11.94
N ALA CA 231 -11.35 194.49 -10.84
CA ALA CA 231 -11.39 193.98 -9.46
C ALA CA 231 -12.76 193.68 -8.85
N SER CA 232 -13.73 194.58 -9.02
CA SER CA 232 -15.13 194.37 -8.63
C SER CA 232 -15.71 193.17 -9.39
N SER CA 233 -15.05 192.88 -10.53
CA SER CA 233 -15.33 191.82 -11.51
C SER CA 233 -16.78 191.73 -11.92
N SER CA 234 -16.80 192.54 -12.96
CA SER CA 234 -17.97 192.73 -13.79
C SER CA 234 -17.87 191.66 -14.87
N SER CA 235 -18.87 191.73 -15.75
CA SER CA 235 -18.89 190.88 -16.94
C SER CA 235 -18.03 191.62 -17.99
N LEU CA 236 -16.78 191.97 -17.59
CA LEU CA 236 -15.77 192.60 -18.44
C LEU CA 236 -14.91 191.50 -19.08
N GLU CA 237 -14.76 190.33 -18.40
CA GLU CA 237 -13.99 189.16 -18.88
C GLU CA 237 -14.32 188.64 -20.29
N LYS CA 238 -13.36 187.97 -20.95
CA LYS CA 238 -13.62 187.44 -22.27
C LYS CA 238 -12.84 186.19 -22.62
N SER CA 239 -13.58 185.08 -22.73
CA SER CA 239 -12.98 183.80 -23.10
C SER CA 239 -13.05 183.47 -24.59
N TYR CA 240 -11.86 183.11 -25.07
CA TYR CA 240 -11.56 182.73 -26.44
C TYR CA 240 -11.37 181.23 -26.49
N GLU CA 241 -11.93 180.49 -27.47
CA GLU CA 241 -11.67 179.04 -27.61
C GLU CA 241 -10.49 178.80 -28.56
N LEU CA 242 -9.47 178.11 -28.04
CA LEU CA 242 -8.21 177.86 -28.74
C LEU CA 242 -8.29 176.99 -30.03
N PRO CA 243 -7.24 176.48 -30.77
CA PRO CA 243 -7.41 175.64 -31.97
C PRO CA 243 -8.32 174.41 -31.73
N ASP CA 244 -8.19 173.94 -30.48
CA ASP CA 244 -9.00 172.89 -29.84
C ASP CA 244 -10.01 173.52 -28.84
N GLY CA 245 -10.55 172.73 -27.86
CA GLY CA 245 -11.53 173.18 -26.87
C GLY CA 245 -11.01 174.22 -25.89
N GLN CA 246 -9.84 173.92 -25.28
CA GLN CA 246 -9.11 174.75 -24.32
C GLN CA 246 -9.44 176.25 -24.26
N VAL CA 247 -10.61 176.47 -23.67
CA VAL CA 247 -11.14 177.81 -23.51
C VAL CA 247 -10.32 178.61 -22.51
N ILE CA 248 -9.63 179.56 -23.12
CA ILE CA 248 -8.80 180.45 -22.34
C ILE CA 248 -9.60 181.71 -22.00
N THR CA 249 -9.46 182.24 -20.78
CA THR CA 249 -10.14 183.47 -20.39
C THR CA 249 -9.14 184.64 -20.19
N ILE CA 250 -9.61 185.78 -20.68
CA ILE CA 250 -8.87 187.03 -20.69
C ILE CA 250 -9.91 188.03 -20.29
N GLY CA 251 -9.74 188.54 -19.09
CA GLY CA 251 -10.67 189.54 -18.66
C GLY CA 251 -10.13 190.91 -18.88
N ASN CA 252 -9.17 191.06 -17.98
CA ASN CA 252 -8.48 192.29 -17.64
C ASN CA 252 -7.34 192.67 -18.63
N GLU CA 253 -6.25 191.87 -18.77
CA GLU CA 253 -5.11 192.04 -19.71
C GLU CA 253 -5.36 192.49 -21.14
N ARG CA 254 -6.58 192.15 -21.51
CA ARG CA 254 -7.28 192.61 -22.68
C ARG CA 254 -6.95 194.11 -23.06
N PHE CA 255 -6.87 195.01 -22.05
CA PHE CA 255 -6.54 196.42 -22.23
C PHE CA 255 -5.18 196.79 -21.64
N ARG CA 256 -4.57 195.91 -20.84
CA ARG CA 256 -3.26 196.16 -20.27
C ARG CA 256 -2.21 196.16 -21.40
N CYS CA 257 -2.55 195.47 -22.49
CA CYS CA 257 -1.70 195.36 -23.68
C CYS CA 257 -1.66 196.72 -24.45
N PRO CA 258 -2.74 197.37 -24.93
CA PRO CA 258 -2.65 198.66 -25.59
C PRO CA 258 -2.31 199.80 -24.58
N GLU CA 259 -2.53 199.71 -23.24
CA GLU CA 259 -2.05 200.72 -22.28
C GLU CA 259 -0.51 200.72 -22.49
N THR CA 260 0.16 199.71 -23.11
CA THR CA 260 1.59 199.77 -23.34
C THR CA 260 1.91 200.91 -24.30
N LEU CA 261 1.10 201.13 -25.33
CA LEU CA 261 1.31 202.27 -26.22
C LEU CA 261 1.31 203.67 -25.56
N PHE CA 262 0.64 203.90 -24.40
CA PHE CA 262 0.68 205.17 -23.68
C PHE CA 262 1.72 205.17 -22.57
N GLN CA 263 2.01 203.97 -22.06
CA GLN CA 263 3.01 203.73 -21.03
C GLN CA 263 4.00 202.69 -21.56
N PRO CA 264 5.14 203.11 -22.11
CA PRO CA 264 6.19 202.24 -22.63
C PRO CA 264 6.92 201.59 -21.45
N SER CA 265 6.75 202.17 -20.25
CA SER CA 265 7.29 201.68 -18.97
C SER CA 265 6.82 200.26 -18.55
N PHE CA 266 5.68 199.83 -19.14
CA PHE CA 266 5.12 198.49 -19.03
C PHE CA 266 6.04 197.45 -19.64
N ILE CA 267 6.92 197.94 -20.51
CA ILE CA 267 7.82 197.05 -21.20
C ILE CA 267 9.28 197.48 -21.10
N GLY CA 268 9.65 198.16 -20.02
CA GLY CA 268 11.04 198.52 -19.87
C GLY CA 268 11.52 199.50 -20.95
N MET CA 269 10.54 200.20 -21.53
CA MET CA 269 10.93 201.29 -22.41
C MET CA 269 10.86 202.60 -21.64
N GLU CA 270 11.96 203.37 -21.78
CA GLU CA 270 12.09 204.70 -21.19
C GLU CA 270 11.63 205.89 -22.06
N SER CA 271 11.33 205.60 -23.34
CA SER CA 271 10.79 206.58 -24.29
C SER CA 271 9.42 207.05 -23.83
N ALA CA 272 9.03 208.21 -24.41
CA ALA CA 272 7.71 208.78 -24.16
C ALA CA 272 6.63 207.99 -24.91
N GLY CA 273 5.34 208.21 -24.68
CA GLY CA 273 4.33 207.42 -25.36
C GLY CA 273 3.57 208.20 -26.44
N ILE CA 274 2.91 207.42 -27.33
CA ILE CA 274 2.10 207.90 -28.45
C ILE CA 274 1.50 209.31 -28.37
N HIS CA 275 0.76 209.63 -27.30
CA HIS CA 275 0.09 210.91 -27.13
C HIS CA 275 1.00 212.09 -26.84
N GLU CA 276 2.03 211.84 -26.05
CA GLU CA 276 3.00 212.85 -25.73
C GLU CA 276 3.80 213.11 -26.94
N THR CA 277 4.06 212.06 -27.70
CA THR CA 277 4.87 212.17 -28.89
C THR CA 277 4.08 212.90 -29.95
N THR CA 278 2.76 212.70 -30.11
CA THR CA 278 1.92 213.46 -31.03
C THR CA 278 2.09 214.98 -30.79
N TYR CA 279 2.06 215.25 -29.49
CA TYR CA 279 2.17 216.57 -28.97
C TYR CA 279 3.54 217.08 -29.21
N ASN CA 280 4.61 216.36 -28.89
CA ASN CA 280 5.92 216.96 -28.99
C ASN CA 280 6.27 217.31 -30.43
N SER CA 281 5.75 216.51 -31.37
CA SER CA 281 5.95 216.69 -32.80
C SER CA 281 5.41 218.06 -33.12
N ILE CA 282 4.22 218.27 -32.52
CA ILE CA 282 3.44 219.49 -32.72
C ILE CA 282 4.15 220.64 -32.05
N MET CA 283 4.68 220.64 -30.82
CA MET CA 283 5.38 221.84 -30.38
C MET CA 283 6.81 222.00 -30.96
N LYS CA 284 7.17 221.15 -31.97
CA LYS CA 284 8.40 221.26 -32.79
C LYS CA 284 8.18 221.90 -34.16
N CYS CA 285 6.90 222.15 -34.49
CA CYS CA 285 6.49 222.72 -35.76
C CYS CA 285 6.28 224.21 -35.69
N ASP CA 286 6.11 224.90 -36.82
CA ASP CA 286 5.80 226.31 -36.78
C ASP CA 286 4.47 226.45 -36.07
N ILE CA 287 4.45 227.59 -35.36
CA ILE CA 287 3.39 228.14 -34.50
C ILE CA 287 2.01 228.40 -35.13
N ASP CA 288 2.11 228.99 -36.32
CA ASP CA 288 0.97 229.31 -37.12
C ASP CA 288 0.38 228.01 -37.65
N ILE CA 289 1.14 226.89 -37.82
CA ILE CA 289 0.53 225.67 -38.35
C ILE CA 289 0.01 224.77 -37.26
N ARG CA 290 0.33 225.02 -36.00
CA ARG CA 290 -0.14 224.16 -34.94
C ARG CA 290 -1.67 224.15 -34.83
N LYS CA 291 -2.54 225.11 -35.17
CA LYS CA 291 -3.97 224.81 -35.02
C LYS CA 291 -4.43 223.74 -36.02
N ASP CA 292 -3.76 223.69 -37.20
CA ASP CA 292 -4.11 222.79 -38.28
C ASP CA 292 -3.81 221.35 -37.92
N LEU CA 293 -2.57 221.10 -37.52
CA LEU CA 293 -2.16 219.80 -37.06
C LEU CA 293 -3.08 219.29 -35.95
N TYR CA 294 -3.48 220.15 -34.99
CA TYR CA 294 -4.33 219.69 -33.91
C TYR CA 294 -5.70 219.27 -34.32
N ALA CA 295 -6.26 219.88 -35.34
CA ALA CA 295 -7.59 219.47 -35.74
C ALA CA 295 -7.50 218.35 -36.79
N ASN CA 296 -6.31 217.76 -37.01
CA ASN CA 296 -6.16 216.77 -38.04
C ASN CA 296 -5.12 215.73 -37.71
N ASN CA 297 -5.43 214.98 -36.67
CA ASN CA 297 -4.60 213.88 -36.20
C ASN CA 297 -5.18 212.67 -36.91
N VAL CA 298 -4.55 212.24 -37.96
CA VAL CA 298 -5.06 211.13 -38.74
C VAL CA 298 -4.27 209.96 -38.22
N MET CA 299 -5.01 208.89 -37.99
CA MET CA 299 -4.40 207.66 -37.57
C MET CA 299 -4.35 206.60 -38.69
N SER CA 300 -3.21 205.94 -38.82
CA SER CA 300 -3.18 204.82 -39.72
C SER CA 300 -2.27 203.73 -39.17
N GLY CA 301 -2.49 202.51 -39.64
CA GLY CA 301 -1.68 201.37 -39.24
C GLY CA 301 -2.41 200.29 -38.44
N GLY CA 302 -2.00 199.04 -38.63
CA GLY CA 302 -2.62 197.91 -37.95
C GLY CA 302 -2.70 198.11 -36.44
N THR CA 303 -1.68 198.60 -35.78
CA THR CA 303 -1.70 198.72 -34.35
C THR CA 303 -2.58 199.87 -33.88
N THR CA 304 -3.10 200.76 -34.72
CA THR CA 304 -3.98 201.85 -34.24
C THR CA 304 -5.45 201.44 -34.33
N MET CA 305 -5.68 200.14 -34.60
CA MET CA 305 -7.03 199.61 -34.78
C MET CA 305 -7.71 199.20 -33.48
N TYR CA 306 -6.95 199.03 -32.35
CA TYR CA 306 -7.50 198.70 -31.03
C TYR CA 306 -8.69 199.58 -30.73
N PRO CA 307 -9.97 199.17 -30.61
CA PRO CA 307 -11.08 200.08 -30.30
C PRO CA 307 -10.78 201.02 -29.10
N GLY CA 308 -11.30 202.26 -29.20
CA GLY CA 308 -11.18 203.25 -28.13
C GLY CA 308 -9.82 203.91 -28.02
N ILE CA 309 -9.08 203.77 -29.12
CA ILE CA 309 -7.75 204.33 -29.26
C ILE CA 309 -7.81 205.80 -29.52
N ALA CA 310 -8.84 206.12 -30.31
CA ALA CA 310 -9.13 207.46 -30.75
C ALA CA 310 -9.64 208.25 -29.55
N ASP CA 311 -10.63 207.74 -28.75
CA ASP CA 311 -11.16 208.44 -27.57
C ASP CA 311 -10.07 208.74 -26.53
N ARG CA 312 -9.22 207.74 -26.23
CA ARG CA 312 -8.09 207.91 -25.33
C ARG CA 312 -7.20 208.99 -25.92
N MET CA 313 -6.86 208.97 -27.22
CA MET CA 313 -5.97 209.98 -27.80
C MET CA 313 -6.55 211.39 -27.82
N GLN CA 314 -7.87 211.42 -27.97
CA GLN CA 314 -8.70 212.61 -28.01
C GLN CA 314 -8.53 213.37 -26.72
N LYS CA 315 -8.73 212.62 -25.64
CA LYS CA 315 -8.60 213.16 -24.32
C LYS CA 315 -7.17 213.27 -23.85
N GLU CA 316 -6.30 212.51 -24.47
CA GLU CA 316 -4.92 212.59 -24.08
C GLU CA 316 -4.31 213.90 -24.57
N ILE CA 317 -4.60 214.30 -25.81
CA ILE CA 317 -4.00 215.54 -26.25
C ILE CA 317 -4.87 216.74 -25.92
N THR CA 318 -6.19 216.69 -25.70
CA THR CA 318 -6.96 217.87 -25.29
C THR CA 318 -6.36 218.44 -24.01
N ALA CA 319 -6.15 217.50 -23.10
CA ALA CA 319 -5.55 217.83 -21.83
C ALA CA 319 -4.04 218.13 -21.81
N LEU CA 320 -3.39 218.27 -22.99
CA LEU CA 320 -2.01 218.74 -23.04
C LEU CA 320 -1.90 220.00 -23.89
N ALA CA 321 -2.89 220.14 -24.78
CA ALA CA 321 -3.00 221.26 -25.68
C ALA CA 321 -3.63 222.49 -25.03
N PRO CA 322 -3.28 223.74 -25.45
CA PRO CA 322 -3.83 224.99 -24.88
C PRO CA 322 -5.36 225.01 -25.09
N SER CA 323 -6.25 225.27 -24.12
CA SER CA 323 -7.71 225.18 -24.32
C SER CA 323 -8.42 225.94 -25.45
N THR CA 324 -7.67 226.92 -25.96
CA THR CA 324 -8.06 227.74 -27.10
C THR CA 324 -8.07 226.89 -28.39
N MET CA 325 -7.58 225.65 -28.30
CA MET CA 325 -7.40 224.78 -29.43
C MET CA 325 -8.49 223.78 -29.64
N LYS CA 326 -8.65 223.48 -30.92
CA LYS CA 326 -9.54 222.43 -31.34
C LYS CA 326 -8.68 221.20 -31.60
N ILE CA 327 -9.05 220.11 -30.94
CA ILE CA 327 -8.41 218.81 -31.08
C ILE CA 327 -9.28 218.02 -32.05
N LYS CA 328 -8.73 217.15 -32.93
CA LYS CA 328 -9.58 216.27 -33.72
C LYS CA 328 -8.79 215.08 -34.26
N ILE CA 329 -9.15 213.92 -33.67
CA ILE CA 329 -8.52 212.63 -33.94
C ILE CA 329 -9.33 211.82 -34.94
N ILE CA 330 -8.90 211.82 -36.20
CA ILE CA 330 -9.54 211.06 -37.26
C ILE CA 330 -8.85 209.68 -37.27
N ALA CA 331 -9.71 208.66 -37.18
CA ALA CA 331 -9.34 207.25 -37.22
C ALA CA 331 -10.33 206.54 -38.14
N PRO CA 332 -10.12 206.41 -39.44
CA PRO CA 332 -11.06 205.72 -40.33
C PRO CA 332 -11.04 204.20 -40.11
N PRO CA 333 -12.09 203.49 -40.57
CA PRO CA 333 -12.25 202.05 -40.42
C PRO CA 333 -11.28 201.26 -41.28
N GLU CA 334 -10.98 201.72 -42.49
CA GLU CA 334 -10.08 200.96 -43.30
C GLU CA 334 -8.66 201.25 -42.87
N ARG CA 335 -8.35 202.00 -41.81
CA ARG CA 335 -6.96 202.35 -41.46
C ARG CA 335 -5.81 201.36 -41.53
N LYS CA 336 -6.03 200.05 -41.39
CA LYS CA 336 -4.95 199.09 -41.59
C LYS CA 336 -4.50 199.12 -43.06
N TYR CA 337 -5.23 199.68 -44.03
CA TYR CA 337 -4.75 199.91 -45.40
C TYR CA 337 -4.75 201.39 -45.85
N SER CA 338 -4.75 202.43 -44.97
CA SER CA 338 -4.78 203.83 -45.38
C SER CA 338 -3.73 204.20 -46.39
N VAL CA 339 -2.51 203.84 -46.00
CA VAL CA 339 -1.32 204.00 -46.79
C VAL CA 339 -1.56 203.48 -48.19
N TRP CA 340 -2.08 202.24 -48.31
CA TRP CA 340 -2.22 201.60 -49.61
C TRP CA 340 -3.28 202.29 -50.44
N ILE CA 341 -4.38 202.65 -49.77
CA ILE CA 341 -5.53 203.20 -50.42
C ILE CA 341 -5.16 204.56 -50.94
N GLY CA 342 -4.35 205.32 -50.17
CA GLY CA 342 -3.89 206.65 -50.57
C GLY CA 342 -3.03 206.53 -51.83
N GLY CA 343 -2.31 205.42 -51.98
CA GLY CA 343 -1.50 205.17 -53.14
C GLY CA 343 -2.36 204.80 -54.32
N SER CA 344 -3.41 204.00 -54.10
CA SER CA 344 -4.33 203.58 -55.13
C SER CA 344 -5.05 204.74 -55.77
N ILE CA 345 -5.45 205.68 -54.92
CA ILE CA 345 -6.14 206.89 -55.33
C ILE CA 345 -5.20 207.71 -56.19
N LEU CA 346 -4.10 208.10 -55.56
CA LEU CA 346 -3.10 208.94 -56.16
C LEU CA 346 -2.62 208.38 -57.49
N ALA CA 347 -2.30 207.09 -57.53
CA ALA CA 347 -1.71 206.53 -58.74
C ALA CA 347 -2.75 206.33 -59.81
N SER CA 348 -4.03 206.19 -59.46
CA SER CA 348 -5.04 206.06 -60.52
C SER CA 348 -5.48 207.45 -61.02
N LEU CA 349 -5.16 208.48 -60.24
CA LEU CA 349 -5.44 209.86 -60.59
C LEU CA 349 -4.87 210.33 -61.90
N SER CA 350 -5.81 211.13 -62.40
CA SER CA 350 -5.77 211.89 -63.63
C SER CA 350 -4.54 212.81 -63.65
N THR CA 351 -4.12 213.43 -62.55
CA THR CA 351 -2.97 214.32 -62.59
C THR CA 351 -1.59 213.77 -62.25
N PHE CA 352 -1.55 212.49 -61.89
CA PHE CA 352 -0.32 211.90 -61.41
C PHE CA 352 0.63 211.43 -62.49
N GLN CA 353 0.04 211.34 -63.67
CA GLN CA 353 0.75 210.82 -64.81
C GLN CA 353 2.03 211.57 -65.05
N GLN CA 354 1.98 212.89 -64.92
CA GLN CA 354 3.18 213.70 -65.08
C GLN CA 354 4.20 213.63 -63.93
N MET CA 355 3.98 212.88 -62.82
CA MET CA 355 5.07 212.63 -61.84
C MET CA 355 5.71 211.23 -61.89
N TRP CA 356 5.16 210.28 -62.66
CA TRP CA 356 5.78 208.98 -62.84
C TRP CA 356 7.24 209.01 -63.29
N ILE CA 357 8.27 208.46 -62.62
CA ILE CA 357 9.63 208.46 -63.18
C ILE CA 357 9.72 207.39 -64.27
N THR CA 358 9.95 207.78 -65.54
CA THR CA 358 9.98 206.80 -66.62
C THR CA 358 11.40 206.34 -66.87
N LYS CA 359 11.58 205.14 -67.46
CA LYS CA 359 12.89 204.67 -67.90
C LYS CA 359 13.64 205.69 -68.73
N GLN CA 360 12.93 206.59 -69.44
CA GLN CA 360 13.52 207.68 -70.21
C GLN CA 360 14.19 208.53 -69.13
N GLU CA 361 13.46 209.12 -68.17
CA GLU CA 361 14.11 209.88 -67.09
C GLU CA 361 15.30 209.16 -66.47
N TYR CA 362 15.12 207.88 -66.13
CA TYR CA 362 16.18 207.15 -65.48
C TYR CA 362 17.40 206.92 -66.35
N ASP CA 363 17.27 206.25 -67.52
CA ASP CA 363 18.41 205.95 -68.37
C ASP CA 363 19.20 207.21 -68.70
N GLU CA 364 18.50 208.36 -68.63
CA GLU CA 364 19.14 209.64 -68.85
C GLU CA 364 19.63 210.39 -67.62
N ALA CA 365 19.03 210.27 -66.42
CA ALA CA 365 19.45 211.06 -65.23
C ALA CA 365 20.13 210.37 -64.04
N GLY CA 366 20.12 209.01 -64.08
CA GLY CA 366 20.64 208.16 -63.01
C GLY CA 366 19.64 208.12 -61.85
N PRO CA 367 19.83 207.31 -60.79
CA PRO CA 367 18.84 207.11 -59.72
C PRO CA 367 18.40 208.38 -58.97
N SER CA 368 19.30 209.37 -59.14
CA SER CA 368 19.14 210.72 -58.65
C SER CA 368 17.79 211.29 -59.06
N ILE CA 369 17.37 211.04 -60.32
CA ILE CA 369 16.10 211.52 -60.87
C ILE CA 369 14.87 211.40 -59.98
N VAL CA 370 14.62 210.20 -59.45
CA VAL CA 370 13.44 209.92 -58.63
C VAL CA 370 13.68 210.34 -57.17
N HIS CA 371 14.97 210.41 -56.81
CA HIS CA 371 15.30 210.71 -55.44
C HIS CA 371 14.71 212.05 -54.97
N ARG CA 372 14.52 213.01 -55.90
CA ARG CA 372 14.01 214.36 -55.64
C ARG CA 372 15.06 215.08 -54.75
N VAL DA 239 28.05 -142.00 20.05
CA VAL DA 239 29.20 -142.92 20.03
C VAL DA 239 29.76 -143.14 21.43
N THR DA 240 30.02 -142.11 22.25
CA THR DA 240 30.49 -142.33 23.61
C THR DA 240 29.51 -143.14 24.46
N LYS DA 241 28.20 -142.91 24.32
CA LYS DA 241 27.19 -143.74 24.96
C LYS DA 241 27.28 -145.22 24.55
N LEU DA 242 27.28 -145.53 23.25
CA LEU DA 242 27.41 -146.89 22.76
C LEU DA 242 28.74 -147.58 23.04
N GLU DA 243 29.85 -146.84 23.02
CA GLU DA 243 31.16 -147.36 23.42
C GLU DA 243 31.13 -147.73 24.92
N LYS DA 244 30.56 -146.87 25.77
CA LYS DA 244 30.34 -147.20 27.18
C LYS DA 244 29.45 -148.45 27.36
N SER DA 245 28.33 -148.56 26.65
CA SER DA 245 27.54 -149.80 26.68
C SER DA 245 28.28 -151.01 26.07
N ILE DA 246 29.18 -150.87 25.09
CA ILE DA 246 29.92 -152.05 24.62
C ILE DA 246 30.91 -152.55 25.66
N ASP DA 247 31.66 -151.67 26.33
CA ASP DA 247 32.58 -152.11 27.36
C ASP DA 247 31.85 -152.78 28.55
N ASP DA 248 30.69 -152.28 29.03
CA ASP DA 248 29.97 -152.98 30.07
C ASP DA 248 29.49 -154.37 29.62
N LEU DA 249 28.88 -154.56 28.44
CA LEU DA 249 28.50 -155.89 27.97
C LEU DA 249 29.68 -156.83 27.74
N GLU DA 250 30.78 -156.39 27.12
CA GLU DA 250 31.99 -157.19 26.95
C GLU DA 250 32.63 -157.60 28.30
N ASP DA 251 32.57 -156.74 29.32
CA ASP DA 251 33.02 -157.12 30.66
C ASP DA 251 32.08 -158.02 31.45
N GLU DA 252 30.75 -157.76 31.44
CA GLU DA 252 29.72 -158.64 32.00
C GLU DA 252 29.94 -160.05 31.44
N LEU DA 253 30.55 -159.99 30.26
CA LEU DA 253 31.02 -161.17 29.60
C LEU DA 253 32.03 -162.19 29.79
N TYR DA 254 33.23 -161.70 29.92
CA TYR DA 254 34.20 -162.64 30.39
C TYR DA 254 33.79 -163.14 31.78
N ALA DA 255 33.04 -162.33 32.55
CA ALA DA 255 32.42 -162.81 33.80
C ALA DA 255 31.45 -163.97 33.56
N GLN DA 256 30.48 -163.86 32.66
CA GLN DA 256 29.62 -164.99 32.32
C GLN DA 256 30.40 -166.17 31.71
N LYS DA 257 31.13 -166.01 30.60
CA LYS DA 257 31.97 -167.05 29.98
C LYS DA 257 32.87 -167.85 30.94
N LEU DA 258 33.38 -167.19 31.98
CA LEU DA 258 34.15 -167.86 33.03
C LEU DA 258 33.35 -168.50 34.15
N LYS DA 259 32.32 -167.81 34.67
CA LYS DA 259 31.39 -168.36 35.67
C LYS DA 259 30.90 -169.70 35.17
N TYR DA 260 30.87 -169.80 33.83
CA TYR DA 260 30.57 -171.13 33.39
C TYR DA 260 31.73 -172.12 33.46
N LYS DA 261 32.89 -172.04 32.83
CA LYS DA 261 33.80 -173.19 32.79
C LYS DA 261 33.81 -174.08 34.04
N ALA DA 262 33.68 -173.33 35.13
CA ALA DA 262 33.36 -173.85 36.46
C ALA DA 262 32.06 -174.67 36.52
N ILE DA 263 30.81 -174.20 36.33
CA ILE DA 263 29.64 -175.11 36.37
C ILE DA 263 29.62 -176.21 35.28
N SER DA 264 30.07 -176.01 34.04
CA SER DA 264 30.20 -177.14 33.09
C SER DA 264 31.24 -178.21 33.49
N GLU DA 265 32.34 -177.82 34.13
CA GLU DA 265 33.33 -178.75 34.71
C GLU DA 265 32.88 -179.42 36.01
N GLU DA 266 32.19 -178.67 36.90
CA GLU DA 266 31.55 -179.28 38.06
C GLU DA 266 30.58 -180.34 37.56
N LEU DA 267 30.03 -180.08 36.39
CA LEU DA 267 29.23 -181.05 35.67
C LEU DA 267 29.74 -182.36 35.10
N ASP DA 268 30.74 -182.45 34.23
CA ASP DA 268 31.26 -183.77 33.84
C ASP DA 268 31.53 -184.64 35.07
N HIS DA 269 31.97 -183.97 36.15
CA HIS DA 269 32.16 -184.59 37.44
C HIS DA 269 30.90 -185.08 38.10
N ALA DA 270 29.96 -184.17 38.35
CA ALA DA 270 28.64 -184.51 38.88
C ALA DA 270 27.72 -185.22 37.89
N LEU DA 271 28.18 -185.65 36.71
CA LEU DA 271 27.45 -186.68 35.99
C LEU DA 271 28.16 -188.03 36.08
N ASN DA 272 29.49 -188.04 36.12
CA ASN DA 272 30.27 -189.28 36.30
C ASN DA 272 30.07 -190.04 37.63
N ASP DA 273 30.06 -189.43 38.82
CA ASP DA 273 29.83 -190.20 40.04
C ASP DA 273 28.47 -190.92 40.13
N MET DA 274 27.29 -190.38 39.78
CA MET DA 274 26.02 -191.17 39.69
C MET DA 274 25.98 -192.20 38.61
N THR DA 275 26.68 -192.05 37.48
CA THR DA 275 26.78 -193.21 36.58
C THR DA 275 27.61 -194.32 37.21
N SER DA 276 28.53 -193.94 38.10
CA SER DA 276 29.29 -194.89 38.92
C SER DA 276 28.64 -195.54 40.15
N ILE DA 277 27.82 -194.80 40.88
CA ILE DA 277 27.11 -195.33 42.05
C ILE DA 277 25.86 -196.19 41.71
N MET EA 1 48.66 210.90 -32.84
CA MET EA 1 49.45 210.76 -31.61
C MET EA 1 48.60 210.35 -30.40
N GLN EA 2 47.62 211.16 -29.99
CA GLN EA 2 46.70 210.84 -28.90
C GLN EA 2 46.05 209.45 -28.92
N MET EA 3 45.38 209.07 -30.02
CA MET EA 3 44.86 207.71 -30.16
C MET EA 3 45.92 206.63 -29.92
N LEU EA 4 47.05 206.68 -30.65
CA LEU EA 4 48.18 205.75 -30.44
C LEU EA 4 48.75 205.64 -29.03
N LYS EA 5 48.72 206.76 -28.30
CA LYS EA 5 49.05 206.80 -26.88
C LYS EA 5 47.98 206.09 -26.02
N LEU EA 6 46.70 206.43 -26.15
CA LEU EA 6 45.64 205.78 -25.36
C LEU EA 6 45.43 204.28 -25.59
N ASP EA 7 45.34 203.82 -26.84
CA ASP EA 7 45.23 202.37 -27.06
C ASP EA 7 46.58 201.70 -26.68
N LYS EA 8 47.70 202.44 -26.62
CA LYS EA 8 48.97 201.94 -26.07
C LYS EA 8 48.89 201.68 -24.58
N GLU EA 9 48.42 202.65 -23.80
CA GLU EA 9 48.18 202.44 -22.36
C GLU EA 9 47.24 201.26 -22.14
N ASN EA 10 46.11 201.18 -22.86
CA ASN EA 10 45.24 199.99 -22.78
C ASN EA 10 45.89 198.67 -23.26
N ALA EA 11 46.82 198.70 -24.23
CA ALA EA 11 47.61 197.51 -24.56
C ALA EA 11 48.52 197.08 -23.40
N LEU EA 12 49.24 198.03 -22.81
CA LEU EA 12 50.05 197.78 -21.62
C LEU EA 12 49.26 197.31 -20.40
N ASP EA 13 48.13 197.91 -20.00
CA ASP EA 13 47.36 197.40 -18.88
C ASP EA 13 46.84 195.99 -19.11
N ARG EA 14 46.28 195.67 -20.30
CA ARG EA 14 45.90 194.29 -20.61
C ARG EA 14 47.10 193.35 -20.59
N ALA EA 15 48.27 193.74 -21.12
CA ALA EA 15 49.50 192.97 -20.96
C ALA EA 15 49.86 192.70 -19.50
N GLU EA 16 49.95 193.72 -18.65
CA GLU EA 16 50.20 193.59 -17.22
C GLU EA 16 49.22 192.67 -16.49
N GLN EA 17 47.91 192.84 -16.70
CA GLN EA 17 46.93 191.91 -16.14
C GLN EA 17 47.20 190.50 -16.67
N ALA EA 18 47.25 190.27 -17.99
CA ALA EA 18 47.58 188.97 -18.58
C ALA EA 18 48.86 188.30 -18.08
N GLU EA 19 49.92 189.04 -17.76
CA GLU EA 19 51.09 188.49 -17.07
C GLU EA 19 50.76 188.08 -15.63
N ALA EA 20 50.12 188.96 -14.84
CA ALA EA 20 49.73 188.67 -13.47
C ALA EA 20 48.90 187.39 -13.25
N ASP EA 21 47.73 187.23 -13.88
CA ASP EA 21 46.97 185.99 -13.70
C ASP EA 21 47.65 184.79 -14.38
N LYS EA 22 48.67 184.99 -15.23
CA LYS EA 22 49.46 183.91 -15.82
C LYS EA 22 50.35 183.28 -14.76
N LYS EA 23 51.08 184.17 -14.05
CA LYS EA 23 51.84 183.79 -12.85
C LYS EA 23 50.99 182.95 -11.91
N ALA EA 24 49.78 183.46 -11.63
CA ALA EA 24 48.79 182.73 -10.83
C ALA EA 24 48.33 181.39 -11.41
N ALA EA 25 48.04 181.29 -12.70
CA ALA EA 25 47.73 180.00 -13.34
C ALA EA 25 48.89 179.00 -13.24
N GLU EA 26 50.12 179.43 -13.51
CA GLU EA 26 51.32 178.61 -13.32
C GLU EA 26 51.57 178.17 -11.87
N ASP EA 27 51.44 179.03 -10.85
CA ASP EA 27 51.58 178.59 -9.46
C ASP EA 27 50.53 177.53 -9.08
N ARG EA 28 49.25 177.74 -9.41
CA ARG EA 28 48.23 176.71 -9.19
C ARG EA 28 48.54 175.43 -9.95
N SER EA 29 48.97 175.51 -11.22
CA SER EA 29 49.47 174.38 -12.01
C SER EA 29 50.49 173.53 -11.28
N LYS EA 30 51.59 174.17 -10.86
CA LYS EA 30 52.64 173.55 -10.07
C LYS EA 30 52.12 172.85 -8.81
N GLN EA 31 51.31 173.56 -8.03
CA GLN EA 31 50.71 173.01 -6.82
C GLN EA 31 49.87 171.76 -7.04
N LEU EA 32 48.91 171.83 -7.96
CA LEU EA 32 48.10 170.67 -8.30
C LEU EA 32 48.98 169.57 -8.84
N GLU EA 33 49.86 169.75 -9.84
CA GLU EA 33 50.78 168.72 -10.34
C GLU EA 33 51.58 168.00 -9.24
N ASP EA 34 52.07 168.76 -8.25
CA ASP EA 34 52.74 168.19 -7.08
C ASP EA 34 51.83 167.40 -6.13
N GLU EA 35 50.64 167.89 -5.75
CA GLU EA 35 49.67 167.12 -4.96
C GLU EA 35 49.38 165.72 -5.54
N LEU EA 36 49.62 165.65 -6.83
CA LEU EA 36 49.34 164.46 -7.64
C LEU EA 36 50.24 163.31 -7.73
N VAL EA 37 51.50 163.64 -8.00
CA VAL EA 37 52.53 162.64 -7.91
C VAL EA 37 52.40 162.03 -6.49
N SER EA 38 52.02 162.82 -5.47
CA SER EA 38 51.67 162.29 -4.15
C SER EA 38 50.42 161.42 -4.09
N LEU EA 39 49.23 161.85 -4.56
CA LEU EA 39 48.07 160.96 -4.58
C LEU EA 39 48.33 159.73 -5.44
N GLN EA 40 48.75 159.81 -6.71
CA GLN EA 40 49.07 158.65 -7.56
C GLN EA 40 50.07 157.67 -6.94
N LYS EA 41 51.05 158.20 -6.20
CA LYS EA 41 51.98 157.40 -5.41
C LYS EA 41 51.31 156.61 -4.28
N LYS EA 42 50.51 157.29 -3.45
CA LYS EA 42 49.72 156.69 -2.36
C LYS EA 42 48.87 155.50 -2.86
N LEU EA 43 48.60 155.54 -4.16
CA LEU EA 43 47.70 154.58 -4.82
C LEU EA 43 48.20 153.29 -5.30
N LYS EA 44 49.33 153.35 -6.00
CA LYS EA 44 50.04 152.12 -6.30
C LYS EA 44 50.18 151.37 -4.97
N GLY EA 45 50.51 152.08 -3.89
CA GLY EA 45 50.52 151.52 -2.53
C GLY EA 45 49.18 150.92 -2.07
N THR EA 46 48.04 151.64 -2.03
CA THR EA 46 46.77 150.98 -1.63
C THR EA 46 46.27 149.88 -2.57
N GLU EA 47 46.43 150.01 -3.89
CA GLU EA 47 46.14 148.94 -4.85
C GLU EA 47 47.07 147.72 -4.70
N ASP EA 48 48.38 147.85 -4.39
CA ASP EA 48 49.26 146.71 -4.11
C ASP EA 48 49.02 146.06 -2.73
N GLU EA 49 48.71 146.83 -1.67
CA GLU EA 49 48.26 146.23 -0.40
C GLU EA 49 47.00 145.38 -0.65
N LEU EA 50 46.26 145.86 -1.65
CA LEU EA 50 45.10 145.15 -2.12
C LEU EA 50 45.15 143.83 -2.86
N ASP EA 51 45.80 143.68 -4.01
CA ASP EA 51 45.90 142.36 -4.62
C ASP EA 51 46.39 141.34 -3.57
N LYS EA 52 47.31 141.76 -2.69
CA LYS EA 52 47.74 140.99 -1.53
C LYS EA 52 46.63 140.56 -0.56
N TYR EA 53 45.86 141.46 0.09
CA TYR EA 53 44.78 141.00 0.96
C TYR EA 53 43.66 140.24 0.24
N SER EA 54 43.35 140.60 -1.00
CA SER EA 54 42.40 139.89 -1.86
C SER EA 54 42.82 138.44 -2.19
N GLU EA 55 44.11 138.22 -2.51
CA GLU EA 55 44.67 136.89 -2.72
C GLU EA 55 44.73 136.05 -1.45
N ALA EA 56 45.25 136.65 -0.36
CA ALA EA 56 45.23 136.02 0.98
C ALA EA 56 43.80 135.61 1.36
N LEU EA 57 42.85 136.35 0.77
CA LEU EA 57 41.48 135.92 0.87
C LEU EA 57 40.98 134.73 0.09
N LYS EA 58 41.20 134.66 -1.22
CA LYS EA 58 40.83 133.44 -1.92
C LYS EA 58 41.39 132.20 -1.22
N ASP EA 59 42.64 132.24 -0.74
CA ASP EA 59 43.18 131.09 -0.02
C ASP EA 59 42.49 130.79 1.33
N ALA EA 60 42.25 131.74 2.25
CA ALA EA 60 41.50 131.46 3.48
C ALA EA 60 40.08 130.94 3.22
N GLN EA 61 39.33 131.56 2.29
CA GLN EA 61 38.00 131.07 1.91
C GLN EA 61 38.01 129.69 1.22
N GLU EA 62 38.97 129.39 0.35
CA GLU EA 62 39.11 128.05 -0.24
C GLU EA 62 39.50 126.97 0.77
N LYS EA 63 40.51 127.26 1.62
CA LYS EA 63 40.88 126.39 2.75
C LYS EA 63 39.64 126.05 3.55
N LEU EA 64 38.78 127.06 3.66
CA LEU EA 64 37.48 126.92 4.25
C LEU EA 64 36.41 125.99 3.71
N GLU EA 65 35.91 126.19 2.49
CA GLU EA 65 34.91 125.26 1.96
C GLU EA 65 35.42 123.82 2.06
N LEU EA 66 36.75 123.61 1.99
CA LEU EA 66 37.33 122.30 2.29
C LEU EA 66 37.29 121.90 3.77
N ALA EA 67 37.71 122.70 4.75
CA ALA EA 67 37.56 122.36 6.17
C ALA EA 67 36.09 122.18 6.61
N GLU EA 68 35.15 123.04 6.20
CA GLU EA 68 33.72 122.84 6.46
C GLU EA 68 33.17 121.59 5.77
N LYS EA 69 33.57 121.30 4.50
CA LYS EA 69 33.23 120.05 3.83
C LYS EA 69 33.68 118.84 4.65
N LYS EA 70 34.97 118.77 5.03
CA LYS EA 70 35.47 117.72 5.92
C LYS EA 70 34.72 117.63 7.24
N ALA EA 71 34.48 118.75 7.92
CA ALA EA 71 33.66 118.77 9.14
C ALA EA 71 32.29 118.13 8.95
N THR EA 72 31.55 118.51 7.91
CA THR EA 72 30.25 117.88 7.61
C THR EA 72 30.37 116.43 7.18
N ASP EA 73 31.34 115.96 6.38
CA ASP EA 73 31.47 114.54 6.09
C ASP EA 73 31.76 113.73 7.38
N ALA EA 74 32.67 114.18 8.24
CA ALA EA 74 32.91 113.57 9.54
C ALA EA 74 31.70 113.62 10.49
N GLU EA 75 30.95 114.72 10.63
CA GLU EA 75 29.70 114.71 11.42
C GLU EA 75 28.66 113.72 10.85
N ALA EA 76 28.52 113.63 9.53
CA ALA EA 76 27.66 112.61 8.90
C ALA EA 76 28.10 111.17 9.21
N ASP EA 77 29.39 110.83 9.05
CA ASP EA 77 29.83 109.48 9.41
C ASP EA 77 29.72 109.21 10.91
N VAL EA 78 30.03 110.13 11.85
CA VAL EA 78 29.80 109.87 13.27
C VAL EA 78 28.33 109.64 13.58
N ALA EA 79 27.39 110.43 13.04
CA ALA EA 79 25.96 110.18 13.22
C ALA EA 79 25.56 108.79 12.74
N SER EA 80 26.00 108.38 11.54
CA SER EA 80 25.76 107.01 11.04
C SER EA 80 26.36 105.90 11.90
N LEU EA 81 27.62 106.00 12.28
CA LEU EA 81 28.26 105.01 13.14
C LEU EA 81 27.68 104.97 14.56
N ASN EA 82 27.29 106.10 15.16
CA ASN EA 82 26.57 106.09 16.43
C ASN EA 82 25.17 105.46 16.31
N ARG EA 83 24.42 105.73 15.24
CA ARG EA 83 23.15 105.03 15.01
C ARG EA 83 23.36 103.52 14.87
N ARG EA 84 24.37 103.10 14.09
CA ARG EA 84 24.74 101.69 13.99
C ARG EA 84 25.15 101.11 15.35
N ILE EA 85 26.00 101.76 16.18
CA ILE EA 85 26.33 101.22 17.51
C ILE EA 85 25.10 101.11 18.39
N GLN EA 86 24.22 102.10 18.50
CA GLN EA 86 22.99 101.93 19.27
C GLN EA 86 22.14 100.76 18.75
N LEU EA 87 21.91 100.61 17.45
CA LEU EA 87 21.21 99.43 16.95
C LEU EA 87 21.90 98.12 17.26
N VAL EA 88 23.21 97.95 17.06
CA VAL EA 88 23.85 96.70 17.43
C VAL EA 88 23.89 96.49 18.97
N GLU EA 89 24.05 97.50 19.83
CA GLU EA 89 23.91 97.39 21.28
C GLU EA 89 22.48 96.99 21.71
N GLU EA 90 21.43 97.51 21.05
CA GLU EA 90 20.03 97.09 21.24
C GLU EA 90 19.66 95.72 20.69
N GLU EA 91 20.25 95.28 19.57
CA GLU EA 91 20.12 93.89 19.13
C GLU EA 91 20.65 92.96 20.21
N LEU EA 92 21.51 93.55 21.04
CA LEU EA 92 22.12 92.84 22.14
C LEU EA 92 21.69 92.41 23.48
N ASP EA 93 21.22 93.39 24.21
CA ASP EA 93 20.50 93.08 25.41
C ASP EA 93 19.45 92.03 24.99
N ARG EA 94 18.81 92.18 23.81
CA ARG EA 94 17.93 91.15 23.24
C ARG EA 94 18.55 89.76 22.95
N ALA EA 95 19.66 89.65 22.20
CA ALA EA 95 20.32 88.36 22.01
C ALA EA 95 20.75 87.69 23.33
N GLN EA 96 21.45 88.41 24.19
CA GLN EA 96 21.87 87.94 25.52
C GLN EA 96 20.75 87.63 26.51
N GLU EA 97 19.67 88.40 26.53
CA GLU EA 97 18.50 88.14 27.38
C GLU EA 97 17.77 86.86 27.02
N ARG EA 98 17.37 86.68 25.75
CA ARG EA 98 16.78 85.39 25.36
C ARG EA 98 17.75 84.24 25.56
N LEU EA 99 19.03 84.58 25.59
CA LEU EA 99 20.00 83.60 26.00
C LEU EA 99 19.93 83.11 27.44
N ALA EA 100 19.96 83.99 28.44
CA ALA EA 100 19.75 83.54 29.82
C ALA EA 100 18.51 82.63 29.91
N THR EA 101 17.42 83.01 29.20
CA THR EA 101 16.23 82.14 29.14
C THR EA 101 16.41 80.83 28.38
N ALA EA 102 17.01 80.77 27.18
CA ALA EA 102 17.27 79.50 26.48
C ALA EA 102 18.18 78.54 27.25
N LEU EA 103 19.28 79.01 27.83
CA LEU EA 103 20.11 78.16 28.69
C LEU EA 103 19.39 77.66 29.94
N GLN EA 104 18.61 78.51 30.64
CA GLN EA 104 17.79 78.03 31.75
C GLN EA 104 16.78 76.95 31.33
N LYS EA 105 16.07 77.18 30.22
CA LYS EA 105 15.18 76.17 29.64
C LYS EA 105 15.92 74.86 29.34
N LEU EA 106 17.18 74.89 28.85
CA LEU EA 106 17.99 73.69 28.70
C LEU EA 106 18.26 72.97 30.01
N GLU EA 107 18.84 73.60 31.04
CA GLU EA 107 19.09 72.94 32.32
C GLU EA 107 17.85 72.28 32.94
N GLU EA 108 16.68 72.93 32.87
CA GLU EA 108 15.43 72.29 33.26
C GLU EA 108 15.04 71.09 32.38
N ALA EA 109 15.02 71.19 31.04
CA ALA EA 109 14.73 70.04 30.17
C ALA EA 109 15.72 68.88 30.31
N GLU EA 110 17.03 69.13 30.42
CA GLU EA 110 18.05 68.10 30.69
C GLU EA 110 17.76 67.38 32.01
N LYS EA 111 17.48 68.12 33.10
CA LYS EA 111 17.04 67.52 34.37
C LYS EA 111 15.78 66.64 34.22
N ALA EA 112 14.72 67.14 33.58
CA ALA EA 112 13.53 66.31 33.33
C ALA EA 112 13.86 65.03 32.55
N ALA EA 113 14.69 65.14 31.52
CA ALA EA 113 15.20 64.00 30.77
C ALA EA 113 15.95 62.98 31.62
N ASP EA 114 16.93 63.34 32.47
CA ASP EA 114 17.62 62.36 33.32
C ASP EA 114 16.70 61.61 34.29
N GLU EA 115 15.76 62.27 34.97
CA GLU EA 115 14.77 61.58 35.80
C GLU EA 115 13.89 60.64 34.99
N SER EA 116 13.35 61.05 33.84
CA SER EA 116 12.62 60.13 32.98
C SER EA 116 13.46 58.98 32.40
N GLU EA 117 14.75 59.14 32.07
CA GLU EA 117 15.58 57.98 31.70
C GLU EA 117 15.75 56.98 32.84
N ARG EA 118 16.05 57.45 34.06
CA ARG EA 118 16.15 56.57 35.23
C ARG EA 118 14.88 55.76 35.54
N GLY EA 119 13.71 56.40 35.56
CA GLY EA 119 12.44 55.69 35.73
C GLY EA 119 12.20 54.65 34.64
N MET EA 120 12.47 55.00 33.38
CA MET EA 120 12.40 54.08 32.25
C MET EA 120 13.20 52.80 32.47
N LYS EA 121 14.46 52.97 32.80
CA LYS EA 121 15.38 51.89 33.16
C LYS EA 121 14.81 50.97 34.24
N VAL EA 122 14.35 51.53 35.36
CA VAL EA 122 13.73 50.75 36.43
C VAL EA 122 12.43 50.02 36.03
N ILE EA 123 11.49 50.64 35.32
CA ILE EA 123 10.28 49.95 34.88
C ILE EA 123 10.59 48.90 33.79
N GLU EA 124 11.55 49.13 32.88
CA GLU EA 124 12.03 48.14 31.91
C GLU EA 124 12.63 46.93 32.63
N SER EA 125 13.49 47.12 33.64
CA SER EA 125 13.97 46.02 34.48
C SER EA 125 12.86 45.25 35.20
N ARG EA 126 11.88 45.91 35.84
CA ARG EA 126 10.73 45.20 36.40
C ARG EA 126 9.98 44.41 35.31
N ALA EA 127 9.61 45.02 34.18
CA ALA EA 127 8.99 44.34 33.03
C ALA EA 127 9.75 43.10 32.54
N GLN EA 128 11.07 43.13 32.46
CA GLN EA 128 11.81 41.91 32.16
C GLN EA 128 11.67 40.82 33.23
N LYS EA 129 11.85 41.23 34.49
CA LYS EA 129 11.74 40.36 35.65
C LYS EA 129 10.37 39.69 35.80
N ASP EA 130 9.30 40.45 35.62
CA ASP EA 130 8.01 39.81 35.58
C ASP EA 130 7.92 39.07 34.23
N GLU EA 131 8.05 39.52 32.96
CA GLU EA 131 7.95 38.67 31.75
C GLU EA 131 8.56 37.27 31.87
N GLU EA 132 9.77 37.16 32.46
CA GLU EA 132 10.36 35.86 32.82
C GLU EA 132 9.49 34.99 33.74
N LYS EA 133 8.95 35.51 34.85
CA LYS EA 133 8.03 34.77 35.72
C LYS EA 133 6.79 34.19 35.01
N MET EA 134 6.13 34.97 34.15
CA MET EA 134 5.01 34.53 33.31
C MET EA 134 5.42 33.34 32.47
N GLU EA 135 6.47 33.49 31.65
CA GLU EA 135 6.98 32.40 30.85
C GLU EA 135 7.27 31.13 31.65
N ILE EA 136 7.92 31.21 32.83
CA ILE EA 136 8.11 30.02 33.64
C ILE EA 136 6.80 29.44 34.18
N GLN EA 137 5.82 30.24 34.62
CA GLN EA 137 4.52 29.67 34.97
C GLN EA 137 3.84 29.12 33.72
N GLU EA 138 3.55 29.90 32.68
CA GLU EA 138 2.96 29.47 31.40
C GLU EA 138 3.50 28.13 30.90
N ILE EA 139 4.83 27.90 30.98
CA ILE EA 139 5.38 26.59 30.67
C ILE EA 139 5.06 25.52 31.73
N GLN EA 140 5.22 25.76 33.04
CA GLN EA 140 4.85 24.81 34.11
C GLN EA 140 3.42 24.27 33.99
N LEU EA 141 2.62 25.05 33.27
CA LEU EA 141 1.19 24.79 33.05
C LEU EA 141 0.75 24.03 31.86
N LYS EA 142 1.39 24.31 30.74
CA LYS EA 142 1.25 23.39 29.63
C LYS EA 142 1.62 21.99 30.14
N GLU EA 143 2.65 21.91 31.00
CA GLU EA 143 2.96 20.67 31.71
C GLU EA 143 1.86 20.21 32.68
N ALA EA 144 1.45 20.99 33.70
CA ALA EA 144 0.36 20.61 34.61
C ALA EA 144 -0.98 20.29 33.94
N LYS EA 145 -1.47 21.09 33.01
CA LYS EA 145 -2.65 20.78 32.20
C LYS EA 145 -2.44 19.51 31.40
N HIS EA 146 -1.32 19.33 30.70
CA HIS EA 146 -1.08 18.07 30.00
C HIS EA 146 -1.03 16.84 30.89
N ILE EA 147 -0.39 16.88 32.07
CA ILE EA 147 -0.45 15.75 32.99
C ILE EA 147 -1.87 15.57 33.58
N ALA EA 148 -2.64 16.65 33.77
CA ALA EA 148 -4.05 16.53 34.15
C ALA EA 148 -4.85 15.79 33.07
N GLU EA 149 -4.70 16.14 31.79
CA GLU EA 149 -5.30 15.40 30.67
C GLU EA 149 -4.77 13.98 30.43
N ASP EA 150 -3.46 13.68 30.55
CA ASP EA 150 -3.01 12.29 30.43
C ASP EA 150 -3.55 11.42 31.56
N ALA EA 151 -3.60 12.01 32.77
CA ALA EA 151 -4.26 11.41 33.91
C ALA EA 151 -5.72 11.22 33.52
N ASP EA 152 -6.58 12.23 33.35
CA ASP EA 152 -7.99 12.06 33.01
C ASP EA 152 -8.32 11.25 31.74
N ARG EA 153 -7.38 10.85 30.89
CA ARG EA 153 -7.70 9.77 29.95
C ARG EA 153 -7.51 8.35 30.49
N LYS EA 154 -6.35 8.02 31.08
CA LYS EA 154 -5.97 6.69 31.63
C LYS EA 154 -7.01 5.84 32.45
N TYR EA 155 -7.74 6.64 33.21
CA TYR EA 155 -8.91 6.49 34.17
C TYR EA 155 -10.07 6.01 33.26
N GLU EA 156 -10.63 6.83 32.36
CA GLU EA 156 -11.83 6.52 31.61
C GLU EA 156 -11.66 5.22 30.86
N GLU EA 157 -10.41 4.97 30.46
CA GLU EA 157 -10.01 3.63 30.05
C GLU EA 157 -10.03 2.69 31.27
N VAL EA 158 -9.28 2.82 32.38
CA VAL EA 158 -9.42 1.99 33.59
C VAL EA 158 -10.83 1.91 34.24
N ALA EA 159 -11.61 2.96 34.54
CA ALA EA 159 -13.02 2.90 34.91
C ALA EA 159 -13.93 2.24 33.89
N ARG EA 160 -13.81 2.45 32.56
CA ARG EA 160 -14.59 1.66 31.60
C ARG EA 160 -14.18 0.19 31.65
N LYS EA 161 -12.87 -0.08 31.74
CA LYS EA 161 -12.31 -1.41 31.95
C LYS EA 161 -12.86 -2.01 33.25
N LEU EA 162 -13.02 -1.23 34.33
CA LEU EA 162 -13.65 -1.67 35.56
C LEU EA 162 -15.11 -2.03 35.31
N VAL EA 163 -15.96 -1.13 34.82
CA VAL EA 163 -17.36 -1.45 34.54
C VAL EA 163 -17.52 -2.66 33.60
N ILE EA 164 -16.69 -2.86 32.58
CA ILE EA 164 -16.77 -4.09 31.79
C ILE EA 164 -16.31 -5.32 32.58
N ILE EA 165 -15.17 -5.36 33.30
CA ILE EA 165 -14.85 -6.55 34.07
C ILE EA 165 -15.71 -6.69 35.31
N GLU EA 166 -16.48 -5.71 35.81
CA GLU EA 166 -17.47 -5.92 36.86
C GLU EA 166 -18.72 -6.56 36.23
N SER EA 167 -19.10 -6.12 35.03
CA SER EA 167 -20.21 -6.72 34.27
C SER EA 167 -20.05 -8.13 33.70
N ASP EA 168 -18.92 -8.50 33.06
CA ASP EA 168 -18.74 -9.89 32.60
C ASP EA 168 -18.83 -10.87 33.78
N LEU EA 169 -18.65 -10.30 34.97
CA LEU EA 169 -18.80 -11.00 36.22
C LEU EA 169 -19.99 -11.51 36.90
N GLU EA 170 -20.92 -10.59 37.11
CA GLU EA 170 -22.23 -11.01 37.57
C GLU EA 170 -22.69 -12.11 36.61
N ARG EA 171 -22.36 -11.97 35.31
CA ARG EA 171 -22.55 -13.08 34.36
C ARG EA 171 -21.74 -14.37 34.62
N ALA EA 172 -20.40 -14.34 34.79
CA ALA EA 172 -19.62 -15.53 35.15
C ALA EA 172 -20.05 -16.19 36.45
N GLU EA 173 -20.26 -15.45 37.54
CA GLU EA 173 -20.80 -15.97 38.79
C GLU EA 173 -22.19 -16.56 38.63
N GLU EA 174 -23.15 -15.89 37.98
CA GLU EA 174 -24.48 -16.45 37.69
C GLU EA 174 -24.41 -17.74 36.88
N ARG EA 175 -23.62 -17.81 35.79
CA ARG EA 175 -23.42 -19.07 35.06
C ARG EA 175 -22.81 -20.15 35.95
N ALA EA 176 -21.78 -19.84 36.75
CA ALA EA 176 -21.21 -20.77 37.73
C ALA EA 176 -22.25 -21.35 38.69
N GLU EA 177 -23.04 -20.50 39.37
CA GLU EA 177 -24.14 -20.96 40.24
C GLU EA 177 -25.15 -21.86 39.54
N LEU EA 178 -25.65 -21.49 38.36
CA LEU EA 178 -26.55 -22.38 37.61
C LEU EA 178 -25.92 -23.71 37.22
N SER EA 179 -24.68 -23.73 36.73
CA SER EA 179 -24.01 -25.01 36.45
C SER EA 179 -23.71 -25.84 37.68
N GLU EA 180 -23.31 -25.27 38.83
CA GLU EA 180 -23.19 -25.99 40.10
C GLU EA 180 -24.53 -26.63 40.52
N GLY EA 181 -25.65 -25.90 40.43
CA GLY EA 181 -27.00 -26.44 40.66
C GLY EA 181 -27.31 -27.65 39.77
N LYS EA 182 -27.14 -27.48 38.44
CA LYS EA 182 -27.26 -28.58 37.47
C LYS EA 182 -26.42 -29.81 37.84
N CYS EA 183 -25.14 -29.57 38.13
CA CYS EA 183 -24.18 -30.59 38.57
C CYS EA 183 -24.70 -31.42 39.73
N ALA EA 184 -25.11 -30.75 40.82
CA ALA EA 184 -25.73 -31.41 41.97
C ALA EA 184 -26.96 -32.24 41.61
N GLU EA 185 -27.94 -31.69 40.88
CA GLU EA 185 -29.11 -32.46 40.43
C GLU EA 185 -28.77 -33.73 39.67
N LEU EA 186 -27.89 -33.62 38.67
CA LEU EA 186 -27.42 -34.79 37.95
C LEU EA 186 -26.71 -35.73 38.91
N GLU EA 187 -25.67 -35.37 39.71
CA GLU EA 187 -25.01 -36.25 40.67
C GLU EA 187 -25.96 -37.03 41.60
N GLU EA 188 -27.03 -36.37 42.05
CA GLU EA 188 -28.12 -36.99 42.82
C GLU EA 188 -28.93 -38.04 42.03
N GLU EA 189 -29.45 -37.72 40.84
CA GLU EA 189 -30.14 -38.66 39.94
C GLU EA 189 -29.37 -39.97 39.69
N LEU EA 190 -28.08 -39.85 39.93
CA LEU EA 190 -27.14 -40.95 39.65
C LEU EA 190 -26.88 -41.97 40.68
N LYS EA 191 -26.66 -41.49 41.89
CA LYS EA 191 -26.66 -42.41 43.02
C LYS EA 191 -27.94 -43.23 42.97
N THR EA 192 -29.08 -42.62 42.63
CA THR EA 192 -30.31 -43.40 42.46
C THR EA 192 -30.29 -44.35 41.27
N VAL EA 193 -29.90 -43.97 40.04
CA VAL EA 193 -29.84 -44.98 38.99
C VAL EA 193 -28.72 -46.02 39.19
N THR EA 194 -27.46 -45.74 39.58
CA THR EA 194 -26.44 -46.76 39.89
C THR EA 194 -26.84 -47.70 41.03
N ASN EA 195 -27.56 -47.19 42.04
CA ASN EA 195 -28.09 -48.05 43.09
C ASN EA 195 -29.23 -48.97 42.66
N ASN EA 196 -30.21 -48.48 41.89
CA ASN EA 196 -31.26 -49.33 41.30
C ASN EA 196 -30.61 -50.51 40.54
N LEU EA 197 -29.38 -50.24 40.14
CA LEU EA 197 -28.58 -51.21 39.40
C LEU EA 197 -27.92 -52.40 39.92
N LYS EA 198 -27.13 -52.14 40.95
CA LYS EA 198 -26.60 -53.26 41.70
C LYS EA 198 -27.76 -54.21 42.04
N SER EA 199 -28.93 -53.63 42.35
CA SER EA 199 -30.16 -54.43 42.52
C SER EA 199 -30.63 -55.18 41.27
N LEU EA 200 -30.90 -54.56 40.12
CA LEU EA 200 -31.28 -55.31 38.92
C LEU EA 200 -30.25 -56.31 38.39
N GLU EA 201 -28.96 -55.96 38.35
CA GLU EA 201 -27.88 -56.86 37.94
C GLU EA 201 -27.83 -58.07 38.89
N ALA EA 202 -27.86 -57.87 40.21
CA ALA EA 202 -27.95 -58.97 41.18
C ALA EA 202 -29.18 -59.86 41.00
N GLN EA 203 -30.38 -59.29 40.80
CA GLN EA 203 -31.58 -60.06 40.48
C GLN EA 203 -31.43 -60.88 39.19
N ALA EA 204 -30.90 -60.26 38.13
CA ALA EA 204 -30.59 -60.93 36.86
C ALA EA 204 -29.65 -62.13 37.04
N GLU EA 205 -28.51 -61.97 37.72
CA GLU EA 205 -27.61 -63.10 38.01
C GLU EA 205 -28.27 -64.20 38.82
N LYS EA 206 -29.00 -63.85 39.89
CA LYS EA 206 -29.77 -64.82 40.68
C LYS EA 206 -30.74 -65.66 39.85
N TYR EA 207 -31.52 -64.99 38.99
CA TYR EA 207 -32.38 -65.71 38.06
C TYR EA 207 -31.55 -66.52 37.06
N SER EA 208 -30.55 -66.00 36.33
CA SER EA 208 -29.69 -66.81 35.45
C SER EA 208 -29.16 -68.12 36.06
N GLN EA 209 -28.73 -68.09 37.31
CA GLN EA 209 -28.36 -69.31 38.05
C GLN EA 209 -29.51 -70.26 38.39
N LYS EA 210 -30.70 -69.74 38.64
CA LYS EA 210 -31.88 -70.59 38.82
C LYS EA 210 -32.26 -71.25 37.48
N GLU EA 211 -32.18 -70.47 36.40
CA GLU EA 211 -32.35 -70.92 35.02
C GLU EA 211 -31.39 -72.03 34.62
N ASP EA 212 -30.07 -71.83 34.68
CA ASP EA 212 -29.10 -72.86 34.34
C ASP EA 212 -29.31 -74.16 35.13
N LYS EA 213 -29.58 -74.08 36.44
CA LYS EA 213 -29.93 -75.24 37.25
C LYS EA 213 -31.14 -76.01 36.70
N TYR EA 214 -32.27 -75.34 36.48
CA TYR EA 214 -33.41 -76.03 35.89
C TYR EA 214 -33.23 -76.50 34.45
N GLU EA 215 -32.45 -75.79 33.63
CA GLU EA 215 -32.06 -76.22 32.29
C GLU EA 215 -31.21 -77.52 32.35
N GLU EA 216 -30.24 -77.62 33.25
CA GLU EA 216 -29.52 -78.88 33.48
C GLU EA 216 -30.42 -80.00 34.02
N GLU EA 217 -31.25 -79.76 35.04
CA GLU EA 217 -32.22 -80.77 35.48
C GLU EA 217 -33.21 -81.17 34.39
N ILE EA 218 -33.76 -80.29 33.52
CA ILE EA 218 -34.60 -80.73 32.40
C ILE EA 218 -33.82 -81.61 31.43
N LYS EA 219 -32.59 -81.25 31.07
CA LYS EA 219 -31.73 -82.11 30.26
C LYS EA 219 -31.61 -83.52 30.85
N VAL EA 220 -31.22 -83.62 32.12
CA VAL EA 220 -31.12 -84.91 32.80
C VAL EA 220 -32.43 -85.70 32.97
N LEU EA 221 -33.59 -85.06 33.19
CA LEU EA 221 -34.84 -85.83 33.19
C LEU EA 221 -35.24 -86.24 31.76
N SER EA 222 -34.95 -85.42 30.75
CA SER EA 222 -35.11 -85.80 29.34
C SER EA 222 -34.17 -86.89 28.81
N ASP EA 223 -32.89 -86.94 29.23
CA ASP EA 223 -32.01 -88.03 28.83
C ASP EA 223 -32.42 -89.36 29.50
N LYS EA 224 -32.70 -89.31 30.81
CA LYS EA 224 -33.24 -90.45 31.58
C LYS EA 224 -34.47 -91.00 30.86
N LEU EA 225 -35.21 -90.05 30.31
CA LEU EA 225 -36.33 -90.36 29.48
C LEU EA 225 -36.16 -91.14 28.19
N LYS EA 226 -35.37 -90.63 27.25
CA LYS EA 226 -35.08 -91.39 26.05
C LYS EA 226 -34.70 -92.82 26.40
N GLU EA 227 -33.84 -92.97 27.42
CA GLU EA 227 -33.47 -94.29 27.93
C GLU EA 227 -34.62 -95.13 28.50
N ALA EA 228 -35.41 -94.64 29.46
CA ALA EA 228 -36.57 -95.35 29.99
C ALA EA 228 -37.59 -95.74 28.90
N GLU EA 229 -37.99 -94.81 28.03
CA GLU EA 229 -38.89 -95.10 26.90
C GLU EA 229 -38.29 -96.11 25.91
N THR EA 230 -37.07 -95.94 25.39
CA THR EA 230 -36.43 -96.90 24.46
C THR EA 230 -36.36 -98.31 25.01
N ARG EA 231 -36.01 -98.43 26.30
CA ARG EA 231 -36.05 -99.75 26.93
C ARG EA 231 -37.45 -100.29 27.16
N ALA EA 232 -38.43 -99.46 27.55
CA ALA EA 232 -39.82 -99.89 27.64
C ALA EA 232 -40.27 -100.51 26.32
N GLU EA 233 -40.00 -99.82 25.21
CA GLU EA 233 -40.24 -100.34 23.87
C GLU EA 233 -39.51 -101.66 23.59
N PHE EA 234 -38.21 -101.77 23.90
CA PHE EA 234 -37.53 -103.07 23.76
C PHE EA 234 -38.10 -104.18 24.66
N ALA EA 235 -38.39 -103.94 25.93
CA ALA EA 235 -39.06 -104.90 26.82
C ALA EA 235 -40.44 -105.30 26.27
N GLU EA 236 -41.28 -104.38 25.79
CA GLU EA 236 -42.54 -104.70 25.12
C GLU EA 236 -42.32 -105.52 23.84
N ARG EA 237 -41.40 -105.18 22.94
CA ARG EA 237 -41.08 -106.01 21.78
C ARG EA 237 -40.66 -107.43 22.17
N SER EA 238 -39.77 -107.57 23.15
CA SER EA 238 -39.42 -108.88 23.70
C SER EA 238 -40.60 -109.61 24.33
N VAL EA 239 -41.49 -108.99 25.13
CA VAL EA 239 -42.68 -109.69 25.65
C VAL EA 239 -43.56 -110.18 24.50
N THR EA 240 -43.91 -109.37 23.50
CA THR EA 240 -44.73 -109.86 22.38
C THR EA 240 -44.05 -111.00 21.61
N LYS EA 241 -42.72 -110.95 21.43
CA LYS EA 241 -41.96 -112.06 20.85
C LYS EA 241 -42.09 -113.35 21.68
N LEU EA 242 -41.81 -113.30 22.99
CA LEU EA 242 -41.94 -114.46 23.86
C LEU EA 242 -43.36 -114.98 24.07
N GLU EA 243 -44.37 -114.11 24.11
CA GLU EA 243 -45.77 -114.51 24.15
C GLU EA 243 -46.12 -115.25 22.84
N LYS EA 244 -45.70 -114.74 21.68
CA LYS EA 244 -45.84 -115.46 20.41
C LYS EA 244 -45.14 -116.82 20.42
N SER EA 245 -43.90 -116.93 20.89
CA SER EA 245 -43.26 -118.24 21.06
C SER EA 245 -43.93 -119.11 22.12
N ILE EA 246 -44.57 -118.59 23.19
CA ILE EA 246 -45.26 -119.48 24.13
C ILE EA 246 -46.52 -120.08 23.49
N ASP EA 247 -47.33 -119.29 22.77
CA ASP EA 247 -48.50 -119.86 22.10
C ASP EA 247 -48.13 -120.90 21.05
N ASP EA 248 -47.08 -120.72 20.22
CA ASP EA 248 -46.69 -121.79 19.29
C ASP EA 248 -46.25 -123.07 20.02
N LEU EA 249 -45.39 -123.04 21.04
CA LEU EA 249 -45.03 -124.24 21.80
C LEU EA 249 -46.21 -124.89 22.52
N GLU EA 250 -47.08 -124.13 23.20
CA GLU EA 250 -48.28 -124.68 23.84
C GLU EA 250 -49.26 -125.31 22.82
N ASP EA 251 -49.37 -124.77 21.60
CA ASP EA 251 -50.15 -125.41 20.55
C ASP EA 251 -49.51 -126.63 19.88
N GLU EA 252 -48.20 -126.56 19.55
CA GLU EA 252 -47.41 -127.71 19.07
C GLU EA 252 -47.62 -128.88 20.05
N LEU EA 253 -47.92 -128.42 21.26
CA LEU EA 253 -48.32 -129.30 22.31
C LEU EA 253 -49.44 -130.18 22.63
N TYR EA 254 -50.59 -129.56 22.60
CA TYR EA 254 -51.72 -130.43 22.64
C TYR EA 254 -51.70 -131.33 21.39
N ALA EA 255 -51.08 -130.89 20.29
CA ALA EA 255 -50.82 -131.74 19.13
C ALA EA 255 -49.93 -132.94 19.49
N GLN EA 256 -48.75 -132.76 20.11
CA GLN EA 256 -47.96 -133.87 20.58
C GLN EA 256 -48.67 -134.72 21.64
N LYS EA 257 -49.10 -134.17 22.78
CA LYS EA 257 -49.85 -134.88 23.84
C LYS EA 257 -51.02 -135.75 23.35
N LEU EA 258 -51.72 -135.31 22.29
CA LEU EA 258 -52.76 -136.10 21.66
C LEU EA 258 -52.31 -137.13 20.63
N LYS EA 259 -51.37 -136.77 19.73
CA LYS EA 259 -50.76 -137.68 18.77
C LYS EA 259 -50.28 -138.91 19.52
N TYR EA 260 -49.94 -138.66 20.80
CA TYR EA 260 -49.67 -139.85 21.53
C TYR EA 260 -50.90 -140.65 21.99
N LYS EA 261 -51.87 -140.23 22.79
CA LYS EA 261 -52.84 -141.18 23.34
C LYS EA 261 -53.21 -142.35 22.43
N ALA EA 262 -53.30 -141.94 21.16
CA ALA EA 262 -53.35 -142.84 20.01
C ALA EA 262 -52.17 -143.82 19.93
N ILE EA 263 -50.87 -143.52 19.71
CA ILE EA 263 -49.84 -144.58 19.70
C ILE EA 263 -49.66 -145.35 21.03
N SER EA 264 -49.78 -144.77 22.23
CA SER EA 264 -49.78 -145.56 23.47
C SER EA 264 -50.96 -146.53 23.61
N GLU EA 265 -52.16 -146.17 23.12
CA GLU EA 265 -53.33 -147.06 23.06
C GLU EA 265 -53.26 -148.09 21.93
N GLU EA 266 -52.74 -147.72 20.75
CA GLU EA 266 -52.45 -148.69 19.70
C GLU EA 266 -51.49 -149.73 20.27
N LEU EA 267 -50.65 -149.25 21.20
CA LEU EA 267 -49.81 -150.12 21.99
C LEU EA 267 -50.28 -151.13 23.00
N ASP EA 268 -51.05 -150.84 24.04
CA ASP EA 268 -51.57 -151.92 24.88
C ASP EA 268 -52.20 -153.03 24.03
N HIS EA 269 -52.83 -152.60 22.93
CA HIS EA 269 -53.37 -153.50 21.94
C HIS EA 269 -52.35 -154.34 21.20
N ALA EA 270 -51.41 -153.68 20.51
CA ALA EA 270 -50.30 -154.33 19.85
C ALA EA 270 -49.24 -154.90 20.80
N LEU EA 271 -49.44 -154.93 22.12
CA LEU EA 271 -48.64 -155.84 22.95
C LEU EA 271 -49.48 -157.05 23.39
N ASN EA 272 -50.79 -156.86 23.62
CA ASN EA 272 -51.68 -157.96 23.97
C ASN EA 272 -51.87 -159.06 22.91
N ASP EA 273 -52.09 -158.80 21.62
CA ASP EA 273 -52.23 -159.90 20.65
C ASP EA 273 -50.99 -160.80 20.49
N MET EA 274 -49.72 -160.38 20.42
CA MET EA 274 -48.56 -161.29 20.48
C MET EA 274 -48.35 -162.01 21.78
N THR EA 275 -48.74 -161.47 22.94
CA THR EA 275 -48.72 -162.31 24.13
C THR EA 275 -49.78 -163.42 24.03
N SER EA 276 -50.85 -163.14 23.27
CA SER EA 276 -51.85 -164.15 22.94
C SER EA 276 -51.58 -165.18 21.84
N ILE EA 277 -50.89 -164.80 20.78
CA ILE EA 277 -50.53 -165.71 19.70
C ILE EA 277 -49.33 -166.63 19.99
N MET FA 1 54.82 211.23 -31.66
CA MET FA 1 54.00 210.20 -32.30
C MET FA 1 54.77 208.93 -32.67
N GLN FA 2 55.80 209.00 -33.52
CA GLN FA 2 56.64 207.83 -33.86
C GLN FA 2 57.17 206.98 -32.71
N MET FA 3 57.85 207.58 -31.71
CA MET FA 3 58.27 206.82 -30.52
C MET FA 3 57.13 206.08 -29.84
N LEU FA 4 56.03 206.77 -29.50
CA LEU FA 4 54.83 206.14 -28.93
C LEU FA 4 54.17 205.00 -29.72
N LYS FA 5 54.28 205.08 -31.05
CA LYS FA 5 53.90 204.00 -31.94
C LYS FA 5 54.84 202.78 -31.83
N LEU FA 6 56.15 202.95 -31.95
CA LEU FA 6 57.09 201.84 -31.86
C LEU FA 6 57.17 201.10 -30.53
N ASP FA 7 57.28 201.79 -29.39
CA ASP FA 7 57.25 201.11 -28.10
C ASP FA 7 55.83 200.51 -27.87
N LYS FA 8 54.78 201.02 -28.53
CA LYS FA 8 53.45 200.41 -28.52
C LYS FA 8 53.40 199.05 -29.20
N GLU FA 9 53.93 198.94 -30.41
CA GLU FA 9 54.05 197.64 -31.08
C GLU FA 9 54.82 196.64 -30.22
N ASN FA 10 55.98 197.02 -29.66
CA ASN FA 10 56.68 196.16 -28.70
C ASN FA 10 55.92 195.84 -27.40
N ALA FA 11 55.05 196.73 -26.91
CA ALA FA 11 54.15 196.38 -25.81
C ALA FA 11 53.13 195.32 -26.22
N LEU FA 12 52.48 195.50 -27.38
CA LEU FA 12 51.57 194.51 -27.92
C LEU FA 12 52.19 193.15 -28.23
N ASP FA 13 53.37 193.03 -28.87
CA ASP FA 13 53.96 191.71 -29.08
C ASP FA 13 54.27 190.95 -27.78
N ARG FA 14 54.85 191.62 -26.76
CA ARG FA 14 55.05 191.00 -25.45
C ARG FA 14 53.72 190.60 -24.82
N ALA FA 15 52.68 191.44 -24.89
CA ALA FA 15 51.32 191.06 -24.46
C ALA FA 15 50.81 189.80 -25.16
N GLU FA 16 50.82 189.74 -26.50
CA GLU FA 16 50.42 188.56 -27.27
C GLU FA 16 51.17 187.28 -26.90
N GLN FA 17 52.52 187.33 -26.80
CA GLN FA 17 53.27 186.17 -26.32
C GLN FA 17 52.81 185.81 -24.90
N ALA FA 18 52.82 186.72 -23.92
CA ALA FA 18 52.32 186.48 -22.57
C ALA FA 18 50.89 185.93 -22.45
N GLU FA 19 49.97 186.30 -23.35
CA GLU FA 19 48.66 185.66 -23.42
C GLU FA 19 48.77 184.22 -23.95
N ALA FA 20 49.48 183.98 -25.05
CA ALA FA 20 49.68 182.63 -25.61
C ALA FA 20 50.22 181.56 -24.66
N ASP FA 21 51.38 181.72 -24.02
CA ASP FA 21 51.85 180.70 -23.08
C ASP FA 21 51.02 180.66 -21.80
N LYS FA 22 50.16 181.66 -21.54
CA LYS FA 22 49.22 181.66 -20.41
C LYS FA 22 48.11 180.66 -20.69
N LYS FA 23 47.53 180.78 -21.88
CA LYS FA 23 46.57 179.81 -22.42
C LYS FA 23 47.12 178.39 -22.25
N ALA FA 24 48.38 178.19 -22.68
CA ALA FA 24 49.08 176.92 -22.49
C ALA FA 24 49.30 176.49 -21.03
N ALA FA 25 49.69 177.38 -20.12
CA ALA FA 25 49.77 177.05 -18.69
C ALA FA 25 48.41 176.65 -18.11
N GLU FA 26 47.35 177.42 -18.40
CA GLU FA 26 45.98 177.08 -18.03
C GLU FA 26 45.47 175.77 -18.62
N ASP FA 27 45.65 175.45 -19.92
CA ASP FA 27 45.24 174.17 -20.46
C ASP FA 27 45.96 173.00 -19.78
N ARG FA 28 47.29 173.06 -19.59
CA ARG FA 28 48.02 172.04 -18.85
C ARG FA 28 47.51 171.92 -17.40
N SER FA 29 47.28 173.04 -16.72
CA SER FA 29 46.67 173.05 -15.38
C SER FA 29 45.36 172.30 -15.32
N LYS FA 30 44.42 172.70 -16.16
CA LYS FA 30 43.09 172.10 -16.29
C LYS FA 30 43.19 170.59 -16.56
N GLN FA 31 44.07 170.19 -17.48
CA GLN FA 31 44.33 168.79 -17.76
C GLN FA 31 44.84 168.01 -16.54
N LEU FA 32 45.90 168.48 -15.89
CA LEU FA 32 46.39 167.83 -14.68
C LEU FA 32 45.31 167.84 -13.61
N GLU FA 33 44.67 168.96 -13.22
CA GLU FA 33 43.57 169.01 -12.24
C GLU FA 33 42.44 168.00 -12.52
N ASP FA 34 42.07 167.83 -13.79
CA ASP FA 34 41.11 166.81 -14.20
C ASP FA 34 41.61 165.36 -14.07
N GLU FA 35 42.83 165.05 -14.54
CA GLU FA 35 43.46 163.73 -14.34
C GLU FA 35 43.44 163.32 -12.86
N LEU FA 36 43.38 164.34 -12.03
CA LEU FA 36 43.37 164.18 -10.56
C LEU FA 36 42.17 163.90 -9.79
N VAL FA 37 41.15 164.70 -10.08
CA VAL FA 37 39.85 164.38 -9.54
C VAL FA 37 39.57 162.92 -10.00
N SER FA 38 40.03 162.50 -11.19
CA SER FA 38 40.01 161.09 -11.60
C SER FA 38 40.89 160.15 -10.77
N LEU FA 39 42.20 160.35 -10.61
CA LEU FA 39 43.01 159.51 -9.74
C LEU FA 39 42.49 159.54 -8.31
N GLN FA 40 42.35 160.67 -7.61
CA GLN FA 40 41.81 160.74 -6.25
C GLN FA 40 40.44 160.06 -6.06
N LYS FA 41 39.59 160.14 -7.08
CA LYS FA 41 38.32 159.41 -7.11
C LYS FA 41 38.50 157.90 -7.21
N LYS FA 42 39.33 157.44 -8.15
CA LYS FA 42 39.70 156.02 -8.32
C LYS FA 42 40.15 155.40 -6.99
N LEU FA 43 40.69 156.27 -6.15
CA LEU FA 43 41.29 155.90 -4.86
C LEU FA 43 40.47 155.74 -3.65
N LYS FA 44 39.56 156.71 -3.46
CA LYS FA 44 38.52 156.49 -2.49
C LYS FA 44 37.89 155.13 -2.83
N GLY FA 45 37.67 154.86 -4.14
CA GLY FA 45 37.24 153.54 -4.61
C GLY FA 45 38.19 152.39 -4.25
N THR FA 46 39.49 152.36 -4.59
CA THR FA 46 40.37 151.25 -4.17
C THR FA 46 40.58 151.12 -2.65
N GLU FA 47 40.68 152.22 -1.89
CA GLU FA 47 40.70 152.19 -0.42
C GLU FA 47 39.38 151.72 0.19
N ASP FA 48 38.19 152.06 -0.33
CA ASP FA 48 36.90 151.53 0.16
C ASP FA 48 36.64 150.07 -0.26
N GLU FA 49 37.03 149.66 -1.48
CA GLU FA 49 37.01 148.24 -1.85
C GLU FA 49 37.90 147.45 -0.89
N LEU FA 50 38.92 148.16 -0.42
CA LEU FA 50 39.79 147.66 0.62
C LEU FA 50 39.35 147.45 2.06
N ASP FA 51 38.91 148.44 2.82
CA ASP FA 51 38.40 148.16 4.16
C ASP FA 51 37.37 147.02 4.08
N LYS FA 52 36.56 147.02 3.01
CA LYS FA 52 35.66 145.91 2.68
C LYS FA 52 36.33 144.54 2.53
N TYR FA 53 37.27 144.30 1.60
CA TYR FA 53 37.91 143.00 1.53
C TYR FA 53 38.73 142.63 2.77
N SER FA 54 39.40 143.56 3.46
CA SER FA 54 40.06 143.28 4.73
C SER FA 54 39.12 142.89 5.88
N GLU FA 55 37.95 143.53 5.98
CA GLU FA 55 36.92 143.15 6.95
C GLU FA 55 36.30 141.80 6.64
N ALA FA 56 35.89 141.59 5.37
CA ALA FA 56 35.41 140.30 4.87
C ALA FA 56 36.45 139.20 5.16
N LEU FA 57 37.70 139.64 5.23
CA LEU FA 57 38.73 138.74 5.71
C LEU FA 57 38.80 138.36 7.17
N LYS FA 58 38.81 139.31 8.10
CA LYS FA 58 38.74 138.93 9.50
C LYS FA 58 37.58 137.96 9.74
N ASP FA 59 36.40 138.21 9.14
CA ASP FA 59 35.29 137.28 9.31
C ASP FA 59 35.50 135.90 8.68
N ALA FA 60 35.96 135.72 7.43
CA ALA FA 60 36.25 134.39 6.89
C ALA FA 60 37.32 133.63 7.71
N GLN FA 61 38.42 134.27 8.08
CA GLN FA 61 39.44 133.65 8.95
C GLN FA 61 38.94 133.31 10.35
N GLU FA 62 38.12 134.15 11.00
CA GLU FA 62 37.51 133.82 12.29
C GLU FA 62 36.49 132.69 12.22
N LYS FA 63 35.57 132.73 11.22
CA LYS FA 63 34.64 131.64 10.93
C LYS FA 63 35.40 130.32 10.85
N LEU FA 64 36.59 130.46 10.25
CA LEU FA 64 37.52 129.37 10.18
C LEU FA 64 38.11 128.66 11.39
N GLU FA 65 38.86 129.32 12.25
CA GLU FA 65 39.39 128.64 13.44
C GLU FA 65 38.26 127.94 14.20
N LEU FA 66 37.05 128.51 14.14
CA LEU FA 66 35.86 127.83 14.67
C LEU FA 66 35.40 126.60 13.86
N ALA FA 67 35.22 126.64 12.53
CA ALA FA 67 34.90 125.44 11.74
C ALA FA 67 35.96 124.33 11.83
N GLU FA 68 37.26 124.65 11.75
CA GLU FA 68 38.33 123.66 11.96
C GLU FA 68 38.31 123.07 13.38
N LYS FA 69 38.12 123.90 14.43
CA LYS FA 69 37.91 123.42 15.80
C LYS FA 69 36.77 122.41 15.92
N LYS FA 70 35.59 122.76 15.39
CA LYS FA 70 34.46 121.83 15.32
C LYS FA 70 34.78 120.54 14.56
N ALA FA 71 35.40 120.64 13.39
CA ALA FA 71 35.84 119.47 12.63
C ALA FA 71 36.70 118.51 13.46
N THR FA 72 37.73 119.01 14.14
CA THR FA 72 38.53 118.16 15.01
C THR FA 72 37.78 117.61 16.23
N ASP FA 73 36.88 118.34 16.92
CA ASP FA 73 36.10 117.71 17.99
C ASP FA 73 35.20 116.57 17.48
N ALA FA 74 34.50 116.77 16.36
CA ALA FA 74 33.72 115.71 15.71
C ALA FA 74 34.56 114.52 15.21
N GLU FA 75 35.72 114.70 14.56
CA GLU FA 75 36.58 113.55 14.22
C GLU FA 75 37.03 112.76 15.46
N ALA FA 76 37.36 113.43 16.57
CA ALA FA 76 37.65 112.74 17.83
C ALA FA 76 36.47 111.92 18.37
N ASP FA 77 35.25 112.48 18.46
CA ASP FA 77 34.11 111.68 18.92
C ASP FA 77 33.75 110.53 17.97
N VAL FA 78 33.80 110.67 16.63
CA VAL FA 78 33.55 109.53 15.73
C VAL FA 78 34.56 108.41 15.93
N ALA FA 79 35.86 108.69 16.07
CA ALA FA 79 36.86 107.66 16.36
C ALA FA 79 36.51 106.86 17.63
N SER FA 80 36.20 107.55 18.73
CA SER FA 80 35.74 106.88 19.96
C SER FA 80 34.48 106.04 19.82
N LEU FA 81 33.42 106.58 19.20
CA LEU FA 81 32.19 105.82 18.99
C LEU FA 81 32.36 104.63 18.03
N ASN FA 82 33.15 104.75 16.97
CA ASN FA 82 33.47 103.60 16.11
C ASN FA 82 34.27 102.51 16.85
N ARG FA 83 35.24 102.87 17.70
CA ARG FA 83 35.91 101.86 18.54
C ARG FA 83 34.92 101.13 19.46
N ARG FA 84 34.03 101.88 20.14
CA ARG FA 84 32.96 101.28 20.93
C ARG FA 84 32.04 100.38 20.10
N ILE FA 85 31.55 100.79 18.90
CA ILE FA 85 30.71 99.90 18.08
C ILE FA 85 31.45 98.63 17.69
N GLN FA 86 32.70 98.67 17.21
CA GLN FA 86 33.42 97.42 16.93
C GLN FA 86 33.52 96.51 18.15
N LEU FA 87 33.88 97.00 19.33
CA LEU FA 87 33.86 96.15 20.52
C LEU FA 87 32.49 95.56 20.85
N VAL FA 88 31.39 96.33 20.85
CA VAL FA 88 30.09 95.73 21.11
C VAL FA 88 29.64 94.79 19.97
N GLU FA 89 29.93 95.04 18.68
CA GLU FA 89 29.68 94.10 17.58
C GLU FA 89 30.50 92.79 17.73
N GLU FA 90 31.75 92.85 18.18
CA GLU FA 90 32.57 91.68 18.53
C GLU FA 90 32.17 90.91 19.80
N GLU FA 91 31.66 91.57 20.83
CA GLU FA 91 31.03 90.85 21.95
C GLU FA 91 29.85 90.01 21.43
N LEU FA 92 29.37 90.44 20.27
CA LEU FA 92 28.24 89.80 19.62
C LEU FA 92 28.06 88.59 18.82
N ASP FA 93 28.86 88.53 17.78
CA ASP FA 93 29.01 87.29 17.08
C ASP FA 93 29.29 86.23 18.18
N ARG FA 94 30.10 86.54 19.21
CA ARG FA 94 30.27 85.66 20.37
C ARG FA 94 29.02 85.33 21.20
N ALA FA 95 28.22 86.31 21.69
CA ALA FA 95 26.96 86.01 22.37
C ALA FA 95 25.98 85.18 21.52
N GLN FA 96 25.71 85.62 20.29
CA GLN FA 96 24.86 84.93 19.33
C GLN FA 96 25.33 83.57 18.83
N GLU FA 97 26.64 83.36 18.64
CA GLU FA 97 27.22 82.07 18.26
C GLU FA 97 27.06 81.01 19.33
N ARG FA 98 27.50 81.28 20.58
CA ARG FA 98 27.23 80.32 21.64
C ARG FA 98 25.74 80.11 21.85
N LEU FA 99 24.97 81.10 21.43
CA LEU FA 99 23.55 80.89 21.38
C LEU FA 99 23.04 79.87 20.36
N ALA FA 100 23.38 79.97 19.08
CA ALA FA 100 23.02 78.91 18.13
C ALA FA 100 23.39 77.54 18.70
N THR FA 101 24.57 77.43 19.33
CA THR FA 101 24.96 76.18 20.00
C THR FA 101 24.13 75.83 21.26
N ALA FA 102 23.84 76.72 22.21
CA ALA FA 102 22.97 76.41 23.35
C ALA FA 102 21.54 76.03 22.96
N LEU FA 103 20.92 76.76 22.03
CA LEU FA 103 19.60 76.37 21.53
C LEU FA 103 19.61 75.05 20.77
N GLN FA 104 20.61 74.78 19.92
CA GLN FA 104 20.74 73.44 19.30
C GLN FA 104 20.89 72.33 20.33
N LYS FA 105 21.76 72.52 21.33
CA LYS FA 105 21.90 71.57 22.44
C LYS FA 105 20.54 71.37 23.16
N LEU FA 106 19.73 72.41 23.35
CA LEU FA 106 18.36 72.26 23.86
C LEU FA 106 17.48 71.41 22.95
N GLU FA 107 17.27 71.76 21.68
CA GLU FA 107 16.45 70.94 20.77
C GLU FA 107 16.87 69.47 20.70
N GLU FA 108 18.18 69.18 20.69
CA GLU FA 108 18.63 67.79 20.82
C GLU FA 108 18.32 67.16 22.18
N ALA FA 109 18.61 67.77 23.33
CA ALA FA 109 18.22 67.24 24.64
C ALA FA 109 16.71 67.09 24.84
N GLU FA 110 15.89 68.05 24.40
CA GLU FA 110 14.42 67.97 24.43
C GLU FA 110 13.95 66.80 23.56
N LYS FA 111 14.46 66.63 22.32
CA LYS FA 111 14.19 65.43 21.51
C LYS FA 111 14.56 64.12 22.22
N ALA FA 112 15.79 64.00 22.74
CA ALA FA 112 16.19 62.81 23.50
C ALA FA 112 15.25 62.53 24.67
N ALA FA 113 14.86 63.57 25.40
CA ALA FA 113 13.84 63.50 26.44
C ALA FA 113 12.49 63.02 25.93
N ASP FA 114 11.88 63.57 24.87
CA ASP FA 114 10.60 63.09 24.36
C ASP FA 114 10.63 61.63 23.90
N GLU FA 115 11.66 61.19 23.16
CA GLU FA 115 11.81 59.77 22.81
C GLU FA 115 11.97 58.89 24.04
N SER FA 116 12.81 59.24 25.02
CA SER FA 116 12.86 58.47 26.26
C SER FA 116 11.59 58.54 27.11
N GLU FA 117 10.79 59.60 27.13
CA GLU FA 117 9.47 59.57 27.78
C GLU FA 117 8.51 58.62 27.06
N ARG FA 118 8.42 58.69 25.72
CA ARG FA 118 7.60 57.78 24.94
C ARG FA 118 7.94 56.30 25.12
N GLY FA 119 9.23 55.95 25.04
CA GLY FA 119 9.70 54.59 25.31
C GLY FA 119 9.34 54.15 26.73
N MET FA 120 9.54 55.01 27.74
CA MET FA 120 9.13 54.74 29.12
C MET FA 120 7.66 54.38 29.23
N LYS FA 121 6.80 55.23 28.68
CA LYS FA 121 5.37 55.02 28.60
C LYS FA 121 5.01 53.67 27.96
N VAL FA 122 5.58 53.36 26.78
CA VAL FA 122 5.36 52.07 26.12
C VAL FA 122 5.87 50.86 26.91
N ILE FA 123 7.06 50.88 27.52
CA ILE FA 123 7.54 49.75 28.32
C ILE FA 123 6.76 49.64 29.65
N GLU FA 124 6.31 50.72 30.28
CA GLU FA 124 5.45 50.71 31.46
C GLU FA 124 4.09 50.09 31.09
N SER FA 125 3.48 50.49 29.95
CA SER FA 125 2.28 49.84 29.42
C SER FA 125 2.46 48.36 29.12
N ARG FA 126 3.54 47.93 28.45
CA ARG FA 126 3.82 46.51 28.29
C ARG FA 126 3.97 45.82 29.65
N ALA FA 127 4.80 46.32 30.59
CA ALA FA 127 4.92 45.78 31.95
C ALA FA 127 3.58 45.61 32.70
N GLN FA 128 2.66 46.56 32.59
CA GLN FA 128 1.32 46.34 33.13
C GLN FA 128 0.56 45.19 32.45
N LYS FA 129 0.56 45.23 31.11
CA LYS FA 129 -0.10 44.24 30.27
C LYS FA 129 0.40 42.81 30.47
N ASP FA 130 1.72 42.64 30.55
CA ASP FA 130 2.24 41.35 30.92
C ASP FA 130 1.95 41.18 32.42
N GLU FA 131 2.31 41.93 33.49
CA GLU FA 131 1.94 41.62 34.89
C GLU FA 131 0.51 41.07 35.09
N GLU FA 132 -0.49 41.65 34.41
CA GLU FA 132 -1.85 41.08 34.35
C GLU FA 132 -1.91 39.65 33.79
N LYS FA 133 -1.29 39.36 32.63
CA LYS FA 133 -1.21 37.99 32.08
C LYS FA 133 -0.64 36.94 33.05
N MET FA 134 0.46 37.22 33.75
CA MET FA 134 1.03 36.35 34.79
C MET FA 134 0.01 36.02 35.84
N GLU FA 135 -0.56 37.05 36.49
CA GLU FA 135 -1.61 36.83 37.48
C GLU FA 135 -2.76 35.97 36.98
N ILE FA 136 -3.29 36.20 35.76
CA ILE FA 136 -4.33 35.31 35.23
C ILE FA 136 -3.83 33.88 34.97
N GLN FA 137 -2.62 33.65 34.45
CA GLN FA 137 -2.11 32.30 34.37
C GLN FA 137 -1.88 31.72 35.75
N GLU FA 138 -1.05 32.30 36.63
CA GLU FA 138 -0.80 31.88 38.01
C GLU FA 138 -2.07 31.43 38.74
N ILE FA 139 -3.19 32.16 38.60
CA ILE FA 139 -4.47 31.69 39.13
C ILE FA 139 -5.07 30.50 38.37
N GLN FA 140 -5.13 30.47 37.02
CA GLN FA 140 -5.62 29.34 36.23
C GLN FA 140 -4.97 27.98 36.59
N LEU FA 141 -3.81 28.12 37.20
CA LEU FA 141 -2.93 27.00 37.56
C LEU FA 141 -3.04 26.36 38.89
N LYS FA 142 -3.23 27.19 39.90
CA LYS FA 142 -3.66 26.65 41.18
C LYS FA 142 -4.93 25.81 40.92
N GLU FA 143 -5.81 26.31 40.02
CA GLU FA 143 -6.94 25.53 39.53
C GLU FA 143 -6.54 24.27 38.75
N ALA FA 144 -5.80 24.35 37.64
CA ALA FA 144 -5.33 23.17 36.89
C ALA FA 144 -4.55 22.13 37.71
N LYS FA 145 -3.57 22.52 38.52
CA LYS FA 145 -2.88 21.62 39.44
C LYS FA 145 -3.85 20.97 40.43
N HIS FA 146 -4.74 21.74 41.08
CA HIS FA 146 -5.74 21.14 41.95
C HIS FA 146 -6.68 20.15 41.28
N ILE FA 147 -7.19 20.42 40.08
CA ILE FA 147 -7.99 19.42 39.37
C ILE FA 147 -7.12 18.23 38.94
N ALA FA 148 -5.84 18.42 38.58
CA ALA FA 148 -4.93 17.31 38.33
C ALA FA 148 -4.77 16.39 39.54
N GLU FA 149 -4.60 16.93 40.76
CA GLU FA 149 -4.61 16.15 41.99
C GLU FA 149 -5.97 15.56 42.42
N ASP FA 150 -7.11 16.24 42.28
CA ASP FA 150 -8.41 15.62 42.59
C ASP FA 150 -8.70 14.44 41.65
N ALA FA 151 -8.23 14.63 40.41
CA ALA FA 151 -8.14 13.56 39.46
C ALA FA 151 -7.11 12.61 40.06
N ASP FA 152 -5.77 12.65 40.03
CA ASP FA 152 -4.88 11.57 40.49
C ASP FA 152 -5.11 10.72 41.76
N ARG FA 153 -6.05 11.07 42.65
CA ARG FA 153 -6.58 10.17 43.69
C ARG FA 153 -7.71 9.12 43.38
N LYS FA 154 -8.82 9.43 42.68
CA LYS FA 154 -9.99 8.55 42.36
C LYS FA 154 -9.98 7.31 41.35
N TYR FA 155 -8.90 7.02 40.59
CA TYR FA 155 -8.56 6.02 39.50
C TYR FA 155 -7.36 5.37 40.19
N GLU FA 156 -6.57 5.92 41.14
CA GLU FA 156 -5.71 5.09 42.00
C GLU FA 156 -6.72 4.31 42.85
N GLU FA 157 -7.76 4.97 43.38
CA GLU FA 157 -8.90 4.26 43.96
C GLU FA 157 -9.66 3.39 42.94
N VAL FA 158 -10.18 3.88 41.79
CA VAL FA 158 -10.83 3.02 40.79
C VAL FA 158 -9.94 1.92 40.17
N ALA FA 159 -8.65 2.11 39.92
CA ALA FA 159 -7.76 1.02 39.50
C ALA FA 159 -7.49 0.02 40.64
N ARG FA 160 -7.37 0.42 41.91
CA ARG FA 160 -7.31 -0.57 42.99
C ARG FA 160 -8.61 -1.38 43.05
N LYS FA 161 -9.76 -0.70 42.92
CA LYS FA 161 -11.06 -1.35 42.80
C LYS FA 161 -11.10 -2.28 41.57
N LEU FA 162 -10.51 -1.89 40.42
CA LEU FA 162 -10.38 -2.75 39.26
C LEU FA 162 -9.55 -3.99 39.55
N VAL FA 163 -8.29 -3.88 39.99
CA VAL FA 163 -7.47 -5.04 40.30
C VAL FA 163 -8.13 -6.01 41.29
N ILE FA 164 -8.86 -5.55 42.32
CA ILE FA 164 -9.59 -6.49 43.16
C ILE FA 164 -10.77 -7.16 42.42
N ILE FA 165 -11.66 -6.46 41.69
CA ILE FA 165 -12.70 -7.17 40.97
C ILE FA 165 -12.17 -7.90 39.72
N GLU FA 166 -10.96 -7.69 39.21
CA GLU FA 166 -10.37 -8.54 38.18
C GLU FA 166 -9.85 -9.84 38.85
N SER FA 167 -9.26 -9.72 40.04
CA SER FA 167 -8.81 -10.90 40.82
C SER FA 167 -9.86 -11.83 41.43
N ASP FA 168 -10.95 -11.37 42.07
CA ASP FA 168 -11.99 -12.30 42.55
C ASP FA 168 -12.56 -13.13 41.39
N LEU FA 169 -12.33 -12.59 40.19
CA LEU FA 169 -12.70 -13.22 38.94
C LEU FA 169 -12.11 -14.38 38.28
N GLU FA 170 -10.81 -14.29 38.05
CA GLU FA 170 -10.10 -15.46 37.60
C GLU FA 170 -10.46 -16.59 38.58
N ARG FA 171 -10.62 -16.28 39.88
CA ARG FA 171 -11.20 -17.25 40.81
C ARG FA 171 -12.65 -17.70 40.54
N ALA FA 172 -13.66 -16.82 40.39
CA ALA FA 172 -15.01 -17.21 40.01
C ALA FA 172 -15.11 -17.99 38.70
N GLU FA 173 -14.46 -17.53 37.62
CA GLU FA 173 -14.37 -18.26 36.36
C GLU FA 173 -13.68 -19.61 36.51
N GLU FA 174 -12.51 -19.72 37.15
CA GLU FA 174 -11.86 -21.01 37.41
C GLU FA 174 -12.75 -21.98 38.20
N ARG FA 175 -13.40 -21.54 39.29
CA ARG FA 175 -14.36 -22.39 39.98
C ARG FA 175 -15.52 -22.81 39.07
N ALA FA 176 -16.10 -21.88 38.30
CA ALA FA 176 -17.11 -22.20 37.29
C ALA FA 176 -16.65 -23.27 36.29
N GLU FA 177 -15.51 -23.10 35.63
CA GLU FA 177 -14.93 -24.09 34.73
C GLU FA 177 -14.71 -25.45 35.38
N LEU FA 178 -14.10 -25.53 36.57
CA LEU FA 178 -13.97 -26.82 37.26
C LEU FA 178 -15.31 -27.48 37.61
N SER FA 179 -16.29 -26.73 38.11
CA SER FA 179 -17.63 -27.30 38.33
C SER FA 179 -18.35 -27.69 37.06
N GLU FA 180 -18.27 -26.94 35.96
CA GLU FA 180 -18.79 -27.34 34.65
C GLU FA 180 -18.12 -28.62 34.16
N GLY FA 181 -16.79 -28.74 34.27
CA GLY FA 181 -16.05 -29.97 33.96
C GLY FA 181 -16.56 -31.17 34.78
N LYS FA 182 -16.63 -31.03 36.11
CA LYS FA 182 -17.22 -32.03 37.00
C LYS FA 182 -18.64 -32.43 36.57
N CYS FA 183 -19.49 -31.44 36.33
CA CYS FA 183 -20.87 -31.61 35.84
C CYS FA 183 -20.92 -32.47 34.59
N ALA FA 184 -20.16 -32.10 33.56
CA ALA FA 184 -20.04 -32.89 32.34
C ALA FA 184 -19.55 -34.31 32.58
N GLU FA 185 -18.45 -34.53 33.33
CA GLU FA 185 -17.99 -35.87 33.68
C GLU FA 185 -19.04 -36.74 34.34
N LEU FA 186 -19.72 -36.21 35.37
CA LEU FA 186 -20.83 -36.93 35.98
C LEU FA 186 -21.94 -37.14 34.95
N GLU FA 187 -22.51 -36.16 34.24
CA GLU FA 187 -23.54 -36.36 33.21
C GLU FA 187 -23.20 -37.45 32.15
N GLU FA 188 -21.93 -37.51 31.75
CA GLU FA 188 -21.40 -38.55 30.87
C GLU FA 188 -21.36 -39.95 31.52
N GLU FA 189 -20.79 -40.08 32.73
CA GLU FA 189 -20.82 -41.34 33.52
C GLU FA 189 -22.22 -41.91 33.69
N LEU FA 190 -23.18 -41.02 33.51
CA LEU FA 190 -24.58 -41.38 33.65
C LEU FA 190 -25.33 -41.89 32.49
N LYS FA 191 -25.15 -41.22 31.36
CA LYS FA 191 -25.64 -41.80 30.13
C LYS FA 191 -25.07 -43.22 30.03
N THR FA 192 -23.79 -43.43 30.37
CA THR FA 192 -23.25 -44.79 30.39
C THR FA 192 -23.88 -45.67 31.46
N VAL FA 193 -24.01 -45.33 32.75
CA VAL FA 193 -24.71 -46.22 33.66
C VAL FA 193 -26.23 -46.38 33.37
N THR FA 194 -27.07 -45.38 33.07
CA THR FA 194 -28.47 -45.58 32.68
C THR FA 194 -28.63 -46.40 31.39
N ASN FA 195 -27.71 -46.26 30.43
CA ASN FA 195 -27.71 -47.10 29.25
C ASN FA 195 -27.28 -48.54 29.49
N ASN FA 196 -26.21 -48.78 30.28
CA ASN FA 196 -25.82 -50.13 30.71
C ASN FA 196 -27.03 -50.83 31.34
N LEU FA 197 -27.92 -49.98 31.85
CA LEU FA 197 -29.18 -50.43 32.38
C LEU FA 197 -30.36 -50.94 31.69
N LYS FA 198 -30.83 -50.13 30.76
CA LYS FA 198 -31.85 -50.62 29.86
C LYS FA 198 -31.36 -51.97 29.32
N SER FA 199 -30.05 -52.09 29.04
CA SER FA 199 -29.45 -53.38 28.70
C SER FA 199 -29.51 -54.45 29.79
N LEU FA 200 -29.02 -54.29 31.02
CA LEU FA 200 -29.16 -55.31 32.06
C LEU FA 200 -30.59 -55.65 32.46
N GLU FA 201 -31.49 -54.69 32.61
CA GLU FA 201 -32.90 -54.92 32.91
C GLU FA 201 -33.54 -55.72 31.77
N ALA FA 202 -33.34 -55.33 30.50
CA ALA FA 202 -33.81 -56.12 29.35
C ALA FA 202 -33.23 -57.54 29.30
N GLN FA 203 -31.92 -57.72 29.52
CA GLN FA 203 -31.31 -59.05 29.63
C GLN FA 203 -31.93 -59.88 30.75
N ALA FA 204 -32.12 -59.31 31.94
CA ALA FA 204 -32.81 -59.93 33.07
C ALA FA 204 -34.21 -60.40 32.71
N GLU FA 205 -35.07 -59.55 32.14
CA GLU FA 205 -36.40 -59.97 31.68
C GLU FA 205 -36.36 -61.08 30.63
N LYS FA 206 -35.50 -60.94 29.60
CA LYS FA 206 -35.29 -61.97 28.59
C LYS FA 206 -34.91 -63.34 29.19
N TYR FA 207 -33.95 -63.35 30.11
CA TYR FA 207 -33.62 -64.57 30.82
C TYR FA 207 -34.79 -65.05 31.68
N SER FA 208 -35.44 -64.26 32.56
CA SER FA 208 -36.65 -64.71 33.30
C SER FA 208 -37.71 -65.43 32.47
N GLN FA 209 -38.00 -64.91 31.27
CA GLN FA 209 -38.87 -65.60 30.31
C GLN FA 209 -38.32 -66.89 29.71
N LYS FA 210 -37.01 -66.98 29.50
CA LYS FA 210 -36.40 -68.23 29.06
C LYS FA 210 -36.46 -69.27 30.20
N GLU FA 211 -36.22 -68.82 31.43
CA GLU FA 211 -36.36 -69.60 32.66
C GLU FA 211 -37.76 -70.19 32.85
N ASP FA 212 -38.82 -69.37 32.91
CA ASP FA 212 -40.18 -69.88 33.05
C ASP FA 212 -40.56 -70.92 31.99
N LYS FA 213 -40.22 -70.67 30.71
CA LYS FA 213 -40.40 -71.63 29.63
C LYS FA 213 -39.73 -72.98 29.90
N TYR FA 214 -38.42 -73.00 30.20
CA TYR FA 214 -37.78 -74.25 30.53
C TYR FA 214 -38.24 -74.92 31.82
N GLU FA 215 -38.65 -74.16 32.84
CA GLU FA 215 -39.27 -74.67 34.05
C GLU FA 215 -40.61 -75.39 33.72
N GLU FA 216 -41.47 -74.82 32.87
CA GLU FA 216 -42.66 -75.53 32.39
C GLU FA 216 -42.33 -76.77 31.55
N GLU FA 217 -41.43 -76.69 30.57
CA GLU FA 217 -41.00 -77.88 29.83
C GLU FA 217 -40.36 -78.96 30.72
N ILE FA 218 -39.54 -78.68 31.75
CA ILE FA 218 -39.04 -79.72 32.64
C ILE FA 218 -40.17 -80.42 33.40
N LYS FA 219 -41.16 -79.66 33.92
CA LYS FA 219 -42.34 -80.26 34.53
C LYS FA 219 -43.02 -81.28 33.61
N VAL FA 220 -43.34 -80.86 32.38
CA VAL FA 220 -43.94 -81.76 31.39
C VAL FA 220 -43.09 -82.96 30.95
N LEU FA 221 -41.76 -82.84 30.80
CA LEU FA 221 -40.95 -84.04 30.52
C LEU FA 221 -40.85 -84.96 31.75
N SER FA 222 -40.83 -84.40 32.97
CA SER FA 222 -40.93 -85.19 34.21
C SER FA 222 -42.26 -85.91 34.45
N ASP FA 223 -43.41 -85.31 34.11
CA ASP FA 223 -44.69 -86.03 34.24
C ASP FA 223 -44.81 -87.18 33.24
N LYS FA 224 -44.48 -86.92 31.95
CA LYS FA 224 -44.40 -87.94 30.89
C LYS FA 224 -43.57 -89.13 31.36
N LEU FA 225 -42.54 -88.76 32.11
CA LEU FA 225 -41.70 -89.73 32.75
C LEU FA 225 -42.24 -90.73 33.75
N LYS FA 226 -42.81 -90.26 34.85
CA LYS FA 226 -43.45 -91.18 35.79
C LYS FA 226 -44.36 -92.16 35.05
N GLU FA 227 -45.09 -91.67 34.05
CA GLU FA 227 -45.90 -92.54 33.20
C GLU FA 227 -45.12 -93.54 32.34
N ALA FA 228 -44.13 -93.14 31.52
CA ALA FA 228 -43.31 -94.08 30.75
C ALA FA 228 -42.60 -95.14 31.60
N GLU FA 229 -41.94 -94.75 32.70
CA GLU FA 229 -41.29 -95.69 33.62
C GLU FA 229 -42.25 -96.68 34.30
N THR FA 230 -43.35 -96.23 34.94
CA THR FA 230 -44.33 -97.13 35.57
C THR FA 230 -44.90 -98.20 34.62
N ARG FA 231 -45.26 -97.76 33.43
CA ARG FA 231 -45.68 -98.69 32.40
C ARG FA 231 -44.58 -99.64 31.92
N ALA FA 232 -43.35 -99.17 31.73
CA ALA FA 232 -42.21 -100.04 31.43
C ALA FA 232 -42.06 -101.16 32.46
N GLU FA 233 -42.10 -100.81 33.75
CA GLU FA 233 -42.10 -101.80 34.85
C GLU FA 233 -43.23 -102.82 34.74
N PHE FA 234 -44.47 -102.39 34.49
CA PHE FA 234 -45.55 -103.35 34.25
C PHE FA 234 -45.34 -104.25 33.03
N ALA FA 235 -44.92 -103.72 31.88
CA ALA FA 235 -44.54 -104.53 30.71
C ALA FA 235 -43.42 -105.54 31.02
N GLU FA 236 -42.36 -105.14 31.71
CA GLU FA 236 -41.31 -106.05 32.17
C GLU FA 236 -41.83 -107.14 33.12
N ARG FA 237 -42.66 -106.82 34.13
CA ARG FA 237 -43.28 -107.85 34.98
C ARG FA 237 -44.10 -108.87 34.17
N SER FA 238 -44.94 -108.40 33.25
CA SER FA 238 -45.64 -109.29 32.33
C SER FA 238 -44.71 -110.12 31.44
N VAL FA 239 -43.64 -109.58 30.83
CA VAL FA 239 -42.71 -110.40 30.07
C VAL FA 239 -42.06 -111.49 30.93
N THR FA 240 -41.54 -111.19 32.13
CA THR FA 240 -40.97 -112.24 32.98
C THR FA 240 -41.98 -113.33 33.36
N LYS FA 241 -43.24 -112.96 33.61
CA LYS FA 241 -44.32 -113.94 33.83
C LYS FA 241 -44.51 -114.87 32.62
N LEU FA 242 -44.70 -114.31 31.43
CA LEU FA 242 -44.86 -115.11 30.21
C LEU FA 242 -43.63 -115.91 29.78
N GLU FA 243 -42.43 -115.38 29.97
CA GLU FA 243 -41.18 -116.12 29.74
C GLU FA 243 -41.11 -117.31 30.70
N LYS FA 244 -41.42 -117.13 31.99
CA LYS FA 244 -41.53 -118.23 32.95
C LYS FA 244 -42.57 -119.29 32.52
N SER FA 245 -43.75 -118.89 32.07
CA SER FA 245 -44.69 -119.88 31.52
C SER FA 245 -44.25 -120.46 30.17
N ILE FA 246 -43.44 -119.79 29.32
CA ILE FA 246 -42.96 -120.46 28.11
C ILE FA 246 -41.92 -121.53 28.46
N ASP FA 247 -40.98 -121.27 29.37
CA ASP FA 247 -40.02 -122.28 29.75
C ASP FA 247 -40.68 -123.50 30.42
N ASP FA 248 -41.68 -123.37 31.29
CA ASP FA 248 -42.36 -124.55 31.82
C ASP FA 248 -43.05 -125.36 30.71
N LEU FA 249 -43.82 -124.78 29.79
CA LEU FA 249 -44.41 -125.53 28.69
C LEU FA 249 -43.38 -126.15 27.73
N GLU FA 250 -42.33 -125.43 27.32
CA GLU FA 250 -41.26 -125.97 26.49
C GLU FA 250 -40.46 -127.10 27.18
N ASP FA 251 -40.31 -127.07 28.51
CA ASP FA 251 -39.72 -128.18 29.25
C ASP FA 251 -40.64 -129.38 29.48
N GLU FA 252 -41.91 -129.15 29.88
CA GLU FA 252 -42.96 -130.17 29.97
C GLU FA 252 -43.01 -130.94 28.65
N LEU FA 253 -42.62 -130.13 27.68
CA LEU FA 253 -42.32 -130.63 26.39
C LEU FA 253 -41.32 -131.53 25.79
N TYR FA 254 -40.07 -131.18 25.93
CA TYR FA 254 -39.12 -132.18 25.55
C TYR FA 254 -39.33 -133.44 26.40
N ALA FA 255 -39.89 -133.30 27.62
CA ALA FA 255 -40.35 -134.45 28.40
C ALA FA 255 -41.43 -135.26 27.68
N GLN FA 256 -42.52 -134.65 27.20
CA GLN FA 256 -43.50 -135.37 26.37
C GLN FA 256 -42.90 -135.89 25.06
N LYS FA 257 -42.36 -135.05 24.17
CA LYS FA 257 -41.71 -135.47 22.91
C LYS FA 257 -40.71 -136.65 23.01
N LEU FA 258 -39.98 -136.71 24.13
CA LEU FA 258 -39.09 -137.83 24.41
C LEU FA 258 -39.74 -139.06 25.04
N LYS FA 259 -40.63 -138.87 26.03
CA LYS FA 259 -41.42 -139.96 26.63
C LYS FA 259 -42.08 -140.72 25.49
N TYR FA 260 -42.35 -139.97 24.41
CA TYR FA 260 -42.77 -140.75 23.29
C TYR FA 260 -41.64 -141.45 22.53
N LYS FA 261 -40.60 -140.89 21.92
CA LYS FA 261 -39.70 -141.70 21.08
C LYS FA 261 -39.48 -143.13 21.57
N ALA FA 262 -39.41 -143.17 22.90
CA ALA FA 262 -39.50 -144.41 23.68
C ALA FA 262 -40.82 -145.18 23.42
N ILE FA 263 -42.08 -144.81 23.76
CA ILE FA 263 -43.23 -145.66 23.38
C ILE FA 263 -43.45 -145.87 21.86
N SER FA 264 -43.26 -144.93 20.92
CA SER FA 264 -43.32 -145.27 19.48
C SER FA 264 -42.22 -146.24 19.00
N GLU FA 265 -41.01 -146.21 19.55
CA GLU FA 265 -39.94 -147.18 19.27
C GLU FA 265 -40.16 -148.53 19.96
N GLU FA 266 -40.62 -148.51 21.22
CA GLU FA 266 -41.05 -149.74 21.90
C GLU FA 266 -42.14 -150.36 21.04
N LEU FA 267 -42.90 -149.51 20.35
CA LEU FA 267 -43.81 -149.95 19.33
C LEU FA 267 -43.40 -150.54 17.99
N ASP FA 268 -42.58 -149.96 17.13
CA ASP FA 268 -42.14 -150.69 15.94
C ASP FA 268 -41.60 -152.08 16.34
N HIS FA 269 -40.96 -152.12 17.52
CA HIS FA 269 -40.51 -153.35 18.12
C HIS FA 269 -41.62 -154.31 18.52
N ALA FA 270 -42.52 -153.87 19.40
CA ALA FA 270 -43.70 -154.61 19.78
C ALA FA 270 -44.78 -154.71 18.69
N LEU FA 271 -44.54 -154.31 17.45
CA LEU FA 271 -45.36 -154.80 16.35
C LEU FA 271 -44.56 -155.78 15.48
N ASN FA 272 -43.25 -155.62 15.40
CA ASN FA 272 -42.38 -156.57 14.69
C ASN FA 272 -42.27 -157.96 15.32
N ASP FA 273 -42.05 -158.16 16.62
CA ASP FA 273 -41.99 -159.53 17.15
C ASP FA 273 -43.30 -160.33 16.99
N MET FA 274 -44.56 -159.88 17.20
CA MET FA 274 -45.76 -160.67 16.83
C MET FA 274 -45.99 -160.91 15.37
N THR FA 275 -45.57 -160.02 14.47
CA THR FA 275 -45.63 -160.40 13.05
C THR FA 275 -44.63 -161.53 12.77
N SER FA 276 -43.53 -161.61 13.55
CA SER FA 276 -42.61 -162.76 13.52
C SER FA 276 -42.90 -164.05 14.28
N ILE FA 277 -43.51 -163.99 15.48
CA ILE FA 277 -43.79 -165.15 16.32
C ILE FA 277 -44.85 -166.15 15.81
N VAL GA 239 -45.25 -165.82 16.91
CA VAL GA 239 -46.51 -166.59 16.89
C VAL GA 239 -46.80 -167.16 15.51
N THR GA 240 -46.71 -166.39 14.42
CA THR GA 240 -46.94 -166.94 13.08
C THR GA 240 -45.94 -168.04 12.72
N LYS GA 241 -44.67 -167.91 13.12
CA LYS GA 241 -43.68 -168.98 12.97
C LYS GA 241 -44.08 -170.26 13.72
N LEU GA 242 -44.39 -170.17 15.01
CA LEU GA 242 -44.81 -171.33 15.80
C LEU GA 242 -46.15 -171.94 15.40
N GLU GA 243 -47.13 -171.14 14.97
CA GLU GA 243 -48.39 -171.63 14.41
C GLU GA 243 -48.11 -172.41 13.11
N LYS GA 244 -47.26 -171.89 12.22
CA LYS GA 244 -46.80 -172.63 11.04
C LYS GA 244 -46.10 -173.95 11.41
N SER GA 245 -45.18 -173.96 12.38
CA SER GA 245 -44.60 -175.22 12.84
C SER GA 245 -45.62 -176.12 13.55
N ILE GA 246 -46.66 -175.64 14.23
CA ILE GA 246 -47.65 -176.55 14.81
C ILE GA 246 -48.47 -177.23 13.73
N ASP GA 247 -48.94 -176.52 12.70
CA ASP GA 247 -49.68 -177.16 11.62
C ASP GA 247 -48.83 -178.21 10.86
N ASP GA 248 -47.54 -177.97 10.56
CA ASP GA 248 -46.74 -179.00 9.93
C ASP GA 248 -46.57 -180.24 10.83
N LEU GA 249 -46.24 -180.14 12.11
CA LEU GA 249 -46.18 -181.30 13.00
C LEU GA 249 -47.52 -182.03 13.17
N GLU GA 250 -48.63 -181.33 13.39
CA GLU GA 250 -49.96 -181.94 13.47
C GLU GA 250 -50.38 -182.66 12.16
N ASP GA 251 -49.97 -182.14 10.99
CA ASP GA 251 -50.20 -182.85 9.73
C ASP GA 251 -49.26 -184.03 9.45
N GLU GA 252 -47.94 -183.88 9.70
CA GLU GA 252 -46.96 -184.98 9.66
C GLU GA 252 -47.50 -186.14 10.50
N LEU GA 253 -48.32 -185.69 11.45
CA LEU GA 253 -49.08 -186.58 12.26
C LEU GA 253 -50.19 -187.52 12.11
N TYR GA 254 -51.24 -186.98 11.57
CA TYR GA 254 -52.23 -187.93 11.14
C TYR GA 254 -51.62 -188.84 10.07
N ALA GA 255 -50.61 -188.36 9.32
CA ALA GA 255 -49.85 -189.23 8.42
C ALA GA 255 -49.12 -190.36 9.18
N GLN GA 256 -48.34 -190.08 10.22
CA GLN GA 256 -47.76 -191.14 11.05
C GLN GA 256 -48.81 -192.02 11.73
N LYS GA 257 -49.73 -191.48 12.56
CA LYS GA 257 -50.82 -192.22 13.20
C LYS GA 257 -51.61 -193.18 12.29
N LEU GA 258 -51.81 -192.80 11.03
CA LEU GA 258 -52.44 -193.67 10.05
C LEU GA 258 -51.53 -194.68 9.36
N LYS GA 259 -50.32 -194.27 8.93
CA LYS GA 259 -49.30 -195.15 8.36
C LYS GA 259 -49.12 -196.33 9.29
N TYR GA 260 -49.39 -196.05 10.58
CA TYR GA 260 -49.39 -197.21 11.41
C TYR GA 260 -50.65 -198.07 11.33
N LYS GA 261 -51.90 -197.71 11.62
CA LYS GA 261 -52.95 -198.72 11.74
C LYS GA 261 -52.83 -199.93 10.80
N ALA GA 262 -52.37 -199.54 9.61
CA ALA GA 262 -51.89 -200.45 8.58
C ALA GA 262 -50.73 -201.36 9.05
N ILE GA 263 -49.48 -200.97 9.40
CA ILE GA 263 -48.49 -201.95 9.87
C ILE GA 263 -48.86 -202.69 11.18
N SER GA 264 -49.51 -202.10 12.19
CA SER GA 264 -50.01 -202.89 13.34
C SER GA 264 -51.08 -203.93 13.00
N GLU GA 265 -51.97 -203.66 12.04
CA GLU GA 265 -52.95 -204.63 11.50
C GLU GA 265 -52.35 -205.67 10.57
N GLU GA 266 -51.40 -205.27 9.71
CA GLU GA 266 -50.63 -206.24 8.92
C GLU GA 266 -49.94 -207.20 9.89
N LEU GA 267 -49.62 -206.66 11.06
CA LEU GA 267 -49.14 -207.46 12.17
C LEU GA 267 -49.95 -208.48 12.93
N ASP GA 268 -51.11 -208.23 13.53
CA ASP GA 268 -51.88 -209.33 14.11
C ASP GA 268 -52.01 -210.50 13.12
N HIS GA 269 -52.14 -210.12 11.84
CA HIS GA 269 -52.15 -211.07 10.75
C HIS GA 269 -50.87 -211.84 10.54
N ALA GA 270 -49.76 -211.14 10.30
CA ALA GA 270 -48.44 -211.72 10.21
C ALA GA 270 -47.86 -212.20 11.54
N LEU GA 271 -48.61 -212.23 12.64
CA LEU GA 271 -48.20 -213.07 13.77
C LEU GA 271 -49.07 -214.33 13.86
N ASN GA 272 -50.35 -214.23 13.50
CA ASN GA 272 -51.25 -215.38 13.47
C ASN GA 272 -50.92 -216.50 12.48
N ASP GA 273 -50.57 -216.27 11.22
CA ASP GA 273 -50.22 -217.39 10.32
C ASP GA 273 -48.98 -218.21 10.75
N MET GA 274 -47.83 -217.70 11.22
CA MET GA 274 -46.75 -218.54 11.80
C MET GA 274 -47.08 -219.22 13.10
N THR GA 275 -47.97 -218.69 13.95
CA THR GA 275 -48.42 -219.52 15.07
C THR GA 275 -49.26 -220.70 14.57
N SER GA 276 -49.92 -220.50 13.42
CA SER GA 276 -50.62 -221.58 12.73
C SER GA 276 -49.86 -222.60 11.89
N ILE GA 277 -48.79 -222.19 11.22
CA ILE GA 277 -47.95 -223.09 10.43
C ILE GA 277 -46.95 -223.92 11.24
N VAL HA 239 -49.61 -166.48 21.17
CA VAL HA 239 -48.39 -167.25 20.91
C VAL HA 239 -48.12 -168.28 22.00
N THR HA 240 -48.19 -167.94 23.30
CA THR HA 240 -47.98 -168.94 24.35
C THR HA 240 -48.99 -170.07 24.30
N LYS HA 241 -50.26 -169.80 23.99
CA LYS HA 241 -51.26 -170.84 23.76
C LYS HA 241 -50.87 -171.79 22.61
N LEU HA 242 -50.56 -171.26 21.44
CA LEU HA 242 -50.14 -172.09 20.30
C LEU HA 242 -48.81 -172.81 20.48
N GLU HA 243 -47.82 -172.20 21.14
CA GLU HA 243 -46.57 -172.86 21.50
C GLU HA 243 -46.85 -174.03 22.44
N LYS HA 244 -47.70 -173.84 23.46
CA LYS HA 244 -48.14 -174.95 24.33
C LYS HA 244 -48.83 -176.07 23.54
N SER HA 245 -49.74 -175.76 22.61
CA SER HA 245 -50.28 -176.81 21.74
C SER HA 245 -49.27 -177.39 20.74
N ILE HA 246 -48.22 -176.68 20.29
CA ILE HA 246 -47.24 -177.33 19.43
C ILE HA 246 -46.39 -178.32 20.23
N ASP HA 247 -45.95 -177.98 21.45
CA ASP HA 247 -45.18 -178.93 22.24
C ASP HA 247 -45.99 -180.18 22.62
N ASP HA 248 -47.28 -180.10 22.97
CA ASP HA 248 -48.06 -181.32 23.21
C ASP HA 248 -48.16 -182.19 21.95
N LEU HA 249 -48.49 -181.68 20.75
CA LEU HA 249 -48.50 -182.48 19.53
C LEU HA 249 -47.14 -183.03 19.14
N GLU HA 250 -46.05 -182.25 19.19
CA GLU HA 250 -44.70 -182.73 18.92
C GLU HA 250 -44.22 -183.80 19.93
N ASP HA 251 -44.65 -183.74 21.20
CA ASP HA 251 -44.37 -184.80 22.16
C ASP HA 251 -45.25 -186.05 22.02
N GLU HA 252 -46.57 -185.90 21.84
CA GLU HA 252 -47.51 -187.00 21.51
C GLU HA 252 -46.94 -187.78 20.32
N LEU HA 253 -46.21 -186.96 19.58
CA LEU HA 253 -45.35 -187.46 18.57
C LEU HA 253 -44.14 -188.29 18.48
N TYR HA 254 -43.11 -187.86 19.14
CA TYR HA 254 -42.03 -188.79 19.24
C TYR HA 254 -42.52 -190.05 19.97
N ALA HA 255 -43.55 -189.94 20.82
CA ALA HA 255 -44.23 -191.10 21.39
C ALA HA 255 -44.86 -191.99 20.30
N GLN HA 256 -45.67 -191.47 19.37
CA GLN HA 256 -46.16 -192.26 18.24
C GLN HA 256 -45.02 -192.75 17.33
N LYS HA 257 -44.20 -191.90 16.72
CA LYS HA 257 -43.05 -192.28 15.88
C LYS HA 257 -42.13 -193.39 16.45
N LEU HA 258 -41.95 -193.40 17.77
CA LEU HA 258 -41.20 -194.45 18.46
C LEU HA 258 -41.98 -195.70 18.79
N LYS HA 259 -43.23 -195.57 19.30
CA LYS HA 259 -44.14 -196.70 19.54
C LYS HA 259 -44.20 -197.52 18.27
N TYR HA 260 -44.02 -196.79 17.14
CA TYR HA 260 -43.87 -197.62 15.98
C TYR HA 260 -42.49 -198.25 15.81
N LYS HA 261 -41.32 -197.63 15.68
CA LYS HA 261 -40.11 -198.39 15.34
C LYS HA 261 -40.04 -199.80 15.93
N ALA HA 262 -40.54 -199.81 17.17
CA ALA HA 262 -40.90 -201.04 17.88
C ALA HA 262 -41.93 -201.91 17.12
N ILE HA 263 -43.23 -201.62 16.86
CA ILE HA 263 -44.06 -202.55 16.06
C ILE HA 263 -43.60 -202.79 14.60
N SER HA 264 -43.07 -201.85 13.81
CA SER HA 264 -42.49 -202.22 12.49
C SER HA 264 -41.24 -203.12 12.57
N GLU HA 265 -40.38 -202.99 13.59
CA GLU HA 265 -39.24 -203.90 13.83
C GLU HA 265 -39.66 -205.25 14.41
N GLU HA 266 -40.62 -205.25 15.34
CA GLU HA 266 -41.23 -206.48 15.83
C GLU HA 266 -41.81 -207.19 14.61
N LEU HA 267 -42.25 -206.40 13.63
CA LEU HA 267 -42.61 -206.92 12.33
C LEU HA 267 -41.63 -207.50 11.32
N ASP HA 268 -40.55 -206.87 10.88
CA ASP HA 268 -39.60 -207.59 10.02
C ASP HA 268 -39.21 -208.93 10.67
N HIS HA 269 -39.14 -208.91 12.01
CA HIS HA 269 -38.92 -210.11 12.79
C HIS HA 269 -40.04 -211.12 12.71
N ALA HA 270 -41.25 -210.74 13.10
CA ALA HA 270 -42.45 -211.55 12.98
C ALA HA 270 -42.94 -211.74 11.54
N LEU HA 271 -42.21 -211.34 10.51
CA LEU HA 271 -42.46 -211.90 9.18
C LEU HA 271 -41.32 -212.84 8.77
N ASN HA 272 -40.10 -212.59 9.26
CA ASN HA 272 -38.97 -213.49 9.02
C ASN HA 272 -39.05 -214.86 9.69
N ASP HA 273 -39.40 -215.02 10.97
CA ASP HA 273 -39.50 -216.39 11.53
C ASP HA 273 -40.57 -217.27 10.86
N MET HA 274 -41.82 -216.90 10.49
CA MET HA 274 -42.71 -217.77 9.68
C MET HA 274 -42.27 -218.05 8.27
N THR HA 275 -41.55 -217.15 7.60
CA THR HA 275 -40.97 -217.55 6.31
C THR HA 275 -39.89 -218.61 6.54
N SER HA 276 -39.24 -218.60 7.71
CA SER HA 276 -38.32 -219.69 8.12
C SER HA 276 -38.84 -220.99 8.74
N ILE HA 277 -39.90 -220.95 9.55
CA ILE HA 277 -40.47 -222.12 10.24
C ILE HA 277 -41.14 -223.20 9.36
N SER IA 1 -52.13 -196.89 11.67
CA SER IA 1 -50.97 -196.23 11.00
C SER IA 1 -51.31 -194.82 10.54
N TYR IA 2 -51.33 -193.87 11.48
CA TYR IA 2 -51.63 -192.47 11.15
C TYR IA 2 -50.56 -191.52 11.64
N SER IA 3 -49.54 -192.06 12.32
CA SER IA 3 -48.44 -191.25 12.82
C SER IA 3 -47.49 -191.02 11.64
N SER IA 4 -47.66 -191.84 10.60
CA SER IA 4 -46.86 -191.78 9.38
C SER IA 4 -47.43 -190.77 8.39
N TYR IA 5 -48.54 -190.14 8.76
CA TYR IA 5 -49.18 -189.16 7.89
C TYR IA 5 -48.32 -187.91 7.80
N LEU IA 6 -47.72 -187.53 8.91
CA LEU IA 6 -46.87 -186.35 8.94
C LEU IA 6 -45.63 -186.62 8.08
N ALA IA 7 -45.33 -187.90 7.87
CA ALA IA 7 -44.18 -188.31 7.06
C ALA IA 7 -44.50 -188.05 5.59
N LYS IA 8 -45.75 -188.34 5.20
CA LYS IA 8 -46.19 -188.09 3.84
C LYS IA 8 -45.92 -186.63 3.47
N ALA IA 9 -46.57 -185.71 4.20
CA ALA IA 9 -46.41 -184.27 3.98
C ALA IA 9 -44.94 -183.88 3.87
N ASP IA 10 -44.20 -184.07 4.94
CA ASP IA 10 -42.79 -183.74 4.94
C ASP IA 10 -42.09 -184.33 3.71
N GLN IA 11 -42.20 -185.63 3.54
CA GLN IA 11 -41.54 -186.28 2.43
C GLN IA 11 -41.93 -185.71 1.07
N LYS IA 12 -43.17 -185.96 0.65
CA LYS IA 12 -43.64 -185.49 -0.65
C LYS IA 12 -43.29 -184.02 -0.87
N ARG IA 13 -43.89 -183.14 -0.09
CA ARG IA 13 -43.63 -181.70 -0.23
C ARG IA 13 -42.15 -181.43 -0.39
N GLY IA 14 -41.35 -182.13 0.42
CA GLY IA 14 -39.91 -181.95 0.39
C GLY IA 14 -39.34 -182.23 -0.98
N LYS IA 15 -39.40 -183.50 -1.35
CA LYS IA 15 -38.87 -183.92 -2.64
C LYS IA 15 -39.42 -183.10 -3.79
N LYS IA 16 -40.72 -182.88 -3.81
CA LYS IA 16 -41.31 -182.13 -4.89
C LYS IA 16 -40.76 -180.72 -5.00
N GLN IA 17 -40.56 -180.07 -3.86
CA GLN IA 17 -40.07 -178.71 -3.85
C GLN IA 17 -38.60 -178.66 -4.27
N THR IA 18 -37.86 -179.73 -3.95
CA THR IA 18 -36.45 -179.85 -4.30
C THR IA 18 -36.36 -179.92 -5.82
N ALA IA 19 -37.17 -180.81 -6.40
CA ALA IA 19 -37.24 -181.03 -7.84
C ALA IA 19 -37.54 -179.76 -8.60
N ARG IA 20 -38.46 -178.97 -8.08
CA ARG IA 20 -38.86 -177.73 -8.73
C ARG IA 20 -37.72 -176.81 -9.04
N GLU IA 21 -37.14 -176.25 -7.99
CA GLU IA 21 -36.07 -175.30 -8.19
C GLU IA 21 -34.97 -175.86 -9.09
N THR IA 22 -34.64 -177.13 -8.91
CA THR IA 22 -33.61 -177.74 -9.74
C THR IA 22 -33.99 -177.50 -11.20
N LYS IA 23 -35.19 -177.95 -11.56
CA LYS IA 23 -35.72 -177.75 -12.90
C LYS IA 23 -35.60 -176.28 -13.26
N LYS IA 24 -35.88 -175.40 -12.31
CA LYS IA 24 -35.79 -173.98 -12.60
C LYS IA 24 -34.34 -173.59 -12.85
N LYS IA 25 -33.45 -174.02 -11.97
CA LYS IA 25 -32.02 -173.71 -12.12
C LYS IA 25 -31.53 -174.16 -13.47
N VAL IA 26 -31.73 -175.44 -13.72
CA VAL IA 26 -31.33 -176.06 -14.97
C VAL IA 26 -31.86 -175.31 -16.19
N LEU IA 27 -33.18 -175.27 -16.30
CA LEU IA 27 -33.83 -174.61 -17.43
C LEU IA 27 -33.39 -173.17 -17.65
N ALA IA 28 -33.12 -172.47 -16.54
CA ALA IA 28 -32.70 -171.08 -16.58
C ALA IA 28 -31.36 -170.94 -17.31
N GLU IA 29 -30.41 -171.79 -16.94
CA GLU IA 29 -29.09 -171.73 -17.57
C GLU IA 29 -29.23 -171.77 -19.09
N ARG IA 30 -29.88 -172.81 -19.60
CA ARG IA 30 -30.05 -172.99 -21.03
C ARG IA 30 -30.85 -171.90 -21.70
N ARG IA 31 -30.93 -170.74 -21.06
CA ARG IA 31 -31.70 -169.63 -21.59
C ARG IA 31 -30.95 -168.31 -21.72
N LYS IA 32 -30.75 -167.87 -22.97
CA LYS IA 32 -30.06 -166.63 -23.29
C LYS IA 32 -31.06 -165.64 -23.91
N PRO IA 33 -31.45 -164.59 -23.17
CA PRO IA 33 -32.40 -163.56 -23.58
C PRO IA 33 -32.38 -163.16 -25.05
N LEU IA 34 -33.50 -162.61 -25.50
CA LEU IA 34 -33.64 -162.17 -26.87
C LEU IA 34 -33.10 -160.75 -26.95
N ASN IA 35 -31.99 -160.53 -26.25
CA ASN IA 35 -31.30 -159.24 -26.19
C ASN IA 35 -31.31 -158.48 -27.52
N ILE IA 36 -31.02 -159.18 -28.61
CA ILE IA 36 -30.96 -158.55 -29.92
C ILE IA 36 -32.32 -158.07 -30.42
N ASP IA 37 -32.63 -156.82 -30.10
CA ASP IA 37 -33.87 -156.17 -30.51
C ASP IA 37 -33.56 -154.78 -31.00
N HIS IA 38 -33.73 -154.58 -32.30
CA HIS IA 38 -33.46 -153.28 -32.93
C HIS IA 38 -31.96 -152.96 -32.81
N LEU IA 39 -31.16 -153.65 -33.60
CA LEU IA 39 -29.72 -153.44 -33.63
C LEU IA 39 -29.33 -153.49 -35.10
N ASN IA 40 -30.20 -154.13 -35.88
CA ASN IA 40 -30.09 -154.28 -37.33
C ASN IA 40 -31.41 -154.80 -37.88
N GLU IA 41 -31.57 -154.77 -39.20
CA GLU IA 41 -32.80 -155.22 -39.83
C GLU IA 41 -32.65 -156.59 -40.50
N ASP IA 42 -31.52 -156.81 -41.15
CA ASP IA 42 -31.27 -158.09 -41.80
C ASP IA 42 -30.80 -159.07 -40.73
N LYS IA 43 -30.44 -158.54 -39.55
CA LYS IA 43 -29.97 -159.34 -38.42
C LYS IA 43 -31.08 -160.32 -38.06
N LEU IA 44 -32.29 -159.81 -37.93
CA LEU IA 44 -33.44 -160.63 -37.62
C LEU IA 44 -33.39 -161.87 -38.50
N ARG IA 45 -33.12 -161.69 -39.78
CA ARG IA 45 -33.07 -162.81 -40.71
C ARG IA 45 -32.06 -163.89 -40.28
N ASP IA 46 -30.81 -163.51 -40.13
CA ASP IA 46 -29.79 -164.47 -39.72
C ASP IA 46 -30.02 -164.92 -38.27
N LYS IA 47 -30.85 -164.18 -37.54
CA LYS IA 47 -31.15 -164.51 -36.15
C LYS IA 47 -32.33 -165.47 -36.05
N ALA IA 48 -33.48 -165.01 -36.54
CA ALA IA 48 -34.69 -165.80 -36.50
C ALA IA 48 -34.47 -167.29 -36.76
N LYS IA 49 -33.78 -167.61 -37.84
CA LYS IA 49 -33.55 -169.02 -38.15
C LYS IA 49 -32.75 -169.72 -37.07
N GLU IA 50 -31.70 -169.08 -36.56
CA GLU IA 50 -30.89 -169.69 -35.51
C GLU IA 50 -31.80 -170.13 -34.37
N LEU IA 51 -32.74 -169.27 -34.01
CA LEU IA 51 -33.69 -169.59 -32.96
C LEU IA 51 -34.47 -170.79 -33.48
N TRP IA 52 -34.89 -170.69 -34.74
CA TRP IA 52 -35.64 -171.75 -35.36
C TRP IA 52 -34.93 -173.09 -35.22
N ASP IA 53 -33.64 -173.12 -35.50
CA ASP IA 53 -32.86 -174.36 -35.39
C ASP IA 53 -32.80 -174.84 -33.97
N TRP IA 54 -32.56 -173.91 -33.05
CA TRP IA 54 -32.48 -174.28 -31.65
C TRP IA 54 -33.79 -174.96 -31.29
N LEU IA 55 -34.91 -174.40 -31.75
CA LEU IA 55 -36.21 -174.98 -31.45
C LEU IA 55 -36.26 -176.37 -32.03
N TYR IA 56 -36.02 -176.45 -33.33
CA TYR IA 56 -36.02 -177.73 -34.02
C TYR IA 56 -35.07 -178.66 -33.28
N GLN IA 57 -33.99 -178.09 -32.78
CA GLN IA 57 -33.01 -178.88 -32.08
C GLN IA 57 -33.71 -179.57 -30.90
N LEU IA 58 -34.21 -178.76 -29.98
CA LEU IA 58 -34.93 -179.22 -28.81
C LEU IA 58 -36.07 -180.16 -29.23
N GLN IA 59 -36.92 -179.71 -30.14
CA GLN IA 59 -38.03 -180.55 -30.60
C GLN IA 59 -37.60 -181.95 -30.96
N THR IA 60 -36.58 -182.05 -31.76
CA THR IA 60 -36.14 -183.36 -32.18
C THR IA 60 -35.73 -184.22 -31.00
N GLU IA 61 -35.02 -183.62 -30.04
CA GLU IA 61 -34.57 -184.36 -28.87
C GLU IA 61 -35.76 -184.82 -28.05
N LYS IA 62 -36.71 -183.92 -27.84
CA LYS IA 62 -37.89 -184.26 -27.08
C LYS IA 62 -38.55 -185.46 -27.70
N TYR IA 63 -38.57 -185.51 -29.02
CA TYR IA 63 -39.20 -186.64 -29.67
C TYR IA 63 -38.47 -187.95 -29.35
N ASP IA 64 -37.14 -187.89 -29.33
CA ASP IA 64 -36.32 -189.06 -29.06
C ASP IA 64 -36.44 -189.50 -27.61
N PHE IA 65 -36.33 -188.57 -26.70
CA PHE IA 65 -36.49 -188.91 -25.29
C PHE IA 65 -37.82 -189.59 -25.15
N ALA IA 66 -38.78 -189.15 -25.93
CA ALA IA 66 -40.10 -189.71 -25.86
C ALA IA 66 -40.10 -191.15 -26.32
N GLU IA 67 -39.73 -191.37 -27.56
CA GLU IA 67 -39.75 -192.71 -28.08
C GLU IA 67 -38.94 -193.60 -27.17
N GLN IA 68 -37.92 -193.04 -26.57
CA GLN IA 68 -37.09 -193.81 -25.69
C GLN IA 68 -37.93 -194.36 -24.53
N ILE IA 69 -38.58 -193.49 -23.77
CA ILE IA 69 -39.33 -193.99 -22.65
C ILE IA 69 -40.23 -195.13 -23.12
N LYS IA 70 -40.92 -194.96 -24.23
CA LYS IA 70 -41.81 -196.02 -24.69
C LYS IA 70 -41.05 -197.33 -24.77
N ARG IA 71 -39.90 -197.32 -25.43
CA ARG IA 71 -39.14 -198.53 -25.58
C ARG IA 71 -38.80 -199.07 -24.20
N LYS IA 72 -38.37 -198.19 -23.30
CA LYS IA 72 -38.01 -198.61 -21.96
C LYS IA 72 -39.22 -199.18 -21.24
N LYS IA 73 -40.35 -198.49 -21.36
CA LYS IA 73 -41.57 -198.97 -20.76
C LYS IA 73 -41.84 -200.41 -21.15
N TYR IA 74 -41.46 -200.78 -22.37
CA TYR IA 74 -41.68 -202.16 -22.81
C TYR IA 74 -40.62 -203.08 -22.20
N GLU IA 75 -39.41 -202.56 -22.01
CA GLU IA 75 -38.32 -203.35 -21.41
C GLU IA 75 -38.83 -203.77 -20.04
N ILE IA 76 -39.50 -202.84 -19.39
CA ILE IA 76 -40.05 -203.07 -18.07
C ILE IA 76 -41.09 -204.17 -18.12
N VAL IA 77 -42.14 -203.97 -18.88
CA VAL IA 77 -43.17 -204.99 -18.97
C VAL IA 77 -42.55 -206.38 -19.03
N THR IA 78 -41.58 -206.55 -19.91
CA THR IA 78 -40.90 -207.83 -20.03
C THR IA 78 -40.08 -208.14 -18.80
N LEU IA 79 -39.28 -207.20 -18.35
CA LEU IA 79 -38.50 -207.44 -17.18
C LEU IA 79 -39.39 -207.80 -15.99
N ARG IA 80 -40.67 -207.44 -16.03
CA ARG IA 80 -41.54 -207.78 -14.90
C ARG IA 80 -41.99 -209.21 -15.05
N ASN IA 81 -42.31 -209.61 -16.27
CA ASN IA 81 -42.73 -210.98 -16.51
C ASN IA 81 -41.62 -211.95 -16.17
N ARG IA 82 -40.36 -211.54 -16.32
CA ARG IA 82 -39.27 -212.43 -16.03
C ARG IA 82 -39.14 -212.57 -14.54
N ILE IA 83 -39.58 -211.55 -13.83
CA ILE IA 83 -39.52 -211.54 -12.38
C ILE IA 83 -40.55 -212.47 -11.81
N ASP IA 84 -41.76 -212.44 -12.35
CA ASP IA 84 -42.78 -213.33 -11.85
C ASP IA 84 -42.45 -214.76 -12.22
N GLN IA 85 -42.16 -214.97 -13.50
CA GLN IA 85 -41.82 -216.30 -14.01
C GLN IA 85 -40.70 -216.90 -13.16
N ALA IA 86 -39.78 -216.04 -12.74
CA ALA IA 86 -38.66 -216.48 -11.94
C ALA IA 86 -39.00 -216.46 -10.46
N GLN IA 87 -40.26 -216.66 -10.14
CA GLN IA 87 -40.66 -216.68 -8.74
C GLN IA 87 -40.55 -218.09 -8.18
N LYS IA 88 -41.43 -218.99 -8.61
CA LYS IA 88 -41.43 -220.38 -8.13
C LYS IA 88 -40.85 -220.56 -6.73
N HIS IA 89 -41.68 -220.22 -5.73
CA HIS IA 89 -41.34 -220.32 -4.31
C HIS IA 89 -41.01 -221.77 -3.89
N SER IA 90 -40.96 -222.68 -4.87
CA SER IA 90 -40.68 -224.14 -4.67
C SER IA 90 -39.26 -224.46 -4.02
N GLU JA 1 -37.40 -247.63 -31.47
CA GLU JA 1 -36.68 -246.76 -30.51
C GLU JA 1 -36.45 -245.37 -31.11
N GLU JA 2 -37.54 -244.66 -31.39
CA GLU JA 2 -37.50 -243.31 -31.96
C GLU JA 2 -36.33 -242.96 -32.88
N LYS JA 3 -35.96 -243.87 -33.77
CA LYS JA 3 -34.84 -243.62 -34.69
C LYS JA 3 -35.04 -242.38 -35.55
N LYS JA 4 -36.29 -242.13 -35.96
CA LYS JA 4 -36.58 -240.97 -36.82
C LYS JA 4 -36.64 -239.63 -36.09
N ARG JA 5 -36.93 -239.68 -34.79
CA ARG JA 5 -37.05 -238.48 -33.96
C ARG JA 5 -36.07 -237.35 -34.30
N ARG JA 6 -34.89 -237.70 -34.78
CA ARG JA 6 -33.88 -236.70 -35.12
C ARG JA 6 -34.35 -235.64 -36.10
N ALA JA 7 -35.16 -236.04 -37.08
CA ALA JA 7 -35.67 -235.12 -38.09
C ALA JA 7 -36.65 -234.09 -37.52
N ALA JA 8 -37.34 -234.47 -36.46
CA ALA JA 8 -38.30 -233.59 -35.81
C ALA JA 8 -37.59 -232.35 -35.31
N THR JA 9 -36.54 -232.56 -34.53
CA THR JA 9 -35.76 -231.46 -33.97
C THR JA 9 -35.24 -230.54 -35.07
N ALA JA 10 -34.58 -231.12 -36.06
CA ALA JA 10 -34.07 -230.31 -37.15
C ALA JA 10 -35.14 -229.38 -37.68
N ARG JA 11 -36.38 -229.85 -37.69
CA ARG JA 11 -37.47 -229.03 -38.19
C ARG JA 11 -37.58 -227.77 -37.34
N ARG JA 12 -37.78 -227.96 -36.04
CA ARG JA 12 -37.89 -226.81 -35.17
C ARG JA 12 -36.78 -225.84 -35.50
N GLN JA 13 -35.57 -226.35 -35.68
CA GLN JA 13 -34.49 -225.45 -36.00
C GLN JA 13 -34.77 -224.78 -37.32
N HIS JA 14 -35.02 -225.58 -38.34
CA HIS JA 14 -35.29 -225.01 -39.65
C HIS JA 14 -36.31 -223.90 -39.53
N LEU JA 15 -37.31 -224.12 -38.68
CA LEU JA 15 -38.36 -223.15 -38.47
C LEU JA 15 -37.84 -222.00 -37.65
N LYS JA 16 -37.16 -222.30 -36.56
CA LYS JA 16 -36.66 -221.23 -35.71
C LYS JA 16 -35.89 -220.25 -36.58
N SER JA 17 -35.02 -220.77 -37.44
CA SER JA 17 -34.22 -219.93 -38.33
C SER JA 17 -35.09 -219.24 -39.36
N ALA JA 18 -36.23 -219.83 -39.67
CA ALA JA 18 -37.13 -219.22 -40.62
C ALA JA 18 -37.77 -218.07 -39.88
N MET JA 19 -37.85 -218.21 -38.56
CA MET JA 19 -38.44 -217.16 -37.76
C MET JA 19 -37.46 -216.00 -37.66
N LEU JA 20 -36.30 -216.26 -37.08
CA LEU JA 20 -35.31 -215.21 -36.95
C LEU JA 20 -35.12 -214.54 -38.26
N GLN JA 21 -34.86 -215.33 -39.29
CA GLN JA 21 -34.65 -214.73 -40.59
C GLN JA 21 -35.79 -213.77 -40.86
N LEU JA 22 -37.02 -214.16 -40.48
CA LEU JA 22 -38.16 -213.29 -40.73
C LEU JA 22 -38.04 -212.03 -39.90
N ALA JA 23 -37.72 -212.22 -38.62
CA ALA JA 23 -37.55 -211.13 -37.68
C ALA JA 23 -36.70 -210.00 -38.24
N VAL JA 24 -35.44 -210.30 -38.45
CA VAL JA 24 -34.46 -209.35 -38.96
C VAL JA 24 -34.98 -208.47 -40.09
N THR JA 25 -35.57 -209.08 -41.09
CA THR JA 25 -36.06 -208.33 -42.23
C THR JA 25 -37.25 -207.46 -41.84
N GLU JA 26 -37.93 -207.84 -40.77
CA GLU JA 26 -39.10 -207.07 -40.34
C GLU JA 26 -38.61 -205.96 -39.44
N ILE JA 27 -37.53 -206.27 -38.72
CA ILE JA 27 -36.89 -205.35 -37.79
C ILE JA 27 -36.50 -204.03 -38.44
N GLU JA 28 -35.86 -204.11 -39.61
CA GLU JA 28 -35.45 -202.88 -40.28
C GLU JA 28 -36.66 -202.21 -40.92
N LYS JA 29 -37.71 -202.96 -41.21
CA LYS JA 29 -38.89 -202.34 -41.80
C LYS JA 29 -39.48 -201.37 -40.78
N GLU JA 30 -39.79 -201.89 -39.59
CA GLU JA 30 -40.36 -201.10 -38.50
C GLU JA 30 -39.45 -199.92 -38.20
N ALA JA 31 -38.15 -200.18 -38.25
CA ALA JA 31 -37.16 -199.16 -37.99
C ALA JA 31 -37.31 -197.98 -38.91
N ALA JA 32 -37.20 -198.21 -40.20
CA ALA JA 32 -37.32 -197.10 -41.11
C ALA JA 32 -38.70 -196.49 -41.02
N ALA JA 33 -39.74 -197.31 -41.06
CA ALA JA 33 -41.07 -196.76 -40.95
C ALA JA 33 -41.14 -195.84 -39.73
N LYS JA 34 -40.60 -196.33 -38.63
CA LYS JA 34 -40.59 -195.54 -37.40
C LYS JA 34 -40.09 -194.15 -37.76
N GLU JA 35 -38.86 -194.07 -38.29
CA GLU JA 35 -38.23 -192.80 -38.68
C GLU JA 35 -39.18 -191.94 -39.48
N VAL JA 36 -39.86 -192.56 -40.44
CA VAL JA 36 -40.79 -191.83 -41.25
C VAL JA 36 -41.76 -191.08 -40.34
N GLU JA 37 -42.29 -191.77 -39.34
CA GLU JA 37 -43.19 -191.11 -38.45
C GLU JA 37 -42.51 -189.91 -37.82
N LYS JA 38 -41.23 -190.06 -37.49
CA LYS JA 38 -40.47 -188.99 -36.85
C LYS JA 38 -40.33 -187.74 -37.69
N GLN JA 39 -40.17 -187.89 -39.00
CA GLN JA 39 -40.00 -186.74 -39.84
C GLN JA 39 -41.33 -186.06 -40.18
N ASN JA 40 -42.42 -186.81 -40.02
CA ASN JA 40 -43.75 -186.27 -40.27
C ASN JA 40 -44.14 -185.49 -39.05
N TYR JA 41 -43.92 -186.09 -37.90
CA TYR JA 41 -44.25 -185.41 -36.66
C TYR JA 41 -43.56 -184.05 -36.74
N LEU JA 42 -42.25 -184.10 -36.96
CA LEU JA 42 -41.47 -182.87 -37.06
C LEU JA 42 -41.94 -182.05 -38.24
N ALA JA 43 -42.49 -182.74 -39.24
CA ALA JA 43 -42.98 -182.10 -40.44
C ALA JA 43 -43.97 -181.00 -40.12
N GLU JA 44 -44.86 -181.24 -39.16
CA GLU JA 44 -45.83 -180.20 -38.83
C GLU JA 44 -45.52 -179.38 -37.62
N HIS JA 45 -44.85 -179.96 -36.63
CA HIS JA 45 -44.55 -179.20 -35.43
C HIS JA 45 -43.45 -178.17 -35.65
N SER JA 46 -42.81 -178.21 -36.80
CA SER JA 46 -41.76 -177.25 -37.10
C SER JA 46 -41.40 -177.41 -38.54
N PRO JA 47 -42.30 -176.98 -39.42
CA PRO JA 47 -42.20 -177.04 -40.88
C PRO JA 47 -41.17 -176.09 -41.46
N PRO JA 48 -40.64 -176.44 -42.63
CA PRO JA 48 -39.63 -175.62 -43.31
C PRO JA 48 -39.92 -174.14 -43.12
N LEU JA 49 -39.21 -173.52 -42.18
CA LEU JA 49 -39.38 -172.10 -41.90
C LEU JA 49 -39.31 -171.23 -43.15
N SER JA 50 -40.09 -170.15 -43.12
CA SER JA 50 -40.15 -169.17 -44.22
C SER JA 50 -40.12 -167.75 -43.66
N LEU JA 51 -38.93 -167.17 -43.60
CA LEU JA 51 -38.74 -165.82 -43.08
C LEU JA 51 -39.68 -164.79 -43.72
N PRO JA 52 -40.50 -164.12 -42.89
CA PRO JA 52 -41.48 -163.10 -43.30
C PRO JA 52 -40.89 -161.90 -44.03
N GLY JA 53 -41.68 -160.82 -44.04
CA GLY JA 53 -41.29 -159.58 -44.69
C GLY JA 53 -40.02 -158.99 -44.14
N SER JA 54 -40.12 -157.85 -43.46
CA SER JA 54 -38.92 -157.23 -42.92
C SER JA 54 -39.11 -156.58 -41.55
N MET JA 55 -40.06 -155.65 -41.44
CA MET JA 55 -40.25 -154.96 -40.18
C MET JA 55 -40.77 -155.74 -38.98
N GLN JA 56 -42.04 -155.54 -38.65
CA GLN JA 56 -42.65 -156.18 -37.49
C GLN JA 56 -42.61 -157.71 -37.51
N GLU JA 57 -42.77 -158.28 -38.70
CA GLU JA 57 -42.76 -159.73 -38.83
C GLU JA 57 -41.52 -160.41 -38.26
N LEU JA 58 -40.34 -160.12 -38.82
CA LEU JA 58 -39.09 -160.73 -38.36
C LEU JA 58 -38.95 -160.61 -36.87
N GLN JA 59 -39.25 -159.43 -36.35
CA GLN JA 59 -39.16 -159.22 -34.91
C GLN JA 59 -40.19 -160.10 -34.23
N GLU JA 60 -41.44 -159.98 -34.65
CA GLU JA 60 -42.54 -160.75 -34.07
C GLU JA 60 -42.20 -162.23 -34.05
N LEU JA 61 -42.00 -162.79 -35.24
CA LEU JA 61 -41.67 -164.19 -35.37
C LEU JA 61 -40.58 -164.56 -34.39
N SER JA 62 -39.54 -163.75 -34.36
CA SER JA 62 -38.43 -164.01 -33.47
C SER JA 62 -38.90 -164.12 -32.04
N LYS JA 63 -39.78 -163.21 -31.64
CA LYS JA 63 -40.28 -163.26 -30.29
C LYS JA 63 -41.10 -164.56 -30.15
N LYS JA 64 -41.90 -164.87 -31.18
CA LYS JA 64 -42.75 -166.06 -31.18
C LYS JA 64 -41.90 -167.29 -30.88
N LEU JA 65 -40.87 -167.49 -31.69
CA LEU JA 65 -39.98 -168.63 -31.54
C LEU JA 65 -39.39 -168.68 -30.15
N HIS JA 66 -38.60 -167.66 -29.85
CA HIS JA 66 -37.92 -167.54 -28.57
C HIS JA 66 -38.77 -167.95 -27.36
N ALA JA 67 -40.07 -167.65 -27.40
CA ALA JA 67 -40.95 -168.01 -26.29
C ALA JA 67 -41.22 -169.51 -26.37
N LYS JA 68 -41.48 -170.00 -27.58
CA LYS JA 68 -41.76 -171.42 -27.79
C LYS JA 68 -40.59 -172.23 -27.30
N ILE JA 69 -39.40 -171.71 -27.53
CA ILE JA 69 -38.18 -172.37 -27.11
C ILE JA 69 -38.21 -172.71 -25.62
N ASP JA 70 -38.55 -171.73 -24.79
CA ASP JA 70 -38.58 -171.96 -23.35
C ASP JA 70 -39.64 -173.00 -23.07
N SER JA 71 -40.67 -172.97 -23.91
CA SER JA 71 -41.79 -173.89 -23.82
C SER JA 71 -41.31 -175.32 -24.12
N VAL JA 72 -40.91 -175.54 -25.36
CA VAL JA 72 -40.45 -176.84 -25.78
C VAL JA 72 -39.32 -177.34 -24.93
N ASP JA 73 -38.45 -176.42 -24.55
CA ASP JA 73 -37.34 -176.81 -23.73
C ASP JA 73 -37.90 -177.41 -22.43
N GLU JA 74 -38.81 -176.72 -21.77
CA GLU JA 74 -39.39 -177.24 -20.53
C GLU JA 74 -39.92 -178.66 -20.74
N GLU JA 75 -40.67 -178.82 -21.82
CA GLU JA 75 -41.26 -180.12 -22.17
C GLU JA 75 -40.12 -181.09 -22.36
N ARG JA 76 -39.11 -180.66 -23.10
CA ARG JA 76 -38.00 -181.55 -23.33
C ARG JA 76 -37.47 -182.02 -21.98
N TYR JA 77 -37.34 -181.08 -21.05
CA TYR JA 77 -36.85 -181.37 -19.69
C TYR JA 77 -37.73 -182.34 -18.93
N ASP JA 78 -39.03 -182.02 -18.85
CA ASP JA 78 -39.95 -182.90 -18.15
C ASP JA 78 -39.78 -184.32 -18.70
N THR JA 79 -39.73 -184.43 -20.03
CA THR JA 79 -39.56 -185.72 -20.67
C THR JA 79 -38.29 -186.41 -20.19
N GLU JA 80 -37.17 -185.69 -20.26
CA GLU JA 80 -35.91 -186.27 -19.84
C GLU JA 80 -36.04 -186.82 -18.44
N VAL JA 81 -36.77 -186.11 -17.59
CA VAL JA 81 -36.94 -186.56 -16.23
C VAL JA 81 -37.82 -187.80 -16.10
N LYS JA 82 -38.83 -187.92 -16.94
CA LYS JA 82 -39.70 -189.09 -16.90
C LYS JA 82 -38.90 -190.27 -17.39
N LEU JA 83 -37.86 -189.98 -18.17
CA LEU JA 83 -37.01 -191.04 -18.67
C LEU JA 83 -36.19 -191.46 -17.48
N GLN JA 84 -35.54 -190.49 -16.87
CA GLN JA 84 -34.71 -190.79 -15.71
C GLN JA 84 -35.51 -191.65 -14.78
N LYS JA 85 -36.72 -191.22 -14.45
CA LYS JA 85 -37.56 -191.98 -13.55
C LYS JA 85 -37.66 -193.42 -14.03
N THR JA 86 -37.98 -193.57 -15.31
CA THR JA 86 -38.16 -194.90 -15.90
C THR JA 86 -36.91 -195.76 -15.86
N ILE JA 87 -35.83 -195.26 -16.42
CA ILE JA 87 -34.59 -196.01 -16.40
C ILE JA 87 -34.38 -196.47 -14.96
N LYS JA 88 -34.72 -195.61 -14.00
CA LYS JA 88 -34.56 -195.92 -12.59
C LYS JA 88 -35.42 -197.13 -12.24
N GLU JA 89 -36.71 -197.03 -12.53
CA GLU JA 89 -37.59 -198.13 -12.25
C GLU JA 89 -37.10 -199.45 -12.81
N LEU JA 90 -36.49 -199.46 -13.97
CA LEU JA 90 -36.07 -200.74 -14.47
C LEU JA 90 -34.72 -201.19 -13.92
N GLU JA 91 -33.93 -200.27 -13.41
CA GLU JA 91 -32.65 -200.66 -12.82
C GLU JA 91 -32.98 -201.46 -11.57
N ASP JA 92 -33.93 -200.96 -10.79
CA ASP JA 92 -34.36 -201.63 -9.57
C ASP JA 92 -34.90 -203.00 -9.92
N LEU JA 93 -35.68 -203.06 -10.99
CA LEU JA 93 -36.23 -204.33 -11.40
C LEU JA 93 -35.10 -205.20 -11.94
N SER JA 94 -34.08 -204.54 -12.49
CA SER JA 94 -32.94 -205.26 -13.05
C SER JA 94 -32.09 -205.75 -11.88
N GLN JA 95 -32.59 -205.54 -10.67
CA GLN JA 95 -31.91 -205.97 -9.45
C GLN JA 95 -32.75 -207.10 -8.86
N LYS JA 96 -34.02 -206.80 -8.62
CA LYS JA 96 -34.98 -207.74 -8.07
C LYS JA 96 -34.93 -209.06 -8.83
N LEU JA 97 -34.14 -209.11 -9.89
CA LEU JA 97 -34.05 -210.33 -10.68
C LEU JA 97 -32.69 -210.95 -10.49
N PHE JA 98 -31.67 -210.09 -10.35
CA PHE JA 98 -30.31 -210.56 -10.16
C PHE JA 98 -30.24 -211.44 -8.92
N ASP JA 99 -30.50 -210.81 -7.78
CA ASP JA 99 -30.48 -211.53 -6.52
C ASP JA 99 -31.78 -212.32 -6.39
N LEU JA 100 -32.01 -213.21 -7.33
CA LEU JA 100 -33.20 -214.04 -7.31
C LEU JA 100 -32.98 -215.08 -8.40
N ARG JA 101 -31.94 -214.82 -9.19
CA ARG JA 101 -31.54 -215.69 -10.28
C ARG JA 101 -30.02 -215.66 -10.35
N GLY JA 102 -29.47 -214.47 -10.57
CA GLY JA 102 -28.03 -214.30 -10.67
C GLY JA 102 -27.81 -213.34 -11.81
N LYS JA 103 -26.71 -213.49 -12.56
CA LYS JA 103 -26.52 -212.61 -13.71
C LYS JA 103 -27.47 -213.26 -14.72
N PHE JA 104 -28.33 -212.48 -15.34
CA PHE JA 104 -29.27 -213.02 -16.31
C PHE JA 104 -29.00 -212.36 -17.64
N LYS JA 105 -29.52 -212.95 -18.72
CA LYS JA 105 -29.30 -212.36 -20.02
C LYS JA 105 -30.04 -211.04 -20.21
N ARG JA 106 -29.50 -210.22 -21.11
CA ARG JA 106 -30.05 -208.92 -21.48
C ARG JA 106 -30.34 -207.92 -20.40
N PRO JA 107 -29.30 -207.48 -19.69
CA PRO JA 107 -29.59 -206.51 -18.65
C PRO JA 107 -30.02 -205.25 -19.43
N PRO JA 108 -31.01 -204.52 -18.91
CA PRO JA 108 -31.53 -203.30 -19.54
C PRO JA 108 -30.57 -202.11 -19.69
N LEU JA 109 -29.65 -201.95 -18.73
CA LEU JA 109 -28.68 -200.85 -18.73
C LEU JA 109 -27.47 -201.07 -19.66
N ARG JA 110 -27.02 -202.32 -19.76
CA ARG JA 110 -25.91 -202.65 -20.64
C ARG JA 110 -24.72 -201.70 -20.62
N ARG JA 111 -23.69 -202.08 -19.86
CA ARG JA 111 -22.45 -201.28 -19.78
C ARG JA 111 -21.59 -201.77 -20.93
N VAL JA 112 -21.47 -200.98 -21.99
CA VAL JA 112 -20.66 -201.40 -23.12
C VAL JA 112 -19.49 -200.46 -23.44
N ARG JA 113 -18.33 -201.05 -23.66
CA ARG JA 113 -17.11 -200.33 -24.02
C ARG JA 113 -17.07 -200.43 -25.53
N MET JA 114 -16.15 -199.75 -26.18
CA MET JA 114 -16.14 -199.81 -27.62
C MET JA 114 -15.63 -201.17 -28.08
N SER JA 115 -16.20 -201.68 -29.16
CA SER JA 115 -15.81 -202.97 -29.69
C SER JA 115 -14.40 -202.98 -30.23
N ALA JA 116 -13.80 -204.16 -30.23
CA ALA JA 116 -12.47 -204.33 -30.75
C ALA JA 116 -12.48 -203.98 -32.25
N ASP JA 117 -13.59 -204.30 -32.92
CA ASP JA 117 -13.75 -204.02 -34.34
C ASP JA 117 -13.68 -202.52 -34.55
N ALA JA 118 -14.16 -201.78 -33.55
CA ALA JA 118 -14.16 -200.34 -33.60
C ALA JA 118 -12.77 -199.80 -33.44
N MET JA 119 -12.15 -200.26 -32.36
CA MET JA 119 -10.80 -199.84 -32.07
C MET JA 119 -9.91 -200.16 -33.26
N LEU JA 120 -10.07 -201.34 -33.83
CA LEU JA 120 -9.25 -201.70 -34.98
C LEU JA 120 -9.48 -200.74 -36.14
N ARG JA 121 -10.74 -200.47 -36.45
CA ARG JA 121 -11.05 -199.54 -37.54
C ARG JA 121 -10.45 -198.18 -37.23
N ALA JA 122 -10.79 -197.70 -36.05
CA ALA JA 122 -10.30 -196.42 -35.61
C ALA JA 122 -8.79 -196.23 -35.76
N LEU JA 123 -8.01 -197.27 -35.48
CA LEU JA 123 -6.56 -197.19 -35.52
C LEU JA 123 -5.83 -197.51 -36.80
N LEU JA 124 -6.42 -198.33 -37.66
CA LEU JA 124 -5.71 -198.70 -38.87
C LEU JA 124 -6.37 -198.14 -40.10
N GLY JA 125 -7.55 -197.56 -39.88
CA GLY JA 125 -8.31 -196.98 -40.98
C GLY JA 125 -8.55 -197.94 -42.12
N SER JA 126 -7.89 -197.67 -43.24
CA SER JA 126 -8.03 -198.48 -44.42
C SER JA 126 -7.80 -199.99 -44.22
N LYS JA 127 -6.60 -200.38 -43.83
CA LYS JA 127 -6.33 -201.79 -43.69
C LYS JA 127 -6.85 -202.47 -42.43
N HIS JA 128 -8.13 -202.79 -42.44
CA HIS JA 128 -8.74 -203.50 -41.33
C HIS JA 128 -9.74 -204.47 -41.97
N LYS JA 129 -9.23 -205.57 -42.54
CA LYS JA 129 -10.09 -206.51 -43.22
C LYS JA 129 -10.35 -207.84 -42.51
N VAL JA 130 -11.25 -207.86 -41.53
CA VAL JA 130 -11.59 -209.09 -40.83
C VAL JA 130 -12.98 -208.96 -40.22
N ASN JA 131 -13.97 -209.51 -40.90
CA ASN JA 131 -15.35 -209.44 -40.41
C ASN JA 131 -15.53 -210.28 -39.15
N MET JA 132 -14.63 -210.10 -38.19
CA MET JA 132 -14.66 -210.84 -36.94
C MET JA 132 -16.03 -210.96 -36.24
N ASP JA 133 -16.33 -212.16 -35.77
CA ASP JA 133 -17.58 -212.43 -35.05
C ASP JA 133 -17.38 -213.65 -34.15
N LEU JA 134 -16.94 -214.76 -34.74
CA LEU JA 134 -16.72 -215.99 -33.97
C LEU JA 134 -16.05 -217.07 -34.82
N ARG JA 135 -16.43 -217.12 -36.09
CA ARG JA 135 -15.89 -218.09 -37.06
C ARG JA 135 -14.38 -218.27 -36.94
N ALA JA 136 -13.97 -219.42 -36.40
CA ALA JA 136 -12.55 -219.75 -36.26
C ALA JA 136 -12.04 -220.01 -37.68
N ASN JA 137 -10.77 -220.38 -37.81
CA ASN JA 137 -10.20 -220.65 -39.14
C ASN JA 137 -9.31 -221.88 -39.14
N LEU JA 138 -9.68 -222.90 -39.92
CA LEU JA 138 -8.85 -224.07 -39.99
C LEU JA 138 -8.62 -224.37 -41.46
N LYS JA 139 -7.39 -224.73 -41.78
CA LYS JA 139 -6.98 -225.04 -43.14
C LYS JA 139 -8.12 -225.46 -44.10
N GLN JA 140 -8.18 -224.77 -45.24
CA GLN JA 140 -9.19 -225.02 -46.27
C GLN JA 140 -8.99 -226.36 -46.98
N VAL JA 141 -8.44 -226.35 -48.20
CA VAL JA 141 -8.23 -227.58 -48.96
C VAL JA 141 -6.74 -227.95 -49.09
#